data_6NER
#
_entry.id   6NER
#
_cell.length_a   325.513
_cell.length_b   325.513
_cell.length_c   325.513
_cell.angle_alpha   90.00
_cell.angle_beta   90.00
_cell.angle_gamma   90.00
#
_symmetry.space_group_name_H-M   'P 21 3'
#
loop_
_entity.id
_entity.type
_entity.pdbx_description
1 polymer 'BMC-H tandem fusion protein'
2 non-polymer 'SULFATE ION'
#
_entity_poly.entity_id   1
_entity_poly.type   'polypeptide(L)'
_entity_poly.pdbx_seq_one_letter_code
;MADALGMIEVRGFVGMVEAADAMVKAAKVELIGYEKTGGGYVTAVVRGDVAAVKAATEAGQRAAERVGEVVAVHVIPRPH
VNVDAALPLGRTPGMDKSALDAPVVADAWEEDTESADALGMIEVRGFVGMVEAADAMVKAAKVELIGYEKTGGGYVTAVV
RGDVAAVKAATEAGQRAAERVGEVVAVHVIPRPHVNVDAALPLGRTPGMDKSA
;
_entity_poly.pdbx_strand_id   A,B,C,D,E,F,G,H,I,J,K,L,M,N,O,P,Q,R,S,T,U,V,W,X,Y,Z,a,b,c,d
#
# COMPACT_ATOMS: atom_id res chain seq x y z
N ALA A 2 8.92 -0.13 53.41
CA ALA A 2 7.94 -0.17 52.33
C ALA A 2 8.55 -0.75 51.06
N ASP A 3 8.36 -2.06 50.86
CA ASP A 3 8.90 -2.73 49.70
C ASP A 3 8.10 -2.36 48.45
N ALA A 4 8.64 -2.74 47.29
CA ALA A 4 7.95 -2.52 46.03
C ALA A 4 6.94 -3.64 45.79
N LEU A 5 6.10 -3.46 44.78
CA LEU A 5 5.03 -4.41 44.47
C LEU A 5 5.00 -4.67 42.97
N GLY A 6 4.94 -5.94 42.59
CA GLY A 6 4.82 -6.32 41.21
C GLY A 6 3.77 -7.41 41.00
N MET A 7 2.92 -7.25 40.00
CA MET A 7 1.82 -8.18 39.78
C MET A 7 1.68 -8.49 38.29
N ILE A 8 1.32 -9.74 38.00
CA ILE A 8 1.02 -10.19 36.64
C ILE A 8 -0.21 -11.08 36.71
N GLU A 9 -1.29 -10.65 36.06
CA GLU A 9 -2.54 -11.40 36.06
C GLU A 9 -2.72 -12.11 34.73
N VAL A 10 -2.99 -13.42 34.79
CA VAL A 10 -3.15 -14.26 33.61
C VAL A 10 -4.40 -15.11 33.79
N ARG A 11 -5.25 -15.17 32.77
CA ARG A 11 -6.40 -16.06 32.76
C ARG A 11 -5.93 -17.47 32.39
N GLY A 12 -5.14 -18.04 33.28
CA GLY A 12 -4.55 -19.36 33.06
C GLY A 12 -3.45 -19.66 34.04
N PHE A 13 -3.54 -20.80 34.72
CA PHE A 13 -2.55 -21.14 35.73
C PHE A 13 -1.18 -21.41 35.12
N VAL A 14 -1.13 -21.85 33.86
CA VAL A 14 0.15 -22.15 33.22
C VAL A 14 0.91 -20.86 32.92
N GLY A 15 0.23 -19.87 32.34
CA GLY A 15 0.88 -18.62 32.03
C GLY A 15 1.32 -17.85 33.26
N MET A 16 0.62 -18.05 34.38
CA MET A 16 0.99 -17.36 35.62
C MET A 16 2.24 -17.97 36.24
N VAL A 17 2.36 -19.30 36.19
CA VAL A 17 3.53 -19.96 36.76
C VAL A 17 4.78 -19.60 35.95
N GLU A 18 4.67 -19.59 34.63
CA GLU A 18 5.81 -19.17 33.80
C GLU A 18 6.16 -17.71 34.06
N ALA A 19 5.15 -16.86 34.26
CA ALA A 19 5.42 -15.47 34.61
C ALA A 19 6.09 -15.36 35.97
N ALA A 20 5.65 -16.17 36.94
CA ALA A 20 6.27 -16.15 38.26
C ALA A 20 7.68 -16.72 38.22
N ASP A 21 7.95 -17.66 37.31
CA ASP A 21 9.29 -18.22 37.21
C ASP A 21 10.26 -17.24 36.57
N ALA A 22 9.80 -16.49 35.56
CA ALA A 22 10.67 -15.53 34.89
C ALA A 22 10.97 -14.31 35.74
N MET A 23 10.11 -14.00 36.72
CA MET A 23 10.33 -12.82 37.55
C MET A 23 11.42 -13.07 38.59
N VAL A 24 11.36 -14.21 39.29
CA VAL A 24 12.37 -14.50 40.30
C VAL A 24 13.72 -14.84 39.68
N LYS A 25 13.75 -15.15 38.38
CA LYS A 25 15.01 -15.40 37.69
C LYS A 25 15.63 -14.15 37.09
N ALA A 26 14.82 -13.11 36.83
CA ALA A 26 15.34 -11.91 36.20
C ALA A 26 16.15 -11.06 37.18
N ALA A 27 15.62 -10.83 38.37
CA ALA A 27 16.28 -10.01 39.37
C ALA A 27 16.00 -10.61 40.76
N LYS A 28 16.40 -9.88 41.80
CA LYS A 28 16.26 -10.36 43.18
C LYS A 28 14.92 -9.90 43.72
N VAL A 29 13.89 -10.70 43.46
CA VAL A 29 12.55 -10.47 43.98
C VAL A 29 12.05 -11.75 44.64
N GLU A 30 11.11 -11.59 45.56
CA GLU A 30 10.53 -12.71 46.30
C GLU A 30 9.08 -12.90 45.88
N LEU A 31 8.76 -14.11 45.44
CA LEU A 31 7.39 -14.48 45.07
C LEU A 31 6.62 -14.77 46.34
N ILE A 32 5.75 -13.84 46.74
CA ILE A 32 5.02 -14.00 48.01
C ILE A 32 3.87 -15.00 47.89
N GLY A 33 3.46 -15.34 46.68
CA GLY A 33 2.37 -16.27 46.46
C GLY A 33 1.53 -15.83 45.29
N TYR A 34 0.39 -16.50 45.12
CA TYR A 34 -0.52 -16.24 44.02
C TYR A 34 -1.94 -16.07 44.55
N GLU A 35 -2.70 -15.22 43.87
CA GLU A 35 -4.07 -14.88 44.26
C GLU A 35 -5.04 -15.44 43.23
N LYS A 36 -6.01 -16.24 43.69
CA LYS A 36 -7.03 -16.83 42.84
C LYS A 36 -8.32 -16.05 42.99
N THR A 37 -8.76 -15.39 41.92
CA THR A 37 -9.97 -14.59 41.93
C THR A 37 -11.15 -15.27 41.26
N GLY A 38 -10.99 -16.51 40.79
CA GLY A 38 -12.06 -17.24 40.16
C GLY A 38 -12.15 -17.01 38.66
N GLY A 39 -12.90 -17.89 38.00
CA GLY A 39 -13.06 -17.80 36.57
C GLY A 39 -11.78 -18.05 35.79
N GLY A 40 -10.80 -18.71 36.39
CA GLY A 40 -9.51 -18.94 35.77
C GLY A 40 -8.51 -17.83 35.96
N TYR A 41 -8.90 -16.71 36.55
CA TYR A 41 -7.99 -15.59 36.75
C TYR A 41 -7.09 -15.86 37.95
N VAL A 42 -5.78 -15.73 37.75
CA VAL A 42 -4.79 -15.86 38.81
C VAL A 42 -3.78 -14.74 38.68
N THR A 43 -3.19 -14.34 39.81
CA THR A 43 -2.28 -13.20 39.85
C THR A 43 -1.04 -13.59 40.64
N ALA A 44 0.12 -13.52 39.99
CA ALA A 44 1.40 -13.74 40.65
C ALA A 44 1.89 -12.42 41.24
N VAL A 45 2.32 -12.46 42.50
CA VAL A 45 2.72 -11.26 43.23
C VAL A 45 4.16 -11.43 43.70
N VAL A 46 5.04 -10.53 43.27
CA VAL A 46 6.42 -10.49 43.72
C VAL A 46 6.69 -9.12 44.34
N ARG A 47 7.64 -9.06 45.26
CA ARG A 47 7.98 -7.83 45.95
C ARG A 47 9.49 -7.70 46.09
N GLY A 48 9.93 -6.50 46.43
CA GLY A 48 11.34 -6.19 46.57
C GLY A 48 11.58 -4.69 46.52
N ASP A 49 12.61 -4.27 45.78
CA ASP A 49 12.85 -2.86 45.54
C ASP A 49 12.41 -2.48 44.13
N VAL A 50 12.35 -1.17 43.88
CA VAL A 50 11.81 -0.67 42.62
C VAL A 50 12.68 -1.10 41.44
N ALA A 51 13.98 -1.27 41.66
CA ALA A 51 14.88 -1.64 40.57
C ALA A 51 14.65 -3.08 40.12
N ALA A 52 14.50 -4.00 41.09
CA ALA A 52 14.36 -5.41 40.74
C ALA A 52 12.94 -5.77 40.36
N VAL A 53 11.94 -5.15 41.00
CA VAL A 53 10.55 -5.47 40.73
C VAL A 53 10.16 -5.02 39.32
N LYS A 54 10.55 -3.81 38.94
CA LYS A 54 10.20 -3.32 37.61
C LYS A 54 10.94 -4.08 36.52
N ALA A 55 12.17 -4.51 36.79
CA ALA A 55 12.93 -5.28 35.81
C ALA A 55 12.46 -6.74 35.72
N ALA A 56 11.78 -7.24 36.75
CA ALA A 56 11.31 -8.62 36.71
C ALA A 56 9.97 -8.74 36.00
N THR A 57 9.07 -7.76 36.19
CA THR A 57 7.77 -7.82 35.54
C THR A 57 7.88 -7.66 34.03
N GLU A 58 8.85 -6.87 33.56
CA GLU A 58 9.06 -6.74 32.13
C GLU A 58 9.54 -8.05 31.52
N ALA A 59 10.41 -8.77 32.22
CA ALA A 59 10.84 -10.09 31.76
C ALA A 59 9.78 -11.15 31.97
N GLY A 60 8.90 -10.96 32.97
CA GLY A 60 7.84 -11.94 33.20
C GLY A 60 6.71 -11.81 32.19
N GLN A 61 6.33 -10.57 31.84
CA GLN A 61 5.29 -10.36 30.85
C GLN A 61 5.73 -10.86 29.48
N ARG A 62 7.00 -10.63 29.12
CA ARG A 62 7.49 -11.04 27.82
C ARG A 62 7.52 -12.56 27.66
N ALA A 63 7.75 -13.28 28.76
CA ALA A 63 7.73 -14.74 28.73
C ALA A 63 6.34 -15.32 28.96
N ALA A 64 5.42 -14.54 29.53
CA ALA A 64 4.08 -15.06 29.76
C ALA A 64 3.18 -14.90 28.55
N GLU A 65 3.43 -13.89 27.72
CA GLU A 65 2.64 -13.69 26.50
C GLU A 65 2.83 -14.83 25.50
N ARG A 66 3.88 -15.64 25.67
CA ARG A 66 4.19 -16.73 24.75
C ARG A 66 3.44 -18.02 25.07
N VAL A 67 2.77 -18.10 26.22
CA VAL A 67 2.15 -19.36 26.64
C VAL A 67 0.68 -19.16 26.97
N GLY A 68 0.32 -18.00 27.51
CA GLY A 68 -1.02 -17.75 27.97
C GLY A 68 -1.50 -16.35 27.63
N GLU A 69 -2.75 -16.09 28.00
CA GLU A 69 -3.38 -14.81 27.76
C GLU A 69 -3.15 -13.91 28.97
N VAL A 70 -2.41 -12.82 28.76
CA VAL A 70 -2.06 -11.89 29.84
C VAL A 70 -3.19 -10.87 29.99
N VAL A 71 -3.64 -10.67 31.23
CA VAL A 71 -4.73 -9.74 31.51
C VAL A 71 -4.16 -8.35 31.74
N ALA A 72 -3.37 -8.19 32.80
CA ALA A 72 -2.79 -6.90 33.14
C ALA A 72 -1.47 -7.09 33.87
N VAL A 73 -0.56 -6.15 33.66
CA VAL A 73 0.75 -6.15 34.30
C VAL A 73 1.00 -4.74 34.84
N HIS A 74 1.24 -4.63 36.14
CA HIS A 74 1.44 -3.33 36.77
C HIS A 74 2.46 -3.45 37.88
N VAL A 75 3.09 -2.32 38.20
CA VAL A 75 4.10 -2.24 39.26
C VAL A 75 3.83 -0.98 40.09
N ILE A 76 3.72 -1.16 41.40
CA ILE A 76 3.55 -0.06 42.34
C ILE A 76 4.87 0.11 43.10
N PRO A 77 5.60 1.21 42.88
CA PRO A 77 6.91 1.34 43.53
C PRO A 77 6.84 1.43 45.04
N ARG A 78 5.93 2.23 45.58
CA ARG A 78 5.79 2.40 47.03
C ARG A 78 4.31 2.32 47.39
N PRO A 79 3.80 1.13 47.66
CA PRO A 79 2.40 1.00 48.07
C PRO A 79 2.14 1.66 49.41
N HIS A 80 0.93 2.19 49.57
CA HIS A 80 0.53 2.82 50.81
C HIS A 80 0.43 1.77 51.92
N VAL A 81 0.58 2.24 53.17
CA VAL A 81 0.54 1.34 54.30
C VAL A 81 -0.85 0.72 54.46
N ASN A 82 -1.89 1.44 54.02
CA ASN A 82 -3.25 0.90 54.10
C ASN A 82 -3.45 -0.25 53.12
N VAL A 83 -2.73 -0.23 52.00
CA VAL A 83 -2.89 -1.29 51.00
C VAL A 83 -2.35 -2.61 51.55
N ASP A 84 -1.16 -2.58 52.16
CA ASP A 84 -0.55 -3.79 52.70
C ASP A 84 -1.29 -4.32 53.92
N ALA A 85 -2.06 -3.47 54.60
CA ALA A 85 -2.72 -3.91 55.83
C ALA A 85 -4.03 -4.66 55.54
N ALA A 86 -4.70 -4.33 54.44
CA ALA A 86 -6.00 -4.94 54.12
C ALA A 86 -5.93 -5.98 53.02
N LEU A 87 -4.90 -5.97 52.18
CA LEU A 87 -4.80 -6.90 51.07
C LEU A 87 -3.60 -7.81 51.25
N PRO A 88 -3.69 -9.07 50.80
CA PRO A 88 -2.56 -10.00 50.98
C PRO A 88 -1.49 -9.87 49.91
N LEU A 89 -0.48 -9.05 50.16
CA LEU A 89 0.66 -8.90 49.26
C LEU A 89 1.95 -9.44 49.85
N GLY A 90 1.88 -10.19 50.94
CA GLY A 90 3.06 -10.70 51.60
C GLY A 90 3.66 -9.79 52.63
N ARG A 91 3.27 -8.52 52.66
CA ARG A 91 3.72 -7.55 53.66
C ARG A 91 2.51 -7.20 54.50
N THR A 92 2.43 -7.77 55.69
CA THR A 92 1.26 -7.63 56.55
C THR A 92 1.74 -7.59 58.00
N PRO A 93 0.86 -7.23 58.93
CA PRO A 93 1.19 -7.40 60.35
C PRO A 93 1.32 -8.85 60.79
N GLY A 94 1.07 -9.81 59.92
CA GLY A 94 1.20 -11.21 60.26
C GLY A 94 2.48 -11.84 59.71
N ALA A 116 16.36 -29.96 41.61
CA ALA A 116 15.26 -29.25 40.96
C ALA A 116 14.75 -30.03 39.75
N ASP A 117 13.60 -30.68 39.91
CA ASP A 117 13.00 -31.45 38.84
C ASP A 117 12.32 -30.52 37.83
N ALA A 118 12.17 -31.03 36.61
CA ALA A 118 11.51 -30.25 35.57
C ALA A 118 10.02 -30.14 35.84
N LEU A 119 9.37 -29.21 35.13
CA LEU A 119 7.98 -28.88 35.37
C LEU A 119 7.21 -28.97 34.05
N GLY A 120 6.15 -29.77 34.04
CA GLY A 120 5.29 -29.88 32.88
C GLY A 120 3.84 -29.61 33.23
N MET A 121 3.19 -28.69 32.51
CA MET A 121 1.85 -28.24 32.82
C MET A 121 0.98 -28.21 31.57
N ILE A 122 -0.28 -28.61 31.73
CA ILE A 122 -1.26 -28.58 30.66
C ILE A 122 -2.58 -28.09 31.25
N GLU A 123 -3.16 -27.05 30.65
CA GLU A 123 -4.40 -26.45 31.12
C GLU A 123 -5.50 -26.66 30.09
N VAL A 124 -6.67 -27.10 30.55
CA VAL A 124 -7.80 -27.41 29.69
C VAL A 124 -9.07 -26.88 30.35
N ARG A 125 -9.90 -26.16 29.60
CA ARG A 125 -11.21 -25.74 30.08
C ARG A 125 -12.15 -26.95 29.97
N GLY A 126 -12.02 -27.85 30.94
CA GLY A 126 -12.78 -29.08 30.94
C GLY A 126 -12.06 -30.18 31.69
N PHE A 127 -12.71 -30.73 32.72
CA PHE A 127 -12.07 -31.76 33.55
C PHE A 127 -11.79 -33.03 32.74
N VAL A 128 -12.61 -33.30 31.73
CA VAL A 128 -12.42 -34.52 30.93
C VAL A 128 -11.15 -34.41 30.09
N GLY A 129 -10.92 -33.25 29.48
CA GLY A 129 -9.73 -33.07 28.66
C GLY A 129 -8.44 -33.11 29.48
N MET A 130 -8.50 -32.73 30.75
CA MET A 130 -7.31 -32.75 31.59
C MET A 130 -6.95 -34.17 32.02
N VAL A 131 -7.95 -35.01 32.25
CA VAL A 131 -7.68 -36.40 32.66
C VAL A 131 -7.03 -37.16 31.51
N GLU A 132 -7.51 -36.95 30.29
CA GLU A 132 -6.90 -37.59 29.12
C GLU A 132 -5.47 -37.09 28.91
N ALA A 133 -5.22 -35.80 29.15
CA ALA A 133 -3.88 -35.27 29.01
C ALA A 133 -2.94 -35.83 30.08
N ALA A 134 -3.46 -36.03 31.29
CA ALA A 134 -2.64 -36.59 32.36
C ALA A 134 -2.30 -38.05 32.10
N ASP A 135 -3.24 -38.81 31.55
CA ASP A 135 -2.98 -40.21 31.25
C ASP A 135 -1.97 -40.37 30.11
N ALA A 136 -2.00 -39.45 29.14
CA ALA A 136 -1.05 -39.55 28.02
C ALA A 136 0.35 -39.13 28.43
N MET A 137 0.47 -38.30 29.47
CA MET A 137 1.81 -37.83 29.88
C MET A 137 2.56 -38.93 30.63
N VAL A 138 1.91 -39.56 31.60
CA VAL A 138 2.57 -40.60 32.39
C VAL A 138 2.85 -41.84 31.56
N LYS A 139 2.11 -42.05 30.46
CA LYS A 139 2.38 -43.21 29.62
C LYS A 139 3.47 -42.93 28.60
N ALA A 140 3.68 -41.67 28.24
CA ALA A 140 4.65 -41.33 27.21
C ALA A 140 6.07 -41.42 27.73
N ALA A 141 6.34 -40.81 28.90
CA ALA A 141 7.68 -40.80 29.48
C ALA A 141 7.58 -41.08 30.97
N LYS A 142 8.73 -41.04 31.64
CA LYS A 142 8.81 -41.30 33.08
C LYS A 142 8.66 -39.98 33.82
N VAL A 143 7.40 -39.56 33.98
CA VAL A 143 7.06 -38.35 34.73
C VAL A 143 6.10 -38.72 35.84
N GLU A 144 6.06 -37.86 36.86
CA GLU A 144 5.23 -38.08 38.04
C GLU A 144 4.12 -37.04 38.07
N LEU A 145 2.87 -37.49 37.95
CA LEU A 145 1.71 -36.62 38.04
C LEU A 145 1.49 -36.27 39.51
N ILE A 146 1.89 -35.06 39.91
CA ILE A 146 1.80 -34.65 41.31
C ILE A 146 0.40 -34.24 41.72
N GLY A 147 -0.50 -33.98 40.77
CA GLY A 147 -1.85 -33.58 41.07
C GLY A 147 -2.33 -32.57 40.05
N TYR A 148 -3.45 -31.93 40.38
CA TYR A 148 -4.09 -30.97 39.48
C TYR A 148 -4.50 -29.73 40.27
N GLU A 149 -4.53 -28.59 39.58
CA GLU A 149 -4.88 -27.31 40.18
C GLU A 149 -6.15 -26.79 39.52
N LYS A 150 -7.10 -26.35 40.36
CA LYS A 150 -8.38 -25.83 39.90
C LYS A 150 -8.40 -24.33 40.11
N THR A 151 -8.41 -23.58 39.01
CA THR A 151 -8.46 -22.12 39.06
C THR A 151 -9.87 -21.57 38.91
N GLY A 152 -10.87 -22.43 38.80
CA GLY A 152 -12.25 -21.99 38.68
C GLY A 152 -12.67 -21.73 37.25
N GLY A 153 -13.97 -21.58 37.06
CA GLY A 153 -14.52 -21.33 35.74
C GLY A 153 -14.33 -22.48 34.77
N GLY A 154 -14.25 -23.71 35.28
CA GLY A 154 -14.02 -24.86 34.43
C GLY A 154 -12.57 -25.08 34.03
N TYR A 155 -11.65 -24.26 34.51
CA TYR A 155 -10.23 -24.39 34.17
C TYR A 155 -9.53 -25.28 35.17
N VAL A 156 -8.79 -26.26 34.66
CA VAL A 156 -7.98 -27.15 35.48
C VAL A 156 -6.63 -27.34 34.81
N THR A 157 -5.62 -27.64 35.62
CA THR A 157 -4.24 -27.74 35.14
C THR A 157 -3.59 -28.98 35.72
N ALA A 158 -3.08 -29.86 34.86
CA ALA A 158 -2.34 -31.03 35.29
C ALA A 158 -0.85 -30.68 35.38
N VAL A 159 -0.21 -31.14 36.46
CA VAL A 159 1.18 -30.82 36.75
C VAL A 159 1.96 -32.12 36.86
N VAL A 160 3.04 -32.22 36.08
CA VAL A 160 3.92 -33.38 36.10
C VAL A 160 5.35 -32.92 36.35
N ARG A 161 6.13 -33.78 37.01
CA ARG A 161 7.52 -33.48 37.32
C ARG A 161 8.40 -34.64 36.87
N GLY A 162 9.64 -34.33 36.51
CA GLY A 162 10.57 -35.35 36.06
C GLY A 162 11.80 -34.73 35.42
N ASP A 163 12.33 -35.44 34.42
CA ASP A 163 13.48 -34.96 33.69
C ASP A 163 13.05 -33.86 32.71
N VAL A 164 14.03 -33.04 32.30
CA VAL A 164 13.74 -31.96 31.37
C VAL A 164 13.25 -32.50 30.04
N ALA A 165 13.85 -33.59 29.56
CA ALA A 165 13.41 -34.20 28.31
C ALA A 165 12.24 -35.15 28.51
N ALA A 166 12.03 -35.64 29.73
CA ALA A 166 10.89 -36.52 29.98
C ALA A 166 9.58 -35.75 29.94
N VAL A 167 9.50 -34.64 30.68
CA VAL A 167 8.30 -33.82 30.66
C VAL A 167 8.15 -33.10 29.33
N LYS A 168 9.24 -32.93 28.58
CA LYS A 168 9.16 -32.27 27.28
C LYS A 168 8.45 -33.16 26.26
N ALA A 169 8.78 -34.45 26.25
CA ALA A 169 8.10 -35.40 25.36
C ALA A 169 6.75 -35.83 25.91
N ALA A 170 6.50 -35.65 27.21
CA ALA A 170 5.21 -36.02 27.78
C ALA A 170 4.16 -34.95 27.51
N THR A 171 4.52 -33.67 27.67
CA THR A 171 3.56 -32.60 27.44
C THR A 171 3.17 -32.50 25.98
N GLU A 172 4.13 -32.66 25.07
CA GLU A 172 3.80 -32.63 23.65
C GLU A 172 2.94 -33.82 23.24
N ALA A 173 3.04 -34.93 23.95
CA ALA A 173 2.18 -36.08 23.70
C ALA A 173 0.84 -35.95 24.42
N GLY A 174 0.83 -35.29 25.59
CA GLY A 174 -0.41 -35.07 26.29
C GLY A 174 -1.28 -34.02 25.64
N GLN A 175 -0.65 -32.99 25.06
CA GLN A 175 -1.40 -31.97 24.32
C GLN A 175 -2.04 -32.56 23.07
N ARG A 176 -1.30 -33.40 22.35
CA ARG A 176 -1.82 -33.98 21.11
C ARG A 176 -3.00 -34.90 21.37
N ALA A 177 -3.06 -35.53 22.55
CA ALA A 177 -4.18 -36.40 22.89
C ALA A 177 -5.34 -35.63 23.51
N ALA A 178 -5.07 -34.49 24.13
CA ALA A 178 -6.13 -33.70 24.74
C ALA A 178 -6.84 -32.80 23.74
N GLU A 179 -6.17 -32.43 22.64
CA GLU A 179 -6.80 -31.61 21.61
C GLU A 179 -7.97 -32.33 20.95
N ARG A 180 -7.99 -33.66 20.99
CA ARG A 180 -9.06 -34.45 20.39
C ARG A 180 -10.23 -34.67 21.33
N VAL A 181 -10.19 -34.11 22.55
CA VAL A 181 -11.25 -34.32 23.53
C VAL A 181 -11.86 -32.98 23.91
N GLY A 182 -11.06 -32.10 24.50
CA GLY A 182 -11.57 -30.83 24.97
C GLY A 182 -10.85 -29.61 24.42
N GLU A 183 -11.02 -28.48 25.09
CA GLU A 183 -10.42 -27.21 24.66
C GLU A 183 -9.11 -27.01 25.40
N VAL A 184 -8.00 -27.21 24.69
CA VAL A 184 -6.67 -27.04 25.28
C VAL A 184 -6.35 -25.55 25.34
N VAL A 185 -5.90 -25.09 26.51
CA VAL A 185 -5.65 -23.67 26.73
C VAL A 185 -4.17 -23.36 26.57
N ALA A 186 -3.33 -23.98 27.39
CA ALA A 186 -1.90 -23.67 27.37
C ALA A 186 -1.10 -24.93 27.71
N VAL A 187 0.09 -25.01 27.12
CA VAL A 187 1.04 -26.09 27.39
C VAL A 187 2.43 -25.47 27.45
N HIS A 188 3.11 -25.65 28.58
CA HIS A 188 4.43 -25.08 28.76
C HIS A 188 5.29 -26.02 29.60
N VAL A 189 6.60 -25.89 29.44
CA VAL A 189 7.58 -26.70 30.16
C VAL A 189 8.66 -25.76 30.72
N ILE A 190 8.91 -25.87 32.02
CA ILE A 190 9.98 -25.13 32.68
C ILE A 190 11.10 -26.11 32.99
N PRO A 191 12.27 -25.98 32.39
CA PRO A 191 13.34 -26.99 32.61
C PRO A 191 13.82 -27.04 34.05
N ARG A 192 14.15 -25.89 34.64
CA ARG A 192 14.68 -25.82 36.00
C ARG A 192 13.96 -24.70 36.73
N PRO A 193 12.82 -24.99 37.36
CA PRO A 193 12.10 -23.95 38.10
C PRO A 193 12.90 -23.45 39.29
N HIS A 194 12.76 -22.15 39.56
CA HIS A 194 13.48 -21.53 40.66
C HIS A 194 13.02 -22.10 42.00
N VAL A 195 13.87 -21.95 43.01
CA VAL A 195 13.57 -22.47 44.33
C VAL A 195 12.36 -21.76 44.92
N ASN A 196 12.24 -20.45 44.66
CA ASN A 196 11.09 -19.69 45.15
C ASN A 196 9.79 -20.13 44.50
N VAL A 197 9.85 -20.72 43.31
CA VAL A 197 8.63 -21.13 42.62
C VAL A 197 7.98 -22.31 43.34
N ASP A 198 8.76 -23.38 43.58
CA ASP A 198 8.22 -24.56 44.25
C ASP A 198 7.89 -24.29 45.71
N ALA A 199 8.49 -23.26 46.32
CA ALA A 199 8.23 -22.96 47.71
C ALA A 199 6.88 -22.28 47.91
N ALA A 200 6.43 -21.47 46.95
CA ALA A 200 5.18 -20.74 47.05
C ALA A 200 4.05 -21.31 46.21
N LEU A 201 4.37 -22.18 45.23
CA LEU A 201 3.33 -22.73 44.37
C LEU A 201 3.16 -24.23 44.60
N PRO A 202 1.93 -24.74 44.61
CA PRO A 202 1.73 -26.18 44.79
C PRO A 202 2.10 -26.97 43.55
N LEU A 203 3.40 -27.23 43.37
CA LEU A 203 3.90 -27.92 42.19
C LEU A 203 4.52 -29.27 42.53
N GLY A 204 4.22 -29.81 43.72
CA GLY A 204 4.68 -31.13 44.09
C GLY A 204 6.09 -31.22 44.63
N ARG A 205 6.84 -30.12 44.65
CA ARG A 205 8.20 -30.11 45.16
C ARG A 205 8.35 -29.10 46.29
N THR A 206 7.32 -28.98 47.12
CA THR A 206 7.36 -28.07 48.27
C THR A 206 8.00 -28.78 49.46
N PRO A 207 9.02 -28.18 50.09
CA PRO A 207 9.72 -28.75 51.25
C PRO A 207 8.78 -29.11 52.40
N ALA B 2 -6.18 -52.42 36.38
CA ALA B 2 -7.05 -51.34 36.83
C ALA B 2 -8.34 -51.31 36.02
N ASP B 3 -9.41 -50.80 36.63
CA ASP B 3 -10.70 -50.73 35.97
C ASP B 3 -10.70 -49.63 34.90
N ALA B 4 -11.71 -49.67 34.04
CA ALA B 4 -11.87 -48.67 33.00
C ALA B 4 -12.40 -47.37 33.57
N LEU B 5 -12.34 -46.31 32.76
CA LEU B 5 -12.75 -44.99 33.19
C LEU B 5 -13.67 -44.37 32.14
N GLY B 6 -14.79 -43.83 32.59
CA GLY B 6 -15.71 -43.13 31.71
C GLY B 6 -16.14 -41.80 32.31
N MET B 7 -16.11 -40.73 31.51
CA MET B 7 -16.40 -39.39 31.99
C MET B 7 -17.32 -38.67 31.02
N ILE B 8 -18.25 -37.90 31.58
CA ILE B 8 -19.16 -37.06 30.79
C ILE B 8 -19.24 -35.70 31.49
N GLU B 9 -18.82 -34.65 30.78
CA GLU B 9 -18.81 -33.30 31.33
C GLU B 9 -19.96 -32.50 30.75
N VAL B 10 -20.73 -31.84 31.61
CA VAL B 10 -21.89 -31.06 31.22
C VAL B 10 -21.84 -29.72 31.94
N ARG B 11 -22.02 -28.63 31.20
CA ARG B 11 -22.16 -27.30 31.80
C ARG B 11 -23.58 -27.17 32.31
N GLY B 12 -23.84 -27.84 33.43
CA GLY B 12 -25.17 -27.89 34.01
C GLY B 12 -25.35 -29.08 34.92
N PHE B 13 -25.69 -28.84 36.18
CA PHE B 13 -25.79 -29.91 37.15
C PHE B 13 -26.94 -30.87 36.82
N VAL B 14 -27.98 -30.37 36.16
CA VAL B 14 -29.11 -31.23 35.79
C VAL B 14 -28.70 -32.19 34.68
N GLY B 15 -28.01 -31.69 33.66
CA GLY B 15 -27.57 -32.55 32.58
C GLY B 15 -26.58 -33.60 33.01
N MET B 16 -25.82 -33.34 34.07
CA MET B 16 -24.87 -34.32 34.57
C MET B 16 -25.55 -35.43 35.36
N VAL B 17 -26.59 -35.08 36.11
CA VAL B 17 -27.31 -36.09 36.89
C VAL B 17 -28.06 -37.05 35.97
N GLU B 18 -28.68 -36.52 34.91
CA GLU B 18 -29.36 -37.38 33.95
C GLU B 18 -28.38 -38.29 33.23
N ALA B 19 -27.17 -37.78 32.93
CA ALA B 19 -26.15 -38.61 32.31
C ALA B 19 -25.68 -39.70 33.27
N ALA B 20 -25.56 -39.38 34.56
CA ALA B 20 -25.12 -40.37 35.53
C ALA B 20 -26.18 -41.45 35.75
N ASP B 21 -27.45 -41.07 35.72
CA ASP B 21 -28.52 -42.04 35.93
C ASP B 21 -28.63 -43.01 34.76
N ALA B 22 -28.43 -42.51 33.54
CA ALA B 22 -28.53 -43.37 32.36
C ALA B 22 -27.34 -44.31 32.23
N MET B 23 -26.19 -43.98 32.81
CA MET B 23 -25.02 -44.83 32.68
C MET B 23 -25.09 -46.04 33.61
N VAL B 24 -25.53 -45.84 34.85
CA VAL B 24 -25.62 -46.95 35.80
C VAL B 24 -26.79 -47.88 35.47
N LYS B 25 -27.74 -47.44 34.64
CA LYS B 25 -28.85 -48.29 34.23
C LYS B 25 -28.56 -49.04 32.93
N ALA B 26 -27.69 -48.51 32.08
CA ALA B 26 -27.44 -49.13 30.79
C ALA B 26 -26.53 -50.36 30.92
N ALA B 27 -25.42 -50.22 31.65
CA ALA B 27 -24.47 -51.32 31.79
C ALA B 27 -24.06 -51.54 33.23
N LYS B 28 -23.01 -52.32 33.45
CA LYS B 28 -22.53 -52.64 34.80
C LYS B 28 -21.34 -51.74 35.10
N VAL B 29 -21.65 -50.53 35.58
CA VAL B 29 -20.64 -49.55 35.96
C VAL B 29 -21.02 -48.96 37.31
N GLU B 30 -20.02 -48.41 37.99
CA GLU B 30 -20.19 -47.80 39.31
C GLU B 30 -19.97 -46.30 39.21
N LEU B 31 -20.92 -45.53 39.72
CA LEU B 31 -20.79 -44.08 39.79
C LEU B 31 -20.01 -43.73 41.05
N ILE B 32 -18.75 -43.30 40.86
CA ILE B 32 -17.90 -43.01 42.01
C ILE B 32 -18.15 -41.62 42.59
N GLY B 33 -18.74 -40.72 41.83
CA GLY B 33 -18.99 -39.37 42.29
C GLY B 33 -18.93 -38.40 41.13
N TYR B 34 -18.84 -37.12 41.48
CA TYR B 34 -18.83 -36.05 40.49
C TYR B 34 -17.80 -35.01 40.91
N GLU B 35 -17.25 -34.33 39.90
CA GLU B 35 -16.20 -33.32 40.10
C GLU B 35 -16.72 -31.97 39.64
N LYS B 36 -16.62 -30.97 40.53
CA LYS B 36 -17.04 -29.61 40.23
C LYS B 36 -15.81 -28.78 39.92
N THR B 37 -15.71 -28.30 38.67
CA THR B 37 -14.59 -27.48 38.24
C THR B 37 -14.92 -26.00 38.19
N GLY B 38 -16.11 -25.61 38.62
CA GLY B 38 -16.50 -24.21 38.62
C GLY B 38 -17.03 -23.74 37.29
N GLY B 39 -17.69 -22.58 37.32
CA GLY B 39 -18.26 -22.02 36.11
C GLY B 39 -19.40 -22.82 35.52
N GLY B 40 -20.13 -23.58 36.34
CA GLY B 40 -21.20 -24.42 35.86
C GLY B 40 -20.77 -25.76 35.32
N TYR B 41 -19.46 -26.01 35.22
CA TYR B 41 -18.97 -27.27 34.67
C TYR B 41 -18.92 -28.34 35.75
N VAL B 42 -19.56 -29.47 35.48
CA VAL B 42 -19.50 -30.64 36.35
C VAL B 42 -19.21 -31.86 35.50
N THR B 43 -18.61 -32.88 36.12
CA THR B 43 -18.16 -34.08 35.43
C THR B 43 -18.62 -35.30 36.20
N ALA B 44 -19.35 -36.19 35.54
CA ALA B 44 -19.75 -37.46 36.11
C ALA B 44 -18.70 -38.51 35.81
N VAL B 45 -18.26 -39.24 36.84
CA VAL B 45 -17.19 -40.22 36.73
C VAL B 45 -17.75 -41.60 37.04
N VAL B 46 -17.71 -42.49 36.06
CA VAL B 46 -18.12 -43.88 36.23
C VAL B 46 -16.95 -44.78 35.87
N ARG B 47 -16.98 -46.00 36.42
CA ARG B 47 -15.89 -46.94 36.22
C ARG B 47 -16.44 -48.36 36.13
N GLY B 48 -15.69 -49.22 35.46
CA GLY B 48 -16.05 -50.61 35.28
C GLY B 48 -15.09 -51.32 34.34
N ASP B 49 -15.60 -52.20 33.51
CA ASP B 49 -14.77 -52.84 32.49
C ASP B 49 -14.86 -52.07 31.18
N VAL B 50 -13.95 -52.41 30.25
CA VAL B 50 -13.83 -51.64 29.01
C VAL B 50 -15.12 -51.77 28.20
N ALA B 51 -15.77 -52.93 28.25
CA ALA B 51 -16.96 -53.16 27.43
C ALA B 51 -18.16 -52.39 27.97
N ALA B 52 -18.38 -52.47 29.29
CA ALA B 52 -19.56 -51.84 29.86
C ALA B 52 -19.43 -50.31 29.92
N VAL B 53 -18.22 -49.81 30.14
CA VAL B 53 -18.02 -48.36 30.19
C VAL B 53 -18.29 -47.74 28.83
N LYS B 54 -17.87 -48.40 27.75
CA LYS B 54 -18.17 -47.90 26.41
C LYS B 54 -19.67 -47.85 26.15
N ALA B 55 -20.39 -48.90 26.57
CA ALA B 55 -21.83 -48.94 26.34
C ALA B 55 -22.58 -47.98 27.24
N ALA B 56 -22.11 -47.78 28.47
CA ALA B 56 -22.77 -46.86 29.37
C ALA B 56 -22.52 -45.41 28.96
N THR B 57 -21.32 -45.11 28.48
CA THR B 57 -20.97 -43.74 28.12
C THR B 57 -21.83 -43.24 26.96
N GLU B 58 -21.97 -44.07 25.91
CA GLU B 58 -22.77 -43.65 24.77
C GLU B 58 -24.25 -43.50 25.13
N ALA B 59 -24.71 -44.25 26.13
CA ALA B 59 -26.10 -44.13 26.58
C ALA B 59 -26.31 -42.88 27.43
N GLY B 60 -25.28 -42.44 28.15
CA GLY B 60 -25.36 -41.24 28.94
C GLY B 60 -25.31 -39.99 28.09
N GLN B 61 -24.39 -39.95 27.11
CA GLN B 61 -24.31 -38.81 26.22
C GLN B 61 -25.58 -38.68 25.38
N ARG B 62 -26.14 -39.81 24.93
CA ARG B 62 -27.34 -39.78 24.11
C ARG B 62 -28.55 -39.28 24.88
N ALA B 63 -28.56 -39.47 26.21
CA ALA B 63 -29.66 -39.03 27.05
C ALA B 63 -29.44 -37.66 27.67
N ALA B 64 -28.19 -37.22 27.79
CA ALA B 64 -27.91 -35.91 28.40
C ALA B 64 -28.04 -34.77 27.41
N GLU B 65 -27.91 -35.03 26.12
CA GLU B 65 -28.04 -33.97 25.11
C GLU B 65 -29.46 -33.42 25.03
N ARG B 66 -30.44 -34.13 25.59
CA ARG B 66 -31.82 -33.67 25.56
C ARG B 66 -32.13 -32.60 26.59
N VAL B 67 -31.28 -32.43 27.61
CA VAL B 67 -31.59 -31.55 28.72
C VAL B 67 -30.47 -30.54 28.96
N GLY B 68 -29.21 -30.97 28.78
CA GLY B 68 -28.08 -30.17 29.16
C GLY B 68 -27.12 -29.92 28.00
N GLU B 69 -26.13 -29.08 28.26
CA GLU B 69 -25.09 -28.74 27.30
C GLU B 69 -23.88 -29.64 27.54
N VAL B 70 -23.69 -30.61 26.66
CA VAL B 70 -22.58 -31.55 26.78
C VAL B 70 -21.29 -30.89 26.31
N VAL B 71 -20.28 -30.92 27.16
CA VAL B 71 -18.98 -30.31 26.86
C VAL B 71 -18.01 -31.33 26.28
N ALA B 72 -17.78 -32.42 27.00
CA ALA B 72 -16.82 -33.44 26.55
C ALA B 72 -17.30 -34.82 26.99
N VAL B 73 -16.94 -35.83 26.20
CA VAL B 73 -17.27 -37.22 26.47
C VAL B 73 -16.09 -38.07 26.05
N HIS B 74 -15.54 -38.85 26.99
CA HIS B 74 -14.33 -39.61 26.72
C HIS B 74 -14.31 -40.85 27.60
N VAL B 75 -13.60 -41.88 27.12
CA VAL B 75 -13.44 -43.15 27.83
C VAL B 75 -11.98 -43.56 27.75
N ILE B 76 -11.39 -43.89 28.89
CA ILE B 76 -10.02 -44.37 28.97
C ILE B 76 -10.06 -45.87 29.28
N PRO B 77 -9.49 -46.72 28.42
CA PRO B 77 -9.59 -48.18 28.65
C PRO B 77 -8.90 -48.64 29.92
N ARG B 78 -7.58 -48.44 30.00
CA ARG B 78 -6.79 -48.84 31.17
C ARG B 78 -6.00 -47.63 31.66
N PRO B 79 -6.55 -46.86 32.59
CA PRO B 79 -5.83 -45.71 33.13
C PRO B 79 -4.55 -46.14 33.83
N HIS B 80 -3.55 -45.26 33.77
CA HIS B 80 -2.28 -45.52 34.43
C HIS B 80 -2.46 -45.56 35.94
N VAL B 81 -1.56 -46.29 36.62
CA VAL B 81 -1.65 -46.40 38.07
C VAL B 81 -1.37 -45.05 38.72
N ASN B 82 -0.56 -44.20 38.09
CA ASN B 82 -0.27 -42.89 38.66
C ASN B 82 -1.46 -41.95 38.58
N VAL B 83 -2.34 -42.15 37.59
CA VAL B 83 -3.50 -41.28 37.43
C VAL B 83 -4.52 -41.55 38.54
N ASP B 84 -4.81 -42.83 38.79
CA ASP B 84 -5.78 -43.20 39.82
C ASP B 84 -5.31 -42.81 41.22
N ALA B 85 -4.00 -42.68 41.43
CA ALA B 85 -3.45 -42.32 42.74
C ALA B 85 -3.45 -40.83 43.00
N ALA B 86 -3.40 -40.00 41.95
CA ALA B 86 -3.31 -38.55 42.12
C ALA B 86 -4.62 -37.82 41.85
N LEU B 87 -5.59 -38.47 41.20
CA LEU B 87 -6.84 -37.80 40.87
C LEU B 87 -8.01 -38.47 41.58
N PRO B 88 -9.01 -37.69 41.99
CA PRO B 88 -10.18 -38.29 42.66
C PRO B 88 -11.05 -39.06 41.68
N LEU B 89 -10.64 -40.27 41.32
CA LEU B 89 -11.35 -41.09 40.34
C LEU B 89 -11.91 -42.36 40.95
N GLY B 90 -12.12 -42.40 42.27
CA GLY B 90 -12.73 -43.54 42.92
C GLY B 90 -11.83 -44.73 43.14
N ARG B 91 -10.70 -44.83 42.43
CA ARG B 91 -9.77 -45.93 42.58
C ARG B 91 -8.46 -45.47 43.22
N THR B 92 -8.54 -44.58 44.20
CA THR B 92 -7.37 -44.04 44.86
C THR B 92 -7.10 -44.83 46.13
N PRO B 93 -5.98 -45.57 46.22
CA PRO B 93 -5.64 -46.36 47.40
C PRO B 93 -5.32 -45.50 48.62
N ALA B 116 -37.23 -46.08 46.34
CA ALA B 116 -36.64 -44.75 46.19
C ALA B 116 -37.68 -43.74 45.70
N ASP B 117 -37.48 -42.48 46.04
CA ASP B 117 -38.38 -41.41 45.65
C ASP B 117 -37.97 -40.82 44.30
N ALA B 118 -38.93 -40.19 43.65
CA ALA B 118 -38.68 -39.58 42.35
C ALA B 118 -37.87 -38.30 42.51
N LEU B 119 -37.28 -37.84 41.41
CA LEU B 119 -36.36 -36.71 41.40
C LEU B 119 -36.89 -35.61 40.48
N GLY B 120 -36.71 -34.36 40.91
CA GLY B 120 -37.08 -33.21 40.12
C GLY B 120 -36.09 -32.08 40.30
N MET B 121 -35.57 -31.54 39.20
CA MET B 121 -34.50 -30.55 39.24
C MET B 121 -34.81 -29.39 38.31
N ILE B 122 -34.43 -28.18 38.75
CA ILE B 122 -34.56 -26.97 37.95
C ILE B 122 -33.28 -26.16 38.10
N GLU B 123 -32.57 -25.95 37.01
CA GLU B 123 -31.31 -25.22 37.01
C GLU B 123 -31.51 -23.85 36.36
N VAL B 124 -31.08 -22.81 37.06
CA VAL B 124 -31.25 -21.43 36.61
C VAL B 124 -29.94 -20.68 36.81
N ARG B 125 -29.51 -19.95 35.79
CA ARG B 125 -28.36 -19.04 35.93
C ARG B 125 -28.84 -17.76 36.60
N GLY B 126 -29.14 -17.89 37.89
CA GLY B 126 -29.66 -16.80 38.67
C GLY B 126 -30.33 -17.27 39.94
N PHE B 127 -29.86 -16.76 41.09
CA PHE B 127 -30.39 -17.19 42.37
C PHE B 127 -31.85 -16.79 42.55
N VAL B 128 -32.25 -15.67 41.96
CA VAL B 128 -33.64 -15.22 42.09
C VAL B 128 -34.58 -16.17 41.36
N GLY B 129 -34.21 -16.58 40.14
CA GLY B 129 -35.05 -17.50 39.39
C GLY B 129 -35.14 -18.88 40.02
N MET B 130 -34.08 -19.31 40.70
CA MET B 130 -34.10 -20.62 41.34
C MET B 130 -34.99 -20.62 42.58
N VAL B 131 -34.99 -19.52 43.34
CA VAL B 131 -35.83 -19.44 44.53
C VAL B 131 -37.31 -19.39 44.12
N GLU B 132 -37.63 -18.62 43.08
CA GLU B 132 -39.00 -18.58 42.59
C GLU B 132 -39.44 -19.94 42.07
N ALA B 133 -38.53 -20.66 41.42
CA ALA B 133 -38.85 -22.01 40.96
C ALA B 133 -39.07 -22.96 42.13
N ALA B 134 -38.26 -22.85 43.17
CA ALA B 134 -38.43 -23.71 44.34
C ALA B 134 -39.70 -23.37 45.10
N ASP B 135 -40.06 -22.09 45.16
CA ASP B 135 -41.28 -21.69 45.85
C ASP B 135 -42.52 -22.20 45.11
N ALA B 136 -42.46 -22.21 43.77
CA ALA B 136 -43.59 -22.69 42.98
C ALA B 136 -43.69 -24.22 42.97
N MET B 137 -42.59 -24.92 43.25
CA MET B 137 -42.61 -26.38 43.23
C MET B 137 -43.26 -26.94 44.48
N VAL B 138 -42.84 -26.49 45.66
CA VAL B 138 -43.39 -27.00 46.90
C VAL B 138 -44.85 -26.56 47.10
N LYS B 139 -45.27 -25.49 46.44
CA LYS B 139 -46.66 -25.07 46.50
C LYS B 139 -47.55 -25.83 45.52
N ALA B 140 -46.96 -26.43 44.48
CA ALA B 140 -47.77 -27.10 43.46
C ALA B 140 -48.30 -28.43 43.99
N ALA B 141 -47.43 -29.26 44.56
CA ALA B 141 -47.81 -30.57 45.04
C ALA B 141 -47.03 -30.88 46.32
N LYS B 142 -47.17 -32.10 46.82
CA LYS B 142 -46.51 -32.52 48.05
C LYS B 142 -45.12 -33.06 47.71
N VAL B 143 -44.17 -32.14 47.58
CA VAL B 143 -42.77 -32.48 47.33
C VAL B 143 -41.93 -31.86 48.44
N GLU B 144 -40.73 -32.42 48.62
CA GLU B 144 -39.80 -31.95 49.63
C GLU B 144 -38.59 -31.30 48.96
N LEU B 145 -38.28 -30.08 49.36
CA LEU B 145 -37.12 -29.35 48.84
C LEU B 145 -35.91 -29.77 49.67
N ILE B 146 -35.05 -30.61 49.10
CA ILE B 146 -33.88 -31.09 49.82
C ILE B 146 -32.84 -30.01 50.01
N GLY B 147 -32.82 -29.00 49.15
CA GLY B 147 -31.82 -27.96 49.18
C GLY B 147 -31.45 -27.56 47.76
N TYR B 148 -30.37 -26.78 47.66
CA TYR B 148 -29.92 -26.25 46.38
C TYR B 148 -28.44 -26.55 46.19
N GLU B 149 -28.05 -26.75 44.92
CA GLU B 149 -26.69 -27.07 44.55
C GLU B 149 -26.08 -25.90 43.81
N LYS B 150 -24.93 -25.41 44.28
CA LYS B 150 -24.24 -24.28 43.69
C LYS B 150 -23.13 -24.82 42.79
N THR B 151 -23.32 -24.70 41.47
CA THR B 151 -22.36 -25.21 40.51
C THR B 151 -21.24 -24.23 40.20
N GLY B 152 -21.43 -22.95 40.48
CA GLY B 152 -20.42 -21.95 40.21
C GLY B 152 -20.73 -21.16 38.95
N GLY B 153 -20.23 -19.94 38.89
CA GLY B 153 -20.49 -19.08 37.75
C GLY B 153 -21.93 -18.62 37.63
N GLY B 154 -22.67 -18.58 38.73
CA GLY B 154 -24.05 -18.18 38.72
C GLY B 154 -25.06 -19.30 38.55
N TYR B 155 -24.60 -20.51 38.24
CA TYR B 155 -25.50 -21.63 38.04
C TYR B 155 -25.91 -22.24 39.39
N VAL B 156 -27.21 -22.38 39.60
CA VAL B 156 -27.76 -23.02 40.79
C VAL B 156 -28.86 -23.96 40.37
N THR B 157 -29.05 -25.02 41.16
CA THR B 157 -30.01 -26.08 40.84
C THR B 157 -30.89 -26.33 42.05
N ALA B 158 -32.20 -26.24 41.85
CA ALA B 158 -33.17 -26.58 42.88
C ALA B 158 -33.59 -28.04 42.72
N VAL B 159 -33.45 -28.81 43.79
CA VAL B 159 -33.69 -30.26 43.76
C VAL B 159 -34.84 -30.58 44.71
N VAL B 160 -35.85 -31.28 44.20
CA VAL B 160 -36.98 -31.71 45.00
C VAL B 160 -37.18 -33.21 44.84
N ARG B 161 -37.74 -33.84 45.86
CA ARG B 161 -38.03 -35.27 45.85
C ARG B 161 -39.47 -35.50 46.30
N GLY B 162 -39.96 -36.69 46.05
CA GLY B 162 -41.30 -37.06 46.45
C GLY B 162 -41.91 -38.03 45.47
N ASP B 163 -43.24 -38.10 45.50
CA ASP B 163 -43.98 -39.00 44.63
C ASP B 163 -43.82 -38.59 43.17
N VAL B 164 -43.84 -39.58 42.28
CA VAL B 164 -43.66 -39.31 40.86
C VAL B 164 -44.79 -38.45 40.32
N ALA B 165 -46.00 -38.60 40.88
CA ALA B 165 -47.11 -37.74 40.45
C ALA B 165 -46.94 -36.33 40.97
N ALA B 166 -46.40 -36.17 42.18
CA ALA B 166 -46.24 -34.85 42.77
C ALA B 166 -45.09 -34.08 42.13
N VAL B 167 -43.97 -34.75 41.85
CA VAL B 167 -42.81 -34.05 41.32
C VAL B 167 -43.00 -33.69 39.85
N LYS B 168 -43.70 -34.53 39.10
CA LYS B 168 -43.92 -34.25 37.68
C LYS B 168 -44.84 -33.05 37.49
N ALA B 169 -45.73 -32.80 38.45
CA ALA B 169 -46.58 -31.62 38.43
C ALA B 169 -45.95 -30.42 39.13
N ALA B 170 -44.95 -30.64 39.98
CA ALA B 170 -44.29 -29.53 40.65
C ALA B 170 -43.23 -28.89 39.77
N THR B 171 -42.42 -29.69 39.07
CA THR B 171 -41.40 -29.15 38.20
C THR B 171 -42.00 -28.38 37.03
N GLU B 172 -43.16 -28.82 36.54
CA GLU B 172 -43.81 -28.10 35.44
C GLU B 172 -44.35 -26.76 35.91
N ALA B 173 -44.92 -26.71 37.11
CA ALA B 173 -45.41 -25.44 37.65
C ALA B 173 -44.27 -24.53 38.06
N GLY B 174 -43.13 -25.08 38.43
CA GLY B 174 -41.98 -24.29 38.80
C GLY B 174 -41.27 -23.70 37.61
N GLN B 175 -41.18 -24.47 36.52
CA GLN B 175 -40.54 -23.97 35.30
C GLN B 175 -41.34 -22.83 34.70
N ARG B 176 -42.65 -23.00 34.59
CA ARG B 176 -43.49 -21.96 33.98
C ARG B 176 -43.49 -20.67 34.78
N ALA B 177 -43.27 -20.77 36.09
CA ALA B 177 -43.15 -19.59 36.96
C ALA B 177 -41.75 -19.00 36.97
N ALA B 178 -40.73 -19.82 36.70
CA ALA B 178 -39.35 -19.33 36.70
C ALA B 178 -38.92 -18.75 35.37
N GLU B 179 -39.61 -19.12 34.28
CA GLU B 179 -39.27 -18.53 32.97
C GLU B 179 -39.53 -17.03 32.97
N ARG B 180 -40.46 -16.56 33.80
CA ARG B 180 -40.82 -15.15 33.88
C ARG B 180 -39.96 -14.38 34.87
N VAL B 181 -38.88 -14.98 35.36
CA VAL B 181 -38.02 -14.33 36.33
C VAL B 181 -36.57 -14.31 35.84
N GLY B 182 -35.97 -15.49 35.71
CA GLY B 182 -34.58 -15.57 35.33
C GLY B 182 -34.30 -16.43 34.10
N GLU B 183 -33.03 -16.78 33.90
CA GLU B 183 -32.61 -17.58 32.75
C GLU B 183 -32.65 -19.05 33.14
N VAL B 184 -33.68 -19.76 32.67
CA VAL B 184 -33.82 -21.17 32.97
C VAL B 184 -32.89 -21.97 32.06
N VAL B 185 -32.10 -22.86 32.65
CA VAL B 185 -31.10 -23.62 31.90
C VAL B 185 -31.65 -24.98 31.52
N ALA B 186 -32.06 -25.78 32.51
CA ALA B 186 -32.52 -27.14 32.24
C ALA B 186 -33.56 -27.54 33.27
N VAL B 187 -34.55 -28.32 32.83
CA VAL B 187 -35.58 -28.89 33.69
C VAL B 187 -35.81 -30.33 33.27
N HIS B 188 -35.70 -31.26 34.22
CA HIS B 188 -35.86 -32.66 33.93
C HIS B 188 -36.40 -33.38 35.16
N VAL B 189 -37.01 -34.54 34.92
CA VAL B 189 -37.60 -35.36 35.98
C VAL B 189 -37.12 -36.80 35.82
N ILE B 190 -36.61 -37.38 36.90
CA ILE B 190 -36.21 -38.78 36.94
C ILE B 190 -37.19 -39.51 37.85
N PRO B 191 -38.09 -40.33 37.29
CA PRO B 191 -39.11 -40.97 38.16
C PRO B 191 -38.52 -42.02 39.09
N ARG B 192 -37.54 -42.79 38.64
CA ARG B 192 -36.96 -43.87 39.42
C ARG B 192 -35.44 -43.76 39.33
N PRO B 193 -34.82 -42.98 40.21
CA PRO B 193 -33.36 -42.88 40.19
C PRO B 193 -32.70 -44.13 40.74
N HIS B 194 -31.60 -44.52 40.11
CA HIS B 194 -30.88 -45.72 40.53
C HIS B 194 -30.30 -45.53 41.92
N VAL B 195 -30.10 -46.64 42.64
CA VAL B 195 -29.57 -46.57 43.99
C VAL B 195 -28.14 -46.05 43.98
N ASN B 196 -27.38 -46.33 42.92
CA ASN B 196 -26.02 -45.81 42.82
C ASN B 196 -26.01 -44.28 42.70
N VAL B 197 -27.05 -43.71 42.09
CA VAL B 197 -27.12 -42.25 41.96
C VAL B 197 -27.27 -41.60 43.32
N ASP B 198 -28.23 -42.10 44.13
CA ASP B 198 -28.44 -41.53 45.45
C ASP B 198 -27.24 -41.74 46.36
N ALA B 199 -26.48 -42.82 46.15
CA ALA B 199 -25.35 -43.11 47.02
C ALA B 199 -24.19 -42.17 46.76
N ALA B 200 -23.97 -41.78 45.50
CA ALA B 200 -22.81 -41.00 45.13
C ALA B 200 -23.13 -39.54 44.82
N LEU B 201 -24.40 -39.14 44.82
CA LEU B 201 -24.75 -37.78 44.48
C LEU B 201 -25.53 -37.12 45.61
N PRO B 202 -25.21 -35.87 45.95
CA PRO B 202 -25.93 -35.18 47.02
C PRO B 202 -27.34 -34.78 46.63
N LEU B 203 -28.26 -35.75 46.56
CA LEU B 203 -29.65 -35.50 46.22
C LEU B 203 -30.59 -35.68 47.41
N GLY B 204 -30.05 -35.68 48.62
CA GLY B 204 -30.88 -35.75 49.81
C GLY B 204 -31.15 -37.14 50.32
N ARG B 205 -31.79 -37.98 49.51
CA ARG B 205 -32.16 -39.33 49.90
C ARG B 205 -30.99 -40.31 49.89
N THR B 206 -29.80 -39.85 50.29
CA THR B 206 -28.66 -40.72 50.45
C THR B 206 -28.88 -41.64 51.65
N PRO B 207 -28.17 -42.77 51.72
CA PRO B 207 -28.32 -43.64 52.90
C PRO B 207 -27.91 -42.97 54.20
N GLY B 208 -26.83 -42.19 54.18
CA GLY B 208 -26.37 -41.51 55.38
C GLY B 208 -27.26 -40.36 55.79
N ALA C 2 -45.65 -15.66 57.92
CA ALA C 2 -44.46 -15.64 57.10
C ALA C 2 -44.26 -14.27 56.45
N ASP C 3 -43.08 -13.70 56.64
CA ASP C 3 -42.77 -12.40 56.07
C ASP C 3 -42.53 -12.53 54.56
N ALA C 4 -42.64 -11.40 53.87
CA ALA C 4 -42.44 -11.38 52.43
C ALA C 4 -40.97 -11.60 52.08
N LEU C 5 -40.72 -11.80 50.80
CA LEU C 5 -39.37 -12.05 50.30
C LEU C 5 -39.09 -11.16 49.11
N GLY C 6 -37.95 -10.47 49.14
CA GLY C 6 -37.53 -9.62 48.04
C GLY C 6 -36.08 -9.87 47.68
N MET C 7 -35.80 -10.04 46.39
CA MET C 7 -34.46 -10.38 45.92
C MET C 7 -34.09 -9.52 44.72
N ILE C 8 -32.83 -9.09 44.68
CA ILE C 8 -32.28 -8.34 43.56
C ILE C 8 -30.91 -8.93 43.24
N GLU C 9 -30.77 -9.46 42.03
CA GLU C 9 -29.53 -10.10 41.58
C GLU C 9 -28.81 -9.20 40.60
N VAL C 10 -27.54 -8.95 40.85
CA VAL C 10 -26.71 -8.06 40.03
C VAL C 10 -25.38 -8.74 39.77
N ARG C 11 -24.96 -8.77 38.49
CA ARG C 11 -23.63 -9.26 38.14
C ARG C 11 -22.61 -8.17 38.47
N GLY C 12 -22.39 -8.00 39.76
CA GLY C 12 -21.51 -6.96 40.26
C GLY C 12 -21.78 -6.61 41.70
N PHE C 13 -20.74 -6.60 42.53
CA PHE C 13 -20.92 -6.34 43.95
C PHE C 13 -21.34 -4.90 44.22
N VAL C 14 -20.94 -3.97 43.34
CA VAL C 14 -21.29 -2.56 43.54
C VAL C 14 -22.78 -2.33 43.31
N GLY C 15 -23.32 -2.91 42.23
CA GLY C 15 -24.74 -2.74 41.95
C GLY C 15 -25.64 -3.38 43.00
N MET C 16 -25.15 -4.45 43.65
CA MET C 16 -25.96 -5.10 44.68
C MET C 16 -26.00 -4.26 45.96
N VAL C 17 -24.89 -3.58 46.27
CA VAL C 17 -24.86 -2.76 47.47
C VAL C 17 -25.75 -1.54 47.31
N GLU C 18 -25.69 -0.89 46.14
CA GLU C 18 -26.57 0.25 45.89
C GLU C 18 -28.04 -0.18 45.88
N ALA C 19 -28.31 -1.39 45.39
CA ALA C 19 -29.67 -1.92 45.44
C ALA C 19 -30.12 -2.16 46.87
N ALA C 20 -29.23 -2.71 47.70
CA ALA C 20 -29.58 -2.95 49.10
C ALA C 20 -29.75 -1.66 49.87
N ASP C 21 -28.97 -0.62 49.54
CA ASP C 21 -29.10 0.66 50.24
C ASP C 21 -30.41 1.35 49.89
N ALA C 22 -30.87 1.21 48.65
CA ALA C 22 -32.12 1.83 48.24
C ALA C 22 -33.35 1.10 48.77
N MET C 23 -33.22 -0.18 49.10
CA MET C 23 -34.37 -0.94 49.61
C MET C 23 -34.65 -0.61 51.07
N VAL C 24 -33.61 -0.57 51.91
CA VAL C 24 -33.81 -0.28 53.32
C VAL C 24 -34.16 1.17 53.56
N LYS C 25 -33.90 2.06 52.59
CA LYS C 25 -34.27 3.45 52.72
C LYS C 25 -35.67 3.75 52.20
N ALA C 26 -36.20 2.93 51.31
CA ALA C 26 -37.55 3.15 50.79
C ALA C 26 -38.60 2.77 51.83
N ALA C 27 -38.65 1.50 52.21
CA ALA C 27 -39.59 1.00 53.19
C ALA C 27 -38.82 0.32 54.32
N LYS C 28 -39.56 -0.16 55.33
CA LYS C 28 -38.96 -0.83 56.48
C LYS C 28 -38.86 -2.32 56.16
N VAL C 29 -37.69 -2.73 55.66
CA VAL C 29 -37.38 -4.12 55.41
C VAL C 29 -36.01 -4.42 56.01
N GLU C 30 -35.81 -5.67 56.38
CA GLU C 30 -34.56 -6.11 57.01
C GLU C 30 -33.68 -6.77 55.96
N LEU C 31 -32.45 -6.26 55.82
CA LEU C 31 -31.46 -6.85 54.94
C LEU C 31 -30.83 -8.03 55.65
N ILE C 32 -31.22 -9.25 55.29
CA ILE C 32 -30.73 -10.44 55.96
C ILE C 32 -29.32 -10.81 55.52
N GLY C 33 -28.88 -10.35 54.37
CA GLY C 33 -27.56 -10.68 53.87
C GLY C 33 -27.60 -10.78 52.35
N TYR C 34 -26.50 -11.31 51.81
CA TYR C 34 -26.33 -11.43 50.36
C TYR C 34 -25.82 -12.82 50.03
N GLU C 35 -26.34 -13.38 48.93
CA GLU C 35 -25.98 -14.72 48.48
C GLU C 35 -25.05 -14.60 47.27
N LYS C 36 -23.92 -15.31 47.32
CA LYS C 36 -22.91 -15.28 46.28
C LYS C 36 -22.98 -16.61 45.52
N THR C 37 -23.46 -16.55 44.28
CA THR C 37 -23.58 -17.74 43.43
C THR C 37 -22.38 -17.94 42.53
N GLY C 38 -21.38 -17.06 42.59
CA GLY C 38 -20.20 -17.18 41.76
C GLY C 38 -20.32 -16.47 40.43
N GLY C 39 -19.17 -16.29 39.78
CA GLY C 39 -19.13 -15.62 38.50
C GLY C 39 -19.56 -14.17 38.55
N GLY C 40 -19.34 -13.50 39.68
CA GLY C 40 -19.75 -12.12 39.84
C GLY C 40 -21.21 -11.93 40.22
N TYR C 41 -22.03 -12.96 40.11
CA TYR C 41 -23.45 -12.86 40.45
C TYR C 41 -23.62 -12.84 41.97
N VAL C 42 -24.32 -11.82 42.47
CA VAL C 42 -24.65 -11.70 43.88
C VAL C 42 -26.11 -11.29 43.99
N THR C 43 -26.75 -11.71 45.07
CA THR C 43 -28.18 -11.52 45.27
C THR C 43 -28.43 -10.93 46.65
N ALA C 44 -28.98 -9.71 46.69
CA ALA C 44 -29.39 -9.12 47.95
C ALA C 44 -30.78 -9.60 48.33
N VAL C 45 -30.95 -9.96 49.60
CA VAL C 45 -32.20 -10.54 50.10
C VAL C 45 -32.71 -9.67 51.23
N VAL C 46 -33.95 -9.18 51.10
CA VAL C 46 -34.62 -8.41 52.14
C VAL C 46 -35.96 -9.06 52.42
N ARG C 47 -36.50 -8.79 53.61
CA ARG C 47 -37.75 -9.39 54.05
C ARG C 47 -38.54 -8.38 54.86
N GLY C 48 -39.86 -8.50 54.80
CA GLY C 48 -40.77 -7.62 55.51
C GLY C 48 -42.22 -7.84 55.14
N ASP C 49 -42.98 -6.76 55.01
CA ASP C 49 -44.36 -6.85 54.59
C ASP C 49 -44.46 -6.93 53.06
N VAL C 50 -45.56 -7.52 52.59
CA VAL C 50 -45.74 -7.71 51.15
C VAL C 50 -45.74 -6.38 50.41
N ALA C 51 -46.25 -5.32 51.04
CA ALA C 51 -46.27 -4.02 50.39
C ALA C 51 -44.95 -3.27 50.59
N ALA C 52 -44.34 -3.41 51.77
CA ALA C 52 -43.05 -2.77 52.02
C ALA C 52 -41.96 -3.39 51.16
N VAL C 53 -42.01 -4.70 50.97
CA VAL C 53 -41.04 -5.35 50.09
C VAL C 53 -41.30 -4.99 48.63
N LYS C 54 -42.58 -4.92 48.24
CA LYS C 54 -42.92 -4.58 46.86
C LYS C 54 -42.43 -3.18 46.50
N ALA C 55 -42.57 -2.23 47.43
CA ALA C 55 -42.12 -0.86 47.16
C ALA C 55 -40.60 -0.77 47.20
N ALA C 56 -39.96 -1.45 48.15
CA ALA C 56 -38.50 -1.42 48.21
C ALA C 56 -37.88 -2.16 47.04
N THR C 57 -38.53 -3.24 46.57
CA THR C 57 -38.03 -3.96 45.41
C THR C 57 -37.98 -3.07 44.17
N GLU C 58 -39.04 -2.29 43.96
CA GLU C 58 -39.08 -1.40 42.80
C GLU C 58 -38.07 -0.27 42.93
N ALA C 59 -37.98 0.33 44.13
CA ALA C 59 -37.05 1.44 44.33
C ALA C 59 -35.60 1.00 44.23
N GLY C 60 -35.29 -0.22 44.69
CA GLY C 60 -33.93 -0.71 44.59
C GLY C 60 -33.51 -1.04 43.17
N GLN C 61 -34.45 -1.50 42.34
CA GLN C 61 -34.13 -1.82 40.96
C GLN C 61 -33.81 -0.56 40.15
N ARG C 62 -34.62 0.48 40.32
CA ARG C 62 -34.40 1.71 39.57
C ARG C 62 -33.09 2.38 39.98
N ALA C 63 -32.67 2.22 41.23
CA ALA C 63 -31.41 2.79 41.68
C ALA C 63 -30.22 1.92 41.29
N ALA C 64 -30.41 0.61 41.17
CA ALA C 64 -29.31 -0.29 40.82
C ALA C 64 -29.02 -0.30 39.32
N GLU C 65 -29.97 0.14 38.49
CA GLU C 65 -29.74 0.18 37.05
C GLU C 65 -28.76 1.27 36.64
N ARG C 66 -28.42 2.19 37.54
CA ARG C 66 -27.51 3.28 37.25
C ARG C 66 -26.05 2.93 37.52
N VAL C 67 -25.75 1.68 37.90
CA VAL C 67 -24.39 1.32 38.28
C VAL C 67 -23.98 -0.02 37.68
N GLY C 68 -24.83 -1.05 37.85
CA GLY C 68 -24.48 -2.40 37.47
C GLY C 68 -25.54 -3.06 36.60
N GLU C 69 -25.25 -4.30 36.23
CA GLU C 69 -26.13 -5.09 35.39
C GLU C 69 -27.14 -5.82 36.27
N VAL C 70 -28.42 -5.47 36.12
CA VAL C 70 -29.49 -6.11 36.88
C VAL C 70 -29.91 -7.38 36.15
N VAL C 71 -29.82 -8.52 36.85
CA VAL C 71 -30.13 -9.81 36.25
C VAL C 71 -31.60 -10.14 36.44
N ALA C 72 -32.01 -10.32 37.70
CA ALA C 72 -33.39 -10.67 38.02
C ALA C 72 -33.85 -9.91 39.26
N VAL C 73 -35.13 -9.56 39.27
CA VAL C 73 -35.75 -8.83 40.37
C VAL C 73 -37.14 -9.39 40.56
N HIS C 74 -37.43 -9.91 41.75
CA HIS C 74 -38.69 -10.57 42.02
C HIS C 74 -39.05 -10.42 43.48
N VAL C 75 -40.37 -10.50 43.76
CA VAL C 75 -40.89 -10.43 45.12
C VAL C 75 -41.86 -11.59 45.32
N ILE C 76 -41.67 -12.35 46.39
CA ILE C 76 -42.54 -13.45 46.76
C ILE C 76 -43.38 -12.99 47.95
N PRO C 77 -44.71 -12.93 47.82
CA PRO C 77 -45.54 -12.42 48.93
C PRO C 77 -45.49 -13.28 50.17
N ARG C 78 -45.85 -14.56 50.04
CA ARG C 78 -45.83 -15.50 51.15
C ARG C 78 -45.03 -16.73 50.73
N PRO C 79 -43.74 -16.77 51.05
CA PRO C 79 -42.93 -17.94 50.70
C PRO C 79 -43.33 -19.15 51.53
N HIS C 80 -43.22 -20.32 50.91
CA HIS C 80 -43.56 -21.56 51.58
C HIS C 80 -42.57 -21.84 52.71
N VAL C 81 -43.05 -22.60 53.71
CA VAL C 81 -42.20 -22.92 54.86
C VAL C 81 -41.00 -23.77 54.44
N ASN C 82 -41.18 -24.61 53.42
CA ASN C 82 -40.08 -25.43 52.92
C ASN C 82 -38.98 -24.59 52.29
N VAL C 83 -39.31 -23.39 51.80
CA VAL C 83 -38.31 -22.54 51.17
C VAL C 83 -37.37 -21.95 52.21
N ASP C 84 -37.93 -21.45 53.32
CA ASP C 84 -37.10 -20.86 54.36
C ASP C 84 -36.26 -21.90 55.09
N ALA C 85 -36.67 -23.17 55.08
CA ALA C 85 -35.94 -24.19 55.82
C ALA C 85 -34.70 -24.68 55.07
N ALA C 86 -34.75 -24.70 53.74
CA ALA C 86 -33.65 -25.22 52.94
C ALA C 86 -32.79 -24.15 52.31
N LEU C 87 -33.23 -22.89 52.28
CA LEU C 87 -32.47 -21.84 51.65
C LEU C 87 -32.06 -20.79 52.68
N PRO C 88 -30.82 -20.27 52.59
CA PRO C 88 -30.38 -19.24 53.54
C PRO C 88 -31.04 -17.90 53.26
N LEU C 89 -32.30 -17.75 53.68
CA LEU C 89 -33.06 -16.53 53.42
C LEU C 89 -33.33 -15.74 54.69
N GLY C 90 -32.53 -15.93 55.72
CA GLY C 90 -32.64 -15.17 56.96
C GLY C 90 -33.58 -15.73 58.01
N ARG C 91 -34.74 -16.22 57.59
CA ARG C 91 -35.74 -16.77 58.51
C ARG C 91 -35.71 -18.29 58.50
N THR C 92 -34.52 -18.84 58.79
CA THR C 92 -34.32 -20.28 58.85
C THR C 92 -34.32 -20.72 60.30
N PRO C 93 -35.41 -21.33 60.80
CA PRO C 93 -35.49 -21.76 62.20
C PRO C 93 -34.57 -22.94 62.51
N ALA C 116 -23.07 8.01 60.47
CA ALA C 116 -22.44 6.99 59.64
C ALA C 116 -21.26 7.57 58.87
N ASP C 117 -20.58 6.70 58.12
CA ASP C 117 -19.42 7.08 57.32
C ASP C 117 -19.71 6.81 55.85
N ALA C 118 -19.20 7.68 54.98
CA ALA C 118 -19.41 7.53 53.56
C ALA C 118 -18.72 6.26 53.05
N LEU C 119 -19.17 5.80 51.87
CA LEU C 119 -18.73 4.53 51.31
C LEU C 119 -18.35 4.72 49.85
N GLY C 120 -17.16 4.26 49.50
CA GLY C 120 -16.69 4.29 48.12
C GLY C 120 -16.31 2.90 47.67
N MET C 121 -16.71 2.54 46.45
CA MET C 121 -16.51 1.20 45.93
C MET C 121 -16.09 1.24 44.47
N ILE C 122 -15.18 0.35 44.10
CA ILE C 122 -14.71 0.21 42.72
C ILE C 122 -14.60 -1.28 42.42
N GLU C 123 -15.27 -1.73 41.37
CA GLU C 123 -15.25 -3.14 40.97
C GLU C 123 -14.52 -3.27 39.64
N VAL C 124 -13.58 -4.19 39.56
CA VAL C 124 -12.74 -4.41 38.39
C VAL C 124 -12.64 -5.90 38.12
N ARG C 125 -12.84 -6.30 36.87
CA ARG C 125 -12.60 -7.68 36.46
C ARG C 125 -11.10 -7.89 36.33
N GLY C 126 -10.46 -8.10 37.48
CA GLY C 126 -9.03 -8.25 37.53
C GLY C 126 -8.44 -7.83 38.86
N PHE C 127 -7.66 -8.71 39.49
CA PHE C 127 -7.09 -8.39 40.79
C PHE C 127 -6.06 -7.27 40.71
N VAL C 128 -5.34 -7.18 39.58
CA VAL C 128 -4.33 -6.14 39.44
C VAL C 128 -4.98 -4.76 39.32
N GLY C 129 -6.06 -4.66 38.54
CA GLY C 129 -6.74 -3.39 38.40
C GLY C 129 -7.38 -2.90 39.68
N MET C 130 -7.78 -3.83 40.55
CA MET C 130 -8.38 -3.44 41.82
C MET C 130 -7.35 -2.96 42.82
N VAL C 131 -6.14 -3.52 42.79
CA VAL C 131 -5.08 -3.06 43.69
C VAL C 131 -4.65 -1.65 43.34
N GLU C 132 -4.50 -1.37 42.04
CA GLU C 132 -4.12 -0.02 41.61
C GLU C 132 -5.22 0.98 41.95
N ALA C 133 -6.48 0.56 41.84
CA ALA C 133 -7.59 1.46 42.21
C ALA C 133 -7.56 1.77 43.71
N ALA C 134 -7.25 0.77 44.53
CA ALA C 134 -7.21 0.99 45.97
C ALA C 134 -5.98 1.81 46.37
N ASP C 135 -4.85 1.58 45.70
CA ASP C 135 -3.65 2.34 46.02
C ASP C 135 -3.79 3.82 45.68
N ALA C 136 -4.51 4.13 44.60
CA ALA C 136 -4.72 5.52 44.21
C ALA C 136 -5.79 6.22 45.05
N MET C 137 -6.65 5.46 45.72
CA MET C 137 -7.70 6.07 46.53
C MET C 137 -7.17 6.54 47.88
N VAL C 138 -6.39 5.70 48.56
CA VAL C 138 -5.87 6.07 49.87
C VAL C 138 -4.82 7.17 49.77
N LYS C 139 -4.21 7.36 48.60
CA LYS C 139 -3.25 8.44 48.41
C LYS C 139 -3.90 9.75 47.97
N ALA C 140 -5.09 9.68 47.36
CA ALA C 140 -5.72 10.88 46.83
C ALA C 140 -6.39 11.69 47.94
N ALA C 141 -7.04 11.03 48.89
CA ALA C 141 -7.76 11.72 49.95
C ALA C 141 -7.64 10.91 51.24
N LYS C 142 -8.27 11.44 52.30
CA LYS C 142 -8.25 10.80 53.61
C LYS C 142 -9.36 9.76 53.67
N VAL C 143 -9.04 8.57 53.14
CA VAL C 143 -9.96 7.45 53.13
C VAL C 143 -9.26 6.22 53.69
N GLU C 144 -10.05 5.27 54.16
CA GLU C 144 -9.54 4.04 54.76
C GLU C 144 -10.00 2.84 53.93
N LEU C 145 -9.04 2.07 53.44
CA LEU C 145 -9.34 0.85 52.69
C LEU C 145 -9.64 -0.26 53.68
N ILE C 146 -10.93 -0.60 53.82
CA ILE C 146 -11.33 -1.61 54.80
C ILE C 146 -11.02 -3.02 54.31
N GLY C 147 -10.88 -3.24 53.01
CA GLY C 147 -10.61 -4.55 52.47
C GLY C 147 -11.17 -4.67 51.08
N TYR C 148 -11.28 -5.91 50.62
CA TYR C 148 -11.76 -6.22 49.29
C TYR C 148 -12.75 -7.38 49.35
N GLU C 149 -13.59 -7.46 48.32
CA GLU C 149 -14.64 -8.47 48.24
C GLU C 149 -14.50 -9.24 46.93
N LYS C 150 -14.50 -10.56 47.02
CA LYS C 150 -14.39 -11.44 45.86
C LYS C 150 -15.76 -12.05 45.57
N THR C 151 -16.32 -11.71 44.42
CA THR C 151 -17.63 -12.23 44.02
C THR C 151 -17.53 -13.37 43.01
N GLY C 152 -16.32 -13.78 42.64
CA GLY C 152 -16.14 -14.87 41.71
C GLY C 152 -16.06 -14.42 40.27
N GLY C 153 -15.56 -15.31 39.43
CA GLY C 153 -15.43 -15.02 38.01
C GLY C 153 -14.44 -13.94 37.68
N GLY C 154 -13.48 -13.67 38.56
CA GLY C 154 -12.51 -12.62 38.35
C GLY C 154 -12.94 -11.25 38.80
N TYR C 155 -14.13 -11.12 39.37
CA TYR C 155 -14.65 -9.83 39.84
C TYR C 155 -14.19 -9.58 41.26
N VAL C 156 -13.54 -8.44 41.48
CA VAL C 156 -13.08 -8.02 42.81
C VAL C 156 -13.49 -6.57 43.02
N THR C 157 -13.84 -6.24 44.26
CA THR C 157 -14.36 -4.92 44.60
C THR C 157 -13.56 -4.33 45.75
N ALA C 158 -12.99 -3.15 45.54
CA ALA C 158 -12.29 -2.43 46.59
C ALA C 158 -13.29 -1.55 47.35
N VAL C 159 -13.24 -1.61 48.67
CA VAL C 159 -14.20 -0.92 49.53
C VAL C 159 -13.42 0.06 50.40
N VAL C 160 -13.77 1.34 50.32
CA VAL C 160 -13.14 2.38 51.13
C VAL C 160 -14.22 3.15 51.89
N ARG C 161 -13.86 3.65 53.06
CA ARG C 161 -14.76 4.42 53.90
C ARG C 161 -14.09 5.72 54.31
N GLY C 162 -14.91 6.73 54.59
CA GLY C 162 -14.38 8.02 55.01
C GLY C 162 -15.42 9.10 54.91
N ASP C 163 -14.96 10.32 54.64
CA ASP C 163 -15.85 11.45 54.47
C ASP C 163 -16.47 11.45 53.08
N VAL C 164 -17.63 12.09 52.96
CA VAL C 164 -18.33 12.14 51.68
C VAL C 164 -17.52 12.93 50.66
N ALA C 165 -16.84 14.00 51.10
CA ALA C 165 -15.99 14.74 50.19
C ALA C 165 -14.71 13.98 49.87
N ALA C 166 -14.23 13.14 50.81
CA ALA C 166 -12.99 12.41 50.60
C ALA C 166 -13.18 11.23 49.65
N VAL C 167 -14.20 10.42 49.89
CA VAL C 167 -14.41 9.24 49.06
C VAL C 167 -14.83 9.63 47.65
N LYS C 168 -15.44 10.81 47.49
CA LYS C 168 -15.78 11.28 46.15
C LYS C 168 -14.53 11.62 45.36
N ALA C 169 -13.60 12.36 45.99
CA ALA C 169 -12.34 12.68 45.33
C ALA C 169 -11.42 11.48 45.24
N ALA C 170 -11.62 10.47 46.09
CA ALA C 170 -10.76 9.28 46.05
C ALA C 170 -11.20 8.32 44.95
N THR C 171 -12.49 8.01 44.87
CA THR C 171 -12.98 7.08 43.86
C THR C 171 -12.79 7.65 42.45
N GLU C 172 -12.95 8.96 42.30
CA GLU C 172 -12.73 9.58 40.99
C GLU C 172 -11.27 9.47 40.57
N ALA C 173 -10.34 9.68 41.52
CA ALA C 173 -8.92 9.53 41.21
C ALA C 173 -8.53 8.06 41.08
N GLY C 174 -9.23 7.17 41.79
CA GLY C 174 -8.95 5.75 41.72
C GLY C 174 -9.50 5.11 40.46
N GLN C 175 -10.70 5.53 40.05
CA GLN C 175 -11.29 4.99 38.82
C GLN C 175 -10.44 5.35 37.61
N ARG C 176 -9.94 6.58 37.55
CA ARG C 176 -9.11 7.01 36.42
C ARG C 176 -7.81 6.22 36.38
N ALA C 177 -7.15 6.07 37.52
CA ALA C 177 -5.87 5.36 37.57
C ALA C 177 -6.04 3.86 37.33
N ALA C 178 -7.26 3.34 37.42
CA ALA C 178 -7.51 1.92 37.19
C ALA C 178 -7.96 1.61 35.77
N GLU C 179 -8.49 2.60 35.04
CA GLU C 179 -8.93 2.36 33.67
C GLU C 179 -7.76 2.06 32.75
N ARG C 180 -6.57 2.56 33.09
CA ARG C 180 -5.36 2.31 32.31
C ARG C 180 -4.64 1.02 32.71
N VAL C 181 -5.27 0.20 33.54
CA VAL C 181 -4.65 -1.05 34.00
C VAL C 181 -5.56 -2.23 33.69
N GLY C 182 -6.80 -2.17 34.20
CA GLY C 182 -7.72 -3.27 34.01
C GLY C 182 -9.08 -2.86 33.48
N GLU C 183 -10.03 -3.80 33.51
CA GLU C 183 -11.38 -3.56 33.01
C GLU C 183 -12.27 -3.14 34.18
N VAL C 184 -12.61 -1.86 34.23
CA VAL C 184 -13.44 -1.33 35.30
C VAL C 184 -14.89 -1.72 35.06
N VAL C 185 -15.54 -2.27 36.08
CA VAL C 185 -16.91 -2.74 35.96
C VAL C 185 -17.89 -1.66 36.43
N ALA C 186 -17.72 -1.19 37.66
CA ALA C 186 -18.64 -0.21 38.21
C ALA C 186 -17.94 0.58 39.30
N VAL C 187 -18.30 1.86 39.42
CA VAL C 187 -17.78 2.76 40.44
C VAL C 187 -18.94 3.59 40.97
N HIS C 188 -19.16 3.54 42.29
CA HIS C 188 -20.26 4.27 42.89
C HIS C 188 -19.85 4.77 44.27
N VAL C 189 -20.55 5.80 44.74
CA VAL C 189 -20.29 6.41 46.04
C VAL C 189 -21.61 6.58 46.77
N ILE C 190 -21.69 6.06 47.98
CA ILE C 190 -22.86 6.20 48.83
C ILE C 190 -22.50 7.17 49.95
N PRO C 191 -23.08 8.37 49.99
CA PRO C 191 -22.67 9.35 51.02
C PRO C 191 -23.07 8.95 52.43
N ARG C 192 -24.29 8.44 52.61
CA ARG C 192 -24.79 8.08 53.94
C ARG C 192 -25.47 6.73 53.85
N PRO C 193 -24.72 5.64 54.00
CA PRO C 193 -25.34 4.32 53.97
C PRO C 193 -26.19 4.07 55.21
N HIS C 194 -27.27 3.32 55.02
CA HIS C 194 -28.18 3.04 56.12
C HIS C 194 -27.52 2.13 57.15
N VAL C 195 -28.04 2.19 58.37
CA VAL C 195 -27.48 1.39 59.45
C VAL C 195 -27.71 -0.10 59.20
N ASN C 196 -28.82 -0.45 58.56
CA ASN C 196 -29.11 -1.85 58.27
C ASN C 196 -28.15 -2.43 57.22
N VAL C 197 -27.56 -1.58 56.39
CA VAL C 197 -26.63 -2.06 55.37
C VAL C 197 -25.30 -2.44 55.99
N ASP C 198 -24.77 -1.58 56.87
CA ASP C 198 -23.49 -1.84 57.52
C ASP C 198 -23.55 -3.01 58.50
N ALA C 199 -24.74 -3.53 58.80
CA ALA C 199 -24.88 -4.64 59.73
C ALA C 199 -24.77 -5.99 59.04
N ALA C 200 -25.31 -6.12 57.83
CA ALA C 200 -25.32 -7.40 57.12
C ALA C 200 -24.29 -7.48 56.01
N LEU C 201 -23.67 -6.37 55.61
CA LEU C 201 -22.71 -6.42 54.53
C LEU C 201 -21.31 -6.12 55.02
N PRO C 202 -20.28 -6.83 54.53
CA PRO C 202 -18.91 -6.57 54.98
C PRO C 202 -18.36 -5.29 54.37
N LEU C 203 -18.68 -4.14 54.96
CA LEU C 203 -18.25 -2.84 54.44
C LEU C 203 -17.30 -2.12 55.40
N GLY C 204 -16.70 -2.85 56.34
CA GLY C 204 -15.75 -2.28 57.27
C GLY C 204 -16.34 -1.49 58.41
N ARG C 205 -17.67 -1.39 58.51
CA ARG C 205 -18.32 -0.66 59.58
C ARG C 205 -19.34 -1.53 60.30
N THR C 206 -19.07 -2.83 60.39
CA THR C 206 -19.97 -3.74 61.11
C THR C 206 -19.85 -3.48 62.60
N PRO C 207 -20.94 -3.11 63.29
CA PRO C 207 -20.85 -2.84 64.73
C PRO C 207 -20.56 -4.09 65.55
N GLY C 208 -19.28 -4.40 65.73
CA GLY C 208 -18.88 -5.57 66.48
C GLY C 208 -17.60 -6.21 65.96
N ALA D 2 12.85 -48.35 31.82
CA ALA D 2 13.41 -48.80 30.54
C ALA D 2 14.08 -47.65 29.80
N ASP D 3 14.99 -47.98 28.89
CA ASP D 3 15.70 -46.97 28.13
C ASP D 3 14.84 -46.44 26.99
N ALA D 4 15.15 -45.23 26.56
CA ALA D 4 14.44 -44.61 25.45
C ALA D 4 14.80 -45.31 24.14
N LEU D 5 13.94 -45.12 23.14
CA LEU D 5 14.08 -45.78 21.85
C LEU D 5 14.12 -44.75 20.74
N GLY D 6 15.06 -44.92 19.81
CA GLY D 6 15.15 -44.07 18.64
C GLY D 6 15.33 -44.89 17.38
N MET D 7 14.52 -44.61 16.36
CA MET D 7 14.52 -45.40 15.14
C MET D 7 14.48 -44.48 13.92
N ILE D 8 15.21 -44.86 12.88
CA ILE D 8 15.23 -44.15 11.60
C ILE D 8 15.15 -45.20 10.50
N GLU D 9 14.12 -45.12 9.66
CA GLU D 9 13.91 -46.06 8.58
C GLU D 9 14.21 -45.39 7.25
N VAL D 10 15.03 -46.05 6.43
CA VAL D 10 15.45 -45.50 5.14
C VAL D 10 15.35 -46.62 4.10
N ARG D 11 14.74 -46.31 2.95
CA ARG D 11 14.73 -47.23 1.81
C ARG D 11 16.07 -47.12 1.10
N GLY D 12 17.11 -47.64 1.77
CA GLY D 12 18.46 -47.56 1.25
C GLY D 12 19.48 -47.81 2.34
N PHE D 13 20.40 -48.76 2.11
CA PHE D 13 21.39 -49.09 3.13
C PHE D 13 22.37 -47.95 3.37
N VAL D 14 22.65 -47.14 2.36
CA VAL D 14 23.58 -46.03 2.53
C VAL D 14 22.96 -44.96 3.43
N GLY D 15 21.69 -44.63 3.23
CA GLY D 15 21.05 -43.64 4.07
C GLY D 15 20.90 -44.08 5.50
N MET D 16 20.79 -45.38 5.74
CA MET D 16 20.66 -45.88 7.10
C MET D 16 21.99 -45.83 7.84
N VAL D 17 23.08 -46.16 7.14
CA VAL D 17 24.40 -46.12 7.77
C VAL D 17 24.78 -44.69 8.12
N GLU D 18 24.51 -43.74 7.22
CA GLU D 18 24.74 -42.33 7.53
C GLU D 18 23.84 -41.86 8.67
N ALA D 19 22.62 -42.38 8.75
CA ALA D 19 21.75 -42.04 9.86
C ALA D 19 22.28 -42.61 11.16
N ALA D 20 22.81 -43.84 11.13
CA ALA D 20 23.34 -44.45 12.34
C ALA D 20 24.63 -43.77 12.78
N ASP D 21 25.48 -43.37 11.83
CA ASP D 21 26.73 -42.71 12.18
C ASP D 21 26.49 -41.33 12.77
N ALA D 22 25.51 -40.60 12.23
CA ALA D 22 25.22 -39.27 12.76
C ALA D 22 24.55 -39.34 14.13
N MET D 23 23.87 -40.44 14.43
CA MET D 23 23.20 -40.57 15.72
C MET D 23 24.20 -40.81 16.85
N VAL D 24 25.09 -41.78 16.66
CA VAL D 24 26.06 -42.12 17.71
C VAL D 24 27.09 -41.02 17.93
N LYS D 25 27.26 -40.13 16.95
CA LYS D 25 28.16 -39.00 17.09
C LYS D 25 27.52 -37.80 17.79
N ALA D 26 26.22 -37.61 17.61
CA ALA D 26 25.55 -36.44 18.18
C ALA D 26 25.49 -36.53 19.70
N ALA D 27 24.91 -37.60 20.23
CA ALA D 27 24.74 -37.75 21.67
C ALA D 27 25.25 -39.10 22.15
N LYS D 28 24.98 -39.42 23.41
CA LYS D 28 25.43 -40.68 24.01
C LYS D 28 24.32 -41.71 23.86
N VAL D 29 24.30 -42.38 22.71
CA VAL D 29 23.32 -43.41 22.41
C VAL D 29 24.04 -44.68 21.99
N GLU D 30 23.34 -45.80 22.09
CA GLU D 30 23.90 -47.11 21.78
C GLU D 30 23.20 -47.67 20.54
N LEU D 31 23.97 -47.89 19.47
CA LEU D 31 23.45 -48.48 18.25
C LEU D 31 23.35 -49.99 18.45
N ILE D 32 22.15 -50.48 18.77
CA ILE D 32 21.95 -51.89 19.07
C ILE D 32 21.96 -52.77 17.84
N GLY D 33 21.88 -52.20 16.65
CA GLY D 33 21.88 -52.95 15.42
C GLY D 33 20.93 -52.34 14.41
N TYR D 34 20.65 -53.11 13.36
CA TYR D 34 19.80 -52.66 12.28
C TYR D 34 18.83 -53.77 11.89
N GLU D 35 17.61 -53.40 11.53
CA GLU D 35 16.57 -54.33 11.18
C GLU D 35 16.28 -54.27 9.68
N LYS D 36 16.37 -55.41 9.02
CA LYS D 36 16.10 -55.51 7.58
C LYS D 36 14.73 -56.15 7.38
N THR D 37 13.75 -55.35 6.96
CA THR D 37 12.39 -55.82 6.75
C THR D 37 12.09 -56.12 5.28
N GLY D 38 13.11 -56.15 4.43
CA GLY D 38 12.94 -56.52 3.04
C GLY D 38 12.55 -55.35 2.15
N GLY D 39 12.72 -55.56 0.85
CA GLY D 39 12.37 -54.54 -0.13
C GLY D 39 13.25 -53.31 -0.08
N GLY D 40 14.49 -53.44 0.37
CA GLY D 40 15.38 -52.31 0.52
C GLY D 40 15.15 -51.49 1.76
N TYR D 41 14.13 -51.80 2.55
CA TYR D 41 13.85 -51.05 3.77
C TYR D 41 14.73 -51.55 4.91
N VAL D 42 15.44 -50.63 5.57
CA VAL D 42 16.25 -50.94 6.72
C VAL D 42 16.00 -49.89 7.80
N THR D 43 16.13 -50.31 9.06
CA THR D 43 15.81 -49.45 10.20
C THR D 43 16.97 -49.47 11.17
N ALA D 44 17.55 -48.29 11.43
CA ALA D 44 18.58 -48.15 12.45
C ALA D 44 17.92 -47.93 13.81
N VAL D 45 18.34 -48.72 14.80
CA VAL D 45 17.75 -48.70 16.13
C VAL D 45 18.83 -48.29 17.12
N VAL D 46 18.54 -47.26 17.92
CA VAL D 46 19.45 -46.78 18.95
C VAL D 46 18.70 -46.71 20.27
N ARG D 47 19.45 -46.83 21.37
CA ARG D 47 18.89 -46.77 22.71
C ARG D 47 19.67 -45.78 23.56
N GLY D 48 19.07 -45.40 24.68
CA GLY D 48 19.70 -44.45 25.58
C GLY D 48 18.65 -43.77 26.44
N ASP D 49 19.02 -42.58 26.93
CA ASP D 49 18.11 -41.77 27.74
C ASP D 49 17.25 -40.90 26.84
N VAL D 50 16.21 -40.29 27.44
CA VAL D 50 15.26 -39.49 26.68
C VAL D 50 15.94 -38.27 26.08
N ALA D 51 16.91 -37.69 26.79
CA ALA D 51 17.57 -36.49 26.27
C ALA D 51 18.52 -36.81 25.13
N ALA D 52 19.28 -37.90 25.26
CA ALA D 52 20.26 -38.23 24.22
C ALA D 52 19.60 -38.79 22.97
N VAL D 53 18.55 -39.60 23.14
CA VAL D 53 17.88 -40.20 21.99
C VAL D 53 17.16 -39.13 21.18
N LYS D 54 16.51 -38.18 21.86
CA LYS D 54 15.80 -37.12 21.16
C LYS D 54 16.76 -36.25 20.36
N ALA D 55 17.95 -35.99 20.90
CA ALA D 55 18.91 -35.14 20.21
C ALA D 55 19.58 -35.89 19.05
N ALA D 56 19.96 -37.14 19.28
CA ALA D 56 20.61 -37.91 18.21
C ALA D 56 19.64 -38.20 17.07
N THR D 57 18.35 -38.36 17.37
CA THR D 57 17.37 -38.61 16.31
C THR D 57 17.22 -37.39 15.40
N GLU D 58 17.14 -36.20 15.98
CA GLU D 58 17.02 -34.98 15.17
C GLU D 58 18.26 -34.78 14.30
N ALA D 59 19.45 -35.04 14.85
CA ALA D 59 20.67 -34.91 14.07
C ALA D 59 20.82 -36.06 13.08
N GLY D 60 20.23 -37.21 13.38
CA GLY D 60 20.32 -38.33 12.44
C GLY D 60 19.43 -38.15 11.23
N GLN D 61 18.21 -37.62 11.45
CA GLN D 61 17.31 -37.39 10.32
C GLN D 61 17.82 -36.27 9.42
N ARG D 62 18.30 -35.18 10.01
CA ARG D 62 18.79 -34.05 9.21
C ARG D 62 20.01 -34.41 8.39
N ALA D 63 20.78 -35.41 8.83
CA ALA D 63 21.93 -35.86 8.06
C ALA D 63 21.60 -36.99 7.09
N ALA D 64 20.51 -37.72 7.32
CA ALA D 64 20.11 -38.81 6.44
C ALA D 64 19.25 -38.34 5.28
N GLU D 65 18.53 -37.23 5.42
CA GLU D 65 17.73 -36.70 4.33
C GLU D 65 18.59 -36.21 3.17
N ARG D 66 19.87 -35.94 3.41
CA ARG D 66 20.76 -35.44 2.37
C ARG D 66 21.37 -36.55 1.52
N VAL D 67 21.14 -37.81 1.86
CA VAL D 67 21.82 -38.91 1.17
C VAL D 67 20.81 -39.95 0.67
N GLY D 68 19.70 -40.13 1.39
CA GLY D 68 18.76 -41.19 1.09
C GLY D 68 17.33 -40.77 1.30
N GLU D 69 16.43 -41.73 1.06
CA GLU D 69 15.00 -41.52 1.19
C GLU D 69 14.57 -41.93 2.60
N VAL D 70 14.22 -40.94 3.42
CA VAL D 70 13.80 -41.20 4.79
C VAL D 70 12.33 -41.59 4.78
N VAL D 71 12.03 -42.77 5.32
CA VAL D 71 10.66 -43.29 5.33
C VAL D 71 9.95 -42.80 6.58
N ALA D 72 10.50 -43.12 7.75
CA ALA D 72 9.87 -42.75 9.00
C ALA D 72 10.94 -42.52 10.06
N VAL D 73 10.66 -41.59 10.97
CA VAL D 73 11.55 -41.24 12.08
C VAL D 73 10.69 -40.95 13.30
N HIS D 74 10.93 -41.69 14.39
CA HIS D 74 10.12 -41.55 15.59
C HIS D 74 10.97 -41.85 16.81
N VAL D 75 10.49 -41.39 17.97
CA VAL D 75 11.16 -41.59 19.25
C VAL D 75 10.12 -42.00 20.29
N ILE D 76 10.40 -43.09 20.99
CA ILE D 76 9.56 -43.58 22.08
C ILE D 76 10.30 -43.34 23.38
N PRO D 77 9.82 -42.41 24.23
CA PRO D 77 10.55 -42.10 25.46
C PRO D 77 10.55 -43.24 26.46
N ARG D 78 9.39 -43.82 26.74
CA ARG D 78 9.23 -44.90 27.70
C ARG D 78 8.56 -46.08 27.04
N PRO D 79 9.32 -46.96 26.39
CA PRO D 79 8.72 -48.14 25.77
C PRO D 79 8.15 -49.08 26.81
N HIS D 80 7.02 -49.70 26.46
CA HIS D 80 6.38 -50.67 27.35
C HIS D 80 7.25 -51.91 27.48
N VAL D 81 7.14 -52.57 28.64
CA VAL D 81 7.95 -53.76 28.90
C VAL D 81 7.57 -54.88 27.93
N ASN D 82 6.31 -54.95 27.54
CA ASN D 82 5.86 -55.99 26.61
C ASN D 82 6.48 -55.84 25.23
N VAL D 83 6.90 -54.62 24.86
CA VAL D 83 7.48 -54.40 23.54
C VAL D 83 8.90 -54.96 23.49
N ASP D 84 9.70 -54.68 24.51
CA ASP D 84 11.08 -55.16 24.55
C ASP D 84 11.16 -56.68 24.66
N ALA D 85 10.10 -57.34 25.09
CA ALA D 85 10.08 -58.79 25.22
C ALA D 85 9.72 -59.50 23.92
N ALA D 86 9.03 -58.82 23.00
CA ALA D 86 8.60 -59.44 21.75
C ALA D 86 9.30 -58.91 20.52
N LEU D 87 9.85 -57.69 20.57
CA LEU D 87 10.49 -57.12 19.40
C LEU D 87 12.00 -57.01 19.60
N PRO D 88 12.78 -57.24 18.55
CA PRO D 88 14.24 -57.15 18.69
C PRO D 88 14.74 -55.72 18.79
N LEU D 89 14.65 -55.13 19.98
CA LEU D 89 15.07 -53.75 20.20
C LEU D 89 16.27 -53.66 21.12
N GLY D 90 16.97 -54.78 21.37
CA GLY D 90 18.17 -54.77 22.17
C GLY D 90 18.02 -55.15 23.62
N ARG D 91 16.81 -55.50 24.05
CA ARG D 91 16.56 -55.87 25.44
C ARG D 91 15.90 -57.23 25.50
N THR D 92 15.94 -57.83 26.69
CA THR D 92 15.37 -59.16 26.91
C THR D 92 14.07 -59.07 27.71
N ASP D 117 39.14 -46.70 9.83
CA ASP D 117 39.40 -46.10 8.52
C ASP D 117 38.13 -45.50 7.93
N ALA D 118 38.26 -44.84 6.79
CA ALA D 118 37.14 -44.18 6.16
C ALA D 118 36.18 -45.21 5.56
N LEU D 119 35.00 -44.73 5.19
CA LEU D 119 33.93 -45.58 4.68
C LEU D 119 33.39 -45.01 3.37
N GLY D 120 33.31 -45.86 2.35
CA GLY D 120 32.73 -45.48 1.07
C GLY D 120 31.67 -46.46 0.63
N MET D 121 30.50 -45.96 0.24
CA MET D 121 29.36 -46.82 -0.05
C MET D 121 28.66 -46.35 -1.32
N ILE D 122 28.23 -47.32 -2.13
CA ILE D 122 27.45 -47.06 -3.34
C ILE D 122 26.31 -48.08 -3.40
N GLU D 123 25.08 -47.58 -3.53
CA GLU D 123 23.90 -48.44 -3.57
C GLU D 123 23.27 -48.36 -4.95
N VAL D 124 22.93 -49.53 -5.51
CA VAL D 124 22.36 -49.64 -6.85
C VAL D 124 21.22 -50.64 -6.81
N ARG D 125 20.08 -50.29 -7.39
CA ARG D 125 18.98 -51.23 -7.57
C ARG D 125 19.27 -52.10 -8.80
N GLY D 126 20.26 -52.97 -8.64
CA GLY D 126 20.72 -53.83 -9.72
C GLY D 126 22.08 -54.41 -9.43
N PHE D 127 22.20 -55.73 -9.50
CA PHE D 127 23.46 -56.38 -9.17
C PHE D 127 24.56 -56.04 -10.17
N VAL D 128 24.20 -55.84 -11.44
CA VAL D 128 25.21 -55.55 -12.45
C VAL D 128 25.82 -54.17 -12.22
N GLY D 129 24.99 -53.17 -11.89
CA GLY D 129 25.51 -51.84 -11.63
C GLY D 129 26.39 -51.77 -10.40
N MET D 130 26.11 -52.60 -9.40
CA MET D 130 26.93 -52.62 -8.19
C MET D 130 28.29 -53.25 -8.44
N VAL D 131 28.37 -54.24 -9.33
CA VAL D 131 29.65 -54.85 -9.64
C VAL D 131 30.54 -53.88 -10.42
N GLU D 132 29.96 -53.19 -11.40
CA GLU D 132 30.73 -52.19 -12.14
C GLU D 132 31.18 -51.05 -11.24
N ALA D 133 30.35 -50.68 -10.26
CA ALA D 133 30.75 -49.65 -9.31
C ALA D 133 31.90 -50.12 -8.43
N ALA D 134 31.89 -51.39 -8.04
CA ALA D 134 32.96 -51.92 -7.20
C ALA D 134 34.25 -52.08 -8.00
N ASP D 135 34.14 -52.44 -9.27
CA ASP D 135 35.34 -52.60 -10.10
C ASP D 135 36.01 -51.27 -10.36
N ALA D 136 35.23 -50.20 -10.53
CA ALA D 136 35.78 -48.88 -10.76
C ALA D 136 36.37 -48.26 -9.50
N MET D 137 35.90 -48.67 -8.32
CA MET D 137 36.42 -48.11 -7.08
C MET D 137 37.80 -48.67 -6.75
N VAL D 138 37.97 -49.98 -6.86
CA VAL D 138 39.24 -50.60 -6.54
C VAL D 138 40.32 -50.30 -7.58
N LYS D 139 39.93 -49.86 -8.77
CA LYS D 139 40.89 -49.48 -9.80
C LYS D 139 41.25 -47.99 -9.73
N ALA D 140 40.39 -47.15 -9.17
CA ALA D 140 40.66 -45.72 -9.11
C ALA D 140 41.69 -45.40 -8.03
N ALA D 141 41.40 -45.80 -6.79
CA ALA D 141 42.28 -45.55 -5.66
C ALA D 141 42.65 -46.86 -4.98
N LYS D 142 43.49 -46.78 -3.96
CA LYS D 142 43.95 -47.95 -3.21
C LYS D 142 42.99 -48.17 -2.05
N VAL D 143 41.85 -48.80 -2.35
CA VAL D 143 40.82 -49.09 -1.37
C VAL D 143 40.59 -50.59 -1.33
N GLU D 144 39.93 -51.03 -0.26
CA GLU D 144 39.63 -52.44 -0.03
C GLU D 144 38.13 -52.65 -0.09
N LEU D 145 37.69 -53.54 -0.98
CA LEU D 145 36.27 -53.88 -1.10
C LEU D 145 35.95 -54.99 -0.10
N ILE D 146 35.23 -54.63 0.96
CA ILE D 146 34.92 -55.59 2.02
C ILE D 146 33.77 -56.52 1.67
N GLY D 147 33.03 -56.24 0.60
CA GLY D 147 31.90 -57.04 0.20
C GLY D 147 30.72 -56.16 -0.15
N TYR D 148 29.53 -56.75 -0.10
CA TYR D 148 28.31 -56.05 -0.45
C TYR D 148 27.18 -56.48 0.48
N GLU D 149 26.21 -55.59 0.65
CA GLU D 149 25.07 -55.81 1.53
C GLU D 149 23.79 -55.86 0.70
N LYS D 150 23.00 -56.91 0.89
CA LYS D 150 21.75 -57.12 0.17
C LYS D 150 20.59 -56.77 1.09
N THR D 151 19.97 -55.62 0.85
CA THR D 151 18.83 -55.18 1.66
C THR D 151 17.49 -55.65 1.10
N GLY D 152 17.50 -56.44 0.02
CA GLY D 152 16.27 -56.94 -0.56
C GLY D 152 15.67 -55.99 -1.58
N GLY D 153 14.74 -56.53 -2.35
CA GLY D 153 14.06 -55.74 -3.36
C GLY D 153 14.96 -55.28 -4.50
N GLY D 154 16.05 -56.02 -4.75
CA GLY D 154 17.01 -55.63 -5.76
C GLY D 154 18.01 -54.59 -5.34
N TYR D 155 17.95 -54.12 -4.08
CA TYR D 155 18.86 -53.11 -3.58
C TYR D 155 20.11 -53.78 -3.02
N VAL D 156 21.27 -53.42 -3.56
CA VAL D 156 22.56 -53.91 -3.08
C VAL D 156 23.48 -52.73 -2.90
N THR D 157 24.38 -52.84 -1.92
CA THR D 157 25.26 -51.74 -1.53
C THR D 157 26.70 -52.25 -1.49
N ALA D 158 27.56 -51.67 -2.33
CA ALA D 158 28.98 -51.97 -2.30
C ALA D 158 29.66 -51.13 -1.24
N VAL D 159 30.50 -51.77 -0.42
CA VAL D 159 31.14 -51.12 0.72
C VAL D 159 32.65 -51.23 0.54
N VAL D 160 33.34 -50.09 0.62
CA VAL D 160 34.79 -50.05 0.51
C VAL D 160 35.35 -49.27 1.69
N ARG D 161 36.59 -49.59 2.06
CA ARG D 161 37.28 -48.94 3.15
C ARG D 161 38.66 -48.48 2.70
N GLY D 162 39.20 -47.48 3.39
CA GLY D 162 40.51 -46.96 3.06
C GLY D 162 40.69 -45.56 3.65
N ASP D 163 41.53 -44.78 2.97
CA ASP D 163 41.78 -43.40 3.38
C ASP D 163 40.62 -42.51 2.97
N VAL D 164 40.44 -41.41 3.71
CA VAL D 164 39.33 -40.51 3.44
C VAL D 164 39.43 -39.92 2.04
N ALA D 165 40.64 -39.64 1.58
CA ALA D 165 40.81 -39.10 0.23
C ALA D 165 40.73 -40.19 -0.83
N ALA D 166 41.04 -41.43 -0.47
CA ALA D 166 40.96 -42.53 -1.42
C ALA D 166 39.53 -42.93 -1.71
N VAL D 167 38.69 -43.03 -0.67
CA VAL D 167 37.30 -43.41 -0.86
C VAL D 167 36.51 -42.27 -1.50
N LYS D 168 36.91 -41.02 -1.26
CA LYS D 168 36.24 -39.91 -1.93
C LYS D 168 36.53 -39.91 -3.42
N ALA D 169 37.76 -40.24 -3.80
CA ALA D 169 38.11 -40.34 -5.21
C ALA D 169 37.62 -41.63 -5.85
N ALA D 170 37.31 -42.64 -5.05
CA ALA D 170 36.82 -43.92 -5.58
C ALA D 170 35.31 -43.91 -5.77
N THR D 171 34.55 -43.40 -4.79
CA THR D 171 33.10 -43.34 -4.92
C THR D 171 32.69 -42.43 -6.06
N GLU D 172 33.39 -41.30 -6.23
CA GLU D 172 33.09 -40.41 -7.35
C GLU D 172 33.44 -41.07 -8.69
N ALA D 173 34.50 -41.87 -8.71
CA ALA D 173 34.84 -42.59 -9.94
C ALA D 173 33.99 -43.84 -10.12
N GLY D 174 33.50 -44.42 -9.03
CA GLY D 174 32.63 -45.58 -9.11
C GLY D 174 31.22 -45.22 -9.50
N GLN D 175 30.70 -44.14 -8.91
CA GLN D 175 29.38 -43.64 -9.27
C GLN D 175 29.35 -43.19 -10.73
N ARG D 176 30.43 -42.57 -11.20
CA ARG D 176 30.48 -42.08 -12.56
C ARG D 176 30.43 -43.22 -13.58
N ALA D 177 31.01 -44.37 -13.24
CA ALA D 177 30.99 -45.53 -14.14
C ALA D 177 29.78 -46.42 -13.93
N ALA D 178 29.10 -46.31 -12.78
CA ALA D 178 27.91 -47.11 -12.49
C ALA D 178 26.63 -46.51 -13.07
N GLU D 179 26.59 -45.19 -13.23
CA GLU D 179 25.40 -44.56 -13.81
C GLU D 179 25.18 -44.97 -15.26
N ARG D 180 26.22 -45.44 -15.95
CA ARG D 180 26.12 -45.90 -17.32
C ARG D 180 25.50 -47.29 -17.43
N VAL D 181 25.20 -47.95 -16.32
CA VAL D 181 24.73 -49.33 -16.35
C VAL D 181 23.37 -49.44 -15.66
N GLY D 182 23.31 -49.10 -14.38
CA GLY D 182 22.11 -49.33 -13.61
C GLY D 182 21.55 -48.11 -12.89
N GLU D 183 20.61 -48.35 -11.98
CA GLU D 183 19.93 -47.29 -11.24
C GLU D 183 20.71 -47.02 -9.95
N VAL D 184 21.45 -45.92 -9.94
CA VAL D 184 22.23 -45.55 -8.76
C VAL D 184 21.30 -44.92 -7.73
N VAL D 185 21.28 -45.50 -6.53
CA VAL D 185 20.39 -45.04 -5.47
C VAL D 185 21.05 -43.93 -4.66
N ALA D 186 22.15 -44.25 -3.99
CA ALA D 186 22.82 -43.29 -3.12
C ALA D 186 24.31 -43.57 -3.10
N VAL D 187 25.09 -42.49 -2.93
CA VAL D 187 26.54 -42.57 -2.82
C VAL D 187 26.96 -41.61 -1.71
N HIS D 188 27.66 -42.13 -0.71
CA HIS D 188 28.07 -41.31 0.42
C HIS D 188 29.42 -41.80 0.94
N VAL D 189 30.14 -40.90 1.61
CA VAL D 189 31.44 -41.20 2.20
C VAL D 189 31.45 -40.68 3.63
N ILE D 190 31.72 -41.58 4.57
CA ILE D 190 31.86 -41.23 5.98
C ILE D 190 33.35 -41.15 6.29
N PRO D 191 33.90 -39.96 6.58
CA PRO D 191 35.35 -39.84 6.80
C PRO D 191 35.85 -40.62 8.01
N ARG D 192 35.28 -40.36 9.18
CA ARG D 192 35.69 -41.00 10.43
C ARG D 192 34.47 -41.64 11.07
N PRO D 193 34.09 -42.84 10.64
CA PRO D 193 32.93 -43.50 11.23
C PRO D 193 33.19 -43.88 12.68
N HIS D 194 32.15 -43.75 13.51
CA HIS D 194 32.26 -44.04 14.92
C HIS D 194 32.49 -45.53 15.16
N VAL D 195 33.05 -45.85 16.32
CA VAL D 195 33.36 -47.24 16.64
C VAL D 195 32.08 -48.06 16.81
N ASN D 196 30.99 -47.43 17.25
CA ASN D 196 29.74 -48.15 17.42
C ASN D 196 29.15 -48.58 16.09
N VAL D 197 29.47 -47.85 15.01
CA VAL D 197 28.94 -48.21 13.69
C VAL D 197 29.59 -49.50 13.19
N ASP D 198 30.92 -49.59 13.29
CA ASP D 198 31.62 -50.78 12.85
C ASP D 198 31.35 -51.98 13.74
N ALA D 199 30.81 -51.77 14.95
CA ALA D 199 30.56 -52.87 15.86
C ALA D 199 29.22 -53.55 15.57
N ALA D 200 28.21 -52.77 15.16
CA ALA D 200 26.88 -53.30 14.94
C ALA D 200 26.52 -53.47 13.47
N LEU D 201 27.29 -52.88 12.56
CA LEU D 201 26.99 -52.98 11.14
C LEU D 201 28.10 -53.72 10.40
N PRO D 202 27.74 -54.64 9.50
CA PRO D 202 28.77 -55.38 8.75
C PRO D 202 29.46 -54.51 7.71
N LEU D 203 30.50 -53.79 8.13
CA LEU D 203 31.23 -52.89 7.24
C LEU D 203 32.69 -53.29 7.10
N GLY D 204 33.02 -54.56 7.37
CA GLY D 204 34.37 -55.06 7.19
C GLY D 204 35.34 -54.73 8.30
N ARG D 205 34.92 -53.99 9.33
CA ARG D 205 35.80 -53.61 10.43
C ARG D 205 35.19 -54.03 11.77
N THR D 206 34.55 -55.20 11.79
CA THR D 206 33.96 -55.71 13.02
C THR D 206 35.01 -56.45 13.83
N PRO D 207 35.24 -56.07 15.10
CA PRO D 207 36.23 -56.71 15.98
C PRO D 207 35.98 -58.21 16.15
N ALA E 2 43.83 -62.77 -15.11
CA ALA E 2 42.41 -62.74 -14.77
C ALA E 2 41.54 -63.00 -15.99
N ASP E 3 40.34 -63.51 -15.78
CA ASP E 3 39.39 -63.80 -16.84
C ASP E 3 38.35 -62.70 -16.95
N ALA E 4 37.66 -62.68 -18.09
CA ALA E 4 36.64 -61.67 -18.33
C ALA E 4 35.39 -61.94 -17.50
N LEU E 5 34.46 -61.00 -17.54
CA LEU E 5 33.24 -61.07 -16.74
C LEU E 5 32.05 -60.61 -17.58
N GLY E 6 30.99 -61.41 -17.58
CA GLY E 6 29.77 -61.04 -18.26
C GLY E 6 28.57 -61.26 -17.34
N MET E 7 27.67 -60.28 -17.35
CA MET E 7 26.52 -60.30 -16.45
C MET E 7 25.27 -59.85 -17.19
N ILE E 8 24.15 -60.51 -16.91
CA ILE E 8 22.84 -60.16 -17.46
C ILE E 8 21.84 -60.25 -16.32
N GLU E 9 21.20 -59.13 -15.99
CA GLU E 9 20.22 -59.05 -14.91
C GLU E 9 18.82 -58.95 -15.51
N VAL E 10 17.90 -59.77 -14.99
CA VAL E 10 16.54 -59.83 -15.49
C VAL E 10 15.59 -59.89 -14.29
N ARG E 11 14.56 -59.05 -14.31
CA ARG E 11 13.49 -59.13 -13.31
C ARG E 11 12.54 -60.25 -13.73
N GLY E 12 13.00 -61.48 -13.49
CA GLY E 12 12.27 -62.66 -13.91
C GLY E 12 13.18 -63.86 -14.07
N PHE E 13 12.89 -64.94 -13.34
CA PHE E 13 13.77 -66.10 -13.36
C PHE E 13 13.77 -66.79 -14.73
N VAL E 14 12.68 -66.67 -15.48
CA VAL E 14 12.61 -67.34 -16.78
C VAL E 14 13.53 -66.66 -17.78
N GLY E 15 13.48 -65.33 -17.85
CA GLY E 15 14.32 -64.60 -18.79
C GLY E 15 15.80 -64.77 -18.51
N MET E 16 16.16 -65.02 -17.25
CA MET E 16 17.57 -65.22 -16.92
C MET E 16 18.06 -66.60 -17.38
N VAL E 17 17.19 -67.61 -17.30
CA VAL E 17 17.57 -68.94 -17.74
C VAL E 17 17.78 -68.98 -19.24
N GLU E 18 16.86 -68.38 -20.00
CA GLU E 18 17.03 -68.30 -21.45
C GLU E 18 18.26 -67.50 -21.83
N ALA E 19 18.57 -66.45 -21.06
CA ALA E 19 19.79 -65.69 -21.31
C ALA E 19 21.03 -66.53 -21.06
N ALA E 20 21.02 -67.36 -20.01
CA ALA E 20 22.16 -68.20 -19.72
C ALA E 20 22.33 -69.30 -20.74
N ASP E 21 21.23 -69.87 -21.22
CA ASP E 21 21.31 -70.95 -22.20
C ASP E 21 21.83 -70.45 -23.54
N ALA E 22 21.45 -69.22 -23.92
CA ALA E 22 21.89 -68.67 -25.20
C ALA E 22 23.36 -68.22 -25.16
N MET E 23 23.89 -67.92 -23.97
CA MET E 23 25.27 -67.47 -23.87
C MET E 23 26.25 -68.63 -24.00
N VAL E 24 26.00 -69.72 -23.26
CA VAL E 24 26.90 -70.87 -23.30
C VAL E 24 26.84 -71.58 -24.65
N LYS E 25 25.79 -71.35 -25.45
CA LYS E 25 25.71 -71.92 -26.78
C LYS E 25 26.29 -71.00 -27.85
N ALA E 26 26.34 -69.70 -27.59
CA ALA E 26 26.88 -68.77 -28.59
C ALA E 26 28.39 -68.89 -28.69
N ALA E 27 29.09 -68.72 -27.56
CA ALA E 27 30.54 -68.81 -27.51
C ALA E 27 30.95 -69.74 -26.37
N LYS E 28 32.26 -69.92 -26.20
CA LYS E 28 32.80 -70.79 -25.16
C LYS E 28 32.96 -69.95 -23.88
N VAL E 29 31.94 -69.99 -23.04
CA VAL E 29 31.96 -69.33 -21.74
C VAL E 29 31.45 -70.31 -20.70
N GLU E 30 31.82 -70.06 -19.44
CA GLU E 30 31.42 -70.90 -18.32
C GLU E 30 30.39 -70.16 -17.48
N LEU E 31 29.23 -70.79 -17.29
CA LEU E 31 28.19 -70.23 -16.44
C LEU E 31 28.51 -70.58 -14.99
N ILE E 32 28.96 -69.57 -14.22
CA ILE E 32 29.38 -69.82 -12.85
C ILE E 32 28.19 -69.91 -11.89
N GLY E 33 27.03 -69.41 -12.28
CA GLY E 33 25.86 -69.45 -11.44
C GLY E 33 25.03 -68.20 -11.62
N TYR E 34 24.14 -67.95 -10.65
CA TYR E 34 23.23 -66.82 -10.71
C TYR E 34 23.12 -66.21 -9.32
N GLU E 35 22.79 -64.92 -9.29
CA GLU E 35 22.69 -64.15 -8.05
C GLU E 35 21.28 -63.62 -7.90
N LYS E 36 20.66 -63.90 -6.75
CA LYS E 36 19.31 -63.46 -6.44
C LYS E 36 19.38 -62.26 -5.49
N THR E 37 19.08 -61.07 -6.01
CA THR E 37 19.12 -59.85 -5.22
C THR E 37 17.76 -59.49 -4.63
N GLY E 38 16.76 -60.35 -4.77
CA GLY E 38 15.46 -60.10 -4.22
C GLY E 38 14.58 -59.26 -5.13
N GLY E 39 13.28 -59.24 -4.80
CA GLY E 39 12.33 -58.49 -5.57
C GLY E 39 12.11 -58.99 -6.99
N GLY E 40 12.43 -60.26 -7.25
CA GLY E 40 12.32 -60.82 -8.57
C GLY E 40 13.51 -60.59 -9.46
N TYR E 41 14.55 -59.91 -8.96
CA TYR E 41 15.75 -59.64 -9.74
C TYR E 41 16.73 -60.79 -9.61
N VAL E 42 17.22 -61.29 -10.75
CA VAL E 42 18.24 -62.33 -10.79
C VAL E 42 19.27 -61.92 -11.83
N THR E 43 20.51 -62.37 -11.62
CA THR E 43 21.64 -61.97 -12.46
C THR E 43 22.43 -63.20 -12.86
N ALA E 44 22.47 -63.49 -14.17
CA ALA E 44 23.30 -64.56 -14.69
C ALA E 44 24.73 -64.06 -14.86
N VAL E 45 25.69 -64.87 -14.41
CA VAL E 45 27.10 -64.49 -14.44
C VAL E 45 27.86 -65.56 -15.23
N VAL E 46 28.55 -65.13 -16.29
CA VAL E 46 29.41 -66.00 -17.07
C VAL E 46 30.81 -65.40 -17.09
N ARG E 47 31.80 -66.24 -17.40
CA ARG E 47 33.19 -65.81 -17.41
C ARG E 47 33.94 -66.53 -18.53
N GLY E 48 34.96 -65.85 -19.05
CA GLY E 48 35.79 -66.39 -20.11
C GLY E 48 36.83 -65.38 -20.54
N ASP E 49 37.04 -65.25 -21.85
CA ASP E 49 37.92 -64.23 -22.40
C ASP E 49 37.11 -63.05 -22.93
N VAL E 50 37.82 -61.96 -23.24
CA VAL E 50 37.14 -60.73 -23.65
C VAL E 50 36.40 -60.93 -24.96
N ALA E 51 36.92 -61.79 -25.85
CA ALA E 51 36.28 -61.99 -27.15
C ALA E 51 34.97 -62.74 -27.01
N ALA E 52 34.97 -63.86 -26.28
CA ALA E 52 33.78 -64.69 -26.17
C ALA E 52 32.73 -64.07 -25.26
N VAL E 53 33.16 -63.45 -24.16
CA VAL E 53 32.20 -62.84 -23.23
C VAL E 53 31.45 -61.70 -23.92
N LYS E 54 32.16 -60.92 -24.74
CA LYS E 54 31.49 -59.86 -25.51
C LYS E 54 30.49 -60.45 -26.49
N ALA E 55 30.88 -61.50 -27.21
CA ALA E 55 30.00 -62.09 -28.21
C ALA E 55 28.85 -62.85 -27.56
N ALA E 56 29.10 -63.52 -26.44
CA ALA E 56 28.04 -64.28 -25.78
C ALA E 56 27.03 -63.35 -25.12
N THR E 57 27.49 -62.22 -24.56
CA THR E 57 26.57 -61.29 -23.91
C THR E 57 25.65 -60.63 -24.93
N GLU E 58 26.16 -60.36 -26.13
CA GLU E 58 25.31 -59.80 -27.18
C GLU E 58 24.24 -60.79 -27.62
N ALA E 59 24.64 -62.04 -27.86
CA ALA E 59 23.67 -63.06 -28.25
C ALA E 59 22.76 -63.45 -27.08
N GLY E 60 23.25 -63.33 -25.85
CA GLY E 60 22.41 -63.64 -24.70
C GLY E 60 21.37 -62.58 -24.44
N GLN E 61 21.73 -61.31 -24.66
CA GLN E 61 20.77 -60.22 -24.49
C GLN E 61 19.69 -60.27 -25.55
N ARG E 62 20.06 -60.62 -26.79
CA ARG E 62 19.09 -60.66 -27.88
C ARG E 62 18.03 -61.72 -27.64
N ALA E 63 18.42 -62.85 -27.05
CA ALA E 63 17.47 -63.92 -26.75
C ALA E 63 16.75 -63.70 -25.42
N ALA E 64 17.27 -62.83 -24.55
CA ALA E 64 16.64 -62.58 -23.27
C ALA E 64 15.51 -61.56 -23.39
N GLU E 65 15.60 -60.63 -24.33
CA GLU E 65 14.57 -59.61 -24.51
C GLU E 65 13.27 -60.20 -25.03
N ARG E 66 13.27 -61.45 -25.48
CA ARG E 66 12.09 -62.07 -26.06
C ARG E 66 11.24 -62.82 -25.04
N VAL E 67 11.64 -62.85 -23.78
CA VAL E 67 10.93 -63.67 -22.79
C VAL E 67 10.70 -62.89 -21.50
N GLY E 68 11.63 -62.01 -21.14
CA GLY E 68 11.56 -61.32 -19.86
C GLY E 68 11.99 -59.86 -19.96
N GLU E 69 11.97 -59.21 -18.81
CA GLU E 69 12.34 -57.79 -18.70
C GLU E 69 13.83 -57.70 -18.38
N VAL E 70 14.61 -57.21 -19.34
CA VAL E 70 16.05 -57.07 -19.16
C VAL E 70 16.34 -55.76 -18.42
N VAL E 71 17.10 -55.85 -17.34
CA VAL E 71 17.40 -54.69 -16.51
C VAL E 71 18.75 -54.08 -16.86
N ALA E 72 19.81 -54.89 -16.87
CA ALA E 72 21.15 -54.39 -17.12
C ALA E 72 21.97 -55.46 -17.83
N VAL E 73 22.91 -55.00 -18.65
CA VAL E 73 23.83 -55.87 -19.40
C VAL E 73 25.17 -55.15 -19.48
N HIS E 74 26.23 -55.79 -19.01
CA HIS E 74 27.55 -55.17 -18.98
C HIS E 74 28.61 -56.26 -19.01
N VAL E 75 29.81 -55.86 -19.47
CA VAL E 75 30.94 -56.76 -19.58
C VAL E 75 32.18 -56.04 -19.05
N ILE E 76 32.84 -56.63 -18.06
CA ILE E 76 34.08 -56.10 -17.51
C ILE E 76 35.23 -56.91 -18.11
N PRO E 77 36.11 -56.30 -18.92
CA PRO E 77 37.16 -57.09 -19.59
C PRO E 77 38.14 -57.74 -18.62
N ARG E 78 38.74 -56.95 -17.74
CA ARG E 78 39.69 -57.47 -16.74
C ARG E 78 39.27 -56.97 -15.37
N PRO E 79 38.40 -57.71 -14.67
CA PRO E 79 38.03 -57.32 -13.31
C PRO E 79 39.24 -57.37 -12.38
N HIS E 80 39.31 -56.41 -11.47
CA HIS E 80 40.40 -56.35 -10.52
C HIS E 80 40.40 -57.60 -9.63
N VAL E 81 41.60 -57.97 -9.17
CA VAL E 81 41.73 -59.17 -8.35
C VAL E 81 40.96 -59.03 -7.05
N ASN E 82 40.83 -57.80 -6.54
CA ASN E 82 40.08 -57.58 -5.31
C ASN E 82 38.58 -57.80 -5.52
N VAL E 83 38.11 -57.61 -6.75
CA VAL E 83 36.68 -57.83 -7.03
C VAL E 83 36.36 -59.32 -6.95
N ASP E 84 37.20 -60.17 -7.53
CA ASP E 84 36.97 -61.61 -7.50
C ASP E 84 37.09 -62.19 -6.10
N ALA E 85 37.72 -61.46 -5.17
CA ALA E 85 37.91 -61.96 -3.81
C ALA E 85 36.73 -61.68 -2.90
N ALA E 86 36.00 -60.60 -3.13
CA ALA E 86 34.89 -60.22 -2.26
C ALA E 86 33.51 -60.48 -2.84
N LEU E 87 33.40 -60.73 -4.14
CA LEU E 87 32.11 -60.92 -4.76
C LEU E 87 31.98 -62.34 -5.31
N PRO E 88 30.78 -62.93 -5.23
CA PRO E 88 30.56 -64.30 -5.77
C PRO E 88 30.48 -64.30 -7.29
N LEU E 89 31.64 -64.29 -7.94
CA LEU E 89 31.72 -64.26 -9.40
C LEU E 89 32.40 -65.50 -9.96
N GLY E 90 32.50 -66.58 -9.18
CA GLY E 90 33.05 -67.82 -9.65
C GLY E 90 34.57 -67.93 -9.61
N ARG E 91 35.28 -66.82 -9.41
CA ARG E 91 36.73 -66.84 -9.34
C ARG E 91 37.25 -66.55 -7.93
N THR E 92 36.43 -66.81 -6.91
CA THR E 92 36.90 -66.67 -5.54
C THR E 92 38.01 -67.68 -5.27
N PRO E 93 39.07 -67.29 -4.56
CA PRO E 93 40.20 -68.20 -4.34
C PRO E 93 39.80 -69.54 -3.73
N GLY E 94 38.92 -69.55 -2.75
CA GLY E 94 38.49 -70.77 -2.11
C GLY E 94 37.76 -71.72 -3.05
N ALA E 116 20.37 -84.78 -23.08
CA ALA E 116 19.62 -84.06 -22.05
C ALA E 116 18.14 -83.96 -22.42
N ASP E 117 17.30 -83.76 -21.41
CA ASP E 117 15.87 -83.64 -21.62
C ASP E 117 15.51 -82.19 -21.91
N ALA E 118 14.22 -81.88 -21.92
CA ALA E 118 13.74 -80.54 -22.23
C ALA E 118 13.36 -79.80 -20.95
N LEU E 119 13.18 -78.48 -21.10
CA LEU E 119 12.93 -77.60 -19.97
C LEU E 119 11.67 -76.78 -20.24
N GLY E 120 10.79 -76.72 -19.24
CA GLY E 120 9.58 -75.92 -19.32
C GLY E 120 9.37 -75.08 -18.08
N MET E 121 9.15 -73.78 -18.25
CA MET E 121 9.08 -72.86 -17.13
C MET E 121 7.91 -71.90 -17.30
N ILE E 122 7.26 -71.58 -16.18
CA ILE E 122 6.17 -70.60 -16.14
C ILE E 122 6.36 -69.74 -14.90
N GLU E 123 6.47 -68.43 -15.08
CA GLU E 123 6.68 -67.49 -13.99
C GLU E 123 5.41 -66.67 -13.78
N VAL E 124 4.97 -66.56 -12.52
CA VAL E 124 3.76 -65.84 -12.16
C VAL E 124 4.05 -64.99 -10.93
N ARG E 125 3.62 -63.73 -10.96
CA ARG E 125 3.71 -62.86 -9.78
C ARG E 125 2.54 -63.17 -8.84
N GLY E 126 2.56 -64.39 -8.32
CA GLY E 126 1.51 -64.87 -7.45
C GLY E 126 1.59 -66.37 -7.25
N PHE E 127 1.56 -66.81 -5.99
CA PHE E 127 1.71 -68.23 -5.69
C PHE E 127 0.52 -69.04 -6.17
N VAL E 128 -0.68 -68.44 -6.20
CA VAL E 128 -1.86 -69.18 -6.62
C VAL E 128 -1.81 -69.46 -8.12
N GLY E 129 -1.40 -68.48 -8.92
CA GLY E 129 -1.30 -68.69 -10.34
C GLY E 129 -0.24 -69.70 -10.73
N MET E 130 0.82 -69.81 -9.92
CA MET E 130 1.87 -70.79 -10.22
C MET E 130 1.41 -72.21 -9.94
N VAL E 131 0.60 -72.39 -8.89
CA VAL E 131 0.10 -73.72 -8.56
C VAL E 131 -0.85 -74.21 -9.64
N GLU E 132 -1.74 -73.34 -10.12
CA GLU E 132 -2.64 -73.73 -11.20
C GLU E 132 -1.87 -74.02 -12.48
N ALA E 133 -0.80 -73.26 -12.73
CA ALA E 133 0.01 -73.51 -13.92
C ALA E 133 0.75 -74.84 -13.81
N ALA E 134 1.25 -75.17 -12.62
CA ALA E 134 1.95 -76.44 -12.43
C ALA E 134 0.99 -77.62 -12.49
N ASP E 135 -0.24 -77.43 -11.98
CA ASP E 135 -1.22 -78.51 -12.02
C ASP E 135 -1.66 -78.80 -13.45
N ALA E 136 -1.80 -77.77 -14.26
CA ALA E 136 -2.20 -77.96 -15.65
C ALA E 136 -1.10 -78.54 -16.51
N MET E 137 0.17 -78.37 -16.11
CA MET E 137 1.27 -78.90 -16.91
C MET E 137 1.45 -80.41 -16.70
N VAL E 138 1.38 -80.86 -15.45
CA VAL E 138 1.56 -82.29 -15.18
C VAL E 138 0.37 -83.12 -15.64
N LYS E 139 -0.79 -82.50 -15.83
CA LYS E 139 -1.96 -83.20 -16.31
C LYS E 139 -2.11 -83.19 -17.82
N ALA E 140 -1.45 -82.25 -18.51
CA ALA E 140 -1.57 -82.16 -19.96
C ALA E 140 -0.74 -83.22 -20.67
N ALA E 141 0.48 -83.46 -20.19
CA ALA E 141 1.39 -84.43 -20.82
C ALA E 141 2.17 -85.12 -19.72
N LYS E 142 3.16 -85.93 -20.12
CA LYS E 142 3.98 -86.68 -19.18
C LYS E 142 5.24 -85.86 -18.87
N VAL E 143 5.09 -84.92 -17.95
CA VAL E 143 6.19 -84.09 -17.49
C VAL E 143 6.36 -84.27 -15.99
N GLU E 144 7.54 -83.90 -15.50
CA GLU E 144 7.88 -84.03 -14.09
C GLU E 144 8.06 -82.64 -13.50
N LEU E 145 7.26 -82.32 -12.47
CA LEU E 145 7.37 -81.05 -11.78
C LEU E 145 8.52 -81.14 -10.78
N ILE E 146 9.67 -80.56 -11.15
CA ILE E 146 10.86 -80.65 -10.31
C ILE E 146 10.82 -79.73 -9.10
N GLY E 147 9.88 -78.79 -9.05
CA GLY E 147 9.75 -77.88 -7.94
C GLY E 147 9.44 -76.48 -8.43
N TYR E 148 9.63 -75.52 -7.54
CA TYR E 148 9.34 -74.12 -7.84
C TYR E 148 10.46 -73.24 -7.28
N GLU E 149 10.72 -72.14 -7.98
CA GLU E 149 11.80 -71.22 -7.63
C GLU E 149 11.20 -69.91 -7.11
N LYS E 150 11.68 -69.48 -5.95
CA LYS E 150 11.22 -68.24 -5.32
C LYS E 150 12.33 -67.20 -5.45
N THR E 151 12.17 -66.30 -6.43
CA THR E 151 13.16 -65.25 -6.68
C THR E 151 12.83 -63.95 -5.95
N GLY E 152 11.84 -63.96 -5.08
CA GLY E 152 11.53 -62.80 -4.26
C GLY E 152 10.55 -61.85 -4.91
N GLY E 153 9.96 -60.99 -4.08
CA GLY E 153 9.01 -60.00 -4.56
C GLY E 153 7.72 -60.58 -5.08
N GLY E 154 7.30 -61.74 -4.57
CA GLY E 154 6.11 -62.41 -5.05
C GLY E 154 6.29 -63.16 -6.35
N TYR E 155 7.47 -63.11 -6.97
CA TYR E 155 7.73 -63.80 -8.22
C TYR E 155 8.09 -65.25 -7.94
N VAL E 156 7.35 -66.18 -8.55
CA VAL E 156 7.63 -67.61 -8.42
C VAL E 156 7.60 -68.23 -9.80
N THR E 157 8.39 -69.29 -9.98
CA THR E 157 8.56 -69.94 -11.27
C THR E 157 8.39 -71.44 -11.11
N ALA E 158 7.43 -72.00 -11.84
CA ALA E 158 7.23 -73.45 -11.88
C ALA E 158 8.10 -74.05 -12.97
N VAL E 159 8.88 -75.06 -12.62
CA VAL E 159 9.83 -75.68 -13.54
C VAL E 159 9.44 -77.14 -13.74
N VAL E 160 9.33 -77.56 -15.00
CA VAL E 160 9.03 -78.94 -15.36
C VAL E 160 10.04 -79.43 -16.38
N ARG E 161 10.28 -80.74 -16.37
CA ARG E 161 11.23 -81.36 -17.28
C ARG E 161 10.58 -82.55 -17.96
N GLY E 162 11.12 -82.91 -19.12
CA GLY E 162 10.59 -84.02 -19.88
C GLY E 162 11.13 -83.99 -21.30
N ASP E 163 10.43 -84.69 -22.19
CA ASP E 163 10.79 -84.65 -23.60
C ASP E 163 10.24 -83.40 -24.26
N VAL E 164 10.72 -83.12 -25.48
CA VAL E 164 10.35 -81.89 -26.17
C VAL E 164 8.86 -81.88 -26.52
N ALA E 165 8.29 -83.05 -26.82
CA ALA E 165 6.88 -83.09 -27.22
C ALA E 165 5.95 -82.85 -26.03
N ALA E 166 6.38 -83.23 -24.82
CA ALA E 166 5.50 -83.12 -23.67
C ALA E 166 5.50 -81.70 -23.09
N VAL E 167 6.70 -81.14 -22.85
CA VAL E 167 6.77 -79.82 -22.24
C VAL E 167 6.24 -78.75 -23.18
N LYS E 168 6.31 -78.97 -24.49
CA LYS E 168 5.75 -78.02 -25.43
C LYS E 168 4.23 -77.97 -25.33
N ALA E 169 3.60 -79.13 -25.15
CA ALA E 169 2.15 -79.18 -24.99
C ALA E 169 1.71 -78.93 -23.55
N ALA E 170 2.61 -79.08 -22.58
CA ALA E 170 2.26 -78.86 -21.19
C ALA E 170 2.29 -77.39 -20.82
N THR E 171 3.33 -76.66 -21.27
CA THR E 171 3.43 -75.24 -20.96
C THR E 171 2.32 -74.44 -21.63
N GLU E 172 2.00 -74.78 -22.89
CA GLU E 172 0.92 -74.08 -23.58
C GLU E 172 -0.43 -74.36 -22.93
N ALA E 173 -0.57 -75.50 -22.26
CA ALA E 173 -1.80 -75.78 -21.52
C ALA E 173 -1.77 -75.18 -20.12
N GLY E 174 -0.59 -74.90 -19.58
CA GLY E 174 -0.48 -74.28 -18.27
C GLY E 174 -0.62 -72.77 -18.33
N GLN E 175 -0.09 -72.16 -19.40
CA GLN E 175 -0.24 -70.72 -19.57
C GLN E 175 -1.70 -70.33 -19.77
N ARG E 176 -2.43 -71.11 -20.57
CA ARG E 176 -3.85 -70.81 -20.79
C ARG E 176 -4.66 -70.95 -19.51
N ALA E 177 -4.30 -71.89 -18.64
CA ALA E 177 -5.02 -72.06 -17.39
C ALA E 177 -4.56 -71.07 -16.33
N ALA E 178 -3.33 -70.56 -16.44
CA ALA E 178 -2.82 -69.65 -15.42
C ALA E 178 -3.24 -68.20 -15.68
N GLU E 179 -3.44 -67.84 -16.95
CA GLU E 179 -3.86 -66.48 -17.27
C GLU E 179 -5.23 -66.15 -16.71
N ARG E 180 -6.04 -67.16 -16.39
CA ARG E 180 -7.35 -66.97 -15.80
C ARG E 180 -7.32 -66.85 -14.28
N VAL E 181 -6.13 -66.84 -13.67
CA VAL E 181 -6.01 -66.82 -12.22
C VAL E 181 -5.18 -65.63 -11.77
N GLY E 182 -3.91 -65.61 -12.14
CA GLY E 182 -3.00 -64.59 -11.64
C GLY E 182 -2.29 -63.79 -12.71
N GLU E 183 -1.22 -63.09 -12.31
CA GLU E 183 -0.45 -62.23 -13.20
C GLU E 183 0.68 -63.05 -13.80
N VAL E 184 0.50 -63.48 -15.06
CA VAL E 184 1.51 -64.28 -15.74
C VAL E 184 2.63 -63.37 -16.22
N VAL E 185 3.87 -63.73 -15.89
CA VAL E 185 5.02 -62.90 -16.23
C VAL E 185 5.68 -63.43 -17.50
N ALA E 186 6.15 -64.68 -17.47
CA ALA E 186 6.87 -65.23 -18.60
C ALA E 186 6.62 -66.72 -18.71
N VAL E 187 6.58 -67.22 -19.94
CA VAL E 187 6.43 -68.64 -20.24
C VAL E 187 7.38 -68.98 -21.38
N HIS E 188 8.25 -69.96 -21.17
CA HIS E 188 9.25 -70.32 -22.17
C HIS E 188 9.55 -71.81 -22.09
N VAL E 189 10.06 -72.33 -23.20
CA VAL E 189 10.42 -73.74 -23.33
C VAL E 189 11.80 -73.82 -23.97
N ILE E 190 12.69 -74.61 -23.37
CA ILE E 190 14.02 -74.85 -23.90
C ILE E 190 14.09 -76.32 -24.33
N PRO E 191 14.23 -76.62 -25.62
CA PRO E 191 14.21 -78.01 -26.08
C PRO E 191 15.38 -78.84 -25.56
N ARG E 192 16.59 -78.31 -25.70
CA ARG E 192 17.80 -78.99 -25.22
C ARG E 192 18.69 -77.97 -24.54
N PRO E 193 18.51 -77.77 -23.22
CA PRO E 193 19.39 -76.86 -22.50
C PRO E 193 20.82 -77.39 -22.46
N HIS E 194 21.77 -76.47 -22.51
CA HIS E 194 23.18 -76.83 -22.48
C HIS E 194 23.51 -77.55 -21.18
N VAL E 195 24.53 -78.42 -21.25
CA VAL E 195 24.93 -79.19 -20.07
C VAL E 195 25.40 -78.28 -18.95
N ASN E 196 25.98 -77.13 -19.30
CA ASN E 196 26.44 -76.20 -18.28
C ASN E 196 25.28 -75.53 -17.55
N VAL E 197 24.12 -75.42 -18.20
CA VAL E 197 22.98 -74.77 -17.57
C VAL E 197 22.39 -75.66 -16.48
N ASP E 198 22.24 -76.96 -16.76
CA ASP E 198 21.68 -77.88 -15.77
C ASP E 198 22.58 -78.04 -14.56
N ALA E 199 23.86 -77.72 -14.68
CA ALA E 199 24.79 -77.92 -13.56
C ALA E 199 24.77 -76.74 -12.61
N ALA E 200 24.71 -75.51 -13.13
CA ALA E 200 24.80 -74.32 -12.31
C ALA E 200 23.46 -73.78 -11.84
N LEU E 201 22.35 -74.24 -12.44
CA LEU E 201 21.05 -73.71 -12.08
C LEU E 201 20.16 -74.81 -11.49
N PRO E 202 19.35 -74.49 -10.48
CA PRO E 202 18.47 -75.50 -9.86
C PRO E 202 17.25 -75.81 -10.73
N LEU E 203 17.50 -76.53 -11.82
CA LEU E 203 16.45 -76.91 -12.78
C LEU E 203 16.07 -78.38 -12.65
N GLY E 204 16.45 -79.03 -11.55
CA GLY E 204 16.08 -80.41 -11.30
C GLY E 204 17.00 -81.45 -11.89
N ARG E 205 17.94 -81.06 -12.75
CA ARG E 205 18.86 -81.98 -13.39
C ARG E 205 20.31 -81.69 -13.00
N THR E 206 20.51 -81.31 -11.74
CA THR E 206 21.87 -81.10 -11.24
C THR E 206 22.59 -82.43 -11.13
N PRO E 207 23.77 -82.58 -11.74
CA PRO E 207 24.43 -83.90 -11.76
C PRO E 207 25.04 -84.31 -10.44
N GLY E 208 25.31 -83.37 -9.55
CA GLY E 208 25.91 -83.69 -8.26
C GLY E 208 27.36 -84.14 -8.38
N ALA F 2 -7.24 -88.07 -3.12
CA ALA F 2 -6.72 -86.74 -3.43
C ALA F 2 -7.69 -85.66 -2.97
N ASP F 3 -7.35 -84.99 -1.87
CA ASP F 3 -8.19 -83.94 -1.33
C ASP F 3 -8.13 -82.69 -2.22
N ALA F 4 -9.19 -81.89 -2.16
CA ALA F 4 -9.25 -80.67 -2.94
C ALA F 4 -8.27 -79.64 -2.40
N LEU F 5 -8.06 -78.58 -3.18
CA LEU F 5 -7.09 -77.55 -2.85
C LEU F 5 -7.75 -76.18 -2.96
N GLY F 6 -7.57 -75.35 -1.92
CA GLY F 6 -8.08 -74.00 -1.92
C GLY F 6 -7.01 -73.01 -1.52
N MET F 7 -6.86 -71.93 -2.31
CA MET F 7 -5.81 -70.96 -2.08
C MET F 7 -6.36 -69.55 -2.20
N ILE F 8 -5.91 -68.67 -1.31
CA ILE F 8 -6.27 -67.25 -1.33
C ILE F 8 -5.00 -66.45 -1.08
N GLU F 9 -4.59 -65.67 -2.07
CA GLU F 9 -3.37 -64.86 -1.98
C GLU F 9 -3.74 -63.40 -1.73
N VAL F 10 -3.08 -62.79 -0.74
CA VAL F 10 -3.33 -61.42 -0.36
C VAL F 10 -1.99 -60.72 -0.17
N ARG F 11 -1.86 -59.51 -0.73
CA ARG F 11 -0.67 -58.69 -0.51
C ARG F 11 -0.82 -57.97 0.83
N GLY F 12 -0.80 -58.78 1.90
CA GLY F 12 -1.00 -58.28 3.25
C GLY F 12 -1.30 -59.40 4.22
N PHE F 13 -0.52 -59.46 5.30
CA PHE F 13 -0.68 -60.55 6.26
C PHE F 13 -2.01 -60.49 6.99
N VAL F 14 -2.59 -59.29 7.13
CA VAL F 14 -3.86 -59.15 7.84
C VAL F 14 -5.01 -59.71 6.99
N GLY F 15 -5.03 -59.39 5.69
CA GLY F 15 -6.07 -59.89 4.83
C GLY F 15 -6.05 -61.39 4.66
N MET F 16 -4.86 -61.99 4.75
CA MET F 16 -4.75 -63.44 4.62
C MET F 16 -5.28 -64.16 5.86
N VAL F 17 -5.05 -63.57 7.04
CA VAL F 17 -5.54 -64.18 8.28
C VAL F 17 -7.07 -64.13 8.33
N GLU F 18 -7.65 -62.99 7.96
CA GLU F 18 -9.10 -62.89 7.90
C GLU F 18 -9.68 -63.83 6.85
N ALA F 19 -8.96 -64.00 5.73
CA ALA F 19 -9.38 -64.97 4.74
C ALA F 19 -9.29 -66.40 5.27
N ALA F 20 -8.21 -66.71 5.99
CA ALA F 20 -8.05 -68.05 6.55
C ALA F 20 -9.08 -68.31 7.65
N ASP F 21 -9.39 -67.29 8.45
CA ASP F 21 -10.37 -67.48 9.52
C ASP F 21 -11.78 -67.65 8.95
N ALA F 22 -12.09 -66.95 7.86
CA ALA F 22 -13.42 -67.07 7.26
C ALA F 22 -13.57 -68.40 6.53
N MET F 23 -12.49 -68.97 6.02
CA MET F 23 -12.58 -70.24 5.31
C MET F 23 -12.87 -71.39 6.26
N VAL F 24 -12.09 -71.50 7.34
CA VAL F 24 -12.29 -72.59 8.29
C VAL F 24 -13.60 -72.44 9.06
N LYS F 25 -14.16 -71.23 9.10
CA LYS F 25 -15.46 -71.02 9.74
C LYS F 25 -16.63 -71.27 8.80
N ALA F 26 -16.38 -71.29 7.49
CA ALA F 26 -17.47 -71.50 6.53
C ALA F 26 -17.78 -72.98 6.35
N ALA F 27 -16.75 -73.80 6.16
CA ALA F 27 -16.94 -75.23 5.91
C ALA F 27 -15.90 -76.00 6.71
N LYS F 28 -15.84 -77.31 6.47
CA LYS F 28 -14.90 -78.19 7.15
C LYS F 28 -13.68 -78.39 6.25
N VAL F 29 -12.71 -77.48 6.37
CA VAL F 29 -11.46 -77.57 5.64
C VAL F 29 -10.31 -77.42 6.63
N GLU F 30 -9.15 -77.93 6.25
CA GLU F 30 -7.95 -77.91 7.08
C GLU F 30 -6.98 -76.88 6.53
N LEU F 31 -6.67 -75.86 7.34
CA LEU F 31 -5.69 -74.85 6.97
C LEU F 31 -4.30 -75.42 7.22
N ILE F 32 -3.63 -75.83 6.13
CA ILE F 32 -2.34 -76.48 6.27
C ILE F 32 -1.23 -75.49 6.61
N GLY F 33 -1.46 -74.20 6.43
CA GLY F 33 -0.47 -73.20 6.71
C GLY F 33 -0.55 -72.08 5.70
N TYR F 34 0.56 -71.35 5.55
CA TYR F 34 0.62 -70.22 4.64
C TYR F 34 2.00 -70.17 3.99
N GLU F 35 2.03 -69.65 2.76
CA GLU F 35 3.25 -69.56 1.98
C GLU F 35 3.58 -68.09 1.72
N LYS F 36 4.82 -67.71 2.01
CA LYS F 36 5.30 -66.34 1.83
C LYS F 36 6.21 -66.29 0.62
N THR F 37 5.80 -65.53 -0.39
CA THR F 37 6.55 -65.41 -1.64
C THR F 37 7.34 -64.11 -1.73
N GLY F 38 7.35 -63.30 -0.68
CA GLY F 38 8.07 -62.05 -0.67
C GLY F 38 7.25 -60.90 -1.24
N GLY F 39 7.75 -59.68 -0.97
CA GLY F 39 7.06 -58.50 -1.42
C GLY F 39 5.73 -58.27 -0.77
N GLY F 40 5.52 -58.79 0.43
CA GLY F 40 4.26 -58.68 1.13
C GLY F 40 3.20 -59.67 0.69
N TYR F 41 3.51 -60.56 -0.25
CA TYR F 41 2.55 -61.53 -0.73
C TYR F 41 2.53 -62.75 0.18
N VAL F 42 1.33 -63.16 0.60
CA VAL F 42 1.14 -64.36 1.39
C VAL F 42 -0.07 -65.11 0.83
N THR F 43 -0.09 -66.43 1.03
CA THR F 43 -1.12 -67.28 0.45
C THR F 43 -1.60 -68.27 1.50
N ALA F 44 -2.89 -68.20 1.83
CA ALA F 44 -3.50 -69.17 2.71
C ALA F 44 -3.90 -70.41 1.91
N VAL F 45 -3.56 -71.58 2.44
CA VAL F 45 -3.79 -72.85 1.75
C VAL F 45 -4.66 -73.74 2.63
N VAL F 46 -5.81 -74.13 2.11
CA VAL F 46 -6.73 -75.04 2.80
C VAL F 46 -6.95 -76.26 1.92
N ARG F 47 -7.43 -77.34 2.55
CA ARG F 47 -7.66 -78.59 1.86
C ARG F 47 -8.88 -79.28 2.42
N GLY F 48 -9.54 -80.05 1.56
CA GLY F 48 -10.75 -80.78 1.95
C GLY F 48 -11.37 -81.46 0.75
N ASP F 49 -12.70 -81.52 0.77
CA ASP F 49 -13.44 -82.03 -0.38
C ASP F 49 -13.76 -80.90 -1.36
N VAL F 50 -14.20 -81.28 -2.56
CA VAL F 50 -14.38 -80.31 -3.63
C VAL F 50 -15.47 -79.30 -3.31
N ALA F 51 -16.48 -79.70 -2.53
CA ALA F 51 -17.59 -78.82 -2.25
C ALA F 51 -17.27 -77.85 -1.11
N ALA F 52 -16.68 -78.36 -0.02
CA ALA F 52 -16.36 -77.49 1.11
C ALA F 52 -15.25 -76.51 0.79
N VAL F 53 -14.29 -76.92 -0.05
CA VAL F 53 -13.21 -76.03 -0.44
C VAL F 53 -13.75 -74.86 -1.27
N LYS F 54 -14.68 -75.15 -2.19
CA LYS F 54 -15.27 -74.08 -2.99
C LYS F 54 -16.11 -73.15 -2.12
N ALA F 55 -16.90 -73.70 -1.20
CA ALA F 55 -17.75 -72.87 -0.35
C ALA F 55 -16.92 -72.01 0.59
N ALA F 56 -15.84 -72.56 1.13
CA ALA F 56 -14.98 -71.79 2.03
C ALA F 56 -14.19 -70.74 1.27
N THR F 57 -13.73 -71.09 0.07
CA THR F 57 -12.96 -70.14 -0.73
C THR F 57 -13.82 -68.93 -1.11
N GLU F 58 -15.07 -69.16 -1.50
CA GLU F 58 -15.96 -68.06 -1.83
C GLU F 58 -16.23 -67.18 -0.61
N ALA F 59 -16.54 -67.82 0.52
CA ALA F 59 -16.81 -67.05 1.74
C ALA F 59 -15.54 -66.43 2.30
N GLY F 60 -14.38 -67.04 2.06
CA GLY F 60 -13.13 -66.47 2.53
C GLY F 60 -12.71 -65.25 1.74
N GLN F 61 -12.92 -65.28 0.41
CA GLN F 61 -12.61 -64.12 -0.41
C GLN F 61 -13.53 -62.96 -0.09
N ARG F 62 -14.81 -63.24 0.15
CA ARG F 62 -15.78 -62.17 0.41
C ARG F 62 -15.47 -61.43 1.71
N ALA F 63 -14.93 -62.14 2.70
CA ALA F 63 -14.56 -61.51 3.96
C ALA F 63 -13.17 -60.90 3.94
N ALA F 64 -12.33 -61.29 2.97
CA ALA F 64 -10.98 -60.75 2.87
C ALA F 64 -10.92 -59.45 2.09
N GLU F 65 -11.88 -59.23 1.17
CA GLU F 65 -11.91 -57.99 0.41
C GLU F 65 -12.19 -56.77 1.29
N ARG F 66 -12.73 -56.98 2.48
CA ARG F 66 -13.08 -55.89 3.38
C ARG F 66 -11.87 -55.33 4.14
N VAL F 67 -10.73 -56.01 4.12
CA VAL F 67 -9.61 -55.64 4.98
C VAL F 67 -8.33 -55.45 4.18
N GLY F 68 -8.18 -56.17 3.08
CA GLY F 68 -6.93 -56.16 2.35
C GLY F 68 -7.12 -56.25 0.85
N GLU F 69 -5.98 -56.28 0.15
CA GLU F 69 -5.94 -56.38 -1.30
C GLU F 69 -5.85 -57.85 -1.69
N VAL F 70 -6.94 -58.39 -2.21
CA VAL F 70 -6.97 -59.79 -2.63
C VAL F 70 -6.36 -59.91 -4.02
N VAL F 71 -5.32 -60.74 -4.14
CA VAL F 71 -4.59 -60.89 -5.40
C VAL F 71 -5.25 -61.95 -6.27
N ALA F 72 -5.17 -63.21 -5.84
CA ALA F 72 -5.68 -64.33 -6.62
C ALA F 72 -6.50 -65.26 -5.73
N VAL F 73 -7.49 -65.91 -6.33
CA VAL F 73 -8.35 -66.86 -5.65
C VAL F 73 -8.69 -67.98 -6.62
N HIS F 74 -8.43 -69.22 -6.23
CA HIS F 74 -8.62 -70.35 -7.11
C HIS F 74 -8.79 -71.62 -6.30
N VAL F 75 -9.47 -72.60 -6.89
CA VAL F 75 -9.68 -73.91 -6.30
C VAL F 75 -9.34 -74.98 -7.32
N ILE F 76 -8.73 -76.06 -6.85
CA ILE F 76 -8.39 -77.21 -7.69
C ILE F 76 -9.14 -78.41 -7.14
N PRO F 77 -10.00 -79.07 -7.93
CA PRO F 77 -10.81 -80.17 -7.39
C PRO F 77 -9.98 -81.39 -6.99
N ARG F 78 -9.17 -81.90 -7.92
CA ARG F 78 -8.32 -83.07 -7.68
C ARG F 78 -6.92 -82.77 -8.19
N PRO F 79 -6.05 -82.24 -7.33
CA PRO F 79 -4.69 -81.94 -7.77
C PRO F 79 -3.90 -83.21 -8.07
N HIS F 80 -2.99 -83.10 -9.02
CA HIS F 80 -2.17 -84.23 -9.43
C HIS F 80 -1.22 -84.63 -8.31
N VAL F 81 -0.77 -85.90 -8.37
CA VAL F 81 0.12 -86.41 -7.34
C VAL F 81 1.47 -85.71 -7.38
N ASN F 82 1.93 -85.31 -8.56
CA ASN F 82 3.21 -84.61 -8.68
C ASN F 82 3.16 -83.23 -8.07
N VAL F 83 1.97 -82.66 -7.88
CA VAL F 83 1.86 -81.31 -7.32
C VAL F 83 2.15 -81.35 -5.82
N ASP F 84 1.57 -82.31 -5.10
CA ASP F 84 1.78 -82.40 -3.66
C ASP F 84 3.18 -82.85 -3.30
N ALA F 85 3.92 -83.45 -4.25
CA ALA F 85 5.26 -83.94 -3.95
C ALA F 85 6.30 -82.83 -3.98
N ALA F 86 6.14 -81.83 -4.85
CA ALA F 86 7.13 -80.78 -5.00
C ALA F 86 6.69 -79.44 -4.42
N LEU F 87 5.44 -79.31 -3.96
CA LEU F 87 4.96 -78.06 -3.43
C LEU F 87 4.48 -78.23 -1.99
N PRO F 88 4.79 -77.28 -1.10
CA PRO F 88 4.35 -77.36 0.31
C PRO F 88 2.87 -77.02 0.46
N LEU F 89 2.01 -77.99 0.10
CA LEU F 89 0.57 -77.79 0.12
C LEU F 89 -0.13 -78.63 1.18
N GLY F 90 0.62 -79.10 2.18
CA GLY F 90 0.05 -79.83 3.29
C GLY F 90 -0.01 -81.33 3.12
N ARG F 91 0.07 -81.83 1.89
CA ARG F 91 0.04 -83.27 1.66
C ARG F 91 1.38 -83.77 1.13
N THR F 92 2.45 -83.51 1.89
CA THR F 92 3.78 -83.93 1.49
C THR F 92 4.16 -85.20 2.25
N PRO F 93 4.15 -86.38 1.59
CA PRO F 93 4.47 -87.65 2.25
C PRO F 93 5.94 -87.76 2.62
N ALA F 116 -11.19 -69.29 23.33
CA ALA F 116 -10.01 -68.66 22.74
C ALA F 116 -10.01 -67.16 22.95
N ASP F 117 -8.84 -66.55 22.85
CA ASP F 117 -8.69 -65.11 23.04
C ASP F 117 -8.86 -64.38 21.71
N ALA F 118 -9.07 -63.07 21.82
CA ALA F 118 -9.28 -62.25 20.64
C ALA F 118 -7.95 -62.00 19.91
N LEU F 119 -8.06 -61.45 18.70
CA LEU F 119 -6.91 -61.22 17.83
C LEU F 119 -6.91 -59.78 17.35
N GLY F 120 -5.75 -59.12 17.45
CA GLY F 120 -5.60 -57.77 16.98
C GLY F 120 -4.36 -57.59 16.13
N MET F 121 -4.52 -57.10 14.91
CA MET F 121 -3.43 -57.03 13.94
C MET F 121 -3.39 -55.65 13.28
N ILE F 122 -2.18 -55.14 13.09
CA ILE F 122 -1.95 -53.89 12.37
C ILE F 122 -0.75 -54.09 11.46
N GLU F 123 -0.92 -53.82 10.17
CA GLU F 123 0.12 -53.99 9.18
C GLU F 123 0.57 -52.62 8.66
N VAL F 124 1.88 -52.42 8.61
CA VAL F 124 2.47 -51.15 8.18
C VAL F 124 3.62 -51.45 7.23
N ARG F 125 3.68 -50.70 6.12
CA ARG F 125 4.82 -50.77 5.21
C ARG F 125 5.99 -49.97 5.77
N GLY F 126 6.47 -50.42 6.93
CA GLY F 126 7.54 -49.75 7.64
C GLY F 126 7.71 -50.26 9.05
N PHE F 127 8.95 -50.57 9.44
CA PHE F 127 9.19 -51.14 10.76
C PHE F 127 8.95 -50.12 11.87
N VAL F 128 9.23 -48.84 11.61
CA VAL F 128 9.06 -47.83 12.64
C VAL F 128 7.59 -47.61 12.94
N GLY F 129 6.75 -47.54 11.90
CA GLY F 129 5.33 -47.35 12.11
C GLY F 129 4.66 -48.50 12.86
N MET F 130 5.21 -49.71 12.71
CA MET F 130 4.65 -50.85 13.41
C MET F 130 5.05 -50.87 14.88
N VAL F 131 6.27 -50.43 15.19
CA VAL F 131 6.71 -50.38 16.58
C VAL F 131 5.89 -49.39 17.37
N GLU F 132 5.67 -48.19 16.80
CA GLU F 132 4.80 -47.21 17.44
C GLU F 132 3.37 -47.73 17.55
N ALA F 133 2.91 -48.49 16.56
CA ALA F 133 1.60 -49.11 16.65
C ALA F 133 1.53 -50.14 17.76
N ALA F 134 2.57 -50.98 17.88
CA ALA F 134 2.59 -51.98 18.94
C ALA F 134 2.76 -51.34 20.31
N ASP F 135 3.49 -50.22 20.39
CA ASP F 135 3.69 -49.56 21.67
C ASP F 135 2.39 -48.92 22.16
N ALA F 136 1.62 -48.31 21.25
CA ALA F 136 0.38 -47.67 21.63
C ALA F 136 -0.71 -48.68 21.96
N MET F 137 -0.61 -49.91 21.47
CA MET F 137 -1.64 -50.92 21.74
C MET F 137 -1.52 -51.47 23.16
N VAL F 138 -0.32 -51.89 23.55
CA VAL F 138 -0.14 -52.47 24.88
C VAL F 138 -0.29 -51.43 25.98
N LYS F 139 -0.16 -50.14 25.66
CA LYS F 139 -0.35 -49.09 26.65
C LYS F 139 -1.82 -48.70 26.79
N ALA F 140 -2.66 -48.97 25.79
CA ALA F 140 -4.05 -48.55 25.84
C ALA F 140 -4.88 -49.47 26.72
N ALA F 141 -4.76 -50.78 26.52
CA ALA F 141 -5.56 -51.75 27.24
C ALA F 141 -4.67 -52.94 27.63
N LYS F 142 -5.29 -53.93 28.28
CA LYS F 142 -4.58 -55.13 28.73
C LYS F 142 -4.52 -56.12 27.59
N VAL F 143 -3.49 -55.99 26.74
CA VAL F 143 -3.24 -56.90 25.64
C VAL F 143 -1.79 -57.36 25.70
N GLU F 144 -1.51 -58.43 24.99
CA GLU F 144 -0.17 -59.03 24.97
C GLU F 144 0.34 -59.05 23.54
N LEU F 145 1.45 -58.34 23.30
CA LEU F 145 2.10 -58.34 22.00
C LEU F 145 2.88 -59.64 21.85
N ILE F 146 2.36 -60.56 21.03
CA ILE F 146 2.99 -61.87 20.88
C ILE F 146 4.20 -61.84 19.96
N GLY F 147 4.35 -60.80 19.16
CA GLY F 147 5.45 -60.69 18.23
C GLY F 147 5.00 -60.03 16.95
N TYR F 148 5.89 -60.06 15.96
CA TYR F 148 5.62 -59.43 14.66
C TYR F 148 5.99 -60.39 13.55
N GLU F 149 5.43 -60.14 12.37
CA GLU F 149 5.61 -60.99 11.20
C GLU F 149 6.11 -60.15 10.04
N LYS F 150 7.22 -60.58 9.44
CA LYS F 150 7.80 -59.91 8.28
C LYS F 150 7.40 -60.69 7.02
N THR F 151 6.52 -60.10 6.23
CA THR F 151 6.06 -60.73 4.99
C THR F 151 6.86 -60.31 3.77
N GLY F 152 7.90 -59.48 3.95
CA GLY F 152 8.72 -59.04 2.85
C GLY F 152 8.23 -57.75 2.22
N GLY F 153 9.13 -57.13 1.47
CA GLY F 153 8.79 -55.87 0.80
C GLY F 153 8.54 -54.71 1.74
N GLY F 154 9.13 -54.74 2.93
CA GLY F 154 8.92 -53.70 3.92
C GLY F 154 7.65 -53.83 4.72
N TYR F 155 6.87 -54.89 4.51
CA TYR F 155 5.62 -55.08 5.23
C TYR F 155 5.86 -55.84 6.53
N VAL F 156 5.37 -55.28 7.63
CA VAL F 156 5.44 -55.92 8.95
C VAL F 156 4.08 -55.80 9.61
N THR F 157 3.76 -56.77 10.47
CA THR F 157 2.45 -56.86 11.10
C THR F 157 2.63 -57.12 12.59
N ALA F 158 2.09 -56.22 13.41
CA ALA F 158 2.09 -56.40 14.86
C ALA F 158 0.85 -57.19 15.26
N VAL F 159 1.05 -58.19 16.11
CA VAL F 159 -0.02 -59.10 16.53
C VAL F 159 -0.15 -59.01 18.05
N VAL F 160 -1.36 -58.67 18.52
CA VAL F 160 -1.66 -58.61 19.95
C VAL F 160 -2.84 -59.51 20.22
N ARG F 161 -2.91 -60.00 21.45
CA ARG F 161 -3.97 -60.91 21.88
C ARG F 161 -4.61 -60.40 23.16
N GLY F 162 -5.84 -60.85 23.40
CA GLY F 162 -6.56 -60.44 24.59
C GLY F 162 -8.04 -60.77 24.47
N ASP F 163 -8.86 -59.98 25.15
CA ASP F 163 -10.31 -60.12 25.06
C ASP F 163 -10.86 -59.14 24.02
N VAL F 164 -12.07 -59.45 23.53
CA VAL F 164 -12.67 -58.68 22.46
C VAL F 164 -12.87 -57.22 22.87
N ALA F 165 -13.15 -56.97 24.15
CA ALA F 165 -13.35 -55.60 24.61
C ALA F 165 -12.07 -54.80 24.56
N ALA F 166 -10.95 -55.39 24.99
CA ALA F 166 -9.70 -54.64 25.06
C ALA F 166 -8.97 -54.62 23.72
N VAL F 167 -9.05 -55.72 22.96
CA VAL F 167 -8.38 -55.76 21.65
C VAL F 167 -8.99 -54.72 20.72
N LYS F 168 -10.30 -54.53 20.78
CA LYS F 168 -10.94 -53.50 19.97
C LYS F 168 -10.44 -52.11 20.37
N ALA F 169 -10.32 -51.85 21.67
CA ALA F 169 -9.84 -50.57 22.14
C ALA F 169 -8.35 -50.38 21.89
N ALA F 170 -7.59 -51.47 21.78
CA ALA F 170 -6.14 -51.37 21.58
C ALA F 170 -5.80 -51.05 20.14
N THR F 171 -6.41 -51.76 19.19
CA THR F 171 -6.08 -51.55 17.78
C THR F 171 -6.53 -50.17 17.31
N GLU F 172 -7.65 -49.67 17.83
CA GLU F 172 -8.11 -48.34 17.45
C GLU F 172 -7.17 -47.27 17.98
N ALA F 173 -6.56 -47.48 19.15
CA ALA F 173 -5.61 -46.51 19.67
C ALA F 173 -4.24 -46.66 19.02
N GLY F 174 -3.86 -47.88 18.61
CA GLY F 174 -2.57 -48.06 17.96
C GLY F 174 -2.55 -47.58 16.53
N GLN F 175 -3.67 -47.74 15.82
CA GLN F 175 -3.75 -47.27 14.44
C GLN F 175 -3.65 -45.75 14.39
N ARG F 176 -4.23 -45.05 15.36
CA ARG F 176 -4.21 -43.60 15.36
C ARG F 176 -2.79 -43.07 15.57
N ALA F 177 -1.99 -43.75 16.41
CA ALA F 177 -0.61 -43.36 16.60
C ALA F 177 0.30 -43.84 15.48
N ALA F 178 -0.12 -44.83 14.70
CA ALA F 178 0.69 -45.34 13.62
C ALA F 178 0.54 -44.51 12.34
N GLU F 179 -0.65 -43.95 12.10
CA GLU F 179 -0.86 -43.11 10.92
C GLU F 179 -0.01 -41.85 10.95
N ARG F 180 0.40 -41.41 12.14
CA ARG F 180 1.28 -40.25 12.25
C ARG F 180 2.72 -40.55 11.88
N VAL F 181 3.10 -41.82 11.84
CA VAL F 181 4.49 -42.24 11.63
C VAL F 181 4.68 -42.84 10.24
N GLY F 182 4.06 -43.99 9.97
CA GLY F 182 4.28 -44.68 8.73
C GLY F 182 3.03 -44.90 7.90
N GLU F 183 3.14 -45.76 6.89
CA GLU F 183 2.03 -46.06 5.98
C GLU F 183 1.27 -47.26 6.51
N VAL F 184 0.08 -47.00 7.06
CA VAL F 184 -0.75 -48.06 7.62
C VAL F 184 -1.44 -48.79 6.47
N VAL F 185 -1.27 -50.11 6.41
CA VAL F 185 -1.81 -50.92 5.32
C VAL F 185 -3.20 -51.42 5.67
N ALA F 186 -3.33 -52.13 6.80
CA ALA F 186 -4.59 -52.72 7.18
C ALA F 186 -4.65 -52.88 8.69
N VAL F 187 -5.87 -52.79 9.23
CA VAL F 187 -6.14 -53.00 10.65
C VAL F 187 -7.43 -53.79 10.77
N HIS F 188 -7.38 -54.92 11.46
CA HIS F 188 -8.56 -55.76 11.62
C HIS F 188 -8.51 -56.46 12.97
N VAL F 189 -9.69 -56.85 13.46
CA VAL F 189 -9.84 -57.52 14.75
C VAL F 189 -10.77 -58.70 14.56
N ILE F 190 -10.35 -59.87 15.03
CA ILE F 190 -11.15 -61.09 15.01
C ILE F 190 -11.58 -61.38 16.45
N PRO F 191 -12.88 -61.42 16.74
CA PRO F 191 -13.33 -61.62 18.13
C PRO F 191 -12.95 -62.97 18.69
N ARG F 192 -13.39 -64.04 18.03
CA ARG F 192 -13.10 -65.41 18.45
C ARG F 192 -12.59 -66.18 17.25
N PRO F 193 -11.28 -66.16 17.01
CA PRO F 193 -10.73 -66.90 15.87
C PRO F 193 -10.88 -68.41 16.06
N HIS F 194 -11.00 -69.11 14.93
CA HIS F 194 -11.16 -70.55 14.96
C HIS F 194 -9.90 -71.21 15.52
N VAL F 195 -10.08 -72.39 16.10
CA VAL F 195 -8.96 -73.10 16.73
C VAL F 195 -7.93 -73.51 15.69
N ASN F 196 -8.37 -73.85 14.48
CA ASN F 196 -7.44 -74.27 13.43
C ASN F 196 -6.56 -73.13 12.95
N VAL F 197 -6.97 -71.87 13.17
CA VAL F 197 -6.14 -70.74 12.78
C VAL F 197 -4.97 -70.57 13.74
N ASP F 198 -5.24 -70.71 15.04
CA ASP F 198 -4.18 -70.58 16.05
C ASP F 198 -3.18 -71.71 16.01
N ALA F 199 -3.45 -72.79 15.28
CA ALA F 199 -2.55 -73.93 15.23
C ALA F 199 -1.57 -73.86 14.06
N ALA F 200 -1.96 -73.26 12.95
CA ALA F 200 -1.12 -73.20 11.75
C ALA F 200 -0.50 -71.84 11.49
N LEU F 201 -0.87 -70.81 12.26
CA LEU F 201 -0.33 -69.48 12.05
C LEU F 201 0.39 -68.99 13.31
N PRO F 202 1.53 -68.30 13.15
CA PRO F 202 2.26 -67.81 14.33
C PRO F 202 1.55 -66.63 14.99
N LEU F 203 0.44 -66.91 15.67
CA LEU F 203 -0.35 -65.87 16.33
C LEU F 203 -0.24 -65.93 17.84
N GLY F 204 0.78 -66.61 18.37
CA GLY F 204 1.04 -66.62 19.79
C GLY F 204 0.12 -67.49 20.62
N ARG F 205 -0.65 -68.38 20.00
CA ARG F 205 -1.56 -69.28 20.71
C ARG F 205 -1.44 -70.69 20.17
N THR F 206 -0.22 -71.13 19.88
CA THR F 206 0.00 -72.48 19.38
C THR F 206 0.05 -73.46 20.55
N PRO F 207 -0.84 -74.46 20.62
CA PRO F 207 -0.84 -75.44 21.70
C PRO F 207 0.31 -76.42 21.62
N ALA G 2 51.86 -47.37 -5.17
CA ALA G 2 52.57 -46.24 -5.78
C ALA G 2 51.96 -44.92 -5.32
N ASP G 3 52.72 -43.84 -5.53
CA ASP G 3 52.25 -42.51 -5.13
C ASP G 3 51.16 -42.02 -6.09
N ALA G 4 50.44 -40.99 -5.64
CA ALA G 4 49.40 -40.39 -6.46
C ALA G 4 50.00 -39.42 -7.47
N LEU G 5 49.21 -39.08 -8.49
CA LEU G 5 49.67 -38.27 -9.59
C LEU G 5 48.71 -37.11 -9.83
N GLY G 6 49.28 -35.92 -10.04
CA GLY G 6 48.51 -34.73 -10.38
C GLY G 6 49.18 -33.93 -11.48
N MET G 7 48.38 -33.44 -12.44
CA MET G 7 48.93 -32.75 -13.59
C MET G 7 48.09 -31.52 -13.91
N ILE G 8 48.78 -30.47 -14.38
CA ILE G 8 48.14 -29.25 -14.84
C ILE G 8 48.83 -28.82 -16.13
N GLU G 9 48.07 -28.71 -17.22
CA GLU G 9 48.59 -28.36 -18.53
C GLU G 9 48.17 -26.94 -18.87
N VAL G 10 49.13 -26.12 -19.30
CA VAL G 10 48.89 -24.72 -19.63
C VAL G 10 49.63 -24.41 -20.93
N ARG G 11 48.93 -23.76 -21.87
CA ARG G 11 49.56 -23.26 -23.09
C ARG G 11 50.28 -21.96 -22.77
N GLY G 12 51.35 -22.09 -22.00
CA GLY G 12 52.12 -20.94 -21.54
C GLY G 12 53.04 -21.28 -20.39
N PHE G 13 54.32 -20.98 -20.54
CA PHE G 13 55.30 -21.33 -19.50
C PHE G 13 55.06 -20.54 -18.21
N VAL G 14 54.51 -19.33 -18.31
CA VAL G 14 54.26 -18.54 -17.11
C VAL G 14 53.11 -19.13 -16.31
N GLY G 15 52.03 -19.52 -17.00
CA GLY G 15 50.90 -20.11 -16.30
C GLY G 15 51.22 -21.45 -15.67
N MET G 16 52.22 -22.16 -16.20
CA MET G 16 52.60 -23.44 -15.64
C MET G 16 53.47 -23.29 -14.40
N VAL G 17 54.34 -22.28 -14.38
CA VAL G 17 55.20 -22.05 -13.22
C VAL G 17 54.37 -21.59 -12.03
N GLU G 18 53.40 -20.71 -12.26
CA GLU G 18 52.52 -20.28 -11.18
C GLU G 18 51.69 -21.45 -10.64
N ALA G 19 51.23 -22.33 -11.54
CA ALA G 19 50.51 -23.51 -11.10
C ALA G 19 51.40 -24.46 -10.32
N ALA G 20 52.68 -24.55 -10.70
CA ALA G 20 53.59 -25.42 -9.98
C ALA G 20 53.96 -24.85 -8.62
N ASP G 21 54.01 -23.52 -8.48
CA ASP G 21 54.34 -22.92 -7.20
C ASP G 21 53.18 -23.04 -6.22
N ALA G 22 51.94 -22.93 -6.72
CA ALA G 22 50.78 -23.03 -5.86
C ALA G 22 50.52 -24.45 -5.38
N MET G 23 51.06 -25.46 -6.07
CA MET G 23 50.84 -26.85 -5.67
C MET G 23 51.80 -27.26 -4.55
N VAL G 24 53.09 -26.95 -4.70
CA VAL G 24 54.06 -27.32 -3.68
C VAL G 24 53.87 -26.52 -2.40
N LYS G 25 53.12 -25.41 -2.46
CA LYS G 25 52.84 -24.62 -1.27
C LYS G 25 51.52 -24.99 -0.60
N ALA G 26 50.57 -25.55 -1.35
CA ALA G 26 49.27 -25.88 -0.77
C ALA G 26 49.38 -27.11 0.14
N ALA G 27 50.09 -28.14 -0.29
CA ALA G 27 50.26 -29.37 0.48
C ALA G 27 51.67 -29.89 0.26
N LYS G 28 51.97 -31.03 0.89
CA LYS G 28 53.30 -31.64 0.80
C LYS G 28 53.32 -32.54 -0.43
N VAL G 29 53.65 -31.95 -1.58
CA VAL G 29 53.81 -32.68 -2.82
C VAL G 29 55.14 -32.30 -3.44
N GLU G 30 55.67 -33.19 -4.26
CA GLU G 30 56.97 -33.01 -4.90
C GLU G 30 56.77 -32.69 -6.38
N LEU G 31 57.38 -31.60 -6.84
CA LEU G 31 57.36 -31.22 -8.25
C LEU G 31 58.48 -31.98 -8.95
N ILE G 32 58.12 -33.02 -9.70
CA ILE G 32 59.13 -33.89 -10.32
C ILE G 32 59.69 -33.32 -11.61
N GLY G 33 59.09 -32.27 -12.16
CA GLY G 33 59.57 -31.66 -13.38
C GLY G 33 58.42 -31.16 -14.21
N TYR G 34 58.70 -30.92 -15.50
CA TYR G 34 57.71 -30.39 -16.40
C TYR G 34 57.92 -30.99 -17.79
N GLU G 35 56.83 -31.27 -18.48
CA GLU G 35 56.86 -31.90 -19.80
C GLU G 35 56.49 -30.87 -20.85
N LYS G 36 57.32 -30.76 -21.89
CA LYS G 36 57.11 -29.81 -22.98
C LYS G 36 56.69 -30.60 -24.22
N THR G 37 55.43 -30.46 -24.61
CA THR G 37 54.88 -31.17 -25.74
C THR G 37 54.86 -30.34 -27.03
N GLY G 38 55.48 -29.16 -27.01
CA GLY G 38 55.53 -28.32 -28.18
C GLY G 38 54.28 -27.48 -28.36
N GLY G 39 54.39 -26.49 -29.24
CA GLY G 39 53.29 -25.58 -29.50
C GLY G 39 52.92 -24.70 -28.32
N GLY G 40 53.86 -24.43 -27.42
CA GLY G 40 53.59 -23.67 -26.23
C GLY G 40 52.94 -24.46 -25.11
N TYR G 41 52.64 -25.73 -25.32
CA TYR G 41 52.00 -26.55 -24.30
C TYR G 41 53.05 -27.12 -23.34
N VAL G 42 52.83 -26.91 -22.05
CA VAL G 42 53.68 -27.46 -21.00
C VAL G 42 52.79 -28.02 -19.90
N THR G 43 53.30 -29.03 -19.21
CA THR G 43 52.54 -29.74 -18.19
C THR G 43 53.38 -29.90 -16.93
N ALA G 44 52.85 -29.45 -15.80
CA ALA G 44 53.50 -29.63 -14.51
C ALA G 44 53.06 -30.96 -13.90
N VAL G 45 54.03 -31.73 -13.42
CA VAL G 45 53.78 -33.06 -12.88
C VAL G 45 54.20 -33.07 -11.40
N VAL G 46 53.28 -33.50 -10.54
CA VAL G 46 53.54 -33.57 -9.11
C VAL G 46 53.13 -34.94 -8.59
N ARG G 47 53.78 -35.37 -7.51
CA ARG G 47 53.49 -36.63 -6.86
C ARG G 47 53.29 -36.40 -5.37
N GLY G 48 52.67 -37.36 -4.71
CA GLY G 48 52.45 -37.28 -3.28
C GLY G 48 51.26 -38.12 -2.86
N ASP G 49 50.75 -37.82 -1.68
CA ASP G 49 49.59 -38.52 -1.15
C ASP G 49 48.32 -38.07 -1.88
N VAL G 50 47.31 -38.96 -1.87
CA VAL G 50 46.06 -38.66 -2.56
C VAL G 50 45.40 -37.42 -1.97
N ALA G 51 45.48 -37.26 -0.64
CA ALA G 51 44.90 -36.07 -0.01
C ALA G 51 45.70 -34.82 -0.34
N ALA G 52 47.02 -34.95 -0.43
CA ALA G 52 47.87 -33.79 -0.69
C ALA G 52 47.81 -33.38 -2.16
N VAL G 53 47.81 -34.35 -3.08
CA VAL G 53 47.85 -34.01 -4.49
C VAL G 53 46.49 -33.49 -4.98
N LYS G 54 45.39 -33.92 -4.34
CA LYS G 54 44.08 -33.45 -4.76
C LYS G 54 43.76 -32.07 -4.21
N ALA G 55 44.28 -31.74 -3.03
CA ALA G 55 44.10 -30.40 -2.48
C ALA G 55 45.04 -29.39 -3.12
N ALA G 56 46.24 -29.82 -3.49
CA ALA G 56 47.18 -28.90 -4.15
C ALA G 56 46.77 -28.62 -5.59
N THR G 57 46.13 -29.60 -6.25
CA THR G 57 45.69 -29.38 -7.63
C THR G 57 44.59 -28.34 -7.69
N GLU G 58 43.69 -28.32 -6.70
CA GLU G 58 42.64 -27.31 -6.66
C GLU G 58 43.22 -25.92 -6.46
N ALA G 59 44.23 -25.80 -5.60
CA ALA G 59 44.87 -24.49 -5.39
C ALA G 59 45.73 -24.09 -6.58
N GLY G 60 46.21 -25.07 -7.35
CA GLY G 60 47.02 -24.77 -8.52
C GLY G 60 46.20 -24.31 -9.71
N GLN G 61 45.05 -24.96 -9.92
CA GLN G 61 44.17 -24.57 -11.03
C GLN G 61 43.55 -23.20 -10.76
N ARG G 62 43.07 -22.98 -9.53
CA ARG G 62 42.41 -21.71 -9.21
C ARG G 62 43.38 -20.53 -9.31
N ALA G 63 44.68 -20.79 -9.13
CA ALA G 63 45.69 -19.74 -9.25
C ALA G 63 46.22 -19.58 -10.66
N ALA G 64 46.12 -20.61 -11.50
CA ALA G 64 46.60 -20.54 -12.88
C ALA G 64 45.57 -19.95 -13.84
N GLU G 65 44.29 -19.92 -13.45
CA GLU G 65 43.28 -19.33 -14.31
C GLU G 65 43.50 -17.84 -14.50
N ARG G 66 44.03 -17.16 -13.48
CA ARG G 66 44.28 -15.73 -13.53
C ARG G 66 45.62 -15.38 -14.13
N VAL G 67 46.31 -16.33 -14.77
CA VAL G 67 47.63 -16.10 -15.34
C VAL G 67 47.63 -16.45 -16.81
N GLY G 68 47.37 -17.71 -17.13
CA GLY G 68 47.43 -18.17 -18.50
C GLY G 68 46.26 -19.04 -18.93
N GLU G 69 46.42 -19.74 -20.05
CA GLU G 69 45.37 -20.59 -20.61
C GLU G 69 45.52 -21.99 -20.03
N VAL G 70 44.64 -22.34 -19.09
CA VAL G 70 44.64 -23.66 -18.47
C VAL G 70 44.02 -24.64 -19.45
N VAL G 71 44.81 -25.60 -19.95
CA VAL G 71 44.31 -26.55 -20.94
C VAL G 71 43.58 -27.71 -20.27
N ALA G 72 44.26 -28.41 -19.37
CA ALA G 72 43.67 -29.57 -18.72
C ALA G 72 44.17 -29.67 -17.29
N VAL G 73 43.33 -30.23 -16.43
CA VAL G 73 43.64 -30.44 -15.01
C VAL G 73 43.02 -31.77 -14.60
N HIS G 74 43.84 -32.68 -14.08
CA HIS G 74 43.35 -34.00 -13.70
C HIS G 74 44.24 -34.58 -12.62
N VAL G 75 43.66 -35.45 -11.80
CA VAL G 75 44.36 -36.14 -10.71
C VAL G 75 44.12 -37.64 -10.86
N ILE G 76 45.18 -38.42 -10.75
CA ILE G 76 45.11 -39.88 -10.81
C ILE G 76 45.53 -40.42 -9.44
N PRO G 77 44.60 -41.01 -8.68
CA PRO G 77 44.94 -41.43 -7.31
C PRO G 77 45.95 -42.55 -7.26
N ARG G 78 45.76 -43.61 -8.04
CA ARG G 78 46.64 -44.77 -8.05
C ARG G 78 46.99 -45.13 -9.49
N PRO G 79 48.07 -44.58 -10.02
CA PRO G 79 48.48 -44.94 -11.39
C PRO G 79 48.94 -46.38 -11.48
N HIS G 80 48.66 -47.00 -12.62
CA HIS G 80 49.09 -48.37 -12.85
C HIS G 80 50.61 -48.43 -12.96
N VAL G 81 51.16 -49.60 -12.64
CA VAL G 81 52.61 -49.77 -12.66
C VAL G 81 53.16 -49.62 -14.08
N ASN G 82 52.36 -49.99 -15.08
CA ASN G 82 52.82 -49.86 -16.47
C ASN G 82 52.94 -48.41 -16.89
N VAL G 83 52.15 -47.52 -16.28
CA VAL G 83 52.19 -46.11 -16.66
C VAL G 83 53.52 -45.48 -16.24
N ASP G 84 53.96 -45.77 -15.02
CA ASP G 84 55.21 -45.17 -14.52
C ASP G 84 56.43 -45.74 -15.20
N ALA G 85 56.34 -46.95 -15.76
CA ALA G 85 57.51 -47.58 -16.38
C ALA G 85 57.78 -47.03 -17.78
N ALA G 86 56.74 -46.65 -18.51
CA ALA G 86 56.88 -46.19 -19.89
C ALA G 86 56.81 -44.67 -20.02
N LEU G 87 56.11 -43.99 -19.12
CA LEU G 87 55.95 -42.55 -19.22
C LEU G 87 56.75 -41.84 -18.12
N PRO G 88 57.29 -40.65 -18.39
CA PRO G 88 58.10 -39.95 -17.39
C PRO G 88 57.27 -39.21 -16.36
N LEU G 89 56.93 -39.88 -15.26
CA LEU G 89 56.25 -39.25 -14.13
C LEU G 89 57.13 -39.16 -12.89
N GLY G 90 58.42 -39.43 -13.03
CA GLY G 90 59.34 -39.32 -11.91
C GLY G 90 59.43 -40.53 -11.02
N ARG G 91 58.80 -41.65 -11.40
CA ARG G 91 58.82 -42.88 -10.62
C ARG G 91 59.18 -44.03 -11.55
N THR G 92 60.45 -44.41 -11.56
CA THR G 92 60.92 -45.50 -12.41
C THR G 92 62.04 -46.28 -11.73
N ALA G 116 65.28 -16.93 -0.64
CA ALA G 116 65.25 -17.00 -2.10
C ALA G 116 64.80 -15.68 -2.70
N ASP G 117 65.31 -15.37 -3.89
CA ASP G 117 64.94 -14.14 -4.58
C ASP G 117 63.57 -14.30 -5.24
N ALA G 118 63.00 -13.17 -5.65
CA ALA G 118 61.70 -13.17 -6.29
C ALA G 118 61.83 -13.57 -7.76
N LEU G 119 60.69 -13.88 -8.37
CA LEU G 119 60.63 -14.40 -9.73
C LEU G 119 59.76 -13.49 -10.59
N GLY G 120 60.29 -13.08 -11.75
CA GLY G 120 59.53 -12.30 -12.70
C GLY G 120 59.57 -12.91 -14.09
N MET G 121 58.40 -13.10 -14.69
CA MET G 121 58.29 -13.80 -15.96
C MET G 121 57.38 -13.04 -16.92
N ILE G 122 57.77 -13.03 -18.19
CA ILE G 122 56.99 -12.42 -19.27
C ILE G 122 57.05 -13.35 -20.47
N GLU G 123 55.89 -13.74 -20.98
CA GLU G 123 55.79 -14.67 -22.11
C GLU G 123 55.19 -13.94 -23.32
N VAL G 124 55.82 -14.12 -24.47
CA VAL G 124 55.39 -13.47 -25.71
C VAL G 124 55.49 -14.48 -26.85
N ARG G 125 54.45 -14.52 -27.69
CA ARG G 125 54.49 -15.34 -28.91
C ARG G 125 55.26 -14.58 -29.98
N GLY G 126 56.58 -14.52 -29.77
CA GLY G 126 57.46 -13.79 -30.66
C GLY G 126 58.79 -13.45 -30.01
N PHE G 127 59.89 -13.76 -30.70
CA PHE G 127 61.21 -13.49 -30.14
C PHE G 127 61.49 -12.01 -30.02
N VAL G 128 60.96 -11.20 -30.94
CA VAL G 128 61.20 -9.77 -30.90
C VAL G 128 60.49 -9.13 -29.72
N GLY G 129 59.25 -9.53 -29.46
CA GLY G 129 58.52 -8.97 -28.34
C GLY G 129 59.11 -9.35 -26.99
N MET G 130 59.80 -10.50 -26.93
CA MET G 130 60.41 -10.93 -25.68
C MET G 130 61.71 -10.19 -25.41
N VAL G 131 62.48 -9.89 -26.46
CA VAL G 131 63.73 -9.16 -26.27
C VAL G 131 63.47 -7.75 -25.75
N GLU G 132 62.46 -7.08 -26.31
CA GLU G 132 62.09 -5.75 -25.83
C GLU G 132 61.58 -5.79 -24.40
N ALA G 133 60.87 -6.86 -24.04
CA ALA G 133 60.39 -7.00 -22.66
C ALA G 133 61.55 -7.19 -21.69
N ALA G 134 62.56 -7.98 -22.09
CA ALA G 134 63.71 -8.18 -21.22
C ALA G 134 64.57 -6.93 -21.13
N ASP G 135 64.66 -6.15 -22.21
CA ASP G 135 65.46 -4.94 -22.18
C ASP G 135 64.85 -3.88 -21.27
N ALA G 136 63.52 -3.83 -21.22
CA ALA G 136 62.84 -2.85 -20.37
C ALA G 136 62.84 -3.24 -18.89
N MET G 137 63.09 -4.51 -18.59
CA MET G 137 63.08 -4.96 -17.20
C MET G 137 64.40 -4.64 -16.51
N VAL G 138 65.53 -4.97 -17.15
CA VAL G 138 66.83 -4.73 -16.55
C VAL G 138 67.17 -3.25 -16.48
N LYS G 139 66.48 -2.41 -17.26
CA LYS G 139 66.70 -0.98 -17.21
C LYS G 139 65.78 -0.29 -16.20
N ALA G 140 64.60 -0.85 -15.95
CA ALA G 140 63.66 -0.21 -15.04
C ALA G 140 64.14 -0.32 -13.59
N ALA G 141 64.45 -1.54 -13.15
CA ALA G 141 64.86 -1.78 -11.77
C ALA G 141 66.17 -2.57 -11.75
N LYS G 142 66.61 -2.93 -10.54
CA LYS G 142 67.85 -3.68 -10.36
C LYS G 142 67.49 -5.17 -10.28
N VAL G 143 67.27 -5.76 -11.45
CA VAL G 143 66.94 -7.17 -11.57
C VAL G 143 67.99 -7.86 -12.44
N GLU G 144 68.00 -9.19 -12.38
CA GLU G 144 68.96 -10.00 -13.11
C GLU G 144 68.21 -10.88 -14.10
N LEU G 145 68.51 -10.71 -15.39
CA LEU G 145 67.93 -11.54 -16.44
C LEU G 145 68.70 -12.84 -16.53
N ILE G 146 68.07 -13.94 -16.12
CA ILE G 146 68.77 -15.23 -16.09
C ILE G 146 68.77 -15.93 -17.44
N GLY G 147 67.84 -15.61 -18.32
CA GLY G 147 67.74 -16.26 -19.61
C GLY G 147 66.30 -16.33 -20.05
N TYR G 148 66.07 -17.14 -21.08
CA TYR G 148 64.73 -17.28 -21.65
C TYR G 148 64.43 -18.75 -21.91
N GLU G 149 63.15 -19.09 -21.82
CA GLU G 149 62.67 -20.46 -22.00
C GLU G 149 61.86 -20.55 -23.28
N LYS G 150 62.15 -21.57 -24.09
CA LYS G 150 61.47 -21.79 -25.36
C LYS G 150 60.54 -22.99 -25.21
N THR G 151 59.24 -22.74 -25.29
CA THR G 151 58.24 -23.79 -25.16
C THR G 151 57.69 -24.27 -26.50
N GLY G 152 58.18 -23.73 -27.60
CA GLY G 152 57.75 -24.15 -28.93
C GLY G 152 56.57 -23.36 -29.44
N GLY G 153 56.36 -23.46 -30.75
CA GLY G 153 55.25 -22.76 -31.38
C GLY G 153 55.35 -21.25 -31.36
N GLY G 154 56.58 -20.72 -31.28
CA GLY G 154 56.78 -19.30 -31.22
C GLY G 154 56.69 -18.69 -29.84
N TYR G 155 56.35 -19.49 -28.82
CA TYR G 155 56.24 -18.98 -27.47
C TYR G 155 57.60 -18.94 -26.79
N VAL G 156 57.94 -17.79 -26.22
CA VAL G 156 59.18 -17.62 -25.48
C VAL G 156 58.87 -16.86 -24.19
N THR G 157 59.65 -17.11 -23.15
CA THR G 157 59.41 -16.57 -21.82
C THR G 157 60.70 -15.99 -21.26
N ALA G 158 60.68 -14.69 -20.96
CA ALA G 158 61.80 -14.03 -20.31
C ALA G 158 61.67 -14.17 -18.80
N VAL G 159 62.76 -14.52 -18.13
CA VAL G 159 62.78 -14.80 -16.70
C VAL G 159 63.81 -13.89 -16.04
N VAL G 160 63.37 -13.17 -15.01
CA VAL G 160 64.24 -12.28 -14.24
C VAL G 160 64.11 -12.61 -12.76
N ARG G 161 65.18 -12.36 -12.01
CA ARG G 161 65.21 -12.60 -10.58
C ARG G 161 65.70 -11.36 -9.86
N GLY G 162 65.30 -11.26 -8.59
CA GLY G 162 65.67 -10.11 -7.78
C GLY G 162 64.80 -10.04 -6.55
N ASP G 163 64.68 -8.83 -6.01
CA ASP G 163 63.81 -8.60 -4.86
C ASP G 163 62.36 -8.48 -5.33
N VAL G 164 61.44 -8.60 -4.36
CA VAL G 164 60.02 -8.62 -4.68
C VAL G 164 59.58 -7.30 -5.32
N ALA G 165 60.12 -6.18 -4.83
CA ALA G 165 59.74 -4.89 -5.38
C ALA G 165 60.45 -4.58 -6.69
N ALA G 166 61.69 -5.06 -6.86
CA ALA G 166 62.43 -4.78 -8.08
C ALA G 166 61.81 -5.50 -9.27
N VAL G 167 61.47 -6.78 -9.10
CA VAL G 167 60.87 -7.53 -10.21
C VAL G 167 59.42 -7.16 -10.43
N LYS G 168 58.74 -6.57 -9.42
CA LYS G 168 57.35 -6.18 -9.61
C LYS G 168 57.23 -4.97 -10.53
N ALA G 169 58.09 -3.97 -10.33
CA ALA G 169 58.10 -2.80 -11.21
C ALA G 169 58.76 -3.08 -12.55
N ALA G 170 59.59 -4.11 -12.65
CA ALA G 170 60.24 -4.43 -13.91
C ALA G 170 59.27 -5.09 -14.88
N THR G 171 58.49 -6.06 -14.39
CA THR G 171 57.53 -6.73 -15.26
C THR G 171 56.42 -5.80 -15.70
N GLU G 172 55.94 -4.93 -14.80
CA GLU G 172 54.89 -3.99 -15.17
C GLU G 172 55.40 -2.95 -16.17
N ALA G 173 56.69 -2.63 -16.13
CA ALA G 173 57.30 -1.76 -17.12
C ALA G 173 57.72 -2.49 -18.38
N GLY G 174 58.01 -3.79 -18.27
CA GLY G 174 58.37 -4.59 -19.43
C GLY G 174 57.17 -4.98 -20.25
N GLN G 175 56.05 -5.30 -19.57
CA GLN G 175 54.81 -5.60 -20.28
C GLN G 175 54.34 -4.40 -21.09
N ARG G 176 54.38 -3.21 -20.49
CA ARG G 176 53.94 -2.01 -21.19
C ARG G 176 54.80 -1.70 -22.40
N ALA G 177 56.10 -2.01 -22.33
CA ALA G 177 57.00 -1.80 -23.44
C ALA G 177 56.97 -2.94 -24.46
N ALA G 178 56.41 -4.09 -24.10
CA ALA G 178 56.32 -5.22 -25.02
C ALA G 178 54.99 -5.30 -25.76
N GLU G 179 53.93 -4.66 -25.23
CA GLU G 179 52.65 -4.69 -25.92
C GLU G 179 52.69 -3.92 -27.24
N ARG G 180 53.59 -2.95 -27.36
CA ARG G 180 53.74 -2.18 -28.58
C ARG G 180 54.64 -2.86 -29.61
N VAL G 181 54.94 -4.15 -29.44
CA VAL G 181 55.82 -4.86 -30.35
C VAL G 181 55.17 -6.16 -30.80
N GLY G 182 54.91 -7.06 -29.85
CA GLY G 182 54.41 -8.38 -30.20
C GLY G 182 53.15 -8.79 -29.46
N GLU G 183 52.92 -10.10 -29.40
CA GLU G 183 51.71 -10.67 -28.78
C GLU G 183 52.05 -11.13 -27.37
N VAL G 184 51.61 -10.35 -26.38
CA VAL G 184 51.88 -10.68 -24.98
C VAL G 184 50.90 -11.75 -24.53
N VAL G 185 51.43 -12.80 -23.91
CA VAL G 185 50.62 -13.94 -23.47
C VAL G 185 50.27 -13.79 -22.00
N ALA G 186 51.28 -13.84 -21.13
CA ALA G 186 51.05 -13.78 -19.70
C ALA G 186 52.23 -13.09 -19.02
N VAL G 187 51.93 -12.38 -17.94
CA VAL G 187 52.93 -11.70 -17.12
C VAL G 187 52.56 -11.92 -15.66
N HIS G 188 53.51 -12.43 -14.87
CA HIS G 188 53.25 -12.73 -13.47
C HIS G 188 54.53 -12.60 -12.67
N VAL G 189 54.37 -12.42 -11.35
CA VAL G 189 55.48 -12.25 -10.43
C VAL G 189 55.26 -13.14 -9.22
N ILE G 190 56.32 -13.82 -8.78
CA ILE G 190 56.30 -14.68 -7.61
C ILE G 190 57.13 -14.02 -6.53
N PRO G 191 56.55 -13.69 -5.36
CA PRO G 191 57.32 -13.05 -4.29
C PRO G 191 58.41 -13.96 -3.74
N ARG G 192 58.02 -15.11 -3.21
CA ARG G 192 58.96 -16.08 -2.65
C ARG G 192 58.67 -17.44 -3.25
N PRO G 193 59.35 -17.79 -4.34
CA PRO G 193 59.15 -19.12 -4.94
C PRO G 193 59.66 -20.21 -4.03
N HIS G 194 58.89 -21.31 -3.96
CA HIS G 194 59.27 -22.43 -3.12
C HIS G 194 60.58 -23.04 -3.59
N VAL G 195 61.31 -23.66 -2.66
CA VAL G 195 62.60 -24.24 -2.98
C VAL G 195 62.43 -25.40 -3.96
N ASN G 196 61.28 -26.07 -3.94
CA ASN G 196 61.04 -27.17 -4.87
C ASN G 196 60.92 -26.67 -6.30
N VAL G 197 60.43 -25.45 -6.49
CA VAL G 197 60.25 -24.92 -7.85
C VAL G 197 61.61 -24.55 -8.45
N ASP G 198 62.46 -23.89 -7.68
CA ASP G 198 63.76 -23.46 -8.19
C ASP G 198 64.68 -24.63 -8.51
N ALA G 199 64.41 -25.80 -7.94
CA ALA G 199 65.27 -26.96 -8.16
C ALA G 199 64.85 -27.79 -9.37
N ALA G 200 63.56 -27.81 -9.71
CA ALA G 200 63.07 -28.63 -10.80
C ALA G 200 62.91 -27.87 -12.11
N LEU G 201 62.73 -26.55 -12.06
CA LEU G 201 62.53 -25.76 -13.26
C LEU G 201 63.68 -24.77 -13.45
N PRO G 202 64.02 -24.43 -14.69
CA PRO G 202 65.15 -23.53 -14.93
C PRO G 202 64.79 -22.05 -14.76
N LEU G 203 64.85 -21.56 -13.53
CA LEU G 203 64.64 -20.14 -13.26
C LEU G 203 65.93 -19.41 -12.92
N GLY G 204 67.09 -20.04 -13.17
CA GLY G 204 68.37 -19.41 -12.89
C GLY G 204 68.85 -19.56 -11.45
N ARG G 205 68.11 -20.26 -10.60
CA ARG G 205 68.48 -20.47 -9.21
C ARG G 205 68.52 -21.96 -8.88
N THR G 206 69.06 -22.75 -9.80
CA THR G 206 69.14 -24.20 -9.61
C THR G 206 70.45 -24.55 -8.93
N PRO G 207 70.45 -25.07 -7.70
CA PRO G 207 71.67 -25.46 -6.99
C PRO G 207 72.37 -26.65 -7.64
N ALA H 2 77.66 -0.32 -26.09
CA ALA H 2 77.21 -1.48 -26.85
C ALA H 2 76.63 -1.07 -28.21
N ASP H 3 76.70 -1.98 -29.17
CA ASP H 3 76.19 -1.70 -30.51
C ASP H 3 74.66 -1.69 -30.50
N ALA H 4 74.09 -1.19 -31.60
CA ALA H 4 72.65 -1.16 -31.76
C ALA H 4 72.13 -2.56 -32.09
N LEU H 5 70.81 -2.71 -32.00
CA LEU H 5 70.17 -4.00 -32.21
C LEU H 5 69.02 -3.87 -33.21
N GLY H 6 68.95 -4.80 -34.15
CA GLY H 6 67.88 -4.84 -35.12
C GLY H 6 67.33 -6.23 -35.31
N MET H 7 66.00 -6.38 -35.29
CA MET H 7 65.36 -7.68 -35.36
C MET H 7 64.15 -7.62 -36.28
N ILE H 8 63.97 -8.68 -37.07
CA ILE H 8 62.80 -8.84 -37.93
C ILE H 8 62.33 -10.28 -37.80
N GLU H 9 61.09 -10.47 -37.36
CA GLU H 9 60.52 -11.79 -37.14
C GLU H 9 59.49 -12.08 -38.23
N VAL H 10 59.58 -13.28 -38.80
CA VAL H 10 58.70 -13.70 -39.90
C VAL H 10 58.30 -15.15 -39.66
N ARG H 11 57.00 -15.44 -39.81
CA ARG H 11 56.51 -16.82 -39.78
C ARG H 11 56.75 -17.44 -41.16
N GLY H 12 58.03 -17.72 -41.42
CA GLY H 12 58.45 -18.25 -42.70
C GLY H 12 59.95 -18.07 -42.92
N PHE H 13 60.64 -19.17 -43.18
CA PHE H 13 62.10 -19.11 -43.31
C PHE H 13 62.52 -18.33 -44.54
N VAL H 14 61.69 -18.31 -45.59
CA VAL H 14 62.05 -17.58 -46.80
C VAL H 14 61.94 -16.08 -46.58
N GLY H 15 60.90 -15.64 -45.88
CA GLY H 15 60.75 -14.22 -45.62
C GLY H 15 61.84 -13.65 -44.74
N MET H 16 62.43 -14.47 -43.87
CA MET H 16 63.50 -13.99 -43.00
C MET H 16 64.80 -13.82 -43.78
N VAL H 17 65.08 -14.72 -44.71
CA VAL H 17 66.32 -14.63 -45.48
C VAL H 17 66.29 -13.41 -46.39
N GLU H 18 65.16 -13.15 -47.04
CA GLU H 18 65.04 -11.96 -47.86
C GLU H 18 65.14 -10.69 -47.02
N ALA H 19 64.60 -10.71 -45.81
CA ALA H 19 64.74 -9.57 -44.91
C ALA H 19 66.18 -9.40 -44.47
N ALA H 20 66.89 -10.50 -44.22
CA ALA H 20 68.28 -10.42 -43.79
C ALA H 20 69.18 -9.95 -44.93
N ASP H 21 68.91 -10.41 -46.16
CA ASP H 21 69.71 -9.99 -47.30
C ASP H 21 69.53 -8.52 -47.61
N ALA H 22 68.34 -7.98 -47.38
CA ALA H 22 68.10 -6.57 -47.65
C ALA H 22 68.75 -5.68 -46.60
N MET H 23 68.89 -6.17 -45.37
CA MET H 23 69.47 -5.35 -44.31
C MET H 23 70.98 -5.19 -44.48
N VAL H 24 71.68 -6.27 -44.82
CA VAL H 24 73.12 -6.20 -45.00
C VAL H 24 73.49 -5.43 -46.27
N LYS H 25 72.55 -5.28 -47.19
CA LYS H 25 72.78 -4.49 -48.40
C LYS H 25 72.36 -3.04 -48.26
N ALA H 26 71.44 -2.74 -47.33
CA ALA H 26 70.94 -1.38 -47.18
C ALA H 26 71.93 -0.49 -46.45
N ALA H 27 72.44 -0.95 -45.30
CA ALA H 27 73.36 -0.17 -44.48
C ALA H 27 74.51 -1.07 -44.04
N LYS H 28 75.44 -0.48 -43.29
CA LYS H 28 76.62 -1.21 -42.81
C LYS H 28 76.27 -1.85 -41.46
N VAL H 29 75.59 -2.99 -41.53
CA VAL H 29 75.22 -3.76 -40.36
C VAL H 29 75.69 -5.20 -40.57
N GLU H 30 75.92 -5.90 -39.46
CA GLU H 30 76.38 -7.28 -39.49
C GLU H 30 75.26 -8.21 -39.05
N LEU H 31 75.02 -9.24 -39.84
CA LEU H 31 74.02 -10.26 -39.51
C LEU H 31 74.68 -11.29 -38.60
N ILE H 32 74.32 -11.26 -37.31
CA ILE H 32 74.95 -12.18 -36.35
C ILE H 32 74.39 -13.59 -36.45
N GLY H 33 73.22 -13.78 -37.02
CA GLY H 33 72.62 -15.08 -37.14
C GLY H 33 71.12 -14.99 -37.12
N TYR H 34 70.47 -16.11 -36.81
CA TYR H 34 69.03 -16.20 -36.78
C TYR H 34 68.60 -17.07 -35.60
N GLU H 35 67.41 -16.78 -35.07
CA GLU H 35 66.87 -17.48 -33.92
C GLU H 35 65.56 -18.16 -34.30
N LYS H 36 65.46 -19.44 -34.01
CA LYS H 36 64.26 -20.23 -34.31
C LYS H 36 63.48 -20.45 -33.02
N THR H 37 62.25 -19.98 -32.99
CA THR H 37 61.40 -20.11 -31.82
C THR H 37 60.31 -21.16 -31.97
N GLY H 38 60.30 -21.89 -33.09
CA GLY H 38 59.31 -22.92 -33.32
C GLY H 38 58.04 -22.39 -33.93
N GLY H 39 57.20 -23.32 -34.41
CA GLY H 39 55.96 -22.96 -35.04
C GLY H 39 56.10 -22.21 -36.34
N GLY H 40 57.23 -22.41 -37.05
CA GLY H 40 57.51 -21.67 -38.25
C GLY H 40 58.02 -20.27 -38.05
N TYR H 41 58.19 -19.84 -36.79
CA TYR H 41 58.66 -18.49 -36.49
C TYR H 41 60.18 -18.46 -36.47
N VAL H 42 60.76 -17.51 -37.20
CA VAL H 42 62.19 -17.28 -37.21
C VAL H 42 62.44 -15.79 -37.06
N THR H 43 63.63 -15.45 -36.54
CA THR H 43 63.97 -14.08 -36.23
C THR H 43 65.40 -13.80 -36.68
N ALA H 44 65.55 -12.83 -37.59
CA ALA H 44 66.87 -12.37 -38.01
C ALA H 44 67.34 -11.26 -37.09
N VAL H 45 68.62 -11.30 -36.74
CA VAL H 45 69.21 -10.35 -35.79
C VAL H 45 70.42 -9.70 -36.45
N VAL H 46 70.38 -8.38 -36.62
CA VAL H 46 71.51 -7.62 -37.13
C VAL H 46 71.91 -6.60 -36.08
N ARG H 47 73.16 -6.14 -36.18
CA ARG H 47 73.70 -5.19 -35.21
C ARG H 47 74.64 -4.22 -35.91
N GLY H 48 74.72 -3.02 -35.35
CA GLY H 48 75.58 -1.98 -35.89
C GLY H 48 75.40 -0.66 -35.16
N ASP H 49 75.32 0.43 -35.91
CA ASP H 49 75.06 1.73 -35.33
C ASP H 49 73.56 2.04 -35.35
N VAL H 50 73.15 2.94 -34.45
CA VAL H 50 71.73 3.27 -34.33
C VAL H 50 71.19 3.82 -35.65
N ALA H 51 72.01 4.58 -36.37
CA ALA H 51 71.56 5.14 -37.65
C ALA H 51 71.50 4.05 -38.73
N ALA H 52 72.50 3.16 -38.75
CA ALA H 52 72.53 2.14 -39.79
C ALA H 52 71.49 1.06 -39.53
N VAL H 53 71.25 0.71 -38.26
CA VAL H 53 70.25 -0.30 -37.95
C VAL H 53 68.85 0.21 -38.26
N LYS H 54 68.59 1.49 -37.99
CA LYS H 54 67.30 2.07 -38.32
C LYS H 54 67.02 2.00 -39.81
N ALA H 55 68.03 2.29 -40.64
CA ALA H 55 67.82 2.30 -42.09
C ALA H 55 67.70 0.88 -42.63
N ALA H 56 68.54 -0.04 -42.15
CA ALA H 56 68.48 -1.41 -42.63
C ALA H 56 67.19 -2.10 -42.22
N THR H 57 66.70 -1.81 -41.01
CA THR H 57 65.45 -2.41 -40.54
C THR H 57 64.29 -2.03 -41.45
N GLU H 58 64.24 -0.76 -41.88
CA GLU H 58 63.16 -0.31 -42.75
C GLU H 58 63.22 -1.03 -44.09
N ALA H 59 64.41 -1.13 -44.68
CA ALA H 59 64.54 -1.79 -45.97
C ALA H 59 64.33 -3.30 -45.85
N GLY H 60 64.66 -3.88 -44.70
CA GLY H 60 64.43 -5.30 -44.50
C GLY H 60 62.95 -5.63 -44.37
N GLN H 61 62.20 -4.79 -43.65
CA GLN H 61 60.77 -5.01 -43.51
C GLN H 61 60.04 -4.79 -44.83
N ARG H 62 60.43 -3.74 -45.57
CA ARG H 62 59.76 -3.44 -46.83
C ARG H 62 59.99 -4.54 -47.86
N ALA H 63 61.14 -5.22 -47.79
CA ALA H 63 61.41 -6.29 -48.74
C ALA H 63 60.82 -7.62 -48.26
N ALA H 64 60.65 -7.79 -46.94
CA ALA H 64 60.06 -9.01 -46.40
C ALA H 64 58.55 -9.06 -46.56
N GLU H 65 57.89 -7.90 -46.66
CA GLU H 65 56.44 -7.88 -46.87
C GLU H 65 56.04 -8.37 -48.26
N ARG H 66 57.00 -8.62 -49.14
CA ARG H 66 56.73 -9.11 -50.49
C ARG H 66 56.76 -10.62 -50.60
N VAL H 67 57.04 -11.34 -49.51
CA VAL H 67 57.24 -12.78 -49.60
C VAL H 67 56.53 -13.52 -48.47
N GLY H 68 56.72 -13.07 -47.22
CA GLY H 68 56.21 -13.79 -46.07
C GLY H 68 55.47 -12.88 -45.11
N GLU H 69 54.91 -13.51 -44.08
CA GLU H 69 54.18 -12.81 -43.03
C GLU H 69 55.15 -12.21 -42.04
N VAL H 70 55.23 -10.89 -41.99
CA VAL H 70 56.11 -10.19 -41.05
C VAL H 70 55.39 -10.10 -39.70
N VAL H 71 55.95 -10.77 -38.69
CA VAL H 71 55.32 -10.80 -37.38
C VAL H 71 55.62 -9.52 -36.60
N ALA H 72 56.89 -9.29 -36.29
CA ALA H 72 57.30 -8.13 -35.51
C ALA H 72 58.57 -7.55 -36.07
N VAL H 73 58.73 -6.24 -35.90
CA VAL H 73 59.90 -5.50 -36.36
C VAL H 73 60.19 -4.40 -35.33
N HIS H 74 61.40 -4.41 -34.78
CA HIS H 74 61.75 -3.48 -33.71
C HIS H 74 63.24 -3.21 -33.73
N VAL H 75 63.62 -2.05 -33.18
CA VAL H 75 65.02 -1.63 -33.10
C VAL H 75 65.30 -1.18 -31.68
N ILE H 76 66.40 -1.66 -31.11
CA ILE H 76 66.85 -1.28 -29.78
C ILE H 76 68.16 -0.51 -29.93
N PRO H 77 68.20 0.79 -29.61
CA PRO H 77 69.43 1.57 -29.83
C PRO H 77 70.57 1.15 -28.91
N ARG H 78 70.35 1.22 -27.60
CA ARG H 78 71.37 0.90 -26.61
C ARG H 78 70.86 -0.24 -25.72
N PRO H 79 71.11 -1.49 -26.12
CA PRO H 79 70.71 -2.61 -25.27
C PRO H 79 71.49 -2.62 -23.97
N HIS H 80 70.80 -2.97 -22.88
CA HIS H 80 71.45 -3.06 -21.58
C HIS H 80 72.51 -4.15 -21.59
N VAL H 81 73.52 -3.99 -20.73
CA VAL H 81 74.63 -4.93 -20.69
C VAL H 81 74.15 -6.33 -20.30
N ASN H 82 73.11 -6.40 -19.47
CA ASN H 82 72.61 -7.70 -19.03
C ASN H 82 71.90 -8.46 -20.14
N VAL H 83 71.41 -7.76 -21.17
CA VAL H 83 70.67 -8.43 -22.24
C VAL H 83 71.63 -9.18 -23.17
N ASP H 84 72.73 -8.52 -23.57
CA ASP H 84 73.67 -9.15 -24.48
C ASP H 84 74.37 -10.35 -23.86
N ALA H 85 74.36 -10.46 -22.53
CA ALA H 85 75.01 -11.58 -21.86
C ALA H 85 74.10 -12.77 -21.66
N ALA H 86 72.77 -12.56 -21.67
CA ALA H 86 71.81 -13.63 -21.45
C ALA H 86 71.09 -14.08 -22.70
N LEU H 87 71.16 -13.31 -23.79
CA LEU H 87 70.48 -13.67 -25.03
C LEU H 87 71.48 -13.84 -26.16
N PRO H 88 71.25 -14.79 -27.07
CA PRO H 88 72.15 -14.99 -28.22
C PRO H 88 71.96 -13.90 -29.28
N LEU H 89 72.47 -12.71 -28.98
CA LEU H 89 72.32 -11.55 -29.85
C LEU H 89 73.63 -11.14 -30.51
N GLY H 90 74.58 -12.06 -30.63
CA GLY H 90 75.82 -11.81 -31.32
C GLY H 90 76.88 -11.11 -30.50
N ARG H 91 76.48 -10.23 -29.58
CA ARG H 91 77.44 -9.51 -28.74
C ARG H 91 77.57 -10.15 -27.36
N THR H 92 77.73 -11.47 -27.34
CA THR H 92 78.03 -12.16 -26.10
C THR H 92 79.44 -11.76 -25.63
N PRO H 93 79.62 -11.45 -24.35
CA PRO H 93 80.95 -11.01 -23.89
C PRO H 93 82.04 -12.06 -24.06
N GLY H 94 81.69 -13.33 -24.23
CA GLY H 94 82.67 -14.37 -24.44
C GLY H 94 82.25 -15.40 -25.47
N ALA H 116 79.78 -15.20 -55.87
CA ALA H 116 78.79 -15.94 -55.10
C ALA H 116 77.72 -16.54 -56.00
N ASP H 117 77.12 -17.63 -55.54
CA ASP H 117 76.08 -18.32 -56.29
C ASP H 117 74.70 -17.78 -55.93
N ALA H 118 73.75 -18.00 -56.83
CA ALA H 118 72.38 -17.55 -56.61
C ALA H 118 71.68 -18.44 -55.59
N LEU H 119 70.57 -17.94 -55.07
CA LEU H 119 69.82 -18.60 -54.01
C LEU H 119 68.38 -18.83 -54.46
N GLY H 120 67.87 -20.04 -54.22
CA GLY H 120 66.50 -20.37 -54.53
C GLY H 120 65.85 -21.16 -53.42
N MET H 121 64.69 -20.70 -52.93
CA MET H 121 64.06 -21.28 -51.76
C MET H 121 62.57 -21.45 -52.01
N ILE H 122 62.00 -22.54 -51.51
CA ILE H 122 60.57 -22.82 -51.58
C ILE H 122 60.14 -23.36 -50.22
N GLU H 123 59.20 -22.69 -49.57
CA GLU H 123 58.70 -23.08 -48.26
C GLU H 123 57.27 -23.60 -48.40
N VAL H 124 57.01 -24.76 -47.79
CA VAL H 124 55.72 -25.43 -47.87
C VAL H 124 55.36 -25.95 -46.48
N ARG H 125 54.13 -25.71 -46.04
CA ARG H 125 53.62 -26.31 -44.82
C ARG H 125 53.21 -27.77 -45.07
N GLY H 126 54.21 -28.56 -45.45
CA GLY H 126 54.01 -29.94 -45.80
C GLY H 126 55.26 -30.58 -46.38
N PHE H 127 55.72 -31.68 -45.78
CA PHE H 127 56.94 -32.32 -46.24
C PHE H 127 56.78 -32.91 -47.64
N VAL H 128 55.58 -33.35 -47.98
CA VAL H 128 55.37 -33.95 -49.30
C VAL H 128 55.47 -32.89 -50.39
N GLY H 129 54.85 -31.73 -50.18
CA GLY H 129 54.93 -30.66 -51.17
C GLY H 129 56.33 -30.12 -51.33
N MET H 130 57.14 -30.17 -50.28
CA MET H 130 58.52 -29.69 -50.37
C MET H 130 59.41 -30.65 -51.14
N VAL H 131 59.21 -31.96 -50.94
CA VAL H 131 60.01 -32.95 -51.66
C VAL H 131 59.70 -32.89 -53.15
N GLU H 132 58.42 -32.76 -53.51
CA GLU H 132 58.06 -32.60 -54.92
C GLU H 132 58.62 -31.31 -55.49
N ALA H 133 58.62 -30.24 -54.69
CA ALA H 133 59.22 -28.98 -55.13
C ALA H 133 60.72 -29.14 -55.32
N ALA H 134 61.40 -29.82 -54.40
CA ALA H 134 62.83 -30.05 -54.54
C ALA H 134 63.13 -31.01 -55.69
N ASP H 135 62.24 -31.97 -55.95
CA ASP H 135 62.46 -32.90 -57.05
C ASP H 135 62.29 -32.20 -58.39
N ALA H 136 61.28 -31.35 -58.53
CA ALA H 136 61.06 -30.64 -59.77
C ALA H 136 62.11 -29.57 -60.03
N MET H 137 62.76 -29.06 -58.98
CA MET H 137 63.77 -28.03 -59.15
C MET H 137 65.07 -28.62 -59.71
N VAL H 138 65.54 -29.71 -59.11
CA VAL H 138 66.78 -30.33 -59.57
C VAL H 138 66.61 -30.98 -60.95
N LYS H 139 65.37 -31.22 -61.36
CA LYS H 139 65.11 -31.74 -62.70
C LYS H 139 64.92 -30.66 -63.74
N ALA H 140 64.51 -29.44 -63.32
CA ALA H 140 64.24 -28.39 -64.29
C ALA H 140 65.53 -27.81 -64.84
N ALA H 141 66.46 -27.41 -63.97
CA ALA H 141 67.70 -26.80 -64.41
C ALA H 141 68.90 -27.44 -63.72
N LYS H 142 70.07 -26.82 -63.86
CA LYS H 142 71.31 -27.34 -63.28
C LYS H 142 71.54 -26.64 -61.95
N VAL H 143 70.86 -27.14 -60.92
CA VAL H 143 70.97 -26.59 -59.56
C VAL H 143 71.38 -27.71 -58.61
N GLU H 144 71.82 -27.29 -57.42
CA GLU H 144 72.25 -28.22 -56.38
C GLU H 144 71.37 -28.02 -55.15
N LEU H 145 70.73 -29.09 -54.69
CA LEU H 145 69.90 -29.05 -53.49
C LEU H 145 70.79 -29.24 -52.27
N ILE H 146 71.00 -28.15 -51.52
CA ILE H 146 71.90 -28.21 -50.36
C ILE H 146 71.27 -28.92 -49.17
N GLY H 147 69.95 -29.01 -49.11
CA GLY H 147 69.26 -29.62 -48.01
C GLY H 147 67.95 -28.91 -47.74
N TYR H 148 67.40 -29.14 -46.55
CA TYR H 148 66.12 -28.58 -46.17
C TYR H 148 66.19 -28.06 -44.74
N GLU H 149 65.49 -26.96 -44.48
CA GLU H 149 65.46 -26.32 -43.18
C GLU H 149 64.09 -26.52 -42.54
N LYS H 150 64.08 -26.96 -41.29
CA LYS H 150 62.84 -27.24 -40.56
C LYS H 150 62.68 -26.16 -39.49
N THR H 151 61.70 -25.29 -39.67
CA THR H 151 61.44 -24.20 -38.74
C THR H 151 60.31 -24.49 -37.78
N GLY H 152 59.80 -25.72 -37.76
CA GLY H 152 58.74 -26.10 -36.85
C GLY H 152 57.36 -25.72 -37.36
N GLY H 153 56.35 -26.24 -36.66
CA GLY H 153 54.97 -25.98 -37.03
C GLY H 153 54.58 -26.53 -38.39
N GLY H 154 55.28 -27.55 -38.88
CA GLY H 154 55.03 -28.10 -40.18
C GLY H 154 55.66 -27.35 -41.33
N TYR H 155 56.46 -26.32 -41.06
CA TYR H 155 57.08 -25.51 -42.10
C TYR H 155 58.45 -26.07 -42.45
N VAL H 156 58.66 -26.36 -43.74
CA VAL H 156 59.94 -26.83 -44.25
C VAL H 156 60.28 -26.01 -45.48
N THR H 157 61.58 -25.88 -45.75
CA THR H 157 62.07 -25.04 -46.84
C THR H 157 63.15 -25.77 -47.61
N ALA H 158 62.94 -25.95 -48.90
CA ALA H 158 63.94 -26.52 -49.80
C ALA H 158 64.81 -25.40 -50.34
N VAL H 159 66.12 -25.57 -50.26
CA VAL H 159 67.08 -24.54 -50.66
C VAL H 159 67.96 -25.11 -51.77
N VAL H 160 68.01 -24.41 -52.91
CA VAL H 160 68.86 -24.78 -54.03
C VAL H 160 69.81 -23.63 -54.32
N ARG H 161 70.97 -23.97 -54.87
CA ARG H 161 72.00 -23.00 -55.21
C ARG H 161 72.48 -23.23 -56.63
N GLY H 162 73.07 -22.20 -57.21
CA GLY H 162 73.58 -22.29 -58.56
C GLY H 162 73.68 -20.90 -59.18
N ASP H 163 73.65 -20.87 -60.50
CA ASP H 163 73.69 -19.60 -61.23
C ASP H 163 72.29 -19.01 -61.32
N VAL H 164 72.25 -17.70 -61.60
CA VAL H 164 70.98 -16.98 -61.65
C VAL H 164 70.07 -17.54 -62.74
N ALA H 165 70.65 -18.04 -63.83
CA ALA H 165 69.83 -18.60 -64.91
C ALA H 165 69.17 -19.91 -64.49
N ALA H 166 69.92 -20.78 -63.83
CA ALA H 166 69.37 -22.08 -63.42
C ALA H 166 68.44 -21.95 -62.23
N VAL H 167 68.75 -21.06 -61.28
CA VAL H 167 67.94 -20.93 -60.08
C VAL H 167 66.60 -20.28 -60.40
N LYS H 168 66.60 -19.22 -61.22
CA LYS H 168 65.36 -18.53 -61.53
C LYS H 168 64.41 -19.40 -62.34
N ALA H 169 64.93 -20.31 -63.15
CA ALA H 169 64.10 -21.20 -63.95
C ALA H 169 63.68 -22.46 -63.20
N ALA H 170 64.42 -22.86 -62.17
CA ALA H 170 64.06 -24.06 -61.41
C ALA H 170 62.96 -23.78 -60.40
N THR H 171 62.98 -22.60 -59.78
CA THR H 171 61.99 -22.29 -58.76
C THR H 171 60.60 -22.13 -59.36
N GLU H 172 60.49 -21.56 -60.56
CA GLU H 172 59.19 -21.40 -61.19
C GLU H 172 58.62 -22.75 -61.61
N ALA H 173 59.49 -23.74 -61.85
CA ALA H 173 59.05 -25.11 -62.14
C ALA H 173 58.76 -25.91 -60.88
N GLY H 174 59.51 -25.66 -59.81
CA GLY H 174 59.22 -26.34 -58.55
C GLY H 174 57.98 -25.80 -57.87
N GLN H 175 57.75 -24.48 -57.97
CA GLN H 175 56.54 -23.90 -57.42
C GLN H 175 55.30 -24.38 -58.18
N ARG H 176 55.38 -24.44 -59.51
CA ARG H 176 54.25 -24.90 -60.30
C ARG H 176 53.91 -26.35 -60.01
N ALA H 177 54.90 -27.16 -59.65
CA ALA H 177 54.67 -28.56 -59.33
C ALA H 177 54.28 -28.78 -57.88
N ALA H 178 54.67 -27.87 -56.98
CA ALA H 178 54.34 -28.04 -55.56
C ALA H 178 52.94 -27.56 -55.23
N GLU H 179 52.39 -26.63 -56.02
CA GLU H 179 51.04 -26.14 -55.77
C GLU H 179 49.99 -27.23 -55.99
N ARG H 180 50.29 -28.19 -56.87
CA ARG H 180 49.39 -29.31 -57.12
C ARG H 180 49.52 -30.41 -56.08
N VAL H 181 50.32 -30.20 -55.03
CA VAL H 181 50.58 -31.24 -54.04
C VAL H 181 50.18 -30.76 -52.65
N GLY H 182 50.89 -29.77 -52.13
CA GLY H 182 50.70 -29.34 -50.76
C GLY H 182 50.34 -27.88 -50.57
N GLU H 183 50.69 -27.34 -49.40
CA GLU H 183 50.33 -25.98 -49.01
C GLU H 183 51.58 -25.10 -49.13
N VAL H 184 51.73 -24.48 -50.30
CA VAL H 184 52.90 -23.65 -50.57
C VAL H 184 52.80 -22.35 -49.78
N VAL H 185 53.92 -21.94 -49.19
CA VAL H 185 53.94 -20.76 -48.32
C VAL H 185 54.60 -19.60 -49.04
N ALA H 186 55.85 -19.79 -49.48
CA ALA H 186 56.60 -18.70 -50.08
C ALA H 186 57.66 -19.26 -51.03
N VAL H 187 57.92 -18.51 -52.10
CA VAL H 187 58.95 -18.84 -53.09
C VAL H 187 59.66 -17.56 -53.48
N HIS H 188 60.99 -17.57 -53.40
CA HIS H 188 61.77 -16.38 -53.72
C HIS H 188 63.13 -16.80 -54.27
N VAL H 189 63.74 -15.89 -55.03
CA VAL H 189 65.06 -16.09 -55.63
C VAL H 189 65.90 -14.85 -55.36
N ILE H 190 67.10 -15.06 -54.83
CA ILE H 190 68.06 -13.99 -54.61
C ILE H 190 69.20 -14.17 -55.61
N PRO H 191 69.38 -13.26 -56.57
CA PRO H 191 70.41 -13.49 -57.61
C PRO H 191 71.82 -13.45 -57.04
N ARG H 192 72.16 -12.41 -56.28
CA ARG H 192 73.49 -12.27 -55.67
C ARG H 192 73.32 -11.99 -54.19
N PRO H 193 73.28 -13.04 -53.36
CA PRO H 193 73.22 -12.83 -51.91
C PRO H 193 74.53 -12.27 -51.39
N HIS H 194 74.41 -11.43 -50.37
CA HIS H 194 75.58 -10.80 -49.77
C HIS H 194 76.46 -11.86 -49.10
N VAL H 195 77.75 -11.54 -49.00
CA VAL H 195 78.69 -12.48 -48.40
C VAL H 195 78.37 -12.70 -46.93
N ASN H 196 77.82 -11.70 -46.25
CA ASN H 196 77.46 -11.85 -44.84
C ASN H 196 76.29 -12.81 -44.66
N VAL H 197 75.44 -12.96 -45.69
CA VAL H 197 74.29 -13.85 -45.59
C VAL H 197 74.74 -15.31 -45.64
N ASP H 198 75.60 -15.64 -46.61
CA ASP H 198 76.05 -17.01 -46.77
C ASP H 198 76.90 -17.49 -45.61
N ALA H 199 77.40 -16.57 -44.78
CA ALA H 199 78.26 -16.93 -43.66
C ALA H 199 77.47 -17.24 -42.39
N ALA H 200 76.49 -16.39 -42.06
CA ALA H 200 75.72 -16.54 -40.84
C ALA H 200 74.50 -17.45 -41.00
N LEU H 201 74.14 -17.82 -42.22
CA LEU H 201 72.97 -18.65 -42.44
C LEU H 201 73.36 -19.96 -43.12
N PRO H 202 72.70 -21.07 -42.78
CA PRO H 202 73.01 -22.36 -43.43
C PRO H 202 72.44 -22.48 -44.84
N LEU H 203 73.13 -21.83 -45.78
CA LEU H 203 72.72 -21.81 -47.18
C LEU H 203 73.68 -22.56 -48.09
N GLY H 204 74.47 -23.48 -47.54
CA GLY H 204 75.35 -24.31 -48.33
C GLY H 204 76.64 -23.69 -48.78
N ARG H 205 76.77 -22.36 -48.70
CA ARG H 205 77.98 -21.66 -49.11
C ARG H 205 78.74 -21.10 -47.92
N THR H 206 78.75 -21.85 -46.81
CA THR H 206 79.45 -21.41 -45.62
C THR H 206 80.94 -21.69 -45.77
N PRO H 207 81.81 -20.66 -45.70
CA PRO H 207 83.27 -20.83 -45.81
C PRO H 207 83.85 -21.72 -44.71
N ALA I 2 67.48 -46.22 -59.27
CA ALA I 2 66.85 -45.78 -58.03
C ALA I 2 65.38 -46.20 -57.98
N ASP I 3 64.88 -46.50 -56.78
CA ASP I 3 63.51 -46.90 -56.60
C ASP I 3 62.57 -45.70 -56.70
N ALA I 4 61.27 -45.98 -56.69
CA ALA I 4 60.27 -44.93 -56.71
C ALA I 4 60.06 -44.38 -55.29
N LEU I 5 59.30 -43.28 -55.21
CA LEU I 5 59.06 -42.59 -53.95
C LEU I 5 57.57 -42.43 -53.73
N GLY I 6 57.13 -42.74 -52.50
CA GLY I 6 55.74 -42.55 -52.12
C GLY I 6 55.62 -41.93 -50.75
N MET I 7 54.81 -40.87 -50.63
CA MET I 7 54.70 -40.12 -49.39
C MET I 7 53.24 -39.86 -49.06
N ILE I 8 52.91 -39.97 -47.76
CA ILE I 8 51.59 -39.65 -47.24
C ILE I 8 51.78 -38.85 -45.97
N GLU I 9 51.29 -37.61 -45.97
CA GLU I 9 51.43 -36.71 -44.84
C GLU I 9 50.10 -36.59 -44.11
N VAL I 10 50.13 -36.76 -42.79
CA VAL I 10 48.93 -36.72 -41.95
C VAL I 10 49.22 -35.90 -40.70
N ARG I 11 48.35 -34.96 -40.39
CA ARG I 11 48.44 -34.21 -39.12
C ARG I 11 47.84 -35.10 -38.02
N GLY I 12 48.63 -36.09 -37.61
CA GLY I 12 48.19 -37.06 -36.63
C GLY I 12 48.96 -38.35 -36.73
N PHE I 13 49.67 -38.71 -35.65
CA PHE I 13 50.51 -39.91 -35.67
C PHE I 13 49.68 -41.17 -35.83
N VAL I 14 48.42 -41.16 -35.39
CA VAL I 14 47.57 -42.34 -35.53
C VAL I 14 47.17 -42.54 -36.98
N GLY I 15 46.81 -41.46 -37.68
CA GLY I 15 46.46 -41.58 -39.08
C GLY I 15 47.66 -41.92 -39.96
N MET I 16 48.86 -41.55 -39.52
CA MET I 16 50.06 -41.86 -40.29
C MET I 16 50.43 -43.34 -40.17
N VAL I 17 50.25 -43.92 -38.98
CA VAL I 17 50.55 -45.34 -38.79
C VAL I 17 49.58 -46.20 -39.58
N GLU I 18 48.29 -45.84 -39.56
CA GLU I 18 47.30 -46.61 -40.32
C GLU I 18 47.57 -46.52 -41.82
N ALA I 19 48.06 -45.36 -42.29
CA ALA I 19 48.38 -45.22 -43.71
C ALA I 19 49.57 -46.08 -44.10
N ALA I 20 50.60 -46.12 -43.25
CA ALA I 20 51.78 -46.92 -43.56
C ALA I 20 51.48 -48.41 -43.48
N ASP I 21 50.54 -48.81 -42.61
CA ASP I 21 50.20 -50.23 -42.50
C ASP I 21 49.48 -50.72 -43.75
N ALA I 22 48.59 -49.90 -44.31
CA ALA I 22 47.86 -50.30 -45.50
C ALA I 22 48.72 -50.28 -46.75
N MET I 23 49.80 -49.50 -46.76
CA MET I 23 50.65 -49.42 -47.95
C MET I 23 51.50 -50.69 -48.11
N VAL I 24 52.12 -51.14 -47.01
CA VAL I 24 52.94 -52.35 -47.07
C VAL I 24 52.08 -53.60 -47.25
N LYS I 25 50.80 -53.53 -46.91
CA LYS I 25 49.91 -54.67 -47.13
C LYS I 25 49.36 -54.68 -48.55
N ALA I 26 49.26 -53.52 -49.19
CA ALA I 26 48.64 -53.44 -50.51
C ALA I 26 49.58 -53.95 -51.60
N ALA I 27 50.86 -53.58 -51.54
CA ALA I 27 51.81 -53.94 -52.58
C ALA I 27 53.18 -54.19 -51.95
N LYS I 28 54.12 -54.62 -52.78
CA LYS I 28 55.49 -54.91 -52.35
C LYS I 28 56.25 -53.59 -52.27
N VAL I 29 56.21 -52.96 -51.10
CA VAL I 29 56.92 -51.72 -50.84
C VAL I 29 57.59 -51.80 -49.48
N GLU I 30 58.67 -51.05 -49.31
CA GLU I 30 59.43 -51.03 -48.07
C GLU I 30 59.22 -49.69 -47.38
N LEU I 31 58.79 -49.73 -46.13
CA LEU I 31 58.62 -48.53 -45.31
C LEU I 31 59.97 -48.15 -44.73
N ILE I 32 60.60 -47.10 -45.29
CA ILE I 32 61.92 -46.68 -44.83
C ILE I 32 61.88 -45.94 -43.50
N GLY I 33 60.71 -45.50 -43.05
CA GLY I 33 60.56 -44.80 -41.80
C GLY I 33 59.56 -43.68 -41.94
N TYR I 34 59.70 -42.68 -41.07
CA TYR I 34 58.81 -41.54 -41.07
C TYR I 34 59.59 -40.29 -40.69
N GLU I 35 59.03 -39.14 -41.05
CA GLU I 35 59.69 -37.85 -40.85
C GLU I 35 58.75 -36.91 -40.11
N LYS I 36 59.25 -36.32 -39.02
CA LYS I 36 58.51 -35.33 -38.24
C LYS I 36 58.89 -33.93 -38.71
N THR I 37 57.89 -33.10 -39.00
CA THR I 37 58.12 -31.72 -39.41
C THR I 37 57.60 -30.71 -38.39
N GLY I 38 57.13 -31.18 -37.24
CA GLY I 38 56.63 -30.30 -36.21
C GLY I 38 55.17 -29.92 -36.40
N GLY I 39 54.57 -29.41 -35.33
CA GLY I 39 53.18 -29.02 -35.37
C GLY I 39 52.21 -30.17 -35.52
N GLY I 40 52.62 -31.39 -35.21
CA GLY I 40 51.79 -32.56 -35.36
C GLY I 40 51.83 -33.20 -36.74
N TYR I 41 52.54 -32.60 -37.69
CA TYR I 41 52.63 -33.15 -39.04
C TYR I 41 53.68 -34.27 -39.08
N VAL I 42 53.30 -35.40 -39.66
CA VAL I 42 54.21 -36.52 -39.87
C VAL I 42 53.97 -37.09 -41.26
N THR I 43 55.02 -37.68 -41.83
CA THR I 43 54.98 -38.18 -43.19
C THR I 43 55.57 -39.59 -43.25
N ALA I 44 54.79 -40.52 -43.80
CA ALA I 44 55.27 -41.88 -44.03
C ALA I 44 55.90 -41.97 -45.41
N VAL I 45 57.06 -42.61 -45.49
CA VAL I 45 57.83 -42.69 -46.73
C VAL I 45 58.02 -44.16 -47.06
N VAL I 46 57.52 -44.58 -48.23
CA VAL I 46 57.71 -45.93 -48.74
C VAL I 46 58.41 -45.83 -50.09
N ARG I 47 59.04 -46.93 -50.48
CA ARG I 47 59.79 -46.98 -51.72
C ARG I 47 59.65 -48.34 -52.39
N GLY I 48 59.77 -48.34 -53.71
CA GLY I 48 59.64 -49.55 -54.51
C GLY I 48 59.62 -49.22 -55.99
N ASP I 49 58.82 -49.95 -56.76
CA ASP I 49 58.63 -49.62 -58.17
C ASP I 49 57.48 -48.65 -58.34
N VAL I 50 57.42 -48.03 -59.53
CA VAL I 50 56.47 -46.94 -59.76
C VAL I 50 55.03 -47.44 -59.64
N ALA I 51 54.76 -48.66 -60.09
CA ALA I 51 53.39 -49.16 -60.10
C ALA I 51 52.93 -49.56 -58.70
N ALA I 52 53.77 -50.31 -57.96
CA ALA I 52 53.39 -50.74 -56.63
C ALA I 52 53.29 -49.58 -55.67
N VAL I 53 54.15 -48.57 -55.82
CA VAL I 53 54.08 -47.39 -54.97
C VAL I 53 52.80 -46.61 -55.25
N LYS I 54 52.44 -46.46 -56.52
CA LYS I 54 51.20 -45.78 -56.87
C LYS I 54 49.99 -46.55 -56.34
N ALA I 55 50.02 -47.87 -56.43
CA ALA I 55 48.89 -48.67 -55.95
C ALA I 55 48.82 -48.67 -54.42
N ALA I 56 49.97 -48.69 -53.76
CA ALA I 56 49.98 -48.66 -52.30
C ALA I 56 49.60 -47.29 -51.77
N THR I 57 50.00 -46.23 -52.48
CA THR I 57 49.67 -44.87 -52.05
C THR I 57 48.16 -44.65 -52.06
N GLU I 58 47.46 -45.17 -53.07
CA GLU I 58 46.01 -45.04 -53.13
C GLU I 58 45.35 -45.78 -51.96
N ALA I 59 45.82 -47.00 -51.67
CA ALA I 59 45.24 -47.76 -50.57
C ALA I 59 45.55 -47.14 -49.22
N GLY I 60 46.70 -46.47 -49.10
CA GLY I 60 47.02 -45.79 -47.85
C GLY I 60 46.19 -44.54 -47.63
N GLN I 61 45.80 -43.88 -48.71
CA GLN I 61 44.98 -42.67 -48.57
C GLN I 61 43.56 -43.01 -48.15
N ARG I 62 42.95 -44.01 -48.78
CA ARG I 62 41.58 -44.40 -48.44
C ARG I 62 41.47 -44.95 -47.03
N ALA I 63 42.56 -45.48 -46.47
CA ALA I 63 42.53 -46.00 -45.10
C ALA I 63 42.88 -44.93 -44.07
N ALA I 64 43.64 -43.90 -44.47
CA ALA I 64 44.00 -42.85 -43.53
C ALA I 64 42.90 -41.80 -43.39
N GLU I 65 42.08 -41.61 -44.44
CA GLU I 65 40.99 -40.65 -44.37
C GLU I 65 39.94 -41.06 -43.34
N ARG I 66 39.89 -42.34 -42.98
CA ARG I 66 38.95 -42.82 -41.96
C ARG I 66 39.39 -42.47 -40.54
N VAL I 67 40.64 -42.06 -40.35
CA VAL I 67 41.21 -41.83 -39.02
C VAL I 67 41.43 -40.34 -38.76
N GLY I 68 42.29 -39.71 -39.55
CA GLY I 68 42.63 -38.32 -39.30
C GLY I 68 42.64 -37.44 -40.54
N GLU I 69 43.31 -36.28 -40.43
CA GLU I 69 43.36 -35.31 -41.51
C GLU I 69 44.54 -35.63 -42.43
N VAL I 70 44.25 -35.88 -43.70
CA VAL I 70 45.28 -36.16 -44.69
C VAL I 70 45.68 -34.85 -45.34
N VAL I 71 46.93 -34.46 -45.18
CA VAL I 71 47.40 -33.17 -45.69
C VAL I 71 47.76 -33.27 -47.17
N ALA I 72 48.75 -34.11 -47.49
CA ALA I 72 49.21 -34.25 -48.87
C ALA I 72 49.49 -35.71 -49.17
N VAL I 73 49.29 -36.08 -50.43
CA VAL I 73 49.52 -37.44 -50.91
C VAL I 73 50.08 -37.34 -52.33
N HIS I 74 51.27 -37.90 -52.55
CA HIS I 74 51.93 -37.76 -53.84
C HIS I 74 52.98 -38.84 -53.97
N VAL I 75 53.31 -39.17 -55.23
CA VAL I 75 54.34 -40.14 -55.56
C VAL I 75 55.28 -39.53 -56.57
N ILE I 76 56.54 -39.94 -56.50
CA ILE I 76 57.56 -39.52 -57.47
C ILE I 76 58.07 -40.77 -58.18
N PRO I 77 57.85 -40.90 -59.50
CA PRO I 77 58.23 -42.15 -60.18
C PRO I 77 59.73 -42.41 -60.19
N ARG I 78 60.52 -41.45 -60.68
CA ARG I 78 61.96 -41.58 -60.75
C ARG I 78 62.58 -40.37 -60.07
N PRO I 79 62.80 -40.43 -58.75
CA PRO I 79 63.40 -39.29 -58.05
C PRO I 79 64.86 -39.09 -58.44
N HIS I 80 65.26 -37.82 -58.50
CA HIS I 80 66.62 -37.48 -58.89
C HIS I 80 67.61 -37.96 -57.83
N VAL I 81 68.86 -38.16 -58.27
CA VAL I 81 69.90 -38.61 -57.35
C VAL I 81 70.19 -37.54 -56.30
N ASN I 82 70.03 -36.26 -56.65
CA ASN I 82 70.27 -35.19 -55.69
C ASN I 82 69.25 -35.22 -54.56
N VAL I 83 68.04 -35.70 -54.83
CA VAL I 83 67.00 -35.73 -53.79
C VAL I 83 67.33 -36.81 -52.76
N ASP I 84 67.76 -37.99 -53.21
CA ASP I 84 68.08 -39.08 -52.30
C ASP I 84 69.31 -38.81 -51.45
N ALA I 85 70.19 -37.91 -51.89
CA ALA I 85 71.41 -37.58 -51.16
C ALA I 85 71.20 -36.56 -50.06
N ALA I 86 70.31 -35.58 -50.26
CA ALA I 86 70.12 -34.52 -49.28
C ALA I 86 68.93 -34.75 -48.36
N LEU I 87 68.02 -35.65 -48.71
CA LEU I 87 66.84 -35.87 -47.90
C LEU I 87 66.83 -37.28 -47.32
N PRO I 88 66.38 -37.45 -46.07
CA PRO I 88 66.29 -38.80 -45.47
C PRO I 88 65.11 -39.59 -46.01
N LEU I 89 65.29 -40.13 -47.22
CA LEU I 89 64.24 -40.86 -47.91
C LEU I 89 64.54 -42.36 -48.04
N GLY I 90 65.46 -42.88 -47.22
CA GLY I 90 65.75 -44.29 -47.18
C GLY I 90 66.87 -44.74 -48.11
N ARG I 91 67.04 -44.09 -49.26
CA ARG I 91 68.08 -44.48 -50.19
C ARG I 91 69.22 -43.47 -50.17
N THR I 92 69.82 -43.25 -49.00
CA THR I 92 70.91 -42.31 -48.85
C THR I 92 72.21 -43.07 -48.72
N PRO I 93 73.16 -42.94 -49.67
CA PRO I 93 74.44 -43.65 -49.62
C PRO I 93 75.34 -43.16 -48.48
N ALA I 116 53.24 -61.28 -34.19
CA ALA I 116 53.02 -59.86 -33.95
C ALA I 116 51.72 -59.65 -33.16
N ASP I 117 51.78 -58.76 -32.18
CA ASP I 117 50.64 -58.45 -31.34
C ASP I 117 49.79 -57.33 -31.96
N ALA I 118 48.62 -57.12 -31.39
CA ALA I 118 47.73 -56.07 -31.87
C ALA I 118 48.26 -54.69 -31.47
N LEU I 119 47.74 -53.67 -32.13
CA LEU I 119 48.20 -52.29 -31.95
C LEU I 119 47.03 -51.41 -31.55
N GLY I 120 47.24 -50.62 -30.50
CA GLY I 120 46.23 -49.67 -30.04
C GLY I 120 46.80 -48.30 -29.81
N MET I 121 46.17 -47.26 -30.36
CA MET I 121 46.71 -45.92 -30.34
C MET I 121 45.63 -44.91 -29.97
N ILE I 122 46.00 -43.91 -29.18
CA ILE I 122 45.12 -42.80 -28.82
C ILE I 122 45.94 -41.52 -28.88
N GLU I 123 45.49 -40.56 -29.69
CA GLU I 123 46.18 -39.29 -29.87
C GLU I 123 45.36 -38.17 -29.25
N VAL I 124 46.00 -37.34 -28.43
CA VAL I 124 45.35 -36.26 -27.71
C VAL I 124 46.21 -35.01 -27.82
N ARG I 125 45.58 -33.88 -28.13
CA ARG I 125 46.27 -32.58 -28.09
C ARG I 125 46.29 -32.09 -26.64
N GLY I 126 47.07 -32.81 -25.83
CA GLY I 126 47.16 -32.52 -24.42
C GLY I 126 47.82 -33.65 -23.65
N PHE I 127 48.94 -33.36 -22.99
CA PHE I 127 49.69 -34.40 -22.30
C PHE I 127 48.89 -34.98 -21.14
N VAL I 128 48.03 -34.18 -20.50
CA VAL I 128 47.24 -34.68 -19.38
C VAL I 128 46.21 -35.70 -19.86
N GLY I 129 45.52 -35.40 -20.96
CA GLY I 129 44.54 -36.33 -21.49
C GLY I 129 45.16 -37.61 -22.00
N MET I 130 46.41 -37.54 -22.47
CA MET I 130 47.07 -38.75 -22.96
C MET I 130 47.46 -39.68 -21.81
N VAL I 131 47.85 -39.11 -20.67
CA VAL I 131 48.19 -39.94 -19.51
C VAL I 131 46.95 -40.61 -18.94
N GLU I 132 45.84 -39.87 -18.86
CA GLU I 132 44.59 -40.46 -18.39
C GLU I 132 44.10 -41.55 -19.32
N ALA I 133 44.32 -41.39 -20.63
CA ALA I 133 43.94 -42.43 -21.58
C ALA I 133 44.76 -43.69 -21.36
N ALA I 134 46.07 -43.54 -21.17
CA ALA I 134 46.93 -44.70 -20.97
C ALA I 134 46.66 -45.39 -19.64
N ASP I 135 46.24 -44.63 -18.62
CA ASP I 135 45.96 -45.23 -17.32
C ASP I 135 44.72 -46.10 -17.37
N ALA I 136 43.67 -45.64 -18.05
CA ALA I 136 42.43 -46.42 -18.13
C ALA I 136 42.56 -47.60 -19.10
N MET I 137 43.53 -47.57 -20.01
CA MET I 137 43.68 -48.66 -20.97
C MET I 137 44.29 -49.89 -20.30
N VAL I 138 45.42 -49.71 -19.61
CA VAL I 138 46.07 -50.85 -18.96
C VAL I 138 45.25 -51.40 -17.81
N LYS I 139 44.31 -50.60 -17.27
CA LYS I 139 43.45 -51.12 -16.22
C LYS I 139 42.24 -51.84 -16.78
N ALA I 140 41.83 -51.52 -18.01
CA ALA I 140 40.62 -52.10 -18.57
C ALA I 140 40.85 -53.55 -18.99
N ALA I 141 41.97 -53.83 -19.65
CA ALA I 141 42.25 -55.17 -20.14
C ALA I 141 43.74 -55.46 -19.96
N LYS I 142 44.14 -56.66 -20.37
CA LYS I 142 45.53 -57.10 -20.23
C LYS I 142 46.32 -56.63 -21.46
N VAL I 143 46.67 -55.35 -21.45
CA VAL I 143 47.46 -54.75 -22.50
C VAL I 143 48.73 -54.17 -21.90
N GLU I 144 49.71 -53.91 -22.76
CA GLU I 144 51.01 -53.41 -22.35
C GLU I 144 51.24 -52.03 -22.97
N LEU I 145 51.51 -51.04 -22.12
CA LEU I 145 51.81 -49.70 -22.58
C LEU I 145 53.29 -49.62 -22.93
N ILE I 146 53.60 -49.45 -24.22
CA ILE I 146 54.99 -49.43 -24.66
C ILE I 146 55.64 -48.06 -24.51
N GLY I 147 54.85 -47.01 -24.42
CA GLY I 147 55.38 -45.67 -24.31
C GLY I 147 54.47 -44.67 -25.00
N TYR I 148 55.02 -43.50 -25.29
CA TYR I 148 54.26 -42.42 -25.91
C TYR I 148 55.11 -41.79 -27.01
N GLU I 149 54.42 -41.11 -27.93
CA GLU I 149 55.05 -40.50 -29.09
C GLU I 149 54.68 -39.02 -29.15
N LYS I 150 55.69 -38.16 -29.20
CA LYS I 150 55.50 -36.72 -29.28
C LYS I 150 55.71 -36.26 -30.72
N THR I 151 54.65 -35.73 -31.33
CA THR I 151 54.69 -35.28 -32.72
C THR I 151 54.81 -33.76 -32.84
N GLY I 152 54.85 -33.04 -31.73
CA GLY I 152 54.98 -31.59 -31.76
C GLY I 152 53.64 -30.88 -31.83
N GLY I 153 53.69 -29.59 -31.54
CA GLY I 153 52.49 -28.77 -31.55
C GLY I 153 51.48 -29.12 -30.48
N GLY I 154 51.90 -29.84 -29.43
CA GLY I 154 51.01 -30.25 -28.37
C GLY I 154 50.38 -31.61 -28.55
N TYR I 155 50.64 -32.29 -29.67
CA TYR I 155 50.06 -33.60 -29.93
C TYR I 155 50.95 -34.69 -29.35
N VAL I 156 50.33 -35.63 -28.62
CA VAL I 156 51.01 -36.79 -28.07
C VAL I 156 50.12 -38.01 -28.29
N THR I 157 50.76 -39.16 -28.48
CA THR I 157 50.07 -40.39 -28.82
C THR I 157 50.49 -41.51 -27.87
N ALA I 158 49.51 -42.15 -27.25
CA ALA I 158 49.76 -43.31 -26.41
C ALA I 158 49.59 -44.58 -27.23
N VAL I 159 50.50 -45.53 -27.05
CA VAL I 159 50.54 -46.75 -27.84
C VAL I 159 50.54 -47.95 -26.89
N VAL I 160 49.63 -48.90 -27.14
CA VAL I 160 49.54 -50.12 -26.36
C VAL I 160 49.57 -51.31 -27.30
N ARG I 161 50.01 -52.46 -26.78
CA ARG I 161 50.09 -53.70 -27.55
C ARG I 161 49.45 -54.82 -26.76
N GLY I 162 49.08 -55.88 -27.48
CA GLY I 162 48.44 -57.02 -26.87
C GLY I 162 47.69 -57.84 -27.91
N ASP I 163 46.70 -58.57 -27.44
CA ASP I 163 45.84 -59.34 -28.33
C ASP I 163 44.70 -58.47 -28.84
N VAL I 164 44.14 -58.87 -29.99
CA VAL I 164 43.11 -58.06 -30.64
C VAL I 164 41.87 -57.91 -29.76
N ALA I 165 41.58 -58.91 -28.93
CA ALA I 165 40.42 -58.84 -28.06
C ALA I 165 40.59 -57.78 -26.98
N ALA I 166 41.76 -57.75 -26.34
CA ALA I 166 41.97 -56.82 -25.24
C ALA I 166 42.23 -55.40 -25.71
N VAL I 167 42.90 -55.25 -26.86
CA VAL I 167 43.20 -53.90 -27.37
C VAL I 167 41.91 -53.19 -27.76
N LYS I 168 40.94 -53.91 -28.32
CA LYS I 168 39.67 -53.31 -28.68
C LYS I 168 38.93 -52.81 -27.44
N ALA I 169 38.94 -53.60 -26.36
CA ALA I 169 38.26 -53.20 -25.13
C ALA I 169 39.04 -52.18 -24.31
N ALA I 170 40.34 -52.04 -24.57
CA ALA I 170 41.15 -51.07 -23.83
C ALA I 170 41.03 -49.67 -24.42
N THR I 171 41.16 -49.56 -25.74
CA THR I 171 41.03 -48.25 -26.38
C THR I 171 39.63 -47.69 -26.25
N GLU I 172 38.61 -48.56 -26.25
CA GLU I 172 37.24 -48.10 -26.08
C GLU I 172 37.02 -47.53 -24.69
N ALA I 173 37.55 -48.21 -23.67
CA ALA I 173 37.46 -47.73 -22.29
C ALA I 173 38.41 -46.57 -22.03
N GLY I 174 39.48 -46.44 -22.80
CA GLY I 174 40.41 -45.33 -22.64
C GLY I 174 39.91 -44.07 -23.30
N GLN I 175 39.23 -44.21 -24.44
CA GLN I 175 38.67 -43.05 -25.12
C GLN I 175 37.57 -42.41 -24.30
N ARG I 176 36.72 -43.22 -23.68
CA ARG I 176 35.63 -42.68 -22.86
C ARG I 176 36.16 -41.95 -21.64
N ALA I 177 37.29 -42.40 -21.08
CA ALA I 177 37.87 -41.74 -19.92
C ALA I 177 38.75 -40.54 -20.29
N ALA I 178 39.26 -40.50 -21.52
CA ALA I 178 40.11 -39.40 -21.98
C ALA I 178 39.31 -38.21 -22.49
N GLU I 179 38.11 -38.43 -23.02
CA GLU I 179 37.29 -37.33 -23.49
C GLU I 179 36.88 -36.39 -22.38
N ARG I 180 36.91 -36.85 -21.13
CA ARG I 180 36.57 -36.01 -19.98
C ARG I 180 37.70 -35.10 -19.56
N VAL I 181 38.86 -35.17 -20.22
CA VAL I 181 40.02 -34.37 -19.82
C VAL I 181 40.37 -33.38 -20.92
N GLY I 182 40.89 -33.89 -22.04
CA GLY I 182 41.34 -33.02 -23.10
C GLY I 182 40.68 -33.27 -24.44
N GLU I 183 41.28 -32.75 -25.51
CA GLU I 183 40.74 -32.88 -26.86
C GLU I 183 41.31 -34.14 -27.50
N VAL I 184 40.43 -35.11 -27.74
CA VAL I 184 40.84 -36.36 -28.37
C VAL I 184 40.89 -36.17 -29.88
N VAL I 185 42.00 -36.56 -30.50
CA VAL I 185 42.20 -36.38 -31.93
C VAL I 185 41.70 -37.59 -32.69
N ALA I 186 42.32 -38.75 -32.44
CA ALA I 186 41.95 -39.97 -33.14
C ALA I 186 42.24 -41.18 -32.27
N VAL I 187 41.40 -42.21 -32.41
CA VAL I 187 41.55 -43.47 -31.70
C VAL I 187 41.34 -44.59 -32.72
N HIS I 188 42.39 -45.38 -32.96
CA HIS I 188 42.34 -46.44 -33.95
C HIS I 188 43.03 -47.68 -33.41
N VAL I 189 42.63 -48.84 -33.94
CA VAL I 189 43.17 -50.13 -33.54
C VAL I 189 43.51 -50.93 -34.79
N ILE I 190 44.72 -51.45 -34.85
CA ILE I 190 45.17 -52.32 -35.94
C ILE I 190 45.22 -53.75 -35.39
N PRO I 191 44.48 -54.69 -35.98
CA PRO I 191 44.47 -56.06 -35.43
C PRO I 191 45.82 -56.75 -35.50
N ARG I 192 46.47 -56.71 -36.66
CA ARG I 192 47.77 -57.33 -36.85
C ARG I 192 48.61 -56.46 -37.77
N PRO I 193 49.44 -55.58 -37.22
CA PRO I 193 50.29 -54.73 -38.07
C PRO I 193 51.33 -55.55 -38.81
N HIS I 194 51.65 -55.10 -40.03
CA HIS I 194 52.62 -55.78 -40.86
C HIS I 194 54.00 -55.75 -40.19
N VAL I 195 54.82 -56.74 -40.53
CA VAL I 195 56.15 -56.83 -39.94
C VAL I 195 57.02 -55.66 -40.36
N ASN I 196 56.81 -55.15 -41.57
CA ASN I 196 57.57 -53.98 -42.03
C ASN I 196 57.22 -52.72 -41.24
N VAL I 197 56.02 -52.67 -40.65
CA VAL I 197 55.64 -51.52 -39.85
C VAL I 197 56.31 -51.55 -38.49
N ASP I 198 56.32 -52.71 -37.83
CA ASP I 198 56.94 -52.83 -36.52
C ASP I 198 58.46 -52.66 -36.56
N ALA I 199 59.06 -52.77 -37.73
CA ALA I 199 60.51 -52.64 -37.85
C ALA I 199 60.96 -51.20 -38.08
N ALA I 200 60.14 -50.38 -38.76
CA ALA I 200 60.51 -49.01 -39.06
C ALA I 200 59.87 -47.98 -38.14
N LEU I 201 58.82 -48.36 -37.41
CA LEU I 201 58.13 -47.42 -36.53
C LEU I 201 58.29 -47.84 -35.07
N PRO I 202 58.40 -46.89 -34.16
CA PRO I 202 58.53 -47.24 -32.74
C PRO I 202 57.21 -47.72 -32.14
N LEU I 203 56.91 -49.00 -32.34
CA LEU I 203 55.65 -49.58 -31.86
C LEU I 203 55.89 -50.70 -30.85
N GLY I 204 57.04 -50.71 -30.19
CA GLY I 204 57.31 -51.65 -29.12
C GLY I 204 57.62 -53.06 -29.54
N ARG I 205 57.68 -53.34 -30.84
CA ARG I 205 57.98 -54.68 -31.35
C ARG I 205 59.11 -54.63 -32.36
N THR I 206 60.10 -53.78 -32.12
CA THR I 206 61.24 -53.64 -33.03
C THR I 206 62.32 -54.63 -32.64
N PRO I 207 62.75 -55.52 -33.54
CA PRO I 207 63.81 -56.51 -33.28
C PRO I 207 65.14 -55.86 -32.93
N ALA J 2 72.07 2.28 -7.00
CA ALA J 2 71.38 3.57 -6.98
C ALA J 2 70.07 3.49 -6.23
N ASP J 3 69.80 4.49 -5.39
CA ASP J 3 68.57 4.51 -4.61
C ASP J 3 67.37 4.76 -5.53
N ALA J 4 66.19 4.38 -5.03
CA ALA J 4 64.97 4.56 -5.78
C ALA J 4 64.44 5.99 -5.60
N LEU J 5 63.58 6.40 -6.54
CA LEU J 5 63.08 7.77 -6.59
C LEU J 5 61.57 7.79 -6.51
N GLY J 6 61.04 8.73 -5.72
CA GLY J 6 59.61 8.93 -5.61
C GLY J 6 59.24 10.40 -5.60
N MET J 7 58.32 10.80 -6.48
CA MET J 7 57.96 12.20 -6.65
C MET J 7 56.44 12.37 -6.66
N ILE J 8 55.99 13.50 -6.11
CA ILE J 8 54.58 13.88 -6.12
C ILE J 8 54.51 15.39 -6.37
N GLU J 9 53.87 15.78 -7.46
CA GLU J 9 53.73 17.18 -7.83
C GLU J 9 52.28 17.61 -7.64
N VAL J 10 52.10 18.76 -6.98
CA VAL J 10 50.78 19.30 -6.66
C VAL J 10 50.79 20.79 -6.94
N ARG J 11 49.76 21.27 -7.65
CA ARG J 11 49.57 22.71 -7.84
C ARG J 11 48.93 23.28 -6.57
N GLY J 12 49.74 23.34 -5.52
CA GLY J 12 49.29 23.78 -4.21
C GLY J 12 50.25 23.34 -3.12
N PHE J 13 50.79 24.31 -2.37
CA PHE J 13 51.78 23.99 -1.35
C PHE J 13 51.19 23.15 -0.23
N VAL J 14 49.88 23.26 0.01
CA VAL J 14 49.25 22.48 1.07
C VAL J 14 49.16 21.01 0.68
N GLY J 15 48.75 20.74 -0.56
CA GLY J 15 48.67 19.36 -1.02
C GLY J 15 50.02 18.67 -1.11
N MET J 16 51.09 19.45 -1.30
CA MET J 16 52.43 18.87 -1.38
C MET J 16 52.97 18.52 0.00
N VAL J 17 52.70 19.36 1.00
CA VAL J 17 53.16 19.06 2.35
C VAL J 17 52.42 17.85 2.92
N GLU J 18 51.12 17.76 2.66
CA GLU J 18 50.36 16.59 3.10
C GLU J 18 50.85 15.32 2.41
N ALA J 19 51.20 15.43 1.13
CA ALA J 19 51.75 14.27 0.42
C ALA J 19 53.11 13.89 0.97
N ALA J 20 53.94 14.88 1.30
CA ALA J 20 55.26 14.59 1.86
C ALA J 20 55.16 14.01 3.27
N ASP J 21 54.15 14.43 4.03
CA ASP J 21 53.98 13.88 5.38
C ASP J 21 53.51 12.44 5.34
N ALA J 22 52.58 12.13 4.43
CA ALA J 22 52.07 10.77 4.32
C ALA J 22 53.10 9.81 3.73
N MET J 23 54.11 10.32 3.00
CA MET J 23 55.11 9.46 2.41
C MET J 23 56.13 9.00 3.45
N VAL J 24 56.64 9.93 4.26
CA VAL J 24 57.64 9.57 5.26
C VAL J 24 57.04 8.78 6.40
N LYS J 25 55.71 8.77 6.54
CA LYS J 25 55.05 8.00 7.58
C LYS J 25 54.61 6.61 7.12
N ALA J 26 54.44 6.41 5.81
CA ALA J 26 54.03 5.10 5.31
C ALA J 26 55.16 4.08 5.44
N ALA J 27 56.31 4.38 4.85
CA ALA J 27 57.47 3.51 4.93
C ALA J 27 58.72 4.29 5.29
N LYS J 28 59.88 3.64 5.27
CA LYS J 28 61.14 4.30 5.60
C LYS J 28 61.69 4.95 4.34
N VAL J 29 61.35 6.22 4.14
CA VAL J 29 61.85 7.00 3.02
C VAL J 29 62.40 8.31 3.56
N GLU J 30 63.26 8.94 2.74
CA GLU J 30 63.92 10.18 3.11
C GLU J 30 63.42 11.30 2.21
N LEU J 31 62.74 12.28 2.80
CA LEU J 31 62.27 13.45 2.07
C LEU J 31 63.46 14.39 1.87
N ILE J 32 64.06 14.35 0.68
CA ILE J 32 65.25 15.13 0.40
C ILE J 32 64.97 16.61 0.24
N GLY J 33 63.72 17.00 0.09
CA GLY J 33 63.35 18.39 -0.06
C GLY J 33 62.19 18.52 -1.02
N TYR J 34 61.99 19.75 -1.50
CA TYR J 34 60.89 20.06 -2.41
C TYR J 34 61.40 20.98 -3.51
N GLU J 35 60.81 20.83 -4.70
CA GLU J 35 61.20 21.58 -5.88
C GLU J 35 60.06 22.49 -6.32
N LYS J 36 60.36 23.78 -6.46
CA LYS J 36 59.38 24.77 -6.87
C LYS J 36 59.67 25.16 -8.32
N THR J 37 58.75 24.82 -9.22
CA THR J 37 58.91 25.12 -10.64
C THR J 37 58.12 26.35 -11.08
N GLY J 38 57.47 27.05 -10.15
CA GLY J 38 56.71 28.24 -10.46
C GLY J 38 55.27 27.93 -10.81
N GLY J 39 54.47 29.00 -10.81
CA GLY J 39 53.06 28.87 -11.12
C GLY J 39 52.28 28.06 -10.10
N GLY J 40 52.75 27.98 -8.86
CA GLY J 40 52.10 27.18 -7.85
C GLY J 40 52.47 25.72 -7.86
N TYR J 41 53.27 25.28 -8.82
CA TYR J 41 53.67 23.87 -8.90
C TYR J 41 54.82 23.60 -7.95
N VAL J 42 54.66 22.58 -7.11
CA VAL J 42 55.70 22.14 -6.19
C VAL J 42 55.74 20.62 -6.20
N THR J 43 56.96 20.07 -6.11
CA THR J 43 57.18 18.64 -6.23
C THR J 43 57.88 18.13 -4.97
N ALA J 44 57.28 17.15 -4.32
CA ALA J 44 57.88 16.49 -3.17
C ALA J 44 58.68 15.29 -3.65
N VAL J 45 59.95 15.22 -3.23
CA VAL J 45 60.88 14.20 -3.68
C VAL J 45 61.32 13.36 -2.48
N VAL J 46 61.19 12.05 -2.59
CA VAL J 46 61.63 11.12 -1.55
C VAL J 46 62.52 10.07 -2.19
N ARG J 47 63.41 9.50 -1.37
CA ARG J 47 64.34 8.48 -1.82
C ARG J 47 64.25 7.26 -0.90
N GLY J 48 64.95 6.21 -1.30
CA GLY J 48 64.94 4.96 -0.56
C GLY J 48 65.11 3.79 -1.51
N ASP J 49 64.64 2.63 -1.07
CA ASP J 49 64.65 1.44 -1.92
C ASP J 49 63.32 1.32 -2.66
N VAL J 50 63.27 0.34 -3.57
CA VAL J 50 62.09 0.19 -4.43
C VAL J 50 60.87 -0.22 -3.62
N ALA J 51 61.08 -0.91 -2.49
CA ALA J 51 59.95 -1.39 -1.70
C ALA J 51 59.28 -0.24 -0.93
N ALA J 52 60.08 0.67 -0.38
CA ALA J 52 59.52 1.72 0.46
C ALA J 52 58.91 2.84 -0.38
N VAL J 53 59.64 3.31 -1.40
CA VAL J 53 59.17 4.46 -2.16
C VAL J 53 57.94 4.11 -2.99
N LYS J 54 57.79 2.84 -3.36
CA LYS J 54 56.60 2.44 -4.11
C LYS J 54 55.37 2.40 -3.21
N ALA J 55 55.52 1.91 -1.99
CA ALA J 55 54.41 1.87 -1.05
C ALA J 55 54.13 3.23 -0.43
N ALA J 56 55.16 4.07 -0.26
CA ALA J 56 54.95 5.38 0.34
C ALA J 56 54.32 6.36 -0.65
N THR J 57 54.68 6.26 -1.93
CA THR J 57 54.14 7.18 -2.93
C THR J 57 52.64 6.94 -3.13
N GLU J 58 52.22 5.66 -3.13
CA GLU J 58 50.80 5.37 -3.25
C GLU J 58 50.02 5.86 -2.04
N ALA J 59 50.61 5.76 -0.85
CA ALA J 59 49.94 6.26 0.35
C ALA J 59 49.93 7.79 0.38
N GLY J 60 50.89 8.44 -0.25
CA GLY J 60 50.91 9.89 -0.27
C GLY J 60 49.88 10.49 -1.22
N GLN J 61 49.59 9.81 -2.32
CA GLN J 61 48.62 10.32 -3.27
C GLN J 61 47.19 10.22 -2.73
N ARG J 62 46.89 9.13 -2.02
CA ARG J 62 45.55 8.96 -1.47
C ARG J 62 45.22 10.02 -0.42
N ALA J 63 46.25 10.55 0.25
CA ALA J 63 46.06 11.64 1.20
C ALA J 63 46.16 13.01 0.55
N ALA J 64 46.82 13.12 -0.60
CA ALA J 64 46.96 14.41 -1.27
C ALA J 64 45.79 14.72 -2.18
N GLU J 65 45.10 13.71 -2.70
CA GLU J 65 43.93 13.96 -3.53
C GLU J 65 42.77 14.54 -2.74
N ARG J 66 42.79 14.41 -1.42
CA ARG J 66 41.71 14.90 -0.56
C ARG J 66 41.97 16.31 -0.02
N VAL J 67 42.96 17.02 -0.57
CA VAL J 67 43.29 18.35 -0.05
C VAL J 67 43.64 19.29 -1.20
N GLY J 68 44.48 18.83 -2.13
CA GLY J 68 44.99 19.67 -3.19
C GLY J 68 44.79 19.06 -4.57
N GLU J 69 45.22 19.81 -5.57
CA GLU J 69 45.11 19.41 -6.98
C GLU J 69 46.39 18.66 -7.35
N VAL J 70 46.29 17.34 -7.42
CA VAL J 70 47.44 16.51 -7.76
C VAL J 70 47.72 16.63 -9.24
N VAL J 71 48.99 16.86 -9.60
CA VAL J 71 49.41 17.03 -10.98
C VAL J 71 50.01 15.75 -11.54
N ALA J 72 50.97 15.15 -10.83
CA ALA J 72 51.63 13.96 -11.31
C ALA J 72 52.17 13.17 -10.13
N VAL J 73 52.22 11.84 -10.31
CA VAL J 73 52.74 10.91 -9.31
C VAL J 73 53.48 9.82 -10.05
N HIS J 74 54.77 9.62 -9.72
CA HIS J 74 55.59 8.67 -10.44
C HIS J 74 56.68 8.14 -9.53
N VAL J 75 57.17 6.94 -9.86
CA VAL J 75 58.24 6.28 -9.11
C VAL J 75 59.23 5.69 -10.11
N ILE J 76 60.50 6.02 -9.95
CA ILE J 76 61.58 5.48 -10.76
C ILE J 76 62.35 4.48 -9.90
N PRO J 77 62.34 3.18 -10.22
CA PRO J 77 63.01 2.19 -9.38
C PRO J 77 64.53 2.38 -9.31
N ARG J 78 65.17 2.52 -10.47
CA ARG J 78 66.62 2.71 -10.53
C ARG J 78 66.92 3.86 -11.50
N PRO J 79 66.99 5.08 -11.00
CA PRO J 79 67.38 6.21 -11.86
C PRO J 79 68.80 6.05 -12.38
N HIS J 80 69.01 6.49 -13.61
CA HIS J 80 70.32 6.42 -14.22
C HIS J 80 71.31 7.31 -13.47
N VAL J 81 72.59 6.98 -13.60
CA VAL J 81 73.63 7.74 -12.91
C VAL J 81 73.67 9.18 -13.43
N ASN J 82 73.34 9.37 -14.70
CA ASN J 82 73.33 10.72 -15.27
C ASN J 82 72.18 11.56 -14.70
N VAL J 83 71.09 10.92 -14.28
CA VAL J 83 69.94 11.66 -13.78
C VAL J 83 70.26 12.30 -12.44
N ASP J 84 70.88 11.53 -11.53
CA ASP J 84 71.20 12.06 -10.21
C ASP J 84 72.30 13.11 -10.28
N ALA J 85 73.16 13.05 -11.30
CA ALA J 85 74.27 13.99 -11.41
C ALA J 85 73.81 15.37 -11.89
N ALA J 86 72.72 15.43 -12.64
CA ALA J 86 72.25 16.68 -13.21
C ALA J 86 70.98 17.22 -12.57
N LEU J 87 70.28 16.42 -11.77
CA LEU J 87 69.04 16.86 -11.16
C LEU J 87 69.14 16.85 -9.63
N PRO J 88 68.55 17.85 -8.95
CA PRO J 88 68.58 17.88 -7.47
C PRO J 88 67.61 16.87 -6.86
N LEU J 89 68.03 15.61 -6.80
CA LEU J 89 67.21 14.53 -6.29
C LEU J 89 67.81 13.91 -5.03
N GLY J 90 68.62 14.68 -4.31
CA GLY J 90 69.20 14.21 -3.07
C GLY J 90 70.46 13.37 -3.20
N ARG J 91 70.79 12.92 -4.40
CA ARG J 91 71.97 12.09 -4.64
C ARG J 91 72.90 12.81 -5.61
N THR J 92 74.01 13.32 -5.10
CA THR J 92 75.00 14.07 -5.86
C THR J 92 76.39 13.68 -5.39
N PRO J 93 77.46 14.05 -6.10
CA PRO J 93 78.79 13.75 -5.55
C PRO J 93 79.10 14.59 -4.31
N ALA J 116 56.40 16.98 18.37
CA ALA J 116 56.31 18.11 17.44
C ALA J 116 54.93 18.75 17.52
N ASP J 117 54.89 20.07 17.31
CA ASP J 117 53.62 20.80 17.35
C ASP J 117 52.81 20.51 16.10
N ALA J 118 51.52 20.84 16.16
CA ALA J 118 50.62 20.63 15.05
C ALA J 118 50.94 21.60 13.91
N LEU J 119 50.35 21.32 12.75
CA LEU J 119 50.61 22.10 11.53
C LEU J 119 49.28 22.55 10.94
N GLY J 120 49.18 23.85 10.66
CA GLY J 120 48.00 24.41 10.02
C GLY J 120 48.35 25.26 8.82
N MET J 121 47.71 25.00 7.69
CA MET J 121 48.07 25.66 6.44
C MET J 121 46.82 26.12 5.71
N ILE J 122 46.87 27.33 5.16
CA ILE J 122 45.80 27.89 4.33
C ILE J 122 46.43 28.52 3.10
N GLU J 123 45.99 28.10 1.93
CA GLU J 123 46.54 28.58 0.67
C GLU J 123 45.48 29.40 -0.07
N VAL J 124 45.89 30.57 -0.55
CA VAL J 124 45.00 31.49 -1.25
C VAL J 124 45.75 32.07 -2.45
N ARG J 125 45.11 32.06 -3.62
CA ARG J 125 45.66 32.70 -4.81
C ARG J 125 45.44 34.21 -4.70
N GLY J 126 46.19 34.81 -3.77
CA GLY J 126 46.06 36.22 -3.48
C GLY J 126 46.64 36.59 -2.13
N PHE J 127 47.53 37.58 -2.10
CA PHE J 127 48.17 37.96 -0.86
C PHE J 127 47.20 38.57 0.13
N VAL J 128 46.16 39.25 -0.35
CA VAL J 128 45.20 39.89 0.54
C VAL J 128 44.37 38.84 1.27
N GLY J 129 43.91 37.81 0.55
CA GLY J 129 43.12 36.77 1.19
C GLY J 129 43.92 35.94 2.18
N MET J 130 45.24 35.88 1.99
CA MET J 130 46.08 35.12 2.92
C MET J 130 46.36 35.90 4.20
N VAL J 131 46.48 37.23 4.11
CA VAL J 131 46.70 38.02 5.31
C VAL J 131 45.47 38.02 6.21
N GLU J 132 44.28 38.12 5.61
CA GLU J 132 43.05 38.04 6.38
C GLU J 132 42.90 36.67 7.02
N ALA J 133 43.33 35.62 6.33
CA ALA J 133 43.28 34.29 6.90
C ALA J 133 44.26 34.16 8.07
N ALA J 134 45.44 34.75 7.94
CA ALA J 134 46.42 34.68 9.02
C ALA J 134 45.98 35.50 10.23
N ASP J 135 45.29 36.61 10.02
CA ASP J 135 44.82 37.41 11.13
C ASP J 135 43.68 36.73 11.87
N ALA J 136 42.77 36.07 11.14
CA ALA J 136 41.66 35.39 11.78
C ALA J 136 42.09 34.12 12.51
N MET J 137 43.22 33.53 12.12
CA MET J 137 43.69 32.31 12.77
C MET J 137 44.29 32.62 14.15
N VAL J 138 45.20 33.59 14.20
CA VAL J 138 45.85 33.92 15.47
C VAL J 138 44.88 34.56 16.46
N LYS J 139 43.76 35.11 15.98
CA LYS J 139 42.74 35.66 16.86
C LYS J 139 41.74 34.60 17.33
N ALA J 140 41.54 33.53 16.55
CA ALA J 140 40.58 32.51 16.93
C ALA J 140 41.09 31.67 18.09
N ALA J 141 42.30 31.13 17.96
CA ALA J 141 42.89 30.28 18.98
C ALA J 141 44.33 30.72 19.25
N LYS J 142 45.01 29.95 20.09
CA LYS J 142 46.41 30.24 20.44
C LYS J 142 47.31 29.45 19.50
N VAL J 143 47.67 30.07 18.39
CA VAL J 143 48.59 29.48 17.42
C VAL J 143 49.64 30.52 17.05
N GLU J 144 50.80 30.05 16.63
CA GLU J 144 51.92 30.90 16.26
C GLU J 144 52.08 30.88 14.74
N LEU J 145 51.92 32.05 14.12
CA LEU J 145 52.10 32.18 12.67
C LEU J 145 53.60 32.26 12.38
N ILE J 146 54.15 31.20 11.78
CA ILE J 146 55.59 31.17 11.52
C ILE J 146 55.97 31.95 10.27
N GLY J 147 55.03 32.19 9.37
CA GLY J 147 55.32 32.93 8.16
C GLY J 147 54.44 32.46 7.03
N TYR J 148 54.85 32.82 5.81
CA TYR J 148 54.10 32.50 4.60
C TYR J 148 55.06 31.99 3.53
N GLU J 149 54.54 31.09 2.69
CA GLU J 149 55.31 30.48 1.62
C GLU J 149 54.76 30.91 0.28
N LYS J 150 55.65 31.31 -0.63
CA LYS J 150 55.28 31.79 -1.96
C LYS J 150 55.72 30.77 -2.99
N THR J 151 54.75 30.08 -3.59
CA THR J 151 55.02 29.07 -4.60
C THR J 151 54.92 29.60 -6.03
N GLY J 152 54.63 30.89 -6.20
CA GLY J 152 54.53 31.48 -7.52
C GLY J 152 53.13 31.42 -8.08
N GLY J 153 52.93 32.15 -9.18
CA GLY J 153 51.63 32.22 -9.82
C GLY J 153 50.55 32.85 -8.97
N GLY J 154 50.93 33.68 -8.00
CA GLY J 154 49.96 34.29 -7.11
C GLY J 154 49.57 33.45 -5.92
N TYR J 155 50.10 32.23 -5.79
CA TYR J 155 49.75 31.35 -4.69
C TYR J 155 50.63 31.65 -3.48
N VAL J 156 49.99 31.82 -2.33
CA VAL J 156 50.69 32.01 -1.06
C VAL J 156 50.01 31.12 -0.02
N THR J 157 50.79 30.70 0.97
CA THR J 157 50.33 29.75 1.98
C THR J 157 50.74 30.22 3.36
N ALA J 158 49.75 30.49 4.21
CA ALA J 158 50.03 30.82 5.60
C ALA J 158 50.20 29.55 6.42
N VAL J 159 51.21 29.55 7.29
CA VAL J 159 51.59 28.37 8.07
C VAL J 159 51.53 28.74 9.54
N VAL J 160 50.75 27.99 10.31
CA VAL J 160 50.64 28.19 11.75
C VAL J 160 51.00 26.89 12.45
N ARG J 161 51.51 27.03 13.68
CA ARG J 161 51.90 25.89 14.50
C ARG J 161 51.26 26.00 15.87
N GLY J 162 51.14 24.85 16.53
CA GLY J 162 50.54 24.79 17.85
C GLY J 162 50.04 23.41 18.22
N ASP J 163 48.91 23.34 18.90
CA ASP J 163 48.29 22.07 19.26
C ASP J 163 47.22 21.72 18.25
N VAL J 164 46.96 20.41 18.09
CA VAL J 164 46.00 19.93 17.11
C VAL J 164 44.62 20.52 17.34
N ALA J 165 44.25 20.77 18.60
CA ALA J 165 42.95 21.35 18.89
C ALA J 165 42.89 22.82 18.49
N ALA J 166 43.90 23.59 18.88
CA ALA J 166 43.90 25.02 18.56
C ALA J 166 44.13 25.25 17.07
N VAL J 167 44.95 24.41 16.44
CA VAL J 167 45.20 24.56 15.01
C VAL J 167 43.95 24.22 14.20
N LYS J 168 43.21 23.19 14.62
CA LYS J 168 41.99 22.83 13.91
C LYS J 168 40.94 23.92 14.02
N ALA J 169 40.76 24.49 15.21
CA ALA J 169 39.79 25.56 15.41
C ALA J 169 40.22 26.86 14.73
N ALA J 170 41.50 27.02 14.44
CA ALA J 170 41.98 28.23 13.77
C ALA J 170 41.75 28.17 12.27
N THR J 171 42.06 27.03 11.64
CA THR J 171 41.88 26.90 10.20
C THR J 171 40.40 26.92 9.83
N GLU J 172 39.55 26.32 10.66
CA GLU J 172 38.12 26.36 10.42
C GLU J 172 37.57 27.78 10.52
N ALA J 173 38.14 28.60 11.38
CA ALA J 173 37.74 29.99 11.50
C ALA J 173 38.48 30.90 10.52
N GLY J 174 39.70 30.53 10.13
CA GLY J 174 40.45 31.33 9.17
C GLY J 174 39.96 31.15 7.75
N GLN J 175 39.58 29.92 7.39
CA GLN J 175 39.03 29.68 6.06
C GLN J 175 37.69 30.36 5.87
N ARG J 176 36.86 30.39 6.93
CA ARG J 176 35.54 31.00 6.82
C ARG J 176 35.63 32.50 6.59
N ALA J 177 36.66 33.16 7.13
CA ALA J 177 36.85 34.59 6.93
C ALA J 177 37.64 34.91 5.67
N ALA J 178 38.46 33.98 5.17
CA ALA J 178 39.24 34.23 3.97
C ALA J 178 38.43 34.05 2.69
N GLU J 179 37.37 33.25 2.73
CA GLU J 179 36.53 33.07 1.55
C GLU J 179 35.85 34.38 1.15
N ARG J 180 35.58 35.25 2.12
CA ARG J 180 34.94 36.54 1.86
C ARG J 180 35.89 37.56 1.28
N VAL J 181 37.14 37.20 1.02
CA VAL J 181 38.14 38.14 0.52
C VAL J 181 38.70 37.67 -0.81
N GLY J 182 39.35 36.51 -0.81
CA GLY J 182 40.04 36.02 -1.99
C GLY J 182 39.67 34.63 -2.44
N GLU J 183 40.54 34.02 -3.24
CA GLU J 183 40.31 32.70 -3.82
C GLU J 183 41.03 31.66 -2.95
N VAL J 184 40.27 30.97 -2.11
CA VAL J 184 40.84 29.96 -1.22
C VAL J 184 41.16 28.70 -2.03
N VAL J 185 42.35 28.15 -1.83
CA VAL J 185 42.79 26.99 -2.59
C VAL J 185 42.60 25.72 -1.76
N ALA J 186 43.34 25.61 -0.65
CA ALA J 186 43.31 24.40 0.16
C ALA J 186 43.52 24.76 1.63
N VAL J 187 42.91 23.96 2.50
CA VAL J 187 43.06 24.10 3.95
C VAL J 187 43.19 22.71 4.54
N HIS J 188 44.26 22.48 5.31
CA HIS J 188 44.50 21.17 5.91
C HIS J 188 45.24 21.35 7.22
N VAL J 189 45.09 20.36 8.09
CA VAL J 189 45.72 20.34 9.41
C VAL J 189 46.40 19.00 9.61
N ILE J 190 47.68 19.03 9.96
CA ILE J 190 48.45 17.83 10.29
C ILE J 190 48.63 17.80 11.80
N PRO J 191 48.05 16.82 12.50
CA PRO J 191 48.14 16.81 13.97
C PRO J 191 49.55 16.66 14.49
N ARG J 192 50.29 15.66 14.02
CA ARG J 192 51.66 15.40 14.45
C ARG J 192 52.52 15.16 13.23
N PRO J 193 53.08 16.22 12.65
CA PRO J 193 53.93 16.04 11.46
C PRO J 193 55.21 15.30 11.80
N HIS J 194 55.67 14.49 10.85
CA HIS J 194 56.88 13.70 11.05
C HIS J 194 58.10 14.61 11.17
N VAL J 195 59.14 14.09 11.82
CA VAL J 195 60.35 14.87 12.03
C VAL J 195 61.06 15.14 10.70
N ASN J 196 60.95 14.21 9.74
CA ASN J 196 61.57 14.40 8.44
C ASN J 196 60.94 15.55 7.67
N VAL J 197 59.68 15.89 7.97
CA VAL J 197 59.01 17.00 7.29
C VAL J 197 59.55 18.34 7.80
N ASP J 198 59.69 18.48 9.12
CA ASP J 198 60.17 19.74 9.70
C ASP J 198 61.63 20.03 9.34
N ALA J 199 62.40 19.02 8.97
CA ALA J 199 63.80 19.20 8.62
C ALA J 199 63.99 19.64 7.18
N ALA J 200 63.23 19.07 6.24
CA ALA J 200 63.38 19.39 4.84
C ALA J 200 62.46 20.52 4.36
N LEU J 201 61.38 20.79 5.08
CA LEU J 201 60.46 21.83 4.64
C LEU J 201 60.51 23.03 5.58
N PRO J 202 60.45 24.26 5.05
CA PRO J 202 60.49 25.44 5.92
C PRO J 202 59.16 25.66 6.64
N LEU J 203 58.94 24.93 7.72
CA LEU J 203 57.70 25.02 8.48
C LEU J 203 57.89 25.63 9.86
N GLY J 204 59.05 26.25 10.12
CA GLY J 204 59.30 26.94 11.37
C GLY J 204 59.80 26.07 12.50
N ARG J 205 60.04 24.79 12.27
CA ARG J 205 60.52 23.87 13.31
C ARG J 205 61.74 23.11 12.83
N THR J 206 62.65 23.80 12.13
CA THR J 206 63.85 23.18 11.61
C THR J 206 64.98 23.33 12.61
N PRO J 207 65.59 22.24 13.09
CA PRO J 207 66.71 22.29 14.04
C PRO J 207 67.94 22.98 13.46
N ALA K 2 48.55 49.21 17.94
CA ALA K 2 48.77 48.70 16.59
C ALA K 2 47.98 49.52 15.58
N ASP K 3 48.64 49.87 14.47
CA ASP K 3 47.99 50.66 13.42
C ASP K 3 47.02 49.80 12.62
N ALA K 4 46.27 50.46 11.75
CA ALA K 4 45.35 49.76 10.86
C ALA K 4 46.09 49.25 9.63
N LEU K 5 45.42 48.38 8.86
CA LEU K 5 46.02 47.75 7.70
C LEU K 5 45.08 47.88 6.51
N GLY K 6 45.64 48.24 5.36
CA GLY K 6 44.89 48.31 4.12
C GLY K 6 45.66 47.71 2.97
N MET K 7 45.00 46.86 2.17
CA MET K 7 45.65 46.15 1.08
C MET K 7 44.79 46.21 -0.17
N ILE K 8 45.45 46.34 -1.32
CA ILE K 8 44.79 46.30 -2.62
C ILE K 8 45.65 45.46 -3.56
N GLU K 9 45.09 44.37 -4.06
CA GLU K 9 45.79 43.46 -4.95
C GLU K 9 45.27 43.62 -6.37
N VAL K 10 46.19 43.79 -7.32
CA VAL K 10 45.84 44.00 -8.72
C VAL K 10 46.76 43.14 -9.59
N ARG K 11 46.19 42.38 -10.50
CA ARG K 11 46.97 41.60 -11.47
C ARG K 11 47.50 42.55 -12.54
N GLY K 12 48.45 43.39 -12.12
CA GLY K 12 49.02 44.40 -12.98
C GLY K 12 49.75 45.46 -12.18
N PHE K 13 51.02 45.69 -12.52
CA PHE K 13 51.83 46.64 -11.76
C PHE K 13 51.34 48.07 -11.93
N VAL K 14 50.72 48.38 -13.08
CA VAL K 14 50.22 49.74 -13.31
C VAL K 14 49.01 50.03 -12.43
N GLY K 15 48.12 49.06 -12.28
CA GLY K 15 46.96 49.25 -11.43
C GLY K 15 47.30 49.37 -9.96
N MET K 16 48.42 48.79 -9.54
CA MET K 16 48.83 48.88 -8.15
C MET K 16 49.43 50.24 -7.82
N VAL K 17 50.20 50.81 -8.75
CA VAL K 17 50.81 52.12 -8.50
C VAL K 17 49.74 53.21 -8.47
N GLU K 18 48.78 53.15 -9.40
CA GLU K 18 47.69 54.11 -9.39
C GLU K 18 46.84 53.99 -8.13
N ALA K 19 46.64 52.76 -7.66
CA ALA K 19 45.92 52.56 -6.40
C ALA K 19 46.68 53.14 -5.22
N ALA K 20 48.00 52.94 -5.19
CA ALA K 20 48.81 53.46 -4.10
C ALA K 20 48.87 54.99 -4.15
N ASP K 21 48.90 55.57 -5.35
CA ASP K 21 48.95 57.02 -5.46
C ASP K 21 47.64 57.66 -5.00
N ALA K 22 46.52 57.00 -5.26
CA ALA K 22 45.23 57.55 -4.85
C ALA K 22 45.00 57.42 -3.35
N MET K 23 45.63 56.41 -2.72
CA MET K 23 45.43 56.20 -1.29
C MET K 23 46.18 57.22 -0.45
N VAL K 24 47.46 57.44 -0.76
CA VAL K 24 48.26 58.39 0.01
C VAL K 24 47.78 59.83 -0.18
N LYS K 25 47.11 60.12 -1.29
CA LYS K 25 46.53 61.43 -1.52
C LYS K 25 45.16 61.61 -0.89
N ALA K 26 44.46 60.51 -0.60
CA ALA K 26 43.09 60.59 -0.09
C ALA K 26 43.06 60.91 1.40
N ALA K 27 43.92 60.28 2.18
CA ALA K 27 43.90 60.44 3.63
C ALA K 27 45.32 60.33 4.16
N LYS K 28 45.44 60.34 5.50
CA LYS K 28 46.74 60.28 6.17
C LYS K 28 47.11 58.81 6.36
N VAL K 29 47.77 58.24 5.36
CA VAL K 29 48.24 56.86 5.40
C VAL K 29 49.67 56.83 4.89
N GLU K 30 50.36 55.73 5.21
CA GLU K 30 51.75 55.53 4.82
C GLU K 30 51.85 54.28 3.97
N LEU K 31 52.34 54.44 2.74
CA LEU K 31 52.58 53.31 1.84
C LEU K 31 53.88 52.65 2.26
N ILE K 32 53.77 51.51 2.93
CA ILE K 32 54.96 50.83 3.44
C ILE K 32 55.71 50.09 2.35
N GLY K 33 55.08 49.82 1.22
CA GLY K 33 55.74 49.11 0.13
C GLY K 33 54.72 48.30 -0.65
N TYR K 34 55.24 47.31 -1.37
CA TYR K 34 54.41 46.45 -2.21
C TYR K 34 54.95 45.02 -2.15
N GLU K 35 54.05 44.06 -2.36
CA GLU K 35 54.38 42.65 -2.29
C GLU K 35 54.11 42.00 -3.65
N LYS K 36 55.09 41.23 -4.13
CA LYS K 36 55.00 40.54 -5.41
C LYS K 36 54.85 39.05 -5.13
N THR K 37 53.69 38.49 -5.48
CA THR K 37 53.40 37.08 -5.24
C THR K 37 53.54 36.22 -6.50
N GLY K 38 53.95 36.81 -7.62
CA GLY K 38 54.12 36.06 -8.84
C GLY K 38 52.85 35.99 -9.68
N GLY K 39 53.02 35.56 -10.92
CA GLY K 39 51.89 35.46 -11.83
C GLY K 39 51.26 36.78 -12.21
N GLY K 40 52.00 37.88 -12.05
CA GLY K 40 51.47 39.20 -12.32
C GLY K 40 50.73 39.84 -11.16
N TYR K 41 50.58 39.13 -10.04
CA TYR K 41 49.86 39.65 -8.89
C TYR K 41 50.80 40.48 -8.02
N VAL K 42 50.39 41.71 -7.74
CA VAL K 42 51.11 42.60 -6.84
C VAL K 42 50.11 43.25 -5.89
N THR K 43 50.57 43.53 -4.67
CA THR K 43 49.70 44.04 -3.61
C THR K 43 50.33 45.28 -2.98
N ALA K 44 49.57 46.37 -2.95
CA ALA K 44 49.98 47.58 -2.25
C ALA K 44 49.50 47.53 -0.80
N VAL K 45 50.38 47.92 0.11
CA VAL K 45 50.10 47.85 1.54
C VAL K 45 50.27 49.24 2.14
N VAL K 46 49.22 49.73 2.78
CA VAL K 46 49.24 51.02 3.47
C VAL K 46 48.78 50.82 4.90
N ARG K 47 49.14 51.75 5.77
CA ARG K 47 48.80 51.67 7.18
C ARG K 47 48.49 53.06 7.73
N GLY K 48 47.71 53.08 8.81
CA GLY K 48 47.35 54.33 9.44
C GLY K 48 46.32 54.10 10.54
N ASP K 49 45.43 55.08 10.70
CA ASP K 49 44.34 54.93 11.65
C ASP K 49 43.17 54.21 10.99
N VAL K 50 42.22 53.78 11.84
CA VAL K 50 41.12 52.95 11.36
C VAL K 50 40.24 53.71 10.37
N ALA K 51 40.02 55.00 10.61
CA ALA K 51 39.12 55.77 9.76
C ALA K 51 39.77 56.14 8.43
N ALA K 52 41.03 56.56 8.45
CA ALA K 52 41.67 57.03 7.22
C ALA K 52 41.98 55.87 6.28
N VAL K 53 42.36 54.71 6.82
CA VAL K 53 42.66 53.56 5.97
C VAL K 53 41.40 53.10 5.25
N LYS K 54 40.24 53.16 5.92
CA LYS K 54 38.99 52.83 5.26
C LYS K 54 38.67 53.83 4.15
N ALA K 55 38.89 55.12 4.42
CA ALA K 55 38.60 56.15 3.43
C ALA K 55 39.58 56.08 2.26
N ALA K 56 40.87 55.86 2.55
CA ALA K 56 41.85 55.75 1.47
C ALA K 56 41.63 54.50 0.63
N THR K 57 41.13 53.42 1.25
CA THR K 57 40.86 52.20 0.49
C THR K 57 39.76 52.43 -0.54
N GLU K 58 38.74 53.21 -0.19
CA GLU K 58 37.66 53.50 -1.13
C GLU K 58 38.16 54.25 -2.35
N ALA K 59 38.92 55.33 -2.12
CA ALA K 59 39.43 56.11 -3.25
C ALA K 59 40.46 55.34 -4.07
N GLY K 60 41.24 54.47 -3.42
CA GLY K 60 42.22 53.70 -4.15
C GLY K 60 41.61 52.65 -5.05
N GLN K 61 40.44 52.13 -4.69
CA GLN K 61 39.79 51.12 -5.51
C GLN K 61 39.13 51.73 -6.73
N ARG K 62 38.48 52.89 -6.58
CA ARG K 62 37.82 53.53 -7.72
C ARG K 62 38.83 53.94 -8.78
N ALA K 63 40.01 54.38 -8.36
CA ALA K 63 41.05 54.78 -9.31
C ALA K 63 41.73 53.58 -9.95
N ALA K 64 41.79 52.45 -9.25
CA ALA K 64 42.45 51.26 -9.78
C ALA K 64 41.55 50.44 -10.70
N GLU K 65 40.23 50.55 -10.54
CA GLU K 65 39.31 49.82 -11.42
C GLU K 65 39.35 50.34 -12.85
N ARG K 66 39.86 51.54 -13.06
CA ARG K 66 39.85 52.18 -14.37
C ARG K 66 41.15 51.98 -15.14
N VAL K 67 42.04 51.10 -14.68
CA VAL K 67 43.33 50.90 -15.34
C VAL K 67 43.64 49.42 -15.48
N GLY K 68 43.33 48.63 -14.46
CA GLY K 68 43.71 47.23 -14.45
C GLY K 68 42.67 46.35 -13.78
N GLU K 69 43.00 45.07 -13.66
CA GLU K 69 42.11 44.07 -13.08
C GLU K 69 42.33 44.06 -11.56
N VAL K 70 41.32 44.51 -10.81
CA VAL K 70 41.40 44.52 -9.36
C VAL K 70 41.07 43.12 -8.84
N VAL K 71 41.95 42.58 -8.01
CA VAL K 71 41.78 41.22 -7.50
C VAL K 71 41.04 41.25 -6.18
N ALA K 72 41.66 41.82 -5.15
CA ALA K 72 41.09 41.82 -3.81
C ALA K 72 41.31 43.18 -3.16
N VAL K 73 40.37 43.55 -2.29
CA VAL K 73 40.42 44.80 -1.53
C VAL K 73 39.87 44.52 -0.14
N HIS K 74 40.67 44.78 0.90
CA HIS K 74 40.28 44.47 2.27
C HIS K 74 40.99 45.39 3.24
N VAL K 75 40.35 45.63 4.38
CA VAL K 75 40.88 46.48 5.44
C VAL K 75 40.77 45.72 6.75
N ILE K 76 41.84 45.74 7.53
CA ILE K 76 41.88 45.13 8.86
C ILE K 76 42.00 46.25 9.89
N PRO K 77 41.05 46.39 10.81
CA PRO K 77 41.10 47.50 11.77
C PRO K 77 42.32 47.47 12.68
N ARG K 78 42.48 46.37 13.43
CA ARG K 78 43.61 46.21 14.35
C ARG K 78 44.19 44.82 14.15
N PRO K 79 45.21 44.68 13.29
CA PRO K 79 45.84 43.38 13.11
C PRO K 79 46.52 42.91 14.38
N HIS K 80 46.59 41.59 14.54
CA HIS K 80 47.23 41.01 15.71
C HIS K 80 48.73 41.30 15.70
N VAL K 81 49.32 41.28 16.90
CA VAL K 81 50.75 41.56 17.02
C VAL K 81 51.57 40.48 16.33
N ASN K 82 51.08 39.23 16.33
CA ASN K 82 51.81 38.15 15.68
C ASN K 82 51.83 38.32 14.16
N VAL K 83 50.82 38.98 13.60
CA VAL K 83 50.78 39.18 12.15
C VAL K 83 51.84 40.18 11.72
N ASP K 84 51.96 41.29 12.44
CA ASP K 84 52.95 42.31 12.10
C ASP K 84 54.38 41.82 12.28
N ALA K 85 54.61 40.80 13.11
CA ALA K 85 55.94 40.29 13.36
C ALA K 85 56.37 39.23 12.34
N ALA K 86 55.42 38.54 11.71
CA ALA K 86 55.74 37.48 10.76
C ALA K 86 55.55 37.87 9.30
N LEU K 87 54.81 38.94 9.02
CA LEU K 87 54.56 39.35 7.65
C LEU K 87 55.16 40.72 7.37
N PRO K 88 55.74 40.92 6.18
CA PRO K 88 56.31 42.24 5.87
C PRO K 88 55.24 43.28 5.60
N LEU K 89 54.59 43.75 6.66
CA LEU K 89 53.48 44.70 6.55
C LEU K 89 53.85 46.09 7.07
N GLY K 90 55.13 46.38 7.23
CA GLY K 90 55.59 47.70 7.59
C GLY K 90 55.71 47.97 9.07
N ARG K 91 55.27 47.05 9.93
CA ARG K 91 55.35 47.22 11.38
C ARG K 91 56.07 46.01 11.99
N THR K 92 57.28 45.75 11.51
CA THR K 92 58.07 44.62 11.97
C THR K 92 59.23 45.12 12.83
N PRO K 93 59.21 44.91 14.14
CA PRO K 93 60.30 45.31 15.05
C PRO K 93 61.62 44.62 14.73
N ALA K 116 59.33 66.39 -7.81
CA ALA K 116 58.86 65.10 -8.30
C ALA K 116 58.45 65.19 -9.76
N ASP K 117 59.02 64.32 -10.59
CA ASP K 117 58.72 64.30 -12.01
C ASP K 117 57.46 63.48 -12.27
N ALA K 118 56.91 63.63 -13.48
CA ALA K 118 55.73 62.90 -13.87
C ALA K 118 56.06 61.44 -14.14
N LEU K 119 55.02 60.60 -14.10
CA LEU K 119 55.17 59.15 -14.19
C LEU K 119 54.35 58.60 -15.35
N GLY K 120 54.98 57.81 -16.21
CA GLY K 120 54.29 57.14 -17.30
C GLY K 120 54.63 55.67 -17.36
N MET K 121 53.63 54.81 -17.46
CA MET K 121 53.83 53.37 -17.37
C MET K 121 53.04 52.65 -18.44
N ILE K 122 53.60 51.55 -18.94
CA ILE K 122 52.96 50.67 -19.91
C ILE K 122 53.26 49.23 -19.51
N GLU K 123 52.22 48.41 -19.40
CA GLU K 123 52.35 47.01 -19.01
C GLU K 123 51.85 46.11 -20.13
N VAL K 124 52.66 45.12 -20.48
CA VAL K 124 52.34 44.19 -21.57
C VAL K 124 52.70 42.78 -21.13
N ARG K 125 51.78 41.83 -21.36
CA ARG K 125 52.07 40.42 -21.13
C ARG K 125 52.91 39.90 -22.30
N GLY K 126 54.16 40.34 -22.30
CA GLY K 126 55.08 40.00 -23.37
C GLY K 126 56.25 40.96 -23.42
N PHE K 127 57.48 40.41 -23.34
CA PHE K 127 58.66 41.26 -23.30
C PHE K 127 58.86 42.03 -24.61
N VAL K 128 58.43 41.47 -25.73
CA VAL K 128 58.58 42.15 -27.00
C VAL K 128 57.68 43.38 -27.07
N GLY K 129 56.44 43.23 -26.59
CA GLY K 129 55.52 44.36 -26.60
C GLY K 129 55.95 45.49 -25.67
N MET K 130 56.68 45.16 -24.61
CA MET K 130 57.16 46.17 -23.67
C MET K 130 58.34 46.95 -24.25
N VAL K 131 59.26 46.26 -24.93
CA VAL K 131 60.40 46.95 -25.53
C VAL K 131 59.95 47.89 -26.63
N GLU K 132 59.00 47.45 -27.47
CA GLU K 132 58.46 48.32 -28.50
C GLU K 132 57.75 49.53 -27.88
N ALA K 133 57.04 49.31 -26.77
CA ALA K 133 56.41 50.42 -26.07
C ALA K 133 57.46 51.34 -25.45
N ALA K 134 58.52 50.77 -24.89
CA ALA K 134 59.58 51.59 -24.30
C ALA K 134 60.38 52.32 -25.36
N ASP K 135 60.54 51.72 -26.54
CA ASP K 135 61.30 52.38 -27.60
C ASP K 135 60.53 53.55 -28.19
N ALA K 136 59.21 53.41 -28.32
CA ALA K 136 58.38 54.47 -28.88
C ALA K 136 58.17 55.63 -27.91
N MET K 137 58.38 55.42 -26.62
CA MET K 137 58.19 56.49 -25.64
C MET K 137 59.39 57.43 -25.59
N VAL K 138 60.60 56.87 -25.52
CA VAL K 138 61.81 57.69 -25.47
C VAL K 138 62.09 58.41 -26.77
N LYS K 139 61.43 58.02 -27.86
CA LYS K 139 61.59 58.69 -29.14
C LYS K 139 60.54 59.77 -29.38
N ALA K 140 59.37 59.67 -28.75
CA ALA K 140 58.30 60.62 -28.99
C ALA K 140 58.51 61.93 -28.23
N ALA K 141 59.11 61.88 -27.04
CA ALA K 141 59.32 63.06 -26.23
C ALA K 141 60.62 62.90 -25.45
N LYS K 142 60.93 63.90 -24.63
CA LYS K 142 62.16 63.92 -23.84
C LYS K 142 61.85 63.31 -22.47
N VAL K 143 61.85 61.97 -22.43
CA VAL K 143 61.60 61.22 -21.21
C VAL K 143 62.82 60.36 -20.92
N GLU K 144 62.85 59.81 -19.70
CA GLU K 144 63.94 58.94 -19.25
C GLU K 144 63.36 57.59 -18.87
N LEU K 145 63.76 56.55 -19.60
CA LEU K 145 63.36 55.18 -19.29
C LEU K 145 64.17 54.72 -18.09
N ILE K 146 63.55 54.73 -16.91
CA ILE K 146 64.25 54.39 -15.68
C ILE K 146 64.48 52.90 -15.51
N GLY K 147 63.90 52.07 -16.39
CA GLY K 147 64.05 50.64 -16.32
C GLY K 147 62.71 49.95 -16.51
N TYR K 148 62.68 48.67 -16.17
CA TYR K 148 61.48 47.85 -16.32
C TYR K 148 61.26 47.02 -15.06
N GLU K 149 59.99 46.69 -14.82
CA GLU K 149 59.59 45.94 -13.63
C GLU K 149 58.98 44.63 -14.08
N LYS K 150 59.50 43.52 -13.57
CA LYS K 150 59.00 42.18 -13.87
C LYS K 150 58.16 41.70 -12.69
N THR K 151 56.86 41.51 -12.93
CA THR K 151 55.93 41.09 -11.90
C THR K 151 55.62 39.59 -11.95
N GLY K 152 56.20 38.86 -12.89
CA GLY K 152 55.98 37.44 -13.01
C GLY K 152 54.83 37.09 -13.94
N GLY K 153 54.85 35.85 -14.41
CA GLY K 153 53.83 35.37 -15.32
C GLY K 153 53.85 36.04 -16.69
N GLY K 154 55.01 36.52 -17.12
CA GLY K 154 55.13 37.20 -18.40
C GLY K 154 54.74 38.66 -18.38
N TYR K 155 54.32 39.19 -17.23
CA TYR K 155 53.92 40.58 -17.13
C TYR K 155 55.14 41.44 -16.83
N VAL K 156 55.42 42.40 -17.71
CA VAL K 156 56.51 43.36 -17.53
C VAL K 156 55.98 44.76 -17.79
N THR K 157 56.57 45.73 -17.10
CA THR K 157 56.11 47.12 -17.15
C THR K 157 57.28 48.04 -17.45
N ALA K 158 57.12 48.88 -18.47
CA ALA K 158 58.11 49.90 -18.80
C ALA K 158 57.73 51.20 -18.10
N VAL K 159 58.70 51.82 -17.44
CA VAL K 159 58.48 53.01 -16.62
C VAL K 159 59.36 54.13 -17.15
N VAL K 160 58.75 55.28 -17.44
CA VAL K 160 59.46 56.47 -17.89
C VAL K 160 59.11 57.63 -16.99
N ARG K 161 60.04 58.59 -16.88
CA ARG K 161 59.83 59.77 -16.07
C ARG K 161 60.16 61.01 -16.88
N GLY K 162 59.69 62.15 -16.38
CA GLY K 162 59.89 63.42 -17.06
C GLY K 162 58.86 64.43 -16.60
N ASP K 163 58.69 65.47 -17.40
CA ASP K 163 57.67 66.46 -17.10
C ASP K 163 56.30 65.95 -17.55
N VAL K 164 55.26 66.71 -17.18
CA VAL K 164 53.89 66.27 -17.44
C VAL K 164 53.60 66.24 -18.94
N ALA K 165 54.20 67.16 -19.71
CA ALA K 165 53.90 67.23 -21.13
C ALA K 165 54.55 66.09 -21.92
N ALA K 166 55.74 65.65 -21.50
CA ALA K 166 56.48 64.65 -22.27
C ALA K 166 55.87 63.27 -22.10
N VAL K 167 55.63 62.85 -20.85
CA VAL K 167 55.12 61.50 -20.61
C VAL K 167 53.68 61.38 -21.09
N LYS K 168 52.94 62.49 -21.15
CA LYS K 168 51.57 62.43 -21.66
C LYS K 168 51.55 62.11 -23.15
N ALA K 169 52.50 62.66 -23.91
CA ALA K 169 52.61 62.36 -25.33
C ALA K 169 53.41 61.09 -25.61
N ALA K 170 54.25 60.66 -24.67
CA ALA K 170 55.05 59.45 -24.88
C ALA K 170 54.21 58.19 -24.67
N THR K 171 53.41 58.15 -23.60
CA THR K 171 52.59 56.97 -23.34
C THR K 171 51.55 56.76 -24.43
N GLU K 172 50.96 57.84 -24.93
CA GLU K 172 49.99 57.72 -26.01
C GLU K 172 50.65 57.26 -27.30
N ALA K 173 51.90 57.62 -27.53
CA ALA K 173 52.61 57.17 -28.73
C ALA K 173 53.10 55.74 -28.57
N GLY K 174 53.56 55.36 -27.37
CA GLY K 174 54.01 54.01 -27.14
C GLY K 174 52.88 53.00 -27.09
N GLN K 175 51.69 53.44 -26.67
CA GLN K 175 50.55 52.53 -26.61
C GLN K 175 50.10 52.12 -28.02
N ARG K 176 49.93 53.10 -28.91
CA ARG K 176 49.53 52.81 -30.28
C ARG K 176 50.59 51.99 -31.02
N ALA K 177 51.84 52.06 -30.61
CA ALA K 177 52.88 51.25 -31.24
C ALA K 177 52.97 49.86 -30.64
N ALA K 178 52.55 49.70 -29.38
CA ALA K 178 52.60 48.41 -28.71
C ALA K 178 51.35 47.56 -28.92
N GLU K 179 50.22 48.19 -29.27
CA GLU K 179 49.01 47.42 -29.51
C GLU K 179 49.15 46.52 -30.74
N ARG K 180 50.00 46.90 -31.69
CA ARG K 180 50.24 46.12 -32.89
C ARG K 180 51.34 45.08 -32.73
N VAL K 181 51.83 44.87 -31.50
CA VAL K 181 52.92 43.93 -31.27
C VAL K 181 52.45 42.85 -30.30
N GLY K 182 52.07 43.25 -29.08
CA GLY K 182 51.67 42.30 -28.07
C GLY K 182 50.36 42.64 -27.38
N GLU K 183 50.08 41.94 -26.28
CA GLU K 183 48.85 42.14 -25.53
C GLU K 183 49.08 43.22 -24.47
N VAL K 184 48.56 44.41 -24.71
CA VAL K 184 48.70 45.52 -23.78
C VAL K 184 47.73 45.34 -22.63
N VAL K 185 48.26 45.38 -21.40
CA VAL K 185 47.43 45.17 -20.22
C VAL K 185 46.91 46.50 -19.66
N ALA K 186 47.79 47.47 -19.44
CA ALA K 186 47.39 48.73 -18.86
C ALA K 186 48.37 49.83 -19.27
N VAL K 187 47.83 51.02 -19.51
CA VAL K 187 48.62 52.21 -19.83
C VAL K 187 48.03 53.37 -19.04
N HIS K 188 48.84 54.00 -18.19
CA HIS K 188 48.36 55.08 -17.36
C HIS K 188 49.47 56.09 -17.13
N VAL K 189 49.06 57.34 -16.85
CA VAL K 189 49.97 58.44 -16.58
C VAL K 189 49.56 59.09 -15.27
N ILE K 190 50.54 59.39 -14.43
CA ILE K 190 50.33 60.11 -13.18
C ILE K 190 51.01 61.46 -13.31
N PRO K 191 50.27 62.57 -13.25
CA PRO K 191 50.90 63.88 -13.49
C PRO K 191 51.97 64.24 -12.46
N ARG K 192 51.65 64.13 -11.18
CA ARG K 192 52.62 64.37 -10.11
C ARG K 192 52.39 63.35 -9.01
N PRO K 193 53.14 62.24 -9.01
CA PRO K 193 52.96 61.23 -7.97
C PRO K 193 53.37 61.75 -6.61
N HIS K 194 52.68 61.26 -5.59
CA HIS K 194 52.95 61.69 -4.22
C HIS K 194 54.36 61.29 -3.80
N VAL K 195 54.91 62.03 -2.85
CA VAL K 195 56.28 61.77 -2.40
C VAL K 195 56.39 60.39 -1.76
N ASN K 196 55.32 59.92 -1.12
CA ASN K 196 55.35 58.60 -0.50
C ASN K 196 55.45 57.49 -1.55
N VAL K 197 54.98 57.75 -2.77
CA VAL K 197 55.02 56.72 -3.81
C VAL K 197 56.44 56.53 -4.31
N ASP K 198 57.13 57.63 -4.61
CA ASP K 198 58.50 57.54 -5.10
C ASP K 198 59.47 57.02 -4.05
N ALA K 199 59.09 57.08 -2.77
CA ALA K 199 59.96 56.61 -1.69
C ALA K 199 59.78 55.13 -1.40
N ALA K 200 58.61 54.56 -1.73
CA ALA K 200 58.33 53.17 -1.44
C ALA K 200 58.32 52.27 -2.67
N LEU K 201 58.27 52.84 -3.87
CA LEU K 201 58.21 52.03 -5.08
C LEU K 201 59.42 52.31 -5.96
N PRO K 202 59.97 51.30 -6.65
CA PRO K 202 61.12 51.53 -7.53
C PRO K 202 60.72 52.23 -8.82
N LEU K 203 60.53 53.54 -8.77
CA LEU K 203 60.09 54.31 -9.92
C LEU K 203 61.13 55.29 -10.41
N GLY K 204 62.38 55.16 -9.96
CA GLY K 204 63.47 55.98 -10.44
C GLY K 204 63.68 57.30 -9.70
N ARG K 205 62.77 57.68 -8.81
CA ARG K 205 62.88 58.91 -8.04
C ARG K 205 62.96 58.64 -6.55
N THR K 206 63.76 57.64 -6.18
CA THR K 206 63.99 57.31 -4.79
C THR K 206 64.87 58.37 -4.14
N PRO K 207 64.90 58.44 -2.80
CA PRO K 207 65.77 59.43 -2.13
C PRO K 207 67.24 59.07 -2.22
N GLY K 208 67.60 58.12 -3.07
CA GLY K 208 68.99 57.73 -3.25
C GLY K 208 69.22 56.90 -4.49
N ASP L 3 73.07 49.31 -33.72
CA ASP L 3 72.66 48.07 -34.36
C ASP L 3 71.16 47.84 -34.22
N ALA L 4 70.59 47.06 -35.14
CA ALA L 4 69.17 46.78 -35.10
C ALA L 4 68.85 45.81 -33.95
N LEU L 5 67.56 45.61 -33.72
CA LEU L 5 67.08 44.78 -32.62
C LEU L 5 66.06 43.79 -33.15
N GLY L 6 66.25 42.51 -32.81
CA GLY L 6 65.32 41.47 -33.19
C GLY L 6 64.90 40.63 -32.00
N MET L 7 63.60 40.40 -31.86
CA MET L 7 63.06 39.68 -30.70
C MET L 7 61.99 38.69 -31.16
N ILE L 8 62.05 37.48 -30.61
CA ILE L 8 61.04 36.45 -30.84
C ILE L 8 60.67 35.88 -29.48
N GLU L 9 59.41 36.08 -29.07
CA GLU L 9 58.92 35.62 -27.78
C GLU L 9 58.06 34.38 -27.99
N VAL L 10 58.37 33.33 -27.22
CA VAL L 10 57.67 32.05 -27.32
C VAL L 10 57.37 31.56 -25.92
N ARG L 11 56.11 31.21 -25.66
CA ARG L 11 55.72 30.58 -24.39
C ARG L 11 56.17 29.12 -24.41
N GLY L 12 57.48 28.94 -24.27
CA GLY L 12 58.08 27.63 -24.35
C GLY L 12 59.56 27.72 -24.66
N PHE L 13 60.40 27.16 -23.78
CA PHE L 13 61.84 27.26 -23.96
C PHE L 13 62.32 26.51 -25.20
N VAL L 14 61.59 25.47 -25.62
CA VAL L 14 61.99 24.71 -26.79
C VAL L 14 61.76 25.51 -28.06
N GLY L 15 60.58 26.13 -28.18
CA GLY L 15 60.28 26.93 -29.35
C GLY L 15 61.18 28.15 -29.47
N MET L 16 61.67 28.67 -28.36
CA MET L 16 62.56 29.82 -28.40
C MET L 16 63.95 29.43 -28.88
N VAL L 17 64.43 28.25 -28.47
CA VAL L 17 65.74 27.79 -28.90
C VAL L 17 65.76 27.50 -30.40
N GLU L 18 64.67 26.91 -30.91
CA GLU L 18 64.58 26.66 -32.34
C GLU L 18 64.52 27.97 -33.13
N ALA L 19 63.85 28.98 -32.56
CA ALA L 19 63.81 30.29 -33.22
C ALA L 19 65.19 30.94 -33.23
N ALA L 20 65.96 30.76 -32.16
CA ALA L 20 67.30 31.35 -32.09
C ALA L 20 68.25 30.66 -33.05
N ASP L 21 68.12 29.34 -33.22
CA ASP L 21 68.99 28.62 -34.12
C ASP L 21 68.72 28.99 -35.58
N ALA L 22 67.46 29.20 -35.92
CA ALA L 22 67.10 29.56 -37.29
C ALA L 22 67.49 30.99 -37.64
N MET L 23 67.62 31.87 -36.65
CA MET L 23 67.98 33.26 -36.92
C MET L 23 69.47 33.40 -37.23
N VAL L 24 70.32 32.78 -36.42
CA VAL L 24 71.76 32.89 -36.63
C VAL L 24 72.21 32.15 -37.89
N LYS L 25 71.41 31.21 -38.39
CA LYS L 25 71.74 30.52 -39.62
C LYS L 25 71.20 31.22 -40.86
N ALA L 26 70.11 31.98 -40.71
CA ALA L 26 69.51 32.65 -41.86
C ALA L 26 70.37 33.81 -42.35
N ALA L 27 70.74 34.71 -41.44
CA ALA L 27 71.56 35.87 -41.76
C ALA L 27 72.71 35.97 -40.76
N LYS L 28 73.50 37.03 -40.89
CA LYS L 28 74.64 37.27 -40.00
C LYS L 28 74.16 38.16 -38.86
N VAL L 29 73.62 37.53 -37.81
CA VAL L 29 73.17 38.24 -36.62
C VAL L 29 73.78 37.58 -35.40
N GLU L 30 73.85 38.34 -34.30
CA GLU L 30 74.44 37.88 -33.06
C GLU L 30 73.35 37.67 -32.02
N LEU L 31 73.24 36.44 -31.52
CA LEU L 31 72.30 36.12 -30.45
C LEU L 31 72.90 36.57 -29.13
N ILE L 32 72.37 37.65 -28.56
CA ILE L 32 72.93 38.21 -27.33
C ILE L 32 72.50 37.45 -26.08
N GLY L 33 71.40 36.71 -26.16
CA GLY L 33 70.90 35.97 -25.01
C GLY L 33 69.39 35.86 -25.07
N TYR L 34 68.81 35.60 -23.90
CA TYR L 34 67.36 35.40 -23.80
C TYR L 34 66.87 35.99 -22.48
N GLU L 35 65.66 36.53 -22.52
CA GLU L 35 65.03 37.16 -21.36
C GLU L 35 63.86 36.30 -20.89
N LYS L 36 63.88 35.93 -19.61
CA LYS L 36 62.84 35.11 -19.00
C LYS L 36 61.93 36.01 -18.17
N THR L 37 60.69 36.18 -18.62
CA THR L 37 59.73 37.04 -17.96
C THR L 37 58.78 36.28 -17.05
N GLY L 38 58.98 34.98 -16.88
CA GLY L 38 58.13 34.18 -16.02
C GLY L 38 56.88 33.67 -16.72
N GLY L 39 56.23 32.71 -16.07
CA GLY L 39 55.03 32.12 -16.63
C GLY L 39 55.25 31.32 -17.90
N GLY L 40 56.46 30.82 -18.11
CA GLY L 40 56.78 30.10 -19.33
C GLY L 40 57.16 30.97 -20.51
N TYR L 41 57.15 32.29 -20.34
CA TYR L 41 57.47 33.21 -21.43
C TYR L 41 58.97 33.47 -21.47
N VAL L 42 59.58 33.27 -22.64
CA VAL L 42 60.98 33.59 -22.87
C VAL L 42 61.09 34.33 -24.19
N THR L 43 62.14 35.16 -24.32
CA THR L 43 62.31 36.03 -25.46
C THR L 43 63.75 35.94 -25.94
N ALA L 44 63.96 35.42 -27.15
CA ALA L 44 65.27 35.41 -27.76
C ALA L 44 65.55 36.78 -28.39
N VAL L 45 66.76 37.28 -28.19
CA VAL L 45 67.15 38.62 -28.64
C VAL L 45 68.38 38.47 -29.52
N VAL L 46 68.28 38.97 -30.75
CA VAL L 46 69.41 39.03 -31.68
C VAL L 46 69.61 40.47 -32.11
N ARG L 47 70.82 40.76 -32.59
CA ARG L 47 71.17 42.11 -33.02
C ARG L 47 72.05 42.06 -34.26
N GLY L 48 71.92 43.09 -35.09
CA GLY L 48 72.67 43.20 -36.32
C GLY L 48 72.28 44.44 -37.10
N ASP L 49 72.18 44.32 -38.42
CA ASP L 49 71.71 45.43 -39.24
C ASP L 49 70.20 45.29 -39.46
N VAL L 50 69.64 46.23 -40.21
CA VAL L 50 68.18 46.31 -40.36
C VAL L 50 67.66 45.10 -41.11
N ALA L 51 68.23 44.82 -42.29
CA ALA L 51 67.69 43.75 -43.14
C ALA L 51 68.07 42.37 -42.63
N ALA L 52 69.31 42.18 -42.18
CA ALA L 52 69.74 40.88 -41.71
C ALA L 52 68.93 40.43 -40.50
N VAL L 53 68.60 41.38 -39.60
CA VAL L 53 67.73 41.05 -38.48
C VAL L 53 66.31 40.78 -38.97
N LYS L 54 65.80 41.63 -39.86
CA LYS L 54 64.44 41.47 -40.35
C LYS L 54 64.30 40.20 -41.20
N ALA L 55 65.36 39.80 -41.92
CA ALA L 55 65.30 38.59 -42.72
C ALA L 55 65.43 37.34 -41.85
N ALA L 56 66.27 37.40 -40.82
CA ALA L 56 66.41 36.27 -39.90
C ALA L 56 65.21 36.15 -38.97
N THR L 57 64.55 37.26 -38.68
CA THR L 57 63.39 37.23 -37.79
C THR L 57 62.24 36.45 -38.41
N GLU L 58 61.92 36.74 -39.67
CA GLU L 58 60.85 36.02 -40.35
C GLU L 58 61.23 34.56 -40.61
N ALA L 59 62.52 34.28 -40.76
CA ALA L 59 62.97 32.90 -40.93
C ALA L 59 62.88 32.13 -39.62
N GLY L 60 63.19 32.79 -38.50
CA GLY L 60 63.08 32.15 -37.20
C GLY L 60 61.65 32.02 -36.70
N GLN L 61 60.74 32.85 -37.20
CA GLN L 61 59.34 32.74 -36.80
C GLN L 61 58.68 31.52 -37.39
N ARG L 62 58.85 31.31 -38.71
CA ARG L 62 58.26 30.15 -39.35
C ARG L 62 58.86 28.85 -38.85
N ALA L 63 60.07 28.88 -38.31
CA ALA L 63 60.67 27.68 -37.73
C ALA L 63 60.21 27.45 -36.30
N ALA L 64 59.84 28.51 -35.59
CA ALA L 64 59.34 28.38 -34.22
C ALA L 64 57.87 28.01 -34.17
N GLU L 65 57.10 28.34 -35.22
CA GLU L 65 55.70 27.97 -35.25
C GLU L 65 55.49 26.46 -35.35
N ARG L 66 56.52 25.72 -35.77
CA ARG L 66 56.42 24.28 -35.93
C ARG L 66 56.67 23.51 -34.65
N VAL L 67 56.87 24.18 -33.52
CA VAL L 67 57.22 23.48 -32.28
C VAL L 67 56.52 24.10 -31.09
N GLY L 68 56.56 25.43 -30.97
CA GLY L 68 56.06 26.13 -29.82
C GLY L 68 55.00 27.16 -30.15
N GLU L 69 54.57 27.86 -29.10
CA GLU L 69 53.55 28.90 -29.22
C GLU L 69 54.24 30.26 -29.36
N VAL L 70 54.22 30.81 -30.57
CA VAL L 70 54.84 32.11 -30.82
C VAL L 70 53.93 33.19 -30.24
N VAL L 71 54.49 33.99 -29.32
CA VAL L 71 53.72 35.03 -28.63
C VAL L 71 53.80 36.33 -29.41
N ALA L 72 55.02 36.86 -29.56
CA ALA L 72 55.21 38.13 -30.24
C ALA L 72 56.50 38.09 -31.05
N VAL L 73 56.49 38.82 -32.16
CA VAL L 73 57.64 38.91 -33.06
C VAL L 73 57.70 40.34 -33.61
N HIS L 74 58.84 40.99 -33.44
CA HIS L 74 58.98 42.37 -33.88
C HIS L 74 60.45 42.70 -34.05
N VAL L 75 60.74 43.67 -34.92
CA VAL L 75 62.09 44.16 -35.15
C VAL L 75 62.10 45.66 -34.96
N ILE L 76 63.19 46.17 -34.38
CA ILE L 76 63.39 47.60 -34.17
C ILE L 76 64.61 48.02 -34.98
N PRO L 77 64.46 48.90 -35.98
CA PRO L 77 65.59 49.23 -36.85
C PRO L 77 66.69 50.00 -36.13
N ARG L 78 66.32 51.11 -35.48
CA ARG L 78 67.29 51.96 -34.77
C ARG L 78 66.77 52.17 -33.35
N PRO L 79 67.11 51.26 -32.43
CA PRO L 79 66.68 51.45 -31.04
C PRO L 79 67.35 52.65 -30.41
N HIS L 80 66.57 53.40 -29.61
CA HIS L 80 67.09 54.59 -28.97
C HIS L 80 68.16 54.22 -27.95
N VAL L 81 69.10 55.15 -27.73
CA VAL L 81 70.22 54.89 -26.84
C VAL L 81 69.73 54.72 -25.40
N ASN L 82 68.61 55.33 -25.05
CA ASN L 82 68.07 55.19 -23.70
C ASN L 82 67.55 53.78 -23.46
N VAL L 83 67.13 53.08 -24.51
CA VAL L 83 66.59 51.73 -24.34
C VAL L 83 67.71 50.74 -24.02
N ASP L 84 68.84 50.84 -24.72
CA ASP L 84 69.93 49.89 -24.51
C ASP L 84 70.58 50.04 -23.14
N ALA L 85 70.45 51.20 -22.50
CA ALA L 85 71.09 51.43 -21.20
C ALA L 85 70.27 50.86 -20.05
N ALA L 86 68.96 50.72 -20.20
CA ALA L 86 68.09 50.26 -19.13
C ALA L 86 67.58 48.84 -19.31
N LEU L 87 67.63 48.28 -20.52
CA LEU L 87 67.14 46.94 -20.76
C LEU L 87 68.28 46.01 -21.13
N PRO L 88 68.22 44.73 -20.72
CA PRO L 88 69.29 43.77 -21.05
C PRO L 88 69.20 43.29 -22.49
N LEU L 89 69.56 44.18 -23.42
CA LEU L 89 69.51 43.87 -24.85
C LEU L 89 70.90 43.65 -25.43
N GLY L 90 71.88 43.31 -24.60
CA GLY L 90 73.22 43.02 -25.06
C GLY L 90 74.09 44.24 -25.30
N ARG L 91 73.56 45.45 -25.18
CA ARG L 91 74.32 46.68 -25.42
C ARG L 91 74.18 47.58 -24.20
N THR L 92 74.72 47.14 -23.07
CA THR L 92 74.71 47.91 -21.83
C THR L 92 76.14 48.25 -21.44
N PRO L 93 76.61 49.49 -21.73
CA PRO L 93 77.98 49.94 -21.43
C PRO L 93 78.33 49.83 -19.94
N ALA L 116 80.10 20.59 -33.84
CA ALA L 116 79.27 20.61 -32.65
C ALA L 116 78.42 19.35 -32.55
N ASP L 117 77.91 19.07 -31.36
CA ASP L 117 77.09 17.89 -31.12
C ASP L 117 75.61 18.24 -31.26
N ALA L 118 74.78 17.20 -31.39
CA ALA L 118 73.35 17.39 -31.57
C ALA L 118 72.70 17.86 -30.27
N LEU L 119 71.44 18.28 -30.39
CA LEU L 119 70.70 18.86 -29.28
C LEU L 119 69.33 18.22 -29.19
N GLY L 120 68.94 17.81 -27.98
CA GLY L 120 67.63 17.25 -27.74
C GLY L 120 66.94 17.88 -26.55
N MET L 121 65.67 18.26 -26.72
CA MET L 121 64.96 19.01 -25.69
C MET L 121 63.55 18.45 -25.54
N ILE L 122 63.07 18.42 -24.29
CA ILE L 122 61.71 18.02 -23.96
C ILE L 122 61.18 18.95 -22.88
N GLU L 123 60.09 19.65 -23.17
CA GLU L 123 59.49 20.60 -22.25
C GLU L 123 58.18 20.02 -21.70
N VAL L 124 58.03 20.09 -20.38
CA VAL L 124 56.85 19.55 -19.70
C VAL L 124 56.38 20.56 -18.67
N ARG L 125 55.07 20.81 -18.62
CA ARG L 125 54.48 21.64 -17.57
C ARG L 125 54.30 20.77 -16.31
N GLY L 126 55.44 20.40 -15.72
CA GLY L 126 55.46 19.52 -14.57
C GLY L 126 56.83 18.94 -14.34
N PHE L 127 57.34 19.10 -13.11
CA PHE L 127 58.70 18.63 -12.82
C PHE L 127 58.78 17.11 -12.86
N VAL L 128 57.69 16.41 -12.51
CA VAL L 128 57.73 14.95 -12.51
C VAL L 128 57.80 14.40 -13.92
N GLY L 129 57.00 14.96 -14.84
CA GLY L 129 57.04 14.50 -16.22
C GLY L 129 58.37 14.77 -16.89
N MET L 130 59.10 15.79 -16.44
CA MET L 130 60.40 16.10 -17.01
C MET L 130 61.47 15.12 -16.52
N VAL L 131 61.41 14.73 -15.25
CA VAL L 131 62.38 13.78 -14.72
C VAL L 131 62.19 12.41 -15.37
N GLU L 132 60.93 12.00 -15.57
CA GLU L 132 60.66 10.74 -16.25
C GLU L 132 61.17 10.78 -17.70
N ALA L 133 61.05 11.94 -18.35
CA ALA L 133 61.56 12.06 -19.71
C ALA L 133 63.08 11.98 -19.75
N ALA L 134 63.75 12.60 -18.77
CA ALA L 134 65.21 12.55 -18.74
C ALA L 134 65.73 11.17 -18.38
N ASP L 135 64.99 10.43 -17.55
CA ASP L 135 65.44 9.10 -17.16
C ASP L 135 65.38 8.13 -18.34
N ALA L 136 64.35 8.23 -19.17
CA ALA L 136 64.20 7.34 -20.31
C ALA L 136 65.14 7.69 -21.46
N MET L 137 65.60 8.94 -21.54
CA MET L 137 66.46 9.33 -22.65
C MET L 137 67.86 8.77 -22.48
N VAL L 138 68.44 8.93 -21.29
CA VAL L 138 69.80 8.42 -21.06
C VAL L 138 69.85 6.90 -21.05
N LYS L 139 68.72 6.24 -20.82
CA LYS L 139 68.66 4.78 -20.89
C LYS L 139 68.46 4.27 -22.31
N ALA L 140 67.93 5.11 -23.20
CA ALA L 140 67.57 4.65 -24.54
C ALA L 140 68.77 4.62 -25.48
N ALA L 141 69.63 5.63 -25.43
CA ALA L 141 70.74 5.73 -26.35
C ALA L 141 71.92 6.39 -25.64
N LYS L 142 72.98 6.67 -26.41
CA LYS L 142 74.21 7.27 -25.88
C LYS L 142 74.07 8.80 -25.94
N VAL L 143 73.43 9.35 -24.91
CA VAL L 143 73.24 10.79 -24.79
C VAL L 143 73.67 11.22 -23.39
N GLU L 144 73.98 12.51 -23.28
CA GLU L 144 74.43 13.10 -22.03
C GLU L 144 73.40 14.12 -21.56
N LEU L 145 72.89 13.94 -20.34
CA LEU L 145 71.93 14.87 -19.75
C LEU L 145 72.70 16.03 -19.14
N ILE L 146 72.60 17.21 -19.74
CA ILE L 146 73.35 18.37 -19.26
C ILE L 146 72.65 19.11 -18.12
N GLY L 147 71.36 18.90 -17.93
CA GLY L 147 70.60 19.57 -16.89
C GLY L 147 69.22 19.93 -17.38
N TYR L 148 68.57 20.84 -16.66
CA TYR L 148 67.22 21.26 -16.97
C TYR L 148 67.09 22.77 -16.82
N GLU L 149 66.08 23.32 -17.47
CA GLU L 149 65.84 24.76 -17.49
C GLU L 149 64.44 25.03 -16.93
N LYS L 150 64.35 26.00 -16.02
CA LYS L 150 63.08 26.39 -15.39
C LYS L 150 62.69 27.76 -15.90
N THR L 151 61.65 27.82 -16.70
CA THR L 151 61.16 29.07 -17.27
C THR L 151 59.97 29.66 -16.52
N GLY L 152 59.56 29.04 -15.43
CA GLY L 152 58.47 29.54 -14.63
C GLY L 152 57.12 28.96 -15.05
N GLY L 153 56.13 29.13 -14.17
CA GLY L 153 54.80 28.63 -14.45
C GLY L 153 54.70 27.13 -14.54
N GLY L 154 55.61 26.41 -13.87
CA GLY L 154 55.65 24.97 -13.95
C GLY L 154 56.31 24.41 -15.20
N TYR L 155 56.79 25.27 -16.09
CA TYR L 155 57.45 24.81 -17.31
C TYR L 155 58.90 24.47 -17.03
N VAL L 156 59.29 23.24 -17.36
CA VAL L 156 60.67 22.78 -17.22
C VAL L 156 61.07 22.05 -18.49
N THR L 157 62.33 22.17 -18.86
CA THR L 157 62.85 21.63 -20.12
C THR L 157 64.09 20.82 -19.85
N ALA L 158 64.03 19.52 -20.13
CA ALA L 158 65.21 18.67 -20.05
C ALA L 158 66.00 18.76 -21.36
N VAL L 159 67.31 18.84 -21.23
CA VAL L 159 68.20 19.04 -22.38
C VAL L 159 69.24 17.93 -22.39
N VAL L 160 69.40 17.28 -23.55
CA VAL L 160 70.39 16.23 -23.73
C VAL L 160 71.23 16.57 -24.95
N ARG L 161 72.47 16.05 -24.96
CA ARG L 161 73.41 16.26 -26.05
C ARG L 161 73.99 14.93 -26.49
N GLY L 162 74.50 14.91 -27.72
CA GLY L 162 75.09 13.71 -28.27
C GLY L 162 75.17 13.83 -29.78
N ASP L 163 75.19 12.66 -30.44
CA ASP L 163 75.16 12.61 -31.89
C ASP L 163 73.72 12.54 -32.39
N VAL L 164 73.53 12.99 -33.63
CA VAL L 164 72.18 13.11 -34.20
C VAL L 164 71.47 11.77 -34.23
N ALA L 165 72.21 10.67 -34.43
CA ALA L 165 71.58 9.36 -34.49
C ALA L 165 70.98 8.97 -33.14
N ALA L 166 71.70 9.25 -32.05
CA ALA L 166 71.22 8.85 -30.73
C ALA L 166 70.26 9.86 -30.13
N VAL L 167 70.44 11.15 -30.42
CA VAL L 167 69.56 12.17 -29.86
C VAL L 167 68.15 12.03 -30.43
N LYS L 168 68.04 11.73 -31.73
CA LYS L 168 66.73 11.52 -32.33
C LYS L 168 66.05 10.29 -31.74
N ALA L 169 66.82 9.23 -31.47
CA ALA L 169 66.24 8.03 -30.90
C ALA L 169 65.93 8.18 -29.41
N ALA L 170 66.59 9.11 -28.72
CA ALA L 170 66.33 9.30 -27.30
C ALA L 170 65.12 10.19 -27.06
N THR L 171 64.99 11.26 -27.86
CA THR L 171 63.87 12.18 -27.66
C THR L 171 62.53 11.51 -27.96
N GLU L 172 62.46 10.74 -29.05
CA GLU L 172 61.23 10.04 -29.37
C GLU L 172 60.92 8.94 -28.35
N ALA L 173 61.94 8.43 -27.65
CA ALA L 173 61.71 7.46 -26.60
C ALA L 173 61.35 8.13 -25.28
N GLY L 174 61.91 9.31 -25.02
CA GLY L 174 61.56 10.04 -23.81
C GLY L 174 60.20 10.69 -23.88
N GLN L 175 59.77 11.12 -25.07
CA GLN L 175 58.44 11.71 -25.23
C GLN L 175 57.36 10.67 -24.98
N ARG L 176 57.53 9.45 -25.50
CA ARG L 176 56.52 8.41 -25.33
C ARG L 176 56.40 7.98 -23.88
N ALA L 177 57.49 8.03 -23.12
CA ALA L 177 57.43 7.63 -21.72
C ALA L 177 56.91 8.74 -20.82
N ALA L 178 57.06 10.00 -21.24
CA ALA L 178 56.63 11.13 -20.43
C ALA L 178 55.17 11.51 -20.65
N GLU L 179 54.56 11.05 -21.74
CA GLU L 179 53.16 11.39 -22.01
C GLU L 179 52.22 10.74 -20.99
N ARG L 180 52.59 9.58 -20.46
CA ARG L 180 51.77 8.91 -19.46
C ARG L 180 51.90 9.54 -18.08
N VAL L 181 52.81 10.49 -17.89
CA VAL L 181 53.09 11.08 -16.58
C VAL L 181 52.58 12.52 -16.51
N GLY L 182 53.12 13.40 -17.35
CA GLY L 182 52.77 14.81 -17.27
C GLY L 182 52.25 15.42 -18.55
N GLU L 183 52.16 16.74 -18.58
CA GLU L 183 51.65 17.48 -19.74
C GLU L 183 52.83 17.90 -20.61
N VAL L 184 52.99 17.20 -21.74
CA VAL L 184 54.10 17.48 -22.65
C VAL L 184 53.77 18.73 -23.45
N VAL L 185 54.76 19.63 -23.57
CA VAL L 185 54.56 20.90 -24.26
C VAL L 185 55.14 20.82 -25.66
N ALA L 186 56.44 20.51 -25.76
CA ALA L 186 57.10 20.47 -27.06
C ALA L 186 58.32 19.56 -26.98
N VAL L 187 58.61 18.92 -28.11
CA VAL L 187 59.79 18.05 -28.26
C VAL L 187 60.43 18.36 -29.60
N HIS L 188 61.73 18.68 -29.60
CA HIS L 188 62.41 19.06 -30.82
C HIS L 188 63.86 18.61 -30.75
N VAL L 189 64.46 18.41 -31.93
CA VAL L 189 65.85 17.99 -32.06
C VAL L 189 66.53 18.89 -33.08
N ILE L 190 67.69 19.41 -32.71
CA ILE L 190 68.52 20.22 -33.60
C ILE L 190 69.78 19.41 -33.93
N PRO L 191 69.97 18.95 -35.16
CA PRO L 191 71.12 18.09 -35.47
C PRO L 191 72.45 18.80 -35.33
N ARG L 192 72.57 20.01 -35.89
CA ARG L 192 73.81 20.78 -35.84
C ARG L 192 73.48 22.20 -35.40
N PRO L 193 73.42 22.45 -34.10
CA PRO L 193 73.16 23.81 -33.62
C PRO L 193 74.35 24.72 -33.92
N HIS L 194 74.03 25.96 -34.28
CA HIS L 194 75.06 26.94 -34.61
C HIS L 194 75.95 27.22 -33.41
N VAL L 195 77.20 27.61 -33.68
CA VAL L 195 78.15 27.88 -32.61
C VAL L 195 77.69 29.07 -31.76
N ASN L 196 77.00 30.03 -32.39
CA ASN L 196 76.49 31.18 -31.65
C ASN L 196 75.40 30.79 -30.66
N VAL L 197 74.70 29.68 -30.91
CA VAL L 197 73.64 29.24 -30.00
C VAL L 197 74.23 28.61 -28.74
N ASP L 198 75.23 27.74 -28.91
CA ASP L 198 75.84 27.07 -27.77
C ASP L 198 76.59 28.04 -26.85
N ALA L 199 77.01 29.19 -27.37
CA ALA L 199 77.74 30.17 -26.57
C ALA L 199 76.83 31.07 -25.76
N ALA L 200 75.69 31.48 -26.33
CA ALA L 200 74.79 32.40 -25.65
C ALA L 200 73.71 31.70 -24.83
N LEU L 201 73.50 30.40 -25.04
CA LEU L 201 72.46 29.69 -24.32
C LEU L 201 73.06 28.57 -23.48
N PRO L 202 72.50 28.30 -22.29
CA PRO L 202 73.02 27.20 -21.47
C PRO L 202 72.62 25.84 -22.02
N LEU L 203 73.38 25.34 -23.00
CA LEU L 203 73.07 24.07 -23.64
C LEU L 203 74.19 23.04 -23.45
N GLY L 204 75.00 23.20 -22.41
CA GLY L 204 76.01 22.22 -22.06
C GLY L 204 77.25 22.21 -22.93
N ARG L 205 77.33 23.07 -23.94
CA ARG L 205 78.49 23.15 -24.82
C ARG L 205 79.06 24.57 -24.83
N THR L 206 79.12 25.20 -23.66
CA THR L 206 79.63 26.55 -23.55
C THR L 206 81.15 26.52 -23.39
N PRO L 207 81.91 27.20 -24.24
CA PRO L 207 83.38 27.24 -24.16
C PRO L 207 83.88 27.99 -22.93
N ASP M 3 41.75 30.07 28.87
CA ASP M 3 41.08 28.81 28.55
C ASP M 3 40.04 29.00 27.46
N ALA M 4 39.53 27.90 26.94
CA ALA M 4 38.50 27.93 25.91
C ALA M 4 37.12 28.06 26.55
N LEU M 5 36.12 28.32 25.71
CA LEU M 5 34.76 28.58 26.16
C LEU M 5 33.76 27.78 25.34
N GLY M 6 32.80 27.16 26.02
CA GLY M 6 31.72 26.46 25.36
C GLY M 6 30.38 26.79 25.99
N MET M 7 29.38 27.09 25.17
CA MET M 7 28.08 27.52 25.67
C MET M 7 26.96 26.79 24.94
N ILE M 8 25.92 26.45 25.69
CA ILE M 8 24.71 25.83 25.14
C ILE M 8 23.50 26.51 25.76
N GLU M 9 22.61 27.03 24.92
CA GLU M 9 21.42 27.75 25.37
C GLU M 9 20.18 26.98 24.95
N VAL M 10 19.26 26.79 25.91
CA VAL M 10 18.03 26.04 25.68
C VAL M 10 16.88 26.78 26.35
N ARG M 11 15.77 26.93 25.63
CA ARG M 11 14.54 27.47 26.23
C ARG M 11 13.90 26.35 27.03
N GLY M 12 14.47 26.09 28.20
CA GLY M 12 14.03 25.02 29.06
C GLY M 12 15.11 24.57 30.02
N PHE M 13 14.81 24.60 31.32
CA PHE M 13 15.82 24.27 32.31
C PHE M 13 16.21 22.79 32.26
N VAL M 14 15.32 21.93 31.78
CA VAL M 14 15.62 20.50 31.72
C VAL M 14 16.62 20.21 30.61
N GLY M 15 16.41 20.81 29.43
CA GLY M 15 17.32 20.59 28.32
C GLY M 15 18.72 21.12 28.59
N MET M 16 18.84 22.12 29.45
CA MET M 16 20.15 22.66 29.78
C MET M 16 20.90 21.76 30.76
N VAL M 17 20.18 21.15 31.71
CA VAL M 17 20.82 20.24 32.65
C VAL M 17 21.31 18.99 31.93
N GLU M 18 20.50 18.46 31.01
CA GLU M 18 20.94 17.31 30.21
C GLU M 18 22.12 17.69 29.33
N ALA M 19 22.12 18.91 28.79
CA ALA M 19 23.27 19.37 28.01
C ALA M 19 24.51 19.51 28.89
N ALA M 20 24.33 20.06 30.09
CA ALA M 20 25.47 20.20 31.01
C ALA M 20 25.95 18.86 31.51
N ASP M 21 25.04 17.89 31.67
CA ASP M 21 25.45 16.57 32.13
C ASP M 21 26.24 15.82 31.06
N ALA M 22 25.83 15.94 29.79
CA ALA M 22 26.52 15.25 28.72
C ALA M 22 27.87 15.90 28.39
N MET M 23 28.05 17.18 28.69
CA MET M 23 29.31 17.84 28.39
C MET M 23 30.42 17.39 29.35
N VAL M 24 30.12 17.39 30.66
CA VAL M 24 31.12 16.99 31.63
C VAL M 24 31.43 15.50 31.57
N LYS M 25 30.53 14.71 30.97
CA LYS M 25 30.81 13.28 30.82
C LYS M 25 31.61 12.99 29.55
N ALA M 26 31.48 13.82 28.53
CA ALA M 26 32.16 13.56 27.26
C ALA M 26 33.66 13.73 27.40
N ALA M 27 34.10 14.84 27.98
CA ALA M 27 35.52 15.13 28.15
C ALA M 27 35.71 15.81 29.49
N LYS M 28 36.95 16.24 29.76
CA LYS M 28 37.31 16.86 31.03
C LYS M 28 37.09 18.37 30.91
N VAL M 29 35.87 18.81 31.24
CA VAL M 29 35.52 20.22 31.22
C VAL M 29 34.89 20.57 32.57
N GLU M 30 34.94 21.86 32.90
CA GLU M 30 34.43 22.38 34.15
C GLU M 30 33.15 23.16 33.90
N LEU M 31 32.08 22.81 34.62
CA LEU M 31 30.81 23.53 34.54
C LEU M 31 30.86 24.68 35.54
N ILE M 32 31.11 25.89 35.03
CA ILE M 32 31.25 27.05 35.91
C ILE M 32 29.91 27.53 36.46
N GLY M 33 28.80 27.14 35.84
CA GLY M 33 27.50 27.57 36.28
C GLY M 33 26.57 27.73 35.09
N TYR M 34 25.44 28.39 35.35
CA TYR M 34 24.43 28.61 34.32
C TYR M 34 23.90 30.03 34.42
N GLU M 35 23.64 30.63 33.26
CA GLU M 35 23.16 32.01 33.18
C GLU M 35 21.68 32.01 32.80
N LYS M 36 20.89 32.77 33.55
CA LYS M 36 19.45 32.88 33.33
C LYS M 36 19.15 34.24 32.71
N THR M 37 18.71 34.24 31.45
CA THR M 37 18.41 35.48 30.73
C THR M 37 16.91 35.78 30.70
N GLY M 38 16.11 35.03 31.45
CA GLY M 38 14.68 35.26 31.50
C GLY M 38 13.94 34.66 30.32
N GLY M 39 12.62 34.66 30.44
CA GLY M 39 11.78 34.10 29.39
C GLY M 39 11.94 32.61 29.17
N GLY M 40 12.37 31.88 30.20
CA GLY M 40 12.61 30.46 30.08
C GLY M 40 13.94 30.09 29.46
N TYR M 41 14.79 31.07 29.13
CA TYR M 41 16.07 30.81 28.51
C TYR M 41 17.14 30.62 29.57
N VAL M 42 17.94 29.57 29.42
CA VAL M 42 19.08 29.31 30.30
C VAL M 42 20.27 28.90 29.43
N THR M 43 21.46 29.15 29.94
CA THR M 43 22.70 28.92 29.19
C THR M 43 23.69 28.19 30.07
N ALA M 44 24.11 27.01 29.62
CA ALA M 44 25.16 26.25 30.30
C ALA M 44 26.52 26.70 29.78
N VAL M 45 27.44 27.00 30.70
CA VAL M 45 28.75 27.52 30.35
C VAL M 45 29.81 26.55 30.89
N VAL M 46 30.67 26.07 30.00
CA VAL M 46 31.75 25.16 30.37
C VAL M 46 33.08 25.77 29.92
N ARG M 47 34.13 25.44 30.66
CA ARG M 47 35.48 25.93 30.39
C ARG M 47 36.46 24.78 30.32
N GLY M 48 37.54 24.99 29.60
CA GLY M 48 38.57 23.98 29.45
C GLY M 48 39.48 24.30 28.28
N ASP M 49 40.12 23.27 27.75
CA ASP M 49 40.96 23.42 26.58
C ASP M 49 40.15 23.14 25.30
N VAL M 50 40.73 23.51 24.17
CA VAL M 50 40.02 23.45 22.89
C VAL M 50 39.64 22.02 22.54
N ALA M 51 40.47 21.04 22.94
CA ALA M 51 40.18 19.65 22.60
C ALA M 51 38.98 19.12 23.36
N ALA M 52 38.88 19.44 24.65
CA ALA M 52 37.81 18.89 25.47
C ALA M 52 36.51 19.67 25.29
N VAL M 53 36.59 21.00 25.21
CA VAL M 53 35.37 21.80 25.16
C VAL M 53 34.66 21.62 23.81
N LYS M 54 35.42 21.33 22.75
CA LYS M 54 34.79 21.13 21.44
C LYS M 54 34.20 19.74 21.32
N ALA M 55 34.83 18.73 21.93
CA ALA M 55 34.26 17.40 21.96
C ALA M 55 33.09 17.30 22.93
N ALA M 56 33.12 18.07 24.02
CA ALA M 56 32.00 18.05 24.96
C ALA M 56 30.80 18.80 24.40
N THR M 57 31.05 19.86 23.64
CA THR M 57 29.94 20.64 23.08
C THR M 57 29.16 19.81 22.05
N GLU M 58 29.87 18.97 21.29
CA GLU M 58 29.19 18.12 20.32
C GLU M 58 28.29 17.10 21.02
N ALA M 59 28.82 16.45 22.06
CA ALA M 59 28.03 15.45 22.79
C ALA M 59 26.94 16.12 23.63
N GLY M 60 27.14 17.38 24.02
CA GLY M 60 26.11 18.07 24.78
C GLY M 60 24.93 18.48 23.91
N GLN M 61 25.20 19.04 22.73
CA GLN M 61 24.13 19.39 21.81
C GLN M 61 23.42 18.15 21.29
N ARG M 62 24.17 17.08 21.05
CA ARG M 62 23.58 15.85 20.51
C ARG M 62 22.59 15.24 21.48
N ALA M 63 22.80 15.41 22.78
CA ALA M 63 21.89 14.88 23.79
C ALA M 63 20.81 15.86 24.21
N ALA M 64 21.03 17.16 24.00
CA ALA M 64 20.04 18.16 24.39
C ALA M 64 18.91 18.28 23.38
N GLU M 65 19.17 17.96 22.11
CA GLU M 65 18.13 18.02 21.09
C GLU M 65 17.03 17.00 21.33
N ARG M 66 17.30 15.94 22.08
CA ARG M 66 16.34 14.89 22.35
C ARG M 66 15.47 15.18 23.56
N VAL M 67 15.67 16.32 24.23
CA VAL M 67 14.94 16.62 25.46
C VAL M 67 14.23 17.96 25.34
N GLY M 68 14.99 19.03 25.10
CA GLY M 68 14.43 20.36 25.13
C GLY M 68 14.46 21.10 23.81
N GLU M 69 14.35 22.42 23.89
CA GLU M 69 14.31 23.30 22.72
C GLU M 69 15.65 24.02 22.62
N VAL M 70 16.57 23.44 21.83
CA VAL M 70 17.91 24.01 21.70
C VAL M 70 17.84 25.32 20.92
N VAL M 71 18.54 26.34 21.44
CA VAL M 71 18.55 27.68 20.86
C VAL M 71 19.86 27.94 20.10
N ALA M 72 20.99 27.96 20.82
CA ALA M 72 22.27 28.25 20.20
C ALA M 72 23.36 27.36 20.81
N VAL M 73 24.37 27.08 19.99
CA VAL M 73 25.52 26.27 20.41
C VAL M 73 26.75 26.84 19.72
N HIS M 74 27.77 27.19 20.52
CA HIS M 74 28.97 27.80 19.97
C HIS M 74 30.15 27.53 20.89
N VAL M 75 31.34 27.48 20.29
CA VAL M 75 32.59 27.27 21.02
C VAL M 75 33.55 28.38 20.62
N ILE M 76 34.13 29.06 21.61
CA ILE M 76 35.12 30.09 21.40
C ILE M 76 36.48 29.54 21.83
N PRO M 77 37.42 29.35 20.91
CA PRO M 77 38.71 28.73 21.30
C PRO M 77 39.52 29.58 22.27
N ARG M 78 39.62 30.89 22.02
CA ARG M 78 40.34 31.80 22.90
C ARG M 78 39.56 33.10 23.04
N PRO M 79 38.75 33.21 24.09
CA PRO M 79 38.06 34.47 24.36
C PRO M 79 39.06 35.56 24.72
N HIS M 80 38.77 36.78 24.28
CA HIS M 80 39.62 37.91 24.59
C HIS M 80 39.61 38.19 26.09
N VAL M 81 40.69 38.79 26.58
CA VAL M 81 40.80 39.08 28.01
C VAL M 81 39.70 40.04 28.46
N ASN M 82 39.26 40.94 27.56
CA ASN M 82 38.19 41.85 27.90
C ASN M 82 36.86 41.13 28.08
N VAL M 83 36.66 40.01 27.39
CA VAL M 83 35.41 39.28 27.49
C VAL M 83 35.24 38.68 28.88
N ASP M 84 36.30 38.05 29.39
CA ASP M 84 36.22 37.44 30.72
C ASP M 84 36.15 38.47 31.83
N ALA M 85 36.67 39.68 31.58
CA ALA M 85 36.72 40.69 32.63
C ALA M 85 35.35 41.31 32.89
N ALA M 86 34.49 41.37 31.87
CA ALA M 86 33.22 42.05 31.97
C ALA M 86 32.02 41.11 32.00
N LEU M 87 32.18 39.85 31.64
CA LEU M 87 31.06 38.93 31.58
C LEU M 87 31.31 37.72 32.48
N PRO M 88 30.26 37.16 33.09
CA PRO M 88 30.45 36.04 34.02
C PRO M 88 30.60 34.69 33.31
N LEU M 89 31.83 34.33 32.96
CA LEU M 89 32.14 33.02 32.39
C LEU M 89 33.04 32.18 33.30
N GLY M 90 32.97 32.43 34.61
CA GLY M 90 33.73 31.64 35.56
C GLY M 90 35.23 31.89 35.56
N ARG M 91 35.70 32.95 34.91
CA ARG M 91 37.12 33.28 34.89
C ARG M 91 37.33 34.76 35.19
N THR M 92 36.39 35.38 35.91
CA THR M 92 36.49 36.80 36.22
C THR M 92 37.37 37.00 37.44
N PRO M 93 38.31 37.97 37.41
CA PRO M 93 39.20 38.35 38.51
C PRO M 93 38.52 38.37 39.87
N ALA M 116 26.41 10.58 42.73
CA ALA M 116 25.30 10.88 43.62
C ALA M 116 24.04 10.11 43.22
N ASP M 117 22.91 10.52 43.77
CA ASP M 117 21.63 9.87 43.46
C ASP M 117 21.14 10.29 42.07
N ALA M 118 20.10 9.60 41.62
CA ALA M 118 19.54 9.87 40.30
C ALA M 118 18.80 11.20 40.30
N LEU M 119 18.58 11.73 39.09
CA LEU M 119 17.99 13.05 38.89
C LEU M 119 16.74 12.93 38.04
N GLY M 120 15.63 13.46 38.54
CA GLY M 120 14.39 13.50 37.79
C GLY M 120 13.83 14.90 37.71
N MET M 121 13.48 15.35 36.50
CA MET M 121 13.07 16.73 36.28
C MET M 121 11.84 16.78 35.39
N ILE M 122 10.94 17.72 35.68
CA ILE M 122 9.74 17.97 34.89
C ILE M 122 9.54 19.47 34.79
N GLU M 123 9.47 19.99 33.57
CA GLU M 123 9.29 21.41 33.33
C GLU M 123 7.92 21.67 32.72
N VAL M 124 7.19 22.62 33.29
CA VAL M 124 5.84 22.96 32.86
C VAL M 124 5.74 24.47 32.75
N ARG M 125 5.18 24.95 31.63
CA ARG M 125 4.88 26.38 31.48
C ARG M 125 3.58 26.69 32.21
N GLY M 126 3.68 26.67 33.54
CA GLY M 126 2.53 26.88 34.40
C GLY M 126 2.77 26.35 35.79
N PHE M 127 2.62 27.21 36.80
CA PHE M 127 2.89 26.81 38.18
C PHE M 127 1.92 25.74 38.66
N VAL M 128 0.67 25.76 38.16
CA VAL M 128 -0.32 24.78 38.60
C VAL M 128 0.03 23.40 38.07
N GLY M 129 0.44 23.30 36.80
CA GLY M 129 0.81 22.02 36.23
C GLY M 129 2.07 21.44 36.86
N MET M 130 2.94 22.29 37.40
CA MET M 130 4.16 21.82 38.03
C MET M 130 3.90 21.28 39.44
N VAL M 131 2.96 21.89 40.16
CA VAL M 131 2.63 21.42 41.50
C VAL M 131 1.93 20.07 41.44
N GLU M 132 1.00 19.91 40.48
CA GLU M 132 0.34 18.62 40.31
C GLU M 132 1.33 17.54 39.89
N ALA M 133 2.34 17.91 39.08
CA ALA M 133 3.37 16.95 38.72
C ALA M 133 4.21 16.56 39.91
N ALA M 134 4.56 17.52 40.77
CA ALA M 134 5.35 17.21 41.96
C ALA M 134 4.55 16.40 42.97
N ASP M 135 3.24 16.62 43.04
CA ASP M 135 2.41 15.86 43.99
C ASP M 135 2.32 14.40 43.58
N ALA M 136 2.14 14.12 42.28
CA ALA M 136 2.05 12.75 41.81
C ALA M 136 3.39 12.04 41.78
N MET M 137 4.50 12.79 41.80
CA MET M 137 5.82 12.17 41.77
C MET M 137 6.19 11.58 43.14
N VAL M 138 6.02 12.37 44.20
CA VAL M 138 6.36 11.89 45.54
C VAL M 138 5.38 10.84 46.04
N LYS M 139 4.19 10.75 45.45
CA LYS M 139 3.24 9.71 45.81
C LYS M 139 3.52 8.39 45.11
N ALA M 140 4.26 8.42 44.00
CA ALA M 140 4.50 7.20 43.24
C ALA M 140 5.65 6.38 43.84
N ALA M 141 6.78 7.03 44.12
CA ALA M 141 7.96 6.35 44.64
C ALA M 141 8.51 7.12 45.83
N LYS M 142 9.50 6.51 46.50
CA LYS M 142 10.16 7.12 47.65
C LYS M 142 11.29 8.02 47.15
N VAL M 143 10.90 9.20 46.67
CA VAL M 143 11.85 10.18 46.16
C VAL M 143 11.69 11.47 46.97
N GLU M 144 12.69 12.33 46.85
CA GLU M 144 12.74 13.59 47.60
C GLU M 144 12.61 14.75 46.63
N LEU M 145 11.61 15.59 46.85
CA LEU M 145 11.42 16.82 46.07
C LEU M 145 12.32 17.90 46.66
N ILE M 146 13.45 18.15 46.01
CA ILE M 146 14.41 19.09 46.56
C ILE M 146 13.97 20.54 46.40
N GLY M 147 13.01 20.81 45.53
CA GLY M 147 12.53 22.14 45.29
C GLY M 147 12.17 22.33 43.83
N TYR M 148 12.14 23.58 43.39
CA TYR M 148 11.76 23.92 42.03
C TYR M 148 12.58 25.11 41.55
N GLU M 149 12.73 25.18 40.23
CA GLU M 149 13.52 26.23 39.59
C GLU M 149 12.62 27.05 38.68
N LYS M 150 12.75 28.38 38.76
CA LYS M 150 11.95 29.32 37.97
C LYS M 150 12.88 30.02 36.98
N THR M 151 12.71 29.72 35.70
CA THR M 151 13.54 30.30 34.65
C THR M 151 12.88 31.48 33.95
N GLY M 152 11.76 31.97 34.48
CA GLY M 152 11.08 33.11 33.90
C GLY M 152 10.16 32.72 32.75
N GLY M 153 9.29 33.66 32.38
CA GLY M 153 8.35 33.43 31.31
C GLY M 153 7.31 32.36 31.61
N GLY M 154 6.99 32.15 32.89
CA GLY M 154 6.07 31.10 33.28
C GLY M 154 6.66 29.71 33.34
N TYR M 155 7.93 29.55 33.01
CA TYR M 155 8.56 28.24 33.02
C TYR M 155 9.03 27.89 34.43
N VAL M 156 8.61 26.73 34.94
CA VAL M 156 9.03 26.22 36.23
C VAL M 156 9.38 24.75 36.09
N THR M 157 10.37 24.31 36.86
CA THR M 157 10.90 22.96 36.76
C THR M 157 10.92 22.32 38.14
N ALA M 158 10.27 21.17 38.27
CA ALA M 158 10.31 20.40 39.50
C ALA M 158 11.48 19.41 39.45
N VAL M 159 12.23 19.33 40.55
CA VAL M 159 13.44 18.52 40.62
C VAL M 159 13.28 17.53 41.78
N VAL M 160 13.51 16.25 41.49
CA VAL M 160 13.44 15.19 42.49
C VAL M 160 14.71 14.34 42.38
N ARG M 161 15.08 13.72 43.51
CA ARG M 161 16.26 12.89 43.59
C ARG M 161 15.92 11.57 44.26
N GLY M 162 16.68 10.54 43.92
CA GLY M 162 16.46 9.21 44.50
C GLY M 162 17.20 8.15 43.73
N ASP M 163 16.67 6.93 43.80
CA ASP M 163 17.25 5.82 43.05
C ASP M 163 16.91 5.92 41.58
N VAL M 164 17.63 5.15 40.76
CA VAL M 164 17.48 5.26 39.31
C VAL M 164 16.10 4.79 38.87
N ALA M 165 15.61 3.68 39.42
CA ALA M 165 14.30 3.17 39.02
C ALA M 165 13.15 3.89 39.73
N ALA M 166 13.43 4.57 40.84
CA ALA M 166 12.40 5.32 41.56
C ALA M 166 12.01 6.59 40.81
N VAL M 167 13.00 7.36 40.36
CA VAL M 167 12.70 8.62 39.67
C VAL M 167 12.18 8.36 38.27
N LYS M 168 12.57 7.23 37.66
CA LYS M 168 12.05 6.90 36.34
C LYS M 168 10.55 6.60 36.40
N ALA M 169 10.12 5.81 37.39
CA ALA M 169 8.70 5.55 37.57
C ALA M 169 7.96 6.75 38.13
N ALA M 170 8.67 7.71 38.73
CA ALA M 170 8.02 8.89 39.29
C ALA M 170 7.77 9.94 38.21
N THR M 171 8.76 10.19 37.35
CA THR M 171 8.59 11.19 36.29
C THR M 171 7.53 10.75 35.28
N GLU M 172 7.48 9.45 34.98
CA GLU M 172 6.47 8.95 34.05
C GLU M 172 5.07 9.03 34.65
N ALA M 173 4.95 8.86 35.97
CA ALA M 173 3.65 8.99 36.63
C ALA M 173 3.29 10.45 36.89
N GLY M 174 4.28 11.32 37.02
CA GLY M 174 4.03 12.73 37.24
C GLY M 174 3.68 13.46 35.95
N GLN M 175 4.34 13.08 34.86
CA GLN M 175 4.02 13.65 33.55
C GLN M 175 2.60 13.30 33.14
N ARG M 176 2.15 12.09 33.50
CA ARG M 176 0.81 11.65 33.12
C ARG M 176 -0.27 12.47 33.81
N ALA M 177 -0.02 12.88 35.05
CA ALA M 177 -1.00 13.67 35.79
C ALA M 177 -0.92 15.15 35.45
N ALA M 178 0.24 15.62 35.00
CA ALA M 178 0.41 17.04 34.69
C ALA M 178 -0.06 17.39 33.29
N GLU M 179 -0.13 16.43 32.38
CA GLU M 179 -0.59 16.72 31.02
C GLU M 179 -2.05 17.16 31.01
N ARG M 180 -2.84 16.70 31.98
CA ARG M 180 -4.24 17.09 32.06
C ARG M 180 -4.44 18.47 32.67
N VAL M 181 -3.38 19.09 33.20
CA VAL M 181 -3.46 20.37 33.89
C VAL M 181 -2.88 21.51 33.04
N GLY M 182 -1.60 21.40 32.68
CA GLY M 182 -0.95 22.48 31.97
C GLY M 182 -0.13 22.04 30.78
N GLU M 183 0.73 22.93 30.30
CA GLU M 183 1.56 22.69 29.11
C GLU M 183 2.90 22.11 29.57
N VAL M 184 3.09 20.82 29.34
CA VAL M 184 4.32 20.14 29.72
C VAL M 184 5.41 20.46 28.69
N VAL M 185 6.59 20.85 29.17
CA VAL M 185 7.68 21.26 28.30
C VAL M 185 8.62 20.10 28.04
N ALA M 186 9.22 19.56 29.09
CA ALA M 186 10.19 18.49 28.95
C ALA M 186 10.22 17.64 30.21
N VAL M 187 10.52 16.36 30.03
CA VAL M 187 10.67 15.40 31.12
C VAL M 187 11.89 14.54 30.82
N HIS M 188 12.84 14.51 31.75
CA HIS M 188 14.07 13.75 31.54
C HIS M 188 14.53 13.18 32.87
N VAL M 189 15.33 12.11 32.77
CA VAL M 189 15.89 11.42 33.94
C VAL M 189 17.37 11.18 33.68
N ILE M 190 18.22 11.60 34.61
CA ILE M 190 19.65 11.38 34.56
C ILE M 190 20.00 10.36 35.64
N PRO M 191 20.41 9.13 35.27
CA PRO M 191 20.66 8.10 36.28
C PRO M 191 21.83 8.42 37.20
N ARG M 192 22.98 8.75 36.63
CA ARG M 192 24.19 9.06 37.39
C ARG M 192 24.69 10.44 36.97
N PRO M 193 24.14 11.51 37.54
CA PRO M 193 24.63 12.84 37.22
C PRO M 193 26.05 13.05 37.72
N HIS M 194 26.88 13.63 36.88
CA HIS M 194 28.27 13.88 37.23
C HIS M 194 28.35 14.83 38.42
N VAL M 195 29.46 14.74 39.16
CA VAL M 195 29.65 15.58 40.35
C VAL M 195 29.73 17.05 39.95
N ASN M 196 30.17 17.33 38.73
CA ASN M 196 30.21 18.71 38.26
C ASN M 196 28.82 19.30 38.11
N VAL M 197 27.82 18.46 37.85
CA VAL M 197 26.46 18.95 37.67
C VAL M 197 25.83 19.31 39.01
N ASP M 198 26.03 18.47 40.03
CA ASP M 198 25.43 18.73 41.34
C ASP M 198 26.07 19.90 42.06
N ALA M 199 27.25 20.35 41.63
CA ALA M 199 27.95 21.43 42.30
C ALA M 199 27.55 22.80 41.79
N ALA M 200 27.41 22.95 40.46
CA ALA M 200 27.10 24.25 39.88
C ALA M 200 25.61 24.52 39.73
N LEU M 201 24.77 23.48 39.77
CA LEU M 201 23.35 23.67 39.59
C LEU M 201 22.59 23.40 40.89
N PRO M 202 21.55 24.19 41.18
CA PRO M 202 20.76 23.94 42.39
C PRO M 202 19.90 22.69 42.28
N LEU M 203 20.50 21.53 42.45
CA LEU M 203 19.81 20.25 42.31
C LEU M 203 19.73 19.48 43.62
N GLY M 204 19.86 20.17 44.75
CA GLY M 204 19.74 19.54 46.05
C GLY M 204 20.99 18.87 46.57
N ARG M 205 21.97 18.61 45.72
CA ARG M 205 23.22 17.96 46.11
C ARG M 205 24.40 18.92 46.03
N THR M 206 24.17 20.19 46.41
CA THR M 206 25.23 21.18 46.36
C THR M 206 26.10 21.09 47.61
N PRO M 207 27.42 21.29 47.48
CA PRO M 207 28.36 21.25 48.60
C PRO M 207 28.03 22.26 49.70
N ASP N 3 -4.55 19.62 54.86
CA ASP N 3 -5.61 20.40 54.21
C ASP N 3 -5.54 20.28 52.69
N ALA N 4 -6.63 20.65 52.02
CA ALA N 4 -6.69 20.58 50.58
C ALA N 4 -5.91 21.74 49.96
N LEU N 5 -5.77 21.70 48.64
CA LEU N 5 -5.02 22.70 47.89
C LEU N 5 -5.82 23.14 46.67
N GLY N 6 -5.87 24.44 46.44
CA GLY N 6 -6.54 25.00 45.29
C GLY N 6 -5.71 26.07 44.60
N MET N 7 -5.58 25.98 43.29
CA MET N 7 -4.74 26.90 42.53
C MET N 7 -5.47 27.37 41.28
N ILE N 8 -5.30 28.66 40.95
CA ILE N 8 -5.84 29.24 39.74
C ILE N 8 -4.75 30.13 39.13
N GLU N 9 -4.35 29.80 37.90
CA GLU N 9 -3.30 30.52 37.20
C GLU N 9 -3.90 31.38 36.10
N VAL N 10 -3.52 32.65 36.07
CA VAL N 10 -4.04 33.61 35.09
C VAL N 10 -2.87 34.45 34.58
N ARG N 11 -2.78 34.58 33.26
CA ARG N 11 -1.79 35.48 32.64
C ARG N 11 -2.33 36.90 32.75
N GLY N 12 -2.24 37.44 33.96
CA GLY N 12 -2.77 38.75 34.25
C GLY N 12 -3.04 38.93 35.73
N PHE N 13 -2.46 39.96 36.34
CA PHE N 13 -2.58 40.15 37.78
C PHE N 13 -4.00 40.53 38.18
N VAL N 14 -4.76 41.15 37.27
CA VAL N 14 -6.14 41.54 37.59
C VAL N 14 -7.03 40.30 37.66
N GLY N 15 -6.86 39.36 36.74
CA GLY N 15 -7.67 38.16 36.75
C GLY N 15 -7.41 37.28 37.96
N MET N 16 -6.21 37.35 38.52
CA MET N 16 -5.88 36.56 39.70
C MET N 16 -6.52 37.13 40.96
N VAL N 17 -6.56 38.46 41.08
CA VAL N 17 -7.16 39.08 42.25
C VAL N 17 -8.66 38.84 42.29
N GLU N 18 -9.33 38.96 41.13
CA GLU N 18 -10.76 38.65 41.07
C GLU N 18 -11.00 37.17 41.34
N ALA N 19 -10.08 36.30 40.90
CA ALA N 19 -10.20 34.89 41.19
C ALA N 19 -10.04 34.63 42.69
N ALA N 20 -9.05 35.27 43.31
CA ALA N 20 -8.83 35.10 44.74
C ALA N 20 -9.97 35.71 45.55
N ASP N 21 -10.52 36.84 45.08
CA ASP N 21 -11.62 37.48 45.80
C ASP N 21 -12.89 36.63 45.73
N ALA N 22 -13.12 35.97 44.59
CA ALA N 22 -14.31 35.13 44.46
C ALA N 22 -14.20 33.83 45.24
N MET N 23 -12.98 33.36 45.50
CA MET N 23 -12.80 32.10 46.22
C MET N 23 -13.07 32.26 47.71
N VAL N 24 -12.44 33.25 48.34
CA VAL N 24 -12.62 33.44 49.77
C VAL N 24 -14.03 33.90 50.12
N LYS N 25 -14.78 34.42 49.16
CA LYS N 25 -16.17 34.81 49.40
C LYS N 25 -17.14 33.64 49.22
N ALA N 26 -16.79 32.68 48.38
CA ALA N 26 -17.71 31.57 48.09
C ALA N 26 -17.70 30.54 49.22
N ALA N 27 -16.51 30.11 49.65
CA ALA N 27 -16.41 29.08 50.66
C ALA N 27 -15.48 29.50 51.80
N LYS N 28 -15.16 28.56 52.69
CA LYS N 28 -14.30 28.83 53.85
C LYS N 28 -12.91 28.31 53.51
N VAL N 29 -12.11 29.15 52.85
CA VAL N 29 -10.74 28.82 52.49
C VAL N 29 -9.86 30.00 52.84
N GLU N 30 -8.55 29.73 52.94
CA GLU N 30 -7.55 30.73 53.30
C GLU N 30 -6.64 30.97 52.11
N LEU N 31 -6.55 32.23 51.67
CA LEU N 31 -5.63 32.61 50.61
C LEU N 31 -4.24 32.77 51.22
N ILE N 32 -3.36 31.79 50.96
CA ILE N 32 -2.02 31.81 51.58
C ILE N 32 -1.07 32.79 50.91
N GLY N 33 -1.41 33.29 49.72
CA GLY N 33 -0.57 34.21 49.00
C GLY N 33 -0.69 33.96 47.51
N TYR N 34 0.35 34.37 46.78
CA TYR N 34 0.36 34.24 45.33
C TYR N 34 1.79 34.00 44.87
N GLU N 35 1.93 33.35 43.72
CA GLU N 35 3.22 32.99 43.15
C GLU N 35 3.37 33.62 41.78
N LYS N 36 4.49 34.30 41.55
CA LYS N 36 4.79 34.97 40.29
C LYS N 36 5.86 34.16 39.57
N THR N 37 5.48 33.49 38.49
CA THR N 37 6.40 32.67 37.71
C THR N 37 7.03 33.42 36.54
N GLY N 38 6.74 34.70 36.39
CA GLY N 38 7.30 35.49 35.31
C GLY N 38 6.49 35.42 34.03
N GLY N 39 6.77 36.36 33.14
CA GLY N 39 6.07 36.42 31.87
C GLY N 39 4.61 36.79 31.98
N GLY N 40 4.21 37.44 33.07
CA GLY N 40 2.83 37.80 33.29
C GLY N 40 1.98 36.73 33.94
N TYR N 41 2.56 35.57 34.26
CA TYR N 41 1.83 34.48 34.87
C TYR N 41 1.83 34.64 36.39
N VAL N 42 0.64 34.55 36.98
CA VAL N 42 0.48 34.59 38.43
C VAL N 42 -0.51 33.50 38.84
N THR N 43 -0.33 33.00 40.06
CA THR N 43 -1.14 31.88 40.55
C THR N 43 -1.64 32.20 41.95
N ALA N 44 -2.96 32.16 42.13
CA ALA N 44 -3.57 32.30 43.45
C ALA N 44 -3.67 30.94 44.11
N VAL N 45 -3.23 30.85 45.36
CA VAL N 45 -3.17 29.59 46.09
C VAL N 45 -4.06 29.71 47.33
N VAL N 46 -5.05 28.83 47.44
CA VAL N 46 -5.94 28.79 48.59
C VAL N 46 -5.90 27.38 49.17
N ARG N 47 -6.27 27.27 50.45
CA ARG N 47 -6.24 25.99 51.14
C ARG N 47 -7.43 25.90 52.09
N GLY N 48 -7.87 24.66 52.33
CA GLY N 48 -8.99 24.40 53.21
C GLY N 48 -9.35 22.93 53.21
N ASP N 49 -10.65 22.62 53.36
CA ASP N 49 -11.11 21.25 53.29
C ASP N 49 -11.41 20.87 51.84
N VAL N 50 -11.61 19.57 51.61
CA VAL N 50 -11.76 19.06 50.26
C VAL N 50 -13.05 19.60 49.63
N ALA N 51 -14.11 19.73 50.42
CA ALA N 51 -15.38 20.18 49.87
C ALA N 51 -15.38 21.68 49.59
N ALA N 52 -14.79 22.47 50.48
CA ALA N 52 -14.82 23.92 50.33
C ALA N 52 -13.89 24.39 49.21
N VAL N 53 -12.74 23.72 49.06
CA VAL N 53 -11.80 24.13 48.02
C VAL N 53 -12.38 23.86 46.64
N LYS N 54 -13.05 22.72 46.47
CA LYS N 54 -13.68 22.42 45.18
C LYS N 54 -14.77 23.42 44.85
N ALA N 55 -15.60 23.77 45.85
CA ALA N 55 -16.69 24.71 45.60
C ALA N 55 -16.19 26.12 45.35
N ALA N 56 -15.04 26.48 45.95
CA ALA N 56 -14.45 27.81 45.76
C ALA N 56 -13.60 27.92 44.51
N THR N 57 -12.94 26.83 44.12
CA THR N 57 -12.05 26.89 42.96
C THR N 57 -12.81 27.16 41.67
N GLU N 58 -13.96 26.51 41.49
CA GLU N 58 -14.77 26.75 40.30
C GLU N 58 -15.48 28.09 40.39
N ALA N 59 -15.90 28.49 41.59
CA ALA N 59 -16.53 29.80 41.76
C ALA N 59 -15.56 30.92 41.44
N GLY N 60 -14.27 30.73 41.74
CA GLY N 60 -13.28 31.72 41.36
C GLY N 60 -12.89 31.64 39.90
N GLN N 61 -12.95 30.44 39.31
CA GLN N 61 -12.66 30.30 37.89
C GLN N 61 -13.75 30.96 37.04
N ARG N 62 -15.02 30.82 37.43
CA ARG N 62 -16.10 31.41 36.67
C ARG N 62 -16.05 32.94 36.69
N ALA N 63 -15.54 33.52 37.79
CA ALA N 63 -15.43 34.97 37.87
C ALA N 63 -14.15 35.48 37.21
N ALA N 64 -13.10 34.65 37.18
CA ALA N 64 -11.84 35.06 36.58
C ALA N 64 -11.87 35.04 35.05
N GLU N 65 -12.75 34.23 34.45
CA GLU N 65 -12.85 34.18 33.01
C GLU N 65 -13.47 35.45 32.43
N ARG N 66 -14.15 36.25 33.25
CA ARG N 66 -14.78 37.47 32.77
C ARG N 66 -13.79 38.61 32.55
N VAL N 67 -12.60 38.53 33.15
CA VAL N 67 -11.65 39.64 33.16
C VAL N 67 -10.34 39.28 32.47
N GLY N 68 -9.75 38.14 32.85
CA GLY N 68 -8.43 37.76 32.39
C GLY N 68 -8.41 36.42 31.68
N GLU N 69 -7.21 36.08 31.20
CA GLU N 69 -6.97 34.83 30.49
C GLU N 69 -6.57 33.76 31.51
N VAL N 70 -7.49 32.84 31.78
CA VAL N 70 -7.25 31.78 32.74
C VAL N 70 -6.40 30.69 32.08
N VAL N 71 -5.31 30.31 32.74
CA VAL N 71 -4.38 29.33 32.19
C VAL N 71 -4.72 27.94 32.71
N ALA N 72 -4.59 27.74 34.02
CA ALA N 72 -4.79 26.43 34.62
C ALA N 72 -5.58 26.57 35.92
N VAL N 73 -6.40 25.56 36.19
CA VAL N 73 -7.21 25.50 37.40
C VAL N 73 -7.25 24.04 37.85
N HIS N 74 -6.83 23.78 39.09
CA HIS N 74 -6.72 22.41 39.57
C HIS N 74 -6.89 22.40 41.09
N VAL N 75 -7.31 21.24 41.60
CA VAL N 75 -7.50 21.01 43.03
C VAL N 75 -6.79 19.72 43.40
N ILE N 76 -5.97 19.76 44.45
CA ILE N 76 -5.30 18.59 44.99
C ILE N 76 -5.94 18.27 46.34
N PRO N 77 -6.61 17.13 46.51
CA PRO N 77 -7.33 16.86 47.76
C PRO N 77 -6.42 16.68 48.95
N ARG N 78 -5.45 15.76 48.86
CA ARG N 78 -4.55 15.44 49.96
C ARG N 78 -3.11 15.51 49.43
N PRO N 79 -2.48 16.68 49.48
CA PRO N 79 -1.09 16.78 49.03
C PRO N 79 -0.15 16.05 49.97
N HIS N 80 0.89 15.46 49.39
CA HIS N 80 1.90 14.76 50.18
C HIS N 80 2.66 15.76 51.05
N VAL N 81 3.15 15.27 52.19
CA VAL N 81 3.85 16.13 53.14
C VAL N 81 5.15 16.66 52.56
N ASN N 82 5.75 15.97 51.59
CA ASN N 82 6.97 16.46 50.98
C ASN N 82 6.72 17.63 50.05
N VAL N 83 5.50 17.76 49.51
CA VAL N 83 5.19 18.87 48.62
C VAL N 83 5.14 20.19 49.41
N ASP N 84 4.50 20.18 50.57
CA ASP N 84 4.35 21.40 51.36
C ASP N 84 5.67 21.84 51.98
N ALA N 85 6.66 20.96 52.09
CA ALA N 85 7.94 21.29 52.69
C ALA N 85 8.90 21.96 51.72
N ALA N 86 8.75 21.72 50.42
CA ALA N 86 9.66 22.29 49.43
C ALA N 86 9.02 23.33 48.54
N LEU N 87 7.70 23.50 48.59
CA LEU N 87 7.02 24.46 47.75
C LEU N 87 6.32 25.52 48.60
N PRO N 88 6.29 26.78 48.16
CA PRO N 88 5.60 27.83 48.93
C PRO N 88 4.09 27.76 48.79
N LEU N 89 3.49 26.85 49.55
CA LEU N 89 2.05 26.63 49.50
C LEU N 89 1.36 26.98 50.82
N GLY N 90 1.94 27.88 51.61
CA GLY N 90 1.36 28.34 52.84
C GLY N 90 1.60 27.45 54.04
N ARG N 91 1.71 26.14 53.84
CA ARG N 91 1.94 25.20 54.94
C ARG N 91 3.41 24.79 54.89
N THR N 92 4.25 25.58 55.53
CA THR N 92 5.69 25.35 55.53
C THR N 92 6.19 25.27 56.96
N PRO N 93 6.96 24.24 57.32
CA PRO N 93 7.53 24.07 58.66
C PRO N 93 8.42 25.23 59.07
N ALA N 116 -13.85 48.22 54.64
CA ALA N 116 -12.71 48.11 53.73
C ALA N 116 -12.90 48.99 52.50
N ASP N 117 -11.80 49.52 51.99
CA ASP N 117 -11.85 50.39 50.82
C ASP N 117 -12.05 49.57 49.55
N ALA N 118 -12.54 50.23 48.51
CA ALA N 118 -12.75 49.59 47.23
C ALA N 118 -11.42 49.45 46.48
N LEU N 119 -11.45 48.62 45.44
CA LEU N 119 -10.24 48.28 44.69
C LEU N 119 -10.45 48.54 43.21
N GLY N 120 -9.54 49.30 42.61
CA GLY N 120 -9.57 49.54 41.18
C GLY N 120 -8.25 49.16 40.53
N MET N 121 -8.30 48.36 39.47
CA MET N 121 -7.10 47.81 38.86
C MET N 121 -7.16 47.95 37.35
N ILE N 122 -6.01 48.27 36.76
CA ILE N 122 -5.85 48.36 35.30
C ILE N 122 -4.52 47.74 34.94
N GLU N 123 -4.53 46.75 34.05
CA GLU N 123 -3.31 46.05 33.63
C GLU N 123 -3.02 46.37 32.17
N VAL N 124 -1.77 46.69 31.88
CA VAL N 124 -1.33 47.06 30.54
C VAL N 124 -0.02 46.33 30.25
N ARG N 125 0.09 45.77 29.04
CA ARG N 125 1.35 45.21 28.57
C ARG N 125 2.25 46.34 28.02
N GLY N 126 2.56 47.27 28.92
CA GLY N 126 3.35 48.44 28.57
C GLY N 126 3.40 49.45 29.70
N PHE N 127 4.61 49.86 30.09
CA PHE N 127 4.76 50.78 31.21
C PHE N 127 4.19 52.16 30.89
N VAL N 128 4.28 52.58 29.62
CA VAL N 128 3.79 53.91 29.25
C VAL N 128 2.27 53.97 29.36
N GLY N 129 1.59 52.94 28.83
CA GLY N 129 0.13 52.89 28.94
C GLY N 129 -0.38 52.76 30.36
N MET N 130 0.43 52.23 31.27
CA MET N 130 0.01 52.10 32.67
C MET N 130 0.10 53.42 33.41
N VAL N 131 1.14 54.22 33.12
CA VAL N 131 1.30 55.50 33.79
C VAL N 131 0.16 56.45 33.41
N GLU N 132 -0.20 56.49 32.12
CA GLU N 132 -1.32 57.30 31.69
C GLU N 132 -2.63 56.79 32.30
N ALA N 133 -2.75 55.48 32.49
CA ALA N 133 -3.93 54.94 33.14
C ALA N 133 -4.00 55.39 34.60
N ALA N 134 -2.88 55.32 35.31
CA ALA N 134 -2.85 55.76 36.69
C ALA N 134 -3.01 57.27 36.82
N ASP N 135 -2.49 58.03 35.84
CA ASP N 135 -2.61 59.48 35.88
C ASP N 135 -4.07 59.91 35.69
N ALA N 136 -4.79 59.24 34.79
CA ALA N 136 -6.18 59.60 34.55
C ALA N 136 -7.11 59.14 35.67
N MET N 137 -6.71 58.15 36.46
CA MET N 137 -7.57 57.67 37.53
C MET N 137 -7.56 58.63 38.73
N VAL N 138 -6.38 59.08 39.15
CA VAL N 138 -6.30 60.00 40.27
C VAL N 138 -6.83 61.39 39.92
N LYS N 139 -6.98 61.70 38.64
CA LYS N 139 -7.55 62.97 38.22
C LYS N 139 -9.06 62.91 38.02
N ALA N 140 -9.62 61.73 37.78
CA ALA N 140 -11.06 61.62 37.59
C ALA N 140 -11.80 61.78 38.91
N ALA N 141 -11.37 61.05 39.94
CA ALA N 141 -11.98 61.13 41.26
C ALA N 141 -10.86 61.09 42.29
N LYS N 142 -11.24 61.04 43.57
CA LYS N 142 -10.27 61.05 44.66
C LYS N 142 -9.96 59.62 45.06
N VAL N 143 -8.93 59.05 44.44
CA VAL N 143 -8.43 57.72 44.76
C VAL N 143 -6.95 57.83 45.08
N GLU N 144 -6.42 56.78 45.70
CA GLU N 144 -5.02 56.72 46.09
C GLU N 144 -4.32 55.62 45.29
N LEU N 145 -3.27 56.00 44.56
CA LEU N 145 -2.46 55.05 43.81
C LEU N 145 -1.45 54.44 44.78
N ILE N 146 -1.77 53.24 45.28
CA ILE N 146 -0.92 52.61 46.29
C ILE N 146 0.38 52.10 45.70
N GLY N 147 0.47 51.97 44.39
CA GLY N 147 1.65 51.46 43.75
C GLY N 147 1.28 50.66 42.52
N TYR N 148 2.26 49.92 42.00
CA TYR N 148 2.08 49.13 40.80
C TYR N 148 2.76 47.78 40.97
N GLU N 149 2.19 46.77 40.33
CA GLU N 149 2.67 45.39 40.42
C GLU N 149 3.27 44.99 39.08
N LYS N 150 4.51 44.49 39.12
CA LYS N 150 5.22 44.03 37.94
C LYS N 150 5.21 42.50 37.92
N THR N 151 4.44 41.92 37.00
CA THR N 151 4.29 40.48 36.91
C THR N 151 5.19 39.85 35.86
N GLY N 152 6.00 40.65 35.17
CA GLY N 152 6.92 40.11 34.19
C GLY N 152 6.34 40.07 32.79
N GLY N 153 7.23 39.90 31.81
CA GLY N 153 6.82 39.85 30.42
C GLY N 153 6.22 41.14 29.91
N GLY N 154 6.59 42.28 30.49
CA GLY N 154 6.02 43.55 30.11
C GLY N 154 4.67 43.87 30.71
N TYR N 155 4.12 42.98 31.53
CA TYR N 155 2.82 43.18 32.14
C TYR N 155 2.97 43.97 33.44
N VAL N 156 2.22 45.07 33.55
CA VAL N 156 2.20 45.88 34.76
C VAL N 156 0.75 46.22 35.09
N THR N 157 0.48 46.40 36.38
CA THR N 157 -0.87 46.62 36.87
C THR N 157 -0.88 47.82 37.81
N ALA N 158 -1.74 48.79 37.53
CA ALA N 158 -1.93 49.95 38.39
C ALA N 158 -3.05 49.66 39.38
N VAL N 159 -2.78 49.93 40.66
CA VAL N 159 -3.71 49.62 41.75
C VAL N 159 -4.10 50.91 42.43
N VAL N 160 -5.39 51.21 42.47
CA VAL N 160 -5.91 52.38 43.15
C VAL N 160 -6.93 51.93 44.20
N ARG N 161 -7.01 52.69 45.29
CA ARG N 161 -7.93 52.40 46.38
C ARG N 161 -8.75 53.63 46.71
N GLY N 162 -9.88 53.40 47.36
CA GLY N 162 -10.80 54.46 47.72
C GLY N 162 -12.19 53.90 47.96
N ASP N 163 -13.17 54.79 47.95
CA ASP N 163 -14.55 54.34 48.07
C ASP N 163 -15.05 53.82 46.72
N VAL N 164 -16.23 53.21 46.75
CA VAL N 164 -16.75 52.54 45.56
C VAL N 164 -17.10 53.56 44.47
N ALA N 165 -17.59 54.73 44.86
CA ALA N 165 -18.00 55.73 43.87
C ALA N 165 -16.81 56.29 43.11
N ALA N 166 -15.67 56.48 43.80
CA ALA N 166 -14.52 57.08 43.15
C ALA N 166 -13.82 56.11 42.22
N VAL N 167 -13.47 54.91 42.72
CA VAL N 167 -12.78 53.94 41.90
C VAL N 167 -13.63 53.44 40.74
N LYS N 168 -14.96 53.59 40.83
CA LYS N 168 -15.81 53.24 39.70
C LYS N 168 -15.65 54.24 38.56
N ALA N 169 -15.67 55.54 38.89
CA ALA N 169 -15.50 56.57 37.88
C ALA N 169 -14.03 56.79 37.51
N ALA N 170 -13.10 56.42 38.38
CA ALA N 170 -11.68 56.61 38.08
C ALA N 170 -11.21 55.60 37.05
N THR N 171 -11.53 54.32 37.24
CA THR N 171 -11.10 53.30 36.31
C THR N 171 -11.76 53.46 34.95
N GLU N 172 -13.02 53.89 34.91
CA GLU N 172 -13.69 54.10 33.64
C GLU N 172 -13.04 55.23 32.85
N ALA N 173 -12.66 56.31 33.53
CA ALA N 173 -11.94 57.39 32.85
C ALA N 173 -10.50 56.99 32.55
N GLY N 174 -9.88 56.19 33.41
CA GLY N 174 -8.52 55.74 33.16
C GLY N 174 -8.44 54.70 32.06
N GLN N 175 -9.49 53.89 31.89
CA GLN N 175 -9.50 52.91 30.82
C GLN N 175 -9.59 53.57 29.45
N ARG N 176 -10.43 54.61 29.33
CA ARG N 176 -10.56 55.30 28.06
C ARG N 176 -9.30 56.06 27.69
N ALA N 177 -8.56 56.56 28.67
CA ALA N 177 -7.33 57.29 28.40
C ALA N 177 -6.13 56.38 28.17
N ALA N 178 -6.22 55.11 28.58
CA ALA N 178 -5.11 54.18 28.41
C ALA N 178 -5.16 53.44 27.09
N GLU N 179 -6.35 53.25 26.52
CA GLU N 179 -6.47 52.55 25.24
C GLU N 179 -5.84 53.34 24.11
N ARG N 180 -5.78 54.66 24.23
CA ARG N 180 -5.17 55.52 23.22
C ARG N 180 -3.65 55.58 23.34
N VAL N 181 -3.05 54.77 24.21
CA VAL N 181 -1.61 54.82 24.42
C VAL N 181 -1.00 53.43 24.25
N GLY N 182 -1.45 52.47 25.07
CA GLY N 182 -0.84 51.15 25.07
C GLY N 182 -1.80 50.00 24.91
N GLU N 183 -1.30 48.78 25.16
CA GLU N 183 -2.08 47.56 24.99
C GLU N 183 -2.75 47.23 26.32
N VAL N 184 -4.03 47.57 26.44
CA VAL N 184 -4.77 47.31 27.67
C VAL N 184 -5.08 45.83 27.78
N VAL N 185 -4.82 45.25 28.95
CA VAL N 185 -5.01 43.83 29.18
C VAL N 185 -6.36 43.59 29.86
N ALA N 186 -6.56 44.21 31.02
CA ALA N 186 -7.77 43.97 31.79
C ALA N 186 -8.04 45.16 32.71
N VAL N 187 -9.33 45.41 32.94
CA VAL N 187 -9.77 46.46 33.86
C VAL N 187 -10.92 45.90 34.68
N HIS N 188 -10.80 45.98 36.01
CA HIS N 188 -11.83 45.44 36.90
C HIS N 188 -11.86 46.26 38.17
N VAL N 189 -13.02 46.25 38.83
CA VAL N 189 -13.23 46.97 40.08
C VAL N 189 -13.96 46.05 41.06
N ILE N 190 -13.40 45.88 42.24
CA ILE N 190 -14.00 45.09 43.31
C ILE N 190 -14.55 46.07 44.35
N PRO N 191 -15.87 46.11 44.57
CA PRO N 191 -16.42 47.09 45.51
C PRO N 191 -15.96 46.87 46.95
N ARG N 192 -16.17 45.67 47.48
CA ARG N 192 -15.75 45.32 48.83
C ARG N 192 -14.90 44.07 48.77
N PRO N 193 -13.57 44.23 48.68
CA PRO N 193 -12.69 43.05 48.70
C PRO N 193 -12.71 42.39 50.07
N HIS N 194 -12.62 41.07 50.07
CA HIS N 194 -12.63 40.31 51.30
C HIS N 194 -11.38 40.64 52.12
N VAL N 195 -11.50 40.50 53.44
CA VAL N 195 -10.40 40.85 54.34
C VAL N 195 -9.19 39.95 54.13
N ASN N 196 -9.39 38.76 53.57
CA ASN N 196 -8.26 37.86 53.30
C ASN N 196 -7.45 38.32 52.09
N VAL N 197 -8.05 39.10 51.19
CA VAL N 197 -7.34 39.55 50.00
C VAL N 197 -6.30 40.61 50.36
N ASP N 198 -6.69 41.60 51.16
CA ASP N 198 -5.78 42.66 51.54
C ASP N 198 -4.64 42.17 52.44
N ALA N 199 -4.80 41.00 53.06
CA ALA N 199 -3.77 40.49 53.96
C ALA N 199 -2.66 39.79 53.20
N ALA N 200 -3.00 38.97 52.21
CA ALA N 200 -2.02 38.19 51.48
C ALA N 200 -1.57 38.81 50.17
N LEU N 201 -2.24 39.87 49.70
CA LEU N 201 -1.85 40.48 48.44
C LEU N 201 -1.41 41.92 48.66
N PRO N 202 -0.38 42.38 47.95
CA PRO N 202 0.08 43.77 48.12
C PRO N 202 -0.86 44.76 47.45
N LEU N 203 -1.92 45.16 48.15
CA LEU N 203 -2.91 46.09 47.62
C LEU N 203 -3.01 47.37 48.44
N GLY N 204 -1.98 47.69 49.21
CA GLY N 204 -1.93 48.93 49.96
C GLY N 204 -2.77 48.99 51.21
N ARG N 205 -3.44 47.90 51.58
CA ARG N 205 -4.28 47.85 52.77
C ARG N 205 -3.91 46.65 53.64
N THR N 206 -2.61 46.51 53.91
CA THR N 206 -2.12 45.39 54.71
C THR N 206 -1.94 45.84 56.16
N PRO N 207 -2.64 45.21 57.13
CA PRO N 207 -2.52 45.55 58.54
C PRO N 207 -1.12 45.31 59.10
N ALA O 2 4.82 71.14 39.12
CA ALA O 2 5.23 69.81 38.66
C ALA O 2 5.71 69.86 37.21
N ASP O 3 6.85 69.21 36.95
CA ASP O 3 7.42 69.19 35.62
C ASP O 3 6.65 68.23 34.71
N ALA O 4 6.89 68.36 33.42
CA ALA O 4 6.25 67.49 32.45
C ALA O 4 6.84 66.08 32.51
N LEU O 5 6.20 65.15 31.80
CA LEU O 5 6.61 63.75 31.80
C LEU O 5 6.66 63.24 30.37
N GLY O 6 7.75 62.56 30.03
CA GLY O 6 7.89 61.96 28.71
C GLY O 6 8.37 60.53 28.80
N MET O 7 7.69 59.63 28.08
CA MET O 7 8.00 58.20 28.16
C MET O 7 8.02 57.60 26.76
N ILE O 8 8.99 56.72 26.53
CA ILE O 8 9.12 55.98 25.28
C ILE O 8 9.45 54.53 25.63
N GLU O 9 8.62 53.60 25.19
CA GLU O 9 8.79 52.18 25.48
C GLU O 9 9.18 51.44 24.21
N VAL O 10 10.26 50.65 24.31
CA VAL O 10 10.79 49.91 23.18
C VAL O 10 11.09 48.48 23.64
N ARG O 11 10.67 47.50 22.84
CA ARG O 11 11.02 46.10 23.09
C ARG O 11 12.45 45.86 22.61
N GLY O 12 13.38 46.43 23.37
CA GLY O 12 14.79 46.35 23.03
C GLY O 12 15.60 47.45 23.68
N PHE O 13 16.72 47.08 24.30
CA PHE O 13 17.55 48.07 24.99
C PHE O 13 18.23 49.01 24.01
N VAL O 14 18.50 48.55 22.79
CA VAL O 14 19.17 49.40 21.81
C VAL O 14 18.22 50.49 21.33
N GLY O 15 16.96 50.15 21.08
CA GLY O 15 16.01 51.15 20.65
C GLY O 15 15.68 52.19 21.71
N MET O 16 15.79 51.82 22.99
CA MET O 16 15.51 52.75 24.07
C MET O 16 16.67 53.71 24.30
N VAL O 17 17.91 53.24 24.13
CA VAL O 17 19.06 54.11 24.31
C VAL O 17 19.12 55.15 23.19
N GLU O 18 18.86 54.73 21.96
CA GLU O 18 18.83 55.68 20.85
C GLU O 18 17.71 56.70 21.01
N ALA O 19 16.57 56.27 21.57
CA ALA O 19 15.49 57.20 21.85
C ALA O 19 15.87 58.19 22.94
N ALA O 20 16.58 57.72 23.97
CA ALA O 20 17.01 58.61 25.05
C ALA O 20 18.07 59.58 24.58
N ASP O 21 18.94 59.16 23.65
CA ASP O 21 19.98 60.05 23.15
C ASP O 21 19.37 61.19 22.32
N ALA O 22 18.33 60.90 21.54
CA ALA O 22 17.70 61.92 20.72
C ALA O 22 16.80 62.85 21.52
N MET O 23 16.30 62.40 22.67
CA MET O 23 15.41 63.25 23.47
C MET O 23 16.19 64.34 24.18
N VAL O 24 17.33 63.99 24.79
CA VAL O 24 18.14 64.98 25.49
C VAL O 24 18.88 65.90 24.52
N LYS O 25 18.97 65.51 23.25
CA LYS O 25 19.57 66.37 22.23
C LYS O 25 18.55 67.28 21.55
N ALA O 26 17.26 66.94 21.60
CA ALA O 26 16.26 67.76 20.94
C ALA O 26 15.98 69.04 21.72
N ALA O 27 15.62 68.91 22.99
CA ALA O 27 15.29 70.07 23.81
C ALA O 27 15.99 69.99 25.17
N LYS O 28 15.59 70.89 26.08
CA LYS O 28 16.16 70.92 27.43
C LYS O 28 15.29 70.07 28.34
N VAL O 29 15.57 68.77 28.35
CA VAL O 29 14.87 67.81 29.18
C VAL O 29 15.90 66.95 29.91
N GLU O 30 15.50 66.44 31.07
CA GLU O 30 16.36 65.62 31.91
C GLU O 30 15.94 64.17 31.83
N LEU O 31 16.89 63.29 31.50
CA LEU O 31 16.65 61.86 31.48
C LEU O 31 16.84 61.31 32.89
N ILE O 32 15.72 60.97 33.55
CA ILE O 32 15.80 60.52 34.94
C ILE O 32 16.23 59.06 35.04
N GLY O 33 16.10 58.27 33.99
CA GLY O 33 16.46 56.88 34.03
C GLY O 33 15.56 56.07 33.13
N TYR O 34 15.63 54.75 33.30
CA TYR O 34 14.86 53.82 32.48
C TYR O 34 14.20 52.77 33.38
N GLU O 35 13.00 52.36 32.98
CA GLU O 35 12.20 51.40 33.72
C GLU O 35 12.17 50.08 32.95
N LYS O 36 12.55 48.99 33.61
CA LYS O 36 12.59 47.67 33.02
C LYS O 36 11.39 46.87 33.53
N THR O 37 10.45 46.57 32.64
CA THR O 37 9.24 45.85 33.00
C THR O 37 9.29 44.38 32.64
N GLY O 38 10.43 43.89 32.16
CA GLY O 38 10.58 42.49 31.82
C GLY O 38 10.13 42.17 30.41
N GLY O 39 10.52 40.99 29.96
CA GLY O 39 10.18 40.54 28.61
C GLY O 39 10.80 41.37 27.51
N GLY O 40 11.96 41.98 27.77
CA GLY O 40 12.60 42.85 26.82
C GLY O 40 12.09 44.27 26.78
N TYR O 41 11.00 44.57 27.49
CA TYR O 41 10.43 45.91 27.49
C TYR O 41 11.24 46.83 28.39
N VAL O 42 11.58 48.00 27.86
CA VAL O 42 12.24 49.05 28.63
C VAL O 42 11.60 50.39 28.27
N THR O 43 11.60 51.31 29.23
CA THR O 43 10.92 52.59 29.08
C THR O 43 11.85 53.72 29.51
N ALA O 44 12.23 54.56 28.56
CA ALA O 44 13.00 55.75 28.86
C ALA O 44 12.07 56.84 29.37
N VAL O 45 12.46 57.50 30.46
CA VAL O 45 11.64 58.51 31.12
C VAL O 45 12.43 59.82 31.15
N VAL O 46 11.88 60.85 30.50
CA VAL O 46 12.47 62.18 30.50
C VAL O 46 11.48 63.16 31.12
N ARG O 47 12.01 64.27 31.61
CA ARG O 47 11.20 65.29 32.27
C ARG O 47 11.74 66.67 31.95
N GLY O 48 10.82 67.63 31.84
CA GLY O 48 11.17 69.00 31.53
C GLY O 48 9.95 69.89 31.40
N ASP O 49 9.93 70.74 30.39
CA ASP O 49 8.79 71.59 30.12
C ASP O 49 7.81 70.88 29.18
N VAL O 50 6.56 71.36 29.18
CA VAL O 50 5.51 70.69 28.40
C VAL O 50 5.87 70.66 26.92
N ALA O 51 6.21 71.82 26.35
CA ALA O 51 6.55 71.85 24.94
C ALA O 51 7.91 71.21 24.66
N ALA O 52 8.85 71.33 25.61
CA ALA O 52 10.16 70.71 25.42
C ALA O 52 10.06 69.20 25.44
N VAL O 53 9.22 68.65 26.31
CA VAL O 53 9.04 67.20 26.36
C VAL O 53 8.27 66.71 25.15
N LYS O 54 7.24 67.45 24.73
CA LYS O 54 6.50 67.08 23.53
C LYS O 54 7.38 67.12 22.29
N ALA O 55 8.31 68.08 22.24
CA ALA O 55 9.25 68.15 21.12
C ALA O 55 10.34 67.09 21.22
N ALA O 56 10.74 66.73 22.44
CA ALA O 56 11.74 65.69 22.61
C ALA O 56 11.17 64.31 22.36
N THR O 57 9.93 64.06 22.81
CA THR O 57 9.30 62.77 22.59
C THR O 57 8.96 62.53 21.12
N GLU O 58 8.87 63.60 20.32
CA GLU O 58 8.60 63.43 18.90
C GLU O 58 9.87 63.14 18.12
N ALA O 59 10.95 63.86 18.42
CA ALA O 59 12.23 63.58 17.76
C ALA O 59 12.80 62.24 18.18
N GLY O 60 12.55 61.83 19.43
CA GLY O 60 13.01 60.54 19.89
C GLY O 60 12.21 59.36 19.37
N GLN O 61 10.97 59.60 18.94
CA GLN O 61 10.15 58.51 18.41
C GLN O 61 10.64 58.07 17.02
N ARG O 62 10.71 59.02 16.08
CA ARG O 62 11.16 58.68 14.73
C ARG O 62 12.64 58.30 14.69
N ALA O 63 13.42 58.71 15.70
CA ALA O 63 14.80 58.27 15.79
C ALA O 63 14.93 56.86 16.35
N ALA O 64 13.94 56.40 17.12
CA ALA O 64 13.94 55.05 17.66
C ALA O 64 13.32 54.04 16.71
N GLU O 65 12.40 54.47 15.85
CA GLU O 65 11.81 53.58 14.86
C GLU O 65 12.81 53.10 13.82
N ARG O 66 13.99 53.72 13.75
CA ARG O 66 15.01 53.33 12.79
C ARG O 66 15.80 52.11 13.21
N VAL O 67 15.77 51.75 14.50
CA VAL O 67 16.64 50.69 15.00
C VAL O 67 15.85 49.61 15.72
N GLY O 68 14.72 49.98 16.32
CA GLY O 68 13.98 49.06 17.16
C GLY O 68 12.47 49.20 16.98
N GLU O 69 11.74 48.37 17.72
CA GLU O 69 10.29 48.34 17.69
C GLU O 69 9.75 49.18 18.84
N VAL O 70 9.05 50.27 18.50
CA VAL O 70 8.45 51.13 19.52
C VAL O 70 7.13 50.53 19.98
N VAL O 71 6.90 50.57 21.28
CA VAL O 71 5.69 50.01 21.88
C VAL O 71 4.65 51.07 22.18
N ALA O 72 5.06 52.15 22.85
CA ALA O 72 4.14 53.22 23.19
C ALA O 72 4.93 54.51 23.44
N VAL O 73 4.33 55.63 23.08
CA VAL O 73 4.92 56.95 23.30
C VAL O 73 3.80 57.89 23.75
N HIS O 74 4.00 58.54 24.89
CA HIS O 74 2.98 59.43 25.43
C HIS O 74 3.64 60.46 26.33
N VAL O 75 2.96 61.58 26.52
CA VAL O 75 3.42 62.66 27.38
C VAL O 75 2.29 63.07 28.31
N ILE O 76 2.63 63.43 29.54
CA ILE O 76 1.69 63.91 30.54
C ILE O 76 2.07 65.33 30.90
N PRO O 77 1.23 66.33 30.62
CA PRO O 77 1.63 67.73 30.85
C PRO O 77 1.78 68.07 32.33
N ARG O 78 0.73 67.86 33.12
CA ARG O 78 0.72 68.16 34.54
C ARG O 78 0.43 66.87 35.30
N PRO O 79 1.45 66.06 35.59
CA PRO O 79 1.21 64.81 36.32
C PRO O 79 0.76 65.07 37.74
N HIS O 80 -0.23 64.28 38.19
CA HIS O 80 -0.74 64.43 39.53
C HIS O 80 0.32 64.10 40.57
N VAL O 81 0.22 64.73 41.73
CA VAL O 81 1.22 64.52 42.78
C VAL O 81 1.19 63.09 43.29
N ASN O 82 0.05 62.41 43.16
CA ASN O 82 -0.04 61.02 43.57
C ASN O 82 0.77 60.11 42.65
N VAL O 83 0.91 60.51 41.37
CA VAL O 83 1.67 59.70 40.43
C VAL O 83 3.16 59.78 40.72
N ASP O 84 3.66 61.00 40.97
CA ASP O 84 5.08 61.20 41.23
C ASP O 84 5.53 60.61 42.56
N ALA O 85 4.60 60.38 43.49
CA ALA O 85 4.93 59.83 44.80
C ALA O 85 5.02 58.30 44.79
N ALA O 86 4.18 57.63 44.01
CA ALA O 86 4.12 56.18 44.00
C ALA O 86 4.88 55.55 42.84
N LEU O 87 5.25 56.33 41.82
CA LEU O 87 5.94 55.76 40.68
C LEU O 87 7.36 56.28 40.57
N PRO O 88 8.32 55.44 40.19
CA PRO O 88 9.72 55.89 40.04
C PRO O 88 9.93 56.70 38.76
N LEU O 89 9.42 57.93 38.77
CA LEU O 89 9.49 58.81 37.61
C LEU O 89 10.47 59.96 37.80
N GLY O 90 11.42 59.83 38.73
CA GLY O 90 12.44 60.81 38.96
C GLY O 90 12.08 61.90 39.95
N ARG O 91 10.80 62.22 40.09
CA ARG O 91 10.34 63.26 40.99
C ARG O 91 9.65 62.62 42.20
N THR O 92 10.47 61.96 43.02
CA THR O 92 9.96 61.31 44.22
C THR O 92 10.34 62.16 45.44
N PRO O 93 9.37 62.81 46.11
CA PRO O 93 9.64 63.66 47.27
C PRO O 93 10.15 62.86 48.47
N ALA O 116 33.35 62.66 25.16
CA ALA O 116 32.87 61.32 25.49
C ALA O 116 33.22 60.33 24.39
N ASP O 117 33.25 59.05 24.75
CA ASP O 117 33.57 58.00 23.80
C ASP O 117 32.33 57.59 23.01
N ALA O 118 32.56 56.88 21.91
CA ALA O 118 31.46 56.40 21.08
C ALA O 118 30.77 55.21 21.75
N LEU O 119 29.55 54.95 21.31
CA LEU O 119 28.71 53.90 21.88
C LEU O 119 28.41 52.84 20.83
N GLY O 120 28.68 51.58 21.16
CA GLY O 120 28.38 50.47 20.28
C GLY O 120 27.54 49.41 20.98
N MET O 121 26.40 49.05 20.39
CA MET O 121 25.45 48.17 21.04
C MET O 121 25.01 47.07 20.08
N ILE O 122 24.88 45.85 20.61
CA ILE O 122 24.37 44.71 19.86
C ILE O 122 23.42 43.94 20.77
N GLU O 123 22.16 43.82 20.37
CA GLU O 123 21.15 43.14 21.15
C GLU O 123 20.80 41.82 20.46
N VAL O 124 20.85 40.73 21.22
CA VAL O 124 20.58 39.39 20.73
C VAL O 124 19.62 38.69 21.68
N ARG O 125 18.60 38.05 21.12
CA ARG O 125 17.68 37.22 21.91
C ARG O 125 18.35 35.86 22.15
N GLY O 126 19.40 35.89 22.97
CA GLY O 126 20.19 34.71 23.25
C GLY O 126 21.54 35.06 23.83
N PHE O 127 21.87 34.48 24.99
CA PHE O 127 23.12 34.82 25.66
C PHE O 127 24.34 34.35 24.87
N VAL O 128 24.20 33.23 24.13
CA VAL O 128 25.34 32.70 23.38
C VAL O 128 25.70 33.62 22.22
N GLY O 129 24.69 34.09 21.48
CA GLY O 129 24.97 34.99 20.36
C GLY O 129 25.54 36.32 20.79
N MET O 130 25.20 36.78 22.00
CA MET O 130 25.73 38.04 22.49
C MET O 130 27.19 37.91 22.89
N VAL O 131 27.57 36.76 23.46
CA VAL O 131 28.97 36.56 23.85
C VAL O 131 29.87 36.47 22.62
N GLU O 132 29.43 35.74 21.60
CA GLU O 132 30.18 35.69 20.35
C GLU O 132 30.25 37.06 19.70
N ALA O 133 29.19 37.87 19.82
CA ALA O 133 29.23 39.22 19.30
C ALA O 133 30.22 40.09 20.06
N ALA O 134 30.23 39.98 21.39
CA ALA O 134 31.16 40.76 22.19
C ALA O 134 32.60 40.33 21.96
N ASP O 135 32.83 39.03 21.70
CA ASP O 135 34.19 38.54 21.47
C ASP O 135 34.73 39.06 20.14
N ALA O 136 33.90 39.09 19.10
CA ALA O 136 34.35 39.56 17.80
C ALA O 136 34.55 41.07 17.76
N MET O 137 33.88 41.81 18.65
CA MET O 137 34.03 43.26 18.65
C MET O 137 35.38 43.68 19.22
N VAL O 138 35.76 43.13 20.37
CA VAL O 138 37.02 43.49 21.00
C VAL O 138 38.23 42.92 20.25
N LYS O 139 38.02 41.97 19.35
CA LYS O 139 39.11 41.44 18.54
C LYS O 139 39.30 42.20 17.23
N ALA O 140 38.23 42.76 16.68
CA ALA O 140 38.32 43.46 15.41
C ALA O 140 39.07 44.77 15.55
N ALA O 141 38.55 45.68 16.38
CA ALA O 141 39.14 46.99 16.61
C ALA O 141 39.44 47.17 18.09
N LYS O 142 39.94 48.37 18.43
CA LYS O 142 40.31 48.69 19.81
C LYS O 142 39.11 49.35 20.50
N VAL O 143 38.22 48.51 21.01
CA VAL O 143 37.06 48.96 21.77
C VAL O 143 37.07 48.26 23.13
N GLU O 144 36.42 48.90 24.10
CA GLU O 144 36.38 48.42 25.48
C GLU O 144 34.98 47.89 25.78
N LEU O 145 34.90 46.61 26.15
CA LEU O 145 33.63 46.00 26.53
C LEU O 145 33.33 46.35 27.98
N ILE O 146 32.34 47.21 28.20
CA ILE O 146 32.03 47.66 29.56
C ILE O 146 31.17 46.66 30.31
N GLY O 147 30.46 45.79 29.62
CA GLY O 147 29.58 44.83 30.25
C GLY O 147 28.40 44.52 29.36
N TYR O 148 27.37 43.94 29.97
CA TYR O 148 26.17 43.54 29.24
C TYR O 148 24.94 43.87 30.08
N GLU O 149 23.84 44.18 29.37
CA GLU O 149 22.59 44.56 30.00
C GLU O 149 21.53 43.52 29.68
N LYS O 150 20.81 43.08 30.71
CA LYS O 150 19.76 42.07 30.58
C LYS O 150 18.41 42.75 30.75
N THR O 151 17.61 42.75 29.69
CA THR O 151 16.29 43.39 29.70
C THR O 151 15.15 42.39 29.89
N GLY O 152 15.45 41.11 30.02
CA GLY O 152 14.43 40.11 30.22
C GLY O 152 13.93 39.51 28.92
N GLY O 153 13.20 38.40 29.06
CA GLY O 153 12.68 37.69 27.91
C GLY O 153 13.73 37.09 27.00
N GLY O 154 14.93 36.83 27.52
CA GLY O 154 16.02 36.34 26.71
C GLY O 154 16.80 37.40 25.97
N TYR O 155 16.44 38.67 26.12
CA TYR O 155 17.13 39.75 25.44
C TYR O 155 18.32 40.23 26.26
N VAL O 156 19.49 40.26 25.63
CA VAL O 156 20.70 40.76 26.25
C VAL O 156 21.39 41.69 25.25
N THR O 157 22.08 42.70 25.78
CA THR O 157 22.70 43.74 24.96
C THR O 157 24.15 43.90 25.36
N ALA O 158 25.05 43.76 24.40
CA ALA O 158 26.48 43.99 24.62
C ALA O 158 26.80 45.45 24.32
N VAL O 159 27.55 46.08 25.22
CA VAL O 159 27.87 47.50 25.13
C VAL O 159 29.38 47.65 25.08
N VAL O 160 29.88 48.31 24.03
CA VAL O 160 31.29 48.59 23.86
C VAL O 160 31.47 50.09 23.66
N ARG O 161 32.64 50.59 24.07
CA ARG O 161 32.95 52.01 23.96
C ARG O 161 34.29 52.19 23.25
N GLY O 162 34.53 53.42 22.82
CA GLY O 162 35.75 53.73 22.09
C GLY O 162 35.54 54.96 21.22
N ASP O 163 36.34 55.06 20.17
CA ASP O 163 36.17 56.12 19.19
C ASP O 163 35.22 55.68 18.09
N VAL O 164 34.64 56.67 17.40
CA VAL O 164 33.62 56.40 16.39
C VAL O 164 34.18 55.53 15.28
N ALA O 165 35.47 55.67 14.96
CA ALA O 165 36.06 54.86 13.90
C ALA O 165 36.11 53.39 14.28
N ALA O 166 36.60 53.09 15.49
CA ALA O 166 36.75 51.69 15.88
C ALA O 166 35.42 51.07 16.26
N VAL O 167 34.49 51.86 16.80
CA VAL O 167 33.20 51.31 17.19
C VAL O 167 32.38 50.92 15.96
N LYS O 168 32.42 51.74 14.91
CA LYS O 168 31.72 51.40 13.67
C LYS O 168 32.30 50.14 13.03
N ALA O 169 33.61 49.93 13.16
CA ALA O 169 34.23 48.74 12.60
C ALA O 169 34.02 47.51 13.46
N ALA O 170 33.82 47.70 14.78
CA ALA O 170 33.67 46.56 15.67
C ALA O 170 32.25 46.01 15.64
N THR O 171 31.24 46.90 15.61
CA THR O 171 29.86 46.44 15.65
C THR O 171 29.50 45.65 14.39
N GLU O 172 29.90 46.14 13.22
CA GLU O 172 29.60 45.42 11.99
C GLU O 172 30.39 44.11 11.89
N ALA O 173 31.59 44.07 12.45
CA ALA O 173 32.35 42.83 12.48
C ALA O 173 31.78 41.84 13.48
N GLY O 174 31.18 42.33 14.57
CA GLY O 174 30.53 41.45 15.51
C GLY O 174 29.13 41.06 15.10
N GLN O 175 28.43 41.94 14.37
CA GLN O 175 27.11 41.60 13.86
C GLN O 175 27.18 40.47 12.85
N ARG O 176 28.19 40.50 11.98
CA ARG O 176 28.35 39.43 10.99
C ARG O 176 28.67 38.10 11.65
N ALA O 177 29.34 38.12 12.81
CA ALA O 177 29.65 36.88 13.48
C ALA O 177 28.52 36.43 14.40
N ALA O 178 27.67 37.36 14.84
CA ALA O 178 26.55 37.00 15.70
C ALA O 178 25.38 36.40 14.92
N GLU O 179 25.23 36.79 13.65
CA GLU O 179 24.17 36.21 12.83
C GLU O 179 24.39 34.72 12.60
N ARG O 180 25.65 34.27 12.66
CA ARG O 180 25.97 32.86 12.52
C ARG O 180 25.50 32.02 13.71
N VAL O 181 25.17 32.65 14.83
CA VAL O 181 24.87 31.92 16.05
C VAL O 181 23.40 32.07 16.42
N GLY O 182 23.02 33.27 16.86
CA GLY O 182 21.68 33.46 17.40
C GLY O 182 20.82 34.46 16.66
N GLU O 183 19.76 34.92 17.32
CA GLU O 183 18.77 35.83 16.72
C GLU O 183 19.17 37.25 17.09
N VAL O 184 19.72 37.98 16.11
CA VAL O 184 20.14 39.36 16.34
C VAL O 184 18.91 40.27 16.30
N VAL O 185 18.79 41.15 17.28
CA VAL O 185 17.63 42.02 17.41
C VAL O 185 17.94 43.38 16.79
N ALA O 186 18.97 44.06 17.30
CA ALA O 186 19.31 45.39 16.83
C ALA O 186 20.79 45.65 17.03
N VAL O 187 21.36 46.44 16.11
CA VAL O 187 22.75 46.87 16.17
C VAL O 187 22.78 48.36 15.81
N HIS O 188 23.35 49.17 16.69
CA HIS O 188 23.39 50.61 16.46
C HIS O 188 24.68 51.18 17.03
N VAL O 189 25.07 52.33 16.50
CA VAL O 189 26.28 53.05 16.93
C VAL O 189 25.93 54.51 17.13
N ILE O 190 26.19 55.04 18.32
CA ILE O 190 26.01 56.44 18.64
C ILE O 190 27.39 57.07 18.75
N PRO O 191 27.79 57.95 17.81
CA PRO O 191 29.14 58.50 17.84
C PRO O 191 29.40 59.39 19.05
N ARG O 192 28.54 60.39 19.27
CA ARG O 192 28.70 61.34 20.36
C ARG O 192 27.46 61.27 21.25
N PRO O 193 27.41 60.33 22.19
CA PRO O 193 26.27 60.26 23.11
C PRO O 193 26.28 61.43 24.07
N HIS O 194 25.09 61.96 24.34
CA HIS O 194 24.96 63.10 25.23
C HIS O 194 25.39 62.73 26.64
N VAL O 195 25.88 63.74 27.37
CA VAL O 195 26.38 63.50 28.72
C VAL O 195 25.26 63.08 29.65
N ASN O 196 24.02 63.50 29.37
CA ASN O 196 22.89 63.11 30.20
C ASN O 196 22.58 61.62 30.07
N VAL O 197 22.95 61.01 28.95
CA VAL O 197 22.66 59.60 28.74
C VAL O 197 23.58 58.73 29.59
N ASP O 198 24.88 59.05 29.58
CA ASP O 198 25.86 58.26 30.34
C ASP O 198 25.67 58.39 31.85
N ALA O 199 24.93 59.39 32.31
CA ALA O 199 24.70 59.60 33.74
C ALA O 199 23.53 58.77 34.27
N ALA O 200 22.47 58.61 33.47
CA ALA O 200 21.28 57.91 33.92
C ALA O 200 21.22 56.44 33.49
N LEU O 201 21.96 56.06 32.44
CA LEU O 201 21.91 54.70 31.94
C LEU O 201 23.28 54.04 32.06
N PRO O 202 23.33 52.73 32.30
CA PRO O 202 24.62 52.06 32.49
C PRO O 202 25.32 51.72 31.19
N LEU O 203 26.10 52.66 30.65
CA LEU O 203 26.92 52.42 29.48
C LEU O 203 28.41 52.35 29.81
N GLY O 204 28.75 52.12 31.08
CA GLY O 204 30.13 52.02 31.49
C GLY O 204 30.87 53.33 31.58
N ARG O 205 30.18 54.46 31.53
CA ARG O 205 30.79 55.78 31.61
C ARG O 205 30.05 56.65 32.62
N THR O 206 29.57 56.03 33.70
CA THR O 206 28.84 56.77 34.73
C THR O 206 29.83 57.42 35.69
N PRO O 207 29.73 58.74 35.93
CA PRO O 207 30.62 59.46 36.84
C PRO O 207 30.57 58.92 38.27
N ALA P 2 -64.23 65.81 45.83
CA ALA P 2 -63.28 64.78 46.23
C ALA P 2 -61.97 64.92 45.47
N ASP P 3 -60.91 64.31 46.00
CA ASP P 3 -59.60 64.37 45.37
C ASP P 3 -59.59 63.52 44.09
N ALA P 4 -58.54 63.69 43.31
CA ALA P 4 -58.36 62.94 42.08
C ALA P 4 -57.66 61.61 42.36
N LEU P 5 -57.67 60.73 41.36
CA LEU P 5 -57.15 59.37 41.51
C LEU P 5 -56.25 59.02 40.33
N GLY P 6 -55.13 58.37 40.63
CA GLY P 6 -54.22 57.89 39.60
C GLY P 6 -53.63 56.53 39.97
N MET P 7 -53.55 55.63 39.01
CA MET P 7 -53.11 54.26 39.28
C MET P 7 -52.18 53.78 38.18
N ILE P 8 -51.22 52.94 38.57
CA ILE P 8 -50.31 52.27 37.65
C ILE P 8 -50.16 50.83 38.10
N GLU P 9 -50.53 49.89 37.23
CA GLU P 9 -50.45 48.47 37.53
C GLU P 9 -49.32 47.83 36.74
N VAL P 10 -48.49 47.04 37.44
CA VAL P 10 -47.31 46.42 36.85
C VAL P 10 -47.24 44.98 37.32
N ARG P 11 -47.01 44.05 36.39
CA ARG P 11 -46.72 42.65 36.74
C ARG P 11 -45.25 42.56 37.13
N GLY P 12 -44.94 43.14 38.29
CA GLY P 12 -43.58 43.20 38.77
C GLY P 12 -43.42 44.23 39.88
N PHE P 13 -42.96 43.79 41.04
CA PHE P 13 -42.84 44.69 42.19
C PHE P 13 -41.78 45.76 41.95
N VAL P 14 -40.76 45.45 41.14
CA VAL P 14 -39.72 46.43 40.85
C VAL P 14 -40.27 47.55 39.97
N GLY P 15 -41.05 47.20 38.94
CA GLY P 15 -41.61 48.20 38.07
C GLY P 15 -42.63 49.09 38.76
N MET P 16 -43.30 48.56 39.79
CA MET P 16 -44.29 49.35 40.52
C MET P 16 -43.62 50.36 41.45
N VAL P 17 -42.51 49.97 42.09
CA VAL P 17 -41.79 50.90 42.96
C VAL P 17 -41.20 52.04 42.16
N GLU P 18 -40.61 51.73 41.00
CA GLU P 18 -40.08 52.78 40.13
C GLU P 18 -41.20 53.68 39.63
N ALA P 19 -42.38 53.11 39.37
CA ALA P 19 -43.53 53.93 38.98
C ALA P 19 -43.97 54.84 40.13
N ALA P 20 -43.97 54.32 41.35
CA ALA P 20 -44.38 55.13 42.50
C ALA P 20 -43.34 56.21 42.80
N ASP P 21 -42.06 55.92 42.58
CA ASP P 21 -41.02 56.91 42.86
C ASP P 21 -41.07 58.06 41.85
N ALA P 22 -41.29 57.75 40.57
CA ALA P 22 -41.35 58.80 39.56
C ALA P 22 -42.61 59.65 39.68
N MET P 23 -43.66 59.14 40.31
CA MET P 23 -44.89 59.91 40.44
C MET P 23 -44.77 60.98 41.53
N VAL P 24 -44.34 60.59 42.73
CA VAL P 24 -44.24 61.55 43.82
C VAL P 24 -43.13 62.56 43.57
N LYS P 25 -42.16 62.24 42.71
CA LYS P 25 -41.13 63.20 42.33
C LYS P 25 -41.59 64.17 41.25
N ALA P 26 -42.61 63.79 40.47
CA ALA P 26 -43.05 64.62 39.36
C ALA P 26 -43.84 65.83 39.83
N ALA P 27 -44.93 65.60 40.55
CA ALA P 27 -45.81 66.68 40.98
C ALA P 27 -46.20 66.46 42.44
N LYS P 28 -47.05 67.33 42.95
CA LYS P 28 -47.50 67.31 44.34
C LYS P 28 -48.60 66.26 44.48
N VAL P 29 -48.21 65.02 44.75
CA VAL P 29 -49.15 63.92 44.94
C VAL P 29 -48.74 63.14 46.19
N GLU P 30 -49.71 62.39 46.71
CA GLU P 30 -49.51 61.58 47.92
C GLU P 30 -49.69 60.12 47.55
N LEU P 31 -48.66 59.32 47.83
CA LEU P 31 -48.73 57.88 47.61
C LEU P 31 -49.44 57.24 48.80
N ILE P 32 -50.68 56.81 48.60
CA ILE P 32 -51.50 56.27 49.69
C ILE P 32 -51.23 54.81 49.98
N GLY P 33 -50.35 54.16 49.21
CA GLY P 33 -50.03 52.76 49.39
C GLY P 33 -50.17 51.99 48.10
N TYR P 34 -50.18 50.67 48.21
CA TYR P 34 -50.26 49.80 47.05
C TYR P 34 -51.24 48.67 47.34
N GLU P 35 -51.72 48.04 46.25
CA GLU P 35 -52.67 46.95 46.33
C GLU P 35 -52.09 45.73 45.62
N LYS P 36 -52.11 44.59 46.30
CA LYS P 36 -51.60 43.33 45.77
C LYS P 36 -52.78 42.45 45.40
N THR P 37 -52.97 42.21 44.10
CA THR P 37 -54.08 41.39 43.61
C THR P 37 -53.67 39.94 43.36
N GLY P 38 -52.42 39.59 43.62
CA GLY P 38 -51.95 38.23 43.41
C GLY P 38 -51.45 37.99 42.01
N GLY P 39 -50.71 36.90 41.86
CA GLY P 39 -50.15 36.54 40.56
C GLY P 39 -49.08 37.47 40.06
N GLY P 40 -48.42 38.21 40.95
CA GLY P 40 -47.41 39.17 40.54
C GLY P 40 -47.94 40.53 40.16
N TYR P 41 -49.25 40.73 40.18
CA TYR P 41 -49.86 42.00 39.82
C TYR P 41 -49.91 42.90 41.05
N VAL P 42 -49.32 44.09 40.95
CA VAL P 42 -49.35 45.08 42.01
C VAL P 42 -49.73 46.43 41.40
N THR P 43 -50.42 47.25 42.19
CA THR P 43 -50.95 48.52 41.72
C THR P 43 -50.53 49.63 42.66
N ALA P 44 -49.97 50.69 42.10
CA ALA P 44 -49.60 51.89 42.86
C ALA P 44 -50.71 52.92 42.73
N VAL P 45 -51.17 53.46 43.86
CA VAL P 45 -52.29 54.38 43.90
C VAL P 45 -51.81 55.69 44.51
N VAL P 46 -52.08 56.80 43.82
CA VAL P 46 -51.72 58.13 44.29
C VAL P 46 -52.96 59.02 44.25
N ARG P 47 -52.97 60.02 45.12
CA ARG P 47 -54.07 60.98 45.21
C ARG P 47 -53.51 62.39 45.14
N GLY P 48 -54.38 63.33 44.77
CA GLY P 48 -53.99 64.72 44.69
C GLY P 48 -54.96 65.50 43.81
N ASP P 49 -54.45 66.59 43.25
CA ASP P 49 -55.24 67.43 42.36
C ASP P 49 -55.16 66.89 40.93
N VAL P 50 -56.16 67.27 40.12
CA VAL P 50 -56.25 66.79 38.75
C VAL P 50 -55.02 67.17 37.95
N ALA P 51 -54.43 68.33 38.23
CA ALA P 51 -53.23 68.75 37.50
C ALA P 51 -52.01 67.95 37.94
N ALA P 52 -51.90 67.68 39.24
CA ALA P 52 -50.72 66.99 39.76
C ALA P 52 -50.77 65.50 39.48
N VAL P 53 -51.95 64.90 39.57
CA VAL P 53 -52.05 63.45 39.39
C VAL P 53 -51.88 63.07 37.92
N LYS P 54 -52.27 63.95 36.99
CA LYS P 54 -52.15 63.64 35.58
C LYS P 54 -50.72 63.79 35.08
N ALA P 55 -49.97 64.75 35.62
CA ALA P 55 -48.57 64.90 35.24
C ALA P 55 -47.71 63.82 35.89
N ALA P 56 -48.07 63.38 37.10
CA ALA P 56 -47.31 62.33 37.76
C ALA P 56 -47.57 60.97 37.13
N THR P 57 -48.82 60.71 36.75
CA THR P 57 -49.17 59.42 36.15
C THR P 57 -48.45 59.24 34.82
N GLU P 58 -48.38 60.29 34.00
CA GLU P 58 -47.65 60.21 32.73
C GLU P 58 -46.15 60.11 32.97
N ALA P 59 -45.64 60.74 34.03
CA ALA P 59 -44.22 60.66 34.34
C ALA P 59 -43.85 59.33 34.99
N GLY P 60 -44.80 58.65 35.62
CA GLY P 60 -44.52 57.34 36.19
C GLY P 60 -44.59 56.22 35.18
N GLN P 61 -45.41 56.39 34.14
CA GLN P 61 -45.52 55.36 33.10
C GLN P 61 -44.27 55.32 32.23
N ARG P 62 -43.70 56.49 31.92
CA ARG P 62 -42.52 56.53 31.06
C ARG P 62 -41.31 55.90 31.75
N ALA P 63 -41.28 55.89 33.09
CA ALA P 63 -40.18 55.29 33.82
C ALA P 63 -40.43 53.84 34.17
N ALA P 64 -41.69 53.44 34.34
CA ALA P 64 -42.01 52.06 34.65
C ALA P 64 -41.85 51.13 33.46
N GLU P 65 -41.94 51.66 32.24
CA GLU P 65 -41.80 50.83 31.05
C GLU P 65 -40.36 50.39 30.82
N ARG P 66 -39.39 51.03 31.47
CA ARG P 66 -37.98 50.71 31.29
C ARG P 66 -37.52 49.51 32.09
N VAL P 67 -38.40 48.92 32.92
CA VAL P 67 -38.00 47.81 33.79
C VAL P 67 -38.93 46.62 33.62
N GLY P 68 -40.19 46.77 34.00
CA GLY P 68 -41.14 45.68 34.01
C GLY P 68 -42.29 45.90 33.04
N GLU P 69 -43.19 44.92 33.03
CA GLU P 69 -44.35 44.95 32.16
C GLU P 69 -45.43 45.85 32.75
N VAL P 70 -45.74 46.95 32.06
CA VAL P 70 -46.79 47.86 32.50
C VAL P 70 -48.14 47.32 32.01
N VAL P 71 -49.02 47.02 32.96
CA VAL P 71 -50.31 46.42 32.61
C VAL P 71 -51.31 47.50 32.22
N ALA P 72 -51.65 48.37 33.18
CA ALA P 72 -52.65 49.39 32.96
C ALA P 72 -52.22 50.69 33.62
N VAL P 73 -52.63 51.81 33.01
CA VAL P 73 -52.36 53.15 33.52
C VAL P 73 -53.58 54.01 33.24
N HIS P 74 -54.18 54.57 34.29
CA HIS P 74 -55.41 55.33 34.12
C HIS P 74 -55.50 56.40 35.19
N VAL P 75 -56.19 57.49 34.87
CA VAL P 75 -56.40 58.61 35.78
C VAL P 75 -57.91 58.86 35.89
N ILE P 76 -58.38 59.04 37.11
CA ILE P 76 -59.78 59.37 37.36
C ILE P 76 -59.85 60.76 37.98
N PRO P 77 -60.38 61.76 37.28
CA PRO P 77 -60.36 63.13 37.80
C PRO P 77 -61.19 63.32 39.06
N ARG P 78 -62.43 62.83 39.06
CA ARG P 78 -63.34 62.98 40.19
C ARG P 78 -64.02 61.66 40.47
N PRO P 79 -63.41 60.81 41.30
CA PRO P 79 -64.05 59.54 41.66
C PRO P 79 -65.34 59.77 42.43
N HIS P 80 -66.32 58.90 42.21
CA HIS P 80 -67.58 58.97 42.92
C HIS P 80 -67.37 58.67 44.40
N VAL P 81 -68.27 59.19 45.24
CA VAL P 81 -68.16 58.98 46.68
C VAL P 81 -68.32 57.50 47.02
N ASN P 82 -69.10 56.77 46.23
CA ASN P 82 -69.28 55.34 46.46
C ASN P 82 -67.99 54.56 46.21
N VAL P 83 -67.12 55.08 45.34
CA VAL P 83 -65.88 54.37 45.02
C VAL P 83 -64.92 54.44 46.21
N ASP P 84 -64.79 55.62 46.83
CA ASP P 84 -63.89 55.78 47.95
C ASP P 84 -64.41 55.12 49.22
N ALA P 85 -65.70 54.76 49.26
CA ALA P 85 -66.28 54.13 50.44
C ALA P 85 -66.14 52.61 50.43
N ALA P 86 -65.99 52.00 49.24
CA ALA P 86 -65.91 50.56 49.13
C ALA P 86 -64.55 50.05 48.67
N LEU P 87 -63.67 50.94 48.19
CA LEU P 87 -62.37 50.52 47.71
C LEU P 87 -61.26 51.18 48.51
N PRO P 88 -60.19 50.44 48.84
CA PRO P 88 -59.08 51.04 49.59
C PRO P 88 -58.25 51.98 48.74
N LEU P 89 -58.74 53.19 48.51
CA LEU P 89 -58.07 54.18 47.69
C LEU P 89 -57.59 55.38 48.51
N GLY P 90 -57.34 55.16 49.80
CA GLY P 90 -56.82 56.21 50.66
C GLY P 90 -57.83 57.23 51.13
N ARG P 91 -59.12 56.98 50.92
CA ARG P 91 -60.17 57.91 51.33
C ARG P 91 -61.27 57.15 52.05
N THR P 92 -62.00 57.87 52.90
CA THR P 92 -63.07 57.28 53.68
C THR P 92 -64.15 58.31 54.00
N ALA P 116 -32.47 60.26 52.33
CA ALA P 116 -32.76 58.83 52.30
C ALA P 116 -31.61 58.06 51.64
N ASP P 117 -31.55 56.76 51.92
CA ASP P 117 -30.51 55.91 51.35
C ASP P 117 -30.95 55.35 50.00
N ALA P 118 -29.99 54.79 49.27
CA ALA P 118 -30.27 54.26 47.95
C ALA P 118 -31.07 52.96 48.05
N LEU P 119 -31.67 52.58 46.92
CA LEU P 119 -32.55 51.42 46.85
C LEU P 119 -32.13 50.53 45.70
N GLY P 120 -32.01 49.23 45.97
CA GLY P 120 -31.70 48.25 44.95
C GLY P 120 -32.60 47.05 45.02
N MET P 121 -33.18 46.65 43.88
CA MET P 121 -34.19 45.60 43.85
C MET P 121 -33.91 44.64 42.70
N ILE P 122 -34.14 43.35 42.97
CA ILE P 122 -34.02 42.30 41.96
C ILE P 122 -35.22 41.37 42.11
N GLU P 123 -35.98 41.21 41.04
CA GLU P 123 -37.19 40.39 41.05
C GLU P 123 -36.97 39.13 40.21
N VAL P 124 -37.34 37.99 40.78
CA VAL P 124 -37.16 36.69 40.13
C VAL P 124 -38.43 35.88 40.31
N ARG P 125 -38.88 35.23 39.23
CA ARG P 125 -40.00 34.28 39.31
C ARG P 125 -39.46 32.93 39.78
N GLY P 126 -39.08 32.92 41.06
CA GLY P 126 -38.48 31.75 41.67
C GLY P 126 -37.70 32.10 42.93
N PHE P 127 -37.98 31.38 44.02
CA PHE P 127 -37.34 31.71 45.30
C PHE P 127 -35.85 31.42 45.29
N VAL P 128 -35.42 30.39 44.54
CA VAL P 128 -34.01 30.04 44.52
C VAL P 128 -33.19 31.11 43.82
N GLY P 129 -33.70 31.64 42.70
CA GLY P 129 -32.98 32.68 42.00
C GLY P 129 -32.87 33.97 42.79
N MET P 130 -33.85 34.26 43.65
CA MET P 130 -33.80 35.47 44.46
C MET P 130 -32.78 35.34 45.58
N VAL P 131 -32.62 34.13 46.13
CA VAL P 131 -31.66 33.94 47.21
C VAL P 131 -30.23 34.04 46.69
N GLU P 132 -29.97 33.42 45.52
CA GLU P 132 -28.65 33.53 44.93
C GLU P 132 -28.33 34.97 44.55
N ALA P 133 -29.34 35.72 44.10
CA ALA P 133 -29.13 37.13 43.82
C ALA P 133 -28.89 37.92 45.09
N ALA P 134 -29.65 37.63 46.14
CA ALA P 134 -29.48 38.34 47.41
C ALA P 134 -28.13 38.00 48.05
N ASP P 135 -27.67 36.76 47.89
CA ASP P 135 -26.37 36.39 48.45
C ASP P 135 -25.24 37.06 47.70
N ALA P 136 -25.36 37.19 46.38
CA ALA P 136 -24.30 37.82 45.59
C ALA P 136 -24.28 39.34 45.79
N MET P 137 -25.41 39.93 46.14
CA MET P 137 -25.45 41.38 46.35
C MET P 137 -24.72 41.77 47.63
N VAL P 138 -25.02 41.10 48.74
CA VAL P 138 -24.38 41.42 50.01
C VAL P 138 -22.91 41.01 50.02
N LYS P 139 -22.50 40.11 49.12
CA LYS P 139 -21.11 39.71 49.02
C LYS P 139 -20.30 40.63 48.11
N ALA P 140 -20.94 41.27 47.12
CA ALA P 140 -20.22 42.10 46.18
C ALA P 140 -19.84 43.45 46.79
N ALA P 141 -20.75 44.08 47.52
CA ALA P 141 -20.52 45.39 48.09
C ALA P 141 -21.10 45.44 49.50
N LYS P 142 -20.88 46.56 50.18
CA LYS P 142 -21.38 46.76 51.54
C LYS P 142 -22.80 47.31 51.46
N VAL P 143 -23.75 46.40 51.23
CA VAL P 143 -25.17 46.74 51.20
C VAL P 143 -25.89 45.85 52.20
N GLU P 144 -27.03 46.32 52.69
CA GLU P 144 -27.83 45.62 53.69
C GLU P 144 -29.08 45.06 53.03
N LEU P 145 -29.27 43.74 53.17
CA LEU P 145 -30.48 43.08 52.68
C LEU P 145 -31.57 43.26 53.73
N ILE P 146 -32.50 44.17 53.46
CA ILE P 146 -33.56 44.47 54.44
C ILE P 146 -34.63 43.39 54.48
N GLY P 147 -34.75 42.57 53.44
CA GLY P 147 -35.76 41.54 53.39
C GLY P 147 -36.17 41.29 51.95
N TYR P 148 -37.34 40.67 51.81
CA TYR P 148 -37.86 40.31 50.49
C TYR P 148 -39.38 40.44 50.49
N GLU P 149 -39.92 40.79 49.33
CA GLU P 149 -41.35 41.00 49.15
C GLU P 149 -41.91 39.92 48.23
N LYS P 150 -43.02 39.32 48.63
CA LYS P 150 -43.67 38.26 47.87
C LYS P 150 -44.96 38.82 47.28
N THR P 151 -45.01 38.91 45.95
CA THR P 151 -46.17 39.45 45.25
C THR P 151 -47.10 38.37 44.72
N GLY P 152 -46.76 37.10 44.89
CA GLY P 152 -47.58 36.01 44.42
C GLY P 152 -47.21 35.55 43.03
N GLY P 153 -47.76 34.39 42.67
CA GLY P 153 -47.49 33.81 41.37
C GLY P 153 -46.04 33.40 41.15
N GLY P 154 -45.30 33.13 42.23
CA GLY P 154 -43.89 32.80 42.13
C GLY P 154 -42.96 33.99 42.06
N TYR P 155 -43.48 35.20 42.04
CA TYR P 155 -42.65 36.40 41.95
C TYR P 155 -42.20 36.83 43.33
N VAL P 156 -40.89 36.99 43.50
CA VAL P 156 -40.30 37.48 44.74
C VAL P 156 -39.25 38.52 44.39
N THR P 157 -39.06 39.47 45.30
CA THR P 157 -38.17 40.61 45.07
C THR P 157 -37.26 40.81 46.27
N ALA P 158 -35.95 40.78 46.04
CA ALA P 158 -34.98 41.07 47.08
C ALA P 158 -34.70 42.56 47.11
N VAL P 159 -34.75 43.16 48.30
CA VAL P 159 -34.60 44.59 48.49
C VAL P 159 -33.34 44.84 49.32
N VAL P 160 -32.43 45.65 48.79
CA VAL P 160 -31.21 46.02 49.49
C VAL P 160 -31.10 47.54 49.52
N ARG P 161 -30.43 48.05 50.55
CA ARG P 161 -30.24 49.48 50.73
C ARG P 161 -28.77 49.77 50.99
N GLY P 162 -28.40 51.02 50.76
CA GLY P 162 -27.01 51.46 50.95
C GLY P 162 -26.78 52.80 50.26
N ASP P 163 -25.54 53.00 49.84
CA ASP P 163 -25.19 54.18 49.07
C ASP P 163 -25.40 53.92 47.58
N VAL P 164 -25.46 55.01 46.81
CA VAL P 164 -25.85 54.92 45.40
C VAL P 164 -24.86 54.11 44.60
N ALA P 165 -23.58 54.12 44.98
CA ALA P 165 -22.55 53.47 44.17
C ALA P 165 -22.48 51.98 44.47
N ALA P 166 -22.47 51.59 45.74
CA ALA P 166 -22.33 50.18 46.09
C ALA P 166 -23.57 49.39 45.69
N VAL P 167 -24.76 49.94 45.93
CA VAL P 167 -25.99 49.26 45.53
C VAL P 167 -26.10 49.18 44.02
N LYS P 168 -25.40 50.06 43.29
CA LYS P 168 -25.39 49.98 41.84
C LYS P 168 -24.58 48.78 41.36
N ALA P 169 -23.40 48.58 41.95
CA ALA P 169 -22.56 47.44 41.60
C ALA P 169 -23.03 46.15 42.26
N ALA P 170 -23.81 46.24 43.34
CA ALA P 170 -24.32 45.03 43.98
C ALA P 170 -25.42 44.39 43.13
N THR P 171 -26.35 45.20 42.63
CA THR P 171 -27.41 44.66 41.79
C THR P 171 -26.87 44.14 40.46
N GLU P 172 -25.79 44.75 39.95
CA GLU P 172 -25.18 44.25 38.73
C GLU P 172 -24.55 42.88 38.95
N ALA P 173 -23.92 42.67 40.10
CA ALA P 173 -23.34 41.37 40.42
C ALA P 173 -24.39 40.35 40.81
N GLY P 174 -25.45 40.78 41.50
CA GLY P 174 -26.53 39.87 41.85
C GLY P 174 -27.34 39.43 40.66
N GLN P 175 -27.47 40.30 39.65
CA GLN P 175 -28.18 39.92 38.43
C GLN P 175 -27.39 38.91 37.62
N ARG P 176 -26.06 39.06 37.58
CA ARG P 176 -25.24 38.14 36.80
C ARG P 176 -25.25 36.74 37.40
N ALA P 177 -25.29 36.65 38.73
CA ALA P 177 -25.29 35.36 39.40
C ALA P 177 -26.68 34.70 39.40
N ALA P 178 -27.74 35.49 39.24
CA ALA P 178 -29.10 34.95 39.24
C ALA P 178 -29.56 34.49 37.86
N GLU P 179 -28.93 34.98 36.79
CA GLU P 179 -29.33 34.56 35.45
C GLU P 179 -29.03 33.09 35.20
N ARG P 180 -27.94 32.58 35.78
CA ARG P 180 -27.56 31.18 35.63
C ARG P 180 -28.30 30.27 36.59
N VAL P 181 -29.39 30.74 37.20
CA VAL P 181 -30.15 29.94 38.16
C VAL P 181 -31.63 29.95 37.78
N GLY P 182 -32.24 31.13 37.81
CA GLY P 182 -33.67 31.24 37.57
C GLY P 182 -34.07 32.26 36.52
N GLU P 183 -35.33 32.65 36.54
CA GLU P 183 -35.90 33.58 35.56
C GLU P 183 -35.90 34.99 36.16
N VAL P 184 -35.00 35.83 35.68
CA VAL P 184 -34.92 37.21 36.15
C VAL P 184 -35.99 38.04 35.46
N VAL P 185 -36.73 38.82 36.25
CA VAL P 185 -37.84 39.61 35.72
C VAL P 185 -37.40 41.05 35.49
N ALA P 186 -37.03 41.74 36.57
CA ALA P 186 -36.64 43.14 36.46
C ALA P 186 -35.59 43.46 37.51
N VAL P 187 -34.66 44.35 37.15
CA VAL P 187 -33.60 44.81 38.04
C VAL P 187 -33.48 46.32 37.88
N HIS P 188 -33.58 47.05 38.99
CA HIS P 188 -33.52 48.51 38.94
C HIS P 188 -32.94 49.03 40.24
N VAL P 189 -32.41 50.26 40.18
CA VAL P 189 -31.87 50.95 41.34
C VAL P 189 -32.39 52.38 41.34
N ILE P 190 -32.76 52.86 42.52
CA ILE P 190 -33.25 54.22 42.71
C ILE P 190 -32.22 54.97 43.55
N PRO P 191 -31.64 56.06 43.04
CA PRO P 191 -30.58 56.76 43.78
C PRO P 191 -31.06 57.32 45.11
N ARG P 192 -32.03 58.24 45.07
CA ARG P 192 -32.61 58.83 46.27
C ARG P 192 -34.11 58.75 46.18
N PRO P 193 -34.72 57.71 46.73
CA PRO P 193 -36.19 57.61 46.70
C PRO P 193 -36.82 58.68 47.58
N HIS P 194 -38.00 59.12 47.16
CA HIS P 194 -38.73 60.16 47.89
C HIS P 194 -39.14 59.65 49.27
N VAL P 195 -39.34 60.59 50.19
CA VAL P 195 -39.73 60.23 51.55
C VAL P 195 -41.11 59.59 51.58
N ASN P 196 -41.98 59.97 50.63
CA ASN P 196 -43.31 59.37 50.57
C ASN P 196 -43.27 57.91 50.13
N VAL P 197 -42.21 57.51 49.42
CA VAL P 197 -42.09 56.12 49.00
C VAL P 197 -41.78 55.22 50.19
N ASP P 198 -40.79 55.61 51.00
CA ASP P 198 -40.41 54.80 52.16
C ASP P 198 -41.50 54.77 53.22
N ALA P 199 -42.43 55.73 53.22
CA ALA P 199 -43.47 55.76 54.24
C ALA P 199 -44.64 54.86 53.87
N ALA P 200 -44.86 54.59 52.58
CA ALA P 200 -45.97 53.77 52.14
C ALA P 200 -45.57 52.39 51.64
N LEU P 201 -44.28 52.17 51.34
CA LEU P 201 -43.84 50.88 50.86
C LEU P 201 -42.91 50.22 51.86
N PRO P 202 -43.05 48.92 52.09
CA PRO P 202 -42.14 48.23 53.02
C PRO P 202 -40.76 48.01 52.42
N LEU P 203 -39.93 49.06 52.42
CA LEU P 203 -38.60 49.01 51.84
C LEU P 203 -37.50 49.07 52.90
N GLY P 204 -37.84 48.79 54.15
CA GLY P 204 -36.86 48.75 55.22
C GLY P 204 -36.54 50.08 55.87
N ARG P 205 -37.02 51.19 55.32
CA ARG P 205 -36.76 52.51 55.86
C ARG P 205 -38.07 53.20 56.24
N THR P 206 -39.01 52.44 56.78
CA THR P 206 -40.31 52.98 57.18
C THR P 206 -40.23 53.52 58.60
N PRO P 207 -40.63 54.78 58.85
CA PRO P 207 -40.61 55.38 60.18
C PRO P 207 -41.63 54.74 61.13
N ALA Q 2 -21.66 30.37 58.43
CA ALA Q 2 -22.49 29.34 59.04
C ALA Q 2 -22.50 28.07 58.20
N ASP Q 3 -23.60 27.33 58.27
CA ASP Q 3 -23.72 26.09 57.52
C ASP Q 3 -23.96 26.38 56.04
N ALA Q 4 -23.94 25.31 55.24
CA ALA Q 4 -24.22 25.42 53.82
C ALA Q 4 -25.72 25.53 53.57
N LEU Q 5 -26.08 25.80 52.33
CA LEU Q 5 -27.48 26.02 51.95
C LEU Q 5 -27.81 25.18 50.72
N GLY Q 6 -28.96 24.51 50.76
CA GLY Q 6 -29.44 23.75 49.63
C GLY Q 6 -30.92 23.97 49.38
N MET Q 7 -31.29 24.22 48.13
CA MET Q 7 -32.66 24.56 47.78
C MET Q 7 -33.06 23.84 46.50
N ILE Q 8 -34.31 23.34 46.47
CA ILE Q 8 -34.89 22.72 45.29
C ILE Q 8 -36.31 23.27 45.14
N GLU Q 9 -36.57 23.93 44.02
CA GLU Q 9 -37.86 24.55 43.75
C GLU Q 9 -38.61 23.73 42.71
N VAL Q 10 -39.87 23.39 43.02
CA VAL Q 10 -40.71 22.57 42.15
C VAL Q 10 -42.09 23.20 42.08
N ARG Q 11 -42.64 23.31 40.86
CA ARG Q 11 -44.02 23.77 40.68
C ARG Q 11 -44.95 22.60 40.97
N GLY Q 12 -45.04 22.27 42.25
CA GLY Q 12 -45.84 21.14 42.71
C GLY Q 12 -45.47 20.69 44.10
N PHE Q 13 -46.45 20.66 45.01
CA PHE Q 13 -46.18 20.29 46.39
C PHE Q 13 -45.76 18.83 46.52
N VAL Q 14 -46.15 17.98 45.57
CA VAL Q 14 -45.77 16.57 45.63
C VAL Q 14 -44.30 16.39 45.27
N GLY Q 15 -43.86 17.03 44.18
CA GLY Q 15 -42.47 16.95 43.78
C GLY Q 15 -41.50 17.53 44.79
N MET Q 16 -41.94 18.46 45.63
CA MET Q 16 -41.07 19.03 46.65
C MET Q 16 -40.91 18.09 47.84
N VAL Q 17 -41.99 17.44 48.26
CA VAL Q 17 -41.90 16.51 49.39
C VAL Q 17 -41.04 15.31 49.02
N GLU Q 18 -41.19 14.80 47.79
CA GLU Q 18 -40.35 13.70 47.33
C GLU Q 18 -38.89 14.13 47.25
N ALA Q 19 -38.63 15.38 46.84
CA ALA Q 19 -37.27 15.87 46.80
C ALA Q 19 -36.70 16.05 48.20
N ALA Q 20 -37.51 16.57 49.13
CA ALA Q 20 -37.05 16.77 50.50
C ALA Q 20 -36.81 15.44 51.20
N ASP Q 21 -37.62 14.44 50.90
CA ASP Q 21 -37.45 13.13 51.52
C ASP Q 21 -36.17 12.46 51.03
N ALA Q 22 -35.85 12.60 49.75
CA ALA Q 22 -34.66 11.98 49.20
C ALA Q 22 -33.38 12.66 49.66
N MET Q 23 -33.45 13.92 50.08
CA MET Q 23 -32.25 14.64 50.51
C MET Q 23 -31.84 14.27 51.93
N VAL Q 24 -32.81 14.21 52.84
CA VAL Q 24 -32.49 13.86 54.22
C VAL Q 24 -32.08 12.40 54.35
N LYS Q 25 -32.40 11.57 53.36
CA LYS Q 25 -31.98 10.18 53.36
C LYS Q 25 -30.64 9.97 52.68
N ALA Q 26 -30.26 10.86 51.75
CA ALA Q 26 -29.04 10.65 50.97
C ALA Q 26 -27.79 11.03 51.76
N ALA Q 27 -27.86 12.12 52.52
CA ALA Q 27 -26.71 12.63 53.26
C ALA Q 27 -27.17 13.21 54.59
N LYS Q 28 -26.20 13.70 55.36
CA LYS Q 28 -26.47 14.28 56.68
C LYS Q 28 -26.81 15.75 56.49
N VAL Q 29 -28.09 16.02 56.23
CA VAL Q 29 -28.60 17.38 56.08
C VAL Q 29 -29.86 17.53 56.91
N GLU Q 30 -30.18 18.78 57.23
CA GLU Q 30 -31.34 19.11 58.05
C GLU Q 30 -32.33 19.92 57.22
N LEU Q 31 -33.56 19.41 57.12
CA LEU Q 31 -34.63 20.11 56.41
C LEU Q 31 -35.25 21.13 57.34
N ILE Q 32 -34.95 22.41 57.13
CA ILE Q 32 -35.46 23.46 58.02
C ILE Q 32 -36.92 23.77 57.76
N GLY Q 33 -37.45 23.43 56.59
CA GLY Q 33 -38.82 23.73 56.25
C GLY Q 33 -38.97 23.94 54.76
N TYR Q 34 -40.08 24.59 54.39
CA TYR Q 34 -40.38 24.85 53.00
C TYR Q 34 -40.96 26.26 52.87
N GLU Q 35 -40.81 26.82 51.67
CA GLU Q 35 -41.24 28.18 51.37
C GLU Q 35 -42.24 28.15 50.22
N LYS Q 36 -43.36 28.84 50.39
CA LYS Q 36 -44.42 28.93 49.40
C LYS Q 36 -44.41 30.33 48.81
N THR Q 37 -44.10 30.44 47.53
CA THR Q 37 -44.06 31.72 46.84
C THR Q 37 -45.31 31.99 46.01
N GLY Q 38 -46.32 31.15 46.13
CA GLY Q 38 -47.56 31.33 45.39
C GLY Q 38 -47.47 30.84 43.96
N GLY Q 39 -48.64 30.61 43.37
CA GLY Q 39 -48.71 30.16 41.99
C GLY Q 39 -48.27 28.73 41.79
N GLY Q 40 -48.36 27.90 42.83
CA GLY Q 40 -47.97 26.51 42.74
C GLY Q 40 -46.49 26.25 42.98
N TYR Q 41 -45.71 27.28 43.29
CA TYR Q 41 -44.27 27.13 43.48
C TYR Q 41 -43.96 26.91 44.96
N VAL Q 42 -43.12 25.91 45.24
CA VAL Q 42 -42.62 25.64 46.58
C VAL Q 42 -41.14 25.31 46.50
N THR Q 43 -40.44 25.53 47.61
CA THR Q 43 -39.00 25.33 47.67
C THR Q 43 -38.64 24.66 48.99
N ALA Q 44 -37.99 23.50 48.89
CA ALA Q 44 -37.47 22.81 50.06
C ALA Q 44 -36.07 23.33 50.38
N VAL Q 45 -35.81 23.60 51.66
CA VAL Q 45 -34.56 24.18 52.11
C VAL Q 45 -33.89 23.22 53.07
N VAL Q 46 -32.69 22.75 52.71
CA VAL Q 46 -31.89 21.91 53.58
C VAL Q 46 -30.58 22.64 53.88
N ARG Q 47 -29.96 22.26 54.99
CA ARG Q 47 -28.73 22.88 55.44
C ARG Q 47 -27.82 21.84 56.08
N GLY Q 48 -26.51 22.07 55.95
CA GLY Q 48 -25.50 21.18 56.49
C GLY Q 48 -24.11 21.61 56.09
N ASP Q 49 -23.24 20.65 55.76
CA ASP Q 49 -21.92 20.98 55.26
C ASP Q 49 -21.93 21.02 53.73
N VAL Q 50 -20.84 21.55 53.17
CA VAL Q 50 -20.77 21.76 51.73
C VAL Q 50 -20.80 20.44 50.98
N ALA Q 51 -20.19 19.40 51.56
CA ALA Q 51 -20.13 18.12 50.87
C ALA Q 51 -21.46 17.36 50.94
N ALA Q 52 -22.13 17.40 52.10
CA ALA Q 52 -23.37 16.66 52.26
C ALA Q 52 -24.52 17.34 51.54
N VAL Q 53 -24.59 18.67 51.59
CA VAL Q 53 -25.67 19.39 50.92
C VAL Q 53 -25.58 19.20 49.41
N LYS Q 54 -24.37 19.29 48.84
CA LYS Q 54 -24.21 19.10 47.41
C LYS Q 54 -24.48 17.66 47.00
N ALA Q 55 -24.15 16.69 47.87
CA ALA Q 55 -24.43 15.29 47.57
C ALA Q 55 -25.90 14.95 47.78
N ALA Q 56 -26.58 15.66 48.68
CA ALA Q 56 -28.01 15.44 48.86
C ALA Q 56 -28.82 16.13 47.78
N THR Q 57 -28.32 17.24 47.25
CA THR Q 57 -29.06 17.99 46.24
C THR Q 57 -29.12 17.22 44.92
N GLU Q 58 -28.05 16.51 44.57
CA GLU Q 58 -28.06 15.73 43.34
C GLU Q 58 -29.01 14.55 43.42
N ALA Q 59 -29.24 14.03 44.63
CA ALA Q 59 -30.16 12.91 44.80
C ALA Q 59 -31.61 13.38 44.86
N GLY Q 60 -31.85 14.56 45.44
CA GLY Q 60 -33.19 15.12 45.47
C GLY Q 60 -33.69 15.59 44.12
N GLN Q 61 -32.79 15.94 43.20
CA GLN Q 61 -33.22 16.38 41.88
C GLN Q 61 -33.67 15.21 41.01
N ARG Q 62 -32.90 14.11 41.03
CA ARG Q 62 -33.27 12.95 40.23
C ARG Q 62 -34.57 12.31 40.72
N ALA Q 63 -34.85 12.41 42.02
CA ALA Q 63 -36.10 11.87 42.55
C ALA Q 63 -37.28 12.80 42.30
N ALA Q 64 -37.02 14.10 42.20
CA ALA Q 64 -38.11 15.06 41.95
C ALA Q 64 -38.52 15.08 40.49
N GLU Q 65 -37.55 14.90 39.57
CA GLU Q 65 -37.87 14.90 38.15
C GLU Q 65 -38.77 13.74 37.76
N ARG Q 66 -38.81 12.68 38.57
CA ARG Q 66 -39.69 11.56 38.27
C ARG Q 66 -41.15 11.90 38.56
N VAL Q 67 -41.40 12.85 39.45
CA VAL Q 67 -42.76 13.13 39.90
C VAL Q 67 -43.19 14.51 39.46
N GLY Q 68 -42.51 15.54 39.97
CA GLY Q 68 -42.90 16.92 39.75
C GLY Q 68 -42.08 17.60 38.68
N GLU Q 69 -42.44 18.85 38.44
CA GLU Q 69 -41.78 19.71 37.45
C GLU Q 69 -40.77 20.59 38.19
N VAL Q 70 -39.51 20.16 38.20
CA VAL Q 70 -38.47 20.90 38.90
C VAL Q 70 -38.25 22.24 38.22
N VAL Q 71 -37.97 23.27 39.01
CA VAL Q 71 -37.80 24.63 38.52
C VAL Q 71 -36.37 25.12 38.70
N ALA Q 72 -35.81 24.97 39.91
CA ALA Q 72 -34.47 25.45 40.18
C ALA Q 72 -33.79 24.51 41.18
N VAL Q 73 -32.50 24.31 40.98
CA VAL Q 73 -31.67 23.47 41.87
C VAL Q 73 -30.33 24.17 42.02
N HIS Q 74 -30.00 24.58 43.26
CA HIS Q 74 -28.80 25.35 43.50
C HIS Q 74 -28.30 25.11 44.91
N VAL Q 75 -27.00 25.31 45.12
CA VAL Q 75 -26.37 25.18 46.42
C VAL Q 75 -25.46 26.39 46.64
N ILE Q 76 -25.52 26.94 47.84
CA ILE Q 76 -24.69 28.07 48.25
C ILE Q 76 -23.73 27.57 49.33
N PRO Q 77 -22.41 27.58 49.09
CA PRO Q 77 -21.48 27.02 50.08
C PRO Q 77 -21.49 27.76 51.41
N ARG Q 78 -21.16 29.04 51.40
CA ARG Q 78 -21.09 29.85 52.62
C ARG Q 78 -21.98 31.07 52.43
N PRO Q 79 -23.26 30.98 52.81
CA PRO Q 79 -24.13 32.15 52.71
C PRO Q 79 -23.69 33.25 53.66
N HIS Q 80 -23.90 34.49 53.22
CA HIS Q 80 -23.51 35.64 54.03
C HIS Q 80 -24.40 35.74 55.27
N VAL Q 81 -23.87 36.43 56.29
CA VAL Q 81 -24.60 36.58 57.55
C VAL Q 81 -25.88 37.38 57.34
N ASN Q 82 -25.86 38.33 56.41
CA ASN Q 82 -27.05 39.12 56.12
C ASN Q 82 -28.16 38.27 55.52
N VAL Q 83 -27.80 37.21 54.80
CA VAL Q 83 -28.81 36.38 54.15
C VAL Q 83 -29.56 35.54 55.18
N ASP Q 84 -28.82 34.93 56.12
CA ASP Q 84 -29.46 34.09 57.12
C ASP Q 84 -30.31 34.90 58.09
N ALA Q 85 -30.00 36.19 58.26
CA ALA Q 85 -30.74 37.02 59.21
C ALA Q 85 -32.01 37.59 58.59
N ALA Q 86 -32.02 37.83 57.28
CA ALA Q 86 -33.16 38.45 56.62
C ALA Q 86 -34.08 37.46 55.92
N LEU Q 87 -33.60 36.24 55.64
CA LEU Q 87 -34.40 35.26 54.94
C LEU Q 87 -34.70 34.07 55.83
N PRO Q 88 -35.91 33.51 55.75
CA PRO Q 88 -36.25 32.34 56.58
C PRO Q 88 -35.56 31.07 56.11
N LEU Q 89 -34.28 30.90 56.48
CA LEU Q 89 -33.50 29.75 56.06
C LEU Q 89 -33.09 28.87 57.24
N GLY Q 90 -33.80 28.98 58.37
CA GLY Q 90 -33.54 28.13 59.51
C GLY Q 90 -32.38 28.55 60.38
N ARG Q 91 -31.51 29.45 59.92
CA ARG Q 91 -30.39 29.90 60.73
C ARG Q 91 -30.54 31.38 61.08
N THR Q 92 -31.66 31.74 61.68
CA THR Q 92 -31.93 33.12 62.05
C THR Q 92 -31.66 33.31 63.54
N PRO Q 93 -30.56 33.97 63.93
CA PRO Q 93 -30.21 34.19 65.34
C PRO Q 93 -31.19 35.14 66.03
N ALA Q 116 -42.97 4.89 61.70
CA ALA Q 116 -43.60 5.95 60.94
C ALA Q 116 -44.61 5.40 59.95
N ASP Q 117 -45.69 6.14 59.72
CA ASP Q 117 -46.74 5.72 58.80
C ASP Q 117 -46.36 6.08 57.37
N ALA Q 118 -47.09 5.50 56.42
CA ALA Q 118 -46.85 5.76 55.01
C ALA Q 118 -47.46 7.10 54.60
N LEU Q 119 -47.05 7.57 53.43
CA LEU Q 119 -47.46 8.87 52.93
C LEU Q 119 -48.03 8.72 51.51
N GLY Q 120 -49.21 9.30 51.29
CA GLY Q 120 -49.83 9.28 49.98
C GLY Q 120 -50.35 10.65 49.58
N MET Q 121 -49.99 11.11 48.39
CA MET Q 121 -50.30 12.47 47.96
C MET Q 121 -50.78 12.47 46.52
N ILE Q 122 -51.78 13.32 46.24
CA ILE Q 122 -52.30 13.52 44.90
C ILE Q 122 -52.49 15.02 44.69
N GLU Q 123 -51.87 15.57 43.65
CA GLU Q 123 -51.93 16.99 43.36
C GLU Q 123 -52.75 17.23 42.11
N VAL Q 124 -53.68 18.20 42.18
CA VAL Q 124 -54.56 18.53 41.07
C VAL Q 124 -54.68 20.06 40.99
N ARG Q 125 -54.55 20.60 39.78
CA ARG Q 125 -54.79 22.03 39.56
C ARG Q 125 -56.31 22.25 39.46
N GLY Q 126 -56.97 22.05 40.59
CA GLY Q 126 -58.42 22.15 40.66
C GLY Q 126 -58.97 21.56 41.94
N PHE Q 127 -59.81 22.33 42.64
CA PHE Q 127 -60.33 21.87 43.92
C PHE Q 127 -61.30 20.71 43.75
N VAL Q 128 -62.04 20.66 42.64
CA VAL Q 128 -63.00 19.59 42.43
C VAL Q 128 -62.29 18.26 42.23
N GLY Q 129 -61.23 18.25 41.43
CA GLY Q 129 -60.49 17.01 41.21
C GLY Q 129 -59.78 16.50 42.44
N MET Q 130 -59.42 17.40 43.35
CA MET Q 130 -58.75 16.99 44.59
C MET Q 130 -59.72 16.36 45.57
N VAL Q 131 -60.96 16.87 45.63
CA VAL Q 131 -61.95 16.30 46.53
C VAL Q 131 -62.37 14.91 46.08
N GLU Q 132 -62.55 14.72 44.77
CA GLU Q 132 -62.89 13.41 44.25
C GLU Q 132 -61.75 12.41 44.48
N ALA Q 133 -60.51 12.87 44.33
CA ALA Q 133 -59.37 12.00 44.61
C ALA Q 133 -59.28 11.67 46.09
N ALA Q 134 -59.57 12.65 46.96
CA ALA Q 134 -59.55 12.39 48.39
C ALA Q 134 -60.67 11.46 48.80
N ASP Q 135 -61.83 11.56 48.15
CA ASP Q 135 -62.95 10.69 48.46
C ASP Q 135 -62.66 9.25 48.03
N ALA Q 136 -61.98 9.08 46.88
CA ALA Q 136 -61.65 7.75 46.40
C ALA Q 136 -60.52 7.10 47.20
N MET Q 137 -59.65 7.92 47.80
CA MET Q 137 -58.54 7.36 48.57
C MET Q 137 -59.03 6.77 49.89
N VAL Q 138 -59.89 7.49 50.60
CA VAL Q 138 -60.39 7.01 51.88
C VAL Q 138 -61.37 5.87 51.70
N LYS Q 139 -62.00 5.75 50.53
CA LYS Q 139 -62.92 4.65 50.27
C LYS Q 139 -62.21 3.38 49.81
N ALA Q 140 -60.98 3.50 49.31
CA ALA Q 140 -60.28 2.33 48.80
C ALA Q 140 -59.87 1.40 49.94
N ALA Q 141 -59.07 1.90 50.88
CA ALA Q 141 -58.59 1.12 52.00
C ALA Q 141 -58.67 1.96 53.26
N LYS Q 142 -58.03 1.49 54.33
CA LYS Q 142 -58.06 2.16 55.62
C LYS Q 142 -56.94 3.18 55.69
N VAL Q 143 -57.19 4.38 55.19
CA VAL Q 143 -56.25 5.48 55.27
C VAL Q 143 -56.94 6.66 55.94
N GLU Q 144 -56.11 7.58 56.45
CA GLU Q 144 -56.59 8.76 57.15
C GLU Q 144 -56.27 10.00 56.33
N LEU Q 145 -57.30 10.80 56.02
CA LEU Q 145 -57.14 12.04 55.29
C LEU Q 145 -56.80 13.14 56.29
N ILE Q 146 -55.52 13.52 56.33
CA ILE Q 146 -55.07 14.51 57.31
C ILE Q 146 -55.48 15.92 56.93
N GLY Q 147 -55.79 16.17 55.67
CA GLY Q 147 -56.16 17.49 55.21
C GLY Q 147 -55.64 17.72 53.80
N TYR Q 148 -55.56 18.99 53.41
CA TYR Q 148 -55.15 19.36 52.07
C TYR Q 148 -54.25 20.59 52.14
N GLU Q 149 -53.28 20.65 51.22
CA GLU Q 149 -52.33 21.74 51.14
C GLU Q 149 -52.62 22.60 49.93
N LYS Q 150 -52.78 23.91 50.15
CA LYS Q 150 -53.07 24.86 49.08
C LYS Q 150 -51.78 25.54 48.68
N THR Q 151 -51.27 25.20 47.49
CA THR Q 151 -50.00 25.74 47.00
C THR Q 151 -50.16 27.10 46.33
N GLY Q 152 -51.34 27.44 45.86
CA GLY Q 152 -51.56 28.69 45.17
C GLY Q 152 -51.67 28.50 43.67
N GLY Q 153 -52.43 29.39 43.02
CA GLY Q 153 -52.65 29.27 41.60
C GLY Q 153 -53.51 28.09 41.20
N GLY Q 154 -54.48 27.73 42.03
CA GLY Q 154 -55.33 26.59 41.76
C GLY Q 154 -54.74 25.25 42.14
N TYR Q 155 -53.51 25.21 42.63
CA TYR Q 155 -52.87 23.96 43.00
C TYR Q 155 -53.27 23.55 44.41
N VAL Q 156 -53.75 22.31 44.55
CA VAL Q 156 -54.10 21.74 45.85
C VAL Q 156 -53.60 20.30 45.88
N THR Q 157 -53.24 19.84 47.08
CA THR Q 157 -52.66 18.52 47.27
C THR Q 157 -53.36 17.83 48.43
N ALA Q 158 -53.93 16.66 48.17
CA ALA Q 158 -54.55 15.85 49.21
C ALA Q 158 -53.52 14.88 49.79
N VAL Q 159 -53.42 14.85 51.11
CA VAL Q 159 -52.42 14.05 51.82
C VAL Q 159 -53.14 13.04 52.69
N VAL Q 160 -52.75 11.77 52.55
CA VAL Q 160 -53.32 10.68 53.33
C VAL Q 160 -52.18 9.89 53.97
N ARG Q 161 -52.46 9.31 55.14
CA ARG Q 161 -51.49 8.50 55.88
C ARG Q 161 -52.10 7.15 56.19
N GLY Q 162 -51.26 6.23 56.64
CA GLY Q 162 -51.69 4.89 57.00
C GLY Q 162 -50.55 3.91 56.77
N ASP Q 163 -50.92 2.63 56.69
CA ASP Q 163 -49.94 1.59 56.43
C ASP Q 163 -49.60 1.54 54.95
N VAL Q 164 -48.46 0.93 54.64
CA VAL Q 164 -47.97 0.90 53.27
C VAL Q 164 -48.91 0.13 52.35
N ALA Q 165 -49.61 -0.87 52.89
CA ALA Q 165 -50.53 -1.65 52.06
C ALA Q 165 -51.75 -0.85 51.67
N ALA Q 166 -52.27 -0.02 52.59
CA ALA Q 166 -53.47 0.75 52.30
C ALA Q 166 -53.17 2.00 51.49
N VAL Q 167 -52.06 2.68 51.77
CA VAL Q 167 -51.73 3.91 51.07
C VAL Q 167 -51.36 3.62 49.62
N LYS Q 168 -50.68 2.50 49.37
CA LYS Q 168 -50.28 2.16 48.01
C LYS Q 168 -51.50 1.90 47.13
N ALA Q 169 -52.54 1.32 47.70
CA ALA Q 169 -53.76 1.02 46.94
C ALA Q 169 -54.74 2.19 46.93
N ALA Q 170 -54.63 3.12 47.88
CA ALA Q 170 -55.56 4.25 47.91
C ALA Q 170 -55.23 5.26 46.81
N THR Q 171 -53.95 5.54 46.58
CA THR Q 171 -53.57 6.53 45.58
C THR Q 171 -53.86 6.03 44.17
N GLU Q 172 -53.64 4.73 43.92
CA GLU Q 172 -53.92 4.17 42.61
C GLU Q 172 -55.41 4.22 42.29
N ALA Q 173 -56.26 4.11 43.31
CA ALA Q 173 -57.70 4.24 43.09
C ALA Q 173 -58.13 5.69 43.03
N GLY Q 174 -57.38 6.58 43.68
CA GLY Q 174 -57.70 8.00 43.66
C GLY Q 174 -57.28 8.69 42.38
N GLN Q 175 -56.12 8.29 41.85
CA GLN Q 175 -55.64 8.88 40.60
C GLN Q 175 -56.55 8.50 39.43
N ARG Q 176 -56.99 7.25 39.38
CA ARG Q 176 -57.86 6.81 38.30
C ARG Q 176 -59.22 7.50 38.37
N ALA Q 177 -59.67 7.89 39.56
CA ALA Q 177 -60.92 8.60 39.74
C ALA Q 177 -60.75 10.12 39.64
N ALA Q 178 -59.52 10.63 39.71
CA ALA Q 178 -59.28 12.06 39.60
C ALA Q 178 -59.01 12.50 38.17
N GLU Q 179 -58.44 11.63 37.34
CA GLU Q 179 -58.18 11.97 35.94
C GLU Q 179 -59.47 12.15 35.15
N ARG Q 180 -60.57 11.52 35.58
CA ARG Q 180 -61.86 11.69 34.93
C ARG Q 180 -62.62 12.92 35.44
N VAL Q 181 -61.96 13.78 36.21
CA VAL Q 181 -62.61 14.97 36.76
C VAL Q 181 -61.80 16.21 36.44
N GLY Q 182 -60.53 16.23 36.84
CA GLY Q 182 -59.71 17.41 36.68
C GLY Q 182 -58.33 17.17 36.10
N GLU Q 183 -57.43 18.14 36.30
CA GLU Q 183 -56.07 18.09 35.75
C GLU Q 183 -55.13 17.61 36.85
N VAL Q 184 -54.72 16.35 36.76
CA VAL Q 184 -53.81 15.77 37.74
C VAL Q 184 -52.39 16.21 37.43
N VAL Q 185 -51.67 16.68 38.46
CA VAL Q 185 -50.30 17.15 38.31
C VAL Q 185 -49.30 16.07 38.66
N ALA Q 186 -49.42 15.47 39.85
CA ALA Q 186 -48.48 14.45 40.29
C ALA Q 186 -49.15 13.57 41.34
N VAL Q 187 -48.75 12.30 41.34
CA VAL Q 187 -49.22 11.32 42.32
C VAL Q 187 -48.02 10.49 42.76
N HIS Q 188 -47.76 10.46 44.06
CA HIS Q 188 -46.59 9.75 44.58
C HIS Q 188 -46.93 9.16 45.94
N VAL Q 189 -46.18 8.12 46.31
CA VAL Q 189 -46.33 7.43 47.58
C VAL Q 189 -44.95 7.25 48.19
N ILE Q 190 -44.81 7.57 49.47
CA ILE Q 190 -43.58 7.38 50.23
C ILE Q 190 -43.85 6.32 51.30
N PRO Q 191 -43.24 5.14 51.21
CA PRO Q 191 -43.52 4.07 52.19
C PRO Q 191 -43.14 4.45 53.61
N ARG Q 192 -41.87 4.81 53.82
CA ARG Q 192 -41.39 5.23 55.14
C ARG Q 192 -40.70 6.58 54.98
N PRO Q 193 -41.45 7.67 55.19
CA PRO Q 193 -40.82 8.99 55.15
C PRO Q 193 -39.89 9.20 56.33
N HIS Q 194 -38.83 9.97 56.09
CA HIS Q 194 -37.84 10.23 57.13
C HIS Q 194 -38.47 11.02 58.28
N VAL Q 195 -37.89 10.86 59.47
CA VAL Q 195 -38.42 11.55 60.65
C VAL Q 195 -38.28 13.06 60.49
N ASN Q 196 -37.24 13.52 59.80
CA ASN Q 196 -37.05 14.95 59.58
C ASN Q 196 -38.12 15.53 58.66
N VAL Q 197 -38.74 14.72 57.81
CA VAL Q 197 -39.75 15.21 56.90
C VAL Q 197 -41.06 15.49 57.65
N ASP Q 198 -41.50 14.55 58.49
CA ASP Q 198 -42.73 14.73 59.25
C ASP Q 198 -42.61 15.82 60.30
N ALA Q 199 -41.38 16.22 60.65
CA ALA Q 199 -41.19 17.24 61.67
C ALA Q 199 -41.19 18.65 61.10
N ALA Q 200 -40.78 18.82 59.84
CA ALA Q 200 -40.70 20.13 59.22
C ALA Q 200 -41.83 20.41 58.23
N LEU Q 201 -42.60 19.39 57.84
CA LEU Q 201 -43.67 19.58 56.89
C LEU Q 201 -45.01 19.21 57.50
N PRO Q 202 -46.07 19.95 57.19
CA PRO Q 202 -47.39 19.61 57.74
C PRO Q 202 -47.99 18.37 57.08
N LEU Q 203 -47.53 17.19 57.50
CA LEU Q 203 -47.98 15.93 56.92
C LEU Q 203 -48.79 15.10 57.91
N GLY Q 204 -49.43 15.75 58.88
CA GLY Q 204 -50.32 15.09 59.80
C GLY Q 204 -49.65 14.20 60.83
N ARG Q 205 -48.33 14.12 60.85
CA ARG Q 205 -47.62 13.30 61.81
C ARG Q 205 -46.59 14.12 62.59
N THR Q 206 -46.86 15.40 62.78
CA THR Q 206 -45.95 16.28 63.50
C THR Q 206 -46.24 16.18 65.00
N PRO Q 207 -45.26 15.83 65.84
CA PRO Q 207 -45.46 15.72 67.29
C PRO Q 207 -45.61 17.09 67.95
N ALA R 2 -75.16 10.80 55.13
CA ALA R 2 -74.36 11.87 54.57
C ALA R 2 -75.00 12.43 53.30
N ASP R 3 -75.14 13.75 53.25
CA ASP R 3 -75.74 14.39 52.10
C ASP R 3 -74.83 14.28 50.88
N ALA R 4 -75.41 14.46 49.70
CA ALA R 4 -74.64 14.44 48.47
C ALA R 4 -73.76 15.68 48.37
N LEU R 5 -72.79 15.61 47.46
CA LEU R 5 -71.82 16.67 47.26
C LEU R 5 -71.82 17.12 45.82
N GLY R 6 -71.91 18.43 45.60
CA GLY R 6 -71.86 19.00 44.27
C GLY R 6 -70.90 20.16 44.18
N MET R 7 -69.99 20.11 43.21
CA MET R 7 -68.94 21.12 43.07
C MET R 7 -68.84 21.57 41.62
N ILE R 8 -68.65 22.87 41.43
CA ILE R 8 -68.45 23.46 40.11
C ILE R 8 -67.32 24.47 40.23
N GLU R 9 -66.21 24.21 39.54
CA GLU R 9 -65.04 25.07 39.57
C GLU R 9 -64.97 25.92 38.32
N VAL R 10 -64.78 27.22 38.50
CA VAL R 10 -64.74 28.18 37.39
C VAL R 10 -63.57 29.13 37.61
N ARG R 11 -62.74 29.30 36.59
CA ARG R 11 -61.65 30.28 36.64
C ARG R 11 -62.23 31.67 36.38
N GLY R 12 -62.92 32.17 37.41
CA GLY R 12 -63.61 33.44 37.32
C GLY R 12 -64.72 33.56 38.35
N PHE R 13 -64.68 34.63 39.15
CA PHE R 13 -65.66 34.77 40.21
C PHE R 13 -67.06 35.01 39.66
N VAL R 14 -67.18 35.57 38.46
CA VAL R 14 -68.48 35.83 37.88
C VAL R 14 -69.14 34.51 37.45
N GLY R 15 -68.38 33.63 36.81
CA GLY R 15 -68.93 32.35 36.40
C GLY R 15 -69.31 31.46 37.57
N MET R 16 -68.65 31.64 38.71
CA MET R 16 -68.99 30.84 39.89
C MET R 16 -70.29 31.30 40.53
N VAL R 17 -70.53 32.61 40.54
CA VAL R 17 -71.77 33.14 41.11
C VAL R 17 -72.97 32.76 40.24
N GLU R 18 -72.80 32.85 38.92
CA GLU R 18 -73.89 32.45 38.02
C GLU R 18 -74.18 30.97 38.12
N ALA R 19 -73.15 30.14 38.25
CA ALA R 19 -73.36 28.70 38.41
C ALA R 19 -74.02 28.40 39.75
N ALA R 20 -73.65 29.15 40.80
CA ALA R 20 -74.26 28.93 42.10
C ALA R 20 -75.72 29.37 42.11
N ASP R 21 -76.04 30.45 41.39
CA ASP R 21 -77.42 30.90 41.32
C ASP R 21 -78.30 29.93 40.55
N ALA R 22 -77.74 29.26 39.54
CA ALA R 22 -78.50 28.28 38.76
C ALA R 22 -78.70 26.96 39.50
N MET R 23 -77.82 26.64 40.45
CA MET R 23 -77.95 25.39 41.18
C MET R 23 -79.05 25.44 42.23
N VAL R 24 -79.11 26.54 43.00
CA VAL R 24 -80.12 26.66 44.05
C VAL R 24 -81.52 26.87 43.47
N LYS R 25 -81.62 27.37 42.24
CA LYS R 25 -82.91 27.57 41.61
C LYS R 25 -83.43 26.32 40.91
N ALA R 26 -82.54 25.47 40.42
CA ALA R 26 -82.97 24.29 39.68
C ALA R 26 -83.58 23.24 40.61
N ALA R 27 -82.83 22.82 41.62
CA ALA R 27 -83.27 21.78 42.54
C ALA R 27 -83.28 22.32 43.97
N LYS R 28 -83.55 21.44 44.92
CA LYS R 28 -83.64 21.79 46.33
C LYS R 28 -82.31 21.43 47.01
N VAL R 29 -81.34 22.32 46.85
CA VAL R 29 -80.01 22.15 47.43
C VAL R 29 -79.64 23.40 48.21
N GLU R 30 -78.58 23.29 49.00
CA GLU R 30 -78.08 24.38 49.82
C GLU R 30 -76.65 24.72 49.40
N LEU R 31 -76.38 26.01 49.24
CA LEU R 31 -75.04 26.48 48.89
C LEU R 31 -74.28 26.74 50.19
N ILE R 32 -73.32 25.85 50.51
CA ILE R 32 -72.57 25.98 51.75
C ILE R 32 -71.53 27.08 51.69
N GLY R 33 -71.09 27.47 50.50
CA GLY R 33 -70.09 28.49 50.36
C GLY R 33 -69.25 28.24 49.13
N TYR R 34 -68.13 28.97 49.05
CA TYR R 34 -67.22 28.88 47.91
C TYR R 34 -65.79 28.76 48.42
N GLU R 35 -64.98 28.04 47.64
CA GLU R 35 -63.59 27.78 48.00
C GLU R 35 -62.67 28.49 47.01
N LYS R 36 -61.70 29.22 47.54
CA LYS R 36 -60.74 29.99 46.73
C LYS R 36 -59.39 29.28 46.80
N THR R 37 -58.96 28.71 45.68
CA THR R 37 -57.68 28.01 45.60
C THR R 37 -56.57 28.86 45.01
N GLY R 38 -56.85 30.11 44.64
CA GLY R 38 -55.86 31.00 44.09
C GLY R 38 -55.76 30.91 42.57
N GLY R 39 -55.10 31.91 41.99
CA GLY R 39 -54.93 31.97 40.56
C GLY R 39 -56.21 32.16 39.78
N GLY R 40 -57.24 32.73 40.40
CA GLY R 40 -58.52 32.93 39.75
C GLY R 40 -59.47 31.77 39.83
N TYR R 41 -59.05 30.64 40.41
CA TYR R 41 -59.90 29.46 40.53
C TYR R 41 -60.77 29.57 41.77
N VAL R 42 -62.07 29.37 41.58
CA VAL R 42 -63.04 29.32 42.68
C VAL R 42 -63.99 28.16 42.44
N THR R 43 -64.49 27.60 43.53
CA THR R 43 -65.33 26.40 43.47
C THR R 43 -66.59 26.61 44.29
N ALA R 44 -67.74 26.50 43.64
CA ALA R 44 -69.03 26.55 44.32
C ALA R 44 -69.41 25.16 44.80
N VAL R 45 -69.74 25.04 46.08
CA VAL R 45 -70.03 23.76 46.71
C VAL R 45 -71.48 23.76 47.17
N VAL R 46 -72.28 22.83 46.65
CA VAL R 46 -73.66 22.66 47.05
C VAL R 46 -73.84 21.25 47.60
N ARG R 47 -74.86 21.10 48.44
CA ARG R 47 -75.14 19.82 49.08
C ARG R 47 -76.64 19.59 49.18
N GLY R 48 -77.05 18.34 48.98
CA GLY R 48 -78.44 17.95 49.06
C GLY R 48 -78.60 16.45 48.95
N ASP R 49 -79.46 16.00 48.04
CA ASP R 49 -79.62 14.58 47.76
C ASP R 49 -78.95 14.23 46.44
N VAL R 50 -78.73 12.93 46.23
CA VAL R 50 -77.98 12.46 45.06
C VAL R 50 -78.67 12.85 43.77
N ALA R 51 -80.00 12.99 43.79
CA ALA R 51 -80.76 13.37 42.61
C ALA R 51 -80.83 14.88 42.43
N ALA R 52 -81.08 15.63 43.50
CA ALA R 52 -81.15 17.08 43.39
C ALA R 52 -79.80 17.68 43.06
N VAL R 53 -78.72 17.09 43.60
CA VAL R 53 -77.38 17.60 43.31
C VAL R 53 -77.00 17.34 41.86
N LYS R 54 -77.32 16.15 41.35
CA LYS R 54 -77.00 15.83 39.96
C LYS R 54 -77.77 16.74 39.00
N ALA R 55 -79.04 17.01 39.29
CA ALA R 55 -79.85 17.85 38.41
C ALA R 55 -79.41 19.31 38.50
N ALA R 56 -79.05 19.78 39.70
CA ALA R 56 -78.61 21.16 39.85
C ALA R 56 -77.21 21.36 39.28
N THR R 57 -76.35 20.35 39.37
CA THR R 57 -75.00 20.47 38.85
C THR R 57 -75.00 20.62 37.33
N GLU R 58 -75.83 19.84 36.64
CA GLU R 58 -75.93 19.97 35.19
C GLU R 58 -76.50 21.32 34.80
N ALA R 59 -77.44 21.84 35.58
CA ALA R 59 -78.01 23.15 35.29
C ALA R 59 -77.02 24.27 35.57
N GLY R 60 -76.12 24.08 36.53
CA GLY R 60 -75.12 25.10 36.81
C GLY R 60 -74.04 25.16 35.76
N GLN R 61 -73.56 24.00 35.31
CA GLN R 61 -72.57 23.96 34.23
C GLN R 61 -73.13 24.53 32.94
N ARG R 62 -74.42 24.32 32.69
CA ARG R 62 -75.04 24.81 31.46
C ARG R 62 -75.10 26.34 31.44
N ALA R 63 -75.33 26.95 32.60
CA ALA R 63 -75.38 28.40 32.70
C ALA R 63 -74.00 29.03 32.90
N ALA R 64 -73.04 28.28 33.43
CA ALA R 64 -71.70 28.82 33.65
C ALA R 64 -70.88 28.87 32.37
N GLU R 65 -71.21 28.06 31.37
CA GLU R 65 -70.47 28.08 30.12
C GLU R 65 -70.70 29.35 29.31
N ARG R 66 -71.69 30.17 29.69
CA ARG R 66 -71.94 31.42 28.98
C ARG R 66 -70.92 32.49 29.33
N VAL R 67 -70.41 32.49 30.56
CA VAL R 67 -69.44 33.49 31.02
C VAL R 67 -68.38 32.79 31.85
N GLY R 68 -67.12 32.93 31.46
CA GLY R 68 -66.01 32.38 32.21
C GLY R 68 -65.63 30.98 31.77
N GLU R 69 -64.53 30.50 32.33
CA GLU R 69 -64.00 29.18 32.03
C GLU R 69 -64.52 28.18 33.06
N VAL R 70 -65.31 27.21 32.59
CA VAL R 70 -65.80 26.13 33.45
C VAL R 70 -64.70 25.07 33.53
N VAL R 71 -64.02 25.01 34.67
CA VAL R 71 -62.86 24.13 34.80
C VAL R 71 -63.28 22.70 35.07
N ALA R 72 -63.92 22.45 36.21
CA ALA R 72 -64.28 21.10 36.62
C ALA R 72 -65.71 21.07 37.13
N VAL R 73 -66.35 19.92 36.94
CA VAL R 73 -67.73 19.68 37.37
C VAL R 73 -67.86 18.22 37.76
N HIS R 74 -68.35 17.96 38.97
CA HIS R 74 -68.45 16.59 39.46
C HIS R 74 -69.48 16.53 40.58
N VAL R 75 -70.03 15.33 40.78
CA VAL R 75 -71.00 15.07 41.83
C VAL R 75 -70.56 13.81 42.56
N ILE R 76 -70.40 13.91 43.88
CA ILE R 76 -70.09 12.77 44.74
C ILE R 76 -71.40 12.36 45.43
N PRO R 77 -71.94 11.17 45.13
CA PRO R 77 -73.25 10.79 45.69
C PRO R 77 -73.23 10.62 47.19
N ARG R 78 -72.36 9.74 47.70
CA ARG R 78 -72.25 9.46 49.13
C ARG R 78 -70.81 9.70 49.56
N PRO R 79 -70.46 10.95 49.90
CA PRO R 79 -69.08 11.23 50.32
C PRO R 79 -68.76 10.60 51.67
N HIS R 80 -67.51 10.15 51.81
CA HIS R 80 -67.07 9.54 53.05
C HIS R 80 -67.04 10.58 54.17
N VAL R 81 -67.21 10.10 55.40
CA VAL R 81 -67.22 11.00 56.55
C VAL R 81 -65.84 11.59 56.82
N ASN R 82 -64.77 10.93 56.36
CA ASN R 82 -63.44 11.48 56.55
C ASN R 82 -63.20 12.69 55.66
N VAL R 83 -63.89 12.78 54.52
CA VAL R 83 -63.74 13.92 53.63
C VAL R 83 -64.37 15.16 54.24
N ASP R 84 -65.57 15.02 54.81
CA ASP R 84 -66.24 16.15 55.43
C ASP R 84 -65.55 16.62 56.70
N ALA R 85 -64.72 15.78 57.30
CA ALA R 85 -64.05 16.15 58.54
C ALA R 85 -62.83 17.03 58.30
N ALA R 86 -62.08 16.76 57.22
CA ALA R 86 -60.86 17.48 56.93
C ALA R 86 -61.03 18.57 55.88
N LEU R 87 -62.10 18.52 55.08
CA LEU R 87 -62.28 19.53 54.04
C LEU R 87 -63.45 20.44 54.37
N PRO R 88 -63.33 21.75 54.12
CA PRO R 88 -64.45 22.67 54.41
C PRO R 88 -65.55 22.54 53.37
N LEU R 89 -66.36 21.49 53.46
CA LEU R 89 -67.43 21.23 52.50
C LEU R 89 -68.81 21.49 53.08
N GLY R 90 -68.90 22.23 54.18
CA GLY R 90 -70.17 22.60 54.77
C GLY R 90 -70.70 21.64 55.82
N ARG R 91 -70.11 20.45 55.95
CA ARG R 91 -70.55 19.46 56.94
C ARG R 91 -69.36 19.13 57.84
N THR R 92 -69.28 19.83 58.96
CA THR R 92 -68.21 19.64 59.93
C THR R 92 -68.80 19.57 61.33
N PRO R 93 -68.14 18.83 62.24
CA PRO R 93 -68.63 18.73 63.62
C PRO R 93 -68.54 20.06 64.37
N ALA R 116 -85.55 41.00 46.87
CA ALA R 116 -84.11 41.10 46.68
C ALA R 116 -83.76 42.04 45.53
N ASP R 117 -82.57 42.62 45.58
CA ASP R 117 -82.11 43.54 44.56
C ASP R 117 -81.38 42.79 43.44
N ALA R 118 -81.17 43.48 42.32
CA ALA R 118 -80.46 42.91 41.20
C ALA R 118 -78.96 42.89 41.47
N LEU R 119 -78.25 42.07 40.71
CA LEU R 119 -76.82 41.86 40.89
C LEU R 119 -76.07 42.19 39.60
N GLY R 120 -75.01 42.96 39.71
CA GLY R 120 -74.16 43.28 38.59
C GLY R 120 -72.70 43.06 38.90
N MET R 121 -71.98 42.38 38.00
CA MET R 121 -70.60 41.98 38.27
C MET R 121 -69.75 42.22 37.03
N ILE R 122 -68.51 42.68 37.26
CA ILE R 122 -67.53 42.86 36.20
C ILE R 122 -66.19 42.37 36.71
N GLU R 123 -65.63 41.35 36.05
CA GLU R 123 -64.36 40.76 36.45
C GLU R 123 -63.27 41.21 35.47
N VAL R 124 -62.14 41.67 36.03
CA VAL R 124 -61.03 42.18 35.24
C VAL R 124 -59.74 41.61 35.80
N ARG R 125 -58.86 41.14 34.91
CA ARG R 125 -57.52 40.71 35.31
C ARG R 125 -56.63 41.95 35.42
N GLY R 126 -56.96 42.78 36.39
CA GLY R 126 -56.27 44.05 36.60
C GLY R 126 -57.02 44.96 37.54
N PHE R 127 -56.34 45.46 38.57
CA PHE R 127 -57.01 46.28 39.57
C PHE R 127 -57.38 47.65 39.02
N VAL R 128 -56.61 48.17 38.07
CA VAL R 128 -56.90 49.49 37.52
C VAL R 128 -58.19 49.48 36.71
N GLY R 129 -58.34 48.47 35.84
CA GLY R 129 -59.55 48.38 35.03
C GLY R 129 -60.79 48.11 35.87
N MET R 130 -60.63 47.46 37.01
CA MET R 130 -61.78 47.20 37.88
C MET R 130 -62.26 48.47 38.56
N VAL R 131 -61.34 49.40 38.89
CA VAL R 131 -61.74 50.64 39.52
C VAL R 131 -62.46 51.54 38.51
N GLU R 132 -61.96 51.59 37.28
CA GLU R 132 -62.62 52.39 36.24
C GLU R 132 -64.00 51.83 35.92
N ALA R 133 -64.14 50.50 35.96
CA ALA R 133 -65.45 49.90 35.72
C ALA R 133 -66.42 50.22 36.86
N ALA R 134 -65.95 50.19 38.10
CA ALA R 134 -66.81 50.50 39.23
C ALA R 134 -67.16 51.98 39.27
N ASP R 135 -66.24 52.84 38.85
CA ASP R 135 -66.53 54.28 38.83
C ASP R 135 -67.57 54.62 37.77
N ALA R 136 -67.47 54.00 36.60
CA ALA R 136 -68.42 54.28 35.53
C ALA R 136 -69.80 53.69 35.82
N MET R 137 -69.89 52.66 36.66
CA MET R 137 -71.19 52.05 36.96
C MET R 137 -72.01 52.93 37.89
N VAL R 138 -71.42 53.37 39.00
CA VAL R 138 -72.13 54.20 39.96
C VAL R 138 -72.48 55.57 39.39
N LYS R 139 -71.75 56.01 38.36
CA LYS R 139 -72.06 57.27 37.69
C LYS R 139 -73.09 57.12 36.58
N ALA R 140 -73.29 55.90 36.08
CA ALA R 140 -74.21 55.71 34.96
C ALA R 140 -75.66 55.63 35.42
N ALA R 141 -75.95 54.80 36.41
CA ALA R 141 -77.30 54.59 36.89
C ALA R 141 -77.31 54.62 38.42
N LYS R 142 -78.48 54.39 38.99
CA LYS R 142 -78.66 54.39 40.45
C LYS R 142 -78.36 52.99 40.98
N VAL R 143 -77.08 52.73 41.19
CA VAL R 143 -76.61 51.45 41.72
C VAL R 143 -75.70 51.72 42.92
N GLU R 144 -75.49 50.69 43.72
CA GLU R 144 -74.66 50.77 44.91
C GLU R 144 -73.48 49.80 44.78
N LEU R 145 -72.27 50.33 44.93
CA LEU R 145 -71.05 49.52 44.88
C LEU R 145 -70.81 48.96 46.28
N ILE R 146 -70.98 47.64 46.43
CA ILE R 146 -70.85 47.01 47.74
C ILE R 146 -69.41 46.64 48.09
N GLY R 147 -68.54 46.50 47.11
CA GLY R 147 -67.16 46.13 47.36
C GLY R 147 -66.59 45.38 46.17
N TYR R 148 -65.45 44.76 46.41
CA TYR R 148 -64.74 44.02 45.37
C TYR R 148 -64.19 42.73 45.95
N GLU R 149 -64.06 41.72 45.09
CA GLU R 149 -63.60 40.39 45.47
C GLU R 149 -62.29 40.08 44.76
N LYS R 150 -61.31 39.59 45.51
CA LYS R 150 -60.00 39.25 44.98
C LYS R 150 -59.86 37.73 44.97
N THR R 151 -59.81 37.16 43.76
CA THR R 151 -59.73 35.71 43.60
C THR R 151 -58.31 35.24 43.28
N GLY R 152 -57.33 36.14 43.30
CA GLY R 152 -55.95 35.77 43.05
C GLY R 152 -55.59 35.78 41.58
N GLY R 153 -54.28 35.74 41.32
CA GLY R 153 -53.79 35.75 39.96
C GLY R 153 -54.07 37.01 39.20
N GLY R 154 -54.28 38.14 39.89
CA GLY R 154 -54.62 39.39 39.26
C GLY R 154 -56.10 39.55 38.95
N TYR R 155 -56.93 38.55 39.25
CA TYR R 155 -58.36 38.63 38.97
C TYR R 155 -59.08 39.35 40.11
N VAL R 156 -59.83 40.38 39.76
CA VAL R 156 -60.65 41.11 40.72
C VAL R 156 -62.03 41.34 40.11
N THR R 157 -63.05 41.36 40.95
CA THR R 157 -64.43 41.44 40.52
C THR R 157 -65.14 42.57 41.27
N ALA R 158 -65.72 43.50 40.52
CA ALA R 158 -66.53 44.56 41.10
C ALA R 158 -67.99 44.11 41.17
N VAL R 159 -68.64 44.41 42.29
CA VAL R 159 -70.00 43.96 42.55
C VAL R 159 -70.87 45.18 42.85
N VAL R 160 -71.99 45.31 42.13
CA VAL R 160 -72.94 46.38 42.33
C VAL R 160 -74.33 45.78 42.50
N ARG R 161 -75.20 46.52 43.20
CA ARG R 161 -76.57 46.09 43.44
C ARG R 161 -77.51 47.25 43.14
N GLY R 162 -78.77 46.90 42.90
CA GLY R 162 -79.79 47.91 42.61
C GLY R 162 -80.97 47.27 41.89
N ASP R 163 -81.63 48.08 41.07
CA ASP R 163 -82.76 47.62 40.28
C ASP R 163 -82.27 47.03 38.97
N VAL R 164 -83.03 46.05 38.44
CA VAL R 164 -82.63 45.35 37.23
C VAL R 164 -82.48 46.33 36.06
N ALA R 165 -83.32 47.36 36.02
CA ALA R 165 -83.19 48.37 34.98
C ALA R 165 -81.91 49.18 35.14
N ALA R 166 -81.58 49.56 36.38
CA ALA R 166 -80.38 50.35 36.63
C ALA R 166 -79.11 49.50 36.55
N VAL R 167 -79.17 48.27 37.05
CA VAL R 167 -78.00 47.40 37.00
C VAL R 167 -77.65 47.03 35.58
N LYS R 168 -78.66 46.81 34.73
CA LYS R 168 -78.40 46.53 33.32
C LYS R 168 -77.70 47.70 32.65
N ALA R 169 -78.18 48.92 32.90
CA ALA R 169 -77.59 50.10 32.28
C ALA R 169 -76.22 50.42 32.86
N ALA R 170 -75.93 49.99 34.09
CA ALA R 170 -74.65 50.29 34.69
C ALA R 170 -73.55 49.35 34.18
N THR R 171 -73.85 48.05 34.12
CA THR R 171 -72.84 47.09 33.70
C THR R 171 -72.45 47.29 32.24
N GLU R 172 -73.42 47.61 31.37
CA GLU R 172 -73.11 47.84 29.96
C GLU R 172 -72.28 49.10 29.78
N ALA R 173 -72.42 50.08 30.67
CA ALA R 173 -71.60 51.29 30.60
C ALA R 173 -70.23 51.09 31.24
N GLY R 174 -70.16 50.27 32.29
CA GLY R 174 -68.87 50.00 32.91
C GLY R 174 -67.98 49.10 32.07
N GLN R 175 -68.58 48.16 31.35
CA GLN R 175 -67.81 47.28 30.49
C GLN R 175 -67.17 48.06 29.35
N ARG R 176 -67.93 48.96 28.72
CA ARG R 176 -67.39 49.76 27.63
C ARG R 176 -66.27 50.68 28.09
N ALA R 177 -66.34 51.14 29.35
CA ALA R 177 -65.28 51.98 29.89
C ALA R 177 -64.09 51.17 30.39
N ALA R 178 -64.34 49.92 30.81
CA ALA R 178 -63.25 49.09 31.32
C ALA R 178 -62.42 48.46 30.21
N GLU R 179 -63.02 48.21 29.04
CA GLU R 179 -62.28 47.66 27.91
C GLU R 179 -61.19 48.60 27.41
N ARG R 180 -61.34 49.90 27.65
CA ARG R 180 -60.31 50.87 27.26
C ARG R 180 -59.13 50.90 28.22
N VAL R 181 -59.20 50.16 29.33
CA VAL R 181 -58.16 50.22 30.35
C VAL R 181 -57.46 48.87 30.48
N GLY R 182 -58.23 47.84 30.82
CA GLY R 182 -57.63 46.55 31.10
C GLY R 182 -58.26 45.36 30.39
N GLU R 183 -57.98 44.16 30.87
CA GLU R 183 -58.46 42.92 30.26
C GLU R 183 -59.73 42.49 30.97
N VAL R 184 -60.86 42.57 30.27
CA VAL R 184 -62.15 42.19 30.84
C VAL R 184 -62.32 40.68 30.73
N VAL R 185 -62.65 40.04 31.83
CA VAL R 185 -62.81 38.58 31.86
C VAL R 185 -64.24 38.17 31.62
N ALA R 186 -65.19 38.71 32.40
CA ALA R 186 -66.59 38.34 32.26
C ALA R 186 -67.45 39.46 32.83
N VAL R 187 -68.63 39.63 32.23
CA VAL R 187 -69.62 40.60 32.68
C VAL R 187 -71.00 39.93 32.62
N HIS R 188 -71.71 39.95 33.74
CA HIS R 188 -73.00 39.28 33.81
C HIS R 188 -73.91 40.04 34.78
N VAL R 189 -75.21 39.87 34.60
CA VAL R 189 -76.23 40.51 35.43
C VAL R 189 -77.25 39.47 35.85
N ILE R 190 -77.57 39.43 37.14
CA ILE R 190 -78.57 38.54 37.69
C ILE R 190 -79.73 39.40 38.19
N PRO R 191 -80.90 39.35 37.55
CA PRO R 191 -82.02 40.21 37.95
C PRO R 191 -82.56 39.89 39.34
N ARG R 192 -82.84 38.62 39.60
CA ARG R 192 -83.40 38.17 40.87
C ARG R 192 -82.57 37.02 41.41
N PRO R 193 -81.48 37.33 42.12
CA PRO R 193 -80.68 36.26 42.74
C PRO R 193 -81.43 35.60 43.87
N HIS R 194 -81.24 34.29 44.01
CA HIS R 194 -81.93 33.53 45.05
C HIS R 194 -81.47 33.98 46.43
N VAL R 195 -82.36 33.81 47.41
CA VAL R 195 -82.06 34.23 48.77
C VAL R 195 -80.89 33.44 49.35
N ASN R 196 -80.72 32.19 48.90
CA ASN R 196 -79.62 31.38 49.40
C ASN R 196 -78.27 31.89 48.92
N VAL R 197 -78.24 32.56 47.76
CA VAL R 197 -76.98 33.07 47.23
C VAL R 197 -76.50 34.25 48.05
N ASP R 198 -77.41 35.17 48.40
CA ASP R 198 -77.03 36.35 49.17
C ASP R 198 -76.58 36.00 50.58
N ALA R 199 -76.87 34.79 51.06
CA ALA R 199 -76.52 34.39 52.42
C ALA R 199 -75.15 33.74 52.50
N ALA R 200 -74.73 33.02 51.46
CA ALA R 200 -73.48 32.29 51.47
C ALA R 200 -72.35 33.01 50.73
N LEU R 201 -72.67 34.02 49.92
CA LEU R 201 -71.64 34.72 49.17
C LEU R 201 -71.58 36.18 49.58
N PRO R 202 -70.38 36.79 49.61
CA PRO R 202 -70.28 38.20 49.99
C PRO R 202 -70.74 39.13 48.86
N LEU R 203 -72.04 39.46 48.86
CA LEU R 203 -72.61 40.31 47.82
C LEU R 203 -73.35 41.50 48.40
N GLY R 204 -73.02 41.91 49.63
CA GLY R 204 -73.58 43.10 50.22
C GLY R 204 -74.99 42.98 50.76
N ARG R 205 -75.69 41.88 50.49
CA ARG R 205 -77.05 41.66 50.95
C ARG R 205 -77.13 40.48 51.91
N THR R 206 -76.11 40.34 52.76
CA THR R 206 -76.06 39.23 53.70
C THR R 206 -76.78 39.60 54.99
N PRO R 207 -77.78 38.83 55.44
CA PRO R 207 -78.51 39.08 56.68
C PRO R 207 -77.60 39.01 57.91
N ALA S 2 -21.14 -81.97 12.05
CA ALA S 2 -22.55 -81.87 11.68
C ALA S 2 -22.73 -81.99 10.16
N ASP S 3 -23.98 -82.04 9.72
CA ASP S 3 -24.29 -82.15 8.31
C ASP S 3 -24.53 -80.77 7.69
N ALA S 4 -24.48 -80.71 6.37
CA ALA S 4 -24.68 -79.47 5.65
C ALA S 4 -26.17 -79.10 5.62
N LEU S 5 -26.43 -77.81 5.39
CA LEU S 5 -27.79 -77.27 5.45
C LEU S 5 -28.12 -76.53 4.17
N GLY S 6 -29.31 -76.79 3.63
CA GLY S 6 -29.82 -76.06 2.49
C GLY S 6 -31.25 -75.61 2.68
N MET S 7 -31.56 -74.36 2.35
CA MET S 7 -32.89 -73.82 2.59
C MET S 7 -33.37 -73.04 1.37
N ILE S 8 -34.67 -73.11 1.11
CA ILE S 8 -35.33 -72.34 0.05
C ILE S 8 -36.63 -71.79 0.61
N GLU S 9 -36.77 -70.47 0.60
CA GLU S 9 -37.95 -69.80 1.13
C GLU S 9 -38.76 -69.21 -0.01
N VAL S 10 -40.07 -69.49 -0.02
CA VAL S 10 -40.97 -69.06 -1.08
C VAL S 10 -42.26 -68.56 -0.44
N ARG S 11 -42.72 -67.38 -0.87
CA ARG S 11 -44.03 -66.88 -0.46
C ARG S 11 -45.09 -67.60 -1.28
N GLY S 12 -45.33 -68.85 -0.92
CA GLY S 12 -46.26 -69.70 -1.64
C GLY S 12 -46.01 -71.17 -1.39
N PHE S 13 -47.04 -71.88 -0.92
CA PHE S 13 -46.86 -73.30 -0.59
C PHE S 13 -46.62 -74.14 -1.83
N VAL S 14 -47.10 -73.68 -2.99
CA VAL S 14 -46.90 -74.45 -4.21
C VAL S 14 -45.45 -74.37 -4.67
N GLY S 15 -44.86 -73.17 -4.61
CA GLY S 15 -43.46 -73.02 -5.01
C GLY S 15 -42.49 -73.75 -4.10
N MET S 16 -42.84 -73.88 -2.82
CA MET S 16 -41.95 -74.57 -1.88
C MET S 16 -42.00 -76.08 -2.09
N VAL S 17 -43.19 -76.62 -2.36
CA VAL S 17 -43.30 -78.06 -2.61
C VAL S 17 -42.56 -78.43 -3.88
N GLU S 18 -42.67 -77.61 -4.93
CA GLU S 18 -41.92 -77.86 -6.14
C GLU S 18 -40.42 -77.71 -5.91
N ALA S 19 -40.02 -76.73 -5.10
CA ALA S 19 -38.61 -76.57 -4.75
C ALA S 19 -38.12 -77.76 -3.93
N ALA S 20 -38.94 -78.24 -3.00
CA ALA S 20 -38.57 -79.39 -2.19
C ALA S 20 -38.54 -80.67 -3.03
N ASP S 21 -39.41 -80.77 -4.03
CA ASP S 21 -39.43 -81.96 -4.88
C ASP S 21 -38.21 -81.99 -5.80
N ALA S 22 -37.85 -80.85 -6.37
CA ALA S 22 -36.71 -80.79 -7.27
C ALA S 22 -35.38 -80.95 -6.53
N MET S 23 -35.34 -80.65 -5.24
CA MET S 23 -34.10 -80.80 -4.48
C MET S 23 -33.79 -82.27 -4.21
N VAL S 24 -34.77 -83.02 -3.71
CA VAL S 24 -34.53 -84.42 -3.40
C VAL S 24 -34.38 -85.27 -4.66
N LYS S 25 -34.78 -84.74 -5.82
CA LYS S 25 -34.61 -85.47 -7.08
C LYS S 25 -33.25 -85.21 -7.71
N ALA S 26 -32.66 -84.05 -7.48
CA ALA S 26 -31.40 -83.71 -8.13
C ALA S 26 -30.23 -84.47 -7.50
N ALA S 27 -30.10 -84.39 -6.18
CA ALA S 27 -29.00 -85.06 -5.49
C ALA S 27 -29.50 -85.93 -4.34
N LYS S 28 -28.58 -86.36 -3.47
CA LYS S 28 -28.91 -87.25 -2.37
C LYS S 28 -29.01 -86.41 -1.10
N VAL S 29 -30.18 -85.81 -0.89
CA VAL S 29 -30.45 -84.99 0.28
C VAL S 29 -31.69 -85.54 0.99
N GLU S 30 -31.85 -85.13 2.25
CA GLU S 30 -32.96 -85.54 3.08
C GLU S 30 -33.86 -84.35 3.37
N LEU S 31 -35.15 -84.48 3.07
CA LEU S 31 -36.14 -83.45 3.34
C LEU S 31 -36.60 -83.63 4.79
N ILE S 32 -36.11 -82.78 5.69
CA ILE S 32 -36.43 -82.90 7.10
C ILE S 32 -37.77 -82.27 7.46
N GLY S 33 -38.37 -81.50 6.57
CA GLY S 33 -39.64 -80.86 6.81
C GLY S 33 -39.64 -79.45 6.29
N TYR S 34 -40.68 -78.70 6.64
CA TYR S 34 -40.84 -77.32 6.19
C TYR S 34 -41.26 -76.45 7.36
N GLU S 35 -40.76 -75.21 7.38
CA GLU S 35 -41.00 -74.26 8.45
C GLU S 35 -41.94 -73.16 7.94
N LYS S 36 -43.05 -72.97 8.64
CA LYS S 36 -44.04 -71.96 8.30
C LYS S 36 -43.88 -70.77 9.24
N THR S 37 -43.49 -69.62 8.68
CA THR S 37 -43.28 -68.41 9.48
C THR S 37 -44.47 -67.45 9.41
N GLY S 38 -45.56 -67.84 8.75
CA GLY S 38 -46.74 -67.01 8.66
C GLY S 38 -46.69 -66.03 7.50
N GLY S 39 -47.86 -65.47 7.18
CA GLY S 39 -47.96 -64.52 6.09
C GLY S 39 -47.70 -65.11 4.72
N GLY S 40 -47.88 -66.41 4.56
CA GLY S 40 -47.64 -67.07 3.29
C GLY S 40 -46.21 -67.50 3.07
N TYR S 41 -45.31 -67.25 4.02
CA TYR S 41 -43.91 -67.63 3.89
C TYR S 41 -43.69 -69.03 4.42
N VAL S 42 -43.03 -69.87 3.61
CA VAL S 42 -42.66 -71.22 4.01
C VAL S 42 -41.22 -71.48 3.54
N THR S 43 -40.54 -72.37 4.24
CA THR S 43 -39.13 -72.67 3.98
C THR S 43 -38.93 -74.17 3.94
N ALA S 44 -38.44 -74.66 2.81
CA ALA S 44 -38.08 -76.07 2.66
C ALA S 44 -36.65 -76.26 3.16
N VAL S 45 -36.46 -77.24 4.05
CA VAL S 45 -35.18 -77.50 4.69
C VAL S 45 -34.70 -78.87 4.27
N VAL S 46 -33.48 -78.93 3.72
CA VAL S 46 -32.86 -80.18 3.31
C VAL S 46 -31.52 -80.31 4.01
N ARG S 47 -31.10 -81.56 4.25
CA ARG S 47 -29.85 -81.85 4.92
C ARG S 47 -29.07 -82.87 4.10
N GLY S 48 -27.77 -82.92 4.36
CA GLY S 48 -26.87 -83.83 3.66
C GLY S 48 -25.44 -83.33 3.75
N ASP S 49 -24.64 -83.69 2.74
CA ASP S 49 -23.28 -83.21 2.65
C ASP S 49 -23.21 -81.96 1.77
N VAL S 50 -22.05 -81.31 1.78
CA VAL S 50 -21.90 -80.04 1.08
C VAL S 50 -22.05 -80.22 -0.43
N ALA S 51 -21.70 -81.40 -0.95
CA ALA S 51 -21.77 -81.61 -2.39
C ALA S 51 -23.21 -81.75 -2.87
N ALA S 52 -24.06 -82.40 -2.07
CA ALA S 52 -25.44 -82.64 -2.51
C ALA S 52 -26.32 -81.43 -2.29
N VAL S 53 -26.21 -80.78 -1.12
CA VAL S 53 -27.09 -79.65 -0.82
C VAL S 53 -26.74 -78.46 -1.70
N LYS S 54 -25.49 -78.37 -2.17
CA LYS S 54 -25.12 -77.27 -3.07
C LYS S 54 -25.73 -77.47 -4.45
N ALA S 55 -25.73 -78.71 -4.95
CA ALA S 55 -26.30 -78.98 -6.26
C ALA S 55 -27.81 -79.08 -6.21
N ALA S 56 -28.38 -79.53 -5.11
CA ALA S 56 -29.83 -79.63 -5.00
C ALA S 56 -30.47 -78.26 -4.84
N THR S 57 -29.85 -77.38 -4.06
CA THR S 57 -30.41 -76.04 -3.85
C THR S 57 -30.39 -75.22 -5.14
N GLU S 58 -29.32 -75.34 -5.92
CA GLU S 58 -29.25 -74.65 -7.20
C GLU S 58 -30.27 -75.21 -8.20
N ALA S 59 -30.54 -76.51 -8.13
CA ALA S 59 -31.54 -77.11 -9.00
C ALA S 59 -32.95 -76.81 -8.52
N GLY S 60 -33.16 -76.75 -7.20
CA GLY S 60 -34.48 -76.44 -6.69
C GLY S 60 -34.85 -74.97 -6.86
N GLN S 61 -33.85 -74.09 -6.92
CA GLN S 61 -34.14 -72.67 -7.11
C GLN S 61 -34.61 -72.39 -8.53
N ARG S 62 -33.97 -73.01 -9.52
CA ARG S 62 -34.37 -72.78 -10.91
C ARG S 62 -35.75 -73.35 -11.20
N ALA S 63 -36.16 -74.41 -10.49
CA ALA S 63 -37.48 -74.96 -10.68
C ALA S 63 -38.54 -74.19 -9.90
N ALA S 64 -38.14 -73.54 -8.80
CA ALA S 64 -39.10 -72.78 -8.00
C ALA S 64 -39.40 -71.41 -8.61
N GLU S 65 -38.45 -70.82 -9.33
CA GLU S 65 -38.68 -69.53 -9.96
C GLU S 65 -39.72 -69.59 -11.06
N ARG S 66 -39.93 -70.77 -11.66
CA ARG S 66 -40.95 -70.93 -12.69
C ARG S 66 -42.35 -71.02 -12.12
N VAL S 67 -42.51 -71.15 -10.81
CA VAL S 67 -43.82 -71.30 -10.19
C VAL S 67 -44.18 -70.02 -9.45
N GLY S 68 -43.61 -69.84 -8.25
CA GLY S 68 -43.87 -68.67 -7.44
C GLY S 68 -42.61 -67.87 -7.18
N GLU S 69 -42.80 -66.74 -6.50
CA GLU S 69 -41.68 -65.87 -6.17
C GLU S 69 -40.83 -66.50 -5.09
N VAL S 70 -39.51 -66.46 -5.28
CA VAL S 70 -38.55 -67.04 -4.34
C VAL S 70 -38.04 -65.91 -3.44
N VAL S 71 -38.19 -66.10 -2.13
CA VAL S 71 -37.80 -65.05 -1.18
C VAL S 71 -36.29 -65.10 -0.94
N ALA S 72 -35.79 -66.23 -0.46
CA ALA S 72 -34.38 -66.37 -0.14
C ALA S 72 -33.92 -67.78 -0.41
N VAL S 73 -32.65 -67.91 -0.79
CA VAL S 73 -32.01 -69.19 -1.07
C VAL S 73 -30.59 -69.13 -0.54
N HIS S 74 -30.25 -70.04 0.38
CA HIS S 74 -28.93 -70.02 1.01
C HIS S 74 -28.54 -71.43 1.41
N VAL S 75 -27.23 -71.68 1.36
CA VAL S 75 -26.66 -72.97 1.74
C VAL S 75 -25.59 -72.74 2.80
N ILE S 76 -25.72 -73.43 3.92
CA ILE S 76 -24.77 -73.34 5.03
C ILE S 76 -23.94 -74.63 5.04
N PRO S 77 -22.64 -74.57 4.79
CA PRO S 77 -21.83 -75.80 4.72
C PRO S 77 -21.73 -76.53 6.05
N ARG S 78 -21.29 -75.84 7.11
CA ARG S 78 -21.17 -76.43 8.44
C ARG S 78 -21.90 -75.54 9.44
N PRO S 79 -23.17 -75.82 9.72
CA PRO S 79 -23.86 -75.09 10.78
C PRO S 79 -23.24 -75.37 12.15
N HIS S 80 -23.16 -74.34 12.97
CA HIS S 80 -22.61 -74.48 14.30
C HIS S 80 -23.51 -75.37 15.15
N VAL S 81 -22.91 -76.02 16.15
CA VAL S 81 -23.66 -76.94 17.01
C VAL S 81 -24.75 -76.21 17.77
N ASN S 82 -24.51 -74.92 18.09
CA ASN S 82 -25.51 -74.15 18.81
C ASN S 82 -26.75 -73.89 17.95
N VAL S 83 -26.58 -73.84 16.63
CA VAL S 83 -27.71 -73.59 15.74
C VAL S 83 -28.64 -74.79 15.71
N ASP S 84 -28.08 -75.99 15.54
CA ASP S 84 -28.90 -77.19 15.47
C ASP S 84 -29.61 -77.50 16.78
N ALA S 85 -29.14 -76.96 17.90
CA ALA S 85 -29.76 -77.24 19.19
C ALA S 85 -30.98 -76.36 19.44
N ALA S 86 -30.99 -75.14 18.91
CA ALA S 86 -32.09 -74.21 19.16
C ALA S 86 -33.04 -74.06 17.98
N LEU S 87 -32.61 -74.41 16.77
CA LEU S 87 -33.47 -74.24 15.61
C LEU S 87 -33.95 -75.60 15.10
N PRO S 88 -35.22 -75.70 14.70
CA PRO S 88 -35.73 -76.98 14.18
C PRO S 88 -35.22 -77.29 12.79
N LEU S 89 -33.95 -77.69 12.68
CA LEU S 89 -33.34 -78.03 11.41
C LEU S 89 -33.19 -79.54 11.21
N GLY S 90 -33.93 -80.33 11.97
CA GLY S 90 -33.94 -81.77 11.80
C GLY S 90 -32.87 -82.53 12.54
N ARG S 91 -31.84 -81.85 13.06
CA ARG S 91 -30.73 -82.49 13.75
C ARG S 91 -30.66 -81.93 15.17
N THR S 92 -31.14 -82.71 16.13
CA THR S 92 -31.14 -82.28 17.53
C THR S 92 -30.79 -83.44 18.45
N ASP S 117 -48.82 -91.48 -6.84
CA ASP S 117 -49.73 -90.75 -7.71
C ASP S 117 -49.22 -89.35 -7.99
N ALA S 118 -49.82 -88.69 -9.00
CA ALA S 118 -49.40 -87.35 -9.36
C ALA S 118 -49.89 -86.34 -8.33
N LEU S 119 -49.35 -85.12 -8.42
CA LEU S 119 -49.63 -84.06 -7.47
C LEU S 119 -50.09 -82.82 -8.21
N GLY S 120 -51.28 -82.33 -7.87
CA GLY S 120 -51.81 -81.10 -8.43
C GLY S 120 -52.14 -80.09 -7.36
N MET S 121 -51.62 -78.87 -7.49
CA MET S 121 -51.75 -77.85 -6.46
C MET S 121 -52.19 -76.54 -7.08
N ILE S 122 -53.08 -75.83 -6.37
CA ILE S 122 -53.54 -74.50 -6.75
C ILE S 122 -53.57 -73.63 -5.50
N GLU S 123 -52.88 -72.49 -5.55
CA GLU S 123 -52.78 -71.59 -4.42
C GLU S 123 -53.49 -70.27 -4.75
N VAL S 124 -54.39 -69.85 -3.87
CA VAL S 124 -55.18 -68.64 -4.07
C VAL S 124 -55.18 -67.84 -2.78
N ARG S 125 -54.93 -66.53 -2.88
CA ARG S 125 -55.02 -65.63 -1.73
C ARG S 125 -56.49 -65.31 -1.47
N GLY S 126 -57.19 -66.31 -0.98
CA GLY S 126 -58.62 -66.20 -0.72
C GLY S 126 -59.29 -67.55 -0.61
N PHE S 127 -60.00 -67.78 0.51
CA PHE S 127 -60.64 -69.07 0.71
C PHE S 127 -61.79 -69.30 -0.27
N VAL S 128 -62.44 -68.22 -0.73
CA VAL S 128 -63.55 -68.37 -1.66
C VAL S 128 -63.06 -68.90 -3.00
N GLY S 129 -62.01 -68.31 -3.54
CA GLY S 129 -61.47 -68.76 -4.82
C GLY S 129 -60.87 -70.15 -4.76
N MET S 130 -60.40 -70.57 -3.58
CA MET S 130 -59.80 -71.89 -3.44
C MET S 130 -60.88 -72.97 -3.48
N VAL S 131 -62.04 -72.70 -2.89
CA VAL S 131 -63.14 -73.68 -2.92
C VAL S 131 -63.66 -73.83 -4.35
N GLU S 132 -63.78 -72.72 -5.09
CA GLU S 132 -64.20 -72.80 -6.48
C GLU S 132 -63.15 -73.53 -7.33
N ALA S 133 -61.86 -73.31 -7.03
CA ALA S 133 -60.82 -74.02 -7.76
C ALA S 133 -60.83 -75.51 -7.45
N ALA S 134 -61.05 -75.86 -6.18
CA ALA S 134 -61.12 -77.27 -5.81
C ALA S 134 -62.37 -77.94 -6.37
N ASP S 135 -63.47 -77.19 -6.46
CA ASP S 135 -64.70 -77.77 -7.01
C ASP S 135 -64.58 -78.05 -8.50
N ALA S 136 -63.83 -77.21 -9.22
CA ALA S 136 -63.68 -77.41 -10.66
C ALA S 136 -62.73 -78.56 -10.99
N MET S 137 -61.80 -78.87 -10.09
CA MET S 137 -60.84 -79.94 -10.34
C MET S 137 -61.48 -81.32 -10.19
N VAL S 138 -62.24 -81.52 -9.10
CA VAL S 138 -62.87 -82.81 -8.87
C VAL S 138 -63.98 -83.10 -9.88
N LYS S 139 -64.53 -82.06 -10.52
CA LYS S 139 -65.54 -82.26 -11.55
C LYS S 139 -64.93 -82.46 -12.93
N ALA S 140 -63.72 -81.95 -13.16
CA ALA S 140 -63.12 -82.05 -14.49
C ALA S 140 -62.62 -83.46 -14.77
N ALA S 141 -61.82 -84.01 -13.87
CA ALA S 141 -61.22 -85.33 -14.04
C ALA S 141 -61.47 -86.17 -12.80
N LYS S 142 -60.92 -87.38 -12.81
CA LYS S 142 -61.06 -88.33 -11.70
C LYS S 142 -59.88 -88.15 -10.76
N VAL S 143 -59.96 -87.10 -9.93
CA VAL S 143 -58.93 -86.81 -8.94
C VAL S 143 -59.58 -86.76 -7.56
N GLU S 144 -58.75 -86.89 -6.54
CA GLU S 144 -59.19 -86.89 -5.15
C GLU S 144 -58.68 -85.65 -4.45
N LEU S 145 -59.60 -84.89 -3.85
CA LEU S 145 -59.23 -83.71 -3.07
C LEU S 145 -58.83 -84.17 -1.67
N ILE S 146 -57.53 -84.16 -1.38
CA ILE S 146 -57.04 -84.66 -0.11
C ILE S 146 -57.23 -83.67 1.03
N GLY S 147 -57.46 -82.40 0.73
CA GLY S 147 -57.60 -81.38 1.73
C GLY S 147 -56.98 -80.08 1.24
N TYR S 148 -56.74 -79.18 2.19
CA TYR S 148 -56.19 -77.87 1.88
C TYR S 148 -55.15 -77.49 2.91
N GLU S 149 -54.18 -76.67 2.48
CA GLU S 149 -53.07 -76.23 3.32
C GLU S 149 -53.15 -74.73 3.52
N LYS S 150 -53.03 -74.29 4.77
CA LYS S 150 -53.10 -72.89 5.13
C LYS S 150 -51.71 -72.42 5.55
N THR S 151 -51.17 -71.45 4.83
CA THR S 151 -49.84 -70.90 5.13
C THR S 151 -49.90 -69.52 5.77
N GLY S 152 -51.09 -69.00 6.06
CA GLY S 152 -51.22 -67.71 6.68
C GLY S 152 -51.28 -66.56 5.69
N GLY S 153 -51.70 -65.41 6.18
CA GLY S 153 -51.82 -64.23 5.35
C GLY S 153 -52.89 -64.33 4.29
N GLY S 154 -53.93 -65.12 4.52
CA GLY S 154 -54.97 -65.33 3.53
C GLY S 154 -54.60 -66.32 2.44
N TYR S 155 -53.44 -66.96 2.52
CA TYR S 155 -53.00 -67.89 1.50
C TYR S 155 -53.48 -69.30 1.85
N VAL S 156 -54.16 -69.94 0.90
CA VAL S 156 -54.61 -71.32 1.05
C VAL S 156 -54.30 -72.06 -0.24
N THR S 157 -54.04 -73.36 -0.11
CA THR S 157 -53.63 -74.20 -1.23
C THR S 157 -54.49 -75.46 -1.27
N ALA S 158 -55.10 -75.72 -2.42
CA ALA S 158 -55.85 -76.94 -2.63
C ALA S 158 -54.93 -77.99 -3.25
N VAL S 159 -54.97 -79.21 -2.71
CA VAL S 159 -54.10 -80.29 -3.14
C VAL S 159 -54.96 -81.44 -3.63
N VAL S 160 -54.69 -81.92 -4.84
CA VAL S 160 -55.39 -83.05 -5.42
C VAL S 160 -54.37 -84.10 -5.87
N ARG S 161 -54.78 -85.36 -5.81
CA ARG S 161 -53.93 -86.47 -6.21
C ARG S 161 -54.68 -87.36 -7.19
N GLY S 162 -53.93 -87.93 -8.14
CA GLY S 162 -54.54 -88.80 -9.13
C GLY S 162 -53.56 -89.13 -10.24
N ASP S 163 -54.12 -89.43 -11.41
CA ASP S 163 -53.29 -89.71 -12.57
C ASP S 163 -52.63 -88.44 -13.09
N VAL S 164 -51.48 -88.60 -13.73
CA VAL S 164 -50.72 -87.44 -14.23
C VAL S 164 -51.53 -86.69 -15.28
N ALA S 165 -52.29 -87.41 -16.10
CA ALA S 165 -53.13 -86.77 -17.10
C ALA S 165 -54.41 -86.19 -16.50
N ALA S 166 -54.88 -86.77 -15.40
CA ALA S 166 -56.10 -86.26 -14.76
C ALA S 166 -55.84 -84.92 -14.08
N VAL S 167 -54.73 -84.81 -13.34
CA VAL S 167 -54.42 -83.56 -12.65
C VAL S 167 -53.99 -82.50 -13.65
N LYS S 168 -53.37 -82.90 -14.77
CA LYS S 168 -52.97 -81.92 -15.78
C LYS S 168 -54.18 -81.26 -16.43
N ALA S 169 -55.27 -81.99 -16.59
CA ALA S 169 -56.51 -81.43 -17.13
C ALA S 169 -57.39 -80.82 -16.05
N ALA S 170 -57.19 -81.20 -14.79
CA ALA S 170 -58.02 -80.64 -13.72
C ALA S 170 -57.46 -79.32 -13.22
N THR S 171 -56.14 -79.20 -13.11
CA THR S 171 -55.55 -77.95 -12.63
C THR S 171 -55.78 -76.81 -13.61
N GLU S 172 -55.67 -77.09 -14.91
CA GLU S 172 -55.95 -76.06 -15.91
C GLU S 172 -57.42 -75.69 -15.95
N ALA S 173 -58.30 -76.63 -15.55
CA ALA S 173 -59.72 -76.32 -15.46
C ALA S 173 -60.07 -75.62 -14.15
N GLY S 174 -59.28 -75.85 -13.10
CA GLY S 174 -59.50 -75.19 -11.84
C GLY S 174 -58.92 -73.79 -11.80
N GLN S 175 -57.73 -73.63 -12.39
CA GLN S 175 -57.15 -72.30 -12.51
C GLN S 175 -58.01 -71.38 -13.36
N ARG S 176 -58.62 -71.92 -14.41
CA ARG S 176 -59.45 -71.12 -15.30
C ARG S 176 -60.73 -70.65 -14.61
N ALA S 177 -61.27 -71.45 -13.70
CA ALA S 177 -62.48 -71.09 -12.98
C ALA S 177 -62.19 -70.30 -11.70
N ALA S 178 -60.94 -70.22 -11.28
CA ALA S 178 -60.60 -69.48 -10.06
C ALA S 178 -60.15 -68.05 -10.36
N GLU S 179 -59.61 -67.81 -11.56
CA GLU S 179 -59.17 -66.47 -11.92
C GLU S 179 -60.33 -65.49 -12.01
N ARG S 180 -61.55 -65.99 -12.23
CA ARG S 180 -62.74 -65.15 -12.31
C ARG S 180 -63.40 -64.94 -10.95
N VAL S 181 -62.73 -65.34 -9.86
CA VAL S 181 -63.29 -65.19 -8.52
C VAL S 181 -62.28 -64.51 -7.61
N GLY S 182 -61.08 -65.09 -7.51
CA GLY S 182 -60.08 -64.58 -6.61
C GLY S 182 -58.71 -64.37 -7.23
N GLU S 183 -57.71 -64.12 -6.38
CA GLU S 183 -56.35 -63.85 -6.82
C GLU S 183 -55.57 -65.17 -6.84
N VAL S 184 -55.28 -65.66 -8.04
CA VAL S 184 -54.54 -66.90 -8.20
C VAL S 184 -53.06 -66.62 -8.04
N VAL S 185 -52.38 -67.42 -7.21
CA VAL S 185 -50.97 -67.21 -6.90
C VAL S 185 -50.11 -68.12 -7.78
N ALA S 186 -50.28 -69.42 -7.63
CA ALA S 186 -49.46 -70.38 -8.36
C ALA S 186 -50.26 -71.66 -8.61
N VAL S 187 -50.02 -72.27 -9.77
CA VAL S 187 -50.62 -73.55 -10.15
C VAL S 187 -49.53 -74.41 -10.75
N HIS S 188 -49.30 -75.59 -10.18
CA HIS S 188 -48.23 -76.46 -10.64
C HIS S 188 -48.68 -77.92 -10.54
N VAL S 189 -48.08 -78.77 -11.37
CA VAL S 189 -48.38 -80.19 -11.40
C VAL S 189 -47.05 -80.95 -11.38
N ILE S 190 -46.92 -81.88 -10.43
CA ILE S 190 -45.76 -82.75 -10.34
C ILE S 190 -46.17 -84.13 -10.84
N PRO S 191 -45.55 -84.65 -11.91
CA PRO S 191 -45.98 -85.95 -12.43
C PRO S 191 -45.80 -87.09 -11.44
N ARG S 192 -44.63 -87.22 -10.84
CA ARG S 192 -44.36 -88.26 -9.84
C ARG S 192 -43.52 -87.65 -8.72
N PRO S 193 -44.15 -87.20 -7.64
CA PRO S 193 -43.37 -86.65 -6.52
C PRO S 193 -42.52 -87.72 -5.85
N HIS S 194 -41.36 -87.30 -5.38
CA HIS S 194 -40.42 -88.21 -4.75
C HIS S 194 -41.01 -88.77 -3.45
N VAL S 195 -40.50 -89.94 -3.04
CA VAL S 195 -41.00 -90.58 -1.83
C VAL S 195 -40.70 -89.73 -0.60
N ASN S 196 -39.61 -88.97 -0.62
CA ASN S 196 -39.29 -88.11 0.51
C ASN S 196 -40.28 -86.97 0.64
N VAL S 197 -40.89 -86.55 -0.46
CA VAL S 197 -41.84 -85.43 -0.43
C VAL S 197 -43.13 -85.85 0.24
N ASP S 198 -43.66 -87.03 -0.13
CA ASP S 198 -44.91 -87.51 0.44
C ASP S 198 -44.78 -87.85 1.92
N ALA S 199 -43.57 -88.05 2.43
CA ALA S 199 -43.37 -88.43 3.81
C ALA S 199 -43.24 -87.23 4.74
N ALA S 200 -42.60 -86.16 4.28
CA ALA S 200 -42.34 -84.99 5.11
C ALA S 200 -43.37 -83.88 4.93
N LEU S 201 -44.21 -83.94 3.89
CA LEU S 201 -45.17 -82.89 3.64
C LEU S 201 -46.59 -83.44 3.68
N PRO S 202 -47.55 -82.67 4.21
CA PRO S 202 -48.96 -83.13 4.27
C PRO S 202 -49.65 -83.05 2.91
N LEU S 203 -49.45 -84.09 2.10
CA LEU S 203 -50.01 -84.15 0.75
C LEU S 203 -50.99 -85.31 0.59
N GLY S 204 -51.47 -85.86 1.69
CA GLY S 204 -52.48 -86.91 1.65
C GLY S 204 -51.95 -88.31 1.41
N ARG S 205 -50.67 -88.47 1.08
CA ARG S 205 -50.07 -89.77 0.83
C ARG S 205 -48.98 -90.08 1.84
N THR S 206 -49.21 -89.72 3.10
CA THR S 206 -48.24 -89.96 4.16
C THR S 206 -48.48 -91.32 4.79
N PRO S 207 -47.54 -92.27 4.69
CA PRO S 207 -47.68 -93.61 5.27
C PRO S 207 -47.80 -93.57 6.79
N ALA T 2 -76.92 -82.95 -2.70
CA ALA T 2 -76.21 -81.96 -1.89
C ALA T 2 -76.85 -80.59 -2.02
N ASP T 3 -76.69 -79.77 -0.99
CA ASP T 3 -77.25 -78.43 -0.97
C ASP T 3 -76.28 -77.44 -1.62
N ALA T 4 -76.78 -76.23 -1.87
CA ALA T 4 -75.97 -75.19 -2.50
C ALA T 4 -74.98 -74.61 -1.50
N LEU T 5 -74.06 -73.80 -2.01
CA LEU T 5 -72.99 -73.21 -1.21
C LEU T 5 -72.90 -71.72 -1.48
N GLY T 6 -72.73 -70.94 -0.41
CA GLY T 6 -72.55 -69.51 -0.52
C GLY T 6 -71.46 -69.00 0.39
N MET T 7 -70.50 -68.25 -0.17
CA MET T 7 -69.34 -67.79 0.58
C MET T 7 -69.15 -66.29 0.36
N ILE T 8 -68.74 -65.60 1.43
CA ILE T 8 -68.41 -64.18 1.39
C ILE T 8 -67.13 -63.98 2.19
N GLU T 9 -66.09 -63.50 1.53
CA GLU T 9 -64.79 -63.27 2.16
C GLU T 9 -64.59 -61.78 2.36
N VAL T 10 -64.19 -61.39 3.57
CA VAL T 10 -64.01 -59.99 3.94
C VAL T 10 -62.73 -59.88 4.75
N ARG T 11 -61.85 -58.95 4.36
CA ARG T 11 -60.65 -58.64 5.14
C ARG T 11 -61.05 -57.76 6.32
N GLY T 12 -61.70 -58.40 7.29
CA GLY T 12 -62.24 -57.71 8.45
C GLY T 12 -63.33 -58.51 9.12
N PHE T 13 -63.17 -58.78 10.42
CA PHE T 13 -64.12 -59.63 11.13
C PHE T 13 -65.49 -58.95 11.26
N VAL T 14 -65.51 -57.62 11.32
CA VAL T 14 -66.79 -56.92 11.46
C VAL T 14 -67.61 -57.01 10.18
N GLY T 15 -66.95 -56.83 9.03
CA GLY T 15 -67.66 -56.92 7.77
C GLY T 15 -68.19 -58.31 7.48
N MET T 16 -67.51 -59.34 7.98
CA MET T 16 -67.96 -60.71 7.77
C MET T 16 -69.17 -61.06 8.64
N VAL T 17 -69.24 -60.49 9.84
CA VAL T 17 -70.39 -60.75 10.72
C VAL T 17 -71.64 -60.06 10.18
N GLU T 18 -71.50 -58.81 9.73
CA GLU T 18 -72.64 -58.12 9.13
C GLU T 18 -73.10 -58.81 7.87
N ALA T 19 -72.17 -59.34 7.08
CA ALA T 19 -72.55 -60.11 5.90
C ALA T 19 -73.28 -61.39 6.27
N ALA T 20 -72.88 -62.01 7.39
CA ALA T 20 -73.53 -63.24 7.82
C ALA T 20 -74.93 -62.97 8.34
N ASP T 21 -75.13 -61.83 9.02
CA ASP T 21 -76.45 -61.50 9.54
C ASP T 21 -77.43 -61.17 8.43
N ALA T 22 -76.97 -60.47 7.40
CA ALA T 22 -77.83 -60.12 6.27
C ALA T 22 -78.19 -61.32 5.42
N MET T 23 -77.37 -62.37 5.42
CA MET T 23 -77.65 -63.56 4.62
C MET T 23 -78.75 -64.41 5.24
N VAL T 24 -78.63 -64.70 6.54
CA VAL T 24 -79.62 -65.54 7.21
C VAL T 24 -80.94 -64.83 7.42
N LYS T 25 -80.96 -63.49 7.32
CA LYS T 25 -82.19 -62.74 7.46
C LYS T 25 -82.92 -62.55 6.13
N ALA T 26 -82.19 -62.50 5.02
CA ALA T 26 -82.81 -62.27 3.72
C ALA T 26 -83.57 -63.49 3.24
N ALA T 27 -82.88 -64.62 3.12
CA ALA T 27 -83.46 -65.85 2.61
C ALA T 27 -83.37 -66.94 3.68
N LYS T 28 -83.78 -68.15 3.30
CA LYS T 28 -83.80 -69.31 4.19
C LYS T 28 -82.53 -70.13 3.94
N VAL T 29 -81.44 -69.71 4.60
CA VAL T 29 -80.17 -70.39 4.49
C VAL T 29 -79.62 -70.64 5.89
N GLU T 30 -78.67 -71.56 5.99
CA GLU T 30 -78.06 -71.95 7.26
C GLU T 30 -76.60 -71.52 7.26
N LEU T 31 -76.20 -70.81 8.31
CA LEU T 31 -74.81 -70.38 8.48
C LEU T 31 -74.06 -71.46 9.24
N ILE T 32 -73.11 -72.10 8.57
CA ILE T 32 -72.39 -73.23 9.16
C ILE T 32 -71.17 -72.80 9.97
N GLY T 33 -70.70 -71.58 9.83
CA GLY T 33 -69.56 -71.10 10.57
C GLY T 33 -68.76 -70.11 9.75
N TYR T 34 -67.48 -69.98 10.12
CA TYR T 34 -66.59 -69.03 9.46
C TYR T 34 -65.19 -69.63 9.42
N GLU T 35 -64.44 -69.25 8.38
CA GLU T 35 -63.10 -69.77 8.15
C GLU T 35 -62.10 -68.63 8.23
N LYS T 36 -61.12 -68.77 9.12
CA LYS T 36 -60.07 -67.77 9.30
C LYS T 36 -58.83 -68.23 8.56
N THR T 37 -58.48 -67.52 7.50
CA THR T 37 -57.32 -67.85 6.68
C THR T 37 -56.09 -67.01 7.01
N GLY T 38 -56.16 -66.16 8.03
CA GLY T 38 -55.05 -65.34 8.44
C GLY T 38 -54.97 -64.02 7.68
N GLY T 39 -54.11 -63.14 8.19
CA GLY T 39 -53.94 -61.83 7.58
C GLY T 39 -55.18 -60.97 7.60
N GLY T 40 -56.06 -61.17 8.58
CA GLY T 40 -57.31 -60.46 8.64
C GLY T 40 -58.40 -60.99 7.74
N TYR T 41 -58.11 -62.00 6.93
CA TYR T 41 -59.09 -62.56 6.02
C TYR T 41 -59.97 -63.57 6.74
N VAL T 42 -61.29 -63.41 6.61
CA VAL T 42 -62.26 -64.35 7.14
C VAL T 42 -63.33 -64.59 6.08
N THR T 43 -63.97 -65.76 6.15
CA THR T 43 -64.93 -66.17 5.13
C THR T 43 -66.17 -66.74 5.81
N ALA T 44 -67.33 -66.15 5.53
CA ALA T 44 -68.61 -66.67 5.99
C ALA T 44 -69.15 -67.65 4.98
N VAL T 45 -69.72 -68.75 5.48
CA VAL T 45 -70.19 -69.85 4.64
C VAL T 45 -71.64 -70.15 4.99
N VAL T 46 -72.52 -70.04 4.00
CA VAL T 46 -73.93 -70.38 4.16
C VAL T 46 -74.28 -71.47 3.16
N ARG T 47 -75.37 -72.19 3.45
CA ARG T 47 -75.79 -73.29 2.60
C ARG T 47 -77.31 -73.37 2.57
N GLY T 48 -77.83 -73.89 1.46
CA GLY T 48 -79.27 -74.03 1.29
C GLY T 48 -79.59 -74.50 -0.11
N ASP T 49 -80.73 -74.03 -0.62
CA ASP T 49 -81.10 -74.30 -2.01
C ASP T 49 -80.49 -73.25 -2.93
N VAL T 50 -80.53 -73.53 -4.23
CA VAL T 50 -79.86 -72.67 -5.20
C VAL T 50 -80.47 -71.29 -5.22
N ALA T 51 -81.79 -71.20 -5.12
CA ALA T 51 -82.46 -69.90 -5.21
C ALA T 51 -82.29 -69.08 -3.93
N ALA T 52 -82.31 -69.74 -2.78
CA ALA T 52 -82.17 -69.02 -1.51
C ALA T 52 -80.74 -68.56 -1.28
N VAL T 53 -79.76 -69.36 -1.67
CA VAL T 53 -78.36 -68.97 -1.50
C VAL T 53 -78.01 -67.80 -2.42
N LYS T 54 -78.50 -67.84 -3.66
CA LYS T 54 -78.24 -66.75 -4.59
C LYS T 54 -78.87 -65.45 -4.10
N ALA T 55 -80.05 -65.53 -3.50
CA ALA T 55 -80.71 -64.33 -3.00
C ALA T 55 -80.03 -63.81 -1.74
N ALA T 56 -79.60 -64.72 -0.86
CA ALA T 56 -78.92 -64.29 0.37
C ALA T 56 -77.52 -63.79 0.09
N THR T 57 -76.86 -64.32 -0.95
CA THR T 57 -75.50 -63.91 -1.26
C THR T 57 -75.43 -62.45 -1.69
N GLU T 58 -76.32 -62.04 -2.61
CA GLU T 58 -76.30 -60.66 -3.07
C GLU T 58 -76.76 -59.69 -2.00
N ALA T 59 -77.65 -60.13 -1.11
CA ALA T 59 -78.12 -59.26 -0.03
C ALA T 59 -77.06 -59.07 1.04
N GLY T 60 -76.30 -60.13 1.33
CA GLY T 60 -75.23 -60.01 2.31
C GLY T 60 -74.04 -59.22 1.80
N GLN T 61 -73.77 -59.30 0.49
CA GLN T 61 -72.67 -58.53 -0.08
C GLN T 61 -72.97 -57.05 -0.07
N ARG T 62 -74.19 -56.67 -0.47
CA ARG T 62 -74.55 -55.26 -0.55
C ARG T 62 -74.56 -54.59 0.81
N ALA T 63 -74.93 -55.33 1.86
CA ALA T 63 -74.90 -54.79 3.21
C ALA T 63 -73.49 -54.79 3.79
N ALA T 64 -72.59 -55.63 3.29
CA ALA T 64 -71.23 -55.68 3.78
C ALA T 64 -70.30 -54.67 3.10
N GLU T 65 -70.70 -54.14 1.95
CA GLU T 65 -69.88 -53.13 1.28
C GLU T 65 -69.78 -51.85 2.10
N ARG T 66 -70.79 -51.56 2.92
CA ARG T 66 -70.75 -50.35 3.73
C ARG T 66 -69.81 -50.49 4.91
N VAL T 67 -69.63 -51.71 5.43
CA VAL T 67 -68.86 -51.93 6.64
C VAL T 67 -67.38 -51.99 6.32
N GLY T 68 -66.95 -53.06 5.66
CA GLY T 68 -65.53 -53.27 5.44
C GLY T 68 -65.12 -53.65 4.04
N GLU T 69 -63.92 -54.21 3.90
CA GLU T 69 -63.33 -54.53 2.61
C GLU T 69 -63.81 -55.91 2.17
N VAL T 70 -64.63 -55.95 1.13
CA VAL T 70 -65.15 -57.20 0.58
C VAL T 70 -64.11 -57.77 -0.40
N VAL T 71 -63.69 -59.00 -0.15
CA VAL T 71 -62.64 -59.63 -0.94
C VAL T 71 -63.24 -60.39 -2.12
N ALA T 72 -64.03 -61.43 -1.83
CA ALA T 72 -64.59 -62.26 -2.88
C ALA T 72 -65.97 -62.73 -2.46
N VAL T 73 -66.81 -63.01 -3.46
CA VAL T 73 -68.17 -63.49 -3.26
C VAL T 73 -68.52 -64.44 -4.39
N HIS T 74 -68.97 -65.64 -4.04
CA HIS T 74 -69.24 -66.67 -5.04
C HIS T 74 -70.31 -67.62 -4.53
N VAL T 75 -70.98 -68.27 -5.48
CA VAL T 75 -72.03 -69.25 -5.19
C VAL T 75 -71.78 -70.49 -6.05
N ILE T 76 -71.84 -71.66 -5.42
CA ILE T 76 -71.71 -72.93 -6.11
C ILE T 76 -73.03 -73.67 -5.98
N PRO T 77 -73.76 -73.91 -7.08
CA PRO T 77 -75.09 -74.52 -6.98
C PRO T 77 -75.06 -75.95 -6.45
N ARG T 78 -74.21 -76.79 -7.03
CA ARG T 78 -74.13 -78.21 -6.66
C ARG T 78 -72.68 -78.59 -6.46
N PRO T 79 -72.16 -78.47 -5.24
CA PRO T 79 -70.77 -78.85 -4.98
C PRO T 79 -70.57 -80.35 -5.09
N HIS T 80 -69.39 -80.74 -5.56
CA HIS T 80 -69.05 -82.15 -5.66
C HIS T 80 -68.89 -82.76 -4.27
N VAL T 81 -69.05 -84.09 -4.21
CA VAL T 81 -69.00 -84.77 -2.93
C VAL T 81 -67.60 -84.75 -2.32
N ASN T 82 -66.56 -84.58 -3.13
CA ASN T 82 -65.21 -84.51 -2.59
C ASN T 82 -64.96 -83.18 -1.88
N VAL T 83 -65.61 -82.11 -2.32
CA VAL T 83 -65.42 -80.82 -1.68
C VAL T 83 -66.07 -80.80 -0.31
N ASP T 84 -67.27 -81.38 -0.18
CA ASP T 84 -67.94 -81.44 1.10
C ASP T 84 -67.27 -82.41 2.07
N ALA T 85 -66.45 -83.33 1.57
CA ALA T 85 -65.81 -84.33 2.41
C ALA T 85 -64.44 -83.89 2.91
N ALA T 86 -63.71 -83.10 2.13
CA ALA T 86 -62.36 -82.69 2.50
C ALA T 86 -62.28 -81.27 3.05
N LEU T 87 -63.29 -80.44 2.79
CA LEU T 87 -63.24 -79.06 3.25
C LEU T 87 -64.31 -78.81 4.31
N PRO T 88 -64.00 -77.99 5.33
CA PRO T 88 -64.99 -77.73 6.38
C PRO T 88 -66.10 -76.80 5.92
N LEU T 89 -67.04 -77.33 5.14
CA LEU T 89 -68.14 -76.54 4.60
C LEU T 89 -69.49 -76.94 5.18
N GLY T 90 -69.50 -77.59 6.34
CA GLY T 90 -70.74 -77.89 7.03
C GLY T 90 -71.50 -79.09 6.51
N ARG T 91 -71.01 -79.76 5.46
CA ARG T 91 -71.67 -80.94 4.91
C ARG T 91 -70.70 -82.11 4.87
N THR T 92 -69.89 -82.27 5.93
CA THR T 92 -68.94 -83.36 6.01
C THR T 92 -69.52 -84.46 6.89
N PRO T 93 -69.91 -85.62 6.33
CA PRO T 93 -70.48 -86.74 7.09
C PRO T 93 -69.54 -87.26 8.18
N ALA T 116 -83.15 -61.50 21.93
CA ALA T 116 -81.73 -61.50 21.64
C ALA T 116 -81.10 -60.16 22.01
N ASP T 117 -79.85 -60.20 22.46
CA ASP T 117 -79.14 -58.99 22.85
C ASP T 117 -78.53 -58.31 21.62
N ALA T 118 -78.12 -57.06 21.81
CA ALA T 118 -77.52 -56.28 20.73
C ALA T 118 -76.03 -56.57 20.62
N LEU T 119 -75.45 -56.17 19.50
CA LEU T 119 -74.06 -56.47 19.17
C LEU T 119 -73.34 -55.20 18.76
N GLY T 120 -72.19 -54.94 19.40
CA GLY T 120 -71.35 -53.82 19.04
C GLY T 120 -69.91 -54.26 18.81
N MET T 121 -69.32 -53.85 17.69
CA MET T 121 -68.00 -54.33 17.30
C MET T 121 -67.13 -53.18 16.82
N ILE T 122 -65.83 -53.25 17.16
CA ILE T 122 -64.83 -52.31 16.70
C ILE T 122 -63.58 -53.08 16.32
N GLU T 123 -63.11 -52.90 15.09
CA GLU T 123 -61.93 -53.59 14.59
C GLU T 123 -60.81 -52.59 14.34
N VAL T 124 -59.61 -52.93 14.79
CA VAL T 124 -58.45 -52.06 14.67
C VAL T 124 -57.25 -52.91 14.29
N ARG T 125 -56.48 -52.47 13.28
CA ARG T 125 -55.20 -53.09 12.95
C ARG T 125 -54.16 -52.61 13.95
N GLY T 126 -54.31 -53.08 15.19
CA GLY T 126 -53.47 -52.66 16.29
C GLY T 126 -54.08 -53.02 17.63
N PHE T 127 -53.31 -53.71 18.46
CA PHE T 127 -53.84 -54.16 19.75
C PHE T 127 -54.09 -53.00 20.70
N VAL T 128 -53.29 -51.94 20.62
CA VAL T 128 -53.45 -50.81 21.52
C VAL T 128 -54.76 -50.07 21.22
N GLY T 129 -55.07 -49.86 19.93
CA GLY T 129 -56.30 -49.19 19.57
C GLY T 129 -57.54 -49.98 19.95
N MET T 130 -57.44 -51.31 19.94
CA MET T 130 -58.58 -52.14 20.31
C MET T 130 -58.83 -52.12 21.81
N VAL T 131 -57.78 -52.05 22.62
CA VAL T 131 -57.95 -52.00 24.07
C VAL T 131 -58.54 -50.66 24.49
N GLU T 132 -58.04 -49.56 23.90
CA GLU T 132 -58.62 -48.26 24.21
C GLU T 132 -60.07 -48.16 23.75
N ALA T 133 -60.39 -48.79 22.61
CA ALA T 133 -61.77 -48.83 22.15
C ALA T 133 -62.64 -49.64 23.10
N ALA T 134 -62.13 -50.76 23.59
CA ALA T 134 -62.89 -51.59 24.51
C ALA T 134 -63.07 -50.90 25.85
N ASP T 135 -62.06 -50.15 26.30
CA ASP T 135 -62.17 -49.45 27.57
C ASP T 135 -63.19 -48.32 27.50
N ALA T 136 -63.23 -47.60 26.37
CA ALA T 136 -64.18 -46.50 26.24
C ALA T 136 -65.60 -47.00 26.04
N MET T 137 -65.76 -48.22 25.52
CA MET T 137 -67.11 -48.75 25.30
C MET T 137 -67.76 -49.15 26.62
N VAL T 138 -67.04 -49.89 27.46
CA VAL T 138 -67.59 -50.32 28.74
C VAL T 138 -67.71 -49.18 29.74
N LYS T 139 -67.09 -48.03 29.48
CA LYS T 139 -67.21 -46.87 30.34
C LYS T 139 -68.34 -45.93 29.92
N ALA T 140 -68.62 -45.85 28.62
CA ALA T 140 -69.67 -44.95 28.13
C ALA T 140 -71.05 -45.44 28.54
N ALA T 141 -71.35 -46.71 28.26
CA ALA T 141 -72.64 -47.28 28.60
C ALA T 141 -72.48 -48.57 29.39
N LYS T 142 -73.59 -49.28 29.61
CA LYS T 142 -73.58 -50.53 30.37
C LYS T 142 -73.61 -51.70 29.40
N VAL T 143 -72.43 -52.07 28.91
CA VAL T 143 -72.26 -53.18 28.00
C VAL T 143 -71.31 -54.20 28.62
N GLU T 144 -71.21 -55.36 27.98
CA GLU T 144 -70.35 -56.45 28.43
C GLU T 144 -69.36 -56.80 27.34
N LEU T 145 -68.07 -56.61 27.60
CA LEU T 145 -67.02 -57.00 26.67
C LEU T 145 -66.84 -58.52 26.77
N ILE T 146 -67.42 -59.25 25.82
CA ILE T 146 -67.38 -60.71 25.87
C ILE T 146 -66.02 -61.29 25.48
N GLY T 147 -65.12 -60.47 24.96
CA GLY T 147 -63.81 -60.93 24.56
C GLY T 147 -63.36 -60.19 23.32
N TYR T 148 -62.33 -60.74 22.67
CA TYR T 148 -61.75 -60.12 21.48
C TYR T 148 -61.39 -61.21 20.49
N GLU T 149 -61.56 -60.91 19.20
CA GLU T 149 -61.30 -61.85 18.12
C GLU T 149 -60.05 -61.42 17.36
N LYS T 150 -59.14 -62.37 17.13
CA LYS T 150 -57.89 -62.13 16.44
C LYS T 150 -57.95 -62.84 15.08
N THR T 151 -58.02 -62.07 14.00
CA THR T 151 -58.10 -62.61 12.66
C THR T 151 -56.77 -62.66 11.94
N GLY T 152 -55.69 -62.22 12.59
CA GLY T 152 -54.37 -62.24 11.99
C GLY T 152 -54.02 -60.95 11.28
N GLY T 153 -52.73 -60.83 10.96
CA GLY T 153 -52.23 -59.64 10.29
C GLY T 153 -52.32 -58.38 11.13
N GLY T 154 -52.26 -58.50 12.45
CA GLY T 154 -52.44 -57.37 13.33
C GLY T 154 -53.86 -56.94 13.53
N TYR T 155 -54.83 -57.60 12.88
CA TYR T 155 -56.23 -57.24 13.02
C TYR T 155 -56.83 -57.87 14.27
N VAL T 156 -57.45 -57.05 15.11
CA VAL T 156 -58.15 -57.51 16.30
C VAL T 156 -59.49 -56.79 16.37
N THR T 157 -60.47 -57.46 16.98
CA THR T 157 -61.84 -56.96 17.02
C THR T 157 -62.38 -57.06 18.43
N ALA T 158 -62.87 -55.95 18.95
CA ALA T 158 -63.54 -55.92 20.25
C ALA T 158 -65.04 -56.13 20.06
N VAL T 159 -65.62 -56.99 20.88
CA VAL T 159 -67.02 -57.37 20.77
C VAL T 159 -67.70 -57.09 22.11
N VAL T 160 -68.72 -56.25 22.09
CA VAL T 160 -69.50 -55.93 23.28
C VAL T 160 -70.96 -56.28 23.02
N ARG T 161 -71.67 -56.65 24.09
CA ARG T 161 -73.07 -57.03 24.02
C ARG T 161 -73.86 -56.24 25.04
N GLY T 162 -75.17 -56.16 24.81
CA GLY T 162 -76.08 -55.45 25.69
C GLY T 162 -77.37 -55.13 24.96
N ASP T 163 -78.04 -54.07 25.42
CA ASP T 163 -79.23 -53.59 24.74
C ASP T 163 -78.85 -52.64 23.61
N VAL T 164 -79.84 -52.33 22.76
CA VAL T 164 -79.57 -51.55 21.55
C VAL T 164 -79.16 -50.13 21.91
N ALA T 165 -79.69 -49.57 23.01
CA ALA T 165 -79.38 -48.19 23.35
C ALA T 165 -77.96 -48.04 23.90
N ALA T 166 -77.44 -49.08 24.55
CA ALA T 166 -76.11 -48.97 25.15
C ALA T 166 -75.01 -49.13 24.12
N VAL T 167 -75.10 -50.17 23.27
CA VAL T 167 -74.06 -50.41 22.28
C VAL T 167 -74.02 -49.29 21.24
N LYS T 168 -75.15 -48.61 21.03
CA LYS T 168 -75.17 -47.49 20.10
C LYS T 168 -74.37 -46.32 20.64
N ALA T 169 -74.51 -46.03 21.95
CA ALA T 169 -73.74 -44.95 22.57
C ALA T 169 -72.35 -45.39 22.99
N ALA T 170 -72.10 -46.70 23.06
CA ALA T 170 -70.76 -47.17 23.42
C ALA T 170 -69.83 -47.19 22.21
N THR T 171 -70.34 -47.61 21.05
CA THR T 171 -69.50 -47.65 19.85
C THR T 171 -69.14 -46.25 19.38
N GLU T 172 -70.05 -45.28 19.53
CA GLU T 172 -69.74 -43.91 19.12
C GLU T 172 -68.66 -43.30 20.01
N ALA T 173 -68.57 -43.74 21.27
CA ALA T 173 -67.52 -43.28 22.17
C ALA T 173 -66.24 -44.08 22.01
N GLY T 174 -66.34 -45.38 21.73
CA GLY T 174 -65.14 -46.17 21.50
C GLY T 174 -64.47 -45.83 20.18
N GLN T 175 -65.27 -45.60 19.14
CA GLN T 175 -64.72 -45.20 17.85
C GLN T 175 -64.05 -43.83 17.94
N ARG T 176 -64.72 -42.88 18.58
CA ARG T 176 -64.17 -41.54 18.71
C ARG T 176 -62.91 -41.52 19.56
N ALA T 177 -62.78 -42.46 20.51
CA ALA T 177 -61.59 -42.54 21.34
C ALA T 177 -60.48 -43.35 20.69
N ALA T 178 -60.81 -44.37 19.90
CA ALA T 178 -59.80 -45.20 19.26
C ALA T 178 -59.24 -44.58 17.99
N GLU T 179 -59.98 -43.69 17.34
CA GLU T 179 -59.48 -43.03 16.14
C GLU T 179 -58.26 -42.16 16.43
N ARG T 180 -58.10 -41.70 17.67
CA ARG T 180 -56.95 -40.92 18.07
C ARG T 180 -55.82 -41.78 18.63
N VAL T 181 -55.91 -43.10 18.47
CA VAL T 181 -54.90 -44.01 19.01
C VAL T 181 -54.35 -44.88 17.90
N GLY T 182 -55.22 -45.67 17.26
CA GLY T 182 -54.78 -46.60 16.24
C GLY T 182 -55.52 -46.50 14.93
N GLU T 183 -55.33 -47.49 14.06
CA GLU T 183 -55.95 -47.51 12.74
C GLU T 183 -57.28 -48.25 12.85
N VAL T 184 -58.37 -47.50 12.92
CA VAL T 184 -59.71 -48.08 13.01
C VAL T 184 -60.14 -48.59 11.64
N VAL T 185 -60.56 -49.84 11.58
CA VAL T 185 -60.96 -50.48 10.32
C VAL T 185 -62.46 -50.39 10.11
N ALA T 186 -63.25 -50.80 11.10
CA ALA T 186 -64.70 -50.79 10.95
C ALA T 186 -65.35 -50.74 12.33
N VAL T 187 -66.49 -50.05 12.40
CA VAL T 187 -67.29 -49.96 13.61
C VAL T 187 -68.75 -50.10 13.21
N HIS T 188 -69.41 -51.17 13.67
CA HIS T 188 -70.78 -51.45 13.29
C HIS T 188 -71.56 -51.94 14.50
N VAL T 189 -72.88 -51.74 14.43
CA VAL T 189 -73.80 -52.15 15.49
C VAL T 189 -74.93 -52.96 14.85
N ILE T 190 -75.18 -54.15 15.38
CA ILE T 190 -76.29 -55.01 14.95
C ILE T 190 -77.31 -55.03 16.09
N PRO T 191 -78.48 -54.40 15.92
CA PRO T 191 -79.46 -54.32 17.01
C PRO T 191 -80.01 -55.68 17.45
N ARG T 192 -80.54 -56.45 16.51
CA ARG T 192 -81.12 -57.75 16.80
C ARG T 192 -80.52 -58.79 15.86
N PRO T 193 -79.37 -59.36 16.22
CA PRO T 193 -78.77 -60.40 15.38
C PRO T 193 -79.64 -61.65 15.34
N HIS T 194 -79.58 -62.34 14.20
CA HIS T 194 -80.38 -63.54 14.00
C HIS T 194 -79.92 -64.65 14.95
N VAL T 195 -80.83 -65.56 15.27
CA VAL T 195 -80.51 -66.67 16.16
C VAL T 195 -79.46 -67.57 15.53
N ASN T 196 -79.45 -67.67 14.19
CA ASN T 196 -78.46 -68.49 13.52
C ASN T 196 -77.06 -67.91 13.63
N VAL T 197 -76.95 -66.60 13.80
CA VAL T 197 -75.64 -65.94 13.88
C VAL T 197 -74.98 -66.21 15.23
N ASP T 198 -75.73 -66.03 16.31
CA ASP T 198 -75.18 -66.23 17.65
C ASP T 198 -74.81 -67.69 17.93
N ALA T 199 -75.27 -68.62 17.10
CA ALA T 199 -74.96 -70.03 17.31
C ALA T 199 -73.71 -70.49 16.57
N ALA T 200 -73.39 -69.87 15.43
CA ALA T 200 -72.26 -70.28 14.61
C ALA T 200 -71.06 -69.38 14.74
N LEU T 201 -71.16 -68.28 15.49
CA LEU T 201 -70.07 -67.33 15.63
C LEU T 201 -69.78 -67.06 17.10
N PRO T 202 -68.51 -66.87 17.46
CA PRO T 202 -68.15 -66.57 18.86
C PRO T 202 -68.44 -65.12 19.24
N LEU T 203 -69.73 -64.82 19.46
CA LEU T 203 -70.18 -63.47 19.79
C LEU T 203 -70.65 -63.37 21.25
N GLY T 204 -70.29 -64.34 22.09
CA GLY T 204 -70.60 -64.29 23.49
C GLY T 204 -71.95 -64.84 23.88
N ARG T 205 -72.86 -65.04 22.93
CA ARG T 205 -74.20 -65.55 23.21
C ARG T 205 -74.40 -66.95 22.66
N THR T 206 -73.33 -67.72 22.50
CA THR T 206 -73.43 -69.09 22.02
C THR T 206 -74.13 -69.95 23.05
N PRO T 207 -75.25 -70.63 22.70
CA PRO T 207 -75.99 -71.47 23.63
C PRO T 207 -75.51 -72.93 23.63
N ALA U 2 -57.12 -52.05 40.04
CA ALA U 2 -57.19 -50.60 40.22
C ALA U 2 -55.89 -49.94 39.80
N ASP U 3 -55.05 -50.69 39.07
CA ASP U 3 -53.76 -50.19 38.62
C ASP U 3 -53.93 -49.45 37.30
N ALA U 4 -52.84 -48.87 36.80
CA ALA U 4 -52.84 -48.17 35.53
C ALA U 4 -52.51 -49.16 34.41
N LEU U 5 -52.46 -48.66 33.17
CA LEU U 5 -52.21 -49.51 32.02
C LEU U 5 -51.41 -48.73 30.98
N GLY U 6 -50.35 -49.35 30.50
CA GLY U 6 -49.53 -48.75 29.45
C GLY U 6 -49.18 -49.77 28.39
N MET U 7 -49.25 -49.34 27.13
CA MET U 7 -49.05 -50.24 26.01
C MET U 7 -48.23 -49.54 24.93
N ILE U 8 -47.35 -50.32 24.29
CA ILE U 8 -46.55 -49.85 23.16
C ILE U 8 -46.56 -50.95 22.11
N GLU U 9 -47.06 -50.64 20.91
CA GLU U 9 -47.15 -51.60 19.82
C GLU U 9 -46.14 -51.26 18.74
N VAL U 10 -45.35 -52.25 18.34
CA VAL U 10 -44.30 -52.09 17.33
C VAL U 10 -44.41 -53.24 16.34
N ARG U 11 -44.35 -52.91 15.05
CA ARG U 11 -44.27 -53.94 14.01
C ARG U 11 -42.83 -54.44 13.92
N GLY U 12 -42.45 -55.20 14.95
CA GLY U 12 -41.10 -55.70 15.06
C GLY U 12 -40.78 -56.16 16.48
N PHE U 13 -40.38 -57.43 16.62
CA PHE U 13 -40.10 -57.96 17.94
C PHE U 13 -38.91 -57.28 18.61
N VAL U 14 -37.98 -56.76 17.81
CA VAL U 14 -36.82 -56.08 18.37
C VAL U 14 -37.21 -54.73 18.95
N GLY U 15 -38.03 -53.97 18.21
CA GLY U 15 -38.47 -52.68 18.71
C GLY U 15 -39.35 -52.76 19.94
N MET U 16 -40.04 -53.89 20.12
CA MET U 16 -40.88 -54.06 21.29
C MET U 16 -40.07 -54.37 22.53
N VAL U 17 -39.02 -55.18 22.40
CA VAL U 17 -38.18 -55.52 23.55
C VAL U 17 -37.44 -54.30 24.06
N GLU U 18 -36.93 -53.47 23.16
CA GLU U 18 -36.26 -52.24 23.59
C GLU U 18 -37.24 -51.29 24.28
N ALA U 19 -38.48 -51.26 23.80
CA ALA U 19 -39.50 -50.43 24.45
C ALA U 19 -39.82 -50.95 25.85
N ALA U 20 -39.88 -52.27 26.01
CA ALA U 20 -40.17 -52.84 27.32
C ALA U 20 -39.02 -52.63 28.29
N ASP U 21 -37.79 -52.70 27.80
CA ASP U 21 -36.63 -52.49 28.67
C ASP U 21 -36.55 -51.04 29.15
N ALA U 22 -36.89 -50.09 28.28
CA ALA U 22 -36.85 -48.69 28.66
C ALA U 22 -37.99 -48.31 29.62
N MET U 23 -39.07 -49.07 29.63
CA MET U 23 -40.19 -48.75 30.52
C MET U 23 -39.93 -49.21 31.95
N VAL U 24 -39.38 -50.41 32.12
CA VAL U 24 -39.12 -50.92 33.47
C VAL U 24 -37.92 -50.21 34.11
N LYS U 25 -37.08 -49.56 33.31
CA LYS U 25 -35.95 -48.81 33.84
C LYS U 25 -36.30 -47.35 34.15
N ALA U 26 -37.29 -46.79 33.46
CA ALA U 26 -37.63 -45.39 33.67
C ALA U 26 -38.33 -45.17 35.00
N ALA U 27 -39.36 -45.98 35.28
CA ALA U 27 -40.12 -45.86 36.51
C ALA U 27 -40.37 -47.26 37.07
N LYS U 28 -41.12 -47.32 38.18
CA LYS U 28 -41.43 -48.58 38.84
C LYS U 28 -42.75 -49.10 38.27
N VAL U 29 -42.65 -49.86 37.18
CA VAL U 29 -43.80 -50.50 36.56
C VAL U 29 -43.46 -51.97 36.32
N GLU U 30 -44.50 -52.80 36.27
CA GLU U 30 -44.34 -54.23 36.10
C GLU U 30 -44.73 -54.61 34.67
N LEU U 31 -43.84 -55.33 33.99
CA LEU U 31 -44.11 -55.84 32.64
C LEU U 31 -44.85 -57.16 32.77
N ILE U 32 -46.15 -57.14 32.49
CA ILE U 32 -46.97 -58.35 32.65
C ILE U 32 -46.76 -59.35 31.53
N GLY U 33 -46.25 -58.92 30.38
CA GLY U 33 -46.07 -59.79 29.24
C GLY U 33 -46.29 -59.03 27.95
N TYR U 34 -46.47 -59.79 26.88
CA TYR U 34 -46.65 -59.22 25.55
C TYR U 34 -47.73 -59.99 24.80
N GLU U 35 -48.44 -59.28 23.93
CA GLU U 35 -49.52 -59.84 23.14
C GLU U 35 -49.13 -59.83 21.67
N LYS U 36 -49.31 -60.96 20.99
CA LYS U 36 -48.97 -61.12 19.59
C LYS U 36 -50.27 -61.18 18.78
N THR U 37 -50.47 -60.18 17.92
CA THR U 37 -51.67 -60.07 17.11
C THR U 37 -51.46 -60.50 15.67
N GLY U 38 -50.26 -60.95 15.31
CA GLY U 38 -50.00 -61.42 13.97
C GLY U 38 -49.47 -60.35 13.05
N GLY U 39 -48.91 -60.79 11.92
CA GLY U 39 -48.35 -59.87 10.96
C GLY U 39 -47.15 -59.09 11.45
N GLY U 40 -46.40 -59.65 12.40
CA GLY U 40 -45.28 -58.95 12.98
C GLY U 40 -45.64 -57.94 14.05
N TYR U 41 -46.92 -57.77 14.36
CA TYR U 41 -47.35 -56.81 15.37
C TYR U 41 -47.24 -57.42 16.75
N VAL U 42 -46.54 -56.73 17.65
CA VAL U 42 -46.40 -57.14 19.04
C VAL U 42 -46.63 -55.93 19.93
N THR U 43 -47.14 -56.19 21.13
CA THR U 43 -47.52 -55.12 22.05
C THR U 43 -47.01 -55.45 23.45
N ALA U 44 -46.18 -54.56 23.99
CA ALA U 44 -45.72 -54.69 25.36
C ALA U 44 -46.71 -54.02 26.31
N VAL U 45 -47.00 -54.69 27.42
CA VAL U 45 -48.01 -54.24 28.38
C VAL U 45 -47.34 -54.06 29.74
N VAL U 46 -47.39 -52.85 30.27
CA VAL U 46 -46.88 -52.54 31.60
C VAL U 46 -48.01 -52.00 32.46
N ARG U 47 -47.84 -52.14 33.77
CA ARG U 47 -48.86 -51.70 34.73
C ARG U 47 -48.19 -51.11 35.95
N GLY U 48 -48.89 -50.16 36.57
CA GLY U 48 -48.39 -49.50 37.76
C GLY U 48 -49.28 -48.34 38.18
N ASP U 49 -48.67 -47.21 38.49
CA ASP U 49 -49.41 -46.00 38.83
C ASP U 49 -49.56 -45.11 37.60
N VAL U 50 -50.59 -44.26 37.62
CA VAL U 50 -50.90 -43.43 36.46
C VAL U 50 -49.76 -42.49 36.13
N ALA U 51 -48.94 -42.13 37.12
CA ALA U 51 -47.82 -41.25 36.85
C ALA U 51 -46.59 -42.02 36.39
N ALA U 52 -46.30 -43.16 37.03
CA ALA U 52 -45.16 -43.97 36.63
C ALA U 52 -45.36 -44.56 35.24
N VAL U 53 -46.58 -44.99 34.93
CA VAL U 53 -46.87 -45.54 33.61
C VAL U 53 -46.74 -44.46 32.54
N LYS U 54 -47.22 -43.24 32.84
CA LYS U 54 -47.10 -42.15 31.88
C LYS U 54 -45.64 -41.84 31.57
N ALA U 55 -44.82 -41.68 32.61
CA ALA U 55 -43.42 -41.37 32.40
C ALA U 55 -42.66 -42.52 31.76
N ALA U 56 -43.05 -43.76 32.06
CA ALA U 56 -42.36 -44.91 31.47
C ALA U 56 -42.76 -45.09 30.00
N THR U 57 -44.02 -44.85 29.67
CA THR U 57 -44.48 -45.01 28.30
C THR U 57 -43.83 -43.97 27.39
N GLU U 58 -43.63 -42.75 27.90
CA GLU U 58 -42.95 -41.73 27.11
C GLU U 58 -41.49 -42.09 26.88
N ALA U 59 -40.81 -42.62 27.89
CA ALA U 59 -39.42 -43.00 27.74
C ALA U 59 -39.25 -44.21 26.84
N GLY U 60 -40.20 -45.14 26.88
CA GLY U 60 -40.12 -46.32 26.03
C GLY U 60 -40.37 -46.06 24.56
N GLN U 61 -41.05 -44.96 24.24
CA GLN U 61 -41.33 -44.64 22.84
C GLN U 61 -40.09 -44.13 22.13
N ARG U 62 -39.42 -43.13 22.70
CA ARG U 62 -38.26 -42.55 22.06
C ARG U 62 -37.08 -43.52 21.96
N ALA U 63 -37.07 -44.56 22.81
CA ALA U 63 -36.05 -45.58 22.70
C ALA U 63 -36.40 -46.64 21.66
N ALA U 64 -37.70 -46.88 21.44
CA ALA U 64 -38.13 -47.85 20.44
C ALA U 64 -38.13 -47.27 19.04
N GLU U 65 -38.34 -45.96 18.90
CA GLU U 65 -38.31 -45.33 17.58
C GLU U 65 -36.94 -45.41 16.94
N ARG U 66 -35.88 -45.56 17.73
CA ARG U 66 -34.52 -45.67 17.19
C ARG U 66 -34.24 -47.01 16.55
N VAL U 67 -35.18 -47.96 16.58
CA VAL U 67 -34.95 -49.30 16.04
C VAL U 67 -36.09 -49.68 15.11
N GLY U 68 -37.29 -49.87 15.66
CA GLY U 68 -38.41 -50.40 14.91
C GLY U 68 -39.45 -49.36 14.54
N GLU U 69 -40.53 -49.85 13.94
CA GLU U 69 -41.64 -49.02 13.49
C GLU U 69 -42.74 -49.10 14.54
N VAL U 70 -42.83 -48.06 15.37
CA VAL U 70 -43.87 -48.01 16.40
C VAL U 70 -45.22 -47.79 15.73
N VAL U 71 -46.24 -48.45 16.26
CA VAL U 71 -47.59 -48.42 15.70
C VAL U 71 -48.53 -47.55 16.54
N ALA U 72 -48.59 -47.81 17.84
CA ALA U 72 -49.48 -47.06 18.71
C ALA U 72 -48.89 -46.99 20.12
N VAL U 73 -49.20 -45.91 20.82
CA VAL U 73 -48.76 -45.68 22.19
C VAL U 73 -49.89 -45.00 22.93
N HIS U 74 -50.31 -45.59 24.06
CA HIS U 74 -51.42 -45.05 24.82
C HIS U 74 -51.32 -45.52 26.26
N VAL U 75 -51.95 -44.76 27.16
CA VAL U 75 -52.01 -45.08 28.57
C VAL U 75 -53.46 -44.94 29.03
N ILE U 76 -53.91 -45.89 29.83
CA ILE U 76 -55.26 -45.90 30.39
C ILE U 76 -55.13 -45.72 31.90
N PRO U 77 -55.63 -44.63 32.47
CA PRO U 77 -55.42 -44.38 33.91
C PRO U 77 -56.13 -45.39 34.80
N ARG U 78 -57.45 -45.48 34.70
CA ARG U 78 -58.28 -46.37 35.51
C ARG U 78 -59.04 -47.30 34.57
N PRO U 79 -58.40 -48.36 34.09
CA PRO U 79 -59.10 -49.29 33.20
C PRO U 79 -60.25 -49.98 33.92
N HIS U 80 -61.35 -50.16 33.20
CA HIS U 80 -62.55 -50.75 33.78
C HIS U 80 -62.29 -52.20 34.18
N VAL U 81 -63.06 -52.68 35.15
CA VAL U 81 -62.87 -54.04 35.66
C VAL U 81 -63.23 -55.06 34.58
N ASN U 82 -64.13 -54.72 33.67
CA ASN U 82 -64.50 -55.65 32.61
C ASN U 82 -63.38 -55.85 31.61
N VAL U 83 -62.48 -54.87 31.48
CA VAL U 83 -61.37 -54.99 30.55
C VAL U 83 -60.35 -56.01 31.06
N ASP U 84 -60.02 -55.94 32.34
CA ASP U 84 -59.04 -56.86 32.91
C ASP U 84 -59.56 -58.30 32.99
N ALA U 85 -60.88 -58.49 32.92
CA ALA U 85 -61.44 -59.84 33.03
C ALA U 85 -61.42 -60.58 31.70
N ALA U 86 -61.52 -59.86 30.59
CA ALA U 86 -61.58 -60.50 29.28
C ALA U 86 -60.29 -60.39 28.48
N LEU U 87 -59.43 -59.42 28.80
CA LEU U 87 -58.20 -59.25 28.05
C LEU U 87 -57.00 -59.67 28.88
N PRO U 88 -55.98 -60.28 28.26
CA PRO U 88 -54.76 -60.68 28.99
C PRO U 88 -53.87 -59.50 29.33
N LEU U 89 -54.25 -58.76 30.36
CA LEU U 89 -53.53 -57.55 30.78
C LEU U 89 -52.89 -57.71 32.16
N GLY U 90 -52.67 -58.94 32.60
CA GLY U 90 -51.94 -59.20 33.84
C GLY U 90 -52.75 -59.07 35.11
N ARG U 91 -53.96 -58.54 35.05
CA ARG U 91 -54.77 -58.39 36.26
C ARG U 91 -56.06 -59.21 36.16
N THR U 92 -55.93 -60.48 35.77
CA THR U 92 -57.09 -61.36 35.66
C THR U 92 -57.07 -62.33 36.83
N PRO U 93 -57.98 -62.19 37.82
CA PRO U 93 -58.05 -63.07 38.98
C PRO U 93 -58.28 -64.53 38.61
N ALA U 116 -26.83 -60.23 35.27
CA ALA U 116 -27.54 -60.62 34.06
C ALA U 116 -26.63 -60.50 32.84
N ASP U 117 -26.92 -61.32 31.82
CA ASP U 117 -26.13 -61.33 30.60
C ASP U 117 -26.65 -60.28 29.62
N ALA U 118 -25.89 -60.06 28.56
CA ALA U 118 -26.27 -59.10 27.53
C ALA U 118 -27.22 -59.75 26.52
N LEU U 119 -27.91 -58.89 25.77
CA LEU U 119 -28.94 -59.32 24.83
C LEU U 119 -28.59 -58.86 23.43
N GLY U 120 -28.78 -59.74 22.45
CA GLY U 120 -28.56 -59.40 21.05
C GLY U 120 -29.63 -60.00 20.16
N MET U 121 -30.20 -59.18 19.29
CA MET U 121 -31.34 -59.58 18.49
C MET U 121 -31.17 -59.15 17.04
N ILE U 122 -31.62 -60.00 16.11
CA ILE U 122 -31.62 -59.70 14.69
C ILE U 122 -32.95 -60.17 14.12
N GLU U 123 -33.74 -59.25 13.57
CA GLU U 123 -35.06 -59.56 13.03
C GLU U 123 -35.00 -59.50 11.50
N VAL U 124 -35.50 -60.55 10.86
CA VAL U 124 -35.49 -60.67 9.40
C VAL U 124 -36.86 -61.12 8.94
N ARG U 125 -37.37 -60.49 7.88
CA ARG U 125 -38.60 -60.93 7.23
C ARG U 125 -38.26 -62.06 6.26
N GLY U 126 -37.88 -63.19 6.83
CA GLY U 126 -37.45 -64.35 6.07
C GLY U 126 -36.71 -65.35 6.93
N PHE U 127 -37.21 -66.59 6.98
CA PHE U 127 -36.60 -67.60 7.84
C PHE U 127 -35.19 -67.94 7.40
N VAL U 128 -34.92 -67.90 6.09
CA VAL U 128 -33.59 -68.24 5.60
C VAL U 128 -32.57 -67.19 6.03
N GLY U 129 -32.93 -65.91 5.93
CA GLY U 129 -32.02 -64.85 6.34
C GLY U 129 -31.75 -64.84 7.83
N MET U 130 -32.70 -65.32 8.62
CA MET U 130 -32.51 -65.35 10.07
C MET U 130 -31.55 -66.47 10.47
N VAL U 131 -31.62 -67.62 9.80
CA VAL U 131 -30.74 -68.73 10.12
C VAL U 131 -29.29 -68.37 9.78
N GLU U 132 -29.08 -67.69 8.65
CA GLU U 132 -27.75 -67.23 8.30
C GLU U 132 -27.23 -66.22 9.31
N ALA U 133 -28.12 -65.38 9.84
CA ALA U 133 -27.70 -64.42 10.86
C ALA U 133 -27.30 -65.13 12.15
N ALA U 134 -28.05 -66.17 12.53
CA ALA U 134 -27.72 -66.90 13.74
C ALA U 134 -26.45 -67.72 13.59
N ASP U 135 -26.18 -68.22 12.38
CA ASP U 135 -24.96 -69.01 12.17
C ASP U 135 -23.72 -68.13 12.23
N ALA U 136 -23.79 -66.92 11.68
CA ALA U 136 -22.65 -66.01 11.71
C ALA U 136 -22.43 -65.38 13.07
N MET U 137 -23.47 -65.31 13.92
CA MET U 137 -23.31 -64.72 15.23
C MET U 137 -22.54 -65.64 16.16
N VAL U 138 -22.94 -66.92 16.23
CA VAL U 138 -22.28 -67.87 17.12
C VAL U 138 -20.86 -68.17 16.69
N LYS U 139 -20.51 -67.91 15.43
CA LYS U 139 -19.15 -68.10 14.95
C LYS U 139 -18.28 -66.86 15.11
N ALA U 140 -18.90 -65.69 15.29
CA ALA U 140 -18.12 -64.46 15.40
C ALA U 140 -17.44 -64.37 16.77
N ALA U 141 -18.20 -64.52 17.84
CA ALA U 141 -17.67 -64.43 19.19
C ALA U 141 -18.34 -65.50 20.06
N LYS U 142 -17.96 -65.53 21.34
CA LYS U 142 -18.49 -66.51 22.28
C LYS U 142 -19.86 -66.03 22.77
N VAL U 143 -20.89 -66.41 22.03
CA VAL U 143 -22.27 -66.07 22.37
C VAL U 143 -23.12 -67.33 22.27
N GLU U 144 -24.25 -67.32 22.97
CA GLU U 144 -25.14 -68.46 23.05
C GLU U 144 -26.47 -68.14 22.38
N LEU U 145 -26.87 -68.97 21.42
CA LEU U 145 -28.15 -68.83 20.75
C LEU U 145 -29.21 -69.54 21.58
N ILE U 146 -30.12 -68.76 22.18
CA ILE U 146 -31.14 -69.33 23.06
C ILE U 146 -32.37 -69.82 22.30
N GLY U 147 -32.58 -69.36 21.08
CA GLY U 147 -33.73 -69.78 20.30
C GLY U 147 -34.14 -68.67 19.34
N TYR U 148 -35.36 -68.79 18.84
CA TYR U 148 -35.90 -67.82 17.88
C TYR U 148 -37.37 -67.58 18.18
N GLU U 149 -37.83 -66.37 17.85
CA GLU U 149 -39.20 -65.95 18.11
C GLU U 149 -39.90 -65.66 16.79
N LYS U 150 -41.11 -66.18 16.62
CA LYS U 150 -41.91 -66.00 15.42
C LYS U 150 -43.08 -65.08 15.75
N THR U 151 -43.10 -63.91 15.13
CA THR U 151 -44.16 -62.93 15.35
C THR U 151 -45.20 -62.91 14.23
N GLY U 152 -45.01 -63.72 13.20
CA GLY U 152 -45.97 -63.79 12.10
C GLY U 152 -45.60 -62.87 10.94
N GLY U 153 -46.27 -63.10 9.82
CA GLY U 153 -46.03 -62.32 8.62
C GLY U 153 -44.64 -62.46 8.06
N GLY U 154 -43.98 -63.60 8.30
CA GLY U 154 -42.63 -63.81 7.88
C GLY U 154 -41.57 -63.20 8.78
N TYR U 155 -41.97 -62.47 9.82
CA TYR U 155 -41.02 -61.84 10.73
C TYR U 155 -40.55 -62.86 11.76
N VAL U 156 -39.23 -63.07 11.82
CA VAL U 156 -38.62 -63.95 12.80
C VAL U 156 -37.41 -63.23 13.39
N THR U 157 -37.11 -63.54 14.65
CA THR U 157 -36.06 -62.86 15.40
C THR U 157 -35.15 -63.87 16.07
N ALA U 158 -33.85 -63.74 15.85
CA ALA U 158 -32.86 -64.57 16.53
C ALA U 158 -32.36 -63.85 17.77
N VAL U 159 -32.26 -64.59 18.87
CA VAL U 159 -31.91 -64.03 20.18
C VAL U 159 -30.65 -64.73 20.67
N VAL U 160 -29.62 -63.93 21.00
CA VAL U 160 -28.37 -64.44 21.52
C VAL U 160 -28.06 -63.75 22.85
N ARG U 161 -27.36 -64.47 23.72
CA ARG U 161 -27.01 -63.96 25.05
C ARG U 161 -25.54 -64.21 25.33
N GLY U 162 -24.89 -63.22 25.92
CA GLY U 162 -23.49 -63.35 26.28
C GLY U 162 -23.03 -62.12 27.03
N ASP U 163 -21.72 -61.87 26.98
CA ASP U 163 -21.22 -60.62 27.54
C ASP U 163 -21.34 -59.50 26.51
N VAL U 164 -21.37 -58.26 27.01
CA VAL U 164 -21.68 -57.11 26.17
C VAL U 164 -20.67 -56.95 25.05
N ALA U 165 -19.41 -57.28 25.30
CA ALA U 165 -18.39 -57.11 24.27
C ALA U 165 -18.57 -58.10 23.13
N ALA U 166 -18.87 -59.36 23.45
CA ALA U 166 -18.98 -60.38 22.41
C ALA U 166 -20.28 -60.27 21.63
N VAL U 167 -21.38 -59.89 22.30
CA VAL U 167 -22.66 -59.80 21.60
C VAL U 167 -22.67 -58.61 20.64
N LYS U 168 -21.94 -57.55 20.97
CA LYS U 168 -21.83 -56.42 20.05
C LYS U 168 -21.07 -56.80 18.79
N ALA U 169 -20.03 -57.62 18.94
CA ALA U 169 -19.24 -58.07 17.80
C ALA U 169 -19.92 -59.16 17.00
N ALA U 170 -20.92 -59.83 17.58
CA ALA U 170 -21.66 -60.89 16.90
C ALA U 170 -22.81 -60.34 16.06
N THR U 171 -23.54 -59.35 16.58
CA THR U 171 -24.68 -58.81 15.84
C THR U 171 -24.23 -58.05 14.61
N GLU U 172 -23.13 -57.28 14.72
CA GLU U 172 -22.62 -56.56 13.56
C GLU U 172 -22.08 -57.51 12.50
N ALA U 173 -21.63 -58.71 12.91
CA ALA U 173 -21.21 -59.71 11.94
C ALA U 173 -22.38 -60.51 11.41
N GLY U 174 -23.42 -60.70 12.22
CA GLY U 174 -24.60 -61.40 11.74
C GLY U 174 -25.45 -60.54 10.83
N GLN U 175 -25.51 -59.23 11.11
CA GLN U 175 -26.26 -58.33 10.24
C GLN U 175 -25.60 -58.23 8.86
N ARG U 176 -24.27 -58.10 8.83
CA ARG U 176 -23.56 -57.99 7.57
C ARG U 176 -23.71 -59.25 6.73
N ALA U 177 -23.82 -60.41 7.38
CA ALA U 177 -23.98 -61.66 6.64
C ALA U 177 -25.44 -61.95 6.28
N ALA U 178 -26.39 -61.35 6.97
CA ALA U 178 -27.80 -61.58 6.69
C ALA U 178 -28.38 -60.63 5.66
N GLU U 179 -27.74 -59.46 5.44
CA GLU U 179 -28.25 -58.52 4.46
C GLU U 179 -28.13 -59.07 3.05
N ARG U 180 -27.15 -59.92 2.79
CA ARG U 180 -26.95 -60.53 1.48
C ARG U 180 -27.77 -61.79 1.28
N VAL U 181 -28.70 -62.09 2.20
CA VAL U 181 -29.52 -63.29 2.10
C VAL U 181 -30.99 -62.91 2.09
N GLY U 182 -31.44 -62.22 3.15
CA GLY U 182 -32.84 -61.85 3.27
C GLY U 182 -33.07 -60.38 3.51
N GLU U 183 -34.25 -60.05 4.04
CA GLU U 183 -34.64 -58.66 4.30
C GLU U 183 -34.47 -58.39 5.79
N VAL U 184 -33.38 -57.70 6.14
CA VAL U 184 -33.10 -57.37 7.53
C VAL U 184 -34.02 -56.23 7.97
N VAL U 185 -34.70 -56.43 9.09
CA VAL U 185 -35.68 -55.46 9.57
C VAL U 185 -35.08 -54.58 10.66
N ALA U 186 -34.56 -55.20 11.72
CA ALA U 186 -34.04 -54.45 12.85
C ALA U 186 -32.94 -55.24 13.54
N VAL U 187 -31.92 -54.52 14.02
CA VAL U 187 -30.82 -55.11 14.76
C VAL U 187 -30.50 -54.19 15.94
N HIS U 188 -30.48 -54.75 17.15
CA HIS U 188 -30.23 -53.96 18.34
C HIS U 188 -29.59 -54.83 19.41
N VAL U 189 -28.85 -54.18 20.31
CA VAL U 189 -28.16 -54.84 21.41
C VAL U 189 -28.45 -54.09 22.69
N ILE U 190 -28.87 -54.81 23.73
CA ILE U 190 -29.10 -54.24 25.05
C ILE U 190 -27.97 -54.71 25.96
N PRO U 191 -27.18 -53.80 26.54
CA PRO U 191 -26.01 -54.21 27.33
C PRO U 191 -26.38 -55.01 28.58
N ARG U 192 -27.21 -54.43 29.45
CA ARG U 192 -27.62 -55.08 30.69
C ARG U 192 -29.13 -54.92 30.83
N PRO U 193 -29.91 -55.84 30.27
CA PRO U 193 -31.38 -55.74 30.39
C PRO U 193 -31.83 -55.87 31.83
N HIS U 194 -32.93 -55.21 32.13
CA HIS U 194 -33.49 -55.21 33.48
C HIS U 194 -33.98 -56.61 33.84
N VAL U 195 -34.00 -56.89 35.16
CA VAL U 195 -34.41 -58.20 35.62
C VAL U 195 -35.89 -58.46 35.33
N ASN U 196 -36.70 -57.40 35.28
CA ASN U 196 -38.12 -57.57 34.98
C ASN U 196 -38.35 -58.00 33.53
N VAL U 197 -37.41 -57.70 32.63
CA VAL U 197 -37.57 -58.09 31.23
C VAL U 197 -37.34 -59.59 31.06
N ASP U 198 -36.29 -60.12 31.69
CA ASP U 198 -35.97 -61.54 31.60
C ASP U 198 -37.02 -62.43 32.25
N ALA U 199 -37.96 -61.86 33.00
CA ALA U 199 -38.99 -62.65 33.66
C ALA U 199 -40.23 -62.83 32.80
N ALA U 200 -40.64 -61.78 32.08
CA ALA U 200 -41.88 -61.80 31.30
C ALA U 200 -41.66 -62.09 29.83
N LEU U 201 -40.42 -61.98 29.34
CA LEU U 201 -40.15 -62.20 27.93
C LEU U 201 -39.27 -63.42 27.74
N PRO U 202 -39.60 -64.31 26.79
CA PRO U 202 -38.75 -65.49 26.55
C PRO U 202 -37.44 -65.13 25.87
N LEU U 203 -36.40 -64.84 26.66
CA LEU U 203 -35.10 -64.47 26.13
C LEU U 203 -33.99 -65.40 26.62
N GLY U 204 -34.34 -66.64 26.98
CA GLY U 204 -33.36 -67.63 27.37
C GLY U 204 -32.88 -67.54 28.80
N ARG U 205 -33.12 -66.43 29.49
CA ARG U 205 -32.66 -66.24 30.86
C ARG U 205 -33.85 -66.12 31.82
N THR U 206 -34.86 -66.97 31.64
CA THR U 206 -36.04 -66.98 32.48
C THR U 206 -35.77 -67.81 33.73
N PRO U 207 -35.72 -67.19 34.93
CA PRO U 207 -35.47 -67.91 36.18
C PRO U 207 -36.61 -68.85 36.56
N ALA V 2 -111.81 -69.00 -21.25
CA ALA V 2 -112.37 -67.78 -20.68
C ALA V 2 -112.49 -66.69 -21.74
N ASP V 3 -113.27 -65.66 -21.43
CA ASP V 3 -113.46 -64.56 -22.37
C ASP V 3 -112.20 -63.71 -22.48
N ALA V 4 -112.15 -62.89 -23.52
CA ALA V 4 -111.04 -62.00 -23.77
C ALA V 4 -111.21 -60.70 -22.98
N LEU V 5 -110.12 -59.95 -22.86
CA LEU V 5 -110.08 -58.74 -22.03
C LEU V 5 -109.63 -57.56 -22.87
N GLY V 6 -110.35 -56.44 -22.75
CA GLY V 6 -109.98 -55.20 -23.40
C GLY V 6 -110.15 -54.02 -22.48
N MET V 7 -109.11 -53.20 -22.32
CA MET V 7 -109.12 -52.10 -21.37
C MET V 7 -108.60 -50.83 -22.03
N ILE V 8 -109.16 -49.70 -21.60
CA ILE V 8 -108.74 -48.38 -22.04
C ILE V 8 -108.73 -47.47 -20.82
N GLU V 9 -107.58 -46.88 -20.52
CA GLU V 9 -107.42 -45.99 -19.38
C GLU V 9 -107.26 -44.55 -19.86
N VAL V 10 -108.01 -43.64 -19.25
CA VAL V 10 -108.03 -42.23 -19.63
C VAL V 10 -108.06 -41.38 -18.37
N ARG V 11 -107.19 -40.37 -18.31
CA ARG V 11 -107.19 -39.42 -17.19
C ARG V 11 -108.29 -38.40 -17.44
N GLY V 12 -109.53 -38.86 -17.32
CA GLY V 12 -110.69 -38.03 -17.56
C GLY V 12 -111.95 -38.85 -17.71
N PHE V 13 -112.98 -38.54 -16.92
CA PHE V 13 -114.21 -39.32 -16.96
C PHE V 13 -114.95 -39.14 -18.28
N VAL V 14 -114.79 -37.99 -18.93
CA VAL V 14 -115.45 -37.78 -20.21
C VAL V 14 -114.80 -38.62 -21.30
N GLY V 15 -113.46 -38.69 -21.31
CA GLY V 15 -112.78 -39.47 -22.31
C GLY V 15 -113.00 -40.96 -22.17
N MET V 16 -113.27 -41.44 -20.95
CA MET V 16 -113.49 -42.86 -20.74
C MET V 16 -114.90 -43.27 -21.17
N VAL V 17 -115.89 -42.41 -20.95
CA VAL V 17 -117.26 -42.73 -21.35
C VAL V 17 -117.36 -42.85 -22.86
N GLU V 18 -116.71 -41.94 -23.59
CA GLU V 18 -116.71 -42.02 -25.05
C GLU V 18 -115.98 -43.27 -25.53
N ALA V 19 -114.89 -43.63 -24.86
CA ALA V 19 -114.18 -44.86 -25.22
C ALA V 19 -115.05 -46.09 -24.96
N ALA V 20 -115.78 -46.09 -23.85
CA ALA V 20 -116.69 -47.20 -23.57
C ALA V 20 -117.86 -47.24 -24.53
N ASP V 21 -118.29 -46.07 -25.02
CA ASP V 21 -119.41 -46.03 -25.96
C ASP V 21 -119.00 -46.55 -27.32
N ALA V 22 -117.78 -46.21 -27.77
CA ALA V 22 -117.31 -46.67 -29.07
C ALA V 22 -116.97 -48.15 -29.07
N MET V 23 -116.66 -48.74 -27.92
CA MET V 23 -116.32 -50.15 -27.86
C MET V 23 -117.56 -51.02 -27.99
N VAL V 24 -118.62 -50.71 -27.23
CA VAL V 24 -119.84 -51.50 -27.29
C VAL V 24 -120.56 -51.31 -28.62
N LYS V 25 -120.28 -50.24 -29.35
CA LYS V 25 -120.88 -50.02 -30.66
C LYS V 25 -120.07 -50.62 -31.80
N ALA V 26 -118.80 -50.94 -31.58
CA ALA V 26 -117.97 -51.48 -32.64
C ALA V 26 -118.26 -52.96 -32.89
N ALA V 27 -118.38 -53.75 -31.83
CA ALA V 27 -118.61 -55.18 -31.96
C ALA V 27 -119.48 -55.63 -30.78
N LYS V 28 -119.64 -56.95 -30.67
CA LYS V 28 -120.49 -57.54 -29.62
C LYS V 28 -119.63 -57.78 -28.39
N VAL V 29 -119.49 -56.76 -27.56
CA VAL V 29 -118.74 -56.84 -26.32
C VAL V 29 -119.64 -56.44 -25.16
N GLU V 30 -119.24 -56.82 -23.96
CA GLU V 30 -119.98 -56.53 -22.74
C GLU V 30 -119.17 -55.60 -21.86
N LEU V 31 -119.72 -54.42 -21.57
CA LEU V 31 -119.07 -53.46 -20.69
C LEU V 31 -119.37 -53.83 -19.24
N ILE V 32 -118.38 -54.39 -18.55
CA ILE V 32 -118.57 -54.89 -17.19
C ILE V 32 -118.54 -53.79 -16.15
N GLY V 33 -118.09 -52.60 -16.49
CA GLY V 33 -118.02 -51.50 -15.56
C GLY V 33 -116.75 -50.71 -15.77
N TYR V 34 -116.38 -49.94 -14.74
CA TYR V 34 -115.20 -49.09 -14.80
C TYR V 34 -114.43 -49.18 -13.49
N GLU V 35 -113.14 -48.88 -13.57
CA GLU V 35 -112.25 -48.93 -12.42
C GLU V 35 -111.62 -47.56 -12.21
N LYS V 36 -111.69 -47.07 -10.97
CA LYS V 36 -111.16 -45.76 -10.60
C LYS V 36 -109.93 -45.97 -9.73
N THR V 37 -108.76 -45.58 -10.25
CA THR V 37 -107.50 -45.72 -9.52
C THR V 37 -107.10 -44.42 -8.82
N GLY V 38 -107.91 -43.38 -8.89
CA GLY V 38 -107.61 -42.12 -8.25
C GLY V 38 -106.79 -41.19 -9.12
N GLY V 39 -106.72 -39.93 -8.68
CA GLY V 39 -105.98 -38.93 -9.43
C GLY V 39 -106.55 -38.60 -10.78
N GLY V 40 -107.85 -38.78 -10.96
CA GLY V 40 -108.49 -38.56 -12.25
C GLY V 40 -108.36 -39.71 -13.22
N TYR V 41 -107.65 -40.77 -12.87
CA TYR V 41 -107.48 -41.91 -13.77
C TYR V 41 -108.67 -42.86 -13.65
N VAL V 42 -109.23 -43.24 -14.79
CA VAL V 42 -110.32 -44.21 -14.85
C VAL V 42 -110.04 -45.16 -16.00
N THR V 43 -110.63 -46.36 -15.91
CA THR V 43 -110.39 -47.42 -16.88
C THR V 43 -111.70 -48.08 -17.24
N ALA V 44 -111.95 -48.26 -18.53
CA ALA V 44 -113.11 -48.97 -19.03
C ALA V 44 -112.72 -50.39 -19.39
N VAL V 45 -113.51 -51.37 -18.94
CA VAL V 45 -113.21 -52.78 -19.11
C VAL V 45 -114.35 -53.43 -19.89
N VAL V 46 -114.01 -54.14 -20.96
CA VAL V 46 -114.98 -54.85 -21.78
C VAL V 46 -114.55 -56.31 -21.91
N ARG V 47 -115.53 -57.19 -22.06
CA ARG V 47 -115.29 -58.61 -22.20
C ARG V 47 -115.96 -59.14 -23.46
N GLY V 48 -115.53 -60.32 -23.89
CA GLY V 48 -116.06 -60.95 -25.08
C GLY V 48 -115.02 -61.88 -25.67
N ASP V 49 -115.22 -62.18 -26.96
CA ASP V 49 -114.25 -63.02 -27.67
C ASP V 49 -113.11 -62.15 -28.22
N VAL V 50 -112.11 -62.82 -28.78
CA VAL V 50 -110.90 -62.12 -29.22
C VAL V 50 -111.20 -61.20 -30.39
N ALA V 51 -112.09 -61.62 -31.29
CA ALA V 51 -112.37 -60.82 -32.48
C ALA V 51 -113.10 -59.53 -32.13
N ALA V 52 -114.02 -59.59 -31.18
CA ALA V 52 -114.83 -58.41 -30.86
C ALA V 52 -114.04 -57.40 -30.03
N VAL V 53 -113.40 -57.84 -28.96
CA VAL V 53 -112.71 -56.92 -28.07
C VAL V 53 -111.46 -56.33 -28.73
N LYS V 54 -110.89 -57.02 -29.72
CA LYS V 54 -109.76 -56.44 -30.44
C LYS V 54 -110.22 -55.36 -31.41
N ALA V 55 -111.34 -55.58 -32.08
CA ALA V 55 -111.89 -54.57 -32.98
C ALA V 55 -112.59 -53.45 -32.21
N ALA V 56 -113.11 -53.75 -31.02
CA ALA V 56 -113.73 -52.70 -30.22
C ALA V 56 -112.67 -51.80 -29.58
N THR V 57 -111.54 -52.37 -29.18
CA THR V 57 -110.50 -51.58 -28.53
C THR V 57 -109.85 -50.61 -29.52
N GLU V 58 -109.61 -51.06 -30.75
CA GLU V 58 -109.02 -50.18 -31.76
C GLU V 58 -109.97 -49.06 -32.17
N ALA V 59 -111.28 -49.27 -32.04
CA ALA V 59 -112.27 -48.23 -32.32
C ALA V 59 -112.49 -47.31 -31.14
N GLY V 60 -112.40 -47.82 -29.92
CA GLY V 60 -112.55 -46.97 -28.75
C GLY V 60 -111.36 -46.06 -28.53
N GLN V 61 -110.16 -46.56 -28.85
CA GLN V 61 -108.97 -45.73 -28.72
C GLN V 61 -108.99 -44.57 -29.71
N ARG V 62 -109.36 -44.85 -30.96
CA ARG V 62 -109.39 -43.81 -31.98
C ARG V 62 -110.47 -42.78 -31.71
N ALA V 63 -111.52 -43.16 -30.98
CA ALA V 63 -112.60 -42.24 -30.65
C ALA V 63 -112.37 -41.52 -29.33
N ALA V 64 -111.45 -41.99 -28.50
CA ALA V 64 -111.16 -41.35 -27.22
C ALA V 64 -110.01 -40.36 -27.29
N GLU V 65 -109.18 -40.44 -28.33
CA GLU V 65 -108.06 -39.50 -28.47
C GLU V 65 -108.52 -38.10 -28.84
N ARG V 66 -109.78 -37.96 -29.31
CA ARG V 66 -110.31 -36.68 -29.75
C ARG V 66 -111.11 -35.97 -28.67
N VAL V 67 -111.09 -36.47 -27.44
CA VAL V 67 -111.87 -35.87 -26.36
C VAL V 67 -111.04 -35.71 -25.10
N GLY V 68 -110.14 -36.66 -24.85
CA GLY V 68 -109.37 -36.63 -23.62
C GLY V 68 -107.95 -37.16 -23.74
N GLU V 69 -107.28 -37.32 -22.60
CA GLU V 69 -105.91 -37.80 -22.54
C GLU V 69 -105.92 -39.30 -22.27
N VAL V 70 -105.55 -40.08 -23.28
CA VAL V 70 -105.52 -41.54 -23.14
C VAL V 70 -104.22 -41.96 -22.49
N VAL V 71 -104.31 -42.85 -21.50
CA VAL V 71 -103.15 -43.31 -20.74
C VAL V 71 -102.62 -44.63 -21.27
N ALA V 72 -103.48 -45.64 -21.39
CA ALA V 72 -103.04 -46.96 -21.83
C ALA V 72 -104.18 -47.65 -22.56
N VAL V 73 -103.81 -48.47 -23.55
CA VAL V 73 -104.76 -49.25 -24.34
C VAL V 73 -104.12 -50.61 -24.61
N HIS V 74 -104.77 -51.67 -24.17
CA HIS V 74 -104.21 -53.01 -24.31
C HIS V 74 -105.33 -54.04 -24.37
N VAL V 75 -105.05 -55.15 -25.06
CA VAL V 75 -105.99 -56.26 -25.21
C VAL V 75 -105.31 -57.53 -24.74
N ILE V 76 -105.98 -58.28 -23.87
CA ILE V 76 -105.47 -59.56 -23.38
C ILE V 76 -106.34 -60.66 -23.99
N PRO V 77 -105.79 -61.51 -24.86
CA PRO V 77 -106.65 -62.49 -25.55
C PRO V 77 -107.26 -63.53 -24.63
N ARG V 78 -106.45 -64.17 -23.79
CA ARG V 78 -106.93 -65.20 -22.87
C ARG V 78 -106.33 -64.94 -21.50
N PRO V 79 -107.01 -64.19 -20.64
CA PRO V 79 -106.50 -63.97 -19.28
C PRO V 79 -106.43 -65.28 -18.51
N HIS V 80 -105.40 -65.39 -17.66
CA HIS V 80 -105.21 -66.58 -16.86
C HIS V 80 -106.33 -66.71 -15.83
N VAL V 81 -106.53 -67.94 -15.35
CA VAL V 81 -107.60 -68.21 -14.40
C VAL V 81 -107.36 -67.54 -13.06
N ASN V 82 -106.12 -67.15 -12.75
CA ASN V 82 -105.83 -66.48 -11.50
C ASN V 82 -106.11 -64.98 -11.58
N VAL V 83 -106.02 -64.39 -12.77
CA VAL V 83 -106.25 -62.96 -12.92
C VAL V 83 -107.71 -62.63 -12.66
N ASP V 84 -108.63 -63.39 -13.26
CA ASP V 84 -110.06 -63.11 -13.08
C ASP V 84 -110.50 -63.39 -11.64
N ALA V 85 -109.91 -64.38 -10.98
CA ALA V 85 -110.30 -64.69 -9.62
C ALA V 85 -109.84 -63.62 -8.63
N ALA V 86 -108.73 -62.95 -8.92
CA ALA V 86 -108.15 -61.99 -8.00
C ALA V 86 -108.67 -60.56 -8.22
N LEU V 87 -108.89 -60.17 -9.48
CA LEU V 87 -109.24 -58.79 -9.79
C LEU V 87 -110.68 -58.69 -10.28
N PRO V 88 -111.35 -57.55 -10.05
CA PRO V 88 -112.76 -57.40 -10.46
C PRO V 88 -112.92 -56.99 -11.92
N LEU V 89 -112.73 -57.96 -12.81
CA LEU V 89 -112.94 -57.77 -14.24
C LEU V 89 -114.22 -58.43 -14.71
N GLY V 90 -115.23 -58.49 -13.84
CA GLY V 90 -116.53 -59.02 -14.21
C GLY V 90 -116.62 -60.53 -14.15
N ARG V 91 -115.58 -61.22 -14.62
CA ARG V 91 -115.59 -62.66 -14.73
C ARG V 91 -115.11 -63.37 -13.47
N THR V 92 -115.22 -62.73 -12.31
CA THR V 92 -114.97 -63.42 -11.05
C THR V 92 -115.99 -64.56 -10.90
N PRO V 93 -115.59 -65.67 -10.28
CA PRO V 93 -116.55 -66.77 -10.12
C PRO V 93 -117.73 -66.38 -9.25
N GLY V 94 -117.51 -65.63 -8.18
CA GLY V 94 -118.59 -65.11 -7.36
C GLY V 94 -119.48 -66.16 -6.73
N ALA V 116 -133.10 -44.24 -25.46
CA ALA V 116 -132.23 -43.50 -24.56
C ALA V 116 -132.04 -42.06 -25.06
N ASP V 117 -131.85 -41.14 -24.12
CA ASP V 117 -131.65 -39.74 -24.44
C ASP V 117 -130.17 -39.45 -24.68
N ALA V 118 -129.89 -38.25 -25.15
CA ALA V 118 -128.52 -37.85 -25.46
C ALA V 118 -127.74 -37.61 -24.17
N LEU V 119 -126.42 -37.55 -24.30
CA LEU V 119 -125.50 -37.41 -23.18
C LEU V 119 -124.63 -36.19 -23.36
N GLY V 120 -124.57 -35.36 -22.32
CA GLY V 120 -123.71 -34.19 -22.32
C GLY V 120 -122.86 -34.12 -21.06
N MET V 121 -121.55 -33.93 -21.22
CA MET V 121 -120.63 -33.99 -20.09
C MET V 121 -119.61 -32.87 -20.17
N ILE V 122 -119.24 -32.32 -19.01
CA ILE V 122 -118.21 -31.29 -18.90
C ILE V 122 -117.34 -31.63 -17.72
N GLU V 123 -116.03 -31.75 -17.95
CA GLU V 123 -115.07 -32.11 -16.91
C GLU V 123 -114.18 -30.90 -16.60
N VAL V 124 -114.06 -30.58 -15.31
CA VAL V 124 -113.28 -29.43 -14.86
C VAL V 124 -112.46 -29.85 -13.66
N ARG V 125 -111.17 -29.53 -13.67
CA ARG V 125 -110.31 -29.74 -12.50
C ARG V 125 -110.57 -28.61 -11.50
N GLY V 126 -111.72 -28.72 -10.84
CA GLY V 126 -112.17 -27.70 -9.91
C GLY V 126 -113.67 -27.73 -9.71
N PHE V 127 -114.10 -27.85 -8.44
CA PHE V 127 -115.52 -27.95 -8.16
C PHE V 127 -116.27 -26.67 -8.51
N VAL V 128 -115.60 -25.51 -8.40
CA VAL V 128 -116.26 -24.25 -8.68
C VAL V 128 -116.55 -24.12 -10.17
N GLY V 129 -115.56 -24.44 -11.02
CA GLY V 129 -115.77 -24.39 -12.46
C GLY V 129 -116.80 -25.37 -12.96
N MET V 130 -117.04 -26.47 -12.23
CA MET V 130 -118.04 -27.45 -12.64
C MET V 130 -119.46 -26.99 -12.28
N VAL V 131 -119.62 -26.28 -11.17
CA VAL V 131 -120.94 -25.79 -10.79
C VAL V 131 -121.41 -24.71 -11.75
N GLU V 132 -120.51 -23.79 -12.13
CA GLU V 132 -120.87 -22.76 -13.10
C GLU V 132 -121.19 -23.38 -14.45
N ALA V 133 -120.47 -24.44 -14.82
CA ALA V 133 -120.78 -25.14 -16.07
C ALA V 133 -122.14 -25.81 -16.01
N ALA V 134 -122.46 -26.45 -14.87
CA ALA V 134 -123.76 -27.09 -14.72
C ALA V 134 -124.88 -26.07 -14.66
N ASP V 135 -124.63 -24.90 -14.05
CA ASP V 135 -125.67 -23.87 -13.98
C ASP V 135 -125.97 -23.29 -15.36
N ALA V 136 -124.95 -23.14 -16.20
CA ALA V 136 -125.15 -22.59 -17.53
C ALA V 136 -125.82 -23.59 -18.47
N MET V 137 -125.64 -24.88 -18.21
CA MET V 137 -126.23 -25.89 -19.08
C MET V 137 -127.74 -25.99 -18.88
N VAL V 138 -128.19 -26.06 -17.63
CA VAL V 138 -129.62 -26.20 -17.36
C VAL V 138 -130.38 -24.92 -17.68
N LYS V 139 -129.72 -23.77 -17.71
CA LYS V 139 -130.35 -22.52 -18.09
C LYS V 139 -130.38 -22.31 -19.59
N ALA V 140 -129.45 -22.91 -20.33
CA ALA V 140 -129.36 -22.64 -21.77
C ALA V 140 -130.44 -23.40 -22.53
N ALA V 141 -130.56 -24.70 -22.30
CA ALA V 141 -131.49 -25.51 -23.08
C ALA V 141 -132.38 -26.37 -22.19
N LYS V 142 -133.13 -27.29 -22.82
CA LYS V 142 -134.05 -28.17 -22.10
C LYS V 142 -133.34 -29.47 -21.78
N VAL V 143 -132.53 -29.43 -20.71
CA VAL V 143 -131.74 -30.57 -20.27
C VAL V 143 -131.98 -30.79 -18.79
N GLU V 144 -131.53 -31.94 -18.30
CA GLU V 144 -131.65 -32.33 -16.90
C GLU V 144 -130.28 -32.67 -16.35
N LEU V 145 -129.91 -32.02 -15.24
CA LEU V 145 -128.65 -32.31 -14.56
C LEU V 145 -128.87 -33.50 -13.64
N ILE V 146 -128.30 -34.65 -14.02
CA ILE V 146 -128.51 -35.88 -13.24
C ILE V 146 -127.59 -35.97 -12.03
N GLY V 147 -126.48 -35.25 -12.03
CA GLY V 147 -125.54 -35.31 -10.94
C GLY V 147 -124.13 -35.08 -11.46
N TYR V 148 -123.15 -35.31 -10.58
CA TYR V 148 -121.76 -35.09 -10.89
C TYR V 148 -120.93 -36.29 -10.45
N GLU V 149 -119.90 -36.62 -11.23
CA GLU V 149 -119.03 -37.74 -10.97
C GLU V 149 -117.65 -37.23 -10.56
N LYS V 150 -117.12 -37.78 -9.47
CA LYS V 150 -115.83 -37.39 -8.93
C LYS V 150 -114.83 -38.52 -9.19
N THR V 151 -113.77 -38.20 -9.93
CA THR V 151 -112.75 -39.18 -10.28
C THR V 151 -111.45 -38.99 -9.51
N GLY V 152 -111.43 -38.09 -8.54
CA GLY V 152 -110.25 -37.88 -7.71
C GLY V 152 -109.28 -36.90 -8.34
N GLY V 153 -108.35 -36.43 -7.51
CA GLY V 153 -107.35 -35.47 -7.95
C GLY V 153 -107.90 -34.13 -8.36
N GLY V 154 -109.05 -33.73 -7.83
CA GLY V 154 -109.70 -32.49 -8.19
C GLY V 154 -110.54 -32.56 -9.44
N TYR V 155 -110.55 -33.68 -10.15
CA TYR V 155 -111.34 -33.80 -11.37
C TYR V 155 -112.79 -34.13 -11.04
N VAL V 156 -113.71 -33.32 -11.54
CA VAL V 156 -115.13 -33.56 -11.40
C VAL V 156 -115.79 -33.39 -12.76
N THR V 157 -116.90 -34.11 -12.96
CA THR V 157 -117.58 -34.15 -14.25
C THR V 157 -119.07 -33.93 -14.05
N ALA V 158 -119.61 -32.91 -14.69
CA ALA V 158 -121.04 -32.65 -14.69
C ALA V 158 -121.69 -33.39 -15.84
N VAL V 159 -122.79 -34.11 -15.56
CA VAL V 159 -123.46 -34.95 -16.53
C VAL V 159 -124.90 -34.46 -16.70
N VAL V 160 -125.29 -34.20 -17.94
CA VAL V 160 -126.65 -33.78 -18.26
C VAL V 160 -127.21 -34.69 -19.34
N ARG V 161 -128.54 -34.82 -19.36
CA ARG V 161 -129.24 -35.65 -20.32
C ARG V 161 -130.36 -34.85 -20.96
N GLY V 162 -130.76 -35.29 -22.15
CA GLY V 162 -131.83 -34.62 -22.87
C GLY V 162 -131.78 -34.99 -24.35
N ASP V 163 -132.33 -34.10 -25.17
CA ASP V 163 -132.30 -34.30 -26.61
C ASP V 163 -130.92 -33.97 -27.17
N VAL V 164 -130.67 -34.46 -28.39
CA VAL V 164 -129.35 -34.31 -28.98
C VAL V 164 -129.03 -32.84 -29.25
N ALA V 165 -130.01 -32.07 -29.73
CA ALA V 165 -129.78 -30.67 -30.02
C ALA V 165 -129.78 -29.81 -28.75
N ALA V 166 -130.46 -30.27 -27.70
CA ALA V 166 -130.48 -29.51 -26.46
C ALA V 166 -129.14 -29.58 -25.74
N VAL V 167 -128.57 -30.79 -25.62
CA VAL V 167 -127.29 -30.94 -24.95
C VAL V 167 -126.15 -30.39 -25.79
N LYS V 168 -126.32 -30.30 -27.11
CA LYS V 168 -125.29 -29.71 -27.96
C LYS V 168 -125.19 -28.20 -27.72
N ALA V 169 -126.32 -27.54 -27.47
CA ALA V 169 -126.30 -26.12 -27.14
C ALA V 169 -126.04 -25.86 -25.66
N ALA V 170 -126.28 -26.85 -24.80
CA ALA V 170 -126.03 -26.67 -23.37
C ALA V 170 -124.54 -26.81 -23.06
N THR V 171 -123.89 -27.84 -23.61
CA THR V 171 -122.46 -28.03 -23.36
C THR V 171 -121.64 -26.89 -23.92
N GLU V 172 -122.10 -26.26 -25.01
CA GLU V 172 -121.39 -25.10 -25.55
C GLU V 172 -121.49 -23.91 -24.61
N ALA V 173 -122.67 -23.67 -24.04
CA ALA V 173 -122.83 -22.57 -23.09
C ALA V 173 -122.17 -22.88 -21.76
N GLY V 174 -122.12 -24.15 -21.37
CA GLY V 174 -121.47 -24.50 -20.11
C GLY V 174 -119.95 -24.37 -20.18
N GLN V 175 -119.36 -24.83 -21.29
CA GLN V 175 -117.91 -24.70 -21.45
C GLN V 175 -117.50 -23.23 -21.57
N ARG V 176 -118.29 -22.43 -22.29
CA ARG V 176 -117.96 -21.02 -22.47
C ARG V 176 -118.05 -20.26 -21.15
N ALA V 177 -118.95 -20.65 -20.26
CA ALA V 177 -119.08 -20.01 -18.96
C ALA V 177 -118.13 -20.57 -17.92
N ALA V 178 -117.57 -21.76 -18.15
CA ALA V 178 -116.65 -22.38 -17.19
C ALA V 178 -115.19 -22.09 -17.51
N GLU V 179 -114.86 -21.74 -18.76
CA GLU V 179 -113.48 -21.42 -19.10
C GLU V 179 -113.01 -20.15 -18.40
N ARG V 180 -113.94 -19.25 -18.06
CA ARG V 180 -113.62 -18.03 -17.34
C ARG V 180 -113.67 -18.20 -15.83
N VAL V 181 -113.73 -19.45 -15.34
CA VAL V 181 -113.79 -19.71 -13.91
C VAL V 181 -112.71 -20.71 -13.53
N GLY V 182 -112.69 -21.87 -14.19
CA GLY V 182 -111.74 -22.91 -13.86
C GLY V 182 -111.07 -23.54 -15.06
N GLU V 183 -110.37 -24.66 -14.82
CA GLU V 183 -109.64 -25.36 -15.88
C GLU V 183 -110.55 -26.42 -16.48
N VAL V 184 -111.02 -26.17 -17.70
CA VAL V 184 -111.89 -27.12 -18.40
C VAL V 184 -111.02 -28.20 -19.01
N VAL V 185 -111.38 -29.47 -18.74
CA VAL V 185 -110.57 -30.60 -19.17
C VAL V 185 -111.11 -31.16 -20.49
N ALA V 186 -112.39 -31.53 -20.50
CA ALA V 186 -112.98 -32.17 -21.67
C ALA V 186 -114.47 -31.86 -21.74
N VAL V 187 -114.98 -31.70 -22.96
CA VAL V 187 -116.39 -31.47 -23.22
C VAL V 187 -116.78 -32.29 -24.45
N HIS V 188 -117.78 -33.16 -24.32
CA HIS V 188 -118.21 -33.99 -25.43
C HIS V 188 -119.69 -34.30 -25.29
N VAL V 189 -120.30 -34.66 -26.41
CA VAL V 189 -121.72 -34.99 -26.49
C VAL V 189 -121.88 -36.31 -27.22
N ILE V 190 -122.60 -37.24 -26.60
CA ILE V 190 -122.92 -38.53 -27.21
C ILE V 190 -124.40 -38.49 -27.61
N PRO V 191 -124.71 -38.47 -28.91
CA PRO V 191 -126.13 -38.34 -29.31
C PRO V 191 -127.01 -39.51 -28.88
N ARG V 192 -126.57 -40.73 -29.15
CA ARG V 192 -127.33 -41.93 -28.77
C ARG V 192 -126.39 -42.90 -28.08
N PRO V 193 -126.27 -42.83 -26.76
CA PRO V 193 -125.44 -43.78 -26.03
C PRO V 193 -126.06 -45.18 -26.06
N HIS V 194 -125.21 -46.19 -26.19
CA HIS V 194 -125.67 -47.56 -26.25
C HIS V 194 -126.32 -47.96 -24.92
N VAL V 195 -127.17 -48.99 -24.99
CA VAL V 195 -127.86 -49.46 -23.79
C VAL V 195 -126.87 -50.03 -22.79
N ASN V 196 -125.74 -50.56 -23.26
CA ASN V 196 -124.75 -51.12 -22.36
C ASN V 196 -124.05 -50.03 -21.55
N VAL V 197 -123.90 -48.83 -22.12
CA VAL V 197 -123.22 -47.76 -21.41
C VAL V 197 -124.08 -47.24 -20.27
N ASP V 198 -125.38 -47.04 -20.51
CA ASP V 198 -126.28 -46.57 -19.46
C ASP V 198 -126.48 -47.60 -18.35
N ALA V 199 -126.19 -48.88 -18.62
CA ALA V 199 -126.40 -49.91 -17.62
C ALA V 199 -125.19 -50.09 -16.71
N ALA V 200 -123.99 -49.77 -17.19
CA ALA V 200 -122.76 -49.96 -16.41
C ALA V 200 -122.22 -48.67 -15.81
N LEU V 201 -122.57 -47.51 -16.36
CA LEU V 201 -122.05 -46.25 -15.85
C LEU V 201 -123.16 -45.43 -15.20
N PRO V 202 -122.86 -44.75 -14.08
CA PRO V 202 -123.88 -43.91 -13.44
C PRO V 202 -124.12 -42.62 -14.21
N LEU V 203 -124.87 -42.70 -15.31
CA LEU V 203 -125.15 -41.54 -16.16
C LEU V 203 -126.60 -41.09 -16.05
N GLY V 204 -127.32 -41.53 -15.02
CA GLY V 204 -128.68 -41.09 -14.79
C GLY V 204 -129.77 -41.92 -15.44
N ARG V 205 -129.40 -42.92 -16.24
CA ARG V 205 -130.37 -43.77 -16.93
C ARG V 205 -130.10 -45.24 -16.65
N THR V 206 -129.69 -45.55 -15.42
CA THR V 206 -129.40 -46.93 -15.05
C THR V 206 -130.69 -47.61 -14.60
N PRO V 207 -131.11 -48.70 -15.26
CA PRO V 207 -132.35 -49.42 -14.90
C PRO V 207 -132.23 -50.15 -13.56
N ALA W 2 -135.09 -18.61 -4.73
CA ALA W 2 -133.74 -19.18 -4.63
C ALA W 2 -132.78 -18.20 -3.97
N ASP W 3 -131.72 -18.74 -3.37
CA ASP W 3 -130.71 -17.94 -2.72
C ASP W 3 -129.45 -17.86 -3.57
N ALA W 4 -128.60 -16.88 -3.25
CA ALA W 4 -127.35 -16.72 -3.97
C ALA W 4 -126.36 -17.80 -3.57
N LEU W 5 -125.33 -17.97 -4.40
CA LEU W 5 -124.34 -19.03 -4.21
C LEU W 5 -122.95 -18.42 -4.24
N GLY W 6 -122.13 -18.79 -3.26
CA GLY W 6 -120.74 -18.35 -3.21
C GLY W 6 -119.80 -19.51 -2.97
N MET W 7 -118.74 -19.61 -3.77
CA MET W 7 -117.82 -20.72 -3.69
C MET W 7 -116.38 -20.24 -3.79
N ILE W 8 -115.52 -20.78 -2.94
CA ILE W 8 -114.09 -20.51 -2.95
C ILE W 8 -113.36 -21.84 -2.87
N GLU W 9 -112.54 -22.14 -3.86
CA GLU W 9 -111.80 -23.39 -3.93
C GLU W 9 -110.33 -23.14 -3.65
N VAL W 10 -109.74 -23.95 -2.78
CA VAL W 10 -108.36 -23.82 -2.36
C VAL W 10 -107.73 -25.20 -2.32
N ARG W 11 -106.54 -25.34 -2.92
CA ARG W 11 -105.76 -26.58 -2.81
C ARG W 11 -105.08 -26.56 -1.46
N GLY W 12 -105.86 -26.84 -0.42
CA GLY W 12 -105.38 -26.79 0.94
C GLY W 12 -106.50 -26.59 1.93
N PHE W 13 -106.58 -27.48 2.94
CA PHE W 13 -107.67 -27.41 3.89
C PHE W 13 -107.56 -26.19 4.81
N VAL W 14 -106.34 -25.72 5.07
CA VAL W 14 -106.17 -24.57 5.95
C VAL W 14 -106.63 -23.29 5.26
N GLY W 15 -106.26 -23.11 3.99
CA GLY W 15 -106.69 -21.93 3.27
C GLY W 15 -108.18 -21.85 3.06
N MET W 16 -108.86 -23.00 3.02
CA MET W 16 -110.30 -23.01 2.84
C MET W 16 -111.02 -22.67 4.14
N VAL W 17 -110.47 -23.05 5.29
CA VAL W 17 -111.11 -22.75 6.57
C VAL W 17 -111.05 -21.26 6.86
N GLU W 18 -109.90 -20.62 6.61
CA GLU W 18 -109.79 -19.18 6.80
C GLU W 18 -110.71 -18.43 5.83
N ALA W 19 -110.87 -18.96 4.61
CA ALA W 19 -111.80 -18.34 3.67
C ALA W 19 -113.23 -18.45 4.16
N ALA W 20 -113.58 -19.58 4.78
CA ALA W 20 -114.95 -19.74 5.28
C ALA W 20 -115.21 -18.85 6.48
N ASP W 21 -114.22 -18.69 7.36
CA ASP W 21 -114.40 -17.83 8.53
C ASP W 21 -114.50 -16.37 8.14
N ALA W 22 -113.78 -15.94 7.10
CA ALA W 22 -113.83 -14.55 6.69
C ALA W 22 -115.15 -14.21 6.00
N MET W 23 -115.81 -15.20 5.40
CA MET W 23 -117.06 -14.95 4.69
C MET W 23 -118.22 -14.77 5.66
N VAL W 24 -118.35 -15.67 6.63
CA VAL W 24 -119.46 -15.59 7.58
C VAL W 24 -119.34 -14.41 8.51
N LYS W 25 -118.14 -13.81 8.61
CA LYS W 25 -117.96 -12.63 9.45
C LYS W 25 -118.13 -11.32 8.67
N ALA W 26 -117.88 -11.34 7.36
CA ALA W 26 -117.95 -10.12 6.56
C ALA W 26 -119.39 -9.69 6.33
N ALA W 27 -120.27 -10.62 5.97
CA ALA W 27 -121.66 -10.31 5.66
C ALA W 27 -122.56 -11.38 6.25
N LYS W 28 -123.86 -11.28 5.97
CA LYS W 28 -124.86 -12.20 6.49
C LYS W 28 -125.05 -13.33 5.49
N VAL W 29 -124.18 -14.34 5.59
CA VAL W 29 -124.27 -15.53 4.76
C VAL W 29 -124.13 -16.76 5.65
N GLU W 30 -124.65 -17.89 5.17
CA GLU W 30 -124.65 -19.14 5.90
C GLU W 30 -123.72 -20.13 5.20
N LEU W 31 -122.75 -20.65 5.94
CA LEU W 31 -121.83 -21.66 5.42
C LEU W 31 -122.53 -23.03 5.48
N ILE W 32 -122.94 -23.54 4.32
CA ILE W 32 -123.66 -24.81 4.28
C ILE W 32 -122.74 -26.00 4.50
N GLY W 33 -121.44 -25.84 4.28
CA GLY W 33 -120.50 -26.93 4.42
C GLY W 33 -119.36 -26.77 3.44
N TYR W 34 -118.68 -27.89 3.19
CA TYR W 34 -117.52 -27.90 2.29
C TYR W 34 -117.54 -29.18 1.47
N GLU W 35 -116.88 -29.13 0.32
CA GLU W 35 -116.82 -30.25 -0.61
C GLU W 35 -115.37 -30.62 -0.87
N LYS W 36 -115.07 -31.92 -0.77
CA LYS W 36 -113.73 -32.45 -1.00
C LYS W 36 -113.71 -33.18 -2.34
N THR W 37 -112.94 -32.66 -3.29
CA THR W 37 -112.84 -33.23 -4.62
C THR W 37 -111.56 -34.04 -4.83
N GLY W 38 -110.76 -34.22 -3.79
CA GLY W 38 -109.55 -35.00 -3.88
C GLY W 38 -108.36 -34.19 -4.39
N GLY W 39 -107.17 -34.75 -4.20
CA GLY W 39 -105.95 -34.09 -4.62
C GLY W 39 -105.63 -32.82 -3.86
N GLY W 40 -106.15 -32.67 -2.65
CA GLY W 40 -105.96 -31.46 -1.87
C GLY W 40 -106.95 -30.35 -2.17
N TYR W 41 -107.75 -30.49 -3.23
CA TYR W 41 -108.71 -29.46 -3.59
C TYR W 41 -109.95 -29.56 -2.69
N VAL W 42 -110.32 -28.43 -2.07
CA VAL W 42 -111.52 -28.35 -1.27
C VAL W 42 -112.23 -27.04 -1.60
N THR W 43 -113.55 -27.03 -1.41
CA THR W 43 -114.38 -25.89 -1.79
C THR W 43 -115.31 -25.53 -0.64
N ALA W 44 -115.31 -24.25 -0.26
CA ALA W 44 -116.22 -23.73 0.74
C ALA W 44 -117.43 -23.13 0.06
N VAL W 45 -118.62 -23.52 0.50
CA VAL W 45 -119.88 -23.13 -0.12
C VAL W 45 -120.70 -22.35 0.90
N VAL W 46 -121.02 -21.09 0.57
CA VAL W 46 -121.88 -20.26 1.40
C VAL W 46 -123.07 -19.82 0.56
N ARG W 47 -124.12 -19.38 1.25
CA ARG W 47 -125.34 -18.95 0.56
C ARG W 47 -125.96 -17.79 1.32
N GLY W 48 -126.71 -16.97 0.58
CA GLY W 48 -127.38 -15.81 1.13
C GLY W 48 -128.04 -14.99 0.04
N ASP W 49 -128.05 -13.67 0.19
CA ASP W 49 -128.55 -12.80 -0.86
C ASP W 49 -127.40 -12.35 -1.77
N VAL W 50 -127.76 -11.74 -2.90
CA VAL W 50 -126.78 -11.39 -3.91
C VAL W 50 -125.78 -10.37 -3.39
N ALA W 51 -126.24 -9.45 -2.54
CA ALA W 51 -125.36 -8.41 -2.03
C ALA W 51 -124.38 -8.95 -1.00
N ALA W 52 -124.87 -9.77 -0.07
CA ALA W 52 -124.00 -10.27 0.99
C ALA W 52 -123.05 -11.34 0.50
N VAL W 53 -123.48 -12.17 -0.45
CA VAL W 53 -122.61 -13.22 -0.96
C VAL W 53 -121.43 -12.62 -1.72
N LYS W 54 -121.69 -11.61 -2.56
CA LYS W 54 -120.60 -10.97 -3.29
C LYS W 54 -119.63 -10.27 -2.34
N ALA W 55 -120.15 -9.64 -1.29
CA ALA W 55 -119.29 -8.95 -0.33
C ALA W 55 -118.44 -9.94 0.45
N ALA W 56 -119.06 -11.02 0.93
CA ALA W 56 -118.30 -12.04 1.67
C ALA W 56 -117.31 -12.78 0.77
N THR W 57 -117.67 -12.98 -0.50
CA THR W 57 -116.78 -13.68 -1.42
C THR W 57 -115.47 -12.92 -1.61
N GLU W 58 -115.55 -11.59 -1.78
CA GLU W 58 -114.33 -10.80 -1.92
C GLU W 58 -113.52 -10.80 -0.64
N ALA W 59 -114.18 -10.69 0.51
CA ALA W 59 -113.47 -10.70 1.79
C ALA W 59 -112.88 -12.06 2.09
N GLY W 60 -113.49 -13.13 1.57
CA GLY W 60 -112.98 -14.47 1.78
C GLY W 60 -111.76 -14.76 0.93
N GLN W 61 -111.84 -14.42 -0.36
CA GLN W 61 -110.70 -14.61 -1.25
C GLN W 61 -109.52 -13.76 -0.83
N ARG W 62 -109.79 -12.55 -0.31
CA ARG W 62 -108.71 -11.66 0.11
C ARG W 62 -107.96 -12.22 1.31
N ALA W 63 -108.68 -12.86 2.22
CA ALA W 63 -108.05 -13.46 3.40
C ALA W 63 -107.52 -14.87 3.13
N ALA W 64 -107.99 -15.52 2.06
CA ALA W 64 -107.51 -16.86 1.75
C ALA W 64 -106.18 -16.85 1.02
N GLU W 65 -105.91 -15.81 0.23
CA GLU W 65 -104.63 -15.72 -0.47
C GLU W 65 -103.46 -15.55 0.48
N ARG W 66 -103.71 -15.12 1.72
CA ARG W 66 -102.66 -15.03 2.73
C ARG W 66 -102.23 -16.39 3.26
N VAL W 67 -102.99 -17.45 2.98
CA VAL W 67 -102.72 -18.76 3.57
C VAL W 67 -102.32 -19.76 2.49
N GLY W 68 -103.29 -20.19 1.68
CA GLY W 68 -103.02 -21.21 0.69
C GLY W 68 -103.23 -20.77 -0.75
N GLU W 69 -103.18 -21.73 -1.67
CA GLU W 69 -103.32 -21.46 -3.09
C GLU W 69 -104.81 -21.43 -3.46
N VAL W 70 -105.29 -20.27 -3.88
CA VAL W 70 -106.68 -20.13 -4.29
C VAL W 70 -106.83 -20.60 -5.73
N VAL W 71 -107.74 -21.54 -5.95
CA VAL W 71 -107.92 -22.14 -7.27
C VAL W 71 -108.95 -21.35 -8.07
N ALA W 72 -110.16 -21.23 -7.53
CA ALA W 72 -111.24 -20.56 -8.22
C ALA W 72 -112.16 -19.87 -7.21
N VAL W 73 -112.76 -18.77 -7.65
CA VAL W 73 -113.69 -17.99 -6.83
C VAL W 73 -114.78 -17.47 -7.76
N HIS W 74 -116.04 -17.77 -7.44
CA HIS W 74 -117.16 -17.40 -8.30
C HIS W 74 -118.41 -17.21 -7.46
N VAL W 75 -119.36 -16.46 -8.02
CA VAL W 75 -120.64 -16.19 -7.39
C VAL W 75 -121.75 -16.35 -8.42
N ILE W 76 -122.76 -17.16 -8.09
CA ILE W 76 -123.93 -17.36 -8.94
C ILE W 76 -125.10 -16.66 -8.27
N PRO W 77 -125.67 -15.62 -8.88
CA PRO W 77 -126.75 -14.86 -8.21
C PRO W 77 -128.02 -15.68 -8.03
N ARG W 78 -128.55 -16.25 -9.11
CA ARG W 78 -129.80 -17.01 -9.08
C ARG W 78 -129.57 -18.37 -9.72
N PRO W 79 -129.10 -19.35 -8.94
CA PRO W 79 -128.90 -20.69 -9.49
C PRO W 79 -130.23 -21.33 -9.89
N HIS W 80 -130.18 -22.13 -10.95
CA HIS W 80 -131.36 -22.83 -11.42
C HIS W 80 -131.81 -23.87 -10.38
N VAL W 81 -133.10 -24.20 -10.43
CA VAL W 81 -133.66 -25.15 -9.47
C VAL W 81 -133.04 -26.53 -9.65
N ASN W 82 -132.68 -26.89 -10.90
CA ASN W 82 -132.10 -28.20 -11.15
C ASN W 82 -130.71 -28.33 -10.53
N VAL W 83 -129.98 -27.22 -10.40
CA VAL W 83 -128.65 -27.27 -9.81
C VAL W 83 -128.74 -27.57 -8.32
N ASP W 84 -129.64 -26.88 -7.61
CA ASP W 84 -129.80 -27.10 -6.18
C ASP W 84 -130.33 -28.49 -5.86
N ALA W 85 -130.99 -29.15 -6.82
CA ALA W 85 -131.56 -30.47 -6.56
C ALA W 85 -130.52 -31.58 -6.73
N ALA W 86 -129.61 -31.41 -7.69
CA ALA W 86 -128.63 -32.45 -8.01
C ALA W 86 -127.28 -32.24 -7.34
N LEU W 87 -127.01 -31.05 -6.80
CA LEU W 87 -125.72 -30.79 -6.19
C LEU W 87 -125.87 -30.49 -4.71
N PRO W 88 -124.92 -30.95 -3.88
CA PRO W 88 -124.98 -30.67 -2.43
C PRO W 88 -124.53 -29.25 -2.10
N LEU W 89 -125.43 -28.30 -2.32
CA LEU W 89 -125.14 -26.88 -2.11
C LEU W 89 -125.97 -26.28 -0.98
N GLY W 90 -126.45 -27.11 -0.05
CA GLY W 90 -127.17 -26.62 1.11
C GLY W 90 -128.65 -26.38 0.90
N ARG W 91 -129.13 -26.35 -0.35
CA ARG W 91 -130.55 -26.13 -0.65
C ARG W 91 -131.04 -27.34 -1.44
N THR W 92 -131.35 -28.41 -0.73
CA THR W 92 -131.84 -29.65 -1.35
C THR W 92 -133.22 -29.97 -0.80
N PRO W 93 -134.28 -29.94 -1.63
CA PRO W 93 -135.65 -30.26 -1.21
C PRO W 93 -135.78 -31.68 -0.68
N ALA W 116 -116.45 -19.60 21.99
CA ALA W 116 -115.74 -20.65 21.28
C ALA W 116 -114.24 -20.59 21.55
N ASP W 117 -113.55 -21.70 21.32
CA ASP W 117 -112.11 -21.78 21.54
C ASP W 117 -111.35 -21.40 20.28
N ALA W 118 -110.03 -21.21 20.44
CA ALA W 118 -109.19 -20.86 19.32
C ALA W 118 -108.98 -22.05 18.40
N LEU W 119 -108.43 -21.78 17.22
CA LEU W 119 -108.23 -22.79 16.19
C LEU W 119 -106.80 -22.71 15.66
N GLY W 120 -106.12 -23.85 15.63
CA GLY W 120 -104.78 -23.92 15.08
C GLY W 120 -104.63 -25.07 14.10
N MET W 121 -104.10 -24.78 12.91
CA MET W 121 -104.06 -25.77 11.84
C MET W 121 -102.69 -25.75 11.16
N ILE W 122 -102.20 -26.95 10.81
CA ILE W 122 -100.97 -27.12 10.06
C ILE W 122 -101.20 -28.17 9.00
N GLU W 123 -100.96 -27.82 7.74
CA GLU W 123 -101.15 -28.73 6.62
C GLU W 123 -99.80 -29.07 6.00
N VAL W 124 -99.56 -30.37 5.77
CA VAL W 124 -98.30 -30.87 5.25
C VAL W 124 -98.60 -31.92 4.19
N ARG W 125 -97.93 -31.81 3.04
CA ARG W 125 -98.02 -32.83 1.99
C ARG W 125 -97.13 -34.01 2.37
N GLY W 126 -97.58 -34.73 3.39
CA GLY W 126 -96.84 -35.85 3.93
C GLY W 126 -97.30 -36.20 5.33
N PHE W 127 -97.66 -37.47 5.54
CA PHE W 127 -98.19 -37.89 6.84
C PHE W 127 -97.13 -37.83 7.93
N VAL W 128 -95.86 -38.01 7.57
CA VAL W 128 -94.79 -38.01 8.58
C VAL W 128 -94.59 -36.62 9.13
N GLY W 129 -94.54 -35.61 8.26
CA GLY W 129 -94.37 -34.24 8.72
C GLY W 129 -95.56 -33.73 9.52
N MET W 130 -96.74 -34.28 9.29
CA MET W 130 -97.92 -33.85 10.03
C MET W 130 -97.91 -34.41 11.45
N VAL W 131 -97.44 -35.64 11.63
CA VAL W 131 -97.40 -36.24 12.96
C VAL W 131 -96.39 -35.50 13.84
N GLU W 132 -95.23 -35.17 13.27
CA GLU W 132 -94.25 -34.37 14.02
C GLU W 132 -94.80 -32.99 14.34
N ALA W 133 -95.58 -32.42 13.43
CA ALA W 133 -96.21 -31.13 13.70
C ALA W 133 -97.23 -31.24 14.83
N ALA W 134 -98.01 -32.32 14.84
CA ALA W 134 -99.00 -32.51 15.89
C ALA W 134 -98.33 -32.82 17.23
N ASP W 135 -97.24 -33.59 17.20
CA ASP W 135 -96.54 -33.92 18.44
C ASP W 135 -95.86 -32.70 19.04
N ALA W 136 -95.27 -31.84 18.20
CA ALA W 136 -94.62 -30.63 18.69
C ALA W 136 -95.63 -29.59 19.18
N MET W 137 -96.88 -29.67 18.72
CA MET W 137 -97.90 -28.70 19.14
C MET W 137 -98.38 -29.01 20.56
N VAL W 138 -98.75 -30.26 20.82
CA VAL W 138 -99.26 -30.62 22.13
C VAL W 138 -98.17 -30.59 23.20
N LYS W 139 -96.91 -30.68 22.80
CA LYS W 139 -95.81 -30.59 23.76
C LYS W 139 -95.48 -29.15 24.13
N ALA W 140 -95.83 -28.18 23.29
CA ALA W 140 -95.46 -26.80 23.55
C ALA W 140 -96.37 -26.15 24.59
N ALA W 141 -97.68 -26.21 24.38
CA ALA W 141 -98.64 -25.56 25.27
C ALA W 141 -99.79 -26.53 25.52
N LYS W 142 -100.82 -26.03 26.23
CA LYS W 142 -101.99 -26.83 26.57
C LYS W 142 -103.01 -26.70 25.45
N VAL W 143 -102.81 -27.50 24.40
CA VAL W 143 -103.73 -27.56 23.27
C VAL W 143 -104.20 -29.01 23.11
N GLU W 144 -105.39 -29.15 22.54
CA GLU W 144 -106.02 -30.45 22.35
C GLU W 144 -105.99 -30.81 20.87
N LEU W 145 -105.37 -31.94 20.55
CA LEU W 145 -105.33 -32.45 19.18
C LEU W 145 -106.65 -33.17 18.91
N ILE W 146 -107.56 -32.49 18.22
CA ILE W 146 -108.90 -33.04 17.98
C ILE W 146 -108.94 -34.04 16.84
N GLY W 147 -107.84 -34.22 16.12
CA GLY W 147 -107.78 -35.13 15.00
C GLY W 147 -107.10 -34.51 13.81
N TYR W 148 -107.19 -35.17 12.67
CA TYR W 148 -106.55 -34.71 11.45
C TYR W 148 -107.49 -34.90 10.27
N GLU W 149 -107.39 -34.00 9.30
CA GLU W 149 -108.23 -33.99 8.11
C GLU W 149 -107.41 -34.39 6.90
N LYS W 150 -107.92 -35.34 6.12
CA LYS W 150 -107.26 -35.85 4.93
C LYS W 150 -108.02 -35.34 3.71
N THR W 151 -107.37 -34.45 2.94
CA THR W 151 -107.97 -33.88 1.75
C THR W 151 -107.52 -34.58 0.46
N GLY W 152 -106.78 -35.67 0.58
CA GLY W 152 -106.34 -36.42 -0.57
C GLY W 152 -105.07 -35.86 -1.19
N GLY W 153 -104.48 -36.66 -2.08
CA GLY W 153 -103.26 -36.25 -2.76
C GLY W 153 -102.07 -36.09 -1.83
N GLY W 154 -102.07 -36.81 -0.71
CA GLY W 154 -101.01 -36.66 0.27
C GLY W 154 -101.15 -35.48 1.20
N TYR W 155 -102.17 -34.65 1.02
CA TYR W 155 -102.37 -33.48 1.87
C TYR W 155 -103.14 -33.88 3.12
N VAL W 156 -102.56 -33.60 4.29
CA VAL W 156 -103.21 -33.84 5.56
C VAL W 156 -103.07 -32.59 6.42
N THR W 157 -104.06 -32.38 7.29
CA THR W 157 -104.14 -31.17 8.10
C THR W 157 -104.36 -31.54 9.56
N ALA W 158 -103.43 -31.12 10.42
CA ALA W 158 -103.58 -31.28 11.85
C ALA W 158 -104.35 -30.10 12.42
N VAL W 159 -105.32 -30.40 13.29
CA VAL W 159 -106.20 -29.40 13.87
C VAL W 159 -106.09 -29.48 15.39
N VAL W 160 -105.79 -28.34 16.01
CA VAL W 160 -105.71 -28.25 17.47
C VAL W 160 -106.61 -27.12 17.94
N ARG W 161 -107.14 -27.27 19.15
CA ARG W 161 -108.02 -26.28 19.76
C ARG W 161 -107.49 -25.89 21.13
N GLY W 162 -108.03 -24.82 21.67
CA GLY W 162 -107.63 -24.31 22.96
C GLY W 162 -107.82 -22.81 23.03
N ASP W 163 -107.07 -22.17 23.92
CA ASP W 163 -107.10 -20.73 24.05
C ASP W 163 -106.13 -20.09 23.06
N VAL W 164 -106.34 -18.79 22.82
CA VAL W 164 -105.52 -18.07 21.85
C VAL W 164 -104.06 -18.06 22.26
N ALA W 165 -103.78 -18.02 23.56
CA ALA W 165 -102.39 -17.98 24.02
C ALA W 165 -101.68 -19.31 23.76
N ALA W 166 -102.37 -20.42 24.03
CA ALA W 166 -101.73 -21.73 23.86
C ALA W 166 -101.64 -22.11 22.38
N VAL W 167 -102.67 -21.78 21.60
CA VAL W 167 -102.67 -22.15 20.19
C VAL W 167 -101.65 -21.33 19.41
N LYS W 168 -101.48 -20.06 19.79
CA LYS W 168 -100.53 -19.20 19.07
C LYS W 168 -99.11 -19.70 19.21
N ALA W 169 -98.76 -20.25 20.38
CA ALA W 169 -97.43 -20.80 20.61
C ALA W 169 -97.27 -22.24 20.13
N ALA W 170 -98.39 -22.96 19.97
CA ALA W 170 -98.30 -24.35 19.53
C ALA W 170 -98.00 -24.45 18.04
N THR W 171 -98.72 -23.66 17.22
CA THR W 171 -98.50 -23.72 15.78
C THR W 171 -97.13 -23.21 15.39
N GLU W 172 -96.65 -22.17 16.06
CA GLU W 172 -95.31 -21.65 15.77
C GLU W 172 -94.23 -22.66 16.14
N ALA W 173 -94.46 -23.47 17.18
CA ALA W 173 -93.52 -24.52 17.54
C ALA W 173 -93.67 -25.73 16.64
N GLY W 174 -94.89 -26.04 16.20
CA GLY W 174 -95.09 -27.17 15.31
C GLY W 174 -94.56 -26.89 13.91
N GLN W 175 -94.71 -25.65 13.44
CA GLN W 175 -94.17 -25.30 12.12
C GLN W 175 -92.65 -25.37 12.11
N ARG W 176 -92.00 -24.88 13.17
CA ARG W 176 -90.55 -24.90 13.25
C ARG W 176 -89.99 -26.32 13.32
N ALA W 177 -90.79 -27.28 13.79
CA ALA W 177 -90.36 -28.67 13.84
C ALA W 177 -90.79 -29.47 12.61
N ALA W 178 -91.89 -29.08 11.97
CA ALA W 178 -92.36 -29.81 10.80
C ALA W 178 -91.58 -29.44 9.55
N GLU W 179 -91.00 -28.24 9.50
CA GLU W 179 -90.22 -27.84 8.34
C GLU W 179 -88.95 -28.66 8.18
N ARG W 180 -88.46 -29.26 9.27
CA ARG W 180 -87.28 -30.12 9.21
C ARG W 180 -87.60 -31.55 8.80
N VAL W 181 -88.87 -31.84 8.47
CA VAL W 181 -89.27 -33.21 8.14
C VAL W 181 -89.89 -33.24 6.75
N GLY W 182 -91.03 -32.58 6.58
CA GLY W 182 -91.76 -32.67 5.33
C GLY W 182 -92.03 -31.35 4.65
N GLU W 183 -92.94 -31.37 3.68
CA GLU W 183 -93.29 -30.19 2.89
C GLU W 183 -94.48 -29.50 3.53
N VAL W 184 -94.23 -28.38 4.21
CA VAL W 184 -95.29 -27.63 4.87
C VAL W 184 -96.05 -26.81 3.85
N VAL W 185 -97.37 -26.90 3.88
CA VAL W 185 -98.23 -26.21 2.93
C VAL W 185 -98.74 -24.89 3.49
N ALA W 186 -99.38 -24.93 4.65
CA ALA W 186 -99.96 -23.73 5.25
C ALA W 186 -100.05 -23.88 6.76
N VAL W 187 -99.85 -22.77 7.46
CA VAL W 187 -99.97 -22.70 8.91
C VAL W 187 -100.72 -21.43 9.26
N HIS W 188 -101.86 -21.58 9.95
CA HIS W 188 -102.69 -20.43 10.28
C HIS W 188 -103.38 -20.67 11.62
N VAL W 189 -103.76 -19.57 12.27
CA VAL W 189 -104.45 -19.60 13.56
C VAL W 189 -105.65 -18.66 13.48
N ILE W 190 -106.80 -19.14 13.92
CA ILE W 190 -108.03 -18.35 13.99
C ILE W 190 -108.36 -18.17 15.47
N PRO W 191 -108.24 -16.96 16.03
CA PRO W 191 -108.50 -16.79 17.47
C PRO W 191 -109.94 -17.05 17.85
N ARG W 192 -110.90 -16.40 17.19
CA ARG W 192 -112.33 -16.60 17.46
C ARG W 192 -113.00 -17.05 16.17
N PRO W 193 -113.10 -18.35 15.92
CA PRO W 193 -113.86 -18.82 14.76
C PRO W 193 -115.34 -18.59 14.96
N HIS W 194 -116.03 -18.23 13.87
CA HIS W 194 -117.45 -17.98 13.94
C HIS W 194 -118.22 -19.24 14.31
N VAL W 195 -119.37 -19.05 14.95
CA VAL W 195 -120.18 -20.20 15.38
C VAL W 195 -120.68 -20.98 14.18
N ASN W 196 -120.87 -20.31 13.05
CA ASN W 196 -121.30 -21.00 11.83
C ASN W 196 -120.22 -21.92 11.28
N VAL W 197 -118.94 -21.68 11.62
CA VAL W 197 -117.86 -22.52 11.13
C VAL W 197 -117.80 -23.83 11.91
N ASP W 198 -117.83 -23.74 13.24
CA ASP W 198 -117.75 -24.94 14.08
C ASP W 198 -118.92 -25.88 13.86
N ALA W 199 -120.06 -25.37 13.41
CA ALA W 199 -121.24 -26.20 13.14
C ALA W 199 -121.22 -26.82 11.75
N ALA W 200 -120.43 -26.28 10.82
CA ALA W 200 -120.40 -26.79 9.46
C ALA W 200 -119.13 -27.55 9.11
N LEU W 201 -118.03 -27.35 9.85
CA LEU W 201 -116.78 -28.00 9.55
C LEU W 201 -116.34 -28.89 10.71
N PRO W 202 -115.74 -30.04 10.43
CA PRO W 202 -115.26 -30.91 11.52
C PRO W 202 -114.01 -30.37 12.19
N LEU W 203 -114.21 -29.48 13.17
CA LEU W 203 -113.09 -28.85 13.87
C LEU W 203 -113.10 -29.13 15.38
N GLY W 204 -113.89 -30.11 15.82
CA GLY W 204 -113.89 -30.51 17.22
C GLY W 204 -114.80 -29.72 18.13
N ARG W 205 -115.58 -28.78 17.60
CA ARG W 205 -116.50 -27.99 18.40
C ARG W 205 -117.92 -28.06 17.86
N THR W 206 -118.27 -29.17 17.23
CA THR W 206 -119.62 -29.35 16.72
C THR W 206 -120.55 -29.76 17.85
N PRO W 207 -121.74 -29.12 17.98
CA PRO W 207 -122.74 -29.41 18.99
C PRO W 207 -123.04 -30.91 19.15
N ASP X 3 -94.81 -46.26 23.82
CA ASP X 3 -93.53 -46.60 23.22
C ASP X 3 -93.08 -45.52 22.23
N ALA X 4 -91.91 -45.71 21.64
CA ALA X 4 -91.37 -44.77 20.67
C ALA X 4 -92.06 -44.96 19.32
N LEU X 5 -92.05 -43.89 18.52
CA LEU X 5 -92.74 -43.86 17.24
C LEU X 5 -91.74 -43.72 16.10
N GLY X 6 -91.98 -44.45 15.02
CA GLY X 6 -91.15 -44.36 13.83
C GLY X 6 -91.98 -44.43 12.56
N MET X 7 -91.65 -43.59 11.58
CA MET X 7 -92.45 -43.48 10.36
C MET X 7 -91.55 -43.32 9.15
N ILE X 8 -91.96 -43.94 8.04
CA ILE X 8 -91.29 -43.80 6.75
C ILE X 8 -92.36 -43.67 5.68
N GLU X 9 -92.33 -42.58 4.93
CA GLU X 9 -93.31 -42.29 3.89
C GLU X 9 -92.66 -42.42 2.52
N VAL X 10 -93.31 -43.15 1.62
CA VAL X 10 -92.81 -43.40 0.27
C VAL X 10 -93.94 -43.20 -0.71
N ARG X 11 -93.66 -42.48 -1.81
CA ARG X 11 -94.62 -42.33 -2.91
C ARG X 11 -94.60 -43.61 -3.74
N GLY X 12 -95.20 -44.65 -3.17
CA GLY X 12 -95.23 -45.96 -3.81
C GLY X 12 -95.39 -47.09 -2.81
N PHE X 13 -96.31 -48.01 -3.09
CA PHE X 13 -96.57 -49.10 -2.17
C PHE X 13 -95.42 -50.10 -2.12
N VAL X 14 -94.64 -50.20 -3.20
CA VAL X 14 -93.53 -51.13 -3.23
C VAL X 14 -92.39 -50.66 -2.33
N GLY X 15 -92.04 -49.38 -2.43
CA GLY X 15 -90.96 -48.84 -1.61
C GLY X 15 -91.28 -48.83 -0.13
N MET X 16 -92.57 -48.83 0.23
CA MET X 16 -92.94 -48.83 1.63
C MET X 16 -92.88 -50.23 2.23
N VAL X 17 -93.21 -51.25 1.43
CA VAL X 17 -93.15 -52.62 1.92
C VAL X 17 -91.70 -53.04 2.16
N GLU X 18 -90.80 -52.69 1.24
CA GLU X 18 -89.39 -52.98 1.45
C GLU X 18 -88.84 -52.21 2.65
N ALA X 19 -89.32 -50.99 2.88
CA ALA X 19 -88.91 -50.23 4.05
C ALA X 19 -89.42 -50.87 5.33
N ALA X 20 -90.68 -51.35 5.32
CA ALA X 20 -91.22 -52.00 6.51
C ALA X 20 -90.58 -53.35 6.76
N ASP X 21 -90.18 -54.05 5.69
CA ASP X 21 -89.52 -55.35 5.87
C ASP X 21 -88.14 -55.19 6.46
N ALA X 22 -87.41 -54.15 6.04
CA ALA X 22 -86.07 -53.91 6.57
C ALA X 22 -86.09 -53.38 8.00
N MET X 23 -87.20 -52.76 8.42
CA MET X 23 -87.27 -52.23 9.78
C MET X 23 -87.48 -53.33 10.81
N VAL X 24 -88.43 -54.25 10.53
CA VAL X 24 -88.68 -55.34 11.46
C VAL X 24 -87.56 -56.36 11.47
N LYS X 25 -86.73 -56.39 10.43
CA LYS X 25 -85.58 -57.28 10.42
C LYS X 25 -84.37 -56.68 11.13
N ALA X 26 -84.26 -55.35 11.14
CA ALA X 26 -83.08 -54.72 11.73
C ALA X 26 -83.10 -54.80 13.25
N ALA X 27 -84.21 -54.42 13.86
CA ALA X 27 -84.34 -54.39 15.31
C ALA X 27 -85.67 -55.02 15.72
N LYS X 28 -85.93 -55.03 17.02
CA LYS X 28 -87.15 -55.59 17.58
C LYS X 28 -88.19 -54.49 17.66
N VAL X 29 -88.92 -54.30 16.56
CA VAL X 29 -89.98 -53.30 16.48
C VAL X 29 -91.25 -53.97 15.97
N GLU X 30 -92.38 -53.39 16.34
CA GLU X 30 -93.69 -53.90 15.93
C GLU X 30 -94.25 -53.03 14.82
N LEU X 31 -94.65 -53.66 13.72
CA LEU X 31 -95.25 -52.96 12.59
C LEU X 31 -96.76 -52.87 12.85
N ILE X 32 -97.23 -51.67 13.24
CA ILE X 32 -98.63 -51.50 13.59
C ILE X 32 -99.54 -51.39 12.39
N GLY X 33 -99.00 -51.16 11.20
CA GLY X 33 -99.78 -51.01 9.99
C GLY X 33 -99.23 -49.89 9.14
N TYR X 34 -100.02 -49.50 8.14
CA TYR X 34 -99.62 -48.48 7.18
C TYR X 34 -100.75 -47.47 6.99
N GLU X 35 -100.37 -46.22 6.77
CA GLU X 35 -101.32 -45.12 6.62
C GLU X 35 -101.29 -44.62 5.18
N LYS X 36 -102.46 -44.57 4.54
CA LYS X 36 -102.60 -44.13 3.16
C LYS X 36 -103.22 -42.74 3.15
N THR X 37 -102.47 -41.76 2.64
CA THR X 37 -102.94 -40.38 2.57
C THR X 37 -103.37 -39.97 1.17
N GLY X 38 -103.34 -40.88 0.21
CA GLY X 38 -103.76 -40.57 -1.15
C GLY X 38 -102.61 -40.07 -2.02
N GLY X 39 -102.90 -39.99 -3.31
CA GLY X 39 -101.90 -39.55 -4.27
C GLY X 39 -100.69 -40.43 -4.39
N GLY X 40 -100.82 -41.70 -4.02
CA GLY X 40 -99.69 -42.62 -4.04
C GLY X 40 -98.83 -42.61 -2.80
N TYR X 41 -99.15 -41.76 -1.83
CA TYR X 41 -98.37 -41.67 -0.60
C TYR X 41 -98.84 -42.70 0.42
N VAL X 42 -97.88 -43.46 0.95
CA VAL X 42 -98.15 -44.43 2.01
C VAL X 42 -97.09 -44.28 3.07
N THR X 43 -97.46 -44.55 4.32
CA THR X 43 -96.60 -44.32 5.47
C THR X 43 -96.55 -45.59 6.33
N ALA X 44 -95.37 -46.18 6.45
CA ALA X 44 -95.17 -47.31 7.34
C ALA X 44 -94.90 -46.80 8.76
N VAL X 45 -95.60 -47.38 9.74
CA VAL X 45 -95.54 -46.94 11.12
C VAL X 45 -95.08 -48.11 11.97
N VAL X 46 -94.01 -47.90 12.74
CA VAL X 46 -93.47 -48.91 13.64
C VAL X 46 -93.44 -48.34 15.06
N ARG X 47 -93.34 -49.24 16.02
CA ARG X 47 -93.33 -48.87 17.44
C ARG X 47 -92.33 -49.74 18.18
N GLY X 48 -91.74 -49.17 19.22
CA GLY X 48 -90.78 -49.90 20.03
C GLY X 48 -89.93 -49.03 20.93
N ASP X 49 -88.65 -49.36 21.07
CA ASP X 49 -87.74 -48.59 21.89
C ASP X 49 -87.19 -47.40 21.10
N VAL X 50 -86.70 -46.40 21.84
CA VAL X 50 -86.19 -45.19 21.20
C VAL X 50 -85.03 -45.52 20.26
N ALA X 51 -84.05 -46.27 20.76
CA ALA X 51 -82.89 -46.62 19.95
C ALA X 51 -83.21 -47.71 18.94
N ALA X 52 -84.10 -48.65 19.30
CA ALA X 52 -84.45 -49.72 18.37
C ALA X 52 -85.22 -49.18 17.17
N VAL X 53 -86.14 -48.25 17.40
CA VAL X 53 -86.86 -47.64 16.29
C VAL X 53 -85.94 -46.73 15.49
N LYS X 54 -85.06 -45.98 16.16
CA LYS X 54 -84.15 -45.09 15.47
C LYS X 54 -83.16 -45.86 14.60
N ALA X 55 -82.76 -47.05 15.03
CA ALA X 55 -81.84 -47.86 14.24
C ALA X 55 -82.56 -48.54 13.07
N ALA X 56 -83.77 -49.04 13.30
CA ALA X 56 -84.53 -49.66 12.23
C ALA X 56 -84.97 -48.62 11.20
N THR X 57 -85.26 -47.39 11.64
CA THR X 57 -85.64 -46.33 10.72
C THR X 57 -84.52 -46.03 9.73
N GLU X 58 -83.27 -46.01 10.21
CA GLU X 58 -82.14 -45.79 9.31
C GLU X 58 -81.98 -46.94 8.34
N ALA X 59 -82.23 -48.17 8.79
CA ALA X 59 -82.11 -49.32 7.91
C ALA X 59 -83.27 -49.40 6.91
N GLY X 60 -84.47 -48.98 7.32
CA GLY X 60 -85.59 -49.00 6.39
C GLY X 60 -85.47 -47.96 5.31
N GLN X 61 -84.98 -46.77 5.66
CA GLN X 61 -84.78 -45.72 4.66
C GLN X 61 -83.71 -46.11 3.65
N ARG X 62 -82.63 -46.75 4.13
CA ARG X 62 -81.53 -47.12 3.25
C ARG X 62 -81.96 -48.19 2.24
N ALA X 63 -82.87 -49.08 2.63
CA ALA X 63 -83.37 -50.10 1.71
C ALA X 63 -84.53 -49.60 0.85
N ALA X 64 -85.19 -48.50 1.26
CA ALA X 64 -86.28 -47.97 0.47
C ALA X 64 -85.79 -47.06 -0.66
N GLU X 65 -84.64 -46.38 -0.45
CA GLU X 65 -84.08 -45.55 -1.50
C GLU X 65 -83.65 -46.36 -2.72
N ARG X 66 -83.43 -47.66 -2.55
CA ARG X 66 -82.97 -48.50 -3.64
C ARG X 66 -84.07 -48.89 -4.61
N VAL X 67 -85.34 -48.81 -4.20
CA VAL X 67 -86.44 -49.31 -5.01
C VAL X 67 -87.42 -48.20 -5.34
N GLY X 68 -87.55 -47.22 -4.44
CA GLY X 68 -88.55 -46.19 -4.62
C GLY X 68 -88.12 -44.79 -4.25
N GLU X 69 -89.07 -43.86 -4.26
CA GLU X 69 -88.82 -42.46 -3.94
C GLU X 69 -89.25 -42.22 -2.49
N VAL X 70 -88.27 -42.03 -1.61
CA VAL X 70 -88.56 -41.81 -0.19
C VAL X 70 -88.94 -40.35 0.01
N VAL X 71 -90.05 -40.12 0.71
CA VAL X 71 -90.56 -38.78 0.93
C VAL X 71 -90.00 -38.22 2.24
N ALA X 72 -90.51 -38.72 3.36
CA ALA X 72 -90.09 -38.23 4.68
C ALA X 72 -89.75 -39.42 5.58
N VAL X 73 -88.81 -39.18 6.49
CA VAL X 73 -88.33 -40.18 7.42
C VAL X 73 -88.03 -39.48 8.75
N HIS X 74 -88.67 -39.93 9.83
CA HIS X 74 -88.55 -39.25 11.11
C HIS X 74 -88.86 -40.22 12.24
N VAL X 75 -88.30 -39.94 13.41
CA VAL X 75 -88.50 -40.75 14.61
C VAL X 75 -88.94 -39.81 15.73
N ILE X 76 -89.98 -40.21 16.46
CA ILE X 76 -90.46 -39.49 17.63
C ILE X 76 -90.16 -40.36 18.86
N PRO X 77 -89.22 -39.95 19.73
CA PRO X 77 -88.83 -40.81 20.85
C PRO X 77 -89.93 -41.01 21.89
N ARG X 78 -90.56 -39.91 22.31
CA ARG X 78 -91.60 -39.97 23.33
C ARG X 78 -92.83 -39.22 22.82
N PRO X 79 -93.70 -39.89 22.08
CA PRO X 79 -94.91 -39.23 21.59
C PRO X 79 -95.85 -38.90 22.73
N HIS X 80 -96.48 -37.73 22.64
CA HIS X 80 -97.40 -37.29 23.69
C HIS X 80 -98.61 -38.20 23.74
N VAL X 81 -99.25 -38.27 24.91
CA VAL X 81 -100.40 -39.13 25.09
C VAL X 81 -101.58 -38.69 24.24
N ASN X 82 -101.64 -37.42 23.86
CA ASN X 82 -102.71 -36.95 22.99
C ASN X 82 -102.50 -37.41 21.55
N VAL X 83 -101.24 -37.55 21.12
CA VAL X 83 -100.96 -37.99 19.76
C VAL X 83 -101.34 -39.46 19.58
N ASP X 84 -101.04 -40.29 20.59
CA ASP X 84 -101.38 -41.71 20.50
C ASP X 84 -102.89 -41.93 20.49
N ALA X 85 -103.64 -41.05 21.14
CA ALA X 85 -105.09 -41.23 21.22
C ALA X 85 -105.80 -40.70 19.99
N ALA X 86 -105.32 -39.59 19.43
CA ALA X 86 -105.99 -38.94 18.31
C ALA X 86 -105.60 -39.50 16.94
N LEU X 87 -104.43 -40.14 16.84
CA LEU X 87 -103.98 -40.64 15.55
C LEU X 87 -103.89 -42.16 15.56
N PRO X 88 -104.18 -42.81 14.43
CA PRO X 88 -104.05 -44.27 14.36
C PRO X 88 -102.60 -44.71 14.29
N LEU X 89 -101.92 -44.72 15.44
CA LEU X 89 -100.51 -45.06 15.51
C LEU X 89 -100.25 -46.34 16.30
N GLY X 90 -101.27 -47.18 16.46
CA GLY X 90 -101.09 -48.46 17.13
C GLY X 90 -101.46 -48.44 18.61
N ARG X 91 -101.11 -47.36 19.30
CA ARG X 91 -101.36 -47.24 20.74
C ARG X 91 -102.58 -46.34 20.95
N THR X 92 -103.76 -46.91 20.71
CA THR X 92 -105.03 -46.22 20.88
C THR X 92 -105.80 -46.88 22.02
N PRO X 93 -105.67 -46.39 23.26
CA PRO X 93 -106.37 -46.94 24.43
C PRO X 93 -107.89 -46.91 24.29
N ALA X 116 -92.34 -68.84 5.59
CA ALA X 116 -93.13 -67.88 4.83
C ALA X 116 -92.75 -67.91 3.35
N ASP X 117 -93.73 -67.64 2.48
CA ASP X 117 -93.49 -67.63 1.05
C ASP X 117 -92.80 -66.34 0.63
N ALA X 118 -92.35 -66.32 -0.62
CA ALA X 118 -91.67 -65.16 -1.17
C ALA X 118 -92.69 -64.11 -1.61
N LEU X 119 -92.20 -62.91 -1.86
CA LEU X 119 -93.05 -61.76 -2.17
C LEU X 119 -92.56 -61.08 -3.44
N GLY X 120 -93.47 -60.89 -4.40
CA GLY X 120 -93.16 -60.17 -5.62
C GLY X 120 -94.18 -59.06 -5.88
N MET X 121 -93.71 -57.86 -6.18
CA MET X 121 -94.57 -56.69 -6.30
C MET X 121 -94.19 -55.88 -7.53
N ILE X 122 -95.20 -55.33 -8.20
CA ILE X 122 -95.01 -54.45 -9.34
C ILE X 122 -96.04 -53.32 -9.24
N GLU X 123 -95.56 -52.08 -9.26
CA GLU X 123 -96.41 -50.90 -9.15
C GLU X 123 -96.37 -50.12 -10.46
N VAL X 124 -97.53 -49.72 -10.95
CA VAL X 124 -97.67 -49.00 -12.21
C VAL X 124 -98.68 -47.88 -12.03
N ARG X 125 -98.33 -46.66 -12.46
CA ARG X 125 -99.28 -45.56 -12.49
C ARG X 125 -100.23 -45.76 -13.68
N GLY X 126 -101.14 -46.71 -13.52
CA GLY X 126 -102.06 -47.09 -14.56
C GLY X 126 -102.62 -48.48 -14.34
N PHE X 127 -103.96 -48.59 -14.31
CA PHE X 127 -104.58 -49.88 -14.04
C PHE X 127 -104.34 -50.87 -15.18
N VAL X 128 -104.27 -50.39 -16.41
CA VAL X 128 -104.06 -51.30 -17.54
C VAL X 128 -102.67 -51.90 -17.50
N GLY X 129 -101.66 -51.07 -17.21
CA GLY X 129 -100.30 -51.58 -17.12
C GLY X 129 -100.11 -52.56 -15.97
N MET X 130 -100.91 -52.43 -14.92
CA MET X 130 -100.81 -53.34 -13.79
C MET X 130 -101.47 -54.69 -14.09
N VAL X 131 -102.58 -54.67 -14.83
CA VAL X 131 -103.26 -55.92 -15.17
C VAL X 131 -102.41 -56.74 -16.15
N GLU X 132 -101.80 -56.06 -17.13
CA GLU X 132 -100.92 -56.76 -18.06
C GLU X 132 -99.72 -57.37 -17.34
N ALA X 133 -99.21 -56.67 -16.32
CA ALA X 133 -98.10 -57.23 -15.55
C ALA X 133 -98.55 -58.43 -14.73
N ALA X 134 -99.78 -58.39 -14.20
CA ALA X 134 -100.27 -59.50 -13.39
C ALA X 134 -100.57 -60.71 -14.26
N ASP X 135 -101.06 -60.51 -15.48
CA ASP X 135 -101.35 -61.62 -16.37
C ASP X 135 -100.08 -62.31 -16.84
N ALA X 136 -99.00 -61.55 -17.04
CA ALA X 136 -97.74 -62.13 -17.49
C ALA X 136 -96.99 -62.86 -16.39
N MET X 137 -97.24 -62.51 -15.13
CA MET X 137 -96.53 -63.16 -14.02
C MET X 137 -97.09 -64.56 -13.75
N VAL X 138 -98.42 -64.69 -13.70
CA VAL X 138 -99.02 -65.98 -13.42
C VAL X 138 -98.82 -66.97 -14.56
N LYS X 139 -98.54 -66.48 -15.76
CA LYS X 139 -98.26 -67.35 -16.90
C LYS X 139 -96.79 -67.71 -17.04
N ALA X 140 -95.90 -67.02 -16.31
CA ALA X 140 -94.46 -67.25 -16.44
C ALA X 140 -93.94 -68.30 -15.45
N ALA X 141 -94.48 -68.33 -14.23
CA ALA X 141 -94.03 -69.27 -13.22
C ALA X 141 -95.21 -69.64 -12.34
N LYS X 142 -94.96 -70.50 -11.36
CA LYS X 142 -96.00 -70.96 -10.44
C LYS X 142 -96.07 -69.98 -9.26
N VAL X 143 -96.80 -68.90 -9.49
CA VAL X 143 -97.03 -67.88 -8.46
C VAL X 143 -98.53 -67.68 -8.31
N GLU X 144 -98.91 -67.17 -7.14
CA GLU X 144 -100.32 -66.94 -6.81
C GLU X 144 -100.58 -65.44 -6.73
N LEU X 145 -101.47 -64.96 -7.59
CA LEU X 145 -101.88 -63.55 -7.57
C LEU X 145 -102.89 -63.36 -6.44
N ILE X 146 -102.44 -62.75 -5.35
CA ILE X 146 -103.29 -62.61 -4.18
C ILE X 146 -104.24 -61.42 -4.28
N GLY X 147 -103.94 -60.44 -5.13
CA GLY X 147 -104.77 -59.27 -5.27
C GLY X 147 -103.92 -58.07 -5.65
N TYR X 148 -104.55 -56.89 -5.55
CA TYR X 148 -103.89 -55.64 -5.89
C TYR X 148 -104.16 -54.61 -4.80
N GLU X 149 -103.30 -53.60 -4.75
CA GLU X 149 -103.38 -52.53 -3.77
C GLU X 149 -103.43 -51.19 -4.49
N LYS X 150 -104.44 -50.38 -4.16
CA LYS X 150 -104.62 -49.07 -4.76
C LYS X 150 -104.20 -48.00 -3.77
N THR X 151 -103.15 -47.25 -4.10
CA THR X 151 -102.63 -46.21 -3.23
C THR X 151 -103.06 -44.80 -3.66
N GLY X 152 -103.89 -44.69 -4.69
CA GLY X 152 -104.37 -43.40 -5.14
C GLY X 152 -103.44 -42.73 -6.12
N GLY X 153 -103.94 -41.64 -6.70
CA GLY X 153 -103.17 -40.90 -7.69
C GLY X 153 -102.83 -41.69 -8.93
N GLY X 154 -103.64 -42.70 -9.27
CA GLY X 154 -103.36 -43.56 -10.39
C GLY X 154 -102.39 -44.69 -10.11
N TYR X 155 -101.83 -44.75 -8.91
CA TYR X 155 -100.85 -45.78 -8.56
C TYR X 155 -101.57 -47.04 -8.07
N VAL X 156 -101.20 -48.18 -8.66
CA VAL X 156 -101.73 -49.48 -8.25
C VAL X 156 -100.58 -50.47 -8.24
N THR X 157 -100.66 -51.46 -7.35
CA THR X 157 -99.60 -52.43 -7.14
C THR X 157 -100.17 -53.84 -7.19
N ALA X 158 -99.54 -54.71 -7.97
CA ALA X 158 -99.89 -56.12 -8.03
C ALA X 158 -98.97 -56.92 -7.11
N VAL X 159 -99.54 -57.89 -6.42
CA VAL X 159 -98.82 -58.68 -5.43
C VAL X 159 -98.98 -60.16 -5.77
N VAL X 160 -97.86 -60.87 -5.83
CA VAL X 160 -97.84 -62.31 -6.06
C VAL X 160 -97.00 -62.99 -4.99
N ARG X 161 -97.33 -64.23 -4.70
CA ARG X 161 -96.64 -65.01 -3.69
C ARG X 161 -96.21 -66.36 -4.26
N GLY X 162 -95.15 -66.91 -3.70
CA GLY X 162 -94.64 -68.20 -4.15
C GLY X 162 -93.28 -68.47 -3.55
N ASP X 163 -92.51 -69.29 -4.24
CA ASP X 163 -91.14 -69.56 -3.82
C ASP X 163 -90.18 -68.55 -4.44
N VAL X 164 -88.99 -68.45 -3.84
CA VAL X 164 -88.01 -67.45 -4.27
C VAL X 164 -87.56 -67.72 -5.71
N ALA X 165 -87.54 -68.98 -6.12
CA ALA X 165 -87.08 -69.31 -7.48
C ALA X 165 -88.07 -68.84 -8.53
N ALA X 166 -89.36 -68.87 -8.24
CA ALA X 166 -90.37 -68.54 -9.24
C ALA X 166 -90.70 -67.06 -9.29
N VAL X 167 -90.94 -66.44 -8.12
CA VAL X 167 -91.31 -65.03 -8.08
C VAL X 167 -90.19 -64.13 -8.56
N LYS X 168 -88.94 -64.60 -8.49
CA LYS X 168 -87.83 -63.80 -9.01
C LYS X 168 -87.80 -63.82 -10.52
N ALA X 169 -88.25 -64.91 -11.14
CA ALA X 169 -88.38 -64.98 -12.59
C ALA X 169 -89.73 -64.50 -13.09
N ALA X 170 -90.74 -64.46 -12.21
CA ALA X 170 -92.06 -63.99 -12.62
C ALA X 170 -92.12 -62.46 -12.71
N THR X 171 -91.50 -61.78 -11.74
CA THR X 171 -91.51 -60.32 -11.76
C THR X 171 -90.73 -59.76 -12.94
N GLU X 172 -89.67 -60.43 -13.36
CA GLU X 172 -88.92 -59.98 -14.53
C GLU X 172 -89.74 -60.09 -15.80
N ALA X 173 -90.59 -61.13 -15.91
CA ALA X 173 -91.44 -61.25 -17.08
C ALA X 173 -92.58 -60.24 -17.05
N GLY X 174 -93.01 -59.83 -15.86
CA GLY X 174 -94.07 -58.84 -15.76
C GLY X 174 -93.60 -57.42 -16.02
N GLN X 175 -92.37 -57.10 -15.63
CA GLN X 175 -91.84 -55.76 -15.86
C GLN X 175 -91.59 -55.52 -17.35
N ARG X 176 -91.07 -56.54 -18.05
CA ARG X 176 -90.81 -56.39 -19.47
C ARG X 176 -92.10 -56.24 -20.27
N ALA X 177 -93.20 -56.78 -19.77
CA ALA X 177 -94.49 -56.66 -20.43
C ALA X 177 -95.25 -55.41 -20.02
N ALA X 178 -95.05 -54.92 -18.80
CA ALA X 178 -95.76 -53.73 -18.34
C ALA X 178 -95.16 -52.45 -18.91
N GLU X 179 -93.86 -52.45 -19.22
CA GLU X 179 -93.23 -51.26 -19.80
C GLU X 179 -93.78 -50.94 -21.18
N ARG X 180 -94.37 -51.91 -21.87
CA ARG X 180 -94.97 -51.68 -23.17
C ARG X 180 -96.34 -51.00 -23.08
N VAL X 181 -96.94 -50.95 -21.88
CA VAL X 181 -98.30 -50.45 -21.72
C VAL X 181 -98.30 -49.15 -20.95
N GLY X 182 -98.07 -49.23 -19.63
CA GLY X 182 -98.19 -48.10 -18.74
C GLY X 182 -96.86 -47.62 -18.18
N GLU X 183 -96.97 -46.78 -17.16
CA GLU X 183 -95.82 -46.17 -16.52
C GLU X 183 -95.42 -47.02 -15.32
N VAL X 184 -94.37 -47.81 -15.47
CA VAL X 184 -93.90 -48.68 -14.39
C VAL X 184 -93.23 -47.82 -13.33
N VAL X 185 -93.66 -47.97 -12.08
CA VAL X 185 -93.17 -47.17 -10.98
C VAL X 185 -92.06 -47.87 -10.22
N ALA X 186 -92.30 -49.09 -9.76
CA ALA X 186 -91.31 -49.81 -8.98
C ALA X 186 -91.54 -51.30 -9.11
N VAL X 187 -90.44 -52.06 -9.09
CA VAL X 187 -90.46 -53.52 -9.13
C VAL X 187 -89.44 -54.04 -8.14
N HIS X 188 -89.87 -54.90 -7.22
CA HIS X 188 -88.99 -55.41 -6.20
C HIS X 188 -89.45 -56.82 -5.79
N VAL X 189 -88.50 -57.59 -5.24
CA VAL X 189 -88.75 -58.95 -4.79
C VAL X 189 -88.14 -59.11 -3.40
N ILE X 190 -88.93 -59.67 -2.48
CA ILE X 190 -88.47 -59.97 -1.13
C ILE X 190 -88.37 -61.49 -0.99
N PRO X 191 -87.19 -62.04 -0.70
CA PRO X 191 -87.04 -63.50 -0.64
C PRO X 191 -87.88 -64.13 0.47
N ARG X 192 -87.62 -63.75 1.72
CA ARG X 192 -88.35 -64.28 2.87
C ARG X 192 -88.76 -63.09 3.74
N PRO X 193 -89.97 -62.56 3.52
CA PRO X 193 -90.43 -61.44 4.36
C PRO X 193 -90.68 -61.88 5.79
N HIS X 194 -90.44 -60.95 6.71
CA HIS X 194 -90.63 -61.24 8.13
C HIS X 194 -92.10 -61.49 8.42
N VAL X 195 -92.35 -62.26 9.48
CA VAL X 195 -93.72 -62.64 9.81
C VAL X 195 -94.53 -61.43 10.24
N ASN X 196 -93.89 -60.42 10.82
CA ASN X 196 -94.62 -59.23 11.27
C ASN X 196 -95.13 -58.41 10.10
N VAL X 197 -94.50 -58.53 8.92
CA VAL X 197 -94.95 -57.78 7.76
C VAL X 197 -96.25 -58.37 7.23
N ASP X 198 -96.31 -59.70 7.10
CA ASP X 198 -97.53 -60.35 6.64
C ASP X 198 -98.68 -60.20 7.62
N ALA X 199 -98.38 -59.94 8.90
CA ALA X 199 -99.44 -59.80 9.90
C ALA X 199 -100.12 -58.44 9.82
N ALA X 200 -99.41 -57.40 9.39
CA ALA X 200 -99.96 -56.05 9.34
C ALA X 200 -100.28 -55.57 7.94
N LEU X 201 -99.73 -56.19 6.90
CA LEU X 201 -99.97 -55.74 5.54
C LEU X 201 -100.76 -56.78 4.76
N PRO X 202 -101.73 -56.35 3.94
CA PRO X 202 -102.49 -57.32 3.15
C PRO X 202 -101.70 -57.88 1.98
N LEU X 203 -100.91 -58.94 2.24
CA LEU X 203 -100.05 -59.52 1.23
C LEU X 203 -100.44 -60.97 0.90
N GLY X 204 -101.69 -61.34 1.15
CA GLY X 204 -102.18 -62.66 0.82
C GLY X 204 -101.81 -63.77 1.78
N ARG X 205 -100.85 -63.54 2.68
CA ARG X 205 -100.44 -64.54 3.65
C ARG X 205 -100.81 -64.16 5.08
N THR X 206 -101.62 -63.12 5.25
CA THR X 206 -102.02 -62.68 6.58
C THR X 206 -102.85 -63.76 7.27
N PRO X 207 -102.38 -64.31 8.39
CA PRO X 207 -103.16 -65.35 9.08
C PRO X 207 -104.46 -64.80 9.65
N GLY X 208 -105.58 -65.26 9.11
CA GLY X 208 -106.89 -64.80 9.55
C GLY X 208 -107.76 -64.33 8.41
N ALA Y 2 20.30 77.72 25.15
CA ALA Y 2 19.91 78.89 24.39
C ALA Y 2 18.41 78.87 24.08
N ASP Y 3 17.92 79.95 23.50
CA ASP Y 3 16.51 80.04 23.15
C ASP Y 3 16.20 79.17 21.93
N ALA Y 4 14.93 78.86 21.75
CA ALA Y 4 14.50 78.02 20.64
C ALA Y 4 14.54 78.79 19.33
N LEU Y 5 14.37 78.06 18.23
CA LEU Y 5 14.49 78.62 16.88
C LEU Y 5 13.28 78.22 16.04
N GLY Y 6 12.75 79.19 15.31
CA GLY Y 6 11.67 78.94 14.38
C GLY Y 6 11.91 79.61 13.04
N MET Y 7 11.77 78.85 11.96
CA MET Y 7 12.09 79.36 10.62
C MET Y 7 10.98 79.01 9.65
N ILE Y 8 10.71 79.92 8.72
CA ILE Y 8 9.75 79.71 7.64
C ILE Y 8 10.36 80.30 6.37
N GLU Y 9 10.55 79.45 5.36
CA GLU Y 9 11.15 79.86 4.09
C GLU Y 9 10.07 79.89 3.01
N VAL Y 10 10.00 80.99 2.28
CA VAL Y 10 9.01 81.18 1.22
C VAL Y 10 9.71 81.79 0.01
N ARG Y 11 9.47 81.21 -1.18
CA ARG Y 11 10.00 81.76 -2.42
C ARG Y 11 9.13 82.95 -2.84
N GLY Y 12 9.22 84.02 -2.04
CA GLY Y 12 8.42 85.20 -2.27
C GLY Y 12 8.39 86.10 -1.04
N PHE Y 13 8.66 87.39 -1.24
CA PHE Y 13 8.70 88.33 -0.12
C PHE Y 13 7.33 88.57 0.50
N VAL Y 14 6.26 88.33 -0.24
CA VAL Y 14 4.92 88.57 0.29
C VAL Y 14 4.55 87.47 1.28
N GLY Y 15 4.75 86.21 0.89
CA GLY Y 15 4.41 85.10 1.78
C GLY Y 15 5.26 85.07 3.04
N MET Y 16 6.48 85.57 2.97
CA MET Y 16 7.35 85.57 4.14
C MET Y 16 6.93 86.65 5.13
N VAL Y 17 6.45 87.80 4.64
CA VAL Y 17 6.02 88.86 5.53
C VAL Y 17 4.73 88.46 6.26
N GLU Y 18 3.78 87.88 5.54
CA GLU Y 18 2.55 87.41 6.18
C GLU Y 18 2.84 86.31 7.19
N ALA Y 19 3.81 85.44 6.88
CA ALA Y 19 4.21 84.40 7.83
C ALA Y 19 4.85 85.02 9.07
N ALA Y 20 5.66 86.07 8.89
CA ALA Y 20 6.28 86.73 10.03
C ALA Y 20 5.27 87.50 10.86
N ASP Y 21 4.21 88.02 10.22
CA ASP Y 21 3.19 88.74 10.97
C ASP Y 21 2.35 87.80 11.82
N ALA Y 22 2.03 86.61 11.28
CA ALA Y 22 1.23 85.65 12.02
C ALA Y 22 2.01 85.00 13.16
N MET Y 23 3.34 85.03 13.11
CA MET Y 23 4.14 84.41 14.17
C MET Y 23 4.20 85.29 15.41
N VAL Y 24 4.49 86.58 15.24
CA VAL Y 24 4.56 87.49 16.37
C VAL Y 24 3.19 87.77 16.96
N LYS Y 25 2.12 87.58 16.19
CA LYS Y 25 0.77 87.75 16.72
C LYS Y 25 0.31 86.54 17.51
N ALA Y 26 0.86 85.36 17.23
CA ALA Y 26 0.41 84.15 17.90
C ALA Y 26 0.84 84.12 19.36
N ALA Y 27 2.14 84.16 19.61
CA ALA Y 27 2.68 84.08 20.96
C ALA Y 27 3.83 85.08 21.09
N LYS Y 28 4.58 84.97 22.19
CA LYS Y 28 5.66 85.90 22.49
C LYS Y 28 6.94 85.39 21.86
N VAL Y 29 7.17 85.79 20.61
CA VAL Y 29 8.38 85.45 19.88
C VAL Y 29 9.00 86.73 19.33
N GLU Y 30 10.31 86.70 19.11
CA GLU Y 30 11.07 87.85 18.63
C GLU Y 30 11.50 87.60 17.19
N LEU Y 31 11.07 88.47 16.29
CA LEU Y 31 11.47 88.39 14.88
C LEU Y 31 12.84 89.04 14.74
N ILE Y 32 13.89 88.22 14.67
CA ILE Y 32 15.26 88.74 14.64
C ILE Y 32 15.66 89.29 13.28
N GLY Y 33 14.90 89.00 12.23
CA GLY Y 33 15.20 89.49 10.90
C GLY Y 33 14.84 88.44 9.87
N TYR Y 34 15.35 88.65 8.66
CA TYR Y 34 15.07 87.76 7.54
C TYR Y 34 16.33 87.56 6.73
N GLU Y 35 16.45 86.37 6.12
CA GLU Y 35 17.62 85.97 5.35
C GLU Y 35 17.24 85.82 3.89
N LYS Y 36 18.00 86.47 3.01
CA LYS Y 36 17.77 86.43 1.57
C LYS Y 36 18.85 85.55 0.94
N THR Y 37 18.44 84.38 0.44
CA THR Y 37 19.36 83.42 -0.15
C THR Y 37 19.38 83.47 -1.67
N GLY Y 38 18.72 84.46 -2.27
CA GLY Y 38 18.72 84.60 -3.71
C GLY Y 38 17.69 83.72 -4.39
N GLY Y 39 17.40 84.05 -5.65
CA GLY Y 39 16.41 83.33 -6.41
C GLY Y 39 14.99 83.49 -5.92
N GLY Y 40 14.71 84.55 -5.17
CA GLY Y 40 13.40 84.76 -4.60
C GLY Y 40 13.17 84.08 -3.26
N TYR Y 41 14.12 83.29 -2.77
CA TYR Y 41 13.97 82.61 -1.50
C TYR Y 41 14.31 83.54 -0.35
N VAL Y 42 13.40 83.67 0.60
CA VAL Y 42 13.60 84.45 1.81
C VAL Y 42 13.11 83.64 3.00
N THR Y 43 13.79 83.80 4.13
CA THR Y 43 13.52 83.00 5.33
C THR Y 43 13.28 83.93 6.50
N ALA Y 44 12.14 83.75 7.16
CA ALA Y 44 11.82 84.49 8.37
C ALA Y 44 12.28 83.69 9.58
N VAL Y 45 12.98 84.36 10.51
CA VAL Y 45 13.58 83.71 11.67
C VAL Y 45 13.01 84.35 12.93
N VAL Y 46 12.51 83.51 13.84
CA VAL Y 46 11.97 83.96 15.12
C VAL Y 46 12.65 83.18 16.24
N ARG Y 47 12.73 83.80 17.41
CA ARG Y 47 13.34 83.19 18.58
C ARG Y 47 12.39 83.30 19.78
N GLY Y 48 12.64 82.46 20.77
CA GLY Y 48 11.81 82.44 21.96
C GLY Y 48 11.93 81.10 22.65
N ASP Y 49 10.97 80.82 23.54
CA ASP Y 49 10.92 79.53 24.21
C ASP Y 49 10.16 78.53 23.36
N VAL Y 50 10.27 77.25 23.74
CA VAL Y 50 9.73 76.18 22.92
C VAL Y 50 8.20 76.24 22.86
N ALA Y 51 7.55 76.75 23.91
CA ALA Y 51 6.10 76.80 23.91
C ALA Y 51 5.57 77.84 22.94
N ALA Y 52 6.25 78.98 22.82
CA ALA Y 52 5.77 80.05 21.96
C ALA Y 52 6.22 79.85 20.51
N VAL Y 53 7.44 79.36 20.30
CA VAL Y 53 7.96 79.27 18.95
C VAL Y 53 7.28 78.15 18.16
N LYS Y 54 6.81 77.11 18.84
CA LYS Y 54 6.15 76.02 18.14
C LYS Y 54 4.68 76.32 17.87
N ALA Y 55 4.04 77.09 18.74
CA ALA Y 55 2.66 77.51 18.48
C ALA Y 55 2.59 78.62 17.45
N ALA Y 56 3.62 79.46 17.36
CA ALA Y 56 3.65 80.52 16.36
C ALA Y 56 4.05 80.00 14.98
N THR Y 57 4.84 78.92 14.93
CA THR Y 57 5.28 78.39 13.65
C THR Y 57 4.12 77.74 12.89
N GLU Y 58 3.27 77.00 13.60
CA GLU Y 58 2.12 76.38 12.95
C GLU Y 58 1.09 77.43 12.53
N ALA Y 59 1.03 78.56 13.25
CA ALA Y 59 0.09 79.61 12.89
C ALA Y 59 0.57 80.41 11.68
N GLY Y 60 1.88 80.59 11.55
CA GLY Y 60 2.41 81.29 10.40
C GLY Y 60 2.39 80.47 9.13
N GLN Y 61 2.49 79.15 9.25
CA GLN Y 61 2.45 78.28 8.08
C GLN Y 61 1.06 78.25 7.47
N ARG Y 62 0.04 78.07 8.30
CA ARG Y 62 -1.33 78.03 7.79
C ARG Y 62 -1.77 79.37 7.21
N ALA Y 63 -1.15 80.47 7.67
CA ALA Y 63 -1.47 81.77 7.12
C ALA Y 63 -0.68 82.07 5.84
N ALA Y 64 0.52 81.50 5.72
CA ALA Y 64 1.35 81.74 4.54
C ALA Y 64 0.99 80.83 3.37
N GLU Y 65 0.30 79.71 3.63
CA GLU Y 65 -0.11 78.82 2.56
C GLU Y 65 -1.19 79.42 1.67
N ARG Y 66 -1.84 80.50 2.10
CA ARG Y 66 -2.90 81.13 1.34
C ARG Y 66 -2.41 82.29 0.47
N VAL Y 67 -1.15 82.70 0.61
CA VAL Y 67 -0.63 83.87 -0.08
C VAL Y 67 0.55 83.54 -0.99
N GLY Y 68 1.44 82.65 -0.57
CA GLY Y 68 2.63 82.36 -1.34
C GLY Y 68 3.04 80.90 -1.36
N GLU Y 69 4.20 80.62 -1.93
CA GLU Y 69 4.71 79.26 -2.04
C GLU Y 69 5.62 78.98 -0.85
N VAL Y 70 5.14 78.16 0.08
CA VAL Y 70 5.90 77.81 1.27
C VAL Y 70 6.91 76.72 0.90
N VAL Y 71 8.18 76.98 1.20
CA VAL Y 71 9.25 76.04 0.84
C VAL Y 71 9.57 75.10 2.01
N ALA Y 72 9.82 75.66 3.19
CA ALA Y 72 10.19 74.85 4.35
C ALA Y 72 9.69 75.51 5.62
N VAL Y 73 9.31 74.67 6.58
CA VAL Y 73 8.84 75.12 7.90
C VAL Y 73 9.38 74.13 8.93
N HIS Y 74 10.18 74.64 9.87
CA HIS Y 74 10.83 73.76 10.84
C HIS Y 74 11.07 74.52 12.14
N VAL Y 75 11.07 73.76 13.24
CA VAL Y 75 11.33 74.30 14.57
C VAL Y 75 12.45 73.49 15.21
N ILE Y 76 13.44 74.19 15.78
CA ILE Y 76 14.53 73.57 16.51
C ILE Y 76 14.38 73.94 17.98
N PRO Y 77 14.08 72.98 18.87
CA PRO Y 77 13.81 73.35 20.28
C PRO Y 77 15.00 73.97 20.98
N ARG Y 78 16.21 73.46 20.73
CA ARG Y 78 17.42 74.02 21.31
C ARG Y 78 18.55 73.95 20.29
N PRO Y 79 18.82 75.03 19.58
CA PRO Y 79 19.95 75.04 18.66
C PRO Y 79 21.27 74.91 19.41
N HIS Y 80 22.20 74.18 18.80
CA HIS Y 80 23.52 74.00 19.40
C HIS Y 80 24.25 75.35 19.46
N VAL Y 81 25.20 75.45 20.39
CA VAL Y 81 25.94 76.69 20.57
C VAL Y 81 26.75 77.02 19.32
N ASN Y 82 27.28 76.00 18.63
CA ASN Y 82 28.04 76.23 17.42
C ASN Y 82 27.17 76.76 16.29
N VAL Y 83 25.87 76.46 16.32
CA VAL Y 83 24.97 76.95 15.28
C VAL Y 83 24.78 78.45 15.40
N ASP Y 84 24.56 78.94 16.62
CA ASP Y 84 24.38 80.38 16.82
C ASP Y 84 25.67 81.15 16.59
N ALA Y 85 26.82 80.49 16.75
CA ALA Y 85 28.09 81.19 16.63
C ALA Y 85 28.45 81.47 15.17
N ALA Y 86 28.00 80.62 14.25
CA ALA Y 86 28.36 80.72 12.85
C ALA Y 86 27.21 81.16 11.95
N LEU Y 87 25.97 81.11 12.43
CA LEU Y 87 24.83 81.47 11.59
C LEU Y 87 24.13 82.70 12.14
N PRO Y 88 23.72 83.62 11.26
CA PRO Y 88 23.00 84.82 11.74
C PRO Y 88 21.57 84.52 12.15
N LEU Y 89 21.39 83.96 13.35
CA LEU Y 89 20.09 83.59 13.86
C LEU Y 89 19.68 84.43 15.06
N GLY Y 90 20.26 85.63 15.22
CA GLY Y 90 19.92 86.53 16.28
C GLY Y 90 20.79 86.42 17.51
N ARG Y 91 21.28 85.21 17.83
CA ARG Y 91 22.09 84.98 19.02
C ARG Y 91 23.55 84.85 18.59
N THR Y 92 24.36 85.82 18.98
CA THR Y 92 25.77 85.92 18.62
C THR Y 92 26.52 86.50 19.81
N PRO Y 93 27.84 86.69 19.73
CA PRO Y 93 28.52 87.44 20.80
C PRO Y 93 27.93 88.83 21.00
N GLY Y 94 27.71 89.57 19.92
CA GLY Y 94 27.12 90.89 20.02
C GLY Y 94 25.93 91.09 19.10
N ALA Y 116 -0.61 102.14 13.88
CA ALA Y 116 0.19 101.71 12.75
C ALA Y 116 -0.66 101.60 11.49
N ASP Y 117 -0.10 102.01 10.35
CA ASP Y 117 -0.80 101.97 9.09
C ASP Y 117 -0.85 100.54 8.56
N ALA Y 118 -1.77 100.31 7.62
CA ALA Y 118 -1.92 99.01 7.00
C ALA Y 118 -0.81 98.77 5.97
N LEU Y 119 -0.68 97.52 5.55
CA LEU Y 119 0.39 97.10 4.66
C LEU Y 119 -0.19 96.49 3.39
N GLY Y 120 0.25 96.97 2.24
CA GLY Y 120 -0.13 96.42 0.96
C GLY Y 120 1.07 96.01 0.13
N MET Y 121 1.08 94.78 -0.37
CA MET Y 121 2.23 94.24 -1.06
C MET Y 121 1.81 93.53 -2.35
N ILE Y 122 2.63 93.68 -3.39
CA ILE Y 122 2.41 93.02 -4.68
C ILE Y 122 3.77 92.57 -5.20
N GLU Y 123 3.90 91.28 -5.49
CA GLU Y 123 5.14 90.69 -5.98
C GLU Y 123 4.96 90.22 -7.41
N VAL Y 124 5.92 90.57 -8.27
CA VAL Y 124 5.90 90.23 -9.69
C VAL Y 124 7.27 89.74 -10.11
N ARG Y 125 7.32 88.64 -10.86
CA ARG Y 125 8.57 88.17 -11.46
C ARG Y 125 8.85 88.99 -12.72
N GLY Y 126 9.18 90.26 -12.50
CA GLY Y 126 9.41 91.20 -13.58
C GLY Y 126 9.32 92.63 -13.11
N PHE Y 127 10.37 93.41 -13.36
CA PHE Y 127 10.42 94.79 -12.89
C PHE Y 127 9.35 95.64 -13.57
N VAL Y 128 9.00 95.33 -14.82
CA VAL Y 128 8.00 96.12 -15.53
C VAL Y 128 6.63 95.90 -14.93
N GLY Y 129 6.26 94.64 -14.66
CA GLY Y 129 4.98 94.36 -14.06
C GLY Y 129 4.83 94.92 -12.67
N MET Y 130 5.95 95.09 -11.96
CA MET Y 130 5.91 95.65 -10.61
C MET Y 130 5.74 97.17 -10.65
N VAL Y 131 6.36 97.84 -11.63
CA VAL Y 131 6.21 99.28 -11.75
C VAL Y 131 4.80 99.64 -12.16
N GLU Y 132 4.22 98.90 -13.12
CA GLU Y 132 2.84 99.14 -13.50
C GLU Y 132 1.89 98.86 -12.33
N ALA Y 133 2.20 97.84 -11.52
CA ALA Y 133 1.37 97.55 -10.36
C ALA Y 133 1.47 98.66 -9.33
N ALA Y 134 2.66 99.24 -9.17
CA ALA Y 134 2.84 100.33 -8.21
C ALA Y 134 2.15 101.60 -8.69
N ASP Y 135 2.15 101.84 -9.99
CA ASP Y 135 1.52 103.04 -10.53
C ASP Y 135 0.00 102.96 -10.40
N ALA Y 136 -0.58 101.77 -10.54
CA ALA Y 136 -2.02 101.63 -10.42
C ALA Y 136 -2.49 101.73 -8.98
N MET Y 137 -1.62 101.37 -8.02
CA MET Y 137 -2.01 101.43 -6.61
C MET Y 137 -2.13 102.87 -6.13
N VAL Y 138 -1.10 103.68 -6.38
CA VAL Y 138 -1.12 105.07 -5.91
C VAL Y 138 -2.17 105.90 -6.64
N LYS Y 139 -2.61 105.46 -7.81
CA LYS Y 139 -3.68 106.15 -8.52
C LYS Y 139 -5.07 105.72 -8.08
N ALA Y 140 -5.20 104.51 -7.54
CA ALA Y 140 -6.51 104.00 -7.15
C ALA Y 140 -6.99 104.62 -5.83
N ALA Y 141 -6.14 104.59 -4.81
CA ALA Y 141 -6.49 105.08 -3.49
C ALA Y 141 -5.38 105.98 -2.96
N LYS Y 142 -5.60 106.51 -1.76
CA LYS Y 142 -4.63 107.41 -1.11
C LYS Y 142 -3.69 106.57 -0.25
N VAL Y 143 -2.67 106.02 -0.92
CA VAL Y 143 -1.64 105.22 -0.27
C VAL Y 143 -0.27 105.77 -0.63
N GLU Y 144 0.74 105.36 0.14
CA GLU Y 144 2.11 105.82 -0.04
C GLU Y 144 2.99 104.63 -0.41
N LEU Y 145 3.64 104.72 -1.56
CA LEU Y 145 4.57 103.68 -1.99
C LEU Y 145 5.91 103.93 -1.31
N ILE Y 146 6.24 103.11 -0.32
CA ILE Y 146 7.47 103.30 0.45
C ILE Y 146 8.70 102.85 -0.32
N GLY Y 147 8.54 102.03 -1.35
CA GLY Y 147 9.67 101.54 -2.11
C GLY Y 147 9.40 100.13 -2.59
N TYR Y 148 10.47 99.48 -3.04
CA TYR Y 148 10.38 98.13 -3.57
C TYR Y 148 11.51 97.28 -3.01
N GLU Y 149 11.26 95.97 -2.94
CA GLU Y 149 12.22 95.01 -2.40
C GLU Y 149 12.61 94.01 -3.48
N LYS Y 150 13.90 93.72 -3.58
CA LYS Y 150 14.45 92.80 -4.57
C LYS Y 150 14.96 91.56 -3.84
N THR Y 151 14.30 90.43 -4.04
CA THR Y 151 14.69 89.18 -3.42
C THR Y 151 15.55 88.30 -4.32
N GLY Y 152 15.88 88.76 -5.52
CA GLY Y 152 16.70 88.00 -6.43
C GLY Y 152 15.89 87.11 -7.35
N GLY Y 153 16.55 86.65 -8.42
CA GLY Y 153 15.90 85.81 -9.39
C GLY Y 153 14.81 86.48 -10.18
N GLY Y 154 14.86 87.80 -10.33
CA GLY Y 154 13.83 88.54 -11.03
C GLY Y 154 12.61 88.89 -10.22
N TYR Y 155 12.57 88.51 -8.94
CA TYR Y 155 11.42 88.78 -8.08
C TYR Y 155 11.56 90.18 -7.48
N VAL Y 156 10.50 90.97 -7.58
CA VAL Y 156 10.43 92.29 -6.98
C VAL Y 156 9.06 92.46 -6.35
N THR Y 157 9.01 93.26 -5.27
CA THR Y 157 7.80 93.43 -4.48
C THR Y 157 7.58 94.90 -4.22
N ALA Y 158 6.41 95.41 -4.61
CA ALA Y 158 6.01 96.78 -4.32
C ALA Y 158 5.33 96.83 -2.95
N VAL Y 159 5.71 97.81 -2.13
CA VAL Y 159 5.24 97.92 -0.75
C VAL Y 159 4.57 99.28 -0.59
N VAL Y 160 3.30 99.27 -0.19
CA VAL Y 160 2.54 100.50 0.03
C VAL Y 160 1.93 100.47 1.42
N ARG Y 161 1.70 101.66 1.97
CA ARG Y 161 1.11 101.82 3.29
C ARG Y 161 -0.04 102.82 3.22
N GLY Y 162 -1.00 102.66 4.12
CA GLY Y 162 -2.14 103.56 4.15
C GLY Y 162 -3.27 102.99 4.99
N ASP Y 163 -4.48 103.47 4.71
CA ASP Y 163 -5.67 103.00 5.41
C ASP Y 163 -5.94 101.54 5.08
N VAL Y 164 -6.67 100.87 5.99
CA VAL Y 164 -6.94 99.45 5.82
C VAL Y 164 -7.72 99.19 4.53
N ALA Y 165 -8.79 99.97 4.31
CA ALA Y 165 -9.57 99.81 3.09
C ALA Y 165 -8.93 100.49 1.89
N ALA Y 166 -8.02 101.43 2.12
CA ALA Y 166 -7.31 102.04 0.99
C ALA Y 166 -6.38 101.05 0.32
N VAL Y 167 -5.50 100.41 1.10
CA VAL Y 167 -4.63 99.39 0.55
C VAL Y 167 -5.41 98.14 0.15
N LYS Y 168 -6.59 97.92 0.75
CA LYS Y 168 -7.43 96.81 0.33
C LYS Y 168 -7.99 97.02 -1.06
N ALA Y 169 -8.33 98.27 -1.39
CA ALA Y 169 -8.82 98.61 -2.72
C ALA Y 169 -7.69 98.94 -3.69
N ALA Y 170 -6.52 99.30 -3.18
CA ALA Y 170 -5.39 99.61 -4.07
C ALA Y 170 -4.74 98.34 -4.60
N THR Y 171 -4.63 97.31 -3.77
CA THR Y 171 -4.03 96.06 -4.23
C THR Y 171 -4.93 95.33 -5.22
N GLU Y 172 -6.24 95.48 -5.09
CA GLU Y 172 -7.16 94.86 -6.05
C GLU Y 172 -7.02 95.50 -7.42
N ALA Y 173 -6.81 96.82 -7.48
CA ALA Y 173 -6.61 97.49 -8.76
C ALA Y 173 -5.18 97.32 -9.26
N GLY Y 174 -4.21 97.18 -8.36
CA GLY Y 174 -2.83 96.98 -8.79
C GLY Y 174 -2.60 95.60 -9.38
N GLN Y 175 -3.23 94.57 -8.79
CA GLN Y 175 -3.11 93.23 -9.34
C GLN Y 175 -3.76 93.11 -10.71
N ARG Y 176 -4.94 93.74 -10.87
CA ARG Y 176 -5.65 93.65 -12.13
C ARG Y 176 -4.90 94.34 -13.27
N ALA Y 177 -4.20 95.42 -12.98
CA ALA Y 177 -3.45 96.14 -14.01
C ALA Y 177 -2.12 95.47 -14.32
N ALA Y 178 -1.62 94.61 -13.43
CA ALA Y 178 -0.34 93.93 -13.64
C ALA Y 178 -0.49 92.54 -14.26
N GLU Y 179 -1.68 91.95 -14.22
CA GLU Y 179 -1.87 90.64 -14.82
C GLU Y 179 -1.72 90.69 -16.34
N ARG Y 180 -2.03 91.84 -16.95
CA ARG Y 180 -1.89 92.02 -18.39
C ARG Y 180 -0.53 92.55 -18.79
N VAL Y 181 0.44 92.55 -17.87
CA VAL Y 181 1.78 93.05 -18.16
C VAL Y 181 2.81 91.97 -17.85
N GLY Y 182 2.82 91.50 -16.61
CA GLY Y 182 3.80 90.51 -16.20
C GLY Y 182 3.23 89.33 -15.46
N GLU Y 183 4.08 88.56 -14.79
CA GLU Y 183 3.68 87.36 -14.06
C GLU Y 183 3.46 87.73 -12.60
N VAL Y 184 2.20 87.81 -12.19
CA VAL Y 184 1.86 88.16 -10.81
C VAL Y 184 2.06 86.95 -9.92
N VAL Y 185 2.81 87.13 -8.84
CA VAL Y 185 3.14 86.03 -7.94
C VAL Y 185 2.16 85.99 -6.77
N ALA Y 186 2.16 87.04 -5.96
CA ALA Y 186 1.35 87.07 -4.75
C ALA Y 186 0.86 88.48 -4.48
N VAL Y 187 -0.32 88.57 -3.88
CA VAL Y 187 -0.92 89.84 -3.45
C VAL Y 187 -1.59 89.61 -2.11
N HIS Y 188 -1.18 90.39 -1.10
CA HIS Y 188 -1.74 90.23 0.24
C HIS Y 188 -1.77 91.59 0.93
N VAL Y 189 -2.65 91.71 1.91
CA VAL Y 189 -2.84 92.94 2.69
C VAL Y 189 -2.86 92.57 4.16
N ILE Y 190 -2.09 93.31 4.96
CA ILE Y 190 -2.04 93.15 6.41
C ILE Y 190 -2.70 94.38 7.03
N PRO Y 191 -3.88 94.24 7.65
CA PRO Y 191 -4.57 95.41 8.21
C PRO Y 191 -3.80 96.07 9.36
N ARG Y 192 -3.51 95.30 10.41
CA ARG Y 192 -2.83 95.80 11.60
C ARG Y 192 -1.52 95.05 11.77
N PRO Y 193 -0.45 95.50 11.12
CA PRO Y 193 0.84 94.83 11.27
C PRO Y 193 1.42 95.05 12.65
N HIS Y 194 2.00 93.99 13.21
CA HIS Y 194 2.59 94.05 14.54
C HIS Y 194 3.81 94.98 14.53
N VAL Y 195 4.13 95.52 15.71
CA VAL Y 195 5.23 96.45 15.83
C VAL Y 195 6.57 95.77 15.53
N ASN Y 196 6.67 94.47 15.86
CA ASN Y 196 7.91 93.74 15.57
C ASN Y 196 8.12 93.56 14.07
N VAL Y 197 7.04 93.58 13.29
CA VAL Y 197 7.17 93.40 11.84
C VAL Y 197 7.79 94.64 11.21
N ASP Y 198 7.30 95.82 11.61
CA ASP Y 198 7.83 97.06 11.05
C ASP Y 198 9.25 97.35 11.53
N ALA Y 199 9.70 96.69 12.60
CA ALA Y 199 11.01 97.01 13.15
C ALA Y 199 12.13 96.22 12.47
N ALA Y 200 11.84 95.01 12.00
CA ALA Y 200 12.85 94.14 11.41
C ALA Y 200 12.76 94.03 9.90
N LEU Y 201 11.69 94.56 9.29
CA LEU Y 201 11.52 94.44 7.85
C LEU Y 201 11.47 95.81 7.20
N PRO Y 202 12.07 95.98 6.02
CA PRO Y 202 12.02 97.28 5.34
C PRO Y 202 10.66 97.54 4.71
N LEU Y 203 9.67 97.88 5.55
CA LEU Y 203 8.30 98.11 5.10
C LEU Y 203 7.91 99.58 5.17
N GLY Y 204 8.89 100.48 5.25
CA GLY Y 204 8.63 101.90 5.22
C GLY Y 204 8.23 102.53 6.53
N ARG Y 205 8.12 101.76 7.61
CA ARG Y 205 7.75 102.27 8.92
C ARG Y 205 8.77 101.86 9.97
N THR Y 206 10.04 101.86 9.61
CA THR Y 206 11.11 101.48 10.53
C THR Y 206 11.52 102.70 11.34
N PRO Y 207 11.30 102.72 12.66
CA PRO Y 207 11.66 103.85 13.52
C PRO Y 207 13.16 104.11 13.57
N ALA Z 2 4.83 115.10 -15.03
CA ALA Z 2 5.97 114.19 -15.19
C ALA Z 2 6.02 113.63 -16.61
N ASP Z 3 7.21 113.21 -17.03
CA ASP Z 3 7.40 112.65 -18.35
C ASP Z 3 6.78 111.26 -18.44
N ALA Z 4 6.65 110.77 -19.67
CA ALA Z 4 6.13 109.43 -19.89
C ALA Z 4 7.20 108.38 -19.57
N LEU Z 5 6.75 107.17 -19.28
CA LEU Z 5 7.61 106.07 -18.87
C LEU Z 5 7.56 104.95 -19.89
N GLY Z 6 8.72 104.46 -20.29
CA GLY Z 6 8.81 103.33 -21.19
C GLY Z 6 9.83 102.31 -20.72
N MET Z 7 9.43 101.04 -20.67
CA MET Z 7 10.29 99.99 -20.12
C MET Z 7 10.27 98.76 -21.02
N ILE Z 8 11.42 98.12 -21.16
CA ILE Z 8 11.57 96.88 -21.90
C ILE Z 8 12.42 95.94 -21.06
N GLU Z 9 11.85 94.81 -20.65
CA GLU Z 9 12.53 93.84 -19.80
C GLU Z 9 12.93 92.63 -20.64
N VAL Z 10 14.18 92.20 -20.49
CA VAL Z 10 14.73 91.09 -21.26
C VAL Z 10 15.56 90.21 -20.33
N ARG Z 11 15.35 88.90 -20.38
CA ARG Z 11 16.20 87.96 -19.66
C ARG Z 11 17.48 87.77 -20.47
N GLY Z 12 18.33 88.78 -20.40
CA GLY Z 12 19.56 88.80 -21.17
C GLY Z 12 20.11 90.20 -21.33
N PHE Z 13 21.35 90.41 -20.90
CA PHE Z 13 21.94 91.74 -20.95
C PHE Z 13 22.16 92.21 -22.38
N VAL Z 14 22.36 91.28 -23.31
CA VAL Z 14 22.58 91.66 -24.71
C VAL Z 14 21.27 92.16 -25.34
N GLY Z 15 20.17 91.44 -25.10
CA GLY Z 15 18.90 91.88 -25.66
C GLY Z 15 18.42 93.20 -25.11
N MET Z 16 18.83 93.54 -23.88
CA MET Z 16 18.43 94.81 -23.29
C MET Z 16 19.20 95.97 -23.91
N VAL Z 17 20.48 95.76 -24.22
CA VAL Z 17 21.29 96.83 -24.80
C VAL Z 17 20.81 97.16 -26.20
N GLU Z 18 20.51 96.15 -27.02
CA GLU Z 18 19.99 96.40 -28.36
C GLU Z 18 18.62 97.08 -28.29
N ALA Z 19 17.81 96.72 -27.30
CA ALA Z 19 16.53 97.42 -27.11
C ALA Z 19 16.76 98.86 -26.72
N ALA Z 20 17.78 99.14 -25.91
CA ALA Z 20 18.08 100.51 -25.51
C ALA Z 20 18.64 101.31 -26.68
N ASP Z 21 19.48 100.69 -27.50
CA ASP Z 21 20.06 101.40 -28.65
C ASP Z 21 19.01 101.74 -29.68
N ALA Z 22 18.02 100.85 -29.87
CA ALA Z 22 16.97 101.10 -30.84
C ALA Z 22 15.96 102.12 -30.36
N MET Z 23 15.82 102.28 -29.04
CA MET Z 23 14.84 103.23 -28.52
C MET Z 23 15.33 104.67 -28.66
N VAL Z 24 16.60 104.92 -28.32
CA VAL Z 24 17.13 106.28 -28.40
C VAL Z 24 17.32 106.73 -29.84
N LYS Z 25 17.44 105.80 -30.79
CA LYS Z 25 17.56 106.16 -32.19
C LYS Z 25 16.22 106.30 -32.89
N ALA Z 26 15.14 105.80 -32.29
CA ALA Z 26 13.83 105.86 -32.92
C ALA Z 26 13.20 107.24 -32.76
N ALA Z 27 13.01 107.68 -31.51
CA ALA Z 27 12.40 108.98 -31.25
C ALA Z 27 13.21 109.76 -30.22
N LYS Z 28 12.62 110.83 -29.68
CA LYS Z 28 13.30 111.67 -28.70
C LYS Z 28 12.97 111.16 -27.30
N VAL Z 29 13.74 110.16 -26.86
CA VAL Z 29 13.61 109.60 -25.53
C VAL Z 29 15.01 109.51 -24.90
N GLU Z 30 15.06 109.64 -23.58
CA GLU Z 30 16.30 109.61 -22.84
C GLU Z 30 16.43 108.29 -22.09
N LEU Z 31 17.57 107.62 -22.27
CA LEU Z 31 17.86 106.39 -21.54
C LEU Z 31 18.38 106.74 -20.16
N ILE Z 32 17.55 106.56 -19.14
CA ILE Z 32 17.92 106.96 -17.78
C ILE Z 32 18.83 105.95 -17.10
N GLY Z 33 18.88 104.72 -17.59
CA GLY Z 33 19.69 103.68 -17.00
C GLY Z 33 19.00 102.34 -17.12
N TYR Z 34 19.47 101.38 -16.33
CA TYR Z 34 18.94 100.02 -16.36
C TYR Z 34 18.88 99.47 -14.95
N GLU Z 35 17.94 98.55 -14.73
CA GLU Z 35 17.70 97.94 -13.43
C GLU Z 35 18.00 96.45 -13.52
N LYS Z 36 18.74 95.94 -12.54
CA LYS Z 36 19.11 94.52 -12.48
C LYS Z 36 18.35 93.88 -11.32
N THR Z 37 17.35 93.06 -11.65
CA THR Z 37 16.53 92.40 -10.64
C THR Z 37 17.03 91.00 -10.30
N GLY Z 38 18.12 90.56 -10.89
CA GLY Z 38 18.67 89.24 -10.59
C GLY Z 38 18.09 88.15 -11.49
N GLY Z 39 18.83 87.04 -11.55
CA GLY Z 39 18.41 85.92 -12.37
C GLY Z 39 18.47 86.19 -13.86
N GLY Z 40 19.40 87.04 -14.30
CA GLY Z 40 19.52 87.38 -15.69
C GLY Z 40 18.51 88.42 -16.20
N TYR Z 41 17.57 88.84 -15.35
CA TYR Z 41 16.57 89.81 -15.76
C TYR Z 41 17.14 91.23 -15.67
N VAL Z 42 17.01 91.98 -16.75
CA VAL Z 42 17.40 93.38 -16.80
C VAL Z 42 16.30 94.18 -17.48
N THR Z 43 16.15 95.44 -17.07
CA THR Z 43 15.07 96.29 -17.56
C THR Z 43 15.66 97.62 -18.02
N ALA Z 44 15.41 97.95 -19.29
CA ALA Z 44 15.81 99.24 -19.84
C ALA Z 44 14.68 100.25 -19.64
N VAL Z 45 15.03 101.41 -19.11
CA VAL Z 45 14.06 102.44 -18.77
C VAL Z 45 14.37 103.69 -19.58
N VAL Z 46 13.39 104.16 -20.34
CA VAL Z 46 13.49 105.39 -21.11
C VAL Z 46 12.32 106.30 -20.74
N ARG Z 47 12.49 107.59 -20.99
CA ARG Z 47 11.48 108.58 -20.65
C ARG Z 47 11.46 109.67 -21.71
N GLY Z 48 10.27 110.21 -21.95
CA GLY Z 48 10.08 111.27 -22.92
C GLY Z 48 8.63 111.62 -23.13
N ASP Z 49 8.25 111.93 -24.37
CA ASP Z 49 6.87 112.23 -24.69
C ASP Z 49 6.07 110.95 -24.89
N VAL Z 50 4.77 111.03 -24.66
CA VAL Z 50 3.90 109.85 -24.78
C VAL Z 50 3.97 109.27 -26.17
N ALA Z 51 3.86 110.12 -27.19
CA ALA Z 51 3.95 109.64 -28.57
C ALA Z 51 5.35 109.20 -28.93
N ALA Z 52 6.37 109.87 -28.37
CA ALA Z 52 7.74 109.50 -28.67
C ALA Z 52 8.15 108.21 -27.97
N VAL Z 53 7.67 108.00 -26.75
CA VAL Z 53 8.03 106.79 -26.02
C VAL Z 53 7.24 105.59 -26.53
N LYS Z 54 6.06 105.81 -27.12
CA LYS Z 54 5.31 104.71 -27.71
C LYS Z 54 5.97 104.20 -28.98
N ALA Z 55 6.47 105.11 -29.81
CA ALA Z 55 7.14 104.69 -31.03
C ALA Z 55 8.52 104.08 -30.73
N ALA Z 56 9.23 104.62 -29.74
CA ALA Z 56 10.52 104.08 -29.38
C ALA Z 56 10.39 102.70 -28.74
N THR Z 57 9.36 102.52 -27.90
CA THR Z 57 9.14 101.22 -27.27
C THR Z 57 8.86 100.14 -28.31
N GLU Z 58 8.05 100.46 -29.32
CA GLU Z 58 7.78 99.50 -30.38
C GLU Z 58 9.04 99.17 -31.17
N ALA Z 59 9.84 100.18 -31.49
CA ALA Z 59 11.07 99.95 -32.24
C ALA Z 59 12.07 99.16 -31.42
N GLY Z 60 12.14 99.43 -30.11
CA GLY Z 60 13.05 98.68 -29.27
C GLY Z 60 12.61 97.24 -29.04
N GLN Z 61 11.29 97.00 -29.02
CA GLN Z 61 10.79 95.65 -28.84
C GLN Z 61 11.02 94.81 -30.09
N ARG Z 62 10.75 95.38 -31.27
CA ARG Z 62 10.90 94.62 -32.51
C ARG Z 62 12.37 94.28 -32.77
N ALA Z 63 13.30 95.12 -32.33
CA ALA Z 63 14.72 94.83 -32.49
C ALA Z 63 15.27 93.91 -31.41
N ALA Z 64 14.62 93.87 -30.24
CA ALA Z 64 15.10 92.99 -29.16
C ALA Z 64 14.61 91.56 -29.33
N GLU Z 65 13.46 91.37 -29.98
CA GLU Z 65 12.95 90.02 -30.21
C GLU Z 65 13.87 89.22 -31.13
N ARG Z 66 14.64 89.89 -31.98
CA ARG Z 66 15.56 89.23 -32.89
C ARG Z 66 16.88 88.86 -32.24
N VAL Z 67 17.10 89.24 -30.98
CA VAL Z 67 18.37 89.00 -30.32
C VAL Z 67 18.18 88.14 -29.08
N GLY Z 68 17.37 88.62 -28.13
CA GLY Z 68 17.21 87.92 -26.87
C GLY Z 68 15.79 87.54 -26.53
N GLU Z 69 15.57 87.14 -25.27
CA GLU Z 69 14.27 86.70 -24.80
C GLU Z 69 13.55 87.89 -24.15
N VAL Z 70 12.58 88.44 -24.84
CA VAL Z 70 11.83 89.60 -24.33
C VAL Z 70 10.81 89.11 -23.31
N VAL Z 71 10.80 89.75 -22.14
CA VAL Z 71 9.91 89.35 -21.05
C VAL Z 71 8.63 90.17 -21.09
N ALA Z 72 8.75 91.48 -20.89
CA ALA Z 72 7.60 92.36 -20.83
C ALA Z 72 7.92 93.68 -21.52
N VAL Z 73 6.86 94.33 -22.01
CA VAL Z 73 6.96 95.62 -22.69
C VAL Z 73 5.73 96.43 -22.32
N HIS Z 74 5.94 97.62 -21.77
CA HIS Z 74 4.83 98.44 -21.30
C HIS Z 74 5.23 99.91 -21.30
N VAL Z 75 4.21 100.77 -21.34
CA VAL Z 75 4.38 102.22 -21.37
C VAL Z 75 3.37 102.84 -20.41
N ILE Z 76 3.79 103.89 -19.72
CA ILE Z 76 2.95 104.62 -18.79
C ILE Z 76 2.96 106.09 -19.20
N PRO Z 77 1.81 106.69 -19.53
CA PRO Z 77 1.79 108.07 -20.00
C PRO Z 77 2.05 109.09 -18.90
N ARG Z 78 1.37 108.94 -17.76
CA ARG Z 78 1.47 109.85 -16.63
C ARG Z 78 1.79 109.05 -15.38
N PRO Z 79 3.06 108.70 -15.15
CA PRO Z 79 3.44 108.07 -13.90
C PRO Z 79 3.17 109.00 -12.72
N HIS Z 80 2.49 108.46 -11.71
CA HIS Z 80 2.16 109.25 -10.52
C HIS Z 80 3.43 109.78 -9.87
N VAL Z 81 3.32 110.95 -9.24
CA VAL Z 81 4.47 111.59 -8.61
C VAL Z 81 5.05 110.70 -7.52
N ASN Z 82 4.21 109.89 -6.88
CA ASN Z 82 4.69 108.99 -5.82
C ASN Z 82 5.58 107.90 -6.37
N VAL Z 83 5.40 107.53 -7.65
CA VAL Z 83 6.20 106.47 -8.24
C VAL Z 83 7.61 106.97 -8.56
N ASP Z 84 7.72 108.18 -9.12
CA ASP Z 84 9.03 108.70 -9.49
C ASP Z 84 9.90 108.96 -8.27
N ALA Z 85 9.30 109.23 -7.11
CA ALA Z 85 10.08 109.52 -5.92
C ALA Z 85 10.58 108.26 -5.22
N ALA Z 86 9.90 107.13 -5.40
CA ALA Z 86 10.26 105.90 -4.71
C ALA Z 86 10.99 104.90 -5.60
N LEU Z 87 10.87 105.02 -6.93
CA LEU Z 87 11.50 104.07 -7.82
C LEU Z 87 12.61 104.74 -8.63
N PRO Z 88 13.71 104.03 -8.90
CA PRO Z 88 14.78 104.62 -9.71
C PRO Z 88 14.40 104.72 -11.18
N LEU Z 89 13.57 105.69 -11.53
CA LEU Z 89 13.09 105.88 -12.89
C LEU Z 89 13.66 107.12 -13.55
N GLY Z 90 14.76 107.67 -13.00
CA GLY Z 90 15.44 108.81 -13.58
C GLY Z 90 14.89 110.16 -13.15
N ARG Z 91 13.62 110.24 -12.79
CA ARG Z 91 13.02 111.51 -12.38
C ARG Z 91 12.80 111.54 -10.88
N THR Z 92 13.88 111.46 -10.10
CA THR Z 92 13.78 111.48 -8.65
C THR Z 92 14.15 112.86 -8.14
N PRO Z 93 13.20 113.66 -7.64
CA PRO Z 93 13.45 115.01 -7.11
C PRO Z 93 14.44 115.00 -5.94
N ALA Z 116 32.29 107.60 -31.78
CA ALA Z 116 32.22 106.50 -30.83
C ALA Z 116 32.66 105.18 -31.47
N ASP Z 117 33.10 104.25 -30.64
CA ASP Z 117 33.56 102.95 -31.11
C ASP Z 117 32.39 101.98 -31.24
N ALA Z 118 32.65 100.86 -31.91
CA ALA Z 118 31.63 99.84 -32.10
C ALA Z 118 31.54 98.94 -30.87
N LEU Z 119 30.42 98.23 -30.76
CA LEU Z 119 30.11 97.42 -29.60
C LEU Z 119 29.88 95.97 -30.01
N GLY Z 120 30.56 95.05 -29.32
CA GLY Z 120 30.37 93.62 -29.53
C GLY Z 120 30.16 92.90 -28.22
N MET Z 121 29.11 92.07 -28.15
CA MET Z 121 28.73 91.43 -26.90
C MET Z 121 28.43 89.96 -27.12
N ILE Z 122 28.73 89.16 -26.10
CA ILE Z 122 28.43 87.73 -26.09
C ILE Z 122 27.97 87.37 -24.68
N GLU Z 123 26.78 86.78 -24.56
CA GLU Z 123 26.22 86.40 -23.28
C GLU Z 123 26.11 84.88 -23.20
N VAL Z 124 26.59 84.31 -22.09
CA VAL Z 124 26.61 82.87 -21.90
C VAL Z 124 26.12 82.58 -20.48
N ARG Z 125 25.24 81.58 -20.36
CA ARG Z 125 24.81 81.08 -19.06
C ARG Z 125 25.90 80.17 -18.50
N GLY Z 126 27.01 80.79 -18.13
CA GLY Z 126 28.16 80.07 -17.63
C GLY Z 126 29.44 80.88 -17.74
N PHE Z 127 30.18 80.98 -16.63
CA PHE Z 127 31.40 81.78 -16.62
C PHE Z 127 32.47 81.17 -17.52
N VAL Z 128 32.54 79.84 -17.61
CA VAL Z 128 33.56 79.20 -18.43
C VAL Z 128 33.34 79.50 -19.90
N GLY Z 129 32.09 79.42 -20.37
CA GLY Z 129 31.80 79.72 -21.75
C GLY Z 129 32.06 81.17 -22.11
N MET Z 130 31.93 82.07 -21.12
CA MET Z 130 32.18 83.48 -21.39
C MET Z 130 33.67 83.77 -21.49
N VAL Z 131 34.50 83.09 -20.68
CA VAL Z 131 35.93 83.32 -20.73
C VAL Z 131 36.51 82.85 -22.06
N GLU Z 132 36.07 81.69 -22.54
CA GLU Z 132 36.50 81.24 -23.87
C GLU Z 132 35.98 82.18 -24.96
N ALA Z 133 34.76 82.69 -24.78
CA ALA Z 133 34.23 83.66 -25.74
C ALA Z 133 35.04 84.96 -25.71
N ALA Z 134 35.41 85.42 -24.51
CA ALA Z 134 36.20 86.64 -24.41
C ALA Z 134 37.62 86.43 -24.91
N ASP Z 135 38.19 85.24 -24.68
CA ASP Z 135 39.54 84.96 -25.13
C ASP Z 135 39.61 84.84 -26.64
N ALA Z 136 38.60 84.22 -27.25
CA ALA Z 136 38.58 84.07 -28.70
C ALA Z 136 38.31 85.40 -29.42
N MET Z 137 37.72 86.37 -28.73
CA MET Z 137 37.43 87.65 -29.36
C MET Z 137 38.68 88.53 -29.42
N VAL Z 138 39.42 88.63 -28.32
CA VAL Z 138 40.61 89.48 -28.29
C VAL Z 138 41.75 88.86 -29.09
N LYS Z 139 41.68 87.57 -29.41
CA LYS Z 139 42.69 86.92 -30.21
C LYS Z 139 42.39 86.95 -31.70
N ALA Z 140 41.12 87.08 -32.09
CA ALA Z 140 40.76 87.08 -33.50
C ALA Z 140 41.13 88.39 -34.16
N ALA Z 141 40.70 89.51 -33.58
CA ALA Z 141 40.98 90.82 -34.16
C ALA Z 141 41.55 91.77 -33.10
N LYS Z 142 41.60 93.06 -33.42
CA LYS Z 142 42.13 94.08 -32.51
C LYS Z 142 40.95 94.73 -31.79
N VAL Z 143 40.48 94.06 -30.74
CA VAL Z 143 39.39 94.56 -29.92
C VAL Z 143 39.89 94.73 -28.49
N GLU Z 144 39.07 95.36 -27.66
CA GLU Z 144 39.40 95.63 -26.27
C GLU Z 144 38.30 95.09 -25.37
N LEU Z 145 38.64 94.11 -24.55
CA LEU Z 145 37.69 93.54 -23.58
C LEU Z 145 37.59 94.50 -22.41
N ILE Z 146 36.51 95.29 -22.38
CA ILE Z 146 36.34 96.32 -21.35
C ILE Z 146 35.90 95.75 -20.01
N GLY Z 147 35.63 94.45 -19.93
CA GLY Z 147 35.20 93.83 -18.70
C GLY Z 147 34.07 92.85 -18.98
N TYR Z 148 33.31 92.53 -17.94
CA TYR Z 148 32.22 91.59 -18.07
C TYR Z 148 31.09 91.99 -17.12
N GLU Z 149 29.86 91.80 -17.57
CA GLU Z 149 28.66 92.19 -16.83
C GLU Z 149 27.98 90.94 -16.28
N LYS Z 150 27.77 90.92 -14.97
CA LYS Z 150 27.10 89.80 -14.29
C LYS Z 150 25.67 90.21 -14.00
N THR Z 151 24.71 89.55 -14.63
CA THR Z 151 23.30 89.86 -14.47
C THR Z 151 22.59 88.92 -13.49
N GLY Z 152 23.29 87.92 -12.96
CA GLY Z 152 22.70 87.02 -12.00
C GLY Z 152 22.12 85.77 -12.65
N GLY Z 153 21.86 84.77 -11.81
CA GLY Z 153 21.33 83.50 -12.29
C GLY Z 153 22.24 82.75 -13.22
N GLY Z 154 23.55 82.97 -13.12
CA GLY Z 154 24.50 82.33 -14.01
C GLY Z 154 24.73 83.03 -15.32
N TYR Z 155 24.04 84.14 -15.58
CA TYR Z 155 24.16 84.88 -16.82
C TYR Z 155 25.28 85.90 -16.71
N VAL Z 156 26.26 85.81 -17.61
CA VAL Z 156 27.35 86.75 -17.69
C VAL Z 156 27.53 87.18 -19.15
N THR Z 157 28.03 88.39 -19.35
CA THR Z 157 28.15 88.97 -20.68
C THR Z 157 29.56 89.52 -20.87
N ALA Z 158 30.22 89.10 -21.94
CA ALA Z 158 31.52 89.63 -22.31
C ALA Z 158 31.33 90.79 -23.29
N VAL Z 159 31.87 91.95 -22.94
CA VAL Z 159 31.70 93.16 -23.72
C VAL Z 159 33.05 93.59 -24.26
N VAL Z 160 33.12 93.78 -25.58
CA VAL Z 160 34.33 94.25 -26.24
C VAL Z 160 33.99 95.50 -27.06
N ARG Z 161 35.00 96.36 -27.22
CA ARG Z 161 34.84 97.59 -27.97
C ARG Z 161 35.99 97.72 -28.98
N GLY Z 162 35.71 98.43 -30.06
CA GLY Z 162 36.71 98.63 -31.09
C GLY Z 162 36.05 99.14 -32.37
N ASP Z 163 36.74 98.89 -33.48
CA ASP Z 163 36.21 99.28 -34.78
C ASP Z 163 35.16 98.29 -35.25
N VAL Z 164 34.29 98.75 -36.16
CA VAL Z 164 33.21 97.90 -36.68
C VAL Z 164 33.78 96.69 -37.41
N ALA Z 165 34.96 96.84 -38.02
CA ALA Z 165 35.55 95.71 -38.73
C ALA Z 165 36.06 94.65 -37.76
N ALA Z 166 36.58 95.06 -36.61
CA ALA Z 166 37.16 94.11 -35.67
C ALA Z 166 36.10 93.37 -34.88
N VAL Z 167 35.11 94.10 -34.35
CA VAL Z 167 34.10 93.47 -33.50
C VAL Z 167 33.18 92.56 -34.32
N LYS Z 168 32.99 92.88 -35.60
CA LYS Z 168 32.16 92.01 -36.44
C LYS Z 168 32.84 90.67 -36.71
N ALA Z 169 34.17 90.66 -36.75
CA ALA Z 169 34.93 89.43 -36.93
C ALA Z 169 35.31 88.76 -35.61
N ALA Z 170 35.31 89.51 -34.51
CA ALA Z 170 35.68 88.93 -33.22
C ALA Z 170 34.50 88.17 -32.62
N THR Z 171 33.29 88.72 -32.70
CA THR Z 171 32.12 88.04 -32.14
C THR Z 171 31.81 86.76 -32.91
N GLU Z 172 32.02 86.77 -34.23
CA GLU Z 172 31.78 85.56 -35.02
C GLU Z 172 32.75 84.46 -34.63
N ALA Z 173 34.00 84.81 -34.34
CA ALA Z 173 34.97 83.81 -33.89
C ALA Z 173 34.76 83.43 -32.43
N GLY Z 174 34.32 84.37 -31.59
CA GLY Z 174 34.06 84.04 -30.20
C GLY Z 174 32.85 83.15 -30.03
N GLN Z 175 31.82 83.35 -30.87
CA GLN Z 175 30.63 82.51 -30.80
C GLN Z 175 30.94 81.08 -31.23
N ARG Z 176 31.76 80.92 -32.28
CA ARG Z 176 32.11 79.60 -32.76
C ARG Z 176 32.89 78.79 -31.73
N ALA Z 177 33.66 79.47 -30.87
CA ALA Z 177 34.41 78.79 -29.83
C ALA Z 177 33.61 78.64 -28.53
N ALA Z 178 32.65 79.53 -28.28
CA ALA Z 178 31.87 79.44 -27.06
C ALA Z 178 30.76 78.40 -27.16
N GLU Z 179 30.26 78.13 -28.36
CA GLU Z 179 29.22 77.12 -28.52
C GLU Z 179 29.73 75.72 -28.18
N ARG Z 180 31.04 75.49 -28.32
CA ARG Z 180 31.66 74.22 -28.00
C ARG Z 180 32.00 74.08 -26.51
N VAL Z 181 31.56 75.03 -25.67
CA VAL Z 181 31.89 75.00 -24.26
C VAL Z 181 30.62 75.09 -23.43
N GLY Z 182 29.93 76.23 -23.50
CA GLY Z 182 28.78 76.44 -22.65
C GLY Z 182 27.50 76.80 -23.39
N GLU Z 183 26.49 77.24 -22.64
CA GLU Z 183 25.18 77.58 -23.19
C GLU Z 183 25.20 79.05 -23.61
N VAL Z 184 25.33 79.30 -24.91
CA VAL Z 184 25.36 80.65 -25.43
C VAL Z 184 23.95 81.21 -25.48
N VAL Z 185 23.74 82.41 -24.93
CA VAL Z 185 22.42 83.01 -24.85
C VAL Z 185 22.16 83.89 -26.06
N ALA Z 186 22.99 84.91 -26.24
CA ALA Z 186 22.80 85.85 -27.33
C ALA Z 186 24.14 86.43 -27.76
N VAL Z 187 24.23 86.78 -29.05
CA VAL Z 187 25.42 87.40 -29.63
C VAL Z 187 24.95 88.49 -30.59
N HIS Z 188 25.42 89.71 -30.38
CA HIS Z 188 25.01 90.83 -31.22
C HIS Z 188 26.14 91.84 -31.31
N VAL Z 189 26.13 92.62 -32.38
CA VAL Z 189 27.11 93.66 -32.64
C VAL Z 189 26.37 94.95 -32.98
N ILE Z 190 26.77 96.04 -32.33
CA ILE Z 190 26.23 97.37 -32.60
C ILE Z 190 27.34 98.21 -33.23
N PRO Z 191 27.26 98.55 -34.51
CA PRO Z 191 28.37 99.28 -35.15
C PRO Z 191 28.50 100.70 -34.64
N ARG Z 192 27.39 101.43 -34.50
CA ARG Z 192 27.40 102.83 -34.05
C ARG Z 192 26.42 102.97 -32.90
N PRO Z 193 26.85 102.64 -31.68
CA PRO Z 193 25.98 102.84 -30.51
C PRO Z 193 25.75 104.32 -30.26
N HIS Z 194 24.51 104.66 -29.91
CA HIS Z 194 24.16 106.04 -29.64
C HIS Z 194 24.91 106.56 -28.42
N VAL Z 195 25.07 107.88 -28.37
CA VAL Z 195 25.81 108.50 -27.27
C VAL Z 195 25.07 108.30 -25.95
N ASN Z 196 23.74 108.24 -25.98
CA ASN Z 196 22.98 108.01 -24.76
C ASN Z 196 23.22 106.61 -24.21
N VAL Z 197 23.55 105.65 -25.08
CA VAL Z 197 23.79 104.29 -24.63
C VAL Z 197 25.11 104.20 -23.86
N ASP Z 198 26.17 104.79 -24.42
CA ASP Z 198 27.47 104.76 -23.76
C ASP Z 198 27.50 105.61 -22.50
N ALA Z 199 26.52 106.50 -22.31
CA ALA Z 199 26.48 107.36 -21.13
C ALA Z 199 25.75 106.74 -19.96
N ALA Z 200 24.74 105.91 -20.21
CA ALA Z 200 23.95 105.31 -19.15
C ALA Z 200 24.24 103.84 -18.92
N LEU Z 201 25.01 103.19 -19.79
CA LEU Z 201 25.30 101.78 -19.64
C LEU Z 201 26.80 101.56 -19.44
N PRO Z 202 27.20 100.63 -18.57
CA PRO Z 202 28.64 100.34 -18.35
C PRO Z 202 29.26 99.54 -19.49
N LEU Z 203 29.50 100.24 -20.60
CA LEU Z 203 30.06 99.62 -21.80
C LEU Z 203 31.48 100.09 -22.08
N GLY Z 204 32.18 100.59 -21.06
CA GLY Z 204 33.56 101.02 -21.20
C GLY Z 204 33.75 102.36 -21.86
N ARG Z 205 32.72 102.96 -22.44
CA ARG Z 205 32.82 104.24 -23.11
C ARG Z 205 32.11 105.35 -22.34
N THR Z 206 31.91 105.18 -21.04
CA THR Z 206 31.31 106.23 -20.24
C THR Z 206 32.26 107.43 -20.19
N PRO Z 207 31.73 108.65 -20.26
CA PRO Z 207 32.61 109.84 -20.26
C PRO Z 207 33.32 110.03 -18.93
N GLY Z 208 34.30 109.17 -18.65
CA GLY Z 208 35.05 109.25 -17.41
C GLY Z 208 35.66 107.93 -17.00
N ALA AA 2 49.84 84.75 -18.93
CA ALA AA 2 50.96 84.16 -18.21
C ALA AA 2 50.96 82.64 -18.34
N ASP AA 3 50.38 81.97 -17.35
CA ASP AA 3 50.30 80.51 -17.34
C ASP AA 3 48.98 80.06 -17.96
N ALA AA 4 48.85 78.74 -18.13
CA ALA AA 4 47.64 78.17 -18.69
C ALA AA 4 46.45 78.39 -17.76
N LEU AA 5 45.25 78.27 -18.32
CA LEU AA 5 44.02 78.54 -17.59
C LEU AA 5 43.14 77.29 -17.58
N GLY AA 6 42.64 76.94 -16.41
CA GLY AA 6 41.72 75.82 -16.26
C GLY AA 6 40.52 76.18 -15.43
N MET AA 7 39.32 75.84 -15.92
CA MET AA 7 38.08 76.23 -15.26
C MET AA 7 37.10 75.07 -15.26
N ILE AA 8 36.39 74.91 -14.15
CA ILE AA 8 35.33 73.91 -14.02
C ILE AA 8 34.14 74.57 -13.34
N GLU AA 9 33.01 74.64 -14.03
CA GLU AA 9 31.81 75.27 -13.52
C GLU AA 9 30.82 74.21 -13.09
N VAL AA 10 30.31 74.34 -11.86
CA VAL AA 10 29.39 73.38 -11.26
C VAL AA 10 28.22 74.14 -10.65
N ARG AA 11 27.00 73.67 -10.91
CA ARG AA 11 25.82 74.22 -10.27
C ARG AA 11 25.67 73.58 -8.88
N GLY AA 12 26.58 73.97 -8.00
CA GLY AA 12 26.64 73.43 -6.65
C GLY AA 12 27.98 73.66 -6.01
N PHE AA 13 27.97 74.30 -4.83
CA PHE AA 13 29.23 74.64 -4.16
C PHE AA 13 29.98 73.39 -3.71
N VAL AA 14 29.27 72.30 -3.42
CA VAL AA 14 29.92 71.08 -2.97
C VAL AA 14 30.68 70.42 -4.12
N GLY AA 15 30.03 70.30 -5.29
CA GLY AA 15 30.68 69.71 -6.43
C GLY AA 15 31.87 70.51 -6.93
N MET AA 16 31.84 71.83 -6.70
CA MET AA 16 32.96 72.67 -7.11
C MET AA 16 34.16 72.47 -6.19
N VAL AA 17 33.92 72.30 -4.89
CA VAL AA 17 35.02 72.08 -3.95
C VAL AA 17 35.68 70.72 -4.22
N GLU AA 18 34.88 69.71 -4.55
CA GLU AA 18 35.43 68.40 -4.85
C GLU AA 18 36.29 68.45 -6.12
N ALA AA 19 35.85 69.21 -7.12
CA ALA AA 19 36.63 69.34 -8.35
C ALA AA 19 37.93 70.08 -8.10
N ALA AA 20 37.89 71.15 -7.29
CA ALA AA 20 39.09 71.92 -7.01
C ALA AA 20 40.11 71.08 -6.23
N ASP AA 21 39.62 70.23 -5.32
CA ASP AA 21 40.52 69.38 -4.56
C ASP AA 21 41.19 68.34 -5.45
N ALA AA 22 40.47 67.84 -6.45
CA ALA AA 22 41.04 66.84 -7.35
C ALA AA 22 42.03 67.48 -8.32
N MET AA 23 41.87 68.77 -8.62
CA MET AA 23 42.76 69.42 -9.56
C MET AA 23 44.13 69.69 -8.94
N VAL AA 24 44.16 70.20 -7.71
CA VAL AA 24 45.42 70.50 -7.06
C VAL AA 24 46.15 69.23 -6.62
N LYS AA 25 45.45 68.10 -6.55
CA LYS AA 25 46.09 66.84 -6.18
C LYS AA 25 46.58 66.04 -7.37
N ALA AA 26 45.97 66.23 -8.55
CA ALA AA 26 46.39 65.48 -9.73
C ALA AA 26 47.73 65.97 -10.25
N ALA AA 27 47.83 67.27 -10.52
CA ALA AA 27 49.05 67.87 -11.05
C ALA AA 27 49.41 69.10 -10.22
N LYS AA 28 50.58 69.66 -10.52
CA LYS AA 28 51.05 70.87 -9.84
C LYS AA 28 50.41 72.08 -10.51
N VAL AA 29 49.25 72.47 -9.99
CA VAL AA 29 48.54 73.67 -10.44
C VAL AA 29 48.09 74.44 -9.21
N GLU AA 30 47.97 75.75 -9.36
CA GLU AA 30 47.61 76.65 -8.28
C GLU AA 30 46.13 77.01 -8.38
N LEU AA 31 45.38 76.72 -7.32
CA LEU AA 31 43.97 77.12 -7.23
C LEU AA 31 43.93 78.59 -6.85
N ILE AA 32 43.69 79.45 -7.84
CA ILE AA 32 43.72 80.90 -7.58
C ILE AA 32 42.48 81.38 -6.84
N GLY AA 33 41.40 80.62 -6.86
CA GLY AA 33 40.16 81.01 -6.21
C GLY AA 33 38.97 80.55 -7.03
N TYR AA 34 37.80 81.07 -6.66
CA TYR AA 34 36.55 80.70 -7.31
C TYR AA 34 35.75 81.95 -7.65
N GLU AA 35 34.93 81.85 -8.68
CA GLU AA 35 34.12 82.96 -9.17
C GLU AA 35 32.65 82.58 -9.08
N LYS AA 36 31.87 83.40 -8.37
CA LYS AA 36 30.44 83.16 -8.20
C LYS AA 36 29.69 84.00 -9.22
N THR AA 37 28.89 83.33 -10.06
CA THR AA 37 28.14 83.99 -11.12
C THR AA 37 26.66 84.13 -10.80
N GLY AA 38 26.21 83.62 -9.65
CA GLY AA 38 24.82 83.70 -9.28
C GLY AA 38 24.01 82.50 -9.76
N GLY AA 39 22.89 82.28 -9.10
CA GLY AA 39 22.03 81.17 -9.44
C GLY AA 39 22.59 79.81 -9.09
N GLY AA 40 23.45 79.75 -8.07
CA GLY AA 40 24.10 78.50 -7.69
C GLY AA 40 25.29 78.11 -8.53
N TYR AA 41 25.57 78.84 -9.61
CA TYR AA 41 26.70 78.52 -10.46
C TYR AA 41 27.99 79.08 -9.87
N VAL AA 42 29.00 78.22 -9.73
CA VAL AA 42 30.32 78.62 -9.25
C VAL AA 42 31.37 77.99 -10.15
N THR AA 43 32.54 78.62 -10.23
CA THR AA 43 33.59 78.21 -11.14
C THR AA 43 34.92 78.18 -10.40
N ALA AA 44 35.56 77.01 -10.37
CA ALA AA 44 36.89 76.87 -9.80
C ALA AA 44 37.92 77.16 -10.88
N VAL AA 45 38.92 77.97 -10.54
CA VAL AA 45 39.93 78.43 -11.49
C VAL AA 45 41.30 77.98 -11.01
N VAL AA 46 42.02 77.26 -11.86
CA VAL AA 46 43.38 76.83 -11.59
C VAL AA 46 44.28 77.30 -12.73
N ARG AA 47 45.58 77.36 -12.45
CA ARG AA 47 46.55 77.83 -13.43
C ARG AA 47 47.85 77.05 -13.29
N GLY AA 48 48.59 76.99 -14.40
CA GLY AA 48 49.85 76.25 -14.43
C GLY AA 48 50.34 76.12 -15.85
N ASP AA 49 51.10 75.06 -16.10
CA ASP AA 49 51.53 74.79 -17.46
C ASP AA 49 50.38 74.18 -18.26
N VAL AA 50 50.59 74.07 -19.59
CA VAL AA 50 49.52 73.65 -20.47
C VAL AA 50 49.12 72.20 -20.18
N ALA AA 51 50.09 71.34 -19.91
CA ALA AA 51 49.79 69.92 -19.73
C ALA AA 51 49.23 69.63 -18.33
N ALA AA 52 49.80 70.24 -17.30
CA ALA AA 52 49.33 69.99 -15.94
C ALA AA 52 47.91 70.50 -15.75
N VAL AA 53 47.55 71.60 -16.39
CA VAL AA 53 46.19 72.11 -16.30
C VAL AA 53 45.22 71.19 -17.03
N LYS AA 54 45.64 70.67 -18.19
CA LYS AA 54 44.80 69.72 -18.92
C LYS AA 54 44.59 68.43 -18.11
N ALA AA 55 45.65 67.93 -17.47
CA ALA AA 55 45.54 66.70 -16.71
C ALA AA 55 44.71 66.92 -15.44
N ALA AA 56 44.84 68.09 -14.81
CA ALA AA 56 44.05 68.36 -13.62
C ALA AA 56 42.59 68.61 -13.95
N THR AA 57 42.31 69.22 -15.11
CA THR AA 57 40.93 69.54 -15.47
C THR AA 57 40.12 68.28 -15.77
N GLU AA 58 40.73 67.31 -16.46
CA GLU AA 58 40.02 66.07 -16.77
C GLU AA 58 39.83 65.21 -15.53
N ALA AA 59 40.75 65.29 -14.57
CA ALA AA 59 40.60 64.50 -13.34
C ALA AA 59 39.59 65.14 -12.40
N GLY AA 60 39.56 66.48 -12.33
CA GLY AA 60 38.60 67.14 -11.47
C GLY AA 60 37.18 67.07 -12.00
N GLN AA 61 37.02 66.99 -13.32
CA GLN AA 61 35.69 66.88 -13.91
C GLN AA 61 35.03 65.55 -13.55
N ARG AA 62 35.74 64.45 -13.76
CA ARG AA 62 35.19 63.13 -13.47
C ARG AA 62 34.98 62.92 -11.99
N ALA AA 63 35.89 63.45 -11.16
CA ALA AA 63 35.72 63.34 -9.71
C ALA AA 63 34.55 64.18 -9.21
N ALA AA 64 34.12 65.19 -9.95
CA ALA AA 64 33.00 66.02 -9.56
C ALA AA 64 31.66 65.51 -10.08
N GLU AA 65 31.67 64.71 -11.16
CA GLU AA 65 30.43 64.15 -11.67
C GLU AA 65 29.78 63.20 -10.68
N ARG AA 66 30.55 62.64 -9.76
CA ARG AA 66 30.01 61.78 -8.72
C ARG AA 66 29.33 62.54 -7.58
N VAL AA 67 29.36 63.87 -7.62
CA VAL AA 67 28.81 64.68 -6.53
C VAL AA 67 27.70 65.57 -7.05
N GLY AA 68 28.02 66.44 -8.00
CA GLY AA 68 27.05 67.41 -8.49
C GLY AA 68 26.93 67.47 -10.00
N GLU AA 69 26.35 68.56 -10.50
CA GLU AA 69 26.11 68.75 -11.93
C GLU AA 69 27.23 69.59 -12.52
N VAL AA 70 28.00 69.00 -13.43
CA VAL AA 70 29.06 69.73 -14.12
C VAL AA 70 28.43 70.49 -15.29
N VAL AA 71 28.69 71.79 -15.35
CA VAL AA 71 28.11 72.66 -16.37
C VAL AA 71 29.05 72.86 -17.55
N ALA AA 72 30.29 73.26 -17.27
CA ALA AA 72 31.26 73.52 -18.32
C ALA AA 72 32.66 73.19 -17.84
N VAL AA 73 33.48 72.66 -18.74
CA VAL AA 73 34.87 72.31 -18.45
C VAL AA 73 35.69 72.67 -19.68
N HIS AA 74 36.71 73.52 -19.50
CA HIS AA 74 37.50 73.99 -20.61
C HIS AA 74 38.89 74.38 -20.14
N VAL AA 75 39.86 74.26 -21.05
CA VAL AA 75 41.25 74.60 -20.78
C VAL AA 75 41.72 75.56 -21.87
N ILE AA 76 42.23 76.72 -21.46
CA ILE AA 76 42.81 77.69 -22.37
C ILE AA 76 44.33 77.56 -22.27
N PRO AA 77 45.01 77.18 -23.36
CA PRO AA 77 46.46 76.94 -23.26
C PRO AA 77 47.26 78.18 -22.93
N ARG AA 78 47.11 79.24 -23.73
CA ARG AA 78 47.80 80.51 -23.51
C ARG AA 78 46.77 81.63 -23.52
N PRO AA 79 46.23 82.00 -22.37
CA PRO AA 79 45.23 83.07 -22.33
C PRO AA 79 45.82 84.41 -22.71
N HIS AA 80 45.04 85.21 -23.43
CA HIS AA 80 45.49 86.52 -23.87
C HIS AA 80 45.70 87.44 -22.69
N VAL AA 81 46.57 88.44 -22.88
CA VAL AA 81 46.90 89.35 -21.79
C VAL AA 81 45.69 90.18 -21.40
N ASN AA 82 44.85 90.53 -22.38
CA ASN AA 82 43.65 91.32 -22.08
C ASN AA 82 42.64 90.53 -21.27
N VAL AA 83 42.68 89.19 -21.34
CA VAL AA 83 41.76 88.38 -20.55
C VAL AA 83 42.12 88.44 -19.07
N ASP AA 84 43.41 88.28 -18.76
CA ASP AA 84 43.85 88.32 -17.38
C ASP AA 84 43.70 89.70 -16.75
N ALA AA 85 43.68 90.76 -17.57
CA ALA AA 85 43.58 92.11 -17.03
C ALA AA 85 42.14 92.51 -16.72
N ALA AA 86 41.17 91.99 -17.47
CA ALA AA 86 39.78 92.37 -17.30
C ALA AA 86 38.96 91.34 -16.51
N LEU AA 87 39.49 90.12 -16.32
CA LEU AA 87 38.76 89.09 -15.60
C LEU AA 87 39.54 88.63 -14.38
N PRO AA 88 38.86 88.41 -13.25
CA PRO AA 88 39.56 87.92 -12.05
C PRO AA 88 39.99 86.48 -12.20
N LEU AA 89 41.13 86.24 -12.86
CA LEU AA 89 41.61 84.90 -13.14
C LEU AA 89 42.98 84.65 -12.53
N GLY AA 90 43.29 85.33 -11.41
CA GLY AA 90 44.50 85.09 -10.67
C GLY AA 90 45.74 85.78 -11.19
N ARG AA 91 45.79 86.12 -12.48
CA ARG AA 91 46.95 86.78 -13.08
C ARG AA 91 46.68 88.25 -13.36
N THR AA 92 45.78 88.87 -12.60
CA THR AA 92 45.44 90.27 -12.79
C THR AA 92 46.53 91.16 -12.21
N PRO AA 93 47.23 91.94 -13.05
CA PRO AA 93 48.32 92.82 -12.59
C PRO AA 93 47.80 93.99 -11.76
N ALA AA 116 46.05 69.21 8.39
CA ALA AA 116 44.73 69.79 8.14
C ALA AA 116 43.63 68.83 8.57
N ASP AA 117 42.45 69.38 8.84
CA ASP AA 117 41.31 68.59 9.27
C ASP AA 117 40.50 68.12 8.05
N ALA AA 118 39.54 67.24 8.31
CA ALA AA 118 38.68 66.73 7.26
C ALA AA 118 37.56 67.74 6.96
N LEU AA 119 36.97 67.59 5.78
CA LEU AA 119 35.97 68.52 5.27
C LEU AA 119 34.65 67.80 5.07
N GLY AA 120 33.58 68.37 5.64
CA GLY AA 120 32.23 67.85 5.46
C GLY AA 120 31.27 68.93 5.02
N MET AA 121 30.52 68.69 3.95
CA MET AA 121 29.66 69.71 3.36
C MET AA 121 28.28 69.13 3.05
N ILE AA 122 27.25 69.96 3.24
CA ILE AA 122 25.87 69.61 2.91
C ILE AA 122 25.23 70.82 2.25
N GLU AA 123 24.80 70.66 1.00
CA GLU AA 123 24.19 71.73 0.23
C GLU AA 123 22.70 71.49 0.11
N VAL AA 124 21.90 72.52 0.39
CA VAL AA 124 20.44 72.45 0.36
C VAL AA 124 19.91 73.67 -0.37
N ARG AA 125 18.98 73.46 -1.30
CA ARG AA 125 18.26 74.56 -1.93
C ARG AA 125 17.16 75.04 -0.98
N GLY AA 126 17.61 75.69 0.10
CA GLY AA 126 16.73 76.15 1.14
C GLY AA 126 17.49 76.43 2.43
N PHE AA 127 17.35 77.65 2.95
CA PHE AA 127 18.11 78.03 4.14
C PHE AA 127 17.65 77.26 5.37
N VAL AA 128 16.36 76.91 5.44
CA VAL AA 128 15.85 76.18 6.61
C VAL AA 128 16.42 74.77 6.66
N GLY AA 129 16.45 74.08 5.51
CA GLY AA 129 17.02 72.74 5.48
C GLY AA 129 18.51 72.73 5.77
N MET AA 130 19.21 73.80 5.43
CA MET AA 130 20.64 73.87 5.70
C MET AA 130 20.91 74.10 7.19
N VAL AA 131 20.04 74.83 7.88
CA VAL AA 131 20.21 75.06 9.31
C VAL AA 131 19.96 73.78 10.09
N GLU AA 132 18.92 73.02 9.69
CA GLU AA 132 18.65 71.74 10.34
C GLU AA 132 19.79 70.76 10.11
N ALA AA 133 20.39 70.79 8.91
CA ALA AA 133 21.54 69.93 8.64
C ALA AA 133 22.74 70.35 9.47
N ALA AA 134 22.95 71.66 9.62
CA ALA AA 134 24.06 72.14 10.44
C ALA AA 134 23.84 71.85 11.92
N ASP AA 135 22.58 71.90 12.37
CA ASP AA 135 22.30 71.59 13.77
C ASP AA 135 22.50 70.11 14.06
N ALA AA 136 22.08 69.24 13.14
CA ALA AA 136 22.23 67.81 13.36
C ALA AA 136 23.67 67.34 13.21
N MET AA 137 24.51 68.08 12.49
CA MET AA 137 25.90 67.68 12.32
C MET AA 137 26.72 67.94 13.57
N VAL AA 138 26.57 69.12 14.17
CA VAL AA 138 27.33 69.45 15.38
C VAL AA 138 26.86 68.66 16.59
N LYS AA 139 25.64 68.11 16.54
CA LYS AA 139 25.13 67.29 17.63
C LYS AA 139 25.47 65.82 17.46
N ALA AA 140 25.72 65.36 16.24
CA ALA AA 140 25.94 63.93 16.01
C ALA AA 140 27.38 63.51 16.35
N ALA AA 141 28.36 64.35 16.02
CA ALA AA 141 29.76 64.04 16.25
C ALA AA 141 30.50 65.30 16.64
N LYS AA 142 31.82 65.16 16.83
CA LYS AA 142 32.67 66.28 17.23
C LYS AA 142 33.18 66.98 15.96
N VAL AA 143 32.34 67.88 15.44
CA VAL AA 143 32.67 68.68 14.27
C VAL AA 143 32.42 70.14 14.60
N GLU AA 144 33.07 71.02 13.84
CA GLU AA 144 32.98 72.46 14.04
C GLU AA 144 32.32 73.09 12.82
N LEU AA 145 31.14 73.67 13.03
CA LEU AA 145 30.45 74.40 11.98
C LEU AA 145 31.16 75.73 11.73
N ILE AA 146 31.99 75.78 10.69
CA ILE AA 146 32.76 76.98 10.42
C ILE AA 146 31.92 78.10 9.82
N GLY AA 147 30.76 77.79 9.30
CA GLY AA 147 29.91 78.79 8.69
C GLY AA 147 29.14 78.19 7.53
N TYR AA 148 28.70 79.06 6.63
CA TYR AA 148 27.92 78.64 5.47
C TYR AA 148 28.23 79.55 4.30
N GLU AA 149 27.98 79.03 3.09
CA GLU AA 149 28.25 79.74 1.85
C GLU AA 149 26.96 79.89 1.06
N LYS AA 150 26.71 81.10 0.58
CA LYS AA 150 25.52 81.41 -0.21
C LYS AA 150 25.96 81.63 -1.66
N THR AA 151 25.60 80.69 -2.53
CA THR AA 151 25.96 80.76 -3.94
C THR AA 151 24.88 81.40 -4.81
N GLY AA 152 23.79 81.85 -4.22
CA GLY AA 152 22.72 82.48 -4.97
C GLY AA 152 21.70 81.48 -5.48
N GLY AA 153 20.54 82.02 -5.86
CA GLY AA 153 19.46 81.18 -6.35
C GLY AA 153 18.84 80.27 -5.31
N GLY AA 154 18.95 80.62 -4.03
CA GLY AA 154 18.42 79.81 -2.96
C GLY AA 154 19.34 78.71 -2.47
N TYR AA 155 20.51 78.55 -3.07
CA TYR AA 155 21.44 77.49 -2.69
C TYR AA 155 22.31 77.96 -1.53
N VAL AA 156 22.38 77.13 -0.49
CA VAL AA 156 23.23 77.39 0.66
C VAL AA 156 23.94 76.08 1.04
N THR AA 157 25.14 76.21 1.58
CA THR AA 157 26.01 75.06 1.87
C THR AA 157 26.55 75.19 3.28
N ALA AA 158 26.26 74.18 4.10
CA ALA AA 158 26.82 74.09 5.45
C ALA AA 158 28.16 73.37 5.40
N VAL AA 159 29.13 73.89 6.13
CA VAL AA 159 30.50 73.36 6.13
C VAL AA 159 30.91 73.06 7.56
N VAL AA 160 31.41 71.84 7.78
CA VAL AA 160 31.91 71.42 9.08
C VAL AA 160 33.31 70.85 8.90
N ARG AA 161 34.11 70.93 9.97
CA ARG AA 161 35.48 70.44 9.95
C ARG AA 161 35.73 69.58 11.19
N GLY AA 162 36.70 68.68 11.06
CA GLY AA 162 37.04 67.78 12.15
C GLY AA 162 37.89 66.63 11.61
N ASP AA 163 37.88 65.53 12.37
CA ASP AA 163 38.56 64.33 11.92
C ASP AA 163 37.68 63.55 10.94
N VAL AA 164 38.31 62.64 10.20
CA VAL AA 164 37.62 61.94 9.12
C VAL AA 164 36.50 61.07 9.68
N ALA AA 165 36.71 60.48 10.85
CA ALA AA 165 35.71 59.58 11.42
C ALA AA 165 34.45 60.31 11.85
N ALA AA 166 34.59 61.56 12.30
CA ALA AA 166 33.43 62.29 12.80
C ALA AA 166 32.63 62.95 11.68
N VAL AA 167 33.32 63.54 10.69
CA VAL AA 167 32.61 64.23 9.62
C VAL AA 167 31.82 63.24 8.77
N LYS AA 168 32.32 62.02 8.61
CA LYS AA 168 31.55 61.00 7.89
C LYS AA 168 30.31 60.62 8.69
N ALA AA 169 30.42 60.57 10.03
CA ALA AA 169 29.27 60.28 10.87
C ALA AA 169 28.35 61.48 11.06
N ALA AA 170 28.88 62.69 10.89
CA ALA AA 170 28.05 63.89 11.05
C ALA AA 170 27.27 64.20 9.78
N THR AA 171 27.90 64.06 8.61
CA THR AA 171 27.23 64.37 7.36
C THR AA 171 26.09 63.39 7.09
N GLU AA 172 26.34 62.09 7.29
CA GLU AA 172 25.29 61.10 7.05
C GLU AA 172 24.15 61.22 8.06
N ALA AA 173 24.42 61.78 9.24
CA ALA AA 173 23.38 62.06 10.22
C ALA AA 173 22.68 63.39 9.96
N GLY AA 174 23.40 64.37 9.41
CA GLY AA 174 22.76 65.63 9.05
C GLY AA 174 21.97 65.56 7.77
N GLN AA 175 22.43 64.73 6.82
CA GLN AA 175 21.68 64.56 5.58
C GLN AA 175 20.33 63.89 5.83
N ARG AA 176 20.32 62.85 6.66
CA ARG AA 176 19.07 62.15 6.96
C ARG AA 176 18.09 63.06 7.70
N ALA AA 177 18.61 63.92 8.59
CA ALA AA 177 17.76 64.86 9.31
C ALA AA 177 17.31 66.03 8.44
N ALA AA 178 18.06 66.36 7.39
CA ALA AA 178 17.70 67.47 6.51
C ALA AA 178 16.74 67.06 5.40
N GLU AA 179 16.66 65.77 5.07
CA GLU AA 179 15.76 65.33 4.01
C GLU AA 179 14.29 65.47 4.40
N ARG AA 180 13.99 65.57 5.70
CA ARG AA 180 12.62 65.79 6.13
C ARG AA 180 12.17 67.24 5.97
N VAL AA 181 13.09 68.15 5.67
CA VAL AA 181 12.78 69.58 5.63
C VAL AA 181 12.84 70.11 4.22
N GLY AA 182 14.06 70.22 3.67
CA GLY AA 182 14.24 70.85 2.38
C GLY AA 182 14.77 69.95 1.29
N GLU AA 183 15.16 70.55 0.18
CA GLU AA 183 15.66 69.83 -0.99
C GLU AA 183 17.18 69.70 -0.89
N VAL AA 184 17.66 68.50 -0.55
CA VAL AA 184 19.09 68.27 -0.44
C VAL AA 184 19.70 68.13 -1.83
N VAL AA 185 20.74 68.90 -2.11
CA VAL AA 185 21.37 68.90 -3.42
C VAL AA 185 22.55 67.94 -3.48
N ALA AA 186 23.50 68.08 -2.56
CA ALA AA 186 24.69 67.24 -2.56
C ALA AA 186 25.26 67.15 -1.16
N VAL AA 187 25.86 65.99 -0.87
CA VAL AA 187 26.55 65.74 0.40
C VAL AA 187 27.85 65.02 0.09
N HIS AA 188 28.96 65.54 0.59
CA HIS AA 188 30.26 64.96 0.30
C HIS AA 188 31.19 65.17 1.49
N VAL AA 189 32.20 64.30 1.59
CA VAL AA 189 33.20 64.34 2.66
C VAL AA 189 34.58 64.18 2.03
N ILE AA 190 35.48 65.11 2.34
CA ILE AA 190 36.86 65.06 1.89
C ILE AA 190 37.73 64.73 3.09
N PRO AA 191 38.41 63.57 3.11
CA PRO AA 191 39.19 63.19 4.29
C PRO AA 191 40.39 64.08 4.54
N ARG AA 192 41.22 64.29 3.51
CA ARG AA 192 42.44 65.07 3.63
C ARG AA 192 42.47 66.09 2.50
N PRO AA 193 41.86 67.26 2.68
CA PRO AA 193 41.90 68.28 1.64
C PRO AA 193 43.30 68.86 1.48
N HIS AA 194 43.65 69.18 0.24
CA HIS AA 194 44.97 69.71 -0.06
C HIS AA 194 45.15 71.10 0.57
N VAL AA 195 46.40 71.45 0.83
CA VAL AA 195 46.70 72.73 1.46
C VAL AA 195 46.32 73.89 0.54
N ASN AA 196 46.42 73.69 -0.77
CA ASN AA 196 46.06 74.75 -1.71
C ASN AA 196 44.57 75.03 -1.71
N VAL AA 197 43.74 74.08 -1.26
CA VAL AA 197 42.30 74.29 -1.24
C VAL AA 197 41.90 75.22 -0.10
N ASP AA 198 42.39 74.94 1.11
CA ASP AA 198 42.04 75.75 2.27
C ASP AA 198 42.59 77.16 2.18
N ALA AA 199 43.60 77.40 1.33
CA ALA AA 199 44.18 78.73 1.21
C ALA AA 199 43.36 79.65 0.34
N ALA AA 200 42.65 79.11 -0.66
CA ALA AA 200 41.88 79.92 -1.60
C ALA AA 200 40.38 79.81 -1.39
N LEU AA 201 39.90 78.89 -0.56
CA LEU AA 201 38.47 78.70 -0.36
C LEU AA 201 38.11 78.94 1.10
N PRO AA 202 36.96 79.58 1.36
CA PRO AA 202 36.53 79.83 2.74
C PRO AA 202 35.97 78.58 3.42
N LEU AA 203 36.88 77.74 3.89
CA LEU AA 203 36.51 76.46 4.52
C LEU AA 203 36.88 76.41 6.00
N GLY AA 204 37.06 77.57 6.63
CA GLY AA 204 37.31 77.63 8.05
C GLY AA 204 38.74 77.33 8.48
N ARG AA 205 39.62 76.98 7.55
CA ARG AA 205 41.01 76.69 7.85
C ARG AA 205 41.95 77.58 7.04
N THR AA 206 41.64 78.87 6.98
CA THR AA 206 42.46 79.80 6.22
C THR AA 206 43.63 80.28 7.07
N PRO AA 207 44.88 80.12 6.61
CA PRO AA 207 46.07 80.57 7.33
C PRO AA 207 46.09 82.08 7.57
N ALA BA 2 72.57 6.83 -104.25
CA ALA BA 2 72.38 7.03 -102.82
C ALA BA 2 71.61 5.86 -102.20
N ASP BA 3 71.94 5.55 -100.95
CA ASP BA 3 71.30 4.45 -100.24
C ASP BA 3 69.90 4.87 -99.78
N ALA BA 4 69.21 3.96 -99.11
CA ALA BA 4 67.90 4.22 -98.56
C ALA BA 4 68.01 4.69 -97.12
N LEU BA 5 66.98 5.38 -96.65
CA LEU BA 5 66.96 5.99 -95.32
C LEU BA 5 65.78 5.46 -94.52
N GLY BA 6 66.04 5.13 -93.26
CA GLY BA 6 65.01 4.70 -92.34
C GLY BA 6 65.18 5.33 -90.96
N MET BA 7 64.10 5.87 -90.40
CA MET BA 7 64.17 6.58 -89.13
C MET BA 7 63.02 6.16 -88.23
N ILE BA 8 63.31 6.09 -86.93
CA ILE BA 8 62.31 5.82 -85.90
C ILE BA 8 62.57 6.77 -84.74
N GLU BA 9 61.58 7.58 -84.40
CA GLU BA 9 61.69 8.57 -83.34
C GLU BA 9 60.86 8.15 -82.14
N VAL BA 10 61.48 8.14 -80.96
CA VAL BA 10 60.84 7.70 -79.72
C VAL BA 10 61.17 8.70 -78.63
N ARG BA 11 60.15 9.15 -77.89
CA ARG BA 11 60.35 10.00 -76.73
C ARG BA 11 60.78 9.12 -75.55
N GLY BA 12 62.00 8.61 -75.65
CA GLY BA 12 62.55 7.71 -74.66
C GLY BA 12 63.74 6.95 -75.19
N PHE BA 13 64.86 7.01 -74.46
CA PHE BA 13 66.09 6.36 -74.94
C PHE BA 13 65.96 4.84 -74.93
N VAL BA 14 65.10 4.30 -74.07
CA VAL BA 14 64.93 2.84 -74.01
C VAL BA 14 64.22 2.33 -75.26
N GLY BA 15 63.13 3.01 -75.65
CA GLY BA 15 62.40 2.59 -76.84
C GLY BA 15 63.20 2.74 -78.12
N MET BA 16 64.13 3.69 -78.16
CA MET BA 16 64.94 3.89 -79.36
C MET BA 16 66.01 2.82 -79.48
N VAL BA 17 66.60 2.40 -78.36
CA VAL BA 17 67.60 1.34 -78.39
C VAL BA 17 66.96 0.01 -78.79
N GLU BA 18 65.77 -0.28 -78.26
CA GLU BA 18 65.05 -1.48 -78.65
C GLU BA 18 64.67 -1.45 -80.12
N ALA BA 19 64.29 -0.27 -80.61
CA ALA BA 19 63.98 -0.14 -82.04
C ALA BA 19 65.23 -0.30 -82.88
N ALA BA 20 66.36 0.23 -82.43
CA ALA BA 20 67.61 0.09 -83.18
C ALA BA 20 68.10 -1.34 -83.17
N ASP BA 21 67.85 -2.08 -82.10
CA ASP BA 21 68.29 -3.47 -82.04
C ASP BA 21 67.46 -4.36 -82.96
N ALA BA 22 66.15 -4.12 -83.01
CA ALA BA 22 65.28 -4.93 -83.86
C ALA BA 22 65.47 -4.64 -85.34
N MET BA 23 66.00 -3.47 -85.69
CA MET BA 23 66.19 -3.14 -87.10
C MET BA 23 67.41 -3.84 -87.69
N VAL BA 24 68.55 -3.77 -86.99
CA VAL BA 24 69.76 -4.43 -87.49
C VAL BA 24 69.65 -5.94 -87.42
N LYS BA 25 68.73 -6.46 -86.61
CA LYS BA 25 68.49 -7.90 -86.57
C LYS BA 25 67.52 -8.36 -87.66
N ALA BA 26 66.76 -7.44 -88.25
CA ALA BA 26 65.74 -7.83 -89.22
C ALA BA 26 66.34 -8.05 -90.61
N ALA BA 27 67.14 -7.11 -91.09
CA ALA BA 27 67.68 -7.20 -92.44
C ALA BA 27 69.07 -6.57 -92.45
N LYS BA 28 69.64 -6.45 -93.66
CA LYS BA 28 70.98 -5.89 -93.87
C LYS BA 28 70.87 -4.37 -93.87
N VAL BA 29 71.03 -3.78 -92.68
CA VAL BA 29 71.00 -2.34 -92.50
C VAL BA 29 72.14 -1.92 -91.59
N GLU BA 30 72.53 -0.65 -91.70
CA GLU BA 30 73.64 -0.09 -90.93
C GLU BA 30 73.11 1.02 -90.03
N LEU BA 31 73.29 0.85 -88.72
CA LEU BA 31 72.89 1.88 -87.76
C LEU BA 31 73.99 2.95 -87.73
N ILE BA 32 73.75 4.06 -88.43
CA ILE BA 32 74.75 5.11 -88.54
C ILE BA 32 74.87 5.96 -87.28
N GLY BA 33 73.93 5.82 -86.34
CA GLY BA 33 73.95 6.58 -85.12
C GLY BA 33 72.55 7.01 -84.74
N TYR BA 34 72.48 7.91 -83.77
CA TYR BA 34 71.20 8.41 -83.26
C TYR BA 34 71.27 9.91 -83.10
N GLU BA 35 70.14 10.57 -83.30
CA GLU BA 35 70.03 12.02 -83.23
C GLU BA 35 69.20 12.43 -82.02
N LYS BA 36 69.78 13.29 -81.19
CA LYS BA 36 69.11 13.79 -79.99
C LYS BA 36 68.63 15.21 -80.24
N THR BA 37 67.31 15.40 -80.23
CA THR BA 37 66.71 16.70 -80.49
C THR BA 37 66.18 17.37 -79.23
N GLY BA 38 66.53 16.85 -78.06
CA GLY BA 38 66.11 17.45 -76.80
C GLY BA 38 64.70 17.04 -76.40
N GLY BA 39 64.40 17.30 -75.13
CA GLY BA 39 63.09 16.95 -74.59
C GLY BA 39 62.81 15.46 -74.54
N GLY BA 40 63.85 14.64 -74.45
CA GLY BA 40 63.69 13.20 -74.46
C GLY BA 40 63.51 12.60 -75.85
N TYR BA 41 63.46 13.42 -76.89
CA TYR BA 41 63.27 12.92 -78.25
C TYR BA 41 64.61 12.42 -78.81
N VAL BA 42 64.61 11.19 -79.29
CA VAL BA 42 65.78 10.61 -79.95
C VAL BA 42 65.31 9.87 -81.20
N THR BA 43 66.18 9.84 -82.21
CA THR BA 43 65.85 9.28 -83.52
C THR BA 43 66.91 8.29 -83.94
N ALA BA 44 66.52 7.03 -84.14
CA ALA BA 44 67.42 6.03 -84.67
C ALA BA 44 67.44 6.10 -86.19
N VAL BA 45 68.64 6.14 -86.77
CA VAL BA 45 68.81 6.31 -88.20
C VAL BA 45 69.55 5.09 -88.75
N VAL BA 46 68.98 4.48 -89.80
CA VAL BA 46 69.57 3.32 -90.45
C VAL BA 46 69.64 3.57 -91.95
N ARG BA 47 70.61 2.93 -92.59
CA ARG BA 47 70.80 3.02 -94.03
C ARG BA 47 70.90 1.63 -94.63
N GLY BA 48 70.71 1.56 -95.94
CA GLY BA 48 70.79 0.29 -96.65
C GLY BA 48 70.01 0.36 -97.95
N ASP BA 49 69.56 -0.81 -98.39
CA ASP BA 49 68.76 -0.93 -99.60
C ASP BA 49 67.28 -0.75 -99.27
N VAL BA 50 66.49 -0.42 -100.29
CA VAL BA 50 65.07 -0.16 -100.11
C VAL BA 50 64.37 -1.39 -99.52
N ALA BA 51 64.80 -2.58 -99.93
CA ALA BA 51 64.18 -3.80 -99.41
C ALA BA 51 64.53 -4.02 -97.95
N ALA BA 52 65.78 -3.77 -97.56
CA ALA BA 52 66.21 -4.00 -96.19
C ALA BA 52 65.72 -2.90 -95.26
N VAL BA 53 65.76 -1.65 -95.71
CA VAL BA 53 65.33 -0.54 -94.86
C VAL BA 53 63.84 -0.60 -94.60
N LYS BA 54 63.05 -0.96 -95.63
CA LYS BA 54 61.60 -1.06 -95.45
C LYS BA 54 61.25 -2.19 -94.50
N ALA BA 55 61.92 -3.34 -94.62
CA ALA BA 55 61.61 -4.48 -93.77
C ALA BA 55 62.09 -4.24 -92.33
N ALA BA 56 63.23 -3.57 -92.17
CA ALA BA 56 63.75 -3.32 -90.82
C ALA BA 56 62.91 -2.27 -90.10
N THR BA 57 62.41 -1.28 -90.83
CA THR BA 57 61.62 -0.23 -90.20
C THR BA 57 60.31 -0.78 -89.66
N GLU BA 58 59.71 -1.74 -90.37
CA GLU BA 58 58.47 -2.34 -89.90
C GLU BA 58 58.70 -3.21 -88.67
N ALA BA 59 59.85 -3.90 -88.62
CA ALA BA 59 60.15 -4.75 -87.47
C ALA BA 59 60.48 -3.93 -86.23
N GLY BA 60 61.20 -2.81 -86.42
CA GLY BA 60 61.55 -1.96 -85.30
C GLY BA 60 60.39 -1.18 -84.73
N GLN BA 61 59.32 -0.98 -85.52
CA GLN BA 61 58.17 -0.24 -85.03
C GLN BA 61 57.35 -1.06 -84.04
N ARG BA 62 57.03 -2.30 -84.41
CA ARG BA 62 56.23 -3.15 -83.52
C ARG BA 62 57.01 -3.58 -82.28
N ALA BA 63 58.34 -3.53 -82.33
CA ALA BA 63 59.13 -3.89 -81.16
C ALA BA 63 59.29 -2.72 -80.20
N ALA BA 64 59.29 -1.49 -80.72
CA ALA BA 64 59.46 -0.32 -79.86
C ALA BA 64 58.14 0.12 -79.23
N GLU BA 65 57.01 -0.16 -79.89
CA GLU BA 65 55.72 0.21 -79.32
C GLU BA 65 55.41 -0.55 -78.03
N ARG BA 66 56.03 -1.71 -77.82
CA ARG BA 66 55.81 -2.50 -76.63
C ARG BA 66 56.67 -2.06 -75.45
N VAL BA 67 57.58 -1.10 -75.65
CA VAL BA 67 58.45 -0.64 -74.57
C VAL BA 67 58.39 0.85 -74.34
N GLY BA 68 58.03 1.68 -75.33
CA GLY BA 68 58.03 3.11 -75.14
C GLY BA 68 57.02 3.85 -76.00
N GLU BA 69 57.12 5.18 -76.01
CA GLU BA 69 56.20 6.04 -76.77
C GLU BA 69 56.86 6.38 -78.10
N VAL BA 70 56.35 5.78 -79.18
CA VAL BA 70 56.88 6.04 -80.51
C VAL BA 70 56.22 7.29 -81.07
N VAL BA 71 57.04 8.20 -81.62
CA VAL BA 71 56.57 9.47 -82.13
C VAL BA 71 56.35 9.43 -83.64
N ALA BA 72 57.37 9.02 -84.40
CA ALA BA 72 57.27 9.01 -85.85
C ALA BA 72 58.09 7.86 -86.41
N VAL BA 73 57.60 7.29 -87.51
CA VAL BA 73 58.26 6.20 -88.22
C VAL BA 73 58.06 6.43 -89.71
N HIS BA 74 59.16 6.51 -90.46
CA HIS BA 74 59.09 6.83 -91.88
C HIS BA 74 60.27 6.22 -92.61
N VAL BA 75 60.07 5.91 -93.89
CA VAL BA 75 61.09 5.34 -94.75
C VAL BA 75 61.24 6.24 -95.97
N ILE BA 76 62.48 6.53 -96.34
CA ILE BA 76 62.76 7.32 -97.54
C ILE BA 76 63.54 6.44 -98.52
N PRO BA 77 62.96 6.12 -99.68
CA PRO BA 77 63.66 5.20 -100.61
C PRO BA 77 64.96 5.78 -101.15
N ARG BA 78 64.93 6.96 -101.75
CA ARG BA 78 66.11 7.61 -102.29
C ARG BA 78 66.14 9.06 -101.83
N PRO BA 79 66.85 9.35 -100.75
CA PRO BA 79 67.01 10.75 -100.33
C PRO BA 79 67.79 11.54 -101.37
N HIS BA 80 67.43 12.81 -101.50
CA HIS BA 80 68.10 13.68 -102.44
C HIS BA 80 69.56 13.89 -102.02
N VAL BA 81 70.41 14.20 -103.00
CA VAL BA 81 71.83 14.39 -102.72
C VAL BA 81 72.04 15.59 -101.79
N ASN BA 82 71.18 16.60 -101.89
CA ASN BA 82 71.30 17.76 -101.02
C ASN BA 82 70.94 17.42 -99.58
N VAL BA 83 70.11 16.39 -99.37
CA VAL BA 83 69.72 16.01 -98.02
C VAL BA 83 70.89 15.41 -97.27
N ASP BA 84 71.66 14.52 -97.92
CA ASP BA 84 72.80 13.91 -97.26
C ASP BA 84 73.92 14.91 -97.01
N ALA BA 85 73.99 15.98 -97.81
CA ALA BA 85 75.08 16.94 -97.68
C ALA BA 85 74.89 17.87 -96.48
N ALA BA 86 73.64 18.12 -96.09
CA ALA BA 86 73.36 19.06 -95.01
C ALA BA 86 72.88 18.40 -93.72
N LEU BA 87 72.43 17.15 -93.78
CA LEU BA 87 71.91 16.49 -92.58
C LEU BA 87 72.82 15.34 -92.16
N PRO BA 88 72.98 15.12 -90.85
CA PRO BA 88 73.80 13.98 -90.37
C PRO BA 88 73.06 12.65 -90.51
N LEU BA 89 73.13 12.08 -91.72
CA LEU BA 89 72.41 10.85 -92.04
C LEU BA 89 73.35 9.73 -92.49
N GLY BA 90 74.66 9.91 -92.34
CA GLY BA 90 75.61 8.84 -92.61
C GLY BA 90 76.37 8.97 -93.91
N ARG BA 91 76.02 9.91 -94.77
CA ARG BA 91 76.68 10.08 -96.06
C ARG BA 91 77.05 11.55 -96.26
N THR BA 92 78.16 11.77 -96.95
CA THR BA 92 78.61 13.12 -97.27
C THR BA 92 79.49 13.12 -98.52
N ALA BA 116 78.78 -11.22 -76.92
CA ALA BA 116 78.44 -9.98 -76.23
C ALA BA 116 77.58 -10.25 -75.01
N ASP BA 117 77.58 -9.30 -74.07
CA ASP BA 117 76.81 -9.42 -72.84
C ASP BA 117 75.43 -8.80 -73.02
N ALA BA 118 74.55 -9.09 -72.06
CA ALA BA 118 73.18 -8.60 -72.13
C ALA BA 118 73.13 -7.10 -71.82
N LEU BA 119 71.96 -6.51 -72.07
CA LEU BA 119 71.75 -5.08 -71.91
C LEU BA 119 70.54 -4.83 -71.02
N GLY BA 120 70.72 -4.01 -69.99
CA GLY BA 120 69.63 -3.64 -69.11
C GLY BA 120 69.50 -2.14 -68.98
N MET BA 121 68.29 -1.62 -69.15
CA MET BA 121 68.07 -0.18 -69.19
C MET BA 121 66.82 0.19 -68.40
N ILE BA 122 66.91 1.30 -67.66
CA ILE BA 122 65.79 1.85 -66.92
C ILE BA 122 65.78 3.36 -67.14
N GLU BA 123 64.65 3.88 -67.63
CA GLU BA 123 64.52 5.30 -67.93
C GLU BA 123 63.57 5.94 -66.93
N VAL BA 124 63.97 7.06 -66.36
CA VAL BA 124 63.18 7.78 -65.37
C VAL BA 124 63.24 9.27 -65.70
N ARG BA 125 62.08 9.94 -65.68
CA ARG BA 125 62.04 11.40 -65.81
C ARG BA 125 62.38 12.01 -64.44
N GLY BA 126 63.66 11.94 -64.11
CA GLY BA 126 64.15 12.40 -62.82
C GLY BA 126 65.47 11.76 -62.45
N PHE BA 127 66.47 12.58 -62.13
CA PHE BA 127 67.78 12.05 -61.81
C PHE BA 127 67.77 11.25 -60.52
N VAL BA 128 66.89 11.60 -59.58
CA VAL BA 128 66.83 10.89 -58.31
C VAL BA 128 66.27 9.48 -58.51
N GLY BA 129 65.21 9.36 -59.32
CA GLY BA 129 64.64 8.04 -59.56
C GLY BA 129 65.56 7.11 -60.33
N MET BA 130 66.43 7.68 -61.17
CA MET BA 130 67.37 6.86 -61.92
C MET BA 130 68.53 6.38 -61.06
N VAL BA 131 68.96 7.18 -60.09
CA VAL BA 131 70.04 6.76 -59.20
C VAL BA 131 69.58 5.64 -58.29
N GLU BA 132 68.36 5.75 -57.74
CA GLU BA 132 67.83 4.68 -56.91
C GLU BA 132 67.62 3.40 -57.72
N ALA BA 133 67.23 3.54 -58.98
CA ALA BA 133 67.10 2.36 -59.83
C ALA BA 133 68.45 1.72 -60.11
N ALA BA 134 69.49 2.53 -60.29
CA ALA BA 134 70.82 1.99 -60.53
C ALA BA 134 71.39 1.33 -59.28
N ASP BA 135 71.07 1.85 -58.10
CA ASP BA 135 71.57 1.26 -56.87
C ASP BA 135 70.93 -0.09 -56.60
N ALA BA 136 69.63 -0.23 -56.92
CA ALA BA 136 68.94 -1.49 -56.69
C ALA BA 136 69.33 -2.57 -57.68
N MET BA 137 69.81 -2.18 -58.87
CA MET BA 137 70.20 -3.16 -59.88
C MET BA 137 71.53 -3.83 -59.53
N VAL BA 138 72.55 -3.04 -59.20
CA VAL BA 138 73.86 -3.60 -58.88
C VAL BA 138 73.83 -4.37 -57.57
N LYS BA 139 72.89 -4.07 -56.67
CA LYS BA 139 72.79 -4.81 -55.43
C LYS BA 139 72.01 -6.11 -55.60
N ALA BA 140 71.07 -6.16 -56.55
CA ALA BA 140 70.25 -7.34 -56.74
C ALA BA 140 71.01 -8.48 -57.39
N ALA BA 141 71.81 -8.18 -58.42
CA ALA BA 141 72.51 -9.21 -59.19
C ALA BA 141 73.90 -8.71 -59.55
N LYS BA 142 74.63 -9.55 -60.28
CA LYS BA 142 76.00 -9.24 -60.71
C LYS BA 142 75.93 -8.58 -62.08
N VAL BA 143 75.75 -7.26 -62.09
CA VAL BA 143 75.71 -6.49 -63.31
C VAL BA 143 76.65 -5.29 -63.15
N GLU BA 144 77.13 -4.78 -64.29
CA GLU BA 144 78.05 -3.66 -64.32
C GLU BA 144 77.31 -2.40 -64.78
N LEU BA 145 77.34 -1.36 -63.96
CA LEU BA 145 76.74 -0.09 -64.32
C LEU BA 145 77.72 0.71 -65.16
N ILE BA 146 77.45 0.79 -66.47
CA ILE BA 146 78.37 1.47 -67.38
C ILE BA 146 78.23 2.99 -67.32
N GLY BA 147 77.12 3.50 -66.79
CA GLY BA 147 76.88 4.92 -66.72
C GLY BA 147 75.42 5.21 -67.00
N TYR BA 148 75.15 6.46 -67.39
CA TYR BA 148 73.79 6.91 -67.64
C TYR BA 148 73.77 7.81 -68.86
N GLU BA 149 72.60 7.88 -69.50
CA GLU BA 149 72.40 8.66 -70.71
C GLU BA 149 71.38 9.76 -70.44
N LYS BA 150 71.70 10.98 -70.88
CA LYS BA 150 70.84 12.14 -70.69
C LYS BA 150 70.30 12.57 -72.04
N THR BA 151 69.00 12.35 -72.25
CA THR BA 151 68.34 12.71 -73.50
C THR BA 151 67.64 14.05 -73.44
N GLY BA 152 67.72 14.76 -72.33
CA GLY BA 152 67.10 16.08 -72.20
C GLY BA 152 65.69 16.02 -71.67
N GLY BA 153 65.21 17.20 -71.26
CA GLY BA 153 63.88 17.32 -70.70
C GLY BA 153 63.68 16.58 -69.40
N GLY BA 154 64.74 16.40 -68.61
CA GLY BA 154 64.65 15.64 -67.39
C GLY BA 154 64.69 14.14 -67.56
N TYR BA 155 64.87 13.65 -68.78
CA TYR BA 155 64.90 12.22 -69.06
C TYR BA 155 66.32 11.69 -68.92
N VAL BA 156 66.50 10.67 -68.08
CA VAL BA 156 67.79 10.01 -67.90
C VAL BA 156 67.56 8.51 -67.95
N THR BA 157 68.60 7.78 -68.35
CA THR BA 157 68.50 6.34 -68.56
C THR BA 157 69.72 5.66 -67.97
N ALA BA 158 69.49 4.76 -67.00
CA ALA BA 158 70.55 3.95 -66.44
C ALA BA 158 70.79 2.73 -67.31
N VAL BA 159 72.05 2.43 -67.60
CA VAL BA 159 72.43 1.34 -68.50
C VAL BA 159 73.34 0.38 -67.74
N VAL BA 160 72.99 -0.91 -67.76
CA VAL BA 160 73.77 -1.94 -67.10
C VAL BA 160 74.00 -3.08 -68.08
N ARG BA 161 75.09 -3.82 -67.86
CA ARG BA 161 75.45 -4.95 -68.71
C ARG BA 161 75.73 -6.17 -67.84
N GLY BA 162 75.71 -7.34 -68.47
CA GLY BA 162 75.97 -8.58 -67.77
C GLY BA 162 75.35 -9.75 -68.52
N ASP BA 163 75.05 -10.81 -67.76
CA ASP BA 163 74.38 -11.97 -68.33
C ASP BA 163 72.87 -11.75 -68.37
N VAL BA 164 72.20 -12.58 -69.17
CA VAL BA 164 70.79 -12.34 -69.47
C VAL BA 164 69.93 -12.49 -68.21
N ALA BA 165 70.22 -13.50 -67.39
CA ALA BA 165 69.37 -13.76 -66.23
C ALA BA 165 69.57 -12.72 -65.14
N ALA BA 166 70.83 -12.35 -64.86
CA ALA BA 166 71.10 -11.36 -63.83
C ALA BA 166 70.59 -9.98 -64.23
N VAL BA 167 70.73 -9.63 -65.52
CA VAL BA 167 70.22 -8.35 -66.00
C VAL BA 167 68.70 -8.32 -65.95
N LYS BA 168 68.06 -9.43 -66.35
CA LYS BA 168 66.61 -9.49 -66.31
C LYS BA 168 66.07 -9.46 -64.88
N ALA BA 169 66.82 -10.02 -63.93
CA ALA BA 169 66.41 -10.00 -62.53
C ALA BA 169 66.78 -8.69 -61.84
N ALA BA 170 67.74 -7.94 -62.38
CA ALA BA 170 68.12 -6.67 -61.76
C ALA BA 170 67.20 -5.54 -62.18
N THR BA 171 66.79 -5.52 -63.45
CA THR BA 171 65.90 -4.46 -63.93
C THR BA 171 64.53 -4.55 -63.25
N GLU BA 172 64.02 -5.77 -63.05
CA GLU BA 172 62.76 -5.93 -62.35
C GLU BA 172 62.88 -5.55 -60.88
N ALA BA 173 64.03 -5.81 -60.27
CA ALA BA 173 64.26 -5.40 -58.89
C ALA BA 173 64.54 -3.91 -58.79
N GLY BA 174 65.12 -3.31 -59.83
CA GLY BA 174 65.37 -1.88 -59.81
C GLY BA 174 64.16 -1.04 -60.17
N GLN BA 175 63.30 -1.57 -61.05
CA GLN BA 175 62.07 -0.86 -61.39
C GLN BA 175 61.14 -0.76 -60.19
N ARG BA 176 61.01 -1.85 -59.43
CA ARG BA 176 60.14 -1.85 -58.25
C ARG BA 176 60.63 -0.87 -57.19
N ALA BA 177 61.95 -0.63 -57.13
CA ALA BA 177 62.51 0.33 -56.20
C ALA BA 177 62.50 1.75 -56.73
N ALA BA 178 62.26 1.94 -58.02
CA ALA BA 178 62.21 3.27 -58.61
C ALA BA 178 60.80 3.82 -58.75
N GLU BA 179 59.79 2.95 -58.79
CA GLU BA 179 58.40 3.41 -58.87
C GLU BA 179 57.99 4.18 -57.63
N ARG BA 180 58.65 3.95 -56.50
CA ARG BA 180 58.36 4.63 -55.25
C ARG BA 180 59.17 5.91 -55.07
N VAL BA 181 59.93 6.33 -56.08
CA VAL BA 181 60.78 7.50 -55.96
C VAL BA 181 60.39 8.53 -57.03
N GLY BA 182 60.53 8.17 -58.29
CA GLY BA 182 60.26 9.10 -59.37
C GLY BA 182 59.29 8.59 -60.42
N GLU BA 183 59.30 9.22 -61.59
CA GLU BA 183 58.40 8.89 -62.68
C GLU BA 183 59.10 7.89 -63.60
N VAL BA 184 58.74 6.62 -63.48
CA VAL BA 184 59.35 5.57 -64.30
C VAL BA 184 58.74 5.63 -65.70
N VAL BA 185 59.61 5.65 -66.71
CA VAL BA 185 59.17 5.78 -68.10
C VAL BA 185 59.14 4.41 -68.77
N ALA BA 186 60.31 3.81 -68.97
CA ALA BA 186 60.41 2.54 -69.68
C ALA BA 186 61.49 1.67 -69.06
N VAL BA 187 61.25 0.36 -69.08
CA VAL BA 187 62.21 -0.64 -68.60
C VAL BA 187 62.20 -1.79 -69.59
N HIS BA 188 63.37 -2.13 -70.11
CA HIS BA 188 63.48 -3.22 -71.09
C HIS BA 188 64.86 -3.86 -70.98
N VAL BA 189 64.95 -5.10 -71.44
CA VAL BA 189 66.18 -5.87 -71.43
C VAL BA 189 66.39 -6.49 -72.80
N ILE BA 190 67.59 -6.32 -73.35
CA ILE BA 190 67.97 -6.91 -74.63
C ILE BA 190 68.94 -8.06 -74.31
N PRO BA 191 68.56 -9.32 -74.58
CA PRO BA 191 69.43 -10.45 -74.22
C PRO BA 191 70.74 -10.45 -74.97
N ARG BA 192 70.67 -10.43 -76.31
CA ARG BA 192 71.85 -10.46 -77.17
C ARG BA 192 71.82 -9.24 -78.08
N PRO BA 193 72.38 -8.11 -77.65
CA PRO BA 193 72.40 -6.93 -78.51
C PRO BA 193 73.34 -7.12 -79.69
N HIS BA 194 72.93 -6.60 -80.84
CA HIS BA 194 73.72 -6.73 -82.05
C HIS BA 194 75.02 -5.94 -81.92
N VAL BA 195 76.05 -6.41 -82.63
CA VAL BA 195 77.36 -5.75 -82.57
C VAL BA 195 77.29 -4.33 -83.12
N ASN BA 196 76.41 -4.10 -84.11
CA ASN BA 196 76.25 -2.76 -84.67
C ASN BA 196 75.64 -1.79 -83.67
N VAL BA 197 74.89 -2.29 -82.68
CA VAL BA 197 74.27 -1.43 -81.68
C VAL BA 197 75.32 -0.94 -80.68
N ASP BA 198 76.17 -1.85 -80.21
CA ASP BA 198 77.18 -1.48 -79.21
C ASP BA 198 78.25 -0.55 -79.78
N ALA BA 199 78.40 -0.49 -81.10
CA ALA BA 199 79.44 0.33 -81.68
C ALA BA 199 78.97 1.77 -81.89
N ALA BA 200 77.71 1.96 -82.28
CA ALA BA 200 77.17 3.28 -82.58
C ALA BA 200 76.43 3.91 -81.41
N LEU BA 201 76.17 3.15 -80.34
CA LEU BA 201 75.45 3.69 -79.20
C LEU BA 201 76.30 3.59 -77.94
N PRO BA 202 76.21 4.58 -77.03
CA PRO BA 202 77.01 4.52 -75.80
C PRO BA 202 76.50 3.48 -74.83
N LEU BA 203 76.79 2.21 -75.08
CA LEU BA 203 76.34 1.11 -74.24
C LEU BA 203 77.50 0.39 -73.55
N GLY BA 204 78.62 1.08 -73.36
CA GLY BA 204 79.75 0.54 -72.62
C GLY BA 204 80.52 -0.56 -73.31
N ARG BA 205 80.21 -0.88 -74.55
CA ARG BA 205 80.91 -1.92 -75.30
C ARG BA 205 81.40 -1.38 -76.63
N THR BA 206 81.92 -0.16 -76.63
CA THR BA 206 82.43 0.47 -77.85
C THR BA 206 83.88 0.08 -78.09
N ALA CA 2 82.32 3.57 -47.18
CA ALA CA 2 81.40 4.19 -48.11
C ALA CA 2 80.48 5.18 -47.41
N ASP CA 3 80.44 6.41 -47.90
CA ASP CA 3 79.61 7.44 -47.30
C ASP CA 3 78.16 7.29 -47.73
N ALA CA 4 77.28 8.10 -47.14
CA ALA CA 4 75.87 8.09 -47.46
C ALA CA 4 75.59 9.01 -48.66
N LEU CA 5 74.32 9.10 -49.03
CA LEU CA 5 73.93 9.89 -50.19
C LEU CA 5 72.56 10.51 -49.96
N GLY CA 6 72.42 11.78 -50.34
CA GLY CA 6 71.15 12.47 -50.27
C GLY CA 6 70.92 13.33 -51.50
N MET CA 7 69.70 13.27 -52.04
CA MET CA 7 69.39 13.96 -53.29
C MET CA 7 68.05 14.67 -53.17
N ILE CA 8 67.97 15.85 -53.81
CA ILE CA 8 66.74 16.63 -53.91
C ILE CA 8 66.64 17.17 -55.31
N GLU CA 9 65.56 16.81 -56.03
CA GLU CA 9 65.35 17.25 -57.40
C GLU CA 9 64.22 18.26 -57.44
N VAL CA 10 64.46 19.40 -58.10
CA VAL CA 10 63.51 20.49 -58.18
C VAL CA 10 63.48 21.00 -59.62
N ARG CA 11 62.26 21.19 -60.15
CA ARG CA 11 62.10 21.83 -61.45
C ARG CA 11 62.23 23.34 -61.28
N GLY CA 12 63.47 23.76 -61.01
CA GLY CA 12 63.76 25.15 -60.75
C GLY CA 12 65.10 25.34 -60.06
N PHE CA 13 65.97 26.15 -60.66
CA PHE CA 13 67.31 26.35 -60.10
C PHE CA 13 67.24 27.08 -58.76
N VAL CA 14 66.19 27.88 -58.53
CA VAL CA 14 66.08 28.61 -57.28
C VAL CA 14 65.75 27.67 -56.12
N GLY CA 15 64.86 26.70 -56.37
CA GLY CA 15 64.51 25.76 -55.32
C GLY CA 15 65.64 24.81 -54.97
N MET CA 16 66.50 24.49 -55.94
CA MET CA 16 67.63 23.62 -55.66
C MET CA 16 68.68 24.33 -54.80
N VAL CA 17 68.90 25.62 -55.03
CA VAL CA 17 69.86 26.36 -54.24
C VAL CA 17 69.35 26.53 -52.81
N GLU CA 18 68.06 26.85 -52.65
CA GLU CA 18 67.49 26.95 -51.31
C GLU CA 18 67.51 25.61 -50.60
N ALA CA 19 67.28 24.52 -51.33
CA ALA CA 19 67.37 23.20 -50.73
C ALA CA 19 68.80 22.86 -50.34
N ALA CA 20 69.77 23.22 -51.19
CA ALA CA 20 71.16 22.96 -50.89
C ALA CA 20 71.66 23.80 -49.73
N ASP CA 21 71.10 25.00 -49.55
CA ASP CA 21 71.53 25.86 -48.45
C ASP CA 21 71.02 25.34 -47.11
N ALA CA 22 69.79 24.82 -47.09
CA ALA CA 22 69.22 24.33 -45.84
C ALA CA 22 69.83 23.00 -45.41
N MET CA 23 70.34 22.22 -46.36
CA MET CA 23 70.89 20.91 -46.02
C MET CA 23 72.24 21.06 -45.30
N VAL CA 24 73.13 21.89 -45.83
CA VAL CA 24 74.45 22.05 -45.22
C VAL CA 24 74.37 22.80 -43.90
N LYS CA 25 73.25 23.49 -43.63
CA LYS CA 25 73.08 24.18 -42.36
C LYS CA 25 72.36 23.34 -41.32
N ALA CA 26 71.55 22.37 -41.74
CA ALA CA 26 70.81 21.55 -40.78
C ALA CA 26 71.70 20.51 -40.12
N ALA CA 27 72.61 19.89 -40.87
CA ALA CA 27 73.48 18.85 -40.35
C ALA CA 27 74.84 18.97 -41.03
N LYS CA 28 75.74 18.05 -40.68
CA LYS CA 28 77.10 18.04 -41.22
C LYS CA 28 77.13 17.18 -42.46
N VAL CA 29 76.89 17.81 -43.62
CA VAL CA 29 76.95 17.14 -44.91
C VAL CA 29 77.72 18.02 -45.88
N GLU CA 30 78.27 17.39 -46.91
CA GLU CA 30 79.06 18.08 -47.93
C GLU CA 30 78.28 18.13 -49.23
N LEU CA 31 78.16 19.33 -49.80
CA LEU CA 31 77.50 19.52 -51.09
C LEU CA 31 78.53 19.29 -52.19
N ILE CA 32 78.44 18.12 -52.85
CA ILE CA 32 79.40 17.79 -53.88
C ILE CA 32 79.14 18.51 -55.19
N GLY CA 33 77.94 19.06 -55.37
CA GLY CA 33 77.58 19.77 -56.58
C GLY CA 33 76.14 19.49 -56.95
N TYR CA 34 75.80 19.80 -58.20
CA TYR CA 34 74.44 19.64 -58.68
C TYR CA 34 74.47 19.02 -60.07
N GLU CA 35 73.36 18.42 -60.47
CA GLU CA 35 73.24 17.75 -61.76
C GLU CA 35 72.07 18.36 -62.53
N LYS CA 36 72.34 18.79 -63.76
CA LYS CA 36 71.32 19.37 -64.63
C LYS CA 36 70.91 18.32 -65.66
N THR CA 37 69.66 17.87 -65.59
CA THR CA 37 69.15 16.86 -66.49
C THR CA 37 68.30 17.43 -67.62
N GLY CA 38 68.19 18.75 -67.71
CA GLY CA 38 67.43 19.39 -68.78
C GLY CA 38 65.96 19.58 -68.41
N GLY CA 39 65.30 20.39 -69.24
CA GLY CA 39 63.89 20.68 -69.03
C GLY CA 39 63.60 21.44 -67.75
N GLY CA 40 64.59 22.15 -67.20
CA GLY CA 40 64.43 22.84 -65.95
C GLY CA 40 64.66 21.99 -64.71
N TYR CA 41 65.01 20.71 -64.88
CA TYR CA 41 65.23 19.81 -63.77
C TYR CA 41 66.67 19.89 -63.30
N VAL CA 42 66.86 20.13 -62.00
CA VAL CA 42 68.18 20.14 -61.37
C VAL CA 42 68.09 19.36 -60.07
N THR CA 43 69.22 18.78 -59.67
CA THR CA 43 69.27 17.90 -58.51
C THR CA 43 70.46 18.28 -57.63
N ALA CA 44 70.19 18.56 -56.37
CA ALA CA 44 71.24 18.82 -55.39
C ALA CA 44 71.68 17.50 -54.76
N VAL CA 45 72.99 17.32 -54.65
CA VAL CA 45 73.57 16.07 -54.16
C VAL CA 45 74.45 16.38 -52.96
N VAL CA 46 74.09 15.82 -51.81
CA VAL CA 46 74.87 15.97 -50.58
C VAL CA 46 75.28 14.58 -50.11
N ARG CA 47 76.33 14.55 -49.28
CA ARG CA 47 76.87 13.30 -48.78
C ARG CA 47 77.34 13.47 -47.34
N GLY CA 48 77.42 12.35 -46.63
CA GLY CA 48 77.83 12.31 -45.24
C GLY CA 48 77.60 10.94 -44.63
N ASP CA 49 77.13 10.91 -43.39
CA ASP CA 49 76.73 9.67 -42.76
C ASP CA 49 75.21 9.54 -42.79
N VAL CA 50 74.72 8.33 -42.48
CA VAL CA 50 73.31 8.02 -42.63
C VAL CA 50 72.44 8.91 -41.74
N ALA CA 51 72.95 9.27 -40.56
CA ALA CA 51 72.15 10.03 -39.60
C ALA CA 51 71.95 11.48 -40.06
N ALA CA 52 73.04 12.15 -40.45
CA ALA CA 52 72.95 13.56 -40.81
C ALA CA 52 72.33 13.77 -42.19
N VAL CA 53 72.56 12.86 -43.13
CA VAL CA 53 71.99 13.01 -44.46
C VAL CA 53 70.47 12.91 -44.40
N LYS CA 54 69.95 12.01 -43.56
CA LYS CA 54 68.50 11.94 -43.36
C LYS CA 54 67.97 13.19 -42.69
N ALA CA 55 68.73 13.75 -41.73
CA ALA CA 55 68.28 14.94 -41.04
C ALA CA 55 68.38 16.18 -41.92
N ALA CA 56 69.39 16.25 -42.80
CA ALA CA 56 69.50 17.38 -43.71
C ALA CA 56 68.51 17.28 -44.85
N THR CA 57 68.15 16.06 -45.26
CA THR CA 57 67.22 15.88 -46.37
C THR CA 57 65.83 16.41 -46.03
N GLU CA 58 65.33 16.08 -44.83
CA GLU CA 58 64.00 16.52 -44.44
C GLU CA 58 63.95 18.04 -44.26
N ALA CA 59 65.06 18.66 -43.86
CA ALA CA 59 65.09 20.11 -43.72
C ALA CA 59 65.21 20.82 -45.05
N GLY CA 60 65.92 20.21 -46.01
CA GLY CA 60 66.01 20.81 -47.34
C GLY CA 60 64.71 20.74 -48.11
N GLN CA 61 63.93 19.68 -47.92
CA GLN CA 61 62.64 19.57 -48.59
C GLN CA 61 61.65 20.60 -48.04
N ARG CA 62 61.60 20.74 -46.71
CA ARG CA 62 60.66 21.67 -46.10
C ARG CA 62 60.99 23.11 -46.48
N ALA CA 63 62.27 23.44 -46.65
CA ALA CA 63 62.64 24.80 -47.03
C ALA CA 63 62.46 25.06 -48.52
N ALA CA 64 62.58 24.01 -49.35
CA ALA CA 64 62.44 24.15 -50.79
C ALA CA 64 60.99 24.09 -51.26
N GLU CA 65 60.08 23.51 -50.46
CA GLU CA 65 58.68 23.46 -50.86
C GLU CA 65 58.01 24.83 -50.80
N ARG CA 66 58.61 25.79 -50.12
CA ARG CA 66 58.07 27.14 -50.05
C ARG CA 66 58.48 28.02 -51.22
N VAL CA 67 59.44 27.59 -52.04
CA VAL CA 67 59.99 28.41 -53.11
C VAL CA 67 59.79 27.76 -54.48
N GLY CA 68 60.02 26.45 -54.60
CA GLY CA 68 60.02 25.79 -55.89
C GLY CA 68 59.19 24.51 -55.86
N GLU CA 69 59.10 23.90 -57.05
CA GLU CA 69 58.36 22.65 -57.23
C GLU CA 69 59.32 21.49 -56.99
N VAL CA 70 59.12 20.77 -55.89
CA VAL CA 70 59.97 19.64 -55.55
C VAL CA 70 59.48 18.42 -56.31
N VAL CA 71 60.40 17.73 -57.00
CA VAL CA 71 60.06 16.59 -57.82
C VAL CA 71 60.26 15.30 -57.04
N ALA CA 72 61.51 15.05 -56.63
CA ALA CA 72 61.85 13.80 -55.95
C ALA CA 72 62.81 14.09 -54.80
N VAL CA 73 62.71 13.26 -53.76
CA VAL CA 73 63.57 13.35 -52.59
C VAL CA 73 63.83 11.93 -52.08
N HIS CA 74 65.10 11.57 -51.95
CA HIS CA 74 65.45 10.21 -51.58
C HIS CA 74 66.79 10.19 -50.86
N VAL CA 75 66.97 9.19 -49.99
CA VAL CA 75 68.20 8.98 -49.24
C VAL CA 75 68.67 7.54 -49.46
N ILE CA 76 69.94 7.38 -49.76
CA ILE CA 76 70.53 6.03 -49.89
C ILE CA 76 71.57 5.85 -48.78
N PRO CA 77 71.35 4.92 -47.85
CA PRO CA 77 72.31 4.75 -46.73
C PRO CA 77 73.69 4.31 -47.19
N ARG CA 78 73.76 3.18 -47.90
CA ARG CA 78 75.04 2.60 -48.31
C ARG CA 78 75.01 2.37 -49.82
N PRO CA 79 75.43 3.37 -50.60
CA PRO CA 79 75.48 3.19 -52.06
C PRO CA 79 76.55 2.18 -52.44
N HIS CA 80 76.25 1.40 -53.48
CA HIS CA 80 77.20 0.42 -53.98
C HIS CA 80 78.40 1.14 -54.60
N VAL CA 81 79.55 0.46 -54.58
CA VAL CA 81 80.78 1.06 -55.10
C VAL CA 81 80.68 1.28 -56.60
N ASN CA 82 79.89 0.46 -57.30
CA ASN CA 82 79.71 0.65 -58.74
C ASN CA 82 78.95 1.94 -59.04
N VAL CA 83 78.06 2.36 -58.14
CA VAL CA 83 77.30 3.58 -58.36
C VAL CA 83 78.20 4.80 -58.25
N ASP CA 84 79.07 4.83 -57.23
CA ASP CA 84 79.95 5.97 -57.05
C ASP CA 84 81.02 6.06 -58.13
N ALA CA 85 81.30 4.97 -58.83
CA ALA CA 85 82.33 4.97 -59.87
C ALA CA 85 81.80 5.38 -61.24
N ALA CA 86 80.51 5.17 -61.50
CA ALA CA 86 79.91 5.48 -62.80
C ALA CA 86 79.05 6.73 -62.80
N LEU CA 87 78.60 7.19 -61.63
CA LEU CA 87 77.74 8.37 -61.57
C LEU CA 87 78.43 9.51 -60.86
N PRO CA 88 78.29 10.75 -61.34
CA PRO CA 88 78.93 11.89 -60.68
C PRO CA 88 78.27 12.21 -59.35
N LEU CA 89 78.65 11.48 -58.30
CA LEU CA 89 78.04 11.63 -56.98
C LEU CA 89 79.08 12.01 -55.92
N GLY CA 90 80.17 12.64 -56.34
CA GLY CA 90 81.16 13.17 -55.42
C GLY CA 90 82.20 12.19 -54.92
N ARG CA 91 81.92 10.89 -54.97
CA ARG CA 91 82.86 9.87 -54.50
C ARG CA 91 83.40 9.11 -55.71
N THR CA 92 84.33 9.74 -56.42
CA THR CA 92 84.94 9.14 -57.59
C THR CA 92 86.40 8.82 -57.30
N PRO CA 93 86.81 7.54 -57.32
CA PRO CA 93 88.19 7.14 -57.06
C PRO CA 93 89.12 7.44 -58.24
N ALA CA 116 80.59 36.33 -46.39
CA ALA CA 116 79.98 36.06 -47.68
C ALA CA 116 78.90 37.08 -48.01
N ASP CA 117 78.65 37.27 -49.30
CA ASP CA 117 77.64 38.23 -49.75
C ASP CA 117 76.27 37.56 -49.82
N ALA CA 118 75.24 38.39 -49.86
CA ALA CA 118 73.88 37.90 -49.95
C ALA CA 118 73.59 37.38 -51.36
N LEU CA 119 72.49 36.64 -51.49
CA LEU CA 119 72.13 35.98 -52.74
C LEU CA 119 70.69 36.32 -53.10
N GLY CA 120 70.50 36.91 -54.27
CA GLY CA 120 69.18 37.16 -54.80
C GLY CA 120 68.98 36.48 -56.13
N MET CA 121 67.86 35.78 -56.32
CA MET CA 121 67.64 34.97 -57.50
C MET CA 121 66.21 35.12 -58.00
N ILE CA 122 66.06 35.19 -59.32
CA ILE CA 122 64.76 35.24 -59.98
C ILE CA 122 64.80 34.30 -61.17
N GLU CA 123 63.84 33.39 -61.25
CA GLU CA 123 63.76 32.42 -62.34
C GLU CA 123 62.49 32.67 -63.14
N VAL CA 124 62.62 32.67 -64.46
CA VAL CA 124 61.52 32.93 -65.39
C VAL CA 124 61.60 31.93 -66.54
N ARG CA 125 60.46 31.37 -66.91
CA ARG CA 125 60.37 30.49 -68.08
C ARG CA 125 60.31 31.33 -69.36
N GLY CA 126 61.34 32.14 -69.54
CA GLY CA 126 61.43 33.05 -70.67
C GLY CA 126 62.61 33.99 -70.55
N PHE CA 127 63.41 34.08 -71.62
CA PHE CA 127 64.61 34.91 -71.56
C PHE CA 127 64.30 36.39 -71.46
N VAL CA 128 63.17 36.82 -72.04
CA VAL CA 128 62.82 38.24 -72.00
C VAL CA 128 62.46 38.66 -70.58
N GLY CA 129 61.66 37.86 -69.88
CA GLY CA 129 61.31 38.18 -68.51
C GLY CA 129 62.48 38.14 -67.56
N MET CA 130 63.51 37.34 -67.89
CA MET CA 130 64.69 37.27 -67.04
C MET CA 130 65.56 38.51 -67.21
N VAL CA 131 65.65 39.04 -68.44
CA VAL CA 131 66.43 40.25 -68.67
C VAL CA 131 65.77 41.45 -68.00
N GLU CA 132 64.45 41.54 -68.09
CA GLU CA 132 63.73 42.62 -67.42
C GLU CA 132 63.90 42.54 -65.91
N ALA CA 133 63.92 41.32 -65.36
CA ALA CA 133 64.13 41.16 -63.94
C ALA CA 133 65.55 41.57 -63.54
N ALA CA 134 66.54 41.19 -64.36
CA ALA CA 134 67.92 41.54 -64.06
C ALA CA 134 68.16 43.04 -64.20
N ASP CA 135 67.49 43.69 -65.14
CA ASP CA 135 67.67 45.12 -65.32
C ASP CA 135 67.03 45.91 -64.18
N ALA CA 136 65.87 45.47 -63.70
CA ALA CA 136 65.20 46.17 -62.62
C ALA CA 136 65.89 45.97 -61.28
N MET CA 137 66.72 44.95 -61.14
CA MET CA 137 67.40 44.71 -59.87
C MET CA 137 68.61 45.62 -59.71
N VAL CA 138 69.49 45.66 -60.71
CA VAL CA 138 70.68 46.49 -60.63
C VAL CA 138 70.34 47.98 -60.63
N LYS CA 139 69.15 48.34 -61.13
CA LYS CA 139 68.73 49.73 -61.09
C LYS CA 139 68.06 50.10 -59.77
N ALA CA 140 67.67 49.11 -58.97
CA ALA CA 140 66.95 49.38 -57.73
C ALA CA 140 67.87 49.55 -56.53
N ALA CA 141 68.99 48.84 -56.49
CA ALA CA 141 69.91 48.92 -55.35
C ALA CA 141 71.31 48.55 -55.83
N LYS CA 142 72.23 48.42 -54.88
CA LYS CA 142 73.62 48.06 -55.17
C LYS CA 142 73.73 46.54 -55.15
N VAL CA 143 73.68 45.94 -56.33
CA VAL CA 143 73.87 44.50 -56.50
C VAL CA 143 74.74 44.26 -57.73
N GLU CA 144 75.39 43.11 -57.75
CA GLU CA 144 76.26 42.71 -58.85
C GLU CA 144 75.64 41.51 -59.56
N LEU CA 145 75.31 41.69 -60.84
CA LEU CA 145 74.76 40.61 -61.66
C LEU CA 145 75.92 39.74 -62.11
N ILE CA 146 76.11 38.60 -61.42
CA ILE CA 146 77.24 37.73 -61.72
C ILE CA 146 77.01 36.92 -63.00
N GLY CA 147 75.78 36.84 -63.46
CA GLY CA 147 75.47 36.07 -64.65
C GLY CA 147 74.09 35.45 -64.52
N TYR CA 148 73.81 34.54 -65.46
CA TYR CA 148 72.53 33.85 -65.51
C TYR CA 148 72.75 32.37 -65.73
N GLU CA 149 71.89 31.56 -65.12
CA GLU CA 149 71.98 30.10 -65.18
C GLU CA 149 70.86 29.56 -66.05
N LYS CA 150 71.21 28.73 -67.02
CA LYS CA 150 70.26 28.12 -67.95
C LYS CA 150 70.09 26.66 -67.58
N THR CA 151 68.89 26.28 -67.14
CA THR CA 151 68.59 24.92 -66.73
C THR CA 151 67.82 24.13 -67.79
N GLY CA 152 67.64 24.69 -68.98
CA GLY CA 152 66.96 24.01 -70.05
C GLY CA 152 65.45 24.13 -69.96
N GLY CA 153 64.79 23.74 -71.04
CA GLY CA 153 63.34 23.82 -71.11
C GLY CA 153 62.77 25.21 -71.07
N GLY CA 154 63.59 26.22 -71.42
CA GLY CA 154 63.15 27.60 -71.36
C GLY CA 154 63.34 28.28 -70.02
N TYR CA 155 63.91 27.60 -69.03
CA TYR CA 155 64.10 28.15 -67.70
C TYR CA 155 65.46 28.83 -67.60
N VAL CA 156 65.46 30.07 -67.12
CA VAL CA 156 66.69 30.82 -66.89
C VAL CA 156 66.58 31.53 -65.54
N THR CA 157 67.70 31.64 -64.85
CA THR CA 157 67.74 32.20 -63.50
C THR CA 157 68.78 33.30 -63.43
N ALA CA 158 68.35 34.48 -62.99
CA ALA CA 158 69.26 35.60 -62.77
C ALA CA 158 69.81 35.53 -61.35
N VAL CA 159 71.13 35.72 -61.22
CA VAL CA 159 71.81 35.61 -59.94
C VAL CA 159 72.51 36.93 -59.66
N VAL CA 160 72.17 37.55 -58.53
CA VAL CA 160 72.78 38.80 -58.10
C VAL CA 160 73.34 38.62 -56.69
N ARG CA 161 74.44 39.32 -56.42
CA ARG CA 161 75.09 39.26 -55.12
C ARG CA 161 75.25 40.66 -54.56
N GLY CA 162 75.30 40.75 -53.23
CA GLY CA 162 75.45 42.03 -52.58
C GLY CA 162 75.14 41.94 -51.10
N ASP CA 163 74.60 43.03 -50.57
CA ASP CA 163 74.19 43.08 -49.17
C ASP CA 163 72.74 42.61 -49.03
N VAL CA 164 72.41 42.14 -47.82
CA VAL CA 164 71.05 41.66 -47.56
C VAL CA 164 70.03 42.76 -47.74
N ALA CA 165 70.40 44.01 -47.43
CA ALA CA 165 69.48 45.12 -47.62
C ALA CA 165 69.27 45.45 -49.09
N ALA CA 166 70.26 45.18 -49.93
CA ALA CA 166 70.15 45.51 -51.35
C ALA CA 166 69.42 44.41 -52.11
N VAL CA 167 69.83 43.15 -51.93
CA VAL CA 167 69.22 42.06 -52.69
C VAL CA 167 67.79 41.81 -52.25
N LYS CA 168 67.40 42.23 -51.05
CA LYS CA 168 66.01 42.05 -50.62
C LYS CA 168 65.10 43.11 -51.22
N ALA CA 169 65.61 44.32 -51.44
CA ALA CA 169 64.85 45.36 -52.10
C ALA CA 169 64.96 45.30 -53.63
N ALA CA 170 66.00 44.65 -54.15
CA ALA CA 170 66.15 44.54 -55.60
C ALA CA 170 65.31 43.40 -56.17
N THR CA 171 65.26 42.26 -55.47
CA THR CA 171 64.48 41.13 -55.96
C THR CA 171 62.99 41.46 -55.98
N GLU CA 172 62.50 42.14 -54.94
CA GLU CA 172 61.09 42.54 -54.95
C GLU CA 172 60.81 43.58 -56.04
N ALA CA 173 61.77 44.49 -56.28
CA ALA CA 173 61.62 45.42 -57.38
C ALA CA 173 61.81 44.74 -58.72
N GLY CA 174 62.55 43.64 -58.75
CA GLY CA 174 62.72 42.87 -59.97
C GLY CA 174 61.56 41.95 -60.26
N GLN CA 175 61.01 41.34 -59.21
CA GLN CA 175 59.84 40.49 -59.38
C GLN CA 175 58.64 41.31 -59.82
N ARG CA 176 58.43 42.48 -59.19
CA ARG CA 176 57.29 43.32 -59.53
C ARG CA 176 57.36 43.82 -60.97
N ALA CA 177 58.57 43.99 -61.51
CA ALA CA 177 58.74 44.39 -62.89
C ALA CA 177 58.75 43.22 -63.86
N ALA CA 178 59.07 42.01 -63.40
CA ALA CA 178 59.11 40.88 -64.30
C ALA CA 178 57.76 40.20 -64.44
N GLU CA 179 56.88 40.35 -63.43
CA GLU CA 179 55.55 39.76 -63.53
C GLU CA 179 54.72 40.39 -64.63
N ARG CA 180 55.02 41.64 -65.00
CA ARG CA 180 54.33 42.31 -66.09
C ARG CA 180 54.89 41.95 -67.46
N VAL CA 181 55.84 41.01 -67.53
CA VAL CA 181 56.49 40.68 -68.79
C VAL CA 181 56.31 39.21 -69.11
N GLY CA 182 56.88 38.33 -68.29
CA GLY CA 182 56.88 36.92 -68.60
C GLY CA 182 56.37 36.01 -67.51
N GLU CA 183 56.65 34.71 -67.63
CA GLU CA 183 56.18 33.70 -66.69
C GLU CA 183 57.21 33.54 -65.59
N VAL CA 184 57.00 34.24 -64.48
CA VAL CA 184 57.93 34.17 -63.35
C VAL CA 184 57.73 32.85 -62.63
N VAL CA 185 58.82 32.09 -62.47
CA VAL CA 185 58.73 30.80 -61.80
C VAL CA 185 58.79 30.97 -60.28
N ALA CA 186 59.89 31.54 -59.79
CA ALA CA 186 60.06 31.74 -58.35
C ALA CA 186 61.13 32.79 -58.09
N VAL CA 187 60.99 33.47 -56.97
CA VAL CA 187 61.94 34.49 -56.52
C VAL CA 187 62.27 34.22 -55.07
N HIS CA 188 63.56 34.19 -54.74
CA HIS CA 188 63.99 33.91 -53.37
C HIS CA 188 65.25 34.70 -53.06
N VAL CA 189 65.49 34.90 -51.76
CA VAL CA 189 66.64 35.64 -51.26
C VAL CA 189 67.29 34.81 -50.16
N ILE CA 190 68.60 34.59 -50.28
CA ILE CA 190 69.39 33.89 -49.27
C ILE CA 190 70.36 34.90 -48.66
N PRO CA 191 70.12 35.37 -47.44
CA PRO CA 191 70.99 36.42 -46.86
C PRO CA 191 72.40 35.94 -46.59
N ARG CA 192 72.53 34.81 -45.90
CA ARG CA 192 73.84 34.26 -45.50
C ARG CA 192 73.98 32.87 -46.13
N PRO CA 193 74.45 32.78 -47.36
CA PRO CA 193 74.68 31.46 -47.96
C PRO CA 193 75.88 30.78 -47.34
N HIS CA 194 75.76 29.46 -47.13
CA HIS CA 194 76.83 28.69 -46.53
C HIS CA 194 78.04 28.65 -47.47
N VAL CA 195 79.21 28.44 -46.87
CA VAL CA 195 80.45 28.41 -47.66
C VAL CA 195 80.44 27.23 -48.63
N ASN CA 196 79.81 26.12 -48.23
CA ASN CA 196 79.71 24.97 -49.14
C ASN CA 196 78.85 25.29 -50.35
N VAL CA 197 77.90 26.21 -50.21
CA VAL CA 197 77.04 26.57 -51.34
C VAL CA 197 77.82 27.35 -52.38
N ASP CA 198 78.58 28.36 -51.95
CA ASP CA 198 79.37 29.17 -52.86
C ASP CA 198 80.56 28.41 -53.45
N ALA CA 199 80.90 27.24 -52.89
CA ALA CA 199 82.03 26.46 -53.39
C ALA CA 199 81.65 25.51 -54.51
N ALA CA 200 80.44 24.94 -54.47
CA ALA CA 200 80.02 23.96 -55.47
C ALA CA 200 79.03 24.51 -56.49
N LEU CA 201 78.42 25.68 -56.23
CA LEU CA 201 77.45 26.23 -57.17
C LEU CA 201 78.01 27.48 -57.83
N PRO CA 202 77.75 27.67 -59.14
CA PRO CA 202 78.23 28.89 -59.80
C PRO CA 202 77.41 30.11 -59.42
N LEU CA 203 77.73 30.72 -58.28
CA LEU CA 203 77.01 31.88 -57.78
C LEU CA 203 77.89 33.13 -57.74
N GLY CA 204 78.98 33.14 -58.50
CA GLY CA 204 79.84 34.29 -58.58
C GLY CA 204 80.87 34.42 -57.49
N ARG CA 205 80.71 33.71 -56.37
CA ARG CA 205 81.63 33.80 -55.25
C ARG CA 205 82.52 32.58 -55.11
N THR CA 206 82.70 31.83 -56.19
CA THR CA 206 83.59 30.67 -56.15
C THR CA 206 85.04 31.15 -56.05
N PRO CA 207 85.77 30.78 -55.01
CA PRO CA 207 87.16 31.25 -54.88
C PRO CA 207 88.06 30.71 -55.97
N GLY CA 208 88.40 31.56 -56.94
CA GLY CA 208 89.25 31.16 -58.05
C GLY CA 208 88.74 31.63 -59.39
N ALA DA 2 74.13 53.82 -73.15
CA ALA DA 2 74.23 52.93 -74.31
C ALA DA 2 73.01 53.06 -75.19
N ASP DA 3 72.75 52.03 -75.99
CA ASP DA 3 71.62 52.01 -76.90
C ASP DA 3 70.45 51.24 -76.29
N ALA DA 4 69.30 51.31 -76.96
CA ALA DA 4 68.10 50.65 -76.47
C ALA DA 4 68.22 49.13 -76.66
N LEU DA 5 67.24 48.42 -76.10
CA LEU DA 5 67.22 46.96 -76.13
C LEU DA 5 65.82 46.49 -76.50
N GLY DA 6 65.75 45.63 -77.53
CA GLY DA 6 64.49 45.05 -77.95
C GLY DA 6 64.56 43.54 -78.04
N MET DA 7 63.55 42.86 -77.48
CA MET DA 7 63.57 41.40 -77.42
C MET DA 7 62.18 40.86 -77.76
N ILE DA 8 62.17 39.78 -78.55
CA ILE DA 8 60.94 39.06 -78.88
C ILE DA 8 61.24 37.57 -78.72
N GLU DA 9 60.49 36.90 -77.85
CA GLU DA 9 60.67 35.49 -77.56
C GLU DA 9 59.52 34.69 -78.14
N VAL DA 10 59.85 33.67 -78.91
CA VAL DA 10 58.86 32.83 -79.61
C VAL DA 10 59.23 31.37 -79.39
N ARG DA 11 58.26 30.56 -79.00
CA ARG DA 11 58.45 29.11 -78.92
C ARG DA 11 58.36 28.52 -80.33
N GLY DA 12 59.41 28.77 -81.09
CA GLY DA 12 59.47 28.35 -82.47
C GLY DA 12 60.47 29.16 -83.28
N PHE DA 13 61.40 28.47 -83.94
CA PHE DA 13 62.44 29.17 -84.68
C PHE DA 13 61.89 29.93 -85.88
N VAL DA 14 60.77 29.45 -86.46
CA VAL DA 14 60.19 30.12 -87.61
C VAL DA 14 59.56 31.44 -87.20
N GLY DA 15 58.83 31.45 -86.09
CA GLY DA 15 58.21 32.68 -85.63
C GLY DA 15 59.21 33.74 -85.21
N MET DA 16 60.40 33.31 -84.78
CA MET DA 16 61.43 34.26 -84.37
C MET DA 16 62.11 34.90 -85.59
N VAL DA 17 62.36 34.12 -86.64
CA VAL DA 17 63.00 34.66 -87.83
C VAL DA 17 62.08 35.65 -88.53
N GLU DA 18 60.78 35.34 -88.61
CA GLU DA 18 59.83 36.28 -89.19
C GLU DA 18 59.73 37.55 -88.35
N ALA DA 19 59.82 37.41 -87.03
CA ALA DA 19 59.82 38.59 -86.17
C ALA DA 19 61.09 39.40 -86.34
N ALA DA 20 62.23 38.73 -86.56
CA ALA DA 20 63.49 39.43 -86.74
C ALA DA 20 63.51 40.18 -88.07
N ASP DA 21 62.95 39.57 -89.12
CA ASP DA 21 62.94 40.23 -90.42
C ASP DA 21 62.05 41.46 -90.41
N ALA DA 22 60.96 41.44 -89.65
CA ALA DA 22 60.07 42.59 -89.59
C ALA DA 22 60.66 43.74 -88.76
N MET DA 23 61.57 43.44 -87.84
CA MET DA 23 62.14 44.48 -87.00
C MET DA 23 63.19 45.30 -87.73
N VAL DA 24 64.14 44.63 -88.39
CA VAL DA 24 65.19 45.34 -89.11
C VAL DA 24 64.65 46.06 -90.34
N LYS DA 25 63.46 45.68 -90.81
CA LYS DA 25 62.83 46.37 -91.93
C LYS DA 25 61.99 47.56 -91.49
N ALA DA 26 61.58 47.61 -90.22
CA ALA DA 26 60.73 48.70 -89.76
C ALA DA 26 61.52 49.98 -89.54
N ALA DA 27 62.56 49.92 -88.70
CA ALA DA 27 63.36 51.09 -88.36
C ALA DA 27 64.83 50.75 -88.47
N LYS DA 28 65.69 51.71 -88.12
CA LYS DA 28 67.14 51.54 -88.16
C LYS DA 28 67.59 50.90 -86.85
N VAL DA 29 67.36 49.59 -86.76
CA VAL DA 29 67.81 48.79 -85.63
C VAL DA 29 68.72 47.69 -86.14
N GLU DA 30 69.58 47.20 -85.25
CA GLU DA 30 70.57 46.18 -85.59
C GLU DA 30 70.22 44.88 -84.87
N LEU DA 31 70.15 43.79 -85.63
CA LEU DA 31 69.91 42.47 -85.07
C LEU DA 31 71.24 41.90 -84.58
N ILE DA 32 71.45 41.88 -83.27
CA ILE DA 32 72.72 41.45 -82.71
C ILE DA 32 72.85 39.93 -82.69
N GLY DA 33 71.76 39.19 -82.83
CA GLY DA 33 71.78 37.75 -82.78
C GLY DA 33 70.56 37.23 -82.06
N TYR DA 34 70.62 35.97 -81.67
CA TYR DA 34 69.50 35.33 -80.99
C TYR DA 34 70.02 34.44 -79.87
N GLU DA 35 69.18 34.26 -78.85
CA GLU DA 35 69.52 33.48 -77.66
C GLU DA 35 68.61 32.27 -77.57
N LYS DA 36 69.20 31.11 -77.33
CA LYS DA 36 68.47 29.85 -77.23
C LYS DA 36 68.48 29.39 -75.78
N THR DA 37 67.29 29.32 -75.17
CA THR DA 37 67.16 28.93 -73.78
C THR DA 37 66.63 27.51 -73.60
N GLY DA 38 66.52 26.75 -74.68
CA GLY DA 38 66.03 25.38 -74.61
C GLY DA 38 64.52 25.31 -74.61
N GLY DA 39 64.01 24.09 -74.77
CA GLY DA 39 62.58 23.86 -74.81
C GLY DA 39 61.89 24.49 -76.00
N GLY DA 40 62.61 24.73 -77.09
CA GLY DA 40 62.05 25.40 -78.25
C GLY DA 40 61.96 26.90 -78.13
N TYR DA 41 62.34 27.47 -76.99
CA TYR DA 41 62.27 28.92 -76.79
C TYR DA 41 63.49 29.59 -77.39
N VAL DA 42 63.26 30.59 -78.25
CA VAL DA 42 64.32 31.39 -78.84
C VAL DA 42 63.92 32.86 -78.73
N THR DA 43 64.93 33.72 -78.58
CA THR DA 43 64.71 35.14 -78.35
C THR DA 43 65.54 35.94 -79.35
N ALA DA 44 64.87 36.78 -80.14
CA ALA DA 44 65.54 37.70 -81.04
C ALA DA 44 65.86 38.99 -80.30
N VAL DA 45 67.09 39.47 -80.45
CA VAL DA 45 67.58 40.64 -79.73
C VAL DA 45 68.00 41.69 -80.75
N VAL DA 46 67.40 42.88 -80.65
CA VAL DA 46 67.74 44.01 -81.51
C VAL DA 46 68.09 45.20 -80.63
N ARG DA 47 68.84 46.14 -81.19
CA ARG DA 47 69.29 47.32 -80.47
C ARG DA 47 69.28 48.53 -81.39
N GLY DA 48 69.07 49.71 -80.80
CA GLY DA 48 69.03 50.94 -81.55
C GLY DA 48 68.55 52.11 -80.72
N ASP DA 49 67.69 52.94 -81.30
CA ASP DA 49 67.13 54.08 -80.57
C ASP DA 49 65.92 53.64 -79.76
N VAL DA 50 65.64 54.39 -78.69
CA VAL DA 50 64.54 54.04 -77.80
C VAL DA 50 63.21 54.05 -78.55
N ALA DA 51 63.08 54.90 -79.55
CA ALA DA 51 61.86 54.94 -80.35
C ALA DA 51 61.93 54.04 -81.57
N ALA DA 52 63.12 53.89 -82.18
CA ALA DA 52 63.27 52.98 -83.30
C ALA DA 52 63.10 51.52 -82.86
N VAL DA 53 63.55 51.20 -81.65
CA VAL DA 53 63.36 49.85 -81.12
C VAL DA 53 61.89 49.63 -80.77
N LYS DA 54 61.25 50.62 -80.16
CA LYS DA 54 59.85 50.49 -79.80
C LYS DA 54 58.97 50.30 -81.03
N ALA DA 55 59.30 51.00 -82.13
CA ALA DA 55 58.52 50.85 -83.35
C ALA DA 55 58.78 49.49 -84.02
N ALA DA 56 60.05 49.07 -84.05
CA ALA DA 56 60.35 47.76 -84.64
C ALA DA 56 59.82 46.62 -83.79
N THR DA 57 59.81 46.78 -82.46
CA THR DA 57 59.29 45.74 -81.59
C THR DA 57 57.80 45.51 -81.82
N GLU DA 58 57.03 46.59 -81.98
CA GLU DA 58 55.60 46.46 -82.26
C GLU DA 58 55.35 45.81 -83.61
N ALA DA 59 56.20 46.11 -84.60
CA ALA DA 59 56.01 45.53 -85.93
C ALA DA 59 56.42 44.05 -85.95
N GLY DA 60 57.45 43.69 -85.18
CA GLY DA 60 57.87 42.31 -85.13
C GLY DA 60 56.89 41.41 -84.38
N GLN DA 61 56.15 41.99 -83.43
CA GLN DA 61 55.18 41.20 -82.68
C GLN DA 61 53.96 40.87 -83.53
N ARG DA 62 53.44 41.86 -84.26
CA ARG DA 62 52.27 41.61 -85.10
C ARG DA 62 52.59 40.65 -86.25
N ALA DA 63 53.84 40.65 -86.72
CA ALA DA 63 54.24 39.75 -87.79
C ALA DA 63 54.55 38.34 -87.30
N ALA DA 64 54.92 38.19 -86.03
CA ALA DA 64 55.22 36.88 -85.46
C ALA DA 64 53.97 36.14 -84.98
N GLU DA 65 52.93 36.87 -84.57
CA GLU DA 65 51.69 36.23 -84.13
C GLU DA 65 51.00 35.50 -85.27
N ARG DA 66 51.35 35.80 -86.52
CA ARG DA 66 50.71 35.18 -87.67
C ARG DA 66 51.25 33.79 -87.97
N VAL DA 67 52.45 33.45 -87.48
CA VAL DA 67 53.10 32.22 -87.89
C VAL DA 67 53.46 31.36 -86.67
N GLY DA 68 53.76 32.00 -85.54
CA GLY DA 68 54.29 31.30 -84.38
C GLY DA 68 53.57 31.68 -83.09
N GLU DA 69 53.95 30.98 -82.03
CA GLU DA 69 53.43 31.22 -80.69
C GLU DA 69 54.36 32.20 -79.97
N VAL DA 70 53.89 33.42 -79.78
CA VAL DA 70 54.70 34.46 -79.15
C VAL DA 70 54.63 34.29 -77.63
N VAL DA 71 55.78 34.35 -76.97
CA VAL DA 71 55.86 34.16 -75.53
C VAL DA 71 55.85 35.52 -74.85
N ALA DA 72 56.96 36.26 -74.96
CA ALA DA 72 57.10 37.55 -74.31
C ALA DA 72 57.72 38.55 -75.27
N VAL DA 73 57.34 39.82 -75.11
CA VAL DA 73 57.83 40.91 -75.94
C VAL DA 73 57.98 42.14 -75.05
N HIS DA 74 59.18 42.71 -75.00
CA HIS DA 74 59.45 43.83 -74.11
C HIS DA 74 60.57 44.68 -74.69
N VAL DA 75 60.63 45.93 -74.23
CA VAL DA 75 61.67 46.87 -74.64
C VAL DA 75 62.24 47.52 -73.38
N ILE DA 76 63.56 47.72 -73.38
CA ILE DA 76 64.27 48.39 -72.29
C ILE DA 76 64.89 49.65 -72.85
N PRO DA 77 64.56 50.84 -72.33
CA PRO DA 77 65.08 52.09 -72.92
C PRO DA 77 66.58 52.22 -72.78
N ARG DA 78 67.09 52.20 -71.54
CA ARG DA 78 68.52 52.29 -71.27
C ARG DA 78 68.91 51.16 -70.35
N PRO DA 79 69.41 50.04 -70.89
CA PRO DA 79 69.84 48.94 -70.02
C PRO DA 79 71.08 49.32 -69.21
N HIS DA 80 71.12 48.83 -67.98
CA HIS DA 80 72.24 49.13 -67.10
C HIS DA 80 73.53 48.53 -67.66
N VAL DA 81 74.66 49.13 -67.29
CA VAL DA 81 75.95 48.68 -67.79
C VAL DA 81 76.25 47.27 -67.30
N ASN DA 82 75.75 46.90 -66.12
CA ASN DA 82 75.97 45.55 -65.61
C ASN DA 82 75.26 44.50 -66.45
N VAL DA 83 74.11 44.86 -67.04
CA VAL DA 83 73.35 43.91 -67.84
C VAL DA 83 74.10 43.58 -69.12
N ASP DA 84 74.67 44.58 -69.78
CA ASP DA 84 75.38 44.36 -71.05
C ASP DA 84 76.66 43.57 -70.86
N ALA DA 85 77.23 43.54 -69.65
CA ALA DA 85 78.48 42.85 -69.41
C ALA DA 85 78.30 41.38 -69.07
N ALA DA 86 77.17 41.02 -68.46
CA ALA DA 86 76.93 39.65 -68.03
C ALA DA 86 76.04 38.86 -68.98
N LEU DA 87 75.24 39.54 -69.81
CA LEU DA 87 74.33 38.85 -70.71
C LEU DA 87 74.75 39.05 -72.16
N PRO DA 88 74.59 38.02 -73.01
CA PRO DA 88 74.93 38.18 -74.43
C PRO DA 88 73.91 39.01 -75.18
N LEU DA 89 74.00 40.34 -75.05
CA LEU DA 89 73.05 41.25 -75.67
C LEU DA 89 73.70 42.12 -76.74
N GLY DA 90 74.84 41.69 -77.28
CA GLY DA 90 75.48 42.38 -78.38
C GLY DA 90 76.38 43.53 -78.01
N ARG DA 91 76.35 43.99 -76.77
CA ARG DA 91 77.17 45.11 -76.31
C ARG DA 91 78.01 44.65 -75.13
N THR DA 92 79.00 43.80 -75.40
CA THR DA 92 79.89 43.28 -74.37
C THR DA 92 81.28 43.85 -74.58
N PRO DA 93 81.80 44.66 -73.64
CA PRO DA 93 83.14 45.26 -73.73
C PRO DA 93 84.25 44.21 -73.80
N ALA DA 116 69.60 39.36 -102.99
CA ALA DA 116 69.51 38.30 -102.00
C ALA DA 116 68.47 37.25 -102.42
N ASP DA 117 68.67 36.02 -101.97
CA ASP DA 117 67.75 34.94 -102.27
C ASP DA 117 66.61 34.90 -101.27
N ALA DA 118 65.61 34.07 -101.57
CA ALA DA 118 64.44 33.93 -100.72
C ALA DA 118 64.71 32.90 -99.61
N LEU DA 119 63.77 32.83 -98.66
CA LEU DA 119 63.92 32.02 -97.47
C LEU DA 119 62.68 31.16 -97.27
N GLY DA 120 62.89 29.85 -97.11
CA GLY DA 120 61.80 28.93 -96.81
C GLY DA 120 62.11 28.08 -95.60
N MET DA 121 61.16 27.98 -94.67
CA MET DA 121 61.39 27.30 -93.40
C MET DA 121 60.20 26.43 -93.03
N ILE DA 122 60.49 25.28 -92.43
CA ILE DA 122 59.48 24.36 -91.92
C ILE DA 122 59.95 23.84 -90.56
N GLU DA 123 59.12 24.00 -89.54
CA GLU DA 123 59.46 23.57 -88.18
C GLU DA 123 58.53 22.43 -87.77
N VAL DA 124 59.12 21.36 -87.24
CA VAL DA 124 58.38 20.18 -86.82
C VAL DA 124 58.92 19.71 -85.47
N ARG DA 125 58.01 19.40 -84.55
CA ARG DA 125 58.39 18.78 -83.27
C ARG DA 125 58.65 17.29 -83.50
N GLY DA 126 59.77 17.02 -84.17
CA GLY DA 126 60.14 15.68 -84.54
C GLY DA 126 61.16 15.65 -85.66
N PHE DA 127 62.30 14.99 -85.42
CA PHE DA 127 63.36 14.97 -86.41
C PHE DA 127 62.96 14.20 -87.67
N VAL DA 128 62.10 13.19 -87.52
CA VAL DA 128 61.69 12.39 -88.67
C VAL DA 128 60.83 13.21 -89.62
N GLY DA 129 59.85 13.94 -89.06
CA GLY DA 129 58.99 14.76 -89.90
C GLY DA 129 59.72 15.89 -90.58
N MET DA 130 60.81 16.36 -89.99
CA MET DA 130 61.59 17.44 -90.61
C MET DA 130 62.42 16.92 -91.78
N VAL DA 131 62.96 15.71 -91.67
CA VAL DA 131 63.74 15.14 -92.76
C VAL DA 131 62.82 14.86 -93.96
N GLU DA 132 61.61 14.37 -93.71
CA GLU DA 132 60.66 14.16 -94.80
C GLU DA 132 60.26 15.48 -95.42
N ALA DA 133 60.12 16.53 -94.61
CA ALA DA 133 59.83 17.85 -95.16
C ALA DA 133 61.00 18.41 -95.95
N ALA DA 134 62.23 18.11 -95.54
CA ALA DA 134 63.40 18.60 -96.27
C ALA DA 134 63.61 17.85 -97.56
N ASP DA 135 63.33 16.54 -97.57
CA ASP DA 135 63.50 15.75 -98.79
C ASP DA 135 62.47 16.12 -99.86
N ALA DA 136 61.25 16.45 -99.45
CA ALA DA 136 60.21 16.85 -100.40
C ALA DA 136 60.42 18.25 -100.96
N MET DA 137 61.14 19.12 -100.25
CA MET DA 137 61.36 20.48 -100.74
C MET DA 137 62.37 20.50 -101.87
N VAL DA 138 63.50 19.81 -101.70
CA VAL DA 138 64.53 19.80 -102.72
C VAL DA 138 64.12 18.99 -103.94
N LYS DA 139 63.11 18.13 -103.82
CA LYS DA 139 62.59 17.38 -104.96
C LYS DA 139 61.47 18.10 -105.68
N ALA DA 140 60.75 19.00 -104.99
CA ALA DA 140 59.65 19.71 -105.63
C ALA DA 140 60.15 20.78 -106.59
N ALA DA 141 60.96 21.71 -106.07
CA ALA DA 141 61.49 22.79 -106.91
C ALA DA 141 63.01 22.87 -106.78
N LYS DA 142 63.62 23.90 -107.38
CA LYS DA 142 65.07 24.08 -107.33
C LYS DA 142 65.40 24.96 -106.13
N VAL DA 143 65.50 24.34 -104.96
CA VAL DA 143 65.86 25.02 -103.73
C VAL DA 143 67.08 24.32 -103.13
N GLU DA 144 67.81 25.06 -102.31
CA GLU DA 144 69.02 24.57 -101.68
C GLU DA 144 68.80 24.41 -100.19
N LEU DA 145 68.86 23.17 -99.70
CA LEU DA 145 68.75 22.89 -98.27
C LEU DA 145 70.07 23.26 -97.61
N ILE DA 146 70.09 24.40 -96.91
CA ILE DA 146 71.32 24.88 -96.31
C ILE DA 146 71.65 24.18 -95.01
N GLY DA 147 70.67 23.54 -94.38
CA GLY DA 147 70.90 22.85 -93.11
C GLY DA 147 69.64 22.88 -92.27
N TYR DA 148 69.82 22.60 -90.99
CA TYR DA 148 68.72 22.54 -90.04
C TYR DA 148 69.16 23.14 -88.71
N GLU DA 149 68.18 23.64 -87.96
CA GLU DA 149 68.43 24.30 -86.68
C GLU DA 149 67.68 23.57 -85.58
N LYS DA 150 68.40 23.22 -84.51
CA LYS DA 150 67.83 22.53 -83.36
C LYS DA 150 67.66 23.52 -82.23
N THR DA 151 66.40 23.81 -81.87
CA THR DA 151 66.09 24.78 -80.83
C THR DA 151 65.78 24.13 -79.49
N GLY DA 152 65.76 22.80 -79.41
CA GLY DA 152 65.51 22.11 -78.17
C GLY DA 152 64.07 21.67 -78.02
N GLY DA 153 63.86 20.74 -77.09
CA GLY DA 153 62.52 20.22 -76.83
C GLY DA 153 61.92 19.45 -77.96
N GLY DA 154 62.74 18.90 -78.86
CA GLY DA 154 62.26 18.18 -80.01
C GLY DA 154 61.95 19.02 -81.22
N TYR DA 155 62.14 20.33 -81.14
CA TYR DA 155 61.85 21.24 -82.24
C TYR DA 155 63.05 21.32 -83.18
N VAL DA 156 62.80 21.11 -84.47
CA VAL DA 156 63.82 21.23 -85.50
C VAL DA 156 63.24 21.98 -86.68
N THR DA 157 64.07 22.77 -87.35
CA THR DA 157 63.64 23.65 -88.42
C THR DA 157 64.52 23.44 -89.64
N ALA DA 158 63.91 23.02 -90.76
CA ALA DA 158 64.61 22.90 -92.02
C ALA DA 158 64.58 24.24 -92.75
N VAL DA 159 65.71 24.62 -93.33
CA VAL DA 159 65.87 25.92 -93.97
C VAL DA 159 66.33 25.69 -95.42
N VAL DA 160 65.60 26.29 -96.36
CA VAL DA 160 65.94 26.21 -97.78
C VAL DA 160 66.02 27.62 -98.35
N ARG DA 161 66.85 27.80 -99.37
CA ARG DA 161 67.03 29.09 -100.02
C ARG DA 161 66.86 28.92 -101.53
N GLY DA 162 66.67 30.05 -102.20
CA GLY DA 162 66.49 30.06 -103.64
C GLY DA 162 65.69 31.28 -104.06
N ASP DA 163 65.12 31.20 -105.25
CA ASP DA 163 64.26 32.26 -105.73
C ASP DA 163 62.89 32.19 -105.07
N VAL DA 164 62.17 33.31 -105.11
CA VAL DA 164 60.89 33.42 -104.41
C VAL DA 164 59.87 32.45 -104.99
N ALA DA 165 59.92 32.21 -106.30
CA ALA DA 165 58.94 31.33 -106.93
C ALA DA 165 59.14 29.88 -106.52
N ALA DA 166 60.39 29.44 -106.41
CA ALA DA 166 60.66 28.03 -106.12
C ALA DA 166 60.42 27.70 -104.65
N VAL DA 167 60.94 28.53 -103.74
CA VAL DA 167 60.79 28.26 -102.32
C VAL DA 167 59.33 28.38 -101.88
N LYS DA 168 58.51 29.10 -102.64
CA LYS DA 168 57.09 29.20 -102.30
C LYS DA 168 56.36 27.91 -102.64
N ALA DA 169 56.72 27.27 -103.76
CA ALA DA 169 56.13 25.99 -104.12
C ALA DA 169 56.81 24.82 -103.44
N ALA DA 170 58.05 25.00 -102.97
CA ALA DA 170 58.74 23.91 -102.29
C ALA DA 170 58.22 23.70 -100.89
N THR DA 171 57.94 24.79 -100.17
CA THR DA 171 57.43 24.67 -98.81
C THR DA 171 56.01 24.09 -98.77
N GLU DA 172 55.22 24.36 -99.81
CA GLU DA 172 53.87 23.80 -99.87
C GLU DA 172 53.91 22.29 -100.01
N ALA DA 173 54.85 21.76 -100.78
CA ALA DA 173 55.02 20.32 -100.89
C ALA DA 173 55.68 19.72 -99.66
N GLY DA 174 56.55 20.48 -98.99
CA GLY DA 174 57.18 19.97 -97.78
C GLY DA 174 56.21 19.89 -96.61
N GLN DA 175 55.40 20.93 -96.43
CA GLN DA 175 54.38 20.90 -95.37
C GLN DA 175 53.36 19.81 -95.63
N ARG DA 176 53.00 19.60 -96.90
CA ARG DA 176 52.00 18.59 -97.23
C ARG DA 176 52.54 17.18 -96.97
N ALA DA 177 53.82 16.95 -97.21
CA ALA DA 177 54.41 15.64 -96.98
C ALA DA 177 54.83 15.42 -95.53
N ALA DA 178 54.91 16.49 -94.73
CA ALA DA 178 55.31 16.37 -93.33
C ALA DA 178 54.12 16.22 -92.39
N GLU DA 179 52.94 16.71 -92.78
CA GLU DA 179 51.77 16.58 -91.94
C GLU DA 179 51.31 15.15 -91.79
N ARG DA 180 51.64 14.28 -92.75
CA ARG DA 180 51.32 12.87 -92.66
C ARG DA 180 52.35 12.06 -91.88
N VAL DA 181 53.36 12.71 -91.32
CA VAL DA 181 54.42 12.01 -90.61
C VAL DA 181 54.51 12.52 -89.16
N GLY DA 182 54.87 13.78 -89.00
CA GLY DA 182 55.09 14.34 -87.67
C GLY DA 182 54.18 15.48 -87.30
N GLU DA 183 54.50 16.16 -86.21
CA GLU DA 183 53.70 17.28 -85.71
C GLU DA 183 54.29 18.57 -86.26
N VAL DA 184 53.67 19.12 -87.30
CA VAL DA 184 54.16 20.35 -87.92
C VAL DA 184 53.84 21.54 -87.02
N VAL DA 185 54.85 22.38 -86.79
CA VAL DA 185 54.71 23.52 -85.89
C VAL DA 185 54.33 24.76 -86.68
N ALA DA 186 55.20 25.18 -87.60
CA ALA DA 186 54.96 26.39 -88.37
C ALA DA 186 55.66 26.30 -89.72
N VAL DA 187 55.06 26.95 -90.71
CA VAL DA 187 55.60 27.01 -92.07
C VAL DA 187 55.46 28.45 -92.56
N HIS DA 188 56.56 29.02 -93.04
CA HIS DA 188 56.55 30.40 -93.51
C HIS DA 188 57.63 30.59 -94.57
N VAL DA 189 57.45 31.62 -95.39
CA VAL DA 189 58.38 31.95 -96.45
C VAL DA 189 58.60 33.46 -96.45
N ILE DA 190 59.87 33.87 -96.47
CA ILE DA 190 60.25 35.28 -96.54
C ILE DA 190 60.79 35.54 -97.95
N PRO DA 191 60.19 36.46 -98.71
CA PRO DA 191 60.64 36.67 -100.09
C PRO DA 191 62.03 37.30 -100.17
N ARG DA 192 62.20 38.46 -99.54
CA ARG DA 192 63.48 39.19 -99.53
C ARG DA 192 63.88 39.44 -98.08
N PRO DA 193 64.59 38.50 -97.45
CA PRO DA 193 65.07 38.74 -96.08
C PRO DA 193 66.08 39.87 -96.05
N HIS DA 194 65.98 40.71 -95.02
CA HIS DA 194 66.86 41.85 -94.89
C HIS DA 194 68.31 41.40 -94.74
N VAL DA 195 69.23 42.25 -95.19
CA VAL DA 195 70.65 41.90 -95.16
C VAL DA 195 71.13 41.72 -93.72
N ASN DA 196 70.53 42.43 -92.77
CA ASN DA 196 70.89 42.28 -91.37
C ASN DA 196 70.48 40.92 -90.82
N VAL DA 197 69.48 40.28 -91.42
CA VAL DA 197 69.04 38.97 -90.94
C VAL DA 197 70.02 37.89 -91.37
N ASP DA 198 70.44 37.90 -92.63
CA ASP DA 198 71.37 36.89 -93.12
C ASP DA 198 72.75 37.01 -92.48
N ALA DA 199 73.07 38.16 -91.87
CA ALA DA 199 74.36 38.35 -91.23
C ALA DA 199 74.38 37.86 -89.79
N ALA DA 200 73.24 37.89 -89.10
CA ALA DA 200 73.17 37.52 -87.69
C ALA DA 200 72.57 36.14 -87.46
N LEU DA 201 71.85 35.59 -88.44
CA LEU DA 201 71.21 34.29 -88.26
C LEU DA 201 71.83 33.25 -89.19
N PRO DA 202 72.01 32.01 -88.73
CA PRO DA 202 72.56 30.94 -89.60
C PRO DA 202 71.55 30.45 -90.63
N LEU DA 203 71.39 31.22 -91.70
CA LEU DA 203 70.44 30.92 -92.75
C LEU DA 203 71.12 30.58 -94.07
N GLY DA 204 72.38 30.13 -94.03
CA GLY DA 204 73.08 29.69 -95.22
C GLY DA 204 73.64 30.79 -96.09
N ARG DA 205 73.13 32.02 -95.97
CA ARG DA 205 73.59 33.13 -96.78
C ARG DA 205 74.44 34.13 -96.00
N THR DA 206 75.07 33.68 -94.92
CA THR DA 206 75.99 34.53 -94.18
C THR DA 206 77.21 34.81 -95.04
N PRO DA 207 77.54 36.08 -95.32
CA PRO DA 207 78.67 36.36 -96.22
C PRO DA 207 80.02 35.94 -95.66
N GLY DA 208 80.16 35.81 -94.35
CA GLY DA 208 81.41 35.41 -93.75
C GLY DA 208 81.79 33.97 -94.05
#